data_1B8T
#
_entry.id   1B8T
#
_cell.length_a   1.000
_cell.length_b   1.000
_cell.length_c   1.000
_cell.angle_alpha   90.00
_cell.angle_beta   90.00
_cell.angle_gamma   90.00
#
_symmetry.space_group_name_H-M   'P 1'
#
loop_
_entity.id
_entity.type
_entity.pdbx_description
1 polymer 'PROTEIN (CRP1)'
2 non-polymer 'ZINC ION'
#
_entity_poly.entity_id   1
_entity_poly.type   'polypeptide(L)'
_entity_poly.pdbx_seq_one_letter_code
;MPNWGGGKKCGVCQKAVYFAEEVQCEGSSFHKSCFLCMVCKKNLDSTTVAVHGDEIYCKSCYGKKYGPKGKGKGMGAGTL
STDKGESLGIKYEEGQSHRPTNPNASRMAQKVGGSDGCPRCGQAVYAAEKVIGAGKSWHKSCFRCAKCGKSLESTTLADK
DGEIYCKGCYAKNFGPKGFGFGQGAGALIHSQ
;
_entity_poly.pdbx_strand_id   A
#
loop_
_chem_comp.id
_chem_comp.type
_chem_comp.name
_chem_comp.formula
ZN non-polymer 'ZINC ION' 'Zn 2'
#
# COMPACT_ATOMS: atom_id res chain seq x y z
N MET A 1 -17.21 -20.64 13.46
CA MET A 1 -17.43 -19.45 14.28
C MET A 1 -16.10 -18.82 14.69
N PRO A 2 -15.22 -19.68 15.28
CA PRO A 2 -13.91 -19.22 15.73
C PRO A 2 -12.97 -19.00 14.54
N ASN A 3 -12.69 -17.73 14.27
CA ASN A 3 -11.82 -17.38 13.16
C ASN A 3 -11.71 -15.86 13.08
N TRP A 4 -10.59 -15.40 12.52
CA TRP A 4 -10.35 -13.98 12.37
C TRP A 4 -9.03 -13.80 11.61
N GLY A 5 -7.96 -14.26 12.24
CA GLY A 5 -6.64 -14.15 11.65
C GLY A 5 -6.12 -12.72 11.71
N GLY A 6 -5.72 -12.20 10.55
CA GLY A 6 -5.20 -10.85 10.46
C GLY A 6 -5.40 -10.28 9.06
N GLY A 7 -4.84 -9.10 8.85
CA GLY A 7 -4.94 -8.43 7.56
C GLY A 7 -4.29 -7.05 7.60
N LYS A 8 -4.45 -6.33 6.51
CA LYS A 8 -3.88 -4.99 6.41
C LYS A 8 -5.00 -3.95 6.61
N LYS A 9 -4.60 -2.69 6.60
CA LYS A 9 -5.54 -1.60 6.78
C LYS A 9 -5.44 -0.64 5.60
N CYS A 10 -6.49 -0.60 4.81
CA CYS A 10 -6.52 0.28 3.65
C CYS A 10 -6.89 1.69 4.12
N GLY A 11 -5.88 2.56 4.11
CA GLY A 11 -6.07 3.93 4.55
C GLY A 11 -6.70 4.77 3.43
N VAL A 12 -7.06 4.08 2.35
CA VAL A 12 -7.66 4.74 1.21
C VAL A 12 -9.19 4.65 1.33
N CYS A 13 -9.68 3.42 1.22
CA CYS A 13 -11.11 3.18 1.31
C CYS A 13 -11.49 3.10 2.79
N GLN A 14 -10.50 2.81 3.61
CA GLN A 14 -10.71 2.69 5.04
C GLN A 14 -11.24 1.31 5.39
N LYS A 15 -10.87 0.34 4.57
CA LYS A 15 -11.29 -1.03 4.79
C LYS A 15 -10.06 -1.90 5.07
N ALA A 16 -10.26 -2.90 5.93
CA ALA A 16 -9.18 -3.80 6.30
C ALA A 16 -9.02 -4.86 5.20
N VAL A 17 -7.80 -4.98 4.71
CA VAL A 17 -7.49 -5.94 3.67
C VAL A 17 -7.41 -7.34 4.28
N TYR A 18 -8.22 -8.24 3.74
CA TYR A 18 -8.25 -9.61 4.23
C TYR A 18 -7.10 -10.43 3.63
N PHE A 19 -5.91 -9.85 3.69
CA PHE A 19 -4.73 -10.51 3.16
C PHE A 19 -5.01 -11.08 1.76
N ALA A 20 -4.81 -10.24 0.76
CA ALA A 20 -5.03 -10.64 -0.62
C ALA A 20 -4.06 -9.89 -1.53
N GLU A 21 -4.07 -8.57 -1.40
CA GLU A 21 -3.20 -7.74 -2.20
C GLU A 21 -2.44 -6.75 -1.31
N GLU A 22 -3.21 -6.01 -0.51
CA GLU A 22 -2.62 -5.04 0.40
C GLU A 22 -1.41 -4.37 -0.25
N VAL A 23 -1.68 -3.57 -1.26
CA VAL A 23 -0.62 -2.86 -1.98
C VAL A 23 0.06 -1.88 -1.03
N GLN A 24 1.34 -2.12 -0.80
CA GLN A 24 2.12 -1.26 0.08
C GLN A 24 2.63 -0.03 -0.68
N CYS A 25 2.96 1.00 0.08
CA CYS A 25 3.47 2.23 -0.51
C CYS A 25 4.11 3.06 0.58
N GLU A 26 4.84 4.08 0.17
CA GLU A 26 5.51 4.97 1.10
C GLU A 26 4.61 5.23 2.32
N GLY A 27 4.99 4.64 3.44
CA GLY A 27 4.24 4.80 4.67
C GLY A 27 2.73 4.80 4.39
N SER A 28 2.28 3.73 3.74
CA SER A 28 0.88 3.60 3.40
C SER A 28 0.64 2.28 2.68
N SER A 29 -0.64 1.97 2.48
CA SER A 29 -1.01 0.74 1.80
C SER A 29 -2.50 0.75 1.48
N PHE A 30 -2.82 0.39 0.24
CA PHE A 30 -4.20 0.35 -0.20
C PHE A 30 -4.50 -0.91 -0.99
N HIS A 31 -5.77 -1.15 -1.22
CA HIS A 31 -6.20 -2.32 -1.97
C HIS A 31 -5.66 -2.25 -3.40
N LYS A 32 -5.62 -3.40 -4.05
CA LYS A 32 -5.13 -3.48 -5.41
C LYS A 32 -5.95 -2.54 -6.30
N SER A 33 -7.24 -2.84 -6.38
CA SER A 33 -8.14 -2.03 -7.18
C SER A 33 -8.11 -0.57 -6.71
N CYS A 34 -7.93 -0.42 -5.41
CA CYS A 34 -7.88 0.91 -4.82
C CYS A 34 -6.72 1.67 -5.44
N PHE A 35 -5.57 1.00 -5.50
CA PHE A 35 -4.38 1.60 -6.08
C PHE A 35 -4.55 1.83 -7.58
N LEU A 36 -5.14 2.98 -7.90
CA LEU A 36 -5.37 3.34 -9.29
C LEU A 36 -5.08 4.83 -9.48
N CYS A 37 -4.34 5.12 -10.54
CA CYS A 37 -3.98 6.49 -10.85
C CYS A 37 -5.24 7.36 -10.74
N MET A 38 -5.24 8.22 -9.73
CA MET A 38 -6.37 9.11 -9.50
C MET A 38 -6.35 10.28 -10.48
N VAL A 39 -5.42 10.22 -11.42
CA VAL A 39 -5.29 11.26 -12.42
C VAL A 39 -5.93 10.80 -13.73
N CYS A 40 -5.26 9.84 -14.37
CA CYS A 40 -5.75 9.30 -15.63
C CYS A 40 -6.92 8.37 -15.33
N LYS A 41 -6.94 7.86 -14.10
CA LYS A 41 -7.99 6.96 -13.67
C LYS A 41 -7.66 5.54 -14.13
N LYS A 42 -6.37 5.32 -14.35
CA LYS A 42 -5.90 4.01 -14.79
C LYS A 42 -5.25 3.28 -13.62
N ASN A 43 -5.67 2.04 -13.42
CA ASN A 43 -5.14 1.23 -12.34
C ASN A 43 -3.60 1.32 -12.35
N LEU A 44 -3.04 1.29 -11.16
CA LEU A 44 -1.59 1.36 -11.02
C LEU A 44 -1.09 0.12 -10.27
N ASP A 45 -0.73 -0.89 -11.05
CA ASP A 45 -0.23 -2.13 -10.48
C ASP A 45 1.15 -2.43 -11.05
N SER A 46 2.08 -1.52 -10.79
CA SER A 46 3.45 -1.67 -11.26
C SER A 46 4.32 -0.55 -10.71
N THR A 47 5.62 -0.67 -10.98
CA THR A 47 6.56 0.33 -10.52
C THR A 47 6.33 1.66 -11.24
N THR A 48 7.34 2.51 -11.19
CA THR A 48 7.26 3.81 -11.82
C THR A 48 6.02 4.56 -11.33
N VAL A 49 5.54 4.16 -10.17
CA VAL A 49 4.36 4.77 -9.59
C VAL A 49 4.79 5.75 -8.48
N ALA A 50 3.98 6.78 -8.30
CA ALA A 50 4.26 7.78 -7.29
C ALA A 50 3.03 7.98 -6.41
N VAL A 51 3.24 8.64 -5.28
CA VAL A 51 2.15 8.89 -4.35
C VAL A 51 1.98 10.41 -4.19
N HIS A 52 0.94 10.78 -3.45
CA HIS A 52 0.65 12.18 -3.22
C HIS A 52 -0.35 12.31 -2.06
N GLY A 53 -0.52 13.54 -1.60
CA GLY A 53 -1.43 13.81 -0.50
C GLY A 53 -2.70 12.97 -0.63
N ASP A 54 -2.77 11.93 0.18
CA ASP A 54 -3.93 11.05 0.18
C ASP A 54 -4.36 10.81 -1.27
N GLU A 55 -3.43 10.30 -2.07
CA GLU A 55 -3.71 10.03 -3.46
C GLU A 55 -2.51 9.32 -4.11
N ILE A 56 -2.78 8.73 -5.26
CA ILE A 56 -1.73 8.02 -5.99
C ILE A 56 -1.75 8.46 -7.46
N TYR A 57 -0.56 8.61 -8.02
CA TYR A 57 -0.42 9.02 -9.41
C TYR A 57 0.76 8.31 -10.07
N CYS A 58 0.56 7.99 -11.34
CA CYS A 58 1.61 7.31 -12.10
C CYS A 58 2.71 8.32 -12.42
N LYS A 59 3.93 7.81 -12.53
CA LYS A 59 5.07 8.65 -12.82
C LYS A 59 4.67 9.71 -13.84
N SER A 60 4.49 9.27 -15.07
CA SER A 60 4.10 10.17 -16.15
C SER A 60 3.22 11.29 -15.60
N CYS A 61 2.02 10.92 -15.18
CA CYS A 61 1.08 11.88 -14.64
C CYS A 61 1.86 12.86 -13.75
N TYR A 62 2.58 12.28 -12.80
CA TYR A 62 3.36 13.08 -11.88
C TYR A 62 4.21 14.11 -12.62
N GLY A 63 4.96 13.61 -13.59
CA GLY A 63 5.82 14.47 -14.39
C GLY A 63 5.00 15.46 -15.22
N LYS A 64 3.72 15.14 -15.36
CA LYS A 64 2.81 15.99 -16.12
C LYS A 64 2.41 17.19 -15.26
N LYS A 65 1.92 16.89 -14.07
CA LYS A 65 1.50 17.94 -13.15
C LYS A 65 2.72 18.76 -12.73
N TYR A 66 3.76 18.05 -12.33
CA TYR A 66 4.99 18.70 -11.90
C TYR A 66 5.68 19.41 -13.08
N GLY A 67 5.83 18.68 -14.17
CA GLY A 67 6.45 19.22 -15.36
C GLY A 67 6.02 20.67 -15.59
N PRO A 68 6.83 21.39 -16.40
CA PRO A 68 6.55 22.78 -16.71
C PRO A 68 5.40 22.89 -17.73
N LYS A 69 5.07 24.13 -18.06
CA LYS A 69 3.99 24.38 -19.01
C LYS A 69 4.59 24.79 -20.35
N GLY A 70 5.26 25.93 -20.34
CA GLY A 70 5.89 26.45 -21.54
C GLY A 70 6.47 27.84 -21.31
N LYS A 71 6.72 28.54 -22.40
CA LYS A 71 7.27 29.88 -22.32
C LYS A 71 6.14 30.91 -22.44
N GLY A 72 6.52 32.17 -22.30
CA GLY A 72 5.54 33.25 -22.39
C GLY A 72 5.57 33.91 -23.77
N LYS A 73 5.45 35.22 -23.77
CA LYS A 73 5.46 35.98 -25.01
C LYS A 73 6.38 37.20 -24.86
N GLY A 74 6.52 37.93 -25.94
CA GLY A 74 7.37 39.11 -25.95
C GLY A 74 6.56 40.37 -26.28
N MET A 75 7.21 41.30 -26.94
CA MET A 75 6.56 42.54 -27.32
C MET A 75 7.37 43.29 -28.38
N GLY A 76 6.75 44.31 -28.94
CA GLY A 76 7.41 45.12 -29.97
C GLY A 76 7.01 46.59 -29.84
N ALA A 77 7.42 47.36 -30.85
CA ALA A 77 7.12 48.78 -30.87
C ALA A 77 7.61 49.38 -32.17
N GLY A 78 7.32 50.66 -32.35
CA GLY A 78 7.74 51.38 -33.55
C GLY A 78 6.88 52.61 -33.78
N THR A 79 7.48 53.61 -34.42
CA THR A 79 6.78 54.84 -34.70
C THR A 79 7.64 55.75 -35.61
N LEU A 80 6.96 56.62 -36.33
CA LEU A 80 7.64 57.54 -37.23
C LEU A 80 6.63 58.56 -37.77
N SER A 81 7.13 59.76 -38.02
CA SER A 81 6.29 60.83 -38.54
C SER A 81 7.15 62.00 -38.98
N THR A 82 6.73 62.64 -40.06
CA THR A 82 7.46 63.78 -40.60
C THR A 82 6.65 64.43 -41.73
N ASP A 83 6.88 65.73 -41.89
CA ASP A 83 6.20 66.48 -42.93
C ASP A 83 6.64 67.94 -42.88
N LYS A 84 6.82 68.51 -44.06
CA LYS A 84 7.24 69.90 -44.15
C LYS A 84 7.30 70.31 -45.62
N GLY A 85 7.30 71.61 -45.85
CA GLY A 85 7.35 72.15 -47.20
C GLY A 85 6.07 72.92 -47.53
N GLU A 86 6.23 74.22 -47.71
CA GLU A 86 5.10 75.07 -48.04
C GLU A 86 5.57 76.52 -48.25
N SER A 87 5.20 77.06 -49.40
CA SER A 87 5.57 78.43 -49.73
C SER A 87 5.01 78.80 -51.10
N LEU A 88 4.49 80.03 -51.17
CA LEU A 88 3.92 80.52 -52.42
C LEU A 88 3.52 81.99 -52.24
N GLY A 89 3.58 82.71 -53.34
CA GLY A 89 3.23 84.13 -53.32
C GLY A 89 3.50 84.78 -54.69
N ILE A 90 2.86 85.91 -54.90
CA ILE A 90 3.02 86.64 -56.15
C ILE A 90 2.31 87.99 -56.04
N LYS A 91 2.78 88.94 -56.84
CA LYS A 91 2.20 90.27 -56.85
C LYS A 91 2.65 91.01 -58.10
N TYR A 92 1.88 92.03 -58.47
CA TYR A 92 2.19 92.83 -59.63
C TYR A 92 1.36 94.11 -59.66
N GLU A 93 1.74 95.01 -60.56
CA GLU A 93 1.05 96.27 -60.69
C GLU A 93 1.31 96.88 -62.08
N GLU A 94 0.58 97.94 -62.37
CA GLU A 94 0.72 98.62 -63.65
C GLU A 94 0.29 100.08 -63.53
N GLY A 95 0.57 100.84 -64.58
CA GLY A 95 0.22 102.25 -64.60
C GLY A 95 -0.74 102.55 -65.74
N GLN A 96 -0.70 103.81 -66.18
CA GLN A 96 -1.57 104.24 -67.27
C GLN A 96 -1.12 105.62 -67.78
N SER A 97 -1.62 105.97 -68.96
CA SER A 97 -1.28 107.24 -69.56
C SER A 97 -2.55 107.93 -70.07
N HIS A 98 -2.40 109.19 -70.45
CA HIS A 98 -3.52 109.97 -70.96
C HIS A 98 -3.11 110.67 -72.25
N ARG A 99 -4.09 111.33 -72.86
CA ARG A 99 -3.84 112.04 -74.10
C ARG A 99 -4.63 113.36 -74.11
N PRO A 100 -3.87 114.49 -74.24
CA PRO A 100 -4.48 115.80 -74.27
C PRO A 100 -5.17 116.05 -75.61
N THR A 101 -5.79 117.23 -75.71
CA THR A 101 -6.48 117.61 -76.93
C THR A 101 -5.83 118.85 -77.54
N ASN A 102 -6.00 118.98 -78.86
CA ASN A 102 -5.44 120.11 -79.57
C ASN A 102 -6.57 120.91 -80.22
N PRO A 103 -6.39 122.26 -80.26
CA PRO A 103 -7.37 123.14 -80.86
C PRO A 103 -7.34 123.05 -82.39
N ASN A 104 -8.25 123.78 -83.00
CA ASN A 104 -8.34 123.80 -84.46
C ASN A 104 -8.13 125.23 -84.96
N ALA A 105 -7.89 125.33 -86.26
CA ALA A 105 -7.68 126.63 -86.88
C ALA A 105 -8.83 126.94 -87.83
N SER A 106 -8.79 128.14 -88.38
CA SER A 106 -9.83 128.57 -89.31
C SER A 106 -9.23 128.80 -90.70
N ARG A 107 -10.11 128.99 -91.66
CA ARG A 107 -9.68 129.21 -93.03
C ARG A 107 -10.57 130.27 -93.70
N MET A 108 -10.11 130.74 -94.85
CA MET A 108 -10.85 131.75 -95.59
C MET A 108 -11.33 131.20 -96.93
N ALA A 109 -12.18 131.99 -97.58
CA ALA A 109 -12.73 131.59 -98.87
C ALA A 109 -13.59 132.73 -99.42
N GLN A 110 -13.87 132.64 -100.71
CA GLN A 110 -14.69 133.65 -101.37
C GLN A 110 -14.84 133.33 -102.86
N LYS A 111 -16.04 133.57 -103.37
CA LYS A 111 -16.30 133.32 -104.77
C LYS A 111 -17.74 133.77 -105.10
N VAL A 112 -17.85 134.52 -106.18
CA VAL A 112 -19.16 135.02 -106.60
C VAL A 112 -19.30 134.83 -108.12
N GLY A 113 -20.50 135.09 -108.60
CA GLY A 113 -20.79 134.95 -110.02
C GLY A 113 -21.89 135.92 -110.45
N GLY A 114 -22.45 135.63 -111.63
CA GLY A 114 -23.50 136.46 -112.17
C GLY A 114 -24.88 136.00 -111.68
N SER A 115 -25.77 135.82 -112.63
CA SER A 115 -27.12 135.37 -112.31
C SER A 115 -27.77 136.34 -111.32
N ASP A 116 -29.09 136.21 -111.20
CA ASP A 116 -29.84 137.07 -110.31
C ASP A 116 -31.10 136.34 -109.85
N GLY A 117 -32.05 137.12 -109.36
CA GLY A 117 -33.31 136.57 -108.88
C GLY A 117 -34.50 137.35 -109.43
N CYS A 118 -35.69 136.81 -109.20
CA CYS A 118 -36.91 137.46 -109.67
C CYS A 118 -37.52 138.22 -108.50
N PRO A 119 -37.43 139.58 -108.57
CA PRO A 119 -37.98 140.43 -107.52
C PRO A 119 -39.50 140.49 -107.62
N ARG A 120 -40.03 139.87 -108.66
CA ARG A 120 -41.47 139.85 -108.87
C ARG A 120 -42.10 138.74 -108.05
N CYS A 121 -41.77 137.51 -108.42
CA CYS A 121 -42.29 136.35 -107.73
C CYS A 121 -41.48 136.13 -106.46
N GLY A 122 -40.17 136.27 -106.60
CA GLY A 122 -39.27 136.09 -105.48
C GLY A 122 -38.24 134.99 -105.75
N GLN A 123 -38.62 134.09 -106.64
CA GLN A 123 -37.74 132.98 -107.01
C GLN A 123 -36.42 133.52 -107.55
N ALA A 124 -35.60 132.60 -108.04
CA ALA A 124 -34.31 132.96 -108.59
C ALA A 124 -34.40 133.03 -110.11
N VAL A 125 -33.40 133.67 -110.70
CA VAL A 125 -33.37 133.81 -112.15
C VAL A 125 -31.95 133.53 -112.65
N TYR A 126 -31.86 132.63 -113.62
CA TYR A 126 -30.58 132.26 -114.19
C TYR A 126 -30.76 131.47 -115.49
N ALA A 127 -30.83 132.20 -116.59
CA ALA A 127 -31.00 131.58 -117.89
C ALA A 127 -32.36 130.87 -117.94
N ALA A 128 -32.72 130.44 -119.14
CA ALA A 128 -33.98 129.75 -119.33
C ALA A 128 -35.12 130.78 -119.37
N GLU A 129 -35.19 131.58 -118.32
CA GLU A 129 -36.21 132.60 -118.22
C GLU A 129 -35.69 133.81 -117.42
N LYS A 130 -34.55 134.32 -117.87
CA LYS A 130 -33.93 135.45 -117.21
C LYS A 130 -34.03 136.68 -118.12
N VAL A 131 -34.57 137.76 -117.56
CA VAL A 131 -34.72 138.99 -118.31
C VAL A 131 -34.09 140.14 -117.52
N ILE A 132 -33.49 141.06 -118.27
CA ILE A 132 -32.86 142.21 -117.66
C ILE A 132 -33.48 143.50 -118.21
N GLY A 133 -34.12 144.24 -117.32
CA GLY A 133 -34.77 145.48 -117.70
C GLY A 133 -34.84 146.45 -116.52
N ALA A 134 -34.94 147.73 -116.85
CA ALA A 134 -35.02 148.76 -115.82
C ALA A 134 -33.89 148.56 -114.82
N GLY A 135 -32.74 148.13 -115.34
CA GLY A 135 -31.58 147.90 -114.50
C GLY A 135 -31.90 146.88 -113.39
N LYS A 136 -32.60 145.83 -113.78
CA LYS A 136 -32.97 144.79 -112.85
C LYS A 136 -33.23 143.49 -113.61
N SER A 137 -33.26 142.39 -112.85
CA SER A 137 -33.49 141.09 -113.44
C SER A 137 -34.82 140.52 -112.94
N TRP A 138 -35.45 139.73 -113.80
CA TRP A 138 -36.72 139.11 -113.46
C TRP A 138 -37.02 138.04 -114.51
N HIS A 139 -38.08 137.29 -114.26
CA HIS A 139 -38.49 136.24 -115.17
C HIS A 139 -39.14 136.84 -116.41
N LYS A 140 -38.66 136.44 -117.57
CA LYS A 140 -39.18 136.95 -118.83
C LYS A 140 -40.69 136.69 -118.88
N SER A 141 -41.13 135.78 -118.03
CA SER A 141 -42.54 135.44 -117.96
C SER A 141 -43.28 136.43 -117.07
N CYS A 142 -42.74 136.62 -115.88
CA CYS A 142 -43.34 137.54 -114.92
C CYS A 142 -43.20 138.97 -115.47
N PHE A 143 -41.95 139.34 -115.72
CA PHE A 143 -41.65 140.67 -116.23
C PHE A 143 -42.75 141.13 -117.20
N ARG A 144 -43.68 141.91 -116.67
CA ARG A 144 -44.78 142.42 -117.46
C ARG A 144 -45.04 143.90 -117.11
N CYS A 145 -45.94 144.49 -117.87
CA CYS A 145 -46.30 145.88 -117.66
C CYS A 145 -47.10 145.98 -116.37
N ALA A 146 -46.68 146.90 -115.51
CA ALA A 146 -47.36 147.10 -114.24
C ALA A 146 -48.48 148.12 -114.42
N LYS A 147 -49.08 148.09 -115.60
CA LYS A 147 -50.16 149.01 -115.91
C LYS A 147 -51.29 148.24 -116.61
N CYS A 148 -50.90 147.44 -117.59
CA CYS A 148 -51.86 146.64 -118.33
C CYS A 148 -51.66 145.18 -117.97
N GLY A 149 -50.45 144.87 -117.51
CA GLY A 149 -50.12 143.51 -117.13
C GLY A 149 -49.52 142.74 -118.30
N LYS A 150 -49.60 143.35 -119.48
CA LYS A 150 -49.07 142.73 -120.68
C LYS A 150 -47.58 142.46 -120.51
N SER A 151 -47.22 141.21 -120.66
CA SER A 151 -45.83 140.81 -120.53
C SER A 151 -44.94 141.65 -121.44
N LEU A 152 -43.71 141.84 -121.02
CA LEU A 152 -42.76 142.64 -121.79
C LEU A 152 -41.60 141.74 -122.25
N GLU A 153 -40.60 142.37 -122.84
CA GLU A 153 -39.44 141.64 -123.32
C GLU A 153 -38.16 142.37 -122.90
N SER A 154 -37.96 143.54 -123.48
CA SER A 154 -36.78 144.34 -123.18
C SER A 154 -36.94 145.74 -123.76
N THR A 155 -37.01 145.80 -125.09
CA THR A 155 -37.16 147.07 -125.77
C THR A 155 -38.59 147.60 -125.60
N THR A 156 -39.54 146.83 -126.11
CA THR A 156 -40.93 147.22 -126.02
C THR A 156 -41.28 147.65 -124.59
N LEU A 157 -40.50 147.14 -123.65
CA LEU A 157 -40.72 147.47 -122.25
C LEU A 157 -40.29 148.91 -122.00
N ALA A 158 -40.69 149.42 -120.84
CA ALA A 158 -40.36 150.79 -120.47
C ALA A 158 -40.02 150.83 -118.97
N ASP A 159 -38.76 151.12 -118.69
CA ASP A 159 -38.31 151.21 -117.31
C ASP A 159 -38.49 152.64 -116.81
N LYS A 160 -39.49 152.82 -115.96
CA LYS A 160 -39.77 154.13 -115.40
C LYS A 160 -39.19 154.20 -113.99
N ASP A 161 -37.97 154.70 -113.91
CA ASP A 161 -37.29 154.83 -112.63
C ASP A 161 -37.56 153.59 -111.78
N GLY A 162 -37.16 152.45 -112.32
CA GLY A 162 -37.35 151.19 -111.62
C GLY A 162 -38.59 150.45 -112.14
N GLU A 163 -39.69 151.19 -112.20
CA GLU A 163 -40.94 150.63 -112.69
C GLU A 163 -40.76 150.04 -114.09
N ILE A 164 -41.74 149.24 -114.49
CA ILE A 164 -41.69 148.62 -115.80
C ILE A 164 -43.09 148.65 -116.42
N TYR A 165 -43.14 149.01 -117.69
CA TYR A 165 -44.40 149.08 -118.41
C TYR A 165 -44.21 148.76 -119.89
N CYS A 166 -45.29 148.91 -120.64
CA CYS A 166 -45.26 148.64 -122.07
C CYS A 166 -45.07 149.96 -122.81
N LYS A 167 -44.45 149.87 -123.97
CA LYS A 167 -44.21 151.05 -124.78
C LYS A 167 -45.47 151.89 -124.85
N GLY A 168 -46.59 151.21 -125.05
CA GLY A 168 -47.87 151.89 -125.15
C GLY A 168 -48.16 152.69 -123.87
N CYS A 169 -47.63 152.19 -122.76
CA CYS A 169 -47.82 152.86 -121.48
C CYS A 169 -46.82 154.01 -121.40
N TYR A 170 -45.58 153.71 -121.73
CA TYR A 170 -44.53 154.70 -121.70
C TYR A 170 -44.87 155.90 -122.59
N ALA A 171 -45.57 155.59 -123.68
CA ALA A 171 -45.96 156.62 -124.63
C ALA A 171 -47.17 157.38 -124.08
N LYS A 172 -48.26 156.65 -123.90
CA LYS A 172 -49.48 157.24 -123.39
C LYS A 172 -49.16 158.08 -122.15
N ASN A 173 -48.60 157.42 -121.15
CA ASN A 173 -48.24 158.10 -119.92
C ASN A 173 -47.66 159.48 -120.25
N PHE A 174 -46.87 159.50 -121.32
CA PHE A 174 -46.25 160.75 -121.75
C PHE A 174 -46.59 161.05 -123.20
N GLY A 175 -47.89 161.16 -123.46
CA GLY A 175 -48.37 161.45 -124.81
C GLY A 175 -48.47 162.95 -125.04
N PRO A 176 -48.51 163.33 -126.35
CA PRO A 176 -48.60 164.74 -126.71
C PRO A 176 -50.01 165.28 -126.47
N LYS A 177 -50.16 166.57 -126.72
CA LYS A 177 -51.46 167.21 -126.53
C LYS A 177 -52.21 167.21 -127.87
N GLY A 178 -53.47 167.64 -127.79
CA GLY A 178 -54.31 167.70 -128.98
C GLY A 178 -55.15 168.96 -129.00
N PHE A 179 -55.48 169.41 -130.20
CA PHE A 179 -56.28 170.61 -130.37
C PHE A 179 -57.75 170.33 -130.06
N GLY A 180 -58.46 171.40 -129.73
CA GLY A 180 -59.87 171.29 -129.41
C GLY A 180 -60.74 171.91 -130.51
N PHE A 181 -62.04 171.68 -130.40
CA PHE A 181 -62.98 172.21 -131.37
C PHE A 181 -64.30 172.59 -130.71
N GLY A 182 -65.15 173.25 -131.48
CA GLY A 182 -66.44 173.67 -130.98
C GLY A 182 -67.52 173.54 -132.06
N GLN A 183 -68.67 174.14 -131.78
CA GLN A 183 -69.78 174.08 -132.72
C GLN A 183 -70.35 175.49 -132.95
N GLY A 184 -71.14 175.62 -134.00
CA GLY A 184 -71.75 176.89 -134.34
C GLY A 184 -73.27 176.81 -134.24
N ALA A 185 -73.92 177.72 -134.95
CA ALA A 185 -75.38 177.77 -134.96
C ALA A 185 -75.85 178.62 -136.14
N GLY A 186 -76.66 178.00 -136.98
CA GLY A 186 -77.19 178.69 -138.15
C GLY A 186 -78.29 179.67 -137.75
N ALA A 187 -79.42 179.54 -138.43
CA ALA A 187 -80.57 180.40 -138.16
C ALA A 187 -81.79 179.86 -138.90
N LEU A 188 -82.96 180.23 -138.38
CA LEU A 188 -84.20 179.79 -138.98
C LEU A 188 -85.24 180.93 -138.90
N ILE A 189 -86.39 180.68 -139.47
CA ILE A 189 -87.47 181.66 -139.47
C ILE A 189 -88.70 181.07 -138.79
N HIS A 190 -89.66 181.94 -138.50
CA HIS A 190 -90.89 181.51 -137.85
C HIS A 190 -92.07 181.70 -138.81
N SER A 191 -93.16 181.03 -138.48
CA SER A 191 -94.36 181.12 -139.31
C SER A 191 -95.51 180.37 -138.63
N GLN A 192 -96.65 181.02 -138.59
CA GLN A 192 -97.84 180.43 -137.98
C GLN A 192 -97.49 179.87 -136.60
ZN ZN B . -8.99 0.00 -0.34
ZN ZN C . -1.78 8.31 -14.58
ZN ZN D . -40.82 135.66 -111.54
ZN ZN E . -48.93 148.77 -120.26
N MET A 1 -17.21 -20.64 13.46
CA MET A 1 -17.43 -19.45 14.28
C MET A 1 -16.55 -18.30 13.81
N PRO A 2 -17.03 -17.06 14.09
CA PRO A 2 -16.30 -15.86 13.70
C PRO A 2 -15.09 -15.64 14.60
N ASN A 3 -13.91 -15.88 14.05
CA ASN A 3 -12.68 -15.70 14.80
C ASN A 3 -12.10 -14.31 14.52
N TRP A 4 -11.15 -13.93 15.35
CA TRP A 4 -10.51 -12.63 15.19
C TRP A 4 -9.00 -12.84 15.20
N GLY A 5 -8.29 -11.83 14.70
CA GLY A 5 -6.84 -11.90 14.65
C GLY A 5 -6.30 -11.02 13.52
N GLY A 6 -5.01 -10.72 13.60
CA GLY A 6 -4.37 -9.90 12.60
C GLY A 6 -2.95 -9.52 13.04
N GLY A 7 -2.10 -9.25 12.04
CA GLY A 7 -0.72 -8.88 12.31
C GLY A 7 -0.53 -7.38 12.13
N LYS A 8 0.66 -7.03 11.65
CA LYS A 8 0.99 -5.63 11.42
C LYS A 8 1.30 -5.42 9.93
N LYS A 9 1.60 -4.17 9.59
CA LYS A 9 1.92 -3.84 8.22
C LYS A 9 3.25 -3.09 8.18
N CYS A 10 4.26 -3.77 7.64
CA CYS A 10 5.59 -3.19 7.54
C CYS A 10 5.57 -2.13 6.44
N GLY A 11 5.58 -0.87 6.86
CA GLY A 11 5.56 0.23 5.92
C GLY A 11 6.96 0.48 5.34
N VAL A 12 7.88 -0.41 5.69
CA VAL A 12 9.24 -0.29 5.22
C VAL A 12 9.42 -1.14 3.95
N CYS A 13 9.30 -2.45 4.14
CA CYS A 13 9.44 -3.38 3.03
C CYS A 13 8.08 -3.47 2.32
N GLN A 14 7.04 -3.11 3.05
CA GLN A 14 5.69 -3.16 2.50
C GLN A 14 5.12 -4.57 2.60
N LYS A 15 5.59 -5.30 3.61
CA LYS A 15 5.14 -6.65 3.83
C LYS A 15 4.39 -6.73 5.17
N ALA A 16 3.44 -7.64 5.22
CA ALA A 16 2.64 -7.82 6.42
C ALA A 16 3.47 -8.54 7.49
N VAL A 17 3.41 -8.01 8.70
CA VAL A 17 4.15 -8.59 9.80
C VAL A 17 3.23 -9.50 10.62
N TYR A 18 3.85 -10.46 11.30
CA TYR A 18 3.09 -11.40 12.11
C TYR A 18 3.56 -11.36 13.57
N PHE A 19 3.50 -10.16 14.14
CA PHE A 19 3.90 -9.97 15.53
C PHE A 19 5.32 -10.52 15.76
N ALA A 20 5.82 -10.27 16.96
CA ALA A 20 7.15 -10.73 17.31
C ALA A 20 8.20 -9.89 16.59
N GLU A 21 8.15 -9.95 15.26
CA GLU A 21 9.08 -9.20 14.44
C GLU A 21 8.72 -7.72 14.43
N GLU A 22 7.42 -7.48 14.31
CA GLU A 22 6.92 -6.11 14.28
C GLU A 22 7.69 -5.25 15.29
N VAL A 23 8.21 -4.13 14.77
CA VAL A 23 8.98 -3.23 15.60
C VAL A 23 8.35 -1.83 15.51
N GLN A 24 7.90 -1.35 16.67
CA GLN A 24 7.28 -0.03 16.74
C GLN A 24 8.35 1.06 16.64
N CYS A 25 8.10 2.00 15.74
CA CYS A 25 9.02 3.10 15.53
C CYS A 25 8.20 4.38 15.28
N GLU A 26 8.60 5.44 15.95
CA GLU A 26 7.92 6.71 15.81
C GLU A 26 7.55 6.96 14.34
N GLY A 27 6.27 6.74 14.04
CA GLY A 27 5.78 6.93 12.69
C GLY A 27 5.06 5.67 12.19
N SER A 28 5.79 4.56 12.24
CA SER A 28 5.23 3.29 11.80
C SER A 28 6.02 2.13 12.40
N SER A 29 5.68 0.93 11.96
CA SER A 29 6.35 -0.26 12.45
C SER A 29 7.01 -1.01 11.29
N PHE A 30 8.16 -1.60 11.59
CA PHE A 30 8.90 -2.34 10.58
C PHE A 30 9.38 -3.69 11.14
N HIS A 31 9.76 -4.56 10.22
CA HIS A 31 10.24 -5.89 10.61
C HIS A 31 11.53 -5.75 11.42
N LYS A 32 11.72 -6.69 12.33
CA LYS A 32 12.90 -6.69 13.17
C LYS A 32 14.16 -6.56 12.29
N SER A 33 14.24 -7.44 11.31
CA SER A 33 15.37 -7.44 10.40
C SER A 33 15.38 -6.14 9.58
N CYS A 34 14.18 -5.64 9.33
CA CYS A 34 14.03 -4.41 8.57
C CYS A 34 14.71 -3.28 9.34
N PHE A 35 14.36 -3.18 10.61
CA PHE A 35 14.91 -2.15 11.47
C PHE A 35 16.40 -2.40 11.72
N LEU A 36 17.21 -1.80 10.85
CA LEU A 36 18.65 -1.94 10.97
C LEU A 36 19.32 -0.61 10.61
N CYS A 37 20.28 -0.22 11.42
CA CYS A 37 21.00 1.02 11.21
C CYS A 37 21.47 1.05 9.75
N MET A 38 20.86 1.94 8.98
CA MET A 38 21.20 2.07 7.58
C MET A 38 22.56 2.77 7.41
N VAL A 39 23.18 3.06 8.55
CA VAL A 39 24.47 3.72 8.54
C VAL A 39 25.58 2.67 8.72
N CYS A 40 25.71 2.20 9.94
CA CYS A 40 26.71 1.20 10.26
C CYS A 40 26.28 -0.13 9.64
N LYS A 41 25.02 -0.18 9.23
CA LYS A 41 24.47 -1.37 8.62
C LYS A 41 24.33 -2.46 9.68
N LYS A 42 24.29 -2.02 10.94
CA LYS A 42 24.15 -2.94 12.06
C LYS A 42 22.69 -2.97 12.50
N ASN A 43 22.19 -4.19 12.68
CA ASN A 43 20.82 -4.36 13.11
C ASN A 43 20.50 -3.40 14.25
N LEU A 44 19.26 -2.95 14.28
CA LEU A 44 18.82 -2.02 15.31
C LEU A 44 17.63 -2.62 16.06
N ASP A 45 17.64 -2.44 17.38
CA ASP A 45 16.57 -2.95 18.20
C ASP A 45 16.55 -2.19 19.54
N SER A 46 15.35 -2.01 20.05
CA SER A 46 15.18 -1.30 21.31
C SER A 46 15.32 0.21 21.08
N THR A 47 15.15 0.96 22.16
CA THR A 47 15.25 2.40 22.09
C THR A 47 16.67 2.82 21.68
N THR A 48 17.08 3.98 22.17
CA THR A 48 18.40 4.49 21.86
C THR A 48 18.60 4.57 20.34
N VAL A 49 17.49 4.54 19.63
CA VAL A 49 17.52 4.60 18.17
C VAL A 49 16.87 5.90 17.71
N ALA A 50 17.10 6.23 16.45
CA ALA A 50 16.54 7.43 15.87
C ALA A 50 16.19 7.19 14.40
N VAL A 51 15.41 8.09 13.85
CA VAL A 51 15.00 7.98 12.45
C VAL A 51 15.47 9.21 11.68
N HIS A 52 15.26 9.17 10.38
CA HIS A 52 15.66 10.28 9.52
C HIS A 52 15.05 10.10 8.14
N GLY A 53 14.08 10.96 7.83
CA GLY A 53 13.40 10.90 6.55
C GLY A 53 12.96 9.47 6.22
N ASP A 54 13.60 8.91 5.21
CA ASP A 54 13.29 7.56 4.78
C ASP A 54 14.47 6.64 5.12
N GLU A 55 14.95 6.79 6.34
CA GLU A 55 16.07 5.97 6.80
C GLU A 55 16.08 5.89 8.33
N ILE A 56 16.74 4.87 8.84
CA ILE A 56 16.82 4.67 10.28
C ILE A 56 18.30 4.61 10.68
N TYR A 57 18.60 5.28 11.79
CA TYR A 57 19.96 5.31 12.30
C TYR A 57 19.97 5.14 13.82
N CYS A 58 21.05 4.55 14.30
CA CYS A 58 21.21 4.32 15.72
C CYS A 58 21.61 5.63 16.39
N LYS A 59 21.20 5.77 17.64
CA LYS A 59 21.51 6.98 18.40
C LYS A 59 22.93 7.43 18.07
N SER A 60 23.89 6.67 18.60
CA SER A 60 25.29 6.98 18.36
C SER A 60 25.47 7.62 16.99
N CYS A 61 25.25 6.81 15.96
CA CYS A 61 25.39 7.28 14.59
C CYS A 61 24.79 8.69 14.51
N TYR A 62 23.52 8.78 14.88
CA TYR A 62 22.83 10.06 14.84
C TYR A 62 23.71 11.17 15.41
N GLY A 63 24.17 10.97 16.63
CA GLY A 63 25.03 11.95 17.28
C GLY A 63 26.34 12.12 16.52
N LYS A 64 26.68 11.10 15.75
CA LYS A 64 27.90 11.12 14.98
C LYS A 64 27.72 12.04 13.76
N LYS A 65 26.58 11.87 13.10
CA LYS A 65 26.27 12.68 11.93
C LYS A 65 26.11 14.15 12.34
N TYR A 66 25.33 14.35 13.39
CA TYR A 66 25.09 15.69 13.90
C TYR A 66 26.36 16.28 14.50
N GLY A 67 27.00 15.50 15.36
CA GLY A 67 28.23 15.95 16.00
C GLY A 67 27.99 17.22 16.81
N PRO A 68 28.93 17.47 17.78
CA PRO A 68 28.83 18.65 18.62
C PRO A 68 29.24 19.91 17.85
N LYS A 69 29.19 21.03 18.56
CA LYS A 69 29.55 22.30 17.96
C LYS A 69 30.47 23.07 18.91
N GLY A 70 31.21 24.00 18.34
CA GLY A 70 32.14 24.80 19.13
C GLY A 70 32.04 26.28 18.74
N LYS A 71 33.08 27.02 19.08
CA LYS A 71 33.13 28.44 18.77
C LYS A 71 34.55 28.96 19.04
N GLY A 72 34.74 30.24 18.72
CA GLY A 72 36.03 30.87 18.91
C GLY A 72 35.94 32.38 18.64
N LYS A 73 36.98 33.08 19.10
CA LYS A 73 37.04 34.52 18.92
C LYS A 73 38.37 35.04 19.45
N GLY A 74 38.56 36.35 19.29
CA GLY A 74 39.79 36.98 19.75
C GLY A 74 39.87 38.43 19.27
N MET A 75 40.79 39.17 19.87
CA MET A 75 40.98 40.57 19.51
C MET A 75 42.13 41.19 20.31
N GLY A 76 42.77 42.18 19.70
CA GLY A 76 43.88 42.85 20.33
C GLY A 76 43.74 44.37 20.20
N ALA A 77 44.85 45.05 20.44
CA ALA A 77 44.88 46.51 20.35
C ALA A 77 46.31 47.01 20.56
N GLY A 78 46.47 48.31 20.41
CA GLY A 78 47.78 48.92 20.58
C GLY A 78 47.66 50.45 20.64
N THR A 79 48.80 51.08 20.89
CA THR A 79 48.84 52.54 20.97
C THR A 79 50.24 53.05 20.64
N LEU A 80 50.30 54.33 20.29
CA LEU A 80 51.56 54.95 19.95
C LEU A 80 51.54 56.42 20.39
N SER A 81 52.68 57.07 20.23
CA SER A 81 52.81 58.47 20.59
C SER A 81 54.14 59.02 20.09
N THR A 82 54.14 60.34 19.87
CA THR A 82 55.34 61.01 19.38
C THR A 82 55.23 62.51 19.60
N ASP A 83 56.34 63.10 20.02
CA ASP A 83 56.38 64.54 20.26
C ASP A 83 57.77 65.07 19.89
N LYS A 84 57.83 66.39 19.72
CA LYS A 84 59.08 67.04 19.38
C LYS A 84 59.11 68.45 19.96
N GLY A 85 60.22 69.12 19.77
CA GLY A 85 60.38 70.48 20.26
C GLY A 85 61.77 71.04 19.91
N GLU A 86 61.84 72.36 19.88
CA GLU A 86 63.09 73.03 19.55
C GLU A 86 62.90 74.55 19.56
N SER A 87 64.01 75.25 19.71
CA SER A 87 63.99 76.70 19.74
C SER A 87 65.41 77.24 19.88
N LEU A 88 65.52 78.56 19.71
CA LEU A 88 66.81 79.22 19.81
C LEU A 88 66.62 80.73 19.65
N GLY A 89 67.66 81.46 20.00
CA GLY A 89 67.63 82.91 19.89
C GLY A 89 69.03 83.51 19.97
N ILE A 90 69.11 84.80 19.75
CA ILE A 90 70.38 85.50 19.79
C ILE A 90 70.14 87.00 19.65
N LYS A 91 71.05 87.78 20.23
CA LYS A 91 70.95 89.22 20.17
C LYS A 91 72.36 89.83 20.13
N TYR A 92 72.40 91.14 19.96
CA TYR A 92 73.67 91.85 19.90
C TYR A 92 73.45 93.36 19.99
N GLU A 93 74.52 94.06 20.34
CA GLU A 93 74.46 95.50 20.47
C GLU A 93 75.74 96.14 19.91
N GLU A 94 75.71 97.46 19.81
CA GLU A 94 76.87 98.20 19.29
C GLU A 94 76.88 99.61 19.86
N GLY A 95 77.97 100.31 19.59
CA GLY A 95 78.13 101.67 20.07
C GLY A 95 78.97 102.50 19.09
N GLN A 96 79.42 103.65 19.58
CA GLN A 96 80.24 104.53 18.76
C GLN A 96 80.76 105.70 19.60
N SER A 97 81.65 106.47 19.00
CA SER A 97 82.23 107.62 19.67
C SER A 97 83.12 108.40 18.71
N HIS A 98 83.26 109.69 18.99
CA HIS A 98 84.07 110.55 18.17
C HIS A 98 84.81 111.57 19.05
N ARG A 99 85.67 112.35 18.41
CA ARG A 99 86.44 113.36 19.12
C ARG A 99 86.53 114.64 18.29
N PRO A 100 86.61 115.79 19.01
CA PRO A 100 86.70 117.08 18.35
C PRO A 100 88.10 117.31 17.78
N THR A 101 88.27 118.46 17.17
CA THR A 101 89.55 118.81 16.58
C THR A 101 90.03 120.18 17.09
N ASN A 102 91.21 120.57 16.63
CA ASN A 102 91.79 121.83 17.05
C ASN A 102 92.27 122.59 15.81
N PRO A 103 91.91 123.90 15.75
CA PRO A 103 92.30 124.73 14.63
C PRO A 103 93.77 125.13 14.73
N ASN A 104 94.21 125.90 13.75
CA ASN A 104 95.60 126.34 13.71
C ASN A 104 95.65 127.80 13.26
N ALA A 105 96.82 128.40 13.44
CA ALA A 105 97.01 129.80 13.06
C ALA A 105 98.41 129.97 12.48
N SER A 106 98.68 131.18 12.02
CA SER A 106 99.97 131.50 11.44
C SER A 106 100.28 132.99 11.61
N ARG A 107 101.52 133.35 11.29
CA ARG A 107 101.94 134.73 11.40
C ARG A 107 102.98 135.05 10.33
N MET A 108 103.08 136.34 10.03
CA MET A 108 104.03 136.79 9.02
C MET A 108 104.92 137.91 9.57
N ALA A 109 105.93 138.25 8.78
CA ALA A 109 106.87 139.29 9.17
C ALA A 109 107.28 140.09 7.94
N GLN A 110 108.08 141.13 8.18
CA GLN A 110 108.54 141.97 7.10
C GLN A 110 110.03 142.32 7.31
N LYS A 111 110.61 142.94 6.28
CA LYS A 111 112.00 143.33 6.35
C LYS A 111 112.17 144.70 5.68
N VAL A 112 113.39 145.20 5.74
CA VAL A 112 113.70 146.49 5.15
C VAL A 112 115.20 146.57 4.86
N GLY A 113 115.58 147.60 4.11
CA GLY A 113 116.97 147.79 3.75
C GLY A 113 117.30 149.29 3.67
N GLY A 114 118.50 149.56 3.17
CA GLY A 114 118.95 150.94 3.02
C GLY A 114 119.20 151.29 1.55
N SER A 115 119.02 152.56 1.25
CA SER A 115 119.22 153.04 -0.11
C SER A 115 118.98 154.55 -0.18
N ASP A 116 119.41 155.14 -1.29
CA ASP A 116 119.24 156.57 -1.50
C ASP A 116 119.16 156.85 -3.00
N GLY A 117 119.60 158.06 -3.36
CA GLY A 117 119.58 158.46 -4.74
C GLY A 117 120.86 159.22 -5.11
N CYS A 118 121.01 159.48 -6.40
CA CYS A 118 122.19 160.19 -6.90
C CYS A 118 121.79 161.64 -7.14
N PRO A 119 122.29 162.54 -6.25
CA PRO A 119 122.00 163.95 -6.36
C PRO A 119 122.80 164.60 -7.49
N ARG A 120 123.62 163.77 -8.14
CA ARG A 120 124.45 164.24 -9.24
C ARG A 120 123.71 164.06 -10.56
N CYS A 121 123.55 162.80 -10.96
CA CYS A 121 122.87 162.48 -12.19
C CYS A 121 121.36 162.61 -11.96
N GLY A 122 120.95 162.25 -10.75
CA GLY A 122 119.55 162.31 -10.40
C GLY A 122 118.89 160.93 -10.51
N GLN A 123 119.72 159.91 -10.45
CA GLN A 123 119.24 158.54 -10.55
C GLN A 123 119.39 157.83 -9.20
N ALA A 124 118.34 157.13 -8.81
CA ALA A 124 118.35 156.39 -7.56
C ALA A 124 119.70 155.71 -7.38
N VAL A 125 120.03 155.44 -6.12
CA VAL A 125 121.29 154.79 -5.80
C VAL A 125 121.03 153.62 -4.86
N TYR A 126 121.38 152.42 -5.33
CA TYR A 126 121.19 151.22 -4.54
C TYR A 126 122.42 150.31 -4.61
N ALA A 127 122.24 149.07 -4.18
CA ALA A 127 123.32 148.11 -4.19
C ALA A 127 123.87 147.99 -5.62
N ALA A 128 125.08 148.51 -5.80
CA ALA A 128 125.73 148.46 -7.10
C ALA A 128 126.90 149.45 -7.10
N GLU A 129 126.56 150.73 -7.08
CA GLU A 129 127.57 151.77 -7.09
C GLU A 129 127.17 152.90 -6.14
N LYS A 130 126.72 152.50 -4.95
CA LYS A 130 126.31 153.47 -3.95
C LYS A 130 127.54 153.97 -3.19
N VAL A 131 127.65 155.29 -3.13
CA VAL A 131 128.78 155.91 -2.44
C VAL A 131 128.24 156.91 -1.42
N ILE A 132 129.01 157.07 -0.34
CA ILE A 132 128.63 157.98 0.72
C ILE A 132 129.78 158.95 0.99
N GLY A 133 129.52 160.22 0.74
CA GLY A 133 130.53 161.25 0.95
C GLY A 133 129.87 162.61 1.23
N ALA A 134 130.61 163.44 1.94
CA ALA A 134 130.11 164.77 2.28
C ALA A 134 128.70 164.64 2.87
N GLY A 135 128.53 163.65 3.73
CA GLY A 135 127.25 163.41 4.36
C GLY A 135 126.14 163.32 3.32
N LYS A 136 126.45 162.64 2.23
CA LYS A 136 125.49 162.47 1.15
C LYS A 136 125.79 161.18 0.40
N SER A 137 124.86 160.80 -0.46
CA SER A 137 125.02 159.59 -1.25
C SER A 137 124.98 159.92 -2.74
N TRP A 138 125.71 159.12 -3.51
CA TRP A 138 125.78 159.33 -4.95
C TRP A 138 126.36 158.05 -5.58
N HIS A 139 126.41 158.06 -6.90
CA HIS A 139 126.95 156.93 -7.63
C HIS A 139 128.48 156.93 -7.55
N LYS A 140 129.02 155.79 -7.16
CA LYS A 140 130.46 155.65 -7.02
C LYS A 140 131.11 155.91 -8.39
N SER A 141 130.28 155.92 -9.42
CA SER A 141 130.76 156.16 -10.77
C SER A 141 130.80 157.66 -11.06
N CYS A 142 129.68 158.31 -10.76
CA CYS A 142 129.58 159.75 -10.98
C CYS A 142 130.46 160.46 -9.96
N PHE A 143 130.13 160.25 -8.69
CA PHE A 143 130.88 160.86 -7.61
C PHE A 143 132.35 161.08 -8.01
N ARG A 144 132.65 162.30 -8.41
CA ARG A 144 134.00 162.64 -8.82
C ARG A 144 134.34 164.07 -8.38
N CYS A 145 135.60 164.25 -8.00
CA CYS A 145 136.07 165.55 -7.56
C CYS A 145 135.50 166.61 -8.50
N ALA A 146 134.82 167.59 -7.91
CA ALA A 146 134.22 168.66 -8.68
C ALA A 146 135.24 169.79 -8.86
N LYS A 147 136.50 169.39 -9.00
CA LYS A 147 137.58 170.33 -9.18
C LYS A 147 138.50 169.85 -10.30
N CYS A 148 138.84 168.57 -10.23
CA CYS A 148 139.71 167.97 -11.22
C CYS A 148 138.88 166.99 -12.06
N GLY A 149 137.79 166.53 -11.46
CA GLY A 149 136.92 165.59 -12.13
C GLY A 149 137.41 164.15 -11.96
N LYS A 150 138.21 163.95 -10.92
CA LYS A 150 138.76 162.64 -10.64
C LYS A 150 137.72 161.81 -9.88
N SER A 151 137.37 160.67 -10.47
CA SER A 151 136.40 159.79 -9.86
C SER A 151 136.90 159.31 -8.50
N LEU A 152 136.01 159.35 -7.52
CA LEU A 152 136.35 158.93 -6.17
C LEU A 152 135.65 157.60 -5.87
N GLU A 153 135.80 157.15 -4.63
CA GLU A 153 135.20 155.91 -4.21
C GLU A 153 134.67 156.03 -2.78
N SER A 154 135.58 156.34 -1.86
CA SER A 154 135.23 156.49 -0.47
C SER A 154 136.31 157.30 0.26
N THR A 155 137.52 156.77 0.23
CA THR A 155 138.65 157.43 0.88
C THR A 155 139.30 158.43 -0.08
N THR A 156 140.17 159.25 0.48
CA THR A 156 140.87 160.25 -0.29
C THR A 156 139.88 161.26 -0.88
N LEU A 157 138.72 161.33 -0.25
CA LEU A 157 137.68 162.25 -0.70
C LEU A 157 137.50 163.36 0.33
N ALA A 158 137.10 164.53 -0.15
CA ALA A 158 136.89 165.67 0.72
C ALA A 158 135.47 166.19 0.54
N ASP A 159 134.95 166.79 1.60
CA ASP A 159 133.60 167.33 1.57
C ASP A 159 133.63 168.77 2.07
N LYS A 160 133.50 169.69 1.13
CA LYS A 160 133.50 171.11 1.47
C LYS A 160 132.06 171.61 1.54
N ASP A 161 131.51 171.58 2.74
CA ASP A 161 130.15 172.04 2.97
C ASP A 161 129.28 171.60 1.79
N GLY A 162 129.13 170.29 1.66
CA GLY A 162 128.33 169.73 0.59
C GLY A 162 129.21 169.34 -0.60
N GLU A 163 130.02 170.29 -1.04
CA GLU A 163 130.90 170.05 -2.16
C GLU A 163 131.77 168.81 -1.91
N ILE A 164 132.24 168.23 -3.00
CA ILE A 164 133.08 167.04 -2.92
C ILE A 164 134.29 167.20 -3.83
N TYR A 165 135.45 166.87 -3.29
CA TYR A 165 136.69 166.97 -4.05
C TYR A 165 137.65 165.83 -3.67
N CYS A 166 138.85 165.92 -4.23
CA CYS A 166 139.87 164.91 -3.97
C CYS A 166 140.79 165.44 -2.86
N LYS A 167 141.36 164.51 -2.11
CA LYS A 167 142.25 164.86 -1.02
C LYS A 167 143.26 165.90 -1.52
N GLY A 168 143.77 165.66 -2.73
CA GLY A 168 144.74 166.56 -3.33
C GLY A 168 144.17 167.98 -3.45
N CYS A 169 142.84 168.03 -3.61
CA CYS A 169 142.17 169.30 -3.75
C CYS A 169 141.97 169.90 -2.35
N TYR A 170 141.49 169.06 -1.45
CA TYR A 170 141.25 169.49 -0.08
C TYR A 170 142.55 170.00 0.57
N ALA A 171 143.65 169.38 0.16
CA ALA A 171 144.95 169.75 0.70
C ALA A 171 145.45 171.01 -0.01
N LYS A 172 145.64 170.88 -1.32
CA LYS A 172 146.11 171.99 -2.12
C LYS A 172 145.29 173.23 -1.80
N ASN A 173 143.98 173.13 -2.04
CA ASN A 173 143.09 174.24 -1.78
C ASN A 173 143.50 174.93 -0.47
N PHE A 174 143.90 174.10 0.50
CA PHE A 174 144.33 174.61 1.79
C PHE A 174 145.74 174.16 2.11
N GLY A 175 146.67 174.57 1.27
CA GLY A 175 148.08 174.22 1.46
C GLY A 175 148.99 175.20 0.74
N PRO A 176 150.13 174.66 0.22
CA PRO A 176 151.09 175.47 -0.50
C PRO A 176 150.58 175.83 -1.89
N LYS A 177 151.38 176.61 -2.59
CA LYS A 177 151.03 177.04 -3.94
C LYS A 177 149.83 177.99 -3.87
N GLY A 178 150.05 179.19 -4.39
CA GLY A 178 148.99 180.21 -4.39
C GLY A 178 148.18 180.13 -5.68
N PHE A 179 147.14 180.95 -5.73
CA PHE A 179 146.27 180.99 -6.89
C PHE A 179 145.69 182.40 -7.09
N GLY A 180 145.08 182.59 -8.25
CA GLY A 180 144.48 183.88 -8.58
C GLY A 180 143.58 183.77 -9.81
N PHE A 181 142.65 184.70 -9.91
CA PHE A 181 141.72 184.73 -11.03
C PHE A 181 142.01 185.91 -11.96
N GLY A 182 141.39 185.86 -13.13
CA GLY A 182 141.57 186.92 -14.11
C GLY A 182 141.48 186.36 -15.53
N GLN A 183 140.27 186.34 -16.05
CA GLN A 183 140.04 185.84 -17.40
C GLN A 183 138.60 186.12 -17.83
N GLY A 184 138.37 186.04 -19.13
CA GLY A 184 137.05 186.29 -19.68
C GLY A 184 137.09 186.33 -21.21
N ALA A 185 135.96 185.98 -21.81
CA ALA A 185 135.85 185.97 -23.26
C ALA A 185 134.48 186.50 -23.67
N GLY A 186 134.35 187.82 -23.59
CA GLY A 186 133.09 188.46 -23.94
C GLY A 186 132.31 188.87 -22.70
N ALA A 187 132.79 189.91 -22.04
CA ALA A 187 132.14 190.41 -20.84
C ALA A 187 131.02 191.38 -21.23
N LEU A 188 131.43 192.45 -21.89
CA LEU A 188 130.47 193.46 -22.32
C LEU A 188 129.35 192.79 -23.11
N ILE A 189 128.22 193.47 -23.16
CA ILE A 189 127.06 192.96 -23.89
C ILE A 189 126.55 194.03 -24.86
N HIS A 190 126.05 193.56 -25.99
CA HIS A 190 125.54 194.46 -27.01
C HIS A 190 124.64 195.50 -26.35
N SER A 191 124.33 196.54 -27.12
CA SER A 191 123.48 197.61 -26.63
C SER A 191 122.16 197.63 -27.41
N GLN A 192 121.21 196.84 -26.93
CA GLN A 192 119.91 196.76 -27.57
C GLN A 192 118.86 196.25 -26.57
ZN ZN B . 9.76 -5.19 6.76
ZN ZN C . 24.63 2.90 13.51
ZN ZN D . 125.05 159.21 -10.49
ZN ZN E . 140.43 167.28 -7.28
N MET A 1 -17.21 -20.64 13.46
CA MET A 1 -17.43 -19.45 14.28
C MET A 1 -16.10 -18.91 14.82
N PRO A 2 -15.51 -17.96 14.05
CA PRO A 2 -14.26 -17.35 14.44
C PRO A 2 -14.46 -16.36 15.58
N ASN A 3 -13.36 -15.76 16.01
CA ASN A 3 -13.40 -14.78 17.09
C ASN A 3 -12.27 -13.77 16.90
N TRP A 4 -12.56 -12.54 17.28
CA TRP A 4 -11.59 -11.46 17.15
C TRP A 4 -12.22 -10.18 17.67
N GLY A 5 -11.37 -9.22 17.98
CA GLY A 5 -11.83 -7.93 18.49
C GLY A 5 -10.75 -7.25 19.32
N GLY A 6 -10.89 -5.94 19.46
CA GLY A 6 -9.93 -5.16 20.22
C GLY A 6 -9.96 -3.69 19.81
N GLY A 7 -9.40 -2.85 20.66
CA GLY A 7 -9.36 -1.42 20.39
C GLY A 7 -9.85 -0.62 21.60
N LYS A 8 -9.36 0.61 21.68
CA LYS A 8 -9.74 1.49 22.78
C LYS A 8 -10.70 2.57 22.26
N LYS A 9 -11.10 3.44 23.17
CA LYS A 9 -12.00 4.53 22.81
C LYS A 9 -11.38 5.86 23.22
N CYS A 10 -11.20 6.72 22.23
CA CYS A 10 -10.62 8.02 22.48
C CYS A 10 -11.68 8.91 23.14
N GLY A 11 -11.47 9.16 24.42
CA GLY A 11 -12.40 9.98 25.19
C GLY A 11 -12.18 11.46 24.89
N VAL A 12 -11.27 11.72 23.96
CA VAL A 12 -10.96 13.09 23.58
C VAL A 12 -11.78 13.48 22.36
N CYS A 13 -11.43 12.86 21.24
CA CYS A 13 -12.13 13.12 19.99
C CYS A 13 -13.47 12.38 20.01
N GLN A 14 -13.51 11.32 20.82
CA GLN A 14 -14.71 10.52 20.95
C GLN A 14 -14.78 9.48 19.82
N LYS A 15 -13.60 9.10 19.34
CA LYS A 15 -13.52 8.12 18.26
C LYS A 15 -12.75 6.90 18.77
N ALA A 16 -13.18 5.74 18.29
CA ALA A 16 -12.55 4.49 18.68
C ALA A 16 -11.14 4.43 18.08
N VAL A 17 -10.20 4.00 18.90
CA VAL A 17 -8.82 3.88 18.49
C VAL A 17 -8.49 2.42 18.21
N TYR A 18 -8.08 2.15 16.99
CA TYR A 18 -7.72 0.80 16.58
C TYR A 18 -6.38 0.38 17.19
N PHE A 19 -6.42 -0.73 17.90
CA PHE A 19 -5.21 -1.26 18.53
C PHE A 19 -3.99 -1.07 17.62
N ALA A 20 -3.15 -0.13 18.01
CA ALA A 20 -1.94 0.15 17.24
C ALA A 20 -1.12 1.22 17.96
N GLU A 21 -1.73 2.38 18.14
CA GLU A 21 -1.06 3.48 18.81
C GLU A 21 -1.75 3.78 20.15
N GLU A 22 -2.90 4.44 20.05
CA GLU A 22 -3.66 4.79 21.24
C GLU A 22 -2.72 5.29 22.34
N VAL A 23 -2.53 6.59 22.37
CA VAL A 23 -1.68 7.21 23.36
C VAL A 23 -2.33 7.10 24.74
N GLN A 24 -1.67 6.38 25.62
CA GLN A 24 -2.18 6.20 26.97
C GLN A 24 -1.69 7.32 27.89
N CYS A 25 -2.38 7.48 29.01
CA CYS A 25 -2.01 8.50 29.97
C CYS A 25 -2.51 8.06 31.35
N GLU A 26 -1.82 7.07 31.91
CA GLU A 26 -2.18 6.55 33.21
C GLU A 26 -3.55 5.86 33.16
N GLY A 27 -4.58 6.68 33.20
CA GLY A 27 -5.95 6.17 33.16
C GLY A 27 -6.65 6.61 31.88
N SER A 28 -6.19 7.72 31.34
CA SER A 28 -6.78 8.26 30.12
C SER A 28 -6.07 7.67 28.89
N SER A 29 -6.62 7.98 27.73
CA SER A 29 -6.06 7.48 26.48
C SER A 29 -6.71 8.19 25.30
N PHE A 30 -5.86 8.72 24.43
CA PHE A 30 -6.35 9.42 23.25
C PHE A 30 -5.42 9.18 22.05
N HIS A 31 -5.88 9.61 20.89
CA HIS A 31 -5.12 9.45 19.66
C HIS A 31 -3.81 10.25 19.77
N LYS A 32 -2.84 9.83 18.97
CA LYS A 32 -1.55 10.50 18.96
C LYS A 32 -1.75 12.00 18.75
N SER A 33 -2.70 12.32 17.89
CA SER A 33 -3.02 13.71 17.59
C SER A 33 -4.11 14.22 18.53
N CYS A 34 -4.13 13.65 19.72
CA CYS A 34 -5.12 14.04 20.71
C CYS A 34 -4.39 14.29 22.03
N PHE A 35 -3.11 14.58 21.92
CA PHE A 35 -2.30 14.85 23.10
C PHE A 35 -1.56 16.18 22.97
N LEU A 36 -2.30 17.26 23.17
CA LEU A 36 -1.73 18.59 23.08
C LEU A 36 -2.32 19.47 24.19
N CYS A 37 -1.43 20.20 24.85
CA CYS A 37 -1.83 21.07 25.93
C CYS A 37 -3.04 21.89 25.45
N MET A 38 -4.18 21.62 26.07
CA MET A 38 -5.41 22.32 25.71
C MET A 38 -5.45 23.70 26.37
N VAL A 39 -4.33 24.07 26.98
CA VAL A 39 -4.24 25.36 27.64
C VAL A 39 -3.45 26.33 26.75
N CYS A 40 -2.17 26.04 26.62
CA CYS A 40 -1.30 26.88 25.82
C CYS A 40 -1.54 26.53 24.34
N LYS A 41 -2.01 25.31 24.12
CA LYS A 41 -2.28 24.85 22.78
C LYS A 41 -1.00 24.29 22.16
N LYS A 42 -0.09 23.88 23.05
CA LYS A 42 1.18 23.32 22.61
C LYS A 42 1.14 21.80 22.77
N ASN A 43 1.48 21.11 21.68
CA ASN A 43 1.50 19.66 21.68
C ASN A 43 2.33 19.17 22.87
N LEU A 44 1.91 18.03 23.41
CA LEU A 44 2.62 17.44 24.54
C LEU A 44 3.09 16.04 24.16
N ASP A 45 4.39 15.94 23.91
CA ASP A 45 4.99 14.67 23.55
C ASP A 45 6.23 14.42 24.42
N SER A 46 6.01 14.43 25.72
CA SER A 46 7.09 14.21 26.66
C SER A 46 6.55 14.22 28.10
N THR A 47 7.40 13.80 29.02
CA THR A 47 7.03 13.75 30.42
C THR A 47 6.61 15.14 30.91
N THR A 48 6.45 15.25 32.22
CA THR A 48 6.07 16.51 32.83
C THR A 48 4.68 16.94 32.35
N VAL A 49 4.01 16.00 31.71
CA VAL A 49 2.66 16.24 31.21
C VAL A 49 1.63 15.80 32.24
N ALA A 50 0.53 16.54 32.28
CA ALA A 50 -0.54 16.24 33.23
C ALA A 50 -1.84 16.08 32.47
N VAL A 51 -2.82 15.51 33.16
CA VAL A 51 -4.14 15.30 32.56
C VAL A 51 -5.19 16.05 33.37
N HIS A 52 -6.41 16.03 32.86
CA HIS A 52 -7.52 16.71 33.52
C HIS A 52 -8.83 16.33 32.83
N GLY A 53 -9.55 15.42 33.48
CA GLY A 53 -10.83 14.97 32.94
C GLY A 53 -10.68 14.52 31.49
N ASP A 54 -11.20 15.34 30.59
CA ASP A 54 -11.14 15.05 29.16
C ASP A 54 -10.25 16.07 28.47
N GLU A 55 -9.13 16.37 29.13
CA GLU A 55 -8.19 17.34 28.58
C GLU A 55 -6.79 17.10 29.16
N ILE A 56 -5.79 17.59 28.44
CA ILE A 56 -4.42 17.44 28.85
C ILE A 56 -3.78 18.82 29.02
N TYR A 57 -2.96 18.93 30.06
CA TYR A 57 -2.29 20.18 30.35
C TYR A 57 -0.86 19.94 30.82
N CYS A 58 0.06 20.72 30.26
CA CYS A 58 1.46 20.59 30.62
C CYS A 58 1.63 21.00 32.08
N LYS A 59 2.63 20.43 32.72
CA LYS A 59 2.91 20.71 34.12
C LYS A 59 2.68 22.20 34.38
N SER A 60 3.60 23.01 33.85
CA SER A 60 3.50 24.45 34.02
C SER A 60 2.04 24.88 34.08
N CYS A 61 1.37 24.76 32.94
CA CYS A 61 -0.03 25.13 32.86
C CYS A 61 -0.73 24.63 34.12
N TYR A 62 -0.67 23.32 34.33
CA TYR A 62 -1.29 22.72 35.49
C TYR A 62 -1.02 23.54 36.76
N GLY A 63 0.26 23.83 36.97
CA GLY A 63 0.67 24.60 38.13
C GLY A 63 0.14 26.04 38.05
N LYS A 64 -0.20 26.45 36.83
CA LYS A 64 -0.72 27.79 36.61
C LYS A 64 -2.18 27.84 37.03
N LYS A 65 -2.95 26.90 36.51
CA LYS A 65 -4.37 26.82 36.82
C LYS A 65 -4.54 26.61 38.33
N TYR A 66 -3.73 25.71 38.86
CA TYR A 66 -3.78 25.41 40.28
C TYR A 66 -3.25 26.57 41.12
N GLY A 67 -2.07 27.05 40.73
CA GLY A 67 -1.45 28.17 41.42
C GLY A 67 -1.22 27.83 42.90
N PRO A 68 -0.27 28.58 43.52
CA PRO A 68 0.06 28.37 44.93
C PRO A 68 -1.04 28.94 45.82
N LYS A 69 -0.82 28.79 47.13
CA LYS A 69 -1.78 29.29 48.11
C LYS A 69 -1.02 29.76 49.35
N GLY A 70 -1.76 30.41 50.23
CA GLY A 70 -1.18 30.93 51.46
C GLY A 70 -2.26 31.42 52.43
N LYS A 71 -1.82 32.10 53.46
CA LYS A 71 -2.74 32.63 54.46
C LYS A 71 -1.98 33.59 55.39
N GLY A 72 -2.73 34.20 56.30
CA GLY A 72 -2.15 35.13 57.25
C GLY A 72 -3.13 35.44 58.38
N LYS A 73 -2.60 36.08 59.42
CA LYS A 73 -3.41 36.44 60.56
C LYS A 73 -2.70 37.54 61.35
N GLY A 74 -3.42 38.06 62.34
CA GLY A 74 -2.87 39.13 63.18
C GLY A 74 -3.94 39.67 64.12
N MET A 75 -3.47 40.25 65.23
CA MET A 75 -4.36 40.82 66.21
C MET A 75 -3.58 41.43 67.38
N GLY A 76 -4.27 42.26 68.14
CA GLY A 76 -3.65 42.92 69.28
C GLY A 76 -4.66 43.83 70.00
N ALA A 77 -4.40 44.04 71.28
CA ALA A 77 -5.27 44.87 72.09
C ALA A 77 -4.58 45.17 73.43
N GLY A 78 -5.13 46.14 74.14
CA GLY A 78 -4.58 46.53 75.42
C GLY A 78 -5.64 47.24 76.28
N THR A 79 -5.29 47.44 77.54
CA THR A 79 -6.21 48.11 78.46
C THR A 79 -5.42 48.76 79.60
N LEU A 80 -6.10 49.65 80.31
CA LEU A 80 -5.48 50.35 81.42
C LEU A 80 -6.56 51.02 82.27
N SER A 81 -6.19 51.38 83.49
CA SER A 81 -7.12 52.02 84.40
C SER A 81 -6.38 52.50 85.65
N THR A 82 -7.00 53.43 86.35
CA THR A 82 -6.42 53.98 87.56
C THR A 82 -7.51 54.41 88.54
N ASP A 83 -7.13 54.52 89.79
CA ASP A 83 -8.07 54.93 90.83
C ASP A 83 -7.30 55.25 92.11
N LYS A 84 -7.94 56.04 92.97
CA LYS A 84 -7.33 56.43 94.23
C LYS A 84 -8.37 57.12 95.11
N GLY A 85 -8.04 57.22 96.39
CA GLY A 85 -8.94 57.84 97.34
C GLY A 85 -8.64 57.38 98.76
N GLU A 86 -9.15 58.15 99.73
CA GLU A 86 -8.93 57.83 101.12
C GLU A 86 -9.80 58.74 102.01
N SER A 87 -10.05 58.26 103.22
CA SER A 87 -10.86 59.01 104.16
C SER A 87 -10.59 58.52 105.59
N LEU A 88 -10.88 59.40 106.55
CA LEU A 88 -10.68 59.06 107.94
C LEU A 88 -11.60 59.94 108.81
N GLY A 89 -11.78 59.50 110.04
CA GLY A 89 -12.62 60.22 110.98
C GLY A 89 -13.11 59.31 112.10
N ILE A 90 -13.14 59.86 113.31
CA ILE A 90 -13.58 59.11 114.46
C ILE A 90 -13.68 60.04 115.67
N LYS A 91 -14.65 59.76 116.52
CA LYS A 91 -14.87 60.57 117.71
C LYS A 91 -15.87 59.87 118.62
N TYR A 92 -15.66 60.03 119.91
CA TYR A 92 -16.54 59.42 120.90
C TYR A 92 -16.26 59.97 122.31
N GLU A 93 -17.29 59.94 123.14
CA GLU A 93 -17.17 60.42 124.49
C GLU A 93 -18.49 60.26 125.24
N GLU A 94 -18.40 59.80 126.48
CA GLU A 94 -19.58 59.59 127.30
C GLU A 94 -19.18 59.02 128.67
N GLY A 95 -20.07 59.20 129.62
CA GLY A 95 -19.83 58.72 130.97
C GLY A 95 -20.98 59.10 131.91
N GLN A 96 -21.09 58.35 132.99
CA GLN A 96 -22.14 58.60 133.97
C GLN A 96 -22.01 57.62 135.14
N SER A 97 -22.57 58.02 136.27
CA SER A 97 -22.53 57.20 137.47
C SER A 97 -23.56 57.71 138.48
N HIS A 98 -23.91 56.82 139.40
CA HIS A 98 -24.88 57.15 140.44
C HIS A 98 -24.85 56.09 141.53
N ARG A 99 -25.48 56.42 142.65
CA ARG A 99 -25.54 55.50 143.77
C ARG A 99 -26.58 55.97 144.79
N PRO A 100 -27.85 55.56 144.54
CA PRO A 100 -28.94 55.93 145.42
C PRO A 100 -28.90 55.12 146.72
N THR A 101 -29.76 55.51 147.65
CA THR A 101 -29.83 54.83 148.94
C THR A 101 -31.02 55.35 149.75
N ASN A 102 -31.45 54.54 150.70
CA ASN A 102 -32.57 54.89 151.55
C ASN A 102 -32.87 53.74 152.51
N PRO A 103 -32.37 53.90 153.77
CA PRO A 103 -32.57 52.89 154.79
C PRO A 103 -34.01 52.92 155.32
N ASN A 104 -34.28 52.03 156.26
CA ASN A 104 -35.60 51.94 156.86
C ASN A 104 -35.64 50.80 157.86
N ALA A 105 -36.51 50.95 158.85
CA ALA A 105 -36.65 49.93 159.88
C ALA A 105 -37.78 50.33 160.83
N SER A 106 -38.33 49.33 161.50
CA SER A 106 -39.41 49.56 162.44
C SER A 106 -39.54 48.36 163.39
N ARG A 107 -40.13 48.63 164.54
CA ARG A 107 -40.33 47.59 165.54
C ARG A 107 -40.98 48.17 166.79
N MET A 108 -41.88 47.38 167.38
CA MET A 108 -42.58 47.81 168.58
C MET A 108 -43.54 46.73 169.06
N ALA A 109 -43.55 46.52 170.37
CA ALA A 109 -44.41 45.53 170.97
C ALA A 109 -44.26 45.58 172.49
N GLN A 110 -45.36 45.27 173.17
CA GLN A 110 -45.36 45.28 174.63
C GLN A 110 -46.75 44.91 175.15
N LYS A 111 -46.77 44.47 176.40
CA LYS A 111 -48.03 44.08 177.04
C LYS A 111 -47.77 43.78 178.51
N VAL A 112 -48.84 43.86 179.29
CA VAL A 112 -48.75 43.59 180.72
C VAL A 112 -49.89 42.67 181.14
N GLY A 113 -49.59 41.78 182.08
CA GLY A 113 -50.57 40.84 182.57
C GLY A 113 -51.21 41.35 183.87
N GLY A 114 -51.50 40.41 184.76
CA GLY A 114 -52.12 40.74 186.03
C GLY A 114 -53.64 40.76 185.92
N SER A 115 -54.25 39.68 186.38
CA SER A 115 -55.70 39.55 186.34
C SER A 115 -56.13 38.24 186.97
N ASP A 116 -57.43 38.10 187.17
CA ASP A 116 -57.98 36.89 187.76
C ASP A 116 -59.50 37.04 187.88
N GLY A 117 -60.13 35.94 188.25
CA GLY A 117 -61.58 35.93 188.41
C GLY A 117 -61.98 36.21 189.86
N CYS A 118 -63.27 36.44 190.06
CA CYS A 118 -63.79 36.72 191.39
C CYS A 118 -64.34 35.42 191.97
N PRO A 119 -63.63 34.91 193.01
CA PRO A 119 -64.04 33.68 193.66
C PRO A 119 -65.25 33.92 194.57
N ARG A 120 -65.72 35.16 194.57
CA ARG A 120 -66.85 35.53 195.39
C ARG A 120 -68.13 35.53 194.54
N CYS A 121 -68.23 36.52 193.67
CA CYS A 121 -69.38 36.64 192.80
C CYS A 121 -69.25 35.61 191.68
N GLY A 122 -68.01 35.33 191.32
CA GLY A 122 -67.73 34.37 190.27
C GLY A 122 -67.34 35.08 188.98
N GLN A 123 -67.76 36.33 188.87
CA GLN A 123 -67.46 37.12 187.70
C GLN A 123 -65.95 37.35 187.58
N ALA A 124 -65.47 37.36 186.34
CA ALA A 124 -64.06 37.57 186.08
C ALA A 124 -63.67 38.98 186.52
N VAL A 125 -62.40 39.12 186.87
CA VAL A 125 -61.89 40.41 187.31
C VAL A 125 -60.66 40.78 186.47
N TYR A 126 -60.80 41.86 185.72
CA TYR A 126 -59.72 42.32 184.87
C TYR A 126 -59.31 43.75 185.24
N ALA A 127 -58.56 44.36 184.34
CA ALA A 127 -58.09 45.72 184.55
C ALA A 127 -59.21 46.55 185.18
N ALA A 128 -58.84 47.32 186.19
CA ALA A 128 -59.80 48.16 186.88
C ALA A 128 -60.79 47.28 187.65
N GLU A 129 -61.01 47.65 188.90
CA GLU A 129 -61.91 46.90 189.76
C GLU A 129 -61.29 45.56 190.16
N LYS A 130 -60.13 45.66 190.79
CA LYS A 130 -59.42 44.46 191.23
C LYS A 130 -58.94 44.67 192.66
N VAL A 131 -59.08 43.60 193.45
CA VAL A 131 -58.67 43.65 194.85
C VAL A 131 -57.92 42.36 195.19
N ILE A 132 -56.91 42.51 196.04
CA ILE A 132 -56.11 41.38 196.45
C ILE A 132 -56.13 41.27 197.98
N GLY A 133 -56.70 40.17 198.46
CA GLY A 133 -56.80 39.94 199.89
C GLY A 133 -56.72 38.46 200.21
N ALA A 134 -56.05 38.14 201.32
CA ALA A 134 -55.89 36.77 201.74
C ALA A 134 -55.38 35.93 200.58
N GLY A 135 -54.34 36.45 199.94
CA GLY A 135 -53.74 35.76 198.80
C GLY A 135 -54.80 35.34 197.78
N LYS A 136 -55.79 36.21 197.63
CA LYS A 136 -56.88 35.95 196.71
C LYS A 136 -57.27 37.25 196.01
N SER A 137 -57.96 37.10 194.89
CA SER A 137 -58.41 38.26 194.12
C SER A 137 -59.94 38.29 194.07
N TRP A 138 -60.47 39.49 194.04
CA TRP A 138 -61.91 39.69 193.99
C TRP A 138 -62.19 41.11 193.52
N HIS A 139 -63.46 41.39 193.29
CA HIS A 139 -63.87 42.71 192.84
C HIS A 139 -63.71 43.71 193.99
N LYS A 140 -62.89 44.72 193.73
CA LYS A 140 -62.63 45.75 194.73
C LYS A 140 -63.91 46.54 194.98
N SER A 141 -64.82 45.93 195.73
CA SER A 141 -66.08 46.57 196.05
C SER A 141 -67.14 45.51 196.37
N CYS A 142 -66.90 44.31 195.84
CA CYS A 142 -67.82 43.20 196.06
C CYS A 142 -67.36 42.44 197.31
N PHE A 143 -66.08 42.56 197.60
CA PHE A 143 -65.51 41.90 198.76
C PHE A 143 -66.51 41.85 199.91
N ARG A 144 -67.13 40.69 200.07
CA ARG A 144 -68.11 40.49 201.13
C ARG A 144 -67.53 39.63 202.24
N CYS A 145 -67.78 40.05 203.47
CA CYS A 145 -67.29 39.33 204.63
C CYS A 145 -67.94 37.95 204.65
N ALA A 146 -67.11 36.93 204.77
CA ALA A 146 -67.59 35.56 204.81
C ALA A 146 -67.89 35.17 206.27
N LYS A 147 -68.38 36.15 207.01
CA LYS A 147 -68.72 35.93 208.41
C LYS A 147 -70.06 36.59 208.72
N CYS A 148 -70.19 37.83 208.27
CA CYS A 148 -71.41 38.58 208.50
C CYS A 148 -72.13 38.74 207.16
N GLY A 149 -71.36 38.56 206.09
CA GLY A 149 -71.91 38.67 204.75
C GLY A 149 -72.11 40.15 204.37
N LYS A 150 -71.45 41.01 205.12
CA LYS A 150 -71.54 42.44 204.87
C LYS A 150 -70.68 42.79 203.66
N SER A 151 -70.83 44.03 203.20
CA SER A 151 -70.07 44.50 202.05
C SER A 151 -68.83 45.25 202.51
N LEU A 152 -67.75 45.03 201.79
CA LEU A 152 -66.48 45.68 202.11
C LEU A 152 -65.99 46.46 200.89
N GLU A 153 -64.78 46.98 201.02
CA GLU A 153 -64.19 47.76 199.95
C GLU A 153 -62.68 47.49 199.87
N SER A 154 -61.96 48.07 200.82
CA SER A 154 -60.52 47.90 200.87
C SER A 154 -59.90 48.92 201.85
N THR A 155 -59.90 48.53 203.12
CA THR A 155 -59.35 49.40 204.15
C THR A 155 -59.09 48.61 205.42
N THR A 156 -60.07 47.81 205.80
CA THR A 156 -59.97 46.99 206.99
C THR A 156 -60.53 45.59 206.74
N LEU A 157 -59.98 44.94 205.73
CA LEU A 157 -60.43 43.60 205.37
C LEU A 157 -59.48 42.57 205.98
N ALA A 158 -60.05 41.67 206.77
CA ALA A 158 -59.27 40.64 207.42
C ALA A 158 -59.12 39.44 206.47
N ASP A 159 -58.03 38.71 206.66
CA ASP A 159 -57.76 37.55 205.83
C ASP A 159 -57.29 36.39 206.72
N LYS A 160 -58.20 35.45 206.93
CA LYS A 160 -57.89 34.29 207.75
C LYS A 160 -57.52 33.12 206.86
N ASP A 161 -56.22 33.01 206.59
CA ASP A 161 -55.71 31.93 205.75
C ASP A 161 -56.69 31.70 204.60
N GLY A 162 -56.64 32.59 203.62
CA GLY A 162 -57.51 32.49 202.46
C GLY A 162 -58.86 33.16 202.73
N GLU A 163 -59.43 32.82 203.88
CA GLU A 163 -60.71 33.38 204.26
C GLU A 163 -60.63 34.91 204.33
N ILE A 164 -61.77 35.54 204.10
CA ILE A 164 -61.83 36.99 204.14
C ILE A 164 -63.01 37.43 205.02
N TYR A 165 -62.75 38.41 205.85
CA TYR A 165 -63.78 38.93 206.75
C TYR A 165 -63.61 40.43 206.99
N CYS A 166 -64.44 40.96 207.86
CA CYS A 166 -64.40 42.38 208.18
C CYS A 166 -63.56 42.56 209.44
N LYS A 167 -62.79 43.63 209.46
CA LYS A 167 -61.94 43.93 210.61
C LYS A 167 -62.74 43.75 211.89
N GLY A 168 -63.99 44.19 211.84
CA GLY A 168 -64.88 44.09 212.98
C GLY A 168 -65.02 42.64 213.43
N CYS A 169 -64.94 41.73 212.47
CA CYS A 169 -65.06 40.31 212.75
C CYS A 169 -63.71 39.81 213.28
N TYR A 170 -62.66 40.18 212.59
CA TYR A 170 -61.31 39.78 212.98
C TYR A 170 -61.00 40.26 214.40
N ALA A 171 -61.56 41.41 214.75
CA ALA A 171 -61.35 41.98 216.06
C ALA A 171 -62.31 41.34 217.06
N LYS A 172 -63.60 41.57 216.83
CA LYS A 172 -64.62 41.02 217.69
C LYS A 172 -64.34 39.54 217.93
N ASN A 173 -64.39 38.78 216.85
CA ASN A 173 -64.15 37.35 216.93
C ASN A 173 -63.02 37.08 217.93
N PHE A 174 -62.04 37.98 217.92
CA PHE A 174 -60.91 37.85 218.82
C PHE A 174 -60.77 39.09 219.70
N GLY A 175 -61.83 39.36 220.45
CA GLY A 175 -61.83 40.51 221.34
C GLY A 175 -63.23 40.76 221.91
N PRO A 176 -63.57 39.98 222.97
CA PRO A 176 -64.87 40.11 223.60
C PRO A 176 -64.94 41.37 224.46
N LYS A 177 -66.04 42.10 224.30
CA LYS A 177 -66.25 43.33 225.06
C LYS A 177 -66.89 43.00 226.40
N GLY A 178 -66.41 43.67 227.43
CA GLY A 178 -66.93 43.46 228.77
C GLY A 178 -67.54 44.74 229.34
N PHE A 179 -66.68 45.59 229.86
CA PHE A 179 -67.11 46.85 230.44
C PHE A 179 -68.21 46.63 231.48
N GLY A 180 -68.54 47.70 232.18
CA GLY A 180 -69.57 47.65 233.20
C GLY A 180 -69.51 48.86 234.12
N PHE A 181 -70.67 49.26 234.61
CA PHE A 181 -70.76 50.41 235.50
C PHE A 181 -72.20 50.62 235.99
N GLY A 182 -72.34 50.61 237.31
CA GLY A 182 -73.65 50.80 237.92
C GLY A 182 -73.51 51.28 239.36
N GLN A 183 -73.58 52.60 239.51
CA GLN A 183 -73.46 53.21 240.83
C GLN A 183 -74.86 53.41 241.44
N GLY A 184 -75.15 52.64 242.47
CA GLY A 184 -76.43 52.72 243.15
C GLY A 184 -76.27 52.44 244.64
N ALA A 185 -76.58 53.47 245.43
CA ALA A 185 -76.47 53.35 246.88
C ALA A 185 -77.82 53.71 247.51
N GLY A 186 -78.23 54.95 247.27
CA GLY A 186 -79.49 55.44 247.80
C GLY A 186 -79.61 56.96 247.63
N ALA A 187 -80.31 57.35 246.58
CA ALA A 187 -80.49 58.77 246.29
C ALA A 187 -81.55 59.33 247.24
N LEU A 188 -81.14 60.34 247.99
CA LEU A 188 -82.03 60.98 248.94
C LEU A 188 -83.35 61.34 248.24
N ILE A 189 -84.37 60.54 248.52
CA ILE A 189 -85.67 60.76 247.92
C ILE A 189 -86.38 61.90 248.67
N HIS A 190 -87.20 62.62 247.92
CA HIS A 190 -87.94 63.73 248.50
C HIS A 190 -89.37 63.29 248.82
N SER A 191 -89.90 63.82 249.92
CA SER A 191 -91.24 63.49 250.34
C SER A 191 -91.33 61.99 250.64
N GLN A 192 -91.21 61.67 251.92
CA GLN A 192 -91.28 60.28 252.36
C GLN A 192 -92.66 59.99 252.93
ZN ZN B . -8.55 11.05 19.54
ZN ZN C . 0.64 24.17 28.45
ZN ZN D . -66.82 40.01 192.81
ZN ZN E . -67.75 40.29 209.21
N MET A 1 -17.21 -20.64 13.46
CA MET A 1 -17.43 -19.45 14.28
C MET A 1 -17.13 -19.74 15.76
N PRO A 2 -15.82 -19.60 16.11
CA PRO A 2 -15.38 -19.83 17.47
C PRO A 2 -15.79 -18.68 18.38
N ASN A 3 -15.45 -18.82 19.66
CA ASN A 3 -15.77 -17.80 20.64
C ASN A 3 -14.56 -17.55 21.52
N TRP A 4 -14.45 -16.31 22.00
CA TRP A 4 -13.34 -15.93 22.85
C TRP A 4 -13.77 -14.71 23.67
N GLY A 5 -13.63 -14.83 24.98
CA GLY A 5 -14.00 -13.76 25.88
C GLY A 5 -13.34 -13.93 27.25
N GLY A 6 -13.33 -12.85 28.01
CA GLY A 6 -12.75 -12.87 29.34
C GLY A 6 -12.73 -11.47 29.96
N GLY A 7 -12.31 -11.42 31.21
CA GLY A 7 -12.23 -10.16 31.92
C GLY A 7 -10.86 -9.51 31.75
N LYS A 8 -10.26 -9.17 32.88
CA LYS A 8 -8.94 -8.55 32.88
C LYS A 8 -7.99 -9.35 33.78
N LYS A 9 -6.72 -9.02 33.69
CA LYS A 9 -5.71 -9.69 34.48
C LYS A 9 -4.95 -8.66 35.33
N CYS A 10 -5.14 -8.77 36.63
CA CYS A 10 -4.49 -7.86 37.55
C CYS A 10 -2.97 -8.07 37.44
N GLY A 11 -2.32 -7.10 36.82
CA GLY A 11 -0.88 -7.15 36.64
C GLY A 11 -0.16 -6.75 37.92
N VAL A 12 -0.93 -6.53 38.97
CA VAL A 12 -0.38 -6.14 40.25
C VAL A 12 -0.19 -7.38 41.12
N CYS A 13 -1.31 -7.97 41.50
CA CYS A 13 -1.28 -9.16 42.34
C CYS A 13 -1.02 -10.36 41.43
N GLN A 14 -1.37 -10.21 40.17
CA GLN A 14 -1.18 -11.27 39.20
C GLN A 14 -2.37 -12.22 39.21
N LYS A 15 -3.53 -11.67 39.57
CA LYS A 15 -4.75 -12.46 39.63
C LYS A 15 -5.75 -11.90 38.62
N ALA A 16 -6.53 -12.80 38.04
CA ALA A 16 -7.53 -12.41 37.07
C ALA A 16 -8.70 -11.72 37.79
N VAL A 17 -9.16 -10.64 37.18
CA VAL A 17 -10.26 -9.89 37.75
C VAL A 17 -11.46 -9.94 36.79
N TYR A 18 -12.65 -9.96 37.38
CA TYR A 18 -13.87 -10.01 36.60
C TYR A 18 -15.10 -9.99 37.51
N PHE A 19 -15.94 -8.99 37.30
CA PHE A 19 -17.16 -8.85 38.09
C PHE A 19 -16.84 -8.29 39.48
N ALA A 20 -15.90 -8.94 40.15
CA ALA A 20 -15.50 -8.52 41.48
C ALA A 20 -15.49 -7.00 41.55
N GLU A 21 -14.65 -6.40 40.72
CA GLU A 21 -14.53 -4.95 40.67
C GLU A 21 -13.72 -4.52 39.45
N GLU A 22 -12.43 -4.85 39.48
CA GLU A 22 -11.55 -4.51 38.38
C GLU A 22 -11.43 -2.98 38.25
N VAL A 23 -10.21 -2.50 38.46
CA VAL A 23 -9.96 -1.07 38.38
C VAL A 23 -9.00 -0.80 37.22
N GLN A 24 -9.49 -0.05 36.25
CA GLN A 24 -8.70 0.30 35.08
C GLN A 24 -7.88 1.56 35.35
N CYS A 25 -6.57 1.44 35.15
CA CYS A 25 -5.67 2.55 35.36
C CYS A 25 -4.73 2.64 34.16
N GLU A 26 -4.34 3.87 33.85
CA GLU A 26 -3.45 4.11 32.73
C GLU A 26 -2.25 3.15 32.79
N GLY A 27 -1.52 3.25 33.89
CA GLY A 27 -0.35 2.40 34.08
C GLY A 27 -0.70 0.93 33.89
N SER A 28 -1.96 0.61 34.17
CA SER A 28 -2.43 -0.75 34.04
C SER A 28 -3.75 -0.93 34.80
N SER A 29 -4.23 -2.16 34.80
CA SER A 29 -5.47 -2.48 35.49
C SER A 29 -5.20 -3.40 36.67
N PHE A 30 -5.74 -3.02 37.82
CA PHE A 30 -5.56 -3.81 39.04
C PHE A 30 -6.85 -3.87 39.84
N HIS A 31 -6.82 -4.70 40.88
CA HIS A 31 -7.98 -4.86 41.74
C HIS A 31 -8.29 -3.54 42.45
N LYS A 32 -9.44 -3.50 43.10
CA LYS A 32 -9.86 -2.31 43.81
C LYS A 32 -8.97 -2.11 45.04
N SER A 33 -8.70 -3.23 45.72
CA SER A 33 -7.87 -3.19 46.90
C SER A 33 -6.40 -2.96 46.51
N CYS A 34 -6.02 -3.57 45.41
CA CYS A 34 -4.65 -3.45 44.92
C CYS A 34 -4.37 -1.96 44.69
N PHE A 35 -5.38 -1.27 44.16
CA PHE A 35 -5.25 0.15 43.87
C PHE A 35 -5.17 0.95 45.18
N LEU A 36 -4.02 0.86 45.83
CA LEU A 36 -3.81 1.56 47.08
C LEU A 36 -2.39 2.15 47.10
N CYS A 37 -2.30 3.41 47.50
CA CYS A 37 -1.02 4.09 47.57
C CYS A 37 -0.02 3.16 48.25
N MET A 38 0.95 2.71 47.48
CA MET A 38 1.97 1.82 48.00
C MET A 38 3.03 2.59 48.78
N VAL A 39 2.74 3.86 49.01
CA VAL A 39 3.66 4.72 49.74
C VAL A 39 3.12 4.93 51.17
N CYS A 40 2.01 5.65 51.24
CA CYS A 40 1.39 5.93 52.53
C CYS A 40 0.61 4.68 52.97
N LYS A 41 0.22 3.90 51.97
CA LYS A 41 -0.53 2.68 52.24
C LYS A 41 -2.03 3.02 52.34
N LYS A 42 -2.38 4.13 51.71
CA LYS A 42 -3.76 4.57 51.73
C LYS A 42 -4.42 4.24 50.38
N ASN A 43 -5.55 3.55 50.46
CA ASN A 43 -6.27 3.17 49.26
C ASN A 43 -6.50 4.41 48.39
N LEU A 44 -6.48 4.18 47.08
CA LEU A 44 -6.68 5.27 46.13
C LEU A 44 -7.90 4.96 45.27
N ASP A 45 -8.68 6.00 45.00
CA ASP A 45 -9.88 5.85 44.20
C ASP A 45 -10.26 7.22 43.60
N SER A 46 -9.96 7.36 42.31
CA SER A 46 -10.26 8.61 41.62
C SER A 46 -9.99 9.80 42.54
N THR A 47 -8.71 9.96 42.88
CA THR A 47 -8.30 11.06 43.73
C THR A 47 -6.82 11.39 43.52
N THR A 48 -6.59 12.26 42.54
CA THR A 48 -5.23 12.67 42.22
C THR A 48 -4.26 11.49 42.38
N VAL A 49 -4.70 10.34 41.87
CA VAL A 49 -3.90 9.14 41.94
C VAL A 49 -2.92 9.11 40.77
N ALA A 50 -1.74 8.56 41.03
CA ALA A 50 -0.71 8.47 40.00
C ALA A 50 -0.23 7.02 39.91
N VAL A 51 0.47 6.74 38.82
CA VAL A 51 1.00 5.41 38.59
C VAL A 51 2.52 5.48 38.46
N HIS A 52 3.16 4.34 38.74
CA HIS A 52 4.60 4.27 38.66
C HIS A 52 5.04 2.80 38.57
N GLY A 53 5.74 2.48 37.49
CA GLY A 53 6.21 1.13 37.27
C GLY A 53 5.11 0.11 37.55
N ASP A 54 5.28 -0.61 38.65
CA ASP A 54 4.31 -1.62 39.05
C ASP A 54 3.76 -1.27 40.43
N GLU A 55 3.33 -0.03 40.58
CA GLU A 55 2.78 0.44 41.84
C GLU A 55 2.02 1.75 41.64
N ILE A 56 1.16 2.05 42.60
CA ILE A 56 0.36 3.26 42.54
C ILE A 56 0.78 4.19 43.68
N TYR A 57 0.75 5.49 43.39
CA TYR A 57 1.12 6.48 44.37
C TYR A 57 0.29 7.76 44.21
N CYS A 58 -0.23 8.24 45.33
CA CYS A 58 -1.04 9.45 45.32
C CYS A 58 -0.15 10.62 44.92
N LYS A 59 -0.77 11.60 44.27
CA LYS A 59 -0.05 12.79 43.83
C LYS A 59 0.97 13.18 44.90
N SER A 60 0.46 13.72 46.00
CA SER A 60 1.31 14.15 47.09
C SER A 60 2.54 13.26 47.18
N CYS A 61 2.32 12.01 47.55
CA CYS A 61 3.40 11.06 47.68
C CYS A 61 4.34 11.25 46.49
N TYR A 62 3.77 11.18 45.30
CA TYR A 62 4.55 11.34 44.08
C TYR A 62 5.44 12.59 44.17
N GLY A 63 4.82 13.70 44.51
CA GLY A 63 5.53 14.96 44.63
C GLY A 63 6.54 14.91 45.78
N LYS A 64 6.33 13.94 46.66
CA LYS A 64 7.21 13.77 47.81
C LYS A 64 8.50 13.07 47.36
N LYS A 65 8.33 11.95 46.69
CA LYS A 65 9.46 11.19 46.21
C LYS A 65 10.20 12.00 45.14
N TYR A 66 9.42 12.52 44.20
CA TYR A 66 9.98 13.33 43.13
C TYR A 66 10.55 14.64 43.66
N GLY A 67 9.74 15.32 44.46
CA GLY A 67 10.15 16.59 45.04
C GLY A 67 10.34 17.64 43.95
N PRO A 68 10.52 18.91 44.42
CA PRO A 68 10.71 20.02 43.50
C PRO A 68 12.11 20.00 42.90
N LYS A 69 12.21 20.56 41.70
CA LYS A 69 13.49 20.61 41.01
C LYS A 69 14.44 21.56 41.76
N GLY A 70 15.72 21.32 41.60
CA GLY A 70 16.73 22.15 42.25
C GLY A 70 16.83 23.52 41.57
N LYS A 71 17.96 24.18 41.79
CA LYS A 71 18.19 25.49 41.22
C LYS A 71 19.69 25.79 41.24
N GLY A 72 20.07 26.76 40.42
CA GLY A 72 21.47 27.16 40.34
C GLY A 72 21.67 28.59 40.84
N LYS A 73 22.61 29.28 40.21
CA LYS A 73 22.91 30.65 40.59
C LYS A 73 23.21 31.46 39.33
N GLY A 74 23.17 32.78 39.48
CA GLY A 74 23.43 33.67 38.37
C GLY A 74 24.82 34.30 38.50
N MET A 75 24.96 35.47 37.89
CA MET A 75 26.22 36.19 37.94
C MET A 75 25.98 37.70 38.05
N GLY A 76 27.05 38.40 38.43
CA GLY A 76 26.97 39.85 38.58
C GLY A 76 27.38 40.56 37.28
N ALA A 77 28.03 41.69 37.45
CA ALA A 77 28.48 42.47 36.31
C ALA A 77 29.48 43.53 36.77
N GLY A 78 30.02 44.26 35.82
CA GLY A 78 30.98 45.31 36.11
C GLY A 78 30.63 46.60 35.38
N THR A 79 31.52 47.57 35.50
CA THR A 79 31.32 48.86 34.88
C THR A 79 32.63 49.39 34.28
N LEU A 80 32.51 50.45 33.50
CA LEU A 80 33.67 51.05 32.87
C LEU A 80 33.32 52.46 32.42
N SER A 81 34.36 53.18 31.99
CA SER A 81 34.18 54.56 31.53
C SER A 81 35.48 55.08 30.95
N THR A 82 35.38 56.23 30.29
CA THR A 82 36.54 56.85 29.68
C THR A 82 36.19 58.26 29.18
N ASP A 83 37.17 59.14 29.29
CA ASP A 83 36.98 60.52 28.86
C ASP A 83 38.29 61.05 28.27
N LYS A 84 38.16 61.91 27.28
CA LYS A 84 39.32 62.49 26.63
C LYS A 84 38.85 63.53 25.61
N GLY A 85 39.63 64.60 25.51
CA GLY A 85 39.31 65.67 24.57
C GLY A 85 40.04 66.97 24.95
N GLU A 86 40.38 67.74 23.92
CA GLU A 86 41.06 68.99 24.14
C GLU A 86 41.35 69.67 22.80
N SER A 87 41.35 71.00 22.83
CA SER A 87 41.60 71.78 21.63
C SER A 87 41.49 73.27 21.95
N LEU A 88 42.33 74.05 21.26
CA LEU A 88 42.33 75.49 21.46
C LEU A 88 43.34 76.13 20.49
N GLY A 89 43.14 77.41 20.25
CA GLY A 89 44.01 78.14 19.35
C GLY A 89 43.23 79.20 18.56
N ILE A 90 43.44 80.45 18.95
CA ILE A 90 42.76 81.56 18.29
C ILE A 90 43.79 82.61 17.90
N LYS A 91 43.42 83.42 16.93
CA LYS A 91 44.30 84.48 16.44
C LYS A 91 43.54 85.36 15.45
N TYR A 92 43.64 86.67 15.66
CA TYR A 92 42.97 87.62 14.79
C TYR A 92 43.37 89.05 15.14
N GLU A 93 43.98 89.71 14.17
CA GLU A 93 44.41 91.09 14.36
C GLU A 93 45.03 91.64 13.07
N GLU A 94 44.60 92.84 12.71
CA GLU A 94 45.09 93.48 11.50
C GLU A 94 44.47 94.87 11.36
N GLY A 95 45.27 95.78 10.79
CA GLY A 95 44.81 97.14 10.59
C GLY A 95 45.98 98.06 10.22
N GLN A 96 45.66 99.10 9.48
CA GLN A 96 46.67 100.06 9.04
C GLN A 96 46.03 101.18 8.23
N SER A 97 46.58 102.38 8.40
CA SER A 97 46.07 103.53 7.68
C SER A 97 46.91 104.77 8.03
N HIS A 98 47.33 105.47 6.99
CA HIS A 98 48.15 106.66 7.16
C HIS A 98 48.36 107.34 5.81
N ARG A 99 48.26 108.66 5.82
CA ARG A 99 48.44 109.44 4.60
C ARG A 99 48.19 110.92 4.87
N PRO A 100 49.27 111.61 5.33
CA PRO A 100 49.17 113.03 5.64
C PRO A 100 49.14 113.86 4.35
N THR A 101 48.87 115.14 4.53
CA THR A 101 48.81 116.06 3.40
C THR A 101 49.41 117.42 3.77
N ASN A 102 49.42 118.31 2.79
CA ASN A 102 49.96 119.64 3.00
C ASN A 102 49.96 120.40 1.68
N PRO A 103 48.93 121.28 1.52
CA PRO A 103 48.80 122.07 0.31
C PRO A 103 49.81 123.22 0.30
N ASN A 104 49.76 123.99 -0.78
CA ASN A 104 50.66 125.12 -0.93
C ASN A 104 49.94 126.26 -1.64
N ALA A 105 50.55 127.43 -1.59
CA ALA A 105 49.98 128.61 -2.23
C ALA A 105 51.10 129.55 -2.66
N SER A 106 50.70 130.61 -3.34
CA SER A 106 51.66 131.60 -3.80
C SER A 106 51.03 133.00 -3.80
N ARG A 107 51.87 133.99 -4.00
CA ARG A 107 51.41 135.37 -4.02
C ARG A 107 52.13 136.16 -5.11
N MET A 108 51.62 137.35 -5.37
CA MET A 108 52.21 138.22 -6.39
C MET A 108 51.91 139.69 -6.09
N ALA A 109 52.57 140.55 -6.84
CA ALA A 109 52.40 141.99 -6.67
C ALA A 109 52.32 142.66 -8.05
N GLN A 110 52.07 143.95 -8.03
CA GLN A 110 51.97 144.71 -9.26
C GLN A 110 52.35 146.18 -9.02
N LYS A 111 52.47 146.92 -10.10
CA LYS A 111 52.83 148.32 -10.02
C LYS A 111 51.95 149.13 -10.96
N VAL A 112 52.12 150.44 -10.92
CA VAL A 112 51.34 151.33 -11.76
C VAL A 112 52.23 152.46 -12.27
N GLY A 113 51.71 153.20 -13.23
CA GLY A 113 52.45 154.32 -13.80
C GLY A 113 51.83 155.65 -13.39
N GLY A 114 52.11 156.67 -14.19
CA GLY A 114 51.58 158.01 -13.92
C GLY A 114 50.59 158.43 -15.00
N SER A 115 49.74 159.39 -14.63
CA SER A 115 48.74 159.90 -15.55
C SER A 115 47.95 161.02 -14.89
N ASP A 116 47.61 162.01 -15.71
CA ASP A 116 46.85 163.16 -15.21
C ASP A 116 46.23 163.89 -16.40
N GLY A 117 46.00 165.18 -16.20
CA GLY A 117 45.40 166.00 -17.25
C GLY A 117 46.17 167.32 -17.41
N CYS A 118 45.82 168.04 -18.46
CA CYS A 118 46.47 169.31 -18.74
C CYS A 118 45.53 170.44 -18.28
N PRO A 119 45.94 171.10 -17.16
CA PRO A 119 45.16 172.19 -16.61
C PRO A 119 45.32 173.45 -17.45
N ARG A 120 46.09 173.33 -18.51
CA ARG A 120 46.32 174.45 -19.42
C ARG A 120 45.34 174.41 -20.58
N CYS A 121 45.57 173.44 -21.47
CA CYS A 121 44.72 173.27 -22.63
C CYS A 121 43.40 172.63 -22.18
N GLY A 122 43.50 171.84 -21.12
CA GLY A 122 42.33 171.17 -20.58
C GLY A 122 42.16 169.78 -21.20
N GLN A 123 43.27 169.26 -21.71
CA GLN A 123 43.26 167.95 -22.33
C GLN A 123 44.05 166.94 -21.48
N ALA A 124 43.46 165.77 -21.31
CA ALA A 124 44.09 164.72 -20.52
C ALA A 124 45.54 164.56 -20.97
N VAL A 125 46.37 164.12 -20.04
CA VAL A 125 47.78 163.92 -20.32
C VAL A 125 48.20 162.53 -19.85
N TYR A 126 48.74 161.76 -20.79
CA TYR A 126 49.17 160.41 -20.50
C TYR A 126 49.73 159.72 -21.75
N ALA A 127 50.90 159.13 -21.59
CA ALA A 127 51.54 158.44 -22.70
C ALA A 127 51.89 159.45 -23.79
N ALA A 128 53.17 159.77 -23.87
CA ALA A 128 53.65 160.73 -24.86
C ALA A 128 53.00 162.09 -24.60
N GLU A 129 53.82 163.12 -24.64
CA GLU A 129 53.35 164.47 -24.42
C GLU A 129 52.85 164.63 -22.98
N LYS A 130 53.70 164.21 -22.05
CA LYS A 130 53.36 164.31 -20.64
C LYS A 130 54.51 164.98 -19.88
N VAL A 131 54.18 166.06 -19.20
CA VAL A 131 55.18 166.80 -18.44
C VAL A 131 54.68 166.98 -17.00
N ILE A 132 55.63 167.00 -16.07
CA ILE A 132 55.30 167.17 -14.67
C ILE A 132 56.12 168.33 -14.09
N GLY A 133 55.41 169.37 -13.68
CA GLY A 133 56.05 170.55 -13.12
C GLY A 133 55.20 171.16 -12.01
N ALA A 134 55.87 171.68 -11.01
CA ALA A 134 55.19 172.31 -9.89
C ALA A 134 54.06 171.39 -9.41
N GLY A 135 54.44 170.18 -9.03
CA GLY A 135 53.48 169.21 -8.56
C GLY A 135 52.22 169.22 -9.41
N LYS A 136 52.41 169.44 -10.70
CA LYS A 136 51.31 169.48 -11.64
C LYS A 136 51.71 168.79 -12.93
N SER A 137 50.70 168.48 -13.74
CA SER A 137 50.94 167.81 -15.02
C SER A 137 50.36 168.64 -16.16
N TRP A 138 50.99 168.53 -17.32
CA TRP A 138 50.54 169.27 -18.49
C TRP A 138 51.30 168.72 -19.70
N HIS A 139 50.96 169.26 -20.86
CA HIS A 139 51.60 168.85 -22.10
C HIS A 139 52.97 169.51 -22.21
N LYS A 140 53.95 168.71 -22.59
CA LYS A 140 55.30 169.21 -22.75
C LYS A 140 55.37 170.14 -23.95
N SER A 141 54.59 171.21 -23.89
CA SER A 141 54.55 172.17 -24.97
C SER A 141 53.67 173.36 -24.59
N CYS A 142 52.41 173.05 -24.29
CA CYS A 142 51.46 174.07 -23.91
C CYS A 142 52.03 174.82 -22.70
N PHE A 143 52.72 174.09 -21.86
CA PHE A 143 53.32 174.66 -20.66
C PHE A 143 53.77 176.11 -20.92
N ARG A 144 52.91 177.04 -20.55
CA ARG A 144 53.20 178.45 -20.74
C ARG A 144 53.63 179.08 -19.41
N CYS A 145 54.41 180.14 -19.53
CA CYS A 145 54.90 180.85 -18.35
C CYS A 145 53.77 181.73 -17.81
N ALA A 146 53.49 181.58 -16.53
CA ALA A 146 52.44 182.36 -15.89
C ALA A 146 53.04 183.67 -15.36
N LYS A 147 54.03 184.16 -16.07
CA LYS A 147 54.69 185.39 -15.68
C LYS A 147 54.86 186.30 -16.91
N CYS A 148 55.32 185.69 -17.99
CA CYS A 148 55.53 186.42 -19.23
C CYS A 148 54.49 185.94 -20.25
N GLY A 149 53.91 184.78 -19.95
CA GLY A 149 52.90 184.21 -20.83
C GLY A 149 53.55 183.43 -21.98
N LYS A 150 54.87 183.58 -22.08
CA LYS A 150 55.62 182.90 -23.12
C LYS A 150 55.24 181.41 -23.13
N SER A 151 55.58 180.75 -24.22
CA SER A 151 55.29 179.34 -24.37
C SER A 151 56.56 178.51 -24.14
N LEU A 152 56.47 177.59 -23.21
CA LEU A 152 57.60 176.72 -22.88
C LEU A 152 57.47 175.42 -23.66
N GLU A 153 58.39 174.50 -23.37
CA GLU A 153 58.38 173.20 -24.02
C GLU A 153 59.28 172.22 -23.26
N SER A 154 58.92 171.97 -22.02
CA SER A 154 59.67 171.06 -21.18
C SER A 154 61.16 171.38 -21.27
N THR A 155 61.50 172.55 -20.73
CA THR A 155 62.90 173.00 -20.74
C THR A 155 63.07 174.19 -19.80
N THR A 156 64.03 174.04 -18.89
CA THR A 156 64.31 175.10 -17.94
C THR A 156 63.02 175.73 -17.43
N LEU A 157 62.14 174.89 -16.92
CA LEU A 157 60.86 175.35 -16.42
C LEU A 157 60.96 175.52 -14.89
N ALA A 158 60.37 176.61 -14.42
CA ALA A 158 60.38 176.90 -13.00
C ALA A 158 59.01 176.57 -12.40
N ASP A 159 59.02 176.17 -11.13
CA ASP A 159 57.80 175.83 -10.45
C ASP A 159 57.79 176.49 -9.07
N LYS A 160 57.02 177.56 -8.97
CA LYS A 160 56.92 178.29 -7.71
C LYS A 160 55.66 177.83 -6.96
N ASP A 161 55.84 176.81 -6.14
CA ASP A 161 54.74 176.26 -5.36
C ASP A 161 53.48 176.26 -6.23
N GLY A 162 53.39 175.26 -7.10
CA GLY A 162 52.25 175.13 -7.99
C GLY A 162 52.42 176.00 -9.22
N GLU A 163 52.82 177.24 -9.00
CA GLU A 163 53.01 178.18 -10.09
C GLU A 163 54.09 177.67 -11.04
N ILE A 164 53.96 178.07 -12.30
CA ILE A 164 54.91 177.66 -13.31
C ILE A 164 55.39 178.89 -14.09
N TYR A 165 56.69 178.93 -14.33
CA TYR A 165 57.29 180.04 -15.06
C TYR A 165 58.48 179.57 -15.89
N CYS A 166 59.12 180.54 -16.53
CA CYS A 166 60.29 180.24 -17.36
C CYS A 166 61.54 180.51 -16.53
N LYS A 167 62.55 179.68 -16.77
CA LYS A 167 63.81 179.81 -16.06
C LYS A 167 64.23 181.28 -16.05
N GLY A 168 64.03 181.93 -17.19
CA GLY A 168 64.38 183.33 -17.33
C GLY A 168 63.68 184.17 -16.27
N CYS A 169 62.48 183.74 -15.91
CA CYS A 169 61.70 184.45 -14.91
C CYS A 169 62.20 184.05 -13.52
N TYR A 170 62.33 182.74 -13.33
CA TYR A 170 62.80 182.21 -12.07
C TYR A 170 64.15 182.81 -11.68
N ALA A 171 64.93 183.13 -12.71
CA ALA A 171 66.24 183.71 -12.50
C ALA A 171 66.11 185.24 -12.41
N LYS A 172 65.65 185.82 -13.50
CA LYS A 172 65.47 187.26 -13.56
C LYS A 172 64.73 187.73 -12.31
N ASN A 173 63.46 187.37 -12.24
CA ASN A 173 62.63 187.74 -11.10
C ASN A 173 63.45 187.61 -9.81
N PHE A 174 64.39 186.68 -9.85
CA PHE A 174 65.25 186.44 -8.69
C PHE A 174 66.70 186.83 -8.99
N GLY A 175 66.86 188.08 -9.42
CA GLY A 175 68.19 188.58 -9.74
C GLY A 175 68.10 189.97 -10.37
N PRO A 176 67.71 190.97 -9.52
CA PRO A 176 67.60 192.33 -9.98
C PRO A 176 68.97 192.98 -10.17
N LYS A 177 68.95 194.24 -10.59
CA LYS A 177 70.18 194.97 -10.81
C LYS A 177 69.87 196.47 -10.91
N GLY A 178 70.27 197.19 -9.87
CA GLY A 178 70.04 198.63 -9.82
C GLY A 178 71.26 199.39 -10.34
N PHE A 179 71.00 200.60 -10.80
CA PHE A 179 72.06 201.45 -11.33
C PHE A 179 71.53 202.83 -11.70
N GLY A 180 72.33 203.84 -11.37
CA GLY A 180 71.95 205.21 -11.66
C GLY A 180 73.18 206.10 -11.83
N PHE A 181 72.99 207.21 -12.54
CA PHE A 181 74.08 208.14 -12.78
C PHE A 181 73.58 209.38 -13.53
N GLY A 182 73.87 210.53 -12.93
CA GLY A 182 73.45 211.80 -13.53
C GLY A 182 74.67 212.61 -13.98
N GLN A 183 74.39 213.80 -14.49
CA GLN A 183 75.44 214.68 -14.97
C GLN A 183 74.94 216.12 -15.05
N GLY A 184 75.86 217.05 -14.95
CA GLY A 184 75.53 218.47 -15.01
C GLY A 184 76.69 219.28 -15.58
N ALA A 185 76.34 220.31 -16.33
CA ALA A 185 77.34 221.17 -16.93
C ALA A 185 76.67 222.48 -17.39
N GLY A 186 77.51 223.46 -17.69
CA GLY A 186 77.01 224.75 -18.13
C GLY A 186 78.17 225.74 -18.34
N ALA A 187 77.85 226.85 -18.97
CA ALA A 187 78.84 227.87 -19.24
C ALA A 187 78.14 229.17 -19.68
N LEU A 188 78.33 230.20 -18.87
CA LEU A 188 77.73 231.49 -19.17
C LEU A 188 78.69 232.60 -18.76
N ILE A 189 78.90 233.54 -19.69
CA ILE A 189 79.78 234.65 -19.44
C ILE A 189 79.43 235.29 -18.10
N HIS A 190 80.48 235.73 -17.39
CA HIS A 190 80.29 236.36 -16.10
C HIS A 190 81.58 237.08 -15.69
N SER A 191 81.46 237.88 -14.64
CA SER A 191 82.60 238.63 -14.14
C SER A 191 83.07 239.64 -15.19
N GLN A 192 82.95 240.92 -14.83
CA GLN A 192 83.35 241.99 -15.72
C GLN A 192 84.64 241.60 -16.47
ZN ZN B . -5.01 -7.30 42.19
ZN ZN C . 0.09 8.32 49.28
ZN ZN D . 48.34 170.95 -22.74
ZN ZN E . 58.47 183.85 -17.86
N MET A 1 -17.21 -20.64 13.46
CA MET A 1 -17.43 -19.45 14.28
C MET A 1 -16.10 -18.86 14.76
N PRO A 2 -15.27 -19.75 15.37
CA PRO A 2 -13.97 -19.33 15.87
C PRO A 2 -12.98 -19.13 14.73
N ASN A 3 -11.80 -18.63 15.09
CA ASN A 3 -10.76 -18.39 14.11
C ASN A 3 -9.58 -17.70 14.78
N TRP A 4 -8.50 -18.44 14.94
CA TRP A 4 -7.29 -17.91 15.56
C TRP A 4 -6.23 -19.02 15.57
N GLY A 5 -4.98 -18.60 15.71
CA GLY A 5 -3.88 -19.54 15.74
C GLY A 5 -2.79 -19.12 14.75
N GLY A 6 -1.55 -19.36 15.15
CA GLY A 6 -0.42 -19.01 14.31
C GLY A 6 0.55 -18.09 15.06
N GLY A 7 1.83 -18.25 14.74
CA GLY A 7 2.87 -17.44 15.37
C GLY A 7 4.12 -18.28 15.65
N LYS A 8 5.27 -17.64 15.46
CA LYS A 8 6.54 -18.32 15.69
C LYS A 8 7.29 -17.59 16.81
N LYS A 9 8.46 -18.15 17.14
CA LYS A 9 9.28 -17.56 18.19
C LYS A 9 10.72 -17.47 17.70
N CYS A 10 11.20 -16.24 17.61
CA CYS A 10 12.57 -16.00 17.16
C CYS A 10 13.51 -16.30 18.32
N GLY A 11 14.22 -17.41 18.19
CA GLY A 11 15.16 -17.82 19.22
C GLY A 11 16.48 -17.04 19.10
N VAL A 12 16.48 -16.09 18.18
CA VAL A 12 17.66 -15.26 17.96
C VAL A 12 17.53 -13.96 18.74
N CYS A 13 16.56 -13.15 18.33
CA CYS A 13 16.33 -11.88 18.98
C CYS A 13 15.50 -12.13 20.25
N GLN A 14 14.78 -13.25 20.22
CA GLN A 14 13.95 -13.62 21.36
C GLN A 14 12.59 -12.93 21.26
N LYS A 15 12.18 -12.65 20.03
CA LYS A 15 10.91 -11.99 19.80
C LYS A 15 10.03 -12.90 18.94
N ALA A 16 8.73 -12.84 19.19
CA ALA A 16 7.77 -13.64 18.46
C ALA A 16 7.79 -13.23 16.99
N VAL A 17 7.55 -14.21 16.13
CA VAL A 17 7.54 -13.97 14.70
C VAL A 17 6.12 -14.18 14.17
N TYR A 18 5.83 -13.51 13.06
CA TYR A 18 4.52 -13.63 12.44
C TYR A 18 4.64 -13.75 10.92
N PHE A 19 3.82 -14.62 10.36
CA PHE A 19 3.84 -14.84 8.92
C PHE A 19 4.05 -13.53 8.16
N ALA A 20 5.27 -13.35 7.68
CA ALA A 20 5.62 -12.15 6.94
C ALA A 20 7.07 -12.24 6.47
N GLU A 21 7.95 -12.45 7.44
CA GLU A 21 9.36 -12.56 7.14
C GLU A 21 10.04 -13.53 8.10
N GLU A 22 9.45 -14.72 8.21
CA GLU A 22 9.98 -15.74 9.09
C GLU A 22 10.90 -16.69 8.33
N VAL A 23 12.07 -16.92 8.89
CA VAL A 23 13.04 -17.80 8.26
C VAL A 23 13.35 -18.96 9.21
N GLN A 24 13.05 -20.16 8.74
CA GLN A 24 13.28 -21.36 9.53
C GLN A 24 14.65 -21.95 9.20
N CYS A 25 15.42 -22.20 10.25
CA CYS A 25 16.75 -22.78 10.09
C CYS A 25 16.87 -23.99 10.99
N GLU A 26 17.50 -25.03 10.46
CA GLU A 26 17.68 -26.26 11.21
C GLU A 26 18.01 -25.95 12.67
N GLY A 27 17.03 -26.20 13.53
CA GLY A 27 17.20 -25.95 14.95
C GLY A 27 16.15 -24.95 15.46
N SER A 28 16.15 -23.78 14.82
CA SER A 28 15.21 -22.73 15.19
C SER A 28 14.98 -21.80 14.00
N SER A 29 13.93 -20.98 14.13
CA SER A 29 13.60 -20.03 13.07
C SER A 29 13.82 -18.61 13.56
N PHE A 30 14.55 -17.85 12.75
CA PHE A 30 14.84 -16.46 13.10
C PHE A 30 14.21 -15.51 12.08
N HIS A 31 14.13 -14.24 12.48
CA HIS A 31 13.56 -13.22 11.62
C HIS A 31 14.41 -13.08 10.35
N LYS A 32 13.75 -12.76 9.26
CA LYS A 32 14.43 -12.58 7.99
C LYS A 32 15.66 -11.71 8.19
N SER A 33 15.42 -10.53 8.74
CA SER A 33 16.50 -9.58 8.99
C SER A 33 17.50 -10.19 9.98
N CYS A 34 16.96 -10.92 10.95
CA CYS A 34 17.79 -11.56 11.95
C CYS A 34 18.78 -12.48 11.25
N PHE A 35 18.26 -13.20 10.27
CA PHE A 35 19.09 -14.13 9.50
C PHE A 35 20.07 -13.37 8.60
N LEU A 36 21.07 -12.77 9.23
CA LEU A 36 22.07 -12.02 8.49
C LEU A 36 23.46 -12.44 8.96
N CYS A 37 24.32 -12.72 7.99
CA CYS A 37 25.68 -13.14 8.30
C CYS A 37 26.21 -12.24 9.43
N MET A 38 26.42 -12.86 10.57
CA MET A 38 26.92 -12.14 11.73
C MET A 38 28.43 -11.89 11.61
N VAL A 39 28.96 -12.23 10.44
CA VAL A 39 30.38 -12.04 10.18
C VAL A 39 30.57 -10.80 9.31
N CYS A 40 30.21 -10.95 8.04
CA CYS A 40 30.34 -9.86 7.10
C CYS A 40 29.25 -8.81 7.41
N LYS A 41 28.19 -9.30 8.03
CA LYS A 41 27.07 -8.42 8.38
C LYS A 41 26.15 -8.25 7.18
N LYS A 42 26.21 -9.23 6.29
CA LYS A 42 25.39 -9.21 5.09
C LYS A 42 24.24 -10.20 5.24
N ASN A 43 23.05 -9.75 4.85
CA ASN A 43 21.87 -10.59 4.93
C ASN A 43 22.18 -11.96 4.33
N LEU A 44 21.64 -12.98 4.97
CA LEU A 44 21.84 -14.35 4.52
C LEU A 44 20.50 -14.95 4.08
N ASP A 45 20.59 -15.92 3.18
CA ASP A 45 19.39 -16.58 2.67
C ASP A 45 19.77 -17.47 1.49
N SER A 46 18.75 -17.92 0.78
CA SER A 46 18.96 -18.77 -0.38
C SER A 46 19.59 -20.10 0.06
N THR A 47 20.90 -20.17 -0.06
CA THR A 47 21.63 -21.37 0.31
C THR A 47 23.08 -21.02 0.67
N THR A 48 23.91 -22.05 0.67
CA THR A 48 25.32 -21.87 1.00
C THR A 48 25.46 -21.16 2.35
N VAL A 49 24.39 -21.20 3.13
CA VAL A 49 24.39 -20.57 4.44
C VAL A 49 24.73 -21.61 5.50
N ALA A 50 25.41 -21.15 6.54
CA ALA A 50 25.80 -22.02 7.63
C ALA A 50 25.36 -21.41 8.96
N VAL A 51 25.35 -22.24 9.99
CA VAL A 51 24.95 -21.79 11.31
C VAL A 51 26.10 -22.00 12.29
N HIS A 52 25.92 -21.49 13.50
CA HIS A 52 26.93 -21.61 14.53
C HIS A 52 26.29 -21.44 15.91
N GLY A 53 25.53 -22.45 16.30
CA GLY A 53 24.86 -22.43 17.59
C GLY A 53 24.36 -21.02 17.91
N ASP A 54 23.19 -20.71 17.39
CA ASP A 54 22.59 -19.40 17.62
C ASP A 54 23.11 -18.42 16.57
N GLU A 55 24.41 -18.44 16.38
CA GLU A 55 25.04 -17.56 15.41
C GLU A 55 24.79 -18.06 13.98
N ILE A 56 24.96 -17.16 13.03
CA ILE A 56 24.75 -17.49 11.64
C ILE A 56 25.88 -16.90 10.79
N TYR A 57 26.38 -17.72 9.88
CA TYR A 57 27.47 -17.28 9.01
C TYR A 57 27.31 -17.87 7.61
N CYS A 58 27.80 -17.12 6.63
CA CYS A 58 27.73 -17.55 5.24
C CYS A 58 28.95 -18.43 4.95
N LYS A 59 28.68 -19.55 4.30
CA LYS A 59 29.75 -20.48 3.94
C LYS A 59 30.98 -19.69 3.49
N SER A 60 30.81 -18.96 2.41
CA SER A 60 31.89 -18.16 1.86
C SER A 60 32.79 -17.66 2.99
N CYS A 61 32.15 -17.07 3.99
CA CYS A 61 32.87 -16.55 5.14
C CYS A 61 33.59 -17.71 5.83
N TYR A 62 32.80 -18.68 6.26
CA TYR A 62 33.35 -19.85 6.93
C TYR A 62 34.62 -20.34 6.24
N GLY A 63 34.48 -20.63 4.95
CA GLY A 63 35.59 -21.11 4.16
C GLY A 63 36.71 -20.06 4.10
N LYS A 64 36.30 -18.81 4.18
CA LYS A 64 37.25 -17.71 4.13
C LYS A 64 38.12 -17.73 5.39
N LYS A 65 37.46 -17.88 6.53
CA LYS A 65 38.16 -17.93 7.80
C LYS A 65 39.02 -19.18 7.85
N TYR A 66 38.38 -20.31 7.57
CA TYR A 66 39.07 -21.59 7.59
C TYR A 66 40.24 -21.59 6.60
N GLY A 67 40.05 -20.86 5.51
CA GLY A 67 41.07 -20.77 4.48
C GLY A 67 42.47 -20.74 5.10
N PRO A 68 43.12 -21.93 5.12
CA PRO A 68 44.46 -22.05 5.68
C PRO A 68 45.51 -21.45 4.73
N LYS A 69 46.75 -21.51 5.16
CA LYS A 69 47.85 -20.99 4.37
C LYS A 69 49.17 -21.47 4.95
N GLY A 70 50.25 -21.12 4.27
CA GLY A 70 51.58 -21.51 4.71
C GLY A 70 52.65 -21.02 3.72
N LYS A 71 53.90 -21.27 4.08
CA LYS A 71 55.01 -20.88 3.25
C LYS A 71 56.32 -21.40 3.84
N GLY A 72 57.40 -21.16 3.13
CA GLY A 72 58.71 -21.61 3.58
C GLY A 72 59.79 -21.26 2.55
N LYS A 73 61.02 -21.58 2.91
CA LYS A 73 62.15 -21.30 2.04
C LYS A 73 63.44 -21.84 2.68
N GLY A 74 64.53 -21.71 1.94
CA GLY A 74 65.81 -22.18 2.42
C GLY A 74 66.93 -21.80 1.45
N MET A 75 68.15 -22.20 1.80
CA MET A 75 69.30 -21.92 0.98
C MET A 75 70.57 -22.53 1.58
N GLY A 76 71.63 -22.53 0.78
CA GLY A 76 72.90 -23.07 1.22
C GLY A 76 74.03 -22.68 0.25
N ALA A 77 75.21 -23.23 0.52
CA ALA A 77 76.36 -22.95 -0.32
C ALA A 77 77.54 -23.80 0.16
N GLY A 78 78.63 -23.71 -0.59
CA GLY A 78 79.83 -24.47 -0.25
C GLY A 78 81.08 -23.82 -0.88
N THR A 79 82.19 -24.50 -0.71
CA THR A 79 83.46 -24.02 -1.25
C THR A 79 84.55 -25.08 -1.09
N LEU A 80 85.44 -25.10 -2.07
CA LEU A 80 86.54 -26.06 -2.05
C LEU A 80 87.67 -25.54 -2.95
N SER A 81 88.77 -26.27 -2.93
CA SER A 81 89.93 -25.90 -3.73
C SER A 81 91.06 -26.92 -3.54
N THR A 82 92.04 -26.83 -4.40
CA THR A 82 93.19 -27.74 -4.33
C THR A 82 94.27 -27.30 -5.31
N ASP A 83 95.47 -27.80 -5.07
CA ASP A 83 96.61 -27.47 -5.92
C ASP A 83 97.85 -28.20 -5.41
N LYS A 84 98.89 -28.19 -6.24
CA LYS A 84 100.14 -28.84 -5.88
C LYS A 84 101.16 -28.60 -7.00
N GLY A 85 102.43 -28.74 -6.63
CA GLY A 85 103.51 -28.54 -7.58
C GLY A 85 104.87 -28.86 -6.94
N GLU A 86 105.88 -28.97 -7.79
CA GLU A 86 107.21 -29.27 -7.33
C GLU A 86 108.18 -29.36 -8.51
N SER A 87 109.47 -29.38 -8.19
CA SER A 87 110.49 -29.46 -9.20
C SER A 87 111.88 -29.42 -8.56
N LEU A 88 112.88 -29.72 -9.37
CA LEU A 88 114.26 -29.74 -8.89
C LEU A 88 115.20 -29.96 -10.07
N GLY A 89 116.49 -29.90 -9.78
CA GLY A 89 117.50 -30.09 -10.80
C GLY A 89 118.90 -29.83 -10.24
N ILE A 90 119.90 -30.36 -10.94
CA ILE A 90 121.28 -30.19 -10.52
C ILE A 90 122.14 -29.89 -11.75
N LYS A 91 123.42 -29.63 -11.49
CA LYS A 91 124.35 -29.34 -12.57
C LYS A 91 125.76 -29.23 -11.99
N TYR A 92 126.74 -29.41 -12.87
CA TYR A 92 128.13 -29.34 -12.46
C TYR A 92 129.06 -29.43 -13.68
N GLU A 93 130.31 -29.03 -13.45
CA GLU A 93 131.30 -29.06 -14.52
C GLU A 93 132.65 -28.56 -14.00
N GLU A 94 133.70 -28.95 -14.70
CA GLU A 94 135.04 -28.55 -14.32
C GLU A 94 136.05 -29.00 -15.38
N GLY A 95 137.23 -28.41 -15.32
CA GLY A 95 138.29 -28.74 -16.26
C GLY A 95 139.49 -27.80 -16.10
N GLN A 96 140.59 -28.19 -16.72
CA GLN A 96 141.81 -27.39 -16.65
C GLN A 96 142.91 -28.03 -17.49
N SER A 97 144.00 -27.30 -17.65
CA SER A 97 145.13 -27.78 -18.42
C SER A 97 146.22 -26.71 -18.47
N HIS A 98 147.38 -27.12 -18.97
CA HIS A 98 148.51 -26.21 -19.08
C HIS A 98 149.69 -26.94 -19.72
N ARG A 99 150.75 -26.18 -19.98
CA ARG A 99 151.94 -26.73 -20.59
C ARG A 99 152.97 -25.64 -20.84
N PRO A 100 153.90 -25.47 -19.86
CA PRO A 100 154.94 -24.47 -19.97
C PRO A 100 156.02 -24.90 -20.98
N THR A 101 157.01 -24.03 -21.13
CA THR A 101 158.10 -24.30 -22.05
C THR A 101 159.21 -23.25 -21.90
N ASN A 102 160.37 -23.59 -22.41
CA ASN A 102 161.52 -22.69 -22.33
C ASN A 102 162.74 -23.37 -22.96
N PRO A 103 163.33 -22.67 -23.98
CA PRO A 103 164.50 -23.20 -24.66
C PRO A 103 165.74 -23.07 -23.79
N ASN A 104 166.86 -23.53 -24.34
CA ASN A 104 168.13 -23.46 -23.62
C ASN A 104 169.27 -23.66 -24.62
N ALA A 105 170.47 -23.33 -24.16
CA ALA A 105 171.66 -23.45 -24.99
C ALA A 105 172.89 -23.09 -24.18
N SER A 106 174.05 -23.26 -24.80
CA SER A 106 175.31 -22.96 -24.15
C SER A 106 176.47 -23.21 -25.10
N ARG A 107 177.65 -22.76 -24.69
CA ARG A 107 178.84 -22.93 -25.50
C ARG A 107 180.05 -22.31 -24.79
N MET A 108 181.23 -22.63 -25.31
CA MET A 108 182.47 -22.11 -24.74
C MET A 108 183.68 -22.57 -25.56
N ALA A 109 184.82 -21.97 -25.25
CA ALA A 109 186.05 -22.30 -25.95
C ALA A 109 187.24 -21.79 -25.14
N GLN A 110 188.42 -22.14 -25.62
CA GLN A 110 189.65 -21.72 -24.94
C GLN A 110 190.87 -22.04 -25.81
N LYS A 111 192.01 -21.51 -25.41
CA LYS A 111 193.25 -21.72 -26.14
C LYS A 111 194.40 -21.85 -25.15
N VAL A 112 195.58 -22.13 -25.69
CA VAL A 112 196.76 -22.29 -24.86
C VAL A 112 197.98 -22.44 -25.77
N GLY A 113 199.15 -22.33 -25.15
CA GLY A 113 200.40 -22.44 -25.89
C GLY A 113 201.47 -23.13 -25.04
N GLY A 114 202.73 -22.86 -25.39
CA GLY A 114 203.84 -23.44 -24.67
C GLY A 114 205.18 -22.95 -25.24
N SER A 115 206.20 -23.00 -24.39
CA SER A 115 207.52 -22.57 -24.79
C SER A 115 208.51 -22.78 -23.65
N ASP A 116 209.79 -22.83 -24.02
CA ASP A 116 210.83 -23.04 -23.03
C ASP A 116 212.16 -22.55 -23.61
N GLY A 117 213.25 -23.10 -23.07
CA GLY A 117 214.57 -22.73 -23.52
C GLY A 117 215.44 -23.98 -23.77
N CYS A 118 216.61 -23.75 -24.33
CA CYS A 118 217.53 -24.83 -24.62
C CYS A 118 218.57 -24.90 -23.51
N PRO A 119 218.46 -25.96 -22.68
CA PRO A 119 219.38 -26.16 -21.57
C PRO A 119 220.75 -26.64 -22.07
N ARG A 120 220.83 -26.82 -23.37
CA ARG A 120 222.07 -27.27 -23.98
C ARG A 120 222.91 -26.08 -24.43
N CYS A 121 222.43 -25.40 -25.47
CA CYS A 121 223.13 -24.24 -25.98
C CYS A 121 222.82 -23.04 -25.10
N GLY A 122 221.59 -23.03 -24.59
CA GLY A 122 221.14 -21.95 -23.72
C GLY A 122 220.09 -21.09 -24.42
N GLN A 123 220.18 -21.05 -25.74
CA GLN A 123 219.25 -20.27 -26.54
C GLN A 123 217.81 -20.73 -26.26
N ALA A 124 216.91 -19.75 -26.20
CA ALA A 124 215.51 -20.03 -25.94
C ALA A 124 214.99 -21.00 -27.02
N VAL A 125 213.86 -21.62 -26.71
CA VAL A 125 213.25 -22.56 -27.64
C VAL A 125 211.75 -22.29 -27.70
N TYR A 126 211.29 -22.01 -28.92
CA TYR A 126 209.87 -21.74 -29.13
C TYR A 126 209.50 -21.86 -30.61
N ALA A 127 210.25 -21.12 -31.43
CA ALA A 127 210.02 -21.14 -32.86
C ALA A 127 210.64 -22.40 -33.47
N ALA A 128 210.75 -22.40 -34.79
CA ALA A 128 211.32 -23.53 -35.49
C ALA A 128 212.53 -24.05 -34.72
N GLU A 129 212.81 -25.34 -34.91
CA GLU A 129 213.93 -25.96 -34.24
C GLU A 129 213.62 -26.16 -32.75
N LYS A 130 212.54 -26.86 -32.50
CA LYS A 130 212.12 -27.13 -31.13
C LYS A 130 211.88 -28.64 -30.95
N VAL A 131 212.37 -29.15 -29.83
CA VAL A 131 212.22 -30.57 -29.54
C VAL A 131 211.88 -30.74 -28.05
N ILE A 132 211.14 -31.79 -27.77
CA ILE A 132 210.75 -32.08 -26.40
C ILE A 132 211.08 -33.53 -26.07
N GLY A 133 211.98 -33.70 -25.11
CA GLY A 133 212.40 -35.03 -24.71
C GLY A 133 212.78 -35.04 -23.22
N ALA A 134 212.62 -36.21 -22.62
CA ALA A 134 212.94 -36.37 -21.21
C ALA A 134 212.33 -35.22 -20.41
N GLY A 135 211.02 -35.05 -20.59
CA GLY A 135 210.30 -34.00 -19.89
C GLY A 135 211.09 -32.69 -19.92
N LYS A 136 211.74 -32.45 -21.05
CA LYS A 136 212.53 -31.24 -21.22
C LYS A 136 212.37 -30.73 -22.65
N SER A 137 212.90 -29.54 -22.88
CA SER A 137 212.84 -28.94 -24.20
C SER A 137 214.23 -28.44 -24.63
N TRP A 138 214.53 -28.63 -25.90
CA TRP A 138 215.81 -28.20 -26.43
C TRP A 138 215.68 -28.11 -27.95
N HIS A 139 216.74 -27.62 -28.58
CA HIS A 139 216.76 -27.48 -30.03
C HIS A 139 216.96 -28.85 -30.68
N LYS A 140 216.07 -29.16 -31.60
CA LYS A 140 216.13 -30.43 -32.31
C LYS A 140 217.51 -30.57 -32.97
N SER A 141 218.19 -29.44 -33.10
CA SER A 141 219.51 -29.43 -33.71
C SER A 141 220.55 -29.89 -32.69
N CYS A 142 220.54 -29.25 -31.54
CA CYS A 142 221.47 -29.58 -30.48
C CYS A 142 221.12 -30.98 -29.95
N PHE A 143 219.89 -31.10 -29.47
CA PHE A 143 219.41 -32.36 -28.94
C PHE A 143 220.05 -33.54 -29.67
N ARG A 144 221.10 -34.08 -29.05
CA ARG A 144 221.80 -35.21 -29.63
C ARG A 144 222.06 -36.27 -28.56
N CYS A 145 221.97 -37.52 -28.99
CA CYS A 145 222.19 -38.63 -28.08
C CYS A 145 223.49 -38.38 -27.31
N ALA A 146 223.40 -38.50 -26.00
CA ALA A 146 224.57 -38.28 -25.15
C ALA A 146 225.34 -39.60 -25.02
N LYS A 147 225.34 -40.36 -26.11
CA LYS A 147 226.04 -41.64 -26.12
C LYS A 147 226.80 -41.78 -27.45
N CYS A 148 226.09 -41.47 -28.53
CA CYS A 148 226.68 -41.57 -29.86
C CYS A 148 226.83 -40.16 -30.41
N GLY A 149 225.96 -39.27 -29.94
CA GLY A 149 225.98 -37.89 -30.38
C GLY A 149 225.14 -37.70 -31.64
N LYS A 150 224.21 -38.62 -31.84
CA LYS A 150 223.34 -38.58 -33.00
C LYS A 150 222.22 -37.55 -32.75
N SER A 151 222.00 -36.72 -33.77
CA SER A 151 220.97 -35.70 -33.68
C SER A 151 219.58 -36.34 -33.74
N LEU A 152 218.76 -35.98 -32.78
CA LEU A 152 217.40 -36.50 -32.71
C LEU A 152 216.40 -35.38 -33.05
N GLU A 153 215.13 -35.71 -32.90
CA GLU A 153 214.08 -34.75 -33.18
C GLU A 153 212.73 -35.27 -32.66
N SER A 154 212.40 -36.49 -33.07
CA SER A 154 211.15 -37.10 -32.65
C SER A 154 210.91 -38.37 -33.46
N THR A 155 211.60 -39.43 -33.07
CA THR A 155 211.46 -40.71 -33.74
C THR A 155 211.45 -41.86 -32.73
N THR A 156 212.52 -41.91 -31.94
CA THR A 156 212.63 -42.95 -30.92
C THR A 156 213.90 -42.73 -30.10
N LEU A 157 213.81 -41.80 -29.16
CA LEU A 157 214.94 -41.49 -28.30
C LEU A 157 214.74 -42.17 -26.94
N ALA A 158 215.70 -41.94 -26.05
CA ALA A 158 215.64 -42.53 -24.73
C ALA A 158 215.89 -41.44 -23.67
N ASP A 159 214.85 -41.18 -22.89
CA ASP A 159 214.94 -40.18 -21.85
C ASP A 159 215.17 -40.86 -20.50
N LYS A 160 216.44 -40.96 -20.13
CA LYS A 160 216.81 -41.59 -18.87
C LYS A 160 216.62 -40.59 -17.74
N ASP A 161 215.36 -40.38 -17.36
CA ASP A 161 215.04 -39.46 -16.29
C ASP A 161 215.37 -38.03 -16.74
N GLY A 162 216.66 -37.78 -16.88
CA GLY A 162 217.13 -36.47 -17.30
C GLY A 162 218.03 -36.58 -18.54
N GLU A 163 218.71 -37.70 -18.64
CA GLU A 163 219.60 -37.94 -19.76
C GLU A 163 218.79 -38.27 -21.03
N ILE A 164 219.43 -38.06 -22.17
CA ILE A 164 218.79 -38.32 -23.44
C ILE A 164 219.73 -39.15 -24.33
N TYR A 165 219.15 -40.12 -25.00
CA TYR A 165 219.93 -40.98 -25.88
C TYR A 165 219.09 -41.47 -27.06
N CYS A 166 219.67 -42.36 -27.84
CA CYS A 166 218.98 -42.91 -28.99
C CYS A 166 218.47 -44.31 -28.63
N LYS A 167 217.26 -44.61 -29.11
CA LYS A 167 216.65 -45.89 -28.85
C LYS A 167 217.69 -47.01 -29.10
N GLY A 168 218.47 -46.81 -30.14
CA GLY A 168 219.49 -47.78 -30.50
C GLY A 168 220.47 -47.99 -29.35
N CYS A 169 220.67 -46.93 -28.58
CA CYS A 169 221.58 -46.99 -27.45
C CYS A 169 220.83 -47.62 -26.27
N TYR A 170 219.63 -47.11 -26.02
CA TYR A 170 218.81 -47.62 -24.93
C TYR A 170 218.57 -49.12 -25.08
N ALA A 171 218.51 -49.56 -26.33
CA ALA A 171 218.28 -50.97 -26.62
C ALA A 171 219.61 -51.72 -26.54
N LYS A 172 220.51 -51.37 -27.45
CA LYS A 172 221.82 -52.01 -27.48
C LYS A 172 222.40 -52.05 -26.07
N ASN A 173 222.64 -50.87 -25.52
CA ASN A 173 223.19 -50.76 -24.19
C ASN A 173 222.58 -51.84 -23.29
N PHE A 174 221.29 -52.07 -23.51
CA PHE A 174 220.58 -53.08 -22.73
C PHE A 174 219.99 -54.16 -23.64
N GLY A 175 220.87 -54.80 -24.39
CA GLY A 175 220.45 -55.86 -25.30
C GLY A 175 220.46 -57.21 -24.60
N PRO A 176 220.82 -58.26 -25.40
CA PRO A 176 220.87 -59.61 -24.87
C PRO A 176 222.11 -59.82 -23.99
N LYS A 177 222.23 -61.03 -23.47
CA LYS A 177 223.36 -61.36 -22.61
C LYS A 177 223.81 -62.79 -22.91
N GLY A 178 225.11 -62.96 -23.01
CA GLY A 178 225.69 -64.27 -23.29
C GLY A 178 227.20 -64.26 -23.07
N PHE A 179 227.71 -65.40 -22.62
CA PHE A 179 229.14 -65.53 -22.38
C PHE A 179 229.49 -66.97 -21.96
N GLY A 180 230.30 -67.61 -22.78
CA GLY A 180 230.73 -68.97 -22.51
C GLY A 180 232.09 -69.00 -21.84
N PHE A 181 232.44 -70.18 -21.33
CA PHE A 181 233.72 -70.35 -20.65
C PHE A 181 234.83 -70.69 -21.65
N GLY A 182 234.56 -71.71 -22.45
CA GLY A 182 235.53 -72.14 -23.45
C GLY A 182 236.27 -73.40 -22.99
N GLN A 183 237.58 -73.38 -23.20
CA GLN A 183 238.42 -74.50 -22.81
C GLN A 183 239.53 -74.03 -21.86
N GLY A 184 240.15 -75.01 -21.21
CA GLY A 184 241.23 -74.72 -20.28
C GLY A 184 242.39 -75.69 -20.45
N ALA A 185 243.44 -75.47 -19.67
CA ALA A 185 244.61 -76.32 -19.73
C ALA A 185 245.09 -76.42 -21.17
N GLY A 186 246.21 -77.10 -21.35
CA GLY A 186 246.79 -77.27 -22.67
C GLY A 186 247.71 -78.50 -22.71
N ALA A 187 248.74 -78.46 -21.87
CA ALA A 187 249.68 -79.55 -21.80
C ALA A 187 249.17 -80.62 -20.83
N LEU A 188 249.91 -81.71 -20.77
CA LEU A 188 249.53 -82.81 -19.89
C LEU A 188 250.69 -83.12 -18.93
N ILE A 189 250.79 -82.30 -17.91
CA ILE A 189 251.84 -82.47 -16.92
C ILE A 189 251.23 -82.99 -15.61
N HIS A 190 251.82 -84.06 -15.11
CA HIS A 190 251.34 -84.66 -13.87
C HIS A 190 250.96 -83.56 -12.88
N SER A 191 251.97 -82.94 -12.30
CA SER A 191 251.76 -81.87 -11.34
C SER A 191 250.95 -80.74 -11.99
N GLN A 192 249.83 -80.41 -11.35
CA GLN A 192 248.97 -79.37 -11.85
C GLN A 192 249.15 -78.09 -11.02
ZN ZN B . 14.52 -12.18 15.23
ZN ZN C . 29.41 -13.62 5.49
ZN ZN D . 220.10 -25.72 -28.46
ZN ZN E . 223.12 -43.13 -29.04
N MET A 1 -17.21 -20.64 13.46
CA MET A 1 -17.43 -19.45 14.28
C MET A 1 -16.53 -18.30 13.82
N PRO A 2 -15.22 -18.61 13.70
CA PRO A 2 -14.25 -17.60 13.27
C PRO A 2 -14.35 -17.36 11.77
N ASN A 3 -14.21 -18.44 11.02
CA ASN A 3 -14.29 -18.35 9.57
C ASN A 3 -13.95 -19.72 8.96
N TRP A 4 -14.22 -19.84 7.67
CA TRP A 4 -13.95 -21.08 6.96
C TRP A 4 -12.99 -20.78 5.82
N GLY A 5 -12.45 -21.84 5.25
CA GLY A 5 -11.51 -21.70 4.15
C GLY A 5 -11.98 -22.50 2.93
N GLY A 6 -11.03 -22.79 2.05
CA GLY A 6 -11.33 -23.55 0.85
C GLY A 6 -10.18 -24.49 0.49
N GLY A 7 -9.95 -24.63 -0.81
CA GLY A 7 -8.89 -25.50 -1.29
C GLY A 7 -8.17 -24.88 -2.49
N LYS A 8 -7.60 -25.74 -3.32
CA LYS A 8 -6.89 -25.28 -4.50
C LYS A 8 -7.82 -25.34 -5.71
N LYS A 9 -7.32 -24.82 -6.82
CA LYS A 9 -8.10 -24.80 -8.05
C LYS A 9 -7.29 -25.49 -9.16
N CYS A 10 -7.84 -26.60 -9.64
CA CYS A 10 -7.20 -27.35 -10.70
C CYS A 10 -7.47 -26.66 -12.04
N GLY A 11 -6.44 -26.03 -12.57
CA GLY A 11 -6.55 -25.32 -13.83
C GLY A 11 -6.51 -26.30 -15.00
N VAL A 12 -6.46 -27.58 -14.68
CA VAL A 12 -6.42 -28.61 -15.70
C VAL A 12 -7.83 -29.12 -15.96
N CYS A 13 -8.40 -29.77 -14.96
CA CYS A 13 -9.74 -30.31 -15.07
C CYS A 13 -10.73 -29.18 -14.83
N GLN A 14 -10.25 -28.13 -14.18
CA GLN A 14 -11.08 -26.98 -13.89
C GLN A 14 -11.95 -27.26 -12.66
N LYS A 15 -11.45 -28.14 -11.81
CA LYS A 15 -12.17 -28.49 -10.60
C LYS A 15 -11.34 -28.12 -9.38
N ALA A 16 -12.04 -27.80 -8.30
CA ALA A 16 -11.38 -27.42 -7.06
C ALA A 16 -10.75 -28.65 -6.41
N VAL A 17 -9.54 -28.47 -5.92
CA VAL A 17 -8.83 -29.56 -5.27
C VAL A 17 -8.86 -29.36 -3.75
N TYR A 18 -8.92 -30.47 -3.04
CA TYR A 18 -8.96 -30.44 -1.59
C TYR A 18 -7.65 -30.96 -0.99
N PHE A 19 -7.41 -30.57 0.25
CA PHE A 19 -6.20 -31.00 0.94
C PHE A 19 -6.10 -32.52 0.98
N ALA A 20 -5.34 -33.05 0.01
CA ALA A 20 -5.16 -34.49 -0.07
C ALA A 20 -4.12 -34.80 -1.15
N GLU A 21 -4.43 -34.38 -2.36
CA GLU A 21 -3.54 -34.60 -3.49
C GLU A 21 -2.87 -33.29 -3.90
N GLU A 22 -3.63 -32.47 -4.62
CA GLU A 22 -3.13 -31.19 -5.08
C GLU A 22 -1.66 -31.32 -5.50
N VAL A 23 -1.46 -31.82 -6.71
CA VAL A 23 -0.12 -32.00 -7.25
C VAL A 23 0.39 -30.66 -7.75
N GLN A 24 1.48 -30.21 -7.13
CA GLN A 24 2.09 -28.95 -7.50
C GLN A 24 2.87 -29.10 -8.80
N CYS A 25 2.86 -28.03 -9.60
CA CYS A 25 3.57 -28.04 -10.87
C CYS A 25 4.06 -26.61 -11.14
N GLU A 26 5.10 -26.53 -11.96
CA GLU A 26 5.68 -25.25 -12.32
C GLU A 26 4.57 -24.22 -12.55
N GLY A 27 4.57 -23.20 -11.70
CA GLY A 27 3.57 -22.15 -11.79
C GLY A 27 2.20 -22.73 -12.16
N SER A 28 1.77 -23.70 -11.38
CA SER A 28 0.49 -24.34 -11.60
C SER A 28 0.31 -25.51 -10.63
N SER A 29 -0.90 -26.07 -10.64
CA SER A 29 -1.22 -27.18 -9.77
C SER A 29 -2.46 -27.91 -10.28
N PHE A 30 -2.34 -29.23 -10.33
CA PHE A 30 -3.45 -30.06 -10.80
C PHE A 30 -3.62 -31.29 -9.92
N HIS A 31 -4.74 -31.97 -10.11
CA HIS A 31 -5.04 -33.17 -9.34
C HIS A 31 -3.96 -34.21 -9.59
N LYS A 32 -4.00 -35.26 -8.77
CA LYS A 32 -3.04 -36.34 -8.90
C LYS A 32 -3.15 -36.97 -10.29
N SER A 33 -4.40 -37.19 -10.69
CA SER A 33 -4.67 -37.79 -11.99
C SER A 33 -4.85 -36.70 -13.04
N CYS A 34 -4.08 -35.63 -12.87
CA CYS A 34 -4.14 -34.52 -13.79
C CYS A 34 -2.71 -34.17 -14.22
N PHE A 35 -1.83 -35.15 -14.07
CA PHE A 35 -0.44 -34.96 -14.43
C PHE A 35 0.04 -36.10 -15.34
N LEU A 36 -0.17 -35.90 -16.63
CA LEU A 36 0.23 -36.90 -17.61
C LEU A 36 0.69 -36.19 -18.89
N CYS A 37 1.82 -36.65 -19.41
CA CYS A 37 2.37 -36.07 -20.62
C CYS A 37 1.25 -35.96 -21.66
N MET A 38 0.89 -34.72 -21.97
CA MET A 38 -0.17 -34.47 -22.93
C MET A 38 0.34 -34.67 -24.36
N VAL A 39 1.57 -35.14 -24.45
CA VAL A 39 2.19 -35.40 -25.74
C VAL A 39 2.13 -36.89 -26.05
N CYS A 40 2.98 -37.64 -25.37
CA CYS A 40 3.04 -39.08 -25.56
C CYS A 40 1.79 -39.70 -24.93
N LYS A 41 1.22 -38.96 -23.99
CA LYS A 41 0.02 -39.44 -23.30
C LYS A 41 0.42 -40.42 -22.20
N LYS A 42 1.66 -40.28 -21.75
CA LYS A 42 2.18 -41.15 -20.71
C LYS A 42 2.15 -40.40 -19.37
N ASN A 43 1.67 -41.09 -18.35
CA ASN A 43 1.58 -40.49 -17.02
C ASN A 43 2.89 -39.77 -16.71
N LEU A 44 2.78 -38.77 -15.84
CA LEU A 44 3.94 -38.00 -15.44
C LEU A 44 4.19 -38.17 -13.95
N ASP A 45 5.30 -37.61 -13.49
CA ASP A 45 5.66 -37.70 -12.08
C ASP A 45 6.90 -36.85 -11.83
N SER A 46 7.18 -36.62 -10.55
CA SER A 46 8.34 -35.83 -10.17
C SER A 46 9.62 -36.61 -10.48
N THR A 47 10.17 -36.33 -11.65
CA THR A 47 11.39 -36.98 -12.07
C THR A 47 11.99 -36.28 -13.29
N THR A 48 11.11 -35.96 -14.23
CA THR A 48 11.54 -35.28 -15.44
C THR A 48 10.33 -34.73 -16.19
N VAL A 49 9.57 -33.87 -15.51
CA VAL A 49 8.39 -33.28 -16.11
C VAL A 49 8.65 -31.79 -16.36
N ALA A 50 7.85 -31.23 -17.25
CA ALA A 50 7.98 -29.82 -17.59
C ALA A 50 6.62 -29.28 -18.05
N VAL A 51 6.51 -27.96 -18.05
CA VAL A 51 5.28 -27.31 -18.47
C VAL A 51 5.58 -26.33 -19.60
N HIS A 52 4.51 -25.88 -20.25
CA HIS A 52 4.65 -24.95 -21.35
C HIS A 52 3.29 -24.31 -21.66
N GLY A 53 3.26 -22.99 -21.56
CA GLY A 53 2.04 -22.24 -21.82
C GLY A 53 0.86 -22.84 -21.04
N ASP A 54 -0.02 -23.51 -21.76
CA ASP A 54 -1.18 -24.13 -21.15
C ASP A 54 -1.17 -25.63 -21.45
N GLU A 55 0.00 -26.22 -21.32
CA GLU A 55 0.16 -27.65 -21.57
C GLU A 55 1.25 -28.22 -20.68
N ILE A 56 1.26 -29.54 -20.59
CA ILE A 56 2.26 -30.23 -19.77
C ILE A 56 2.87 -31.37 -20.59
N TYR A 57 4.19 -31.47 -20.51
CA TYR A 57 4.91 -32.50 -21.22
C TYR A 57 6.05 -33.07 -20.38
N CYS A 58 6.58 -34.20 -20.83
CA CYS A 58 7.67 -34.85 -20.12
C CYS A 58 8.98 -34.38 -20.72
N LYS A 59 9.92 -34.04 -19.83
CA LYS A 59 11.22 -33.56 -20.25
C LYS A 59 11.70 -34.40 -21.45
N SER A 60 11.75 -35.71 -21.23
CA SER A 60 12.18 -36.62 -22.27
C SER A 60 11.64 -36.16 -23.64
N CYS A 61 10.39 -35.73 -23.63
CA CYS A 61 9.75 -35.26 -24.85
C CYS A 61 10.37 -33.92 -25.23
N TYR A 62 10.28 -32.98 -24.30
CA TYR A 62 10.83 -31.65 -24.53
C TYR A 62 12.19 -31.73 -25.25
N GLY A 63 13.07 -32.54 -24.69
CA GLY A 63 14.39 -32.73 -25.26
C GLY A 63 14.32 -33.47 -26.59
N LYS A 64 13.40 -34.42 -26.65
CA LYS A 64 13.21 -35.21 -27.86
C LYS A 64 12.87 -34.29 -29.02
N LYS A 65 12.06 -33.28 -28.72
CA LYS A 65 11.64 -32.32 -29.73
C LYS A 65 12.81 -31.40 -30.05
N TYR A 66 13.35 -30.79 -29.00
CA TYR A 66 14.48 -29.87 -29.15
C TYR A 66 15.65 -30.58 -29.83
N GLY A 67 15.63 -31.90 -29.80
CA GLY A 67 16.68 -32.69 -30.40
C GLY A 67 17.17 -32.05 -31.71
N PRO A 68 18.31 -31.31 -31.58
CA PRO A 68 18.90 -30.64 -32.73
C PRO A 68 19.60 -31.64 -33.65
N LYS A 69 20.13 -31.11 -34.74
CA LYS A 69 20.84 -31.95 -35.70
C LYS A 69 22.16 -31.28 -36.08
N GLY A 70 22.93 -31.98 -36.89
CA GLY A 70 24.22 -31.47 -37.34
C GLY A 70 24.90 -32.46 -38.28
N LYS A 71 25.83 -31.93 -39.07
CA LYS A 71 26.56 -32.75 -40.02
C LYS A 71 27.63 -31.89 -40.70
N GLY A 72 28.59 -32.58 -41.32
CA GLY A 72 29.67 -31.90 -42.01
C GLY A 72 30.86 -32.83 -42.20
N LYS A 73 31.64 -32.54 -43.23
CA LYS A 73 32.82 -33.34 -43.55
C LYS A 73 33.59 -32.68 -44.69
N GLY A 74 34.78 -33.20 -44.93
CA GLY A 74 35.63 -32.68 -45.99
C GLY A 74 37.07 -33.13 -45.81
N MET A 75 37.79 -33.19 -46.92
CA MET A 75 39.18 -33.59 -46.90
C MET A 75 39.79 -33.58 -48.31
N GLY A 76 41.11 -33.58 -48.35
CA GLY A 76 41.82 -33.56 -49.61
C GLY A 76 43.32 -33.37 -49.40
N ALA A 77 44.08 -33.65 -50.45
CA ALA A 77 45.53 -33.50 -50.39
C ALA A 77 46.13 -33.82 -51.76
N GLY A 78 47.42 -33.57 -51.88
CA GLY A 78 48.12 -33.82 -53.12
C GLY A 78 49.60 -33.50 -52.99
N THR A 79 50.38 -34.00 -53.95
CA THR A 79 51.81 -33.77 -53.95
C THR A 79 52.44 -34.29 -55.25
N LEU A 80 53.50 -33.64 -55.66
CA LEU A 80 54.20 -34.02 -56.88
C LEU A 80 55.44 -33.14 -57.06
N SER A 81 56.44 -33.71 -57.73
CA SER A 81 57.67 -32.99 -57.97
C SER A 81 58.45 -33.67 -59.09
N THR A 82 59.47 -32.96 -59.57
CA THR A 82 60.31 -33.49 -60.63
C THR A 82 61.51 -32.57 -60.88
N ASP A 83 62.59 -33.17 -61.34
CA ASP A 83 63.81 -32.42 -61.61
C ASP A 83 64.79 -33.30 -62.38
N LYS A 84 65.82 -32.67 -62.92
CA LYS A 84 66.82 -33.38 -63.69
C LYS A 84 68.11 -32.54 -63.73
N GLY A 85 69.12 -33.13 -64.35
CA GLY A 85 70.41 -32.45 -64.47
C GLY A 85 71.30 -33.15 -65.49
N GLU A 86 72.52 -32.64 -65.61
CA GLU A 86 73.48 -33.21 -66.54
C GLU A 86 74.82 -32.47 -66.44
N SER A 87 75.84 -33.08 -67.03
CA SER A 87 77.17 -32.50 -67.00
C SER A 87 78.13 -33.36 -67.84
N LEU A 88 79.19 -32.72 -68.29
CA LEU A 88 80.19 -33.41 -69.10
C LEU A 88 81.53 -32.70 -68.95
N GLY A 89 82.54 -33.28 -69.59
CA GLY A 89 83.88 -32.71 -69.55
C GLY A 89 84.92 -33.74 -69.98
N ILE A 90 86.04 -33.22 -70.47
CA ILE A 90 87.12 -34.08 -70.93
C ILE A 90 88.36 -33.23 -71.23
N LYS A 91 89.50 -33.89 -71.29
CA LYS A 91 90.75 -33.20 -71.57
C LYS A 91 91.87 -34.24 -71.68
N TYR A 92 92.89 -33.88 -72.46
CA TYR A 92 94.03 -34.77 -72.66
C TYR A 92 95.14 -34.06 -73.43
N GLU A 93 96.35 -34.57 -73.27
CA GLU A 93 97.50 -34.00 -73.94
C GLU A 93 98.77 -34.79 -73.58
N GLU A 94 99.75 -34.71 -74.48
CA GLU A 94 101.00 -35.40 -74.27
C GLU A 94 101.95 -35.15 -75.46
N GLY A 95 103.22 -35.42 -75.22
CA GLY A 95 104.22 -35.23 -76.25
C GLY A 95 105.59 -34.93 -75.63
N GLN A 96 106.63 -35.32 -76.35
CA GLN A 96 107.99 -35.09 -75.90
C GLN A 96 108.99 -35.57 -76.94
N SER A 97 110.22 -35.07 -76.81
CA SER A 97 111.28 -35.45 -77.74
C SER A 97 112.56 -34.70 -77.39
N HIS A 98 113.68 -35.39 -77.57
CA HIS A 98 114.97 -34.79 -77.28
C HIS A 98 116.08 -35.75 -77.72
N ARG A 99 117.22 -35.17 -78.10
CA ARG A 99 118.35 -35.95 -78.55
C ARG A 99 119.54 -35.03 -78.88
N PRO A 100 120.31 -34.70 -77.82
CA PRO A 100 121.47 -33.83 -77.99
C PRO A 100 122.62 -34.58 -78.64
N THR A 101 123.49 -33.83 -79.30
CA THR A 101 124.64 -34.40 -79.97
C THR A 101 125.56 -33.30 -80.50
N ASN A 102 126.85 -33.59 -80.46
CA ASN A 102 127.85 -32.64 -80.92
C ASN A 102 129.25 -33.21 -80.68
N PRO A 103 129.83 -33.76 -81.78
CA PRO A 103 131.16 -34.34 -81.70
C PRO A 103 132.23 -33.26 -81.64
N ASN A 104 133.48 -33.71 -81.58
CA ASN A 104 134.60 -32.78 -81.52
C ASN A 104 135.91 -33.58 -81.38
N ALA A 105 136.93 -33.08 -82.04
CA ALA A 105 138.24 -33.74 -82.01
C ALA A 105 139.24 -32.90 -82.79
N SER A 106 140.51 -33.05 -82.41
CA SER A 106 141.58 -32.31 -83.07
C SER A 106 142.92 -32.69 -82.45
N ARG A 107 143.97 -32.51 -83.24
CA ARG A 107 145.32 -32.83 -82.78
C ARG A 107 146.34 -32.51 -83.87
N MET A 108 147.55 -32.23 -83.44
CA MET A 108 148.63 -31.91 -84.37
C MET A 108 149.93 -31.62 -83.62
N ALA A 109 151.03 -31.89 -84.30
CA ALA A 109 152.35 -31.67 -83.72
C ALA A 109 153.41 -31.85 -84.80
N GLN A 110 154.59 -31.29 -84.53
CA GLN A 110 155.70 -31.37 -85.46
C GLN A 110 156.91 -30.62 -84.92
N LYS A 111 158.08 -31.08 -85.32
CA LYS A 111 159.33 -30.47 -84.88
C LYS A 111 160.49 -31.07 -85.66
N VAL A 112 161.54 -30.27 -85.83
CA VAL A 112 162.71 -30.71 -86.55
C VAL A 112 163.82 -29.65 -86.41
N GLY A 113 165.04 -30.13 -86.32
CA GLY A 113 166.19 -29.25 -86.18
C GLY A 113 167.48 -29.96 -86.60
N GLY A 114 168.60 -29.26 -86.39
CA GLY A 114 169.89 -29.81 -86.74
C GLY A 114 170.71 -28.80 -87.54
N SER A 115 172.02 -28.96 -87.46
CA SER A 115 172.92 -28.06 -88.18
C SER A 115 172.63 -26.61 -87.81
N ASP A 116 173.52 -25.73 -88.25
CA ASP A 116 173.37 -24.32 -87.97
C ASP A 116 174.37 -23.52 -88.82
N GLY A 117 174.68 -22.33 -88.34
CA GLY A 117 175.62 -21.47 -89.04
C GLY A 117 176.77 -21.04 -88.12
N CYS A 118 177.76 -20.40 -88.72
CA CYS A 118 178.91 -19.94 -87.96
C CYS A 118 178.75 -18.45 -87.70
N PRO A 119 178.46 -18.12 -86.40
CA PRO A 119 178.28 -16.73 -86.01
C PRO A 119 179.62 -16.01 -85.93
N ARG A 120 180.68 -16.74 -86.26
CA ARG A 120 182.02 -16.17 -86.23
C ARG A 120 182.41 -15.69 -87.62
N CYS A 121 182.66 -16.66 -88.50
CA CYS A 121 183.05 -16.35 -89.87
C CYS A 121 181.80 -15.89 -90.64
N GLY A 122 180.67 -16.45 -90.23
CA GLY A 122 179.41 -16.12 -90.87
C GLY A 122 178.94 -17.25 -91.79
N GLN A 123 179.90 -18.06 -92.22
CA GLN A 123 179.61 -19.17 -93.10
C GLN A 123 178.76 -20.21 -92.36
N ALA A 124 177.84 -20.81 -93.10
CA ALA A 124 176.96 -21.82 -92.54
C ALA A 124 177.80 -23.02 -92.06
N VAL A 125 177.21 -23.80 -91.17
CA VAL A 125 177.89 -24.97 -90.64
C VAL A 125 176.94 -26.17 -90.69
N TYR A 126 177.36 -27.19 -91.43
CA TYR A 126 176.57 -28.39 -91.57
C TYR A 126 177.45 -29.60 -91.87
N ALA A 127 177.12 -30.72 -91.24
CA ALA A 127 177.88 -31.94 -91.43
C ALA A 127 179.28 -31.77 -90.85
N ALA A 128 180.19 -32.61 -91.32
CA ALA A 128 181.56 -32.56 -90.87
C ALA A 128 182.00 -31.10 -90.76
N GLU A 129 182.77 -30.83 -89.70
CA GLU A 129 183.25 -29.48 -89.45
C GLU A 129 182.15 -28.62 -88.83
N LYS A 130 181.65 -29.07 -87.69
CA LYS A 130 180.60 -28.37 -86.99
C LYS A 130 180.81 -28.50 -85.48
N VAL A 131 181.38 -27.46 -84.89
CA VAL A 131 181.64 -27.46 -83.46
C VAL A 131 180.46 -26.81 -82.74
N ILE A 132 180.23 -27.27 -81.52
CA ILE A 132 179.14 -26.74 -80.72
C ILE A 132 179.67 -26.35 -79.34
N GLY A 133 179.59 -25.05 -79.06
CA GLY A 133 180.07 -24.53 -77.78
C GLY A 133 179.20 -23.36 -77.32
N ALA A 134 179.07 -23.26 -76.01
CA ALA A 134 178.28 -22.19 -75.43
C ALA A 134 176.95 -22.07 -76.17
N GLY A 135 176.20 -23.17 -76.15
CA GLY A 135 174.91 -23.20 -76.82
C GLY A 135 174.97 -22.47 -78.17
N LYS A 136 176.08 -22.68 -78.86
CA LYS A 136 176.28 -22.05 -80.15
C LYS A 136 177.04 -23.02 -81.07
N SER A 137 177.02 -22.69 -82.36
CA SER A 137 177.70 -23.52 -83.34
C SER A 137 178.69 -22.67 -84.16
N TRP A 138 179.77 -23.31 -84.56
CA TRP A 138 180.79 -22.62 -85.34
C TRP A 138 181.72 -23.68 -85.94
N HIS A 139 182.59 -23.22 -86.83
CA HIS A 139 183.54 -24.11 -87.47
C HIS A 139 184.60 -24.57 -86.46
N LYS A 140 184.75 -25.87 -86.35
CA LYS A 140 185.73 -26.44 -85.44
C LYS A 140 187.13 -26.11 -85.93
N SER A 141 187.48 -24.83 -85.84
CA SER A 141 188.78 -24.37 -86.26
C SER A 141 188.82 -22.84 -86.27
N CYS A 142 187.74 -22.25 -86.75
CA CYS A 142 187.64 -20.80 -86.82
C CYS A 142 187.45 -20.27 -85.40
N PHE A 143 186.80 -21.09 -84.57
CA PHE A 143 186.55 -20.71 -83.19
C PHE A 143 187.71 -19.88 -82.64
N ARG A 144 187.48 -18.57 -82.57
CA ARG A 144 188.49 -17.66 -82.07
C ARG A 144 187.94 -16.88 -80.86
N CYS A 145 188.85 -16.55 -79.95
CA CYS A 145 188.47 -15.81 -78.77
C CYS A 145 187.90 -14.45 -79.20
N ALA A 146 186.72 -14.17 -78.70
CA ALA A 146 186.05 -12.92 -79.02
C ALA A 146 186.49 -11.83 -78.03
N LYS A 147 187.74 -11.93 -77.62
CA LYS A 147 188.29 -10.97 -76.67
C LYS A 147 189.69 -10.55 -77.13
N CYS A 148 190.48 -11.55 -77.50
CA CYS A 148 191.83 -11.30 -77.95
C CYS A 148 191.90 -11.59 -79.45
N GLY A 149 190.95 -12.39 -79.90
CA GLY A 149 190.88 -12.75 -81.30
C GLY A 149 191.85 -13.91 -81.61
N LYS A 150 192.27 -14.58 -80.56
CA LYS A 150 193.20 -15.68 -80.71
C LYS A 150 192.44 -16.89 -81.27
N SER A 151 193.20 -17.80 -81.85
CA SER A 151 192.63 -19.01 -82.44
C SER A 151 192.39 -20.06 -81.36
N LEU A 152 191.31 -20.80 -81.51
CA LEU A 152 190.97 -21.85 -80.56
C LEU A 152 190.60 -23.12 -81.31
N GLU A 153 190.16 -24.11 -80.55
CA GLU A 153 189.77 -25.38 -81.13
C GLU A 153 188.76 -26.10 -80.22
N SER A 154 189.23 -26.45 -79.04
CA SER A 154 188.38 -27.12 -78.07
C SER A 154 188.96 -26.97 -76.66
N THR A 155 188.07 -27.01 -75.68
CA THR A 155 188.48 -26.88 -74.30
C THR A 155 189.02 -25.46 -74.02
N THR A 156 190.12 -25.16 -74.69
CA THR A 156 190.74 -23.84 -74.53
C THR A 156 189.68 -22.74 -74.57
N LEU A 157 188.58 -23.05 -75.24
CA LEU A 157 187.49 -22.09 -75.36
C LEU A 157 186.75 -22.00 -74.02
N ALA A 158 186.26 -20.80 -73.74
CA ALA A 158 185.53 -20.57 -72.50
C ALA A 158 184.19 -19.92 -72.82
N ASP A 159 183.13 -20.62 -72.44
CA ASP A 159 181.78 -20.13 -72.68
C ASP A 159 181.32 -19.31 -71.48
N LYS A 160 181.49 -18.00 -71.59
CA LYS A 160 181.11 -17.10 -70.53
C LYS A 160 180.02 -16.14 -71.04
N ASP A 161 178.92 -16.10 -70.31
CA ASP A 161 177.81 -15.23 -70.68
C ASP A 161 177.39 -15.55 -72.12
N GLY A 162 177.63 -16.78 -72.52
CA GLY A 162 177.28 -17.22 -73.86
C GLY A 162 178.43 -16.98 -74.84
N GLU A 163 179.23 -15.96 -74.52
CA GLU A 163 180.36 -15.61 -75.36
C GLU A 163 181.45 -16.69 -75.26
N ILE A 164 182.35 -16.66 -76.22
CA ILE A 164 183.44 -17.64 -76.26
C ILE A 164 184.78 -16.90 -76.23
N TYR A 165 185.64 -17.32 -75.33
CA TYR A 165 186.94 -16.72 -75.18
C TYR A 165 188.03 -17.79 -74.97
N CYS A 166 189.24 -17.32 -74.70
CA CYS A 166 190.36 -18.21 -74.48
C CYS A 166 190.49 -18.44 -72.97
N LYS A 167 190.95 -19.63 -72.62
CA LYS A 167 191.13 -19.98 -71.22
C LYS A 167 191.85 -18.84 -70.51
N GLY A 168 192.85 -18.29 -71.17
CA GLY A 168 193.61 -17.18 -70.61
C GLY A 168 192.70 -16.00 -70.26
N CYS A 169 191.64 -15.87 -71.05
CA CYS A 169 190.69 -14.79 -70.85
C CYS A 169 189.77 -15.17 -69.70
N TYR A 170 189.28 -16.40 -69.76
CA TYR A 170 188.38 -16.91 -68.73
C TYR A 170 189.04 -16.84 -67.35
N ALA A 171 190.36 -17.00 -67.35
CA ALA A 171 191.12 -16.95 -66.11
C ALA A 171 191.47 -15.50 -65.79
N LYS A 172 192.29 -14.92 -66.66
CA LYS A 172 192.72 -13.54 -66.47
C LYS A 172 191.50 -12.68 -66.17
N ASN A 173 190.63 -12.55 -67.17
CA ASN A 173 189.43 -11.75 -67.01
C ASN A 173 188.87 -11.95 -65.60
N PHE A 174 189.04 -13.15 -65.09
CA PHE A 174 188.56 -13.48 -63.76
C PHE A 174 189.72 -13.88 -62.84
N GLY A 175 190.66 -12.97 -62.70
CA GLY A 175 191.82 -13.22 -61.86
C GLY A 175 192.64 -11.93 -61.66
N PRO A 176 192.01 -10.97 -60.93
CA PRO A 176 192.67 -9.70 -60.65
C PRO A 176 193.76 -9.86 -59.59
N LYS A 177 194.56 -8.82 -59.44
CA LYS A 177 195.64 -8.83 -58.48
C LYS A 177 196.27 -7.44 -58.40
N GLY A 178 195.45 -6.47 -58.00
CA GLY A 178 195.92 -5.10 -57.89
C GLY A 178 194.76 -4.11 -58.07
N PHE A 179 194.99 -3.12 -58.92
CA PHE A 179 193.99 -2.12 -59.19
C PHE A 179 193.67 -2.04 -60.69
N GLY A 180 192.66 -1.25 -61.01
CA GLY A 180 192.25 -1.09 -62.39
C GLY A 180 191.71 0.32 -62.64
N PHE A 181 191.08 0.49 -63.79
CA PHE A 181 190.52 1.78 -64.17
C PHE A 181 189.00 1.72 -64.20
N GLY A 182 188.39 2.75 -63.60
CA GLY A 182 186.93 2.82 -63.56
C GLY A 182 186.35 2.94 -64.97
N GLN A 183 185.19 2.34 -65.15
CA GLN A 183 184.51 2.37 -66.43
C GLN A 183 183.08 2.90 -66.26
N GLY A 184 182.49 3.28 -67.39
CA GLY A 184 181.14 3.80 -67.38
C GLY A 184 180.23 2.99 -68.32
N ALA A 185 178.98 3.41 -68.38
CA ALA A 185 178.01 2.74 -69.24
C ALA A 185 176.86 3.70 -69.56
N GLY A 186 176.33 3.55 -70.76
CA GLY A 186 175.23 4.41 -71.19
C GLY A 186 174.85 4.11 -72.65
N ALA A 187 173.55 4.16 -72.92
CA ALA A 187 173.05 3.91 -74.25
C ALA A 187 171.54 4.13 -74.28
N LEU A 188 171.08 4.66 -75.40
CA LEU A 188 169.66 4.93 -75.57
C LEU A 188 169.20 4.41 -76.94
N ILE A 189 169.31 3.11 -77.10
CA ILE A 189 168.91 2.47 -78.35
C ILE A 189 168.95 0.96 -78.18
N HIS A 190 168.04 0.47 -77.35
CA HIS A 190 167.95 -0.96 -77.09
C HIS A 190 166.72 -1.55 -77.79
N SER A 191 166.79 -1.59 -79.11
CA SER A 191 165.70 -2.12 -79.90
C SER A 191 165.89 -3.62 -80.15
N GLN A 192 164.81 -4.36 -79.95
CA GLN A 192 164.86 -5.79 -80.14
C GLN A 192 163.71 -6.25 -81.05
ZN ZN B . -7.57 -31.89 -11.89
ZN ZN C . 6.09 -37.35 -23.18
ZN ZN D . 183.51 -20.47 -88.83
ZN ZN E . 191.11 -14.29 -75.19
N MET A 1 -17.21 -20.64 13.46
CA MET A 1 -17.43 -19.45 14.28
C MET A 1 -18.29 -19.78 15.50
N PRO A 2 -18.08 -18.98 16.58
CA PRO A 2 -18.82 -19.17 17.82
C PRO A 2 -20.25 -18.65 17.67
N ASN A 3 -21.00 -18.77 18.77
CA ASN A 3 -22.38 -18.32 18.78
C ASN A 3 -22.45 -16.93 19.42
N TRP A 4 -23.60 -16.31 19.27
CA TRP A 4 -23.82 -14.97 19.82
C TRP A 4 -24.46 -15.13 21.19
N GLY A 5 -24.64 -14.00 21.87
CA GLY A 5 -25.23 -14.01 23.20
C GLY A 5 -26.65 -13.44 23.16
N GLY A 6 -26.97 -12.67 24.19
CA GLY A 6 -28.28 -12.06 24.29
C GLY A 6 -28.19 -10.53 24.24
N GLY A 7 -29.08 -9.89 24.98
CA GLY A 7 -29.11 -8.44 25.01
C GLY A 7 -29.41 -7.94 26.42
N LYS A 8 -30.26 -6.92 26.48
CA LYS A 8 -30.64 -6.35 27.77
C LYS A 8 -32.03 -6.85 28.16
N LYS A 9 -32.49 -6.40 29.31
CA LYS A 9 -33.79 -6.80 29.81
C LYS A 9 -34.55 -5.57 30.32
N CYS A 10 -35.82 -5.50 29.96
CA CYS A 10 -36.65 -4.38 30.37
C CYS A 10 -37.30 -4.73 31.71
N GLY A 11 -36.82 -4.05 32.75
CA GLY A 11 -37.34 -4.28 34.09
C GLY A 11 -38.66 -3.56 34.30
N VAL A 12 -39.15 -2.96 33.22
CA VAL A 12 -40.41 -2.24 33.27
C VAL A 12 -41.53 -3.14 32.77
N CYS A 13 -41.47 -3.45 31.48
CA CYS A 13 -42.47 -4.31 30.87
C CYS A 13 -42.16 -5.76 31.23
N GLN A 14 -40.88 -6.01 31.47
CA GLN A 14 -40.43 -7.35 31.83
C GLN A 14 -40.15 -8.17 30.56
N LYS A 15 -39.79 -7.46 29.51
CA LYS A 15 -39.49 -8.11 28.24
C LYS A 15 -38.04 -7.83 27.85
N ALA A 16 -37.46 -8.77 27.13
CA ALA A 16 -36.07 -8.63 26.68
C ALA A 16 -35.96 -7.44 25.75
N VAL A 17 -34.76 -6.89 25.68
CA VAL A 17 -34.51 -5.75 24.83
C VAL A 17 -33.22 -5.98 24.03
N TYR A 18 -33.23 -5.49 22.80
CA TYR A 18 -32.08 -5.65 21.92
C TYR A 18 -31.01 -4.61 22.25
N PHE A 19 -29.91 -4.68 21.50
CA PHE A 19 -28.81 -3.76 21.69
C PHE A 19 -28.94 -2.55 20.75
N ALA A 20 -29.81 -1.63 21.14
CA ALA A 20 -30.03 -0.43 20.35
C ALA A 20 -31.25 0.32 20.90
N GLU A 21 -32.39 -0.34 20.81
CA GLU A 21 -33.64 0.24 21.28
C GLU A 21 -33.54 0.54 22.78
N GLU A 22 -32.86 -0.36 23.48
CA GLU A 22 -32.69 -0.20 24.92
C GLU A 22 -32.45 1.27 25.27
N VAL A 23 -33.20 1.75 26.25
CA VAL A 23 -33.07 3.13 26.69
C VAL A 23 -32.74 3.15 28.18
N GLN A 24 -31.57 3.72 28.47
CA GLN A 24 -31.12 3.83 29.85
C GLN A 24 -31.79 5.01 30.55
N CYS A 25 -32.22 4.76 31.78
CA CYS A 25 -32.88 5.79 32.56
C CYS A 25 -32.41 5.66 34.01
N GLU A 26 -32.18 6.82 34.63
CA GLU A 26 -31.73 6.84 36.01
C GLU A 26 -32.50 5.82 36.84
N GLY A 27 -31.83 4.73 37.17
CA GLY A 27 -32.43 3.67 37.96
C GLY A 27 -32.36 2.34 37.22
N SER A 28 -32.87 2.34 36.00
CA SER A 28 -32.87 1.14 35.18
C SER A 28 -33.06 1.51 33.71
N SER A 29 -33.01 0.49 32.86
CA SER A 29 -33.17 0.69 31.44
C SER A 29 -34.47 0.04 30.96
N PHE A 30 -35.24 0.80 30.19
CA PHE A 30 -36.50 0.31 29.66
C PHE A 30 -36.57 0.49 28.15
N HIS A 31 -37.60 -0.09 27.56
CA HIS A 31 -37.80 0.01 26.12
C HIS A 31 -37.91 1.48 25.72
N LYS A 32 -37.91 1.70 24.41
CA LYS A 32 -38.01 3.04 23.88
C LYS A 32 -39.43 3.58 24.12
N SER A 33 -40.41 2.74 23.82
CA SER A 33 -41.79 3.11 23.99
C SER A 33 -42.15 3.15 25.49
N CYS A 34 -41.54 2.23 26.22
CA CYS A 34 -41.77 2.15 27.65
C CYS A 34 -41.41 3.51 28.28
N PHE A 35 -40.29 4.05 27.81
CA PHE A 35 -39.83 5.34 28.31
C PHE A 35 -40.77 6.46 27.89
N LEU A 36 -41.91 6.53 28.57
CA LEU A 36 -42.90 7.56 28.27
C LEU A 36 -43.43 8.14 29.58
N CYS A 37 -43.51 9.46 29.62
CA CYS A 37 -44.01 10.13 30.80
C CYS A 37 -45.32 9.46 31.23
N MET A 38 -45.26 8.83 32.40
CA MET A 38 -46.42 8.14 32.93
C MET A 38 -47.38 9.13 33.59
N VAL A 39 -47.09 10.41 33.39
CA VAL A 39 -47.92 11.46 33.96
C VAL A 39 -48.79 12.08 32.86
N CYS A 40 -48.12 12.78 31.96
CA CYS A 40 -48.80 13.43 30.85
C CYS A 40 -49.12 12.37 29.80
N LYS A 41 -48.29 11.33 29.77
CA LYS A 41 -48.48 10.25 28.82
C LYS A 41 -47.74 10.58 27.52
N LYS A 42 -46.73 11.43 27.66
CA LYS A 42 -45.94 11.84 26.51
C LYS A 42 -44.59 11.11 26.53
N ASN A 43 -44.27 10.50 25.40
CA ASN A 43 -43.02 9.77 25.27
C ASN A 43 -41.86 10.70 25.60
N LEU A 44 -40.83 10.11 26.20
CA LEU A 44 -39.64 10.87 26.58
C LEU A 44 -38.41 10.23 25.94
N ASP A 45 -37.78 10.99 25.06
CA ASP A 45 -36.58 10.51 24.38
C ASP A 45 -35.54 11.63 24.35
N SER A 46 -35.14 12.04 25.53
CA SER A 46 -34.13 13.11 25.65
C SER A 46 -33.97 13.50 27.11
N THR A 47 -32.97 14.33 27.36
CA THR A 47 -32.68 14.80 28.71
C THR A 47 -33.93 15.47 29.30
N THR A 48 -33.71 16.19 30.39
CA THR A 48 -34.78 16.88 31.06
C THR A 48 -35.81 15.88 31.60
N VAL A 49 -35.41 14.62 31.59
CA VAL A 49 -36.28 13.56 32.07
C VAL A 49 -35.86 13.15 33.48
N ALA A 50 -36.85 12.75 34.26
CA ALA A 50 -36.61 12.34 35.64
C ALA A 50 -37.26 10.98 35.88
N VAL A 51 -36.82 10.34 36.96
CA VAL A 51 -37.35 9.03 37.32
C VAL A 51 -37.90 9.09 38.74
N HIS A 52 -38.62 8.04 39.10
CA HIS A 52 -39.21 7.96 40.43
C HIS A 52 -39.67 6.52 40.69
N GLY A 53 -38.93 5.85 41.57
CA GLY A 53 -39.26 4.47 41.92
C GLY A 53 -39.32 3.59 40.67
N ASP A 54 -40.55 3.20 40.32
CA ASP A 54 -40.76 2.36 39.16
C ASP A 54 -41.61 3.12 38.14
N GLU A 55 -41.33 4.40 38.02
CA GLU A 55 -42.07 5.24 37.09
C GLU A 55 -41.15 6.34 36.52
N ILE A 56 -41.54 6.86 35.38
CA ILE A 56 -40.77 7.90 34.72
C ILE A 56 -41.66 9.13 34.50
N TYR A 57 -41.07 10.29 34.73
CA TYR A 57 -41.80 11.54 34.56
C TYR A 57 -40.88 12.64 34.01
N CYS A 58 -41.45 13.46 33.14
CA CYS A 58 -40.70 14.55 32.54
C CYS A 58 -40.54 15.66 33.58
N LYS A 59 -39.34 16.22 33.63
CA LYS A 59 -39.06 17.29 34.58
C LYS A 59 -40.21 18.29 34.57
N SER A 60 -40.49 18.81 33.39
CA SER A 60 -41.56 19.77 33.22
C SER A 60 -42.74 19.41 34.13
N CYS A 61 -43.05 18.12 34.15
CA CYS A 61 -44.15 17.62 34.96
C CYS A 61 -43.76 17.76 36.43
N TYR A 62 -42.63 17.16 36.77
CA TYR A 62 -42.14 17.21 38.14
C TYR A 62 -42.26 18.63 38.71
N GLY A 63 -41.75 19.58 37.95
CA GLY A 63 -41.79 20.98 38.37
C GLY A 63 -43.23 21.51 38.33
N LYS A 64 -44.00 20.97 37.40
CA LYS A 64 -45.39 21.39 37.24
C LYS A 64 -46.18 21.00 38.50
N LYS A 65 -45.85 19.83 39.02
CA LYS A 65 -46.52 19.33 40.21
C LYS A 65 -46.04 20.12 41.43
N TYR A 66 -44.74 20.03 41.66
CA TYR A 66 -44.13 20.72 42.79
C TYR A 66 -44.41 22.23 42.71
N GLY A 67 -44.72 22.69 41.51
CA GLY A 67 -45.02 24.10 41.30
C GLY A 67 -43.82 24.96 41.67
N PRO A 68 -43.80 26.19 41.08
CA PRO A 68 -42.72 27.13 41.33
C PRO A 68 -42.85 27.76 42.72
N LYS A 69 -41.92 28.66 43.02
CA LYS A 69 -41.94 29.34 44.31
C LYS A 69 -41.51 30.79 44.11
N GLY A 70 -41.61 31.56 45.18
CA GLY A 70 -41.24 32.96 45.14
C GLY A 70 -41.51 33.64 46.48
N LYS A 71 -41.15 34.91 46.55
CA LYS A 71 -41.35 35.69 47.76
C LYS A 71 -40.89 37.13 47.53
N GLY A 72 -41.08 37.94 48.55
CA GLY A 72 -40.70 39.35 48.47
C GLY A 72 -40.97 40.07 49.79
N LYS A 73 -40.58 41.34 49.83
CA LYS A 73 -40.76 42.14 51.02
C LYS A 73 -40.36 43.58 50.73
N GLY A 74 -40.56 44.44 51.71
CA GLY A 74 -40.21 45.85 51.57
C GLY A 74 -40.96 46.70 52.61
N MET A 75 -40.39 47.86 52.89
CA MET A 75 -40.97 48.77 53.85
C MET A 75 -40.14 50.05 53.98
N GLY A 76 -40.70 51.02 54.69
CA GLY A 76 -40.03 52.29 54.89
C GLY A 76 -41.00 53.35 55.39
N ALA A 77 -40.44 54.39 55.99
CA ALA A 77 -41.25 55.48 56.51
C ALA A 77 -40.33 56.57 57.08
N GLY A 78 -40.94 57.66 57.52
CA GLY A 78 -40.20 58.76 58.07
C GLY A 78 -41.05 60.03 58.15
N THR A 79 -40.73 60.87 59.11
CA THR A 79 -41.46 62.11 59.30
C THR A 79 -40.52 63.23 59.75
N LEU A 80 -41.09 64.42 59.92
CA LEU A 80 -40.31 65.57 60.35
C LEU A 80 -41.24 66.76 60.53
N SER A 81 -40.67 67.85 61.03
CA SER A 81 -41.44 69.06 61.26
C SER A 81 -40.54 70.13 61.89
N THR A 82 -41.07 71.35 61.93
CA THR A 82 -40.33 72.47 62.49
C THR A 82 -41.23 73.71 62.58
N ASP A 83 -40.76 74.68 63.33
CA ASP A 83 -41.49 75.93 63.50
C ASP A 83 -40.68 76.88 64.38
N LYS A 84 -41.13 78.13 64.41
CA LYS A 84 -40.46 79.15 65.19
C LYS A 84 -41.23 80.46 65.09
N GLY A 85 -40.75 81.46 65.81
CA GLY A 85 -41.38 82.76 65.82
C GLY A 85 -40.66 83.72 66.76
N GLU A 86 -41.14 84.96 66.78
CA GLU A 86 -40.56 85.98 67.63
C GLU A 86 -41.29 87.31 67.45
N SER A 87 -40.95 88.26 68.31
CA SER A 87 -41.57 89.58 68.25
C SER A 87 -40.95 90.49 69.31
N LEU A 88 -41.30 91.77 69.22
CA LEU A 88 -40.78 92.75 70.16
C LEU A 88 -41.45 94.09 69.90
N GLY A 89 -41.12 95.06 70.75
CA GLY A 89 -41.68 96.39 70.63
C GLY A 89 -41.37 97.24 71.86
N ILE A 90 -41.51 98.55 71.69
CA ILE A 90 -41.24 99.47 72.79
C ILE A 90 -41.67 100.88 72.36
N LYS A 91 -42.03 101.67 73.36
CA LYS A 91 -42.46 103.05 73.10
C LYS A 91 -42.57 103.79 74.43
N TYR A 92 -42.41 105.11 74.36
CA TYR A 92 -42.49 105.94 75.54
C TYR A 92 -42.54 107.42 75.16
N GLU A 93 -42.74 108.25 76.17
CA GLU A 93 -42.80 109.69 75.96
C GLU A 93 -42.98 110.41 77.29
N GLU A 94 -42.88 111.73 77.23
CA GLU A 94 -43.03 112.56 78.42
C GLU A 94 -42.93 114.04 78.07
N GLY A 95 -43.23 114.87 79.05
CA GLY A 95 -43.17 116.31 78.85
C GLY A 95 -43.50 117.06 80.15
N GLN A 96 -43.34 118.37 80.09
CA GLN A 96 -43.60 119.21 81.25
C GLN A 96 -43.40 120.68 80.90
N SER A 97 -43.80 121.54 81.84
CA SER A 97 -43.65 122.97 81.64
C SER A 97 -44.23 123.72 82.84
N HIS A 98 -43.98 125.02 82.87
CA HIS A 98 -44.46 125.86 83.95
C HIS A 98 -44.05 127.31 83.69
N ARG A 99 -44.53 128.18 84.56
CA ARG A 99 -44.22 129.60 84.45
C ARG A 99 -44.88 130.39 85.59
N PRO A 100 -44.08 130.61 86.67
CA PRO A 100 -44.57 131.33 87.83
C PRO A 100 -44.64 132.84 87.53
N THR A 101 -45.07 133.58 88.55
CA THR A 101 -45.20 135.02 88.41
C THR A 101 -45.47 135.66 89.78
N ASN A 102 -45.31 136.97 89.82
CA ASN A 102 -45.55 137.72 91.05
C ASN A 102 -45.45 139.21 90.76
N PRO A 103 -46.64 139.85 90.61
CA PRO A 103 -46.69 141.27 90.34
C PRO A 103 -46.37 142.09 91.59
N ASN A 104 -46.43 143.40 91.43
CA ASN A 104 -46.15 144.31 92.54
C ASN A 104 -46.43 145.74 92.11
N ALA A 105 -46.63 146.60 93.10
CA ALA A 105 -46.91 148.00 92.84
C ALA A 105 -46.99 148.76 94.17
N SER A 106 -47.07 150.08 94.05
CA SER A 106 -47.15 150.92 95.24
C SER A 106 -47.28 152.39 94.82
N ARG A 107 -47.57 153.22 95.80
CA ARG A 107 -47.73 154.65 95.55
C ARG A 107 -48.11 155.37 96.84
N MET A 108 -47.98 156.69 96.80
CA MET A 108 -48.31 157.51 97.96
C MET A 108 -48.10 159.00 97.65
N ALA A 109 -48.61 159.82 98.55
CA ALA A 109 -48.48 161.27 98.39
C ALA A 109 -49.09 161.97 99.60
N GLN A 110 -48.93 163.28 99.63
CA GLN A 110 -49.46 164.08 100.73
C GLN A 110 -49.12 165.55 100.53
N LYS A 111 -49.72 166.39 101.37
CA LYS A 111 -49.48 167.82 101.29
C LYS A 111 -50.21 168.52 102.45
N VAL A 112 -49.79 169.73 102.73
CA VAL A 112 -50.38 170.50 103.81
C VAL A 112 -49.88 171.95 103.72
N GLY A 113 -50.63 172.83 104.37
CA GLY A 113 -50.27 174.24 104.39
C GLY A 113 -50.97 174.97 105.54
N GLY A 114 -50.80 176.29 105.54
CA GLY A 114 -51.40 177.11 106.58
C GLY A 114 -51.27 178.60 106.25
N SER A 115 -52.07 179.40 106.94
CA SER A 115 -52.04 180.84 106.73
C SER A 115 -53.03 181.52 107.67
N ASP A 116 -52.92 182.84 107.73
CA ASP A 116 -53.80 183.62 108.58
C ASP A 116 -53.79 185.09 108.12
N GLY A 117 -54.08 185.97 109.07
CA GLY A 117 -54.11 187.39 108.76
C GLY A 117 -53.35 188.19 109.82
N CYS A 118 -53.18 189.48 109.54
CA CYS A 118 -52.47 190.36 110.45
C CYS A 118 -53.50 191.16 111.24
N PRO A 119 -53.67 190.80 112.53
CA PRO A 119 -54.61 191.48 113.39
C PRO A 119 -54.07 192.85 113.82
N ARG A 120 -52.88 193.16 113.34
CA ARG A 120 -52.24 194.43 113.65
C ARG A 120 -52.61 195.48 112.61
N CYS A 121 -52.13 195.26 111.40
CA CYS A 121 -52.40 196.19 110.31
C CYS A 121 -53.78 195.85 109.72
N GLY A 122 -54.05 194.55 109.66
CA GLY A 122 -55.33 194.09 109.13
C GLY A 122 -55.12 193.26 107.86
N GLN A 123 -54.00 193.52 107.20
CA GLN A 123 -53.68 192.81 105.97
C GLN A 123 -53.47 191.32 106.26
N ALA A 124 -53.89 190.50 105.30
CA ALA A 124 -53.76 189.06 105.45
C ALA A 124 -52.28 188.70 105.58
N VAL A 125 -52.04 187.48 106.02
CA VAL A 125 -50.68 187.00 106.20
C VAL A 125 -50.56 185.59 105.60
N TYR A 126 -49.72 185.50 104.58
CA TYR A 126 -49.51 184.22 103.92
C TYR A 126 -48.13 184.18 103.23
N ALA A 127 -47.94 185.14 102.33
CA ALA A 127 -46.68 185.22 101.60
C ALA A 127 -45.57 185.67 102.55
N ALA A 128 -44.42 185.97 101.97
CA ALA A 128 -43.28 186.41 102.76
C ALA A 128 -43.75 187.36 103.86
N GLU A 129 -43.03 187.34 104.96
CA GLU A 129 -43.37 188.20 106.09
C GLU A 129 -44.52 187.59 106.89
N LYS A 130 -44.28 186.37 107.38
CA LYS A 130 -45.26 185.66 108.17
C LYS A 130 -44.69 185.36 109.56
N VAL A 131 -45.04 186.21 110.51
CA VAL A 131 -44.56 186.05 111.87
C VAL A 131 -45.57 185.20 112.65
N ILE A 132 -45.05 184.50 113.65
CA ILE A 132 -45.89 183.65 114.48
C ILE A 132 -45.47 183.80 115.94
N GLY A 133 -46.39 184.35 116.73
CA GLY A 133 -46.13 184.55 118.14
C GLY A 133 -47.43 184.52 118.96
N ALA A 134 -47.30 184.12 120.22
CA ALA A 134 -48.45 184.05 121.09
C ALA A 134 -49.59 183.33 120.37
N GLY A 135 -49.30 182.10 119.96
CA GLY A 135 -50.29 181.29 119.26
C GLY A 135 -51.11 182.15 118.30
N LYS A 136 -50.43 183.09 117.65
CA LYS A 136 -51.09 183.97 116.72
C LYS A 136 -50.15 184.25 115.53
N SER A 137 -50.75 184.71 114.44
CA SER A 137 -49.98 185.01 113.25
C SER A 137 -50.16 186.49 112.86
N TRP A 138 -49.06 187.07 112.40
CA TRP A 138 -49.09 188.47 112.00
C TRP A 138 -47.92 188.71 111.05
N HIS A 139 -47.76 189.96 110.66
CA HIS A 139 -46.68 190.33 109.75
C HIS A 139 -45.38 190.50 110.54
N LYS A 140 -44.30 190.02 109.94
CA LYS A 140 -42.99 190.10 110.56
C LYS A 140 -42.45 191.52 110.41
N SER A 141 -43.27 192.48 110.77
CA SER A 141 -42.88 193.88 110.67
C SER A 141 -43.73 194.73 111.63
N CYS A 142 -45.03 194.44 111.62
CA CYS A 142 -45.96 195.17 112.47
C CYS A 142 -45.90 194.56 113.87
N PHE A 143 -45.58 193.28 113.91
CA PHE A 143 -45.50 192.56 115.17
C PHE A 143 -44.57 193.30 116.15
N ARG A 144 -45.17 194.16 116.95
CA ARG A 144 -44.42 194.94 117.92
C ARG A 144 -45.01 194.74 119.32
N CYS A 145 -44.19 195.04 120.32
CA CYS A 145 -44.61 194.90 121.71
C CYS A 145 -45.77 195.88 121.95
N ALA A 146 -46.83 195.36 122.53
CA ALA A 146 -48.00 196.17 122.83
C ALA A 146 -47.83 196.83 124.20
N LYS A 147 -46.60 197.25 124.46
CA LYS A 147 -46.29 197.90 125.72
C LYS A 147 -45.31 199.04 125.48
N CYS A 148 -44.27 198.74 124.70
CA CYS A 148 -43.26 199.72 124.39
C CYS A 148 -43.38 200.08 122.91
N GLY A 149 -43.99 199.17 122.16
CA GLY A 149 -44.19 199.38 120.74
C GLY A 149 -42.97 198.92 119.94
N LYS A 150 -41.95 198.50 120.68
CA LYS A 150 -40.72 198.04 120.07
C LYS A 150 -41.02 196.82 119.18
N SER A 151 -40.59 196.92 117.93
CA SER A 151 -40.81 195.84 116.98
C SER A 151 -39.97 194.62 117.37
N LEU A 152 -40.57 193.45 117.20
CA LEU A 152 -39.89 192.20 117.52
C LEU A 152 -39.65 191.41 116.24
N GLU A 153 -39.14 190.20 116.42
CA GLU A 153 -38.87 189.33 115.29
C GLU A 153 -38.92 187.86 115.72
N SER A 154 -38.08 187.53 116.69
CA SER A 154 -38.03 186.17 117.20
C SER A 154 -36.78 185.98 118.06
N THR A 155 -36.86 186.49 119.29
CA THR A 155 -35.75 186.37 120.21
C THR A 155 -36.27 186.09 121.63
N THR A 156 -37.01 187.06 122.16
CA THR A 156 -37.56 186.92 123.50
C THR A 156 -38.86 187.73 123.62
N LEU A 157 -39.89 187.23 122.94
CA LEU A 157 -41.19 187.89 122.96
C LEU A 157 -42.12 187.13 123.91
N ALA A 158 -42.89 187.90 124.68
CA ALA A 158 -43.82 187.32 125.62
C ALA A 158 -45.20 187.23 124.98
N ASP A 159 -45.98 186.27 125.46
CA ASP A 159 -47.32 186.06 124.94
C ASP A 159 -48.31 185.97 126.11
N LYS A 160 -48.99 187.08 126.35
CA LYS A 160 -49.96 187.14 127.43
C LYS A 160 -51.36 186.84 126.87
N ASP A 161 -51.69 185.56 126.87
CA ASP A 161 -52.98 185.12 126.37
C ASP A 161 -53.37 185.96 125.16
N GLY A 162 -52.63 185.74 124.07
CA GLY A 162 -52.88 186.47 122.84
C GLY A 162 -51.96 187.68 122.72
N GLU A 163 -51.96 188.48 123.77
CA GLU A 163 -51.13 189.68 123.80
C GLU A 163 -49.66 189.31 123.57
N ILE A 164 -48.93 190.26 123.00
CA ILE A 164 -47.51 190.04 122.71
C ILE A 164 -46.72 191.25 123.21
N TYR A 165 -45.64 190.94 123.93
CA TYR A 165 -44.78 191.99 124.46
C TYR A 165 -43.31 191.59 124.37
N CYS A 166 -42.46 192.47 124.87
CA CYS A 166 -41.03 192.23 124.85
C CYS A 166 -40.62 191.61 126.19
N LYS A 167 -39.64 190.73 126.13
CA LYS A 167 -39.16 190.06 127.32
C LYS A 167 -38.94 191.09 128.42
N GLY A 168 -38.42 192.24 128.03
CA GLY A 168 -38.15 193.31 128.97
C GLY A 168 -39.44 193.75 129.67
N CYS A 169 -40.55 193.60 128.96
CA CYS A 169 -41.84 193.97 129.51
C CYS A 169 -42.34 192.81 130.38
N TYR A 170 -42.24 191.61 129.84
CA TYR A 170 -42.68 190.43 130.55
C TYR A 170 -41.94 190.28 131.87
N ALA A 171 -40.69 190.74 131.86
CA ALA A 171 -39.86 190.66 133.06
C ALA A 171 -40.18 191.85 133.98
N LYS A 172 -39.90 193.04 133.46
CA LYS A 172 -40.17 194.25 134.22
C LYS A 172 -41.56 194.19 134.82
N ASN A 173 -42.55 194.11 133.96
CA ASN A 173 -43.94 194.04 134.38
C ASN A 173 -44.03 193.15 135.62
N PHE A 174 -43.26 192.06 135.60
CA PHE A 174 -43.25 191.12 136.71
C PHE A 174 -41.84 191.00 137.30
N GLY A 175 -41.33 192.12 137.79
CA GLY A 175 -40.00 192.14 138.38
C GLY A 175 -40.04 192.79 139.76
N PRO A 176 -39.93 194.15 139.77
CA PRO A 176 -39.95 194.90 141.01
C PRO A 176 -41.37 194.97 141.59
N LYS A 177 -41.44 195.46 142.81
CA LYS A 177 -42.72 195.59 143.49
C LYS A 177 -43.21 197.03 143.39
N GLY A 178 -44.41 197.26 143.91
CA GLY A 178 -45.00 198.59 143.87
C GLY A 178 -45.43 198.96 142.45
N PHE A 179 -46.66 198.59 142.13
CA PHE A 179 -47.21 198.87 140.81
C PHE A 179 -48.58 199.53 140.92
N GLY A 180 -49.08 200.00 139.78
CA GLY A 180 -50.36 200.65 139.73
C GLY A 180 -51.10 200.33 138.43
N PHE A 181 -52.37 200.72 138.39
CA PHE A 181 -53.19 200.48 137.22
C PHE A 181 -54.01 201.72 136.86
N GLY A 182 -54.51 201.72 135.63
CA GLY A 182 -55.31 202.83 135.15
C GLY A 182 -56.23 202.39 134.01
N GLN A 183 -57.53 202.43 134.29
CA GLN A 183 -58.52 202.04 133.29
C GLN A 183 -58.28 202.80 131.98
N GLY A 184 -58.50 202.10 130.88
CA GLY A 184 -58.32 202.69 129.56
C GLY A 184 -58.66 201.68 128.46
N ALA A 185 -59.92 201.27 128.46
CA ALA A 185 -60.39 200.32 127.46
C ALA A 185 -61.91 200.47 127.31
N GLY A 186 -62.32 201.64 126.85
CA GLY A 186 -63.72 201.92 126.64
C GLY A 186 -64.20 201.40 125.29
N ALA A 187 -65.27 202.00 124.80
CA ALA A 187 -65.84 201.62 123.51
C ALA A 187 -66.62 202.79 122.93
N LEU A 188 -66.06 203.36 121.87
CA LEU A 188 -66.68 204.49 121.20
C LEU A 188 -66.74 204.22 119.70
N ILE A 189 -67.95 203.98 119.22
CA ILE A 189 -68.16 203.71 117.81
C ILE A 189 -68.21 205.03 117.04
N HIS A 190 -67.40 205.11 116.01
CA HIS A 190 -67.33 206.31 115.18
C HIS A 190 -68.45 206.27 114.14
N SER A 191 -69.04 207.43 113.91
CA SER A 191 -70.11 207.55 112.94
C SER A 191 -71.26 206.62 113.32
N GLN A 192 -72.38 207.23 113.68
CA GLN A 192 -73.56 206.48 114.08
C GLN A 192 -74.78 206.96 113.30
ZN ZN B . -40.16 -2.20 28.14
ZN ZN C . -44.82 14.71 31.56
ZN ZN D . -49.11 193.54 109.64
ZN ZN E . -42.31 196.01 125.63
N MET A 1 -17.21 -20.64 13.46
CA MET A 1 -17.43 -19.45 14.28
C MET A 1 -18.89 -19.01 14.22
N PRO A 2 -19.39 -18.86 12.97
CA PRO A 2 -20.77 -18.44 12.75
C PRO A 2 -21.74 -19.58 13.04
N ASN A 3 -21.43 -20.74 12.47
CA ASN A 3 -22.27 -21.92 12.66
C ASN A 3 -21.72 -23.07 11.81
N TRP A 4 -22.24 -24.25 12.09
CA TRP A 4 -21.81 -25.43 11.37
C TRP A 4 -22.82 -26.56 11.66
N GLY A 5 -22.83 -27.54 10.77
CA GLY A 5 -23.73 -28.66 10.91
C GLY A 5 -23.74 -29.53 9.65
N GLY A 6 -24.31 -30.71 9.78
CA GLY A 6 -24.39 -31.64 8.66
C GLY A 6 -25.12 -32.93 9.06
N GLY A 7 -25.23 -33.83 8.10
CA GLY A 7 -25.90 -35.10 8.35
C GLY A 7 -25.86 -35.98 7.10
N LYS A 8 -26.46 -37.16 7.22
CA LYS A 8 -26.49 -38.10 6.12
C LYS A 8 -27.93 -38.21 5.60
N LYS A 9 -28.08 -39.01 4.55
CA LYS A 9 -29.39 -39.21 3.95
C LYS A 9 -29.63 -40.71 3.77
N CYS A 10 -30.67 -41.20 4.42
CA CYS A 10 -31.02 -42.61 4.34
C CYS A 10 -31.78 -42.83 3.02
N GLY A 11 -31.08 -43.46 2.08
CA GLY A 11 -31.67 -43.75 0.78
C GLY A 11 -32.59 -44.96 0.85
N VAL A 12 -32.75 -45.47 2.07
CA VAL A 12 -33.61 -46.63 2.29
C VAL A 12 -35.02 -46.16 2.66
N CYS A 13 -35.11 -45.58 3.84
CA CYS A 13 -36.38 -45.08 4.33
C CYS A 13 -36.66 -43.73 3.67
N GLN A 14 -35.58 -43.08 3.24
CA GLN A 14 -35.70 -41.78 2.60
C GLN A 14 -35.76 -40.67 3.65
N LYS A 15 -35.15 -40.95 4.79
CA LYS A 15 -35.13 -39.98 5.88
C LYS A 15 -33.68 -39.59 6.18
N ALA A 16 -33.52 -38.35 6.63
CA ALA A 16 -32.19 -37.84 6.96
C ALA A 16 -31.66 -38.56 8.19
N VAL A 17 -30.36 -38.77 8.20
CA VAL A 17 -29.71 -39.44 9.32
C VAL A 17 -28.77 -38.47 10.03
N TYR A 18 -28.47 -38.78 11.28
CA TYR A 18 -27.59 -37.94 12.07
C TYR A 18 -26.52 -38.78 12.77
N PHE A 19 -25.28 -38.33 12.65
CA PHE A 19 -24.16 -39.03 13.26
C PHE A 19 -24.50 -39.42 14.70
N ALA A 20 -24.83 -40.69 14.87
CA ALA A 20 -25.17 -41.20 16.19
C ALA A 20 -25.51 -42.69 16.08
N GLU A 21 -26.38 -43.00 15.13
CA GLU A 21 -26.79 -44.38 14.92
C GLU A 21 -27.01 -44.63 13.42
N GLU A 22 -26.02 -44.25 12.64
CA GLU A 22 -26.08 -44.43 11.21
C GLU A 22 -25.23 -45.63 10.79
N VAL A 23 -25.65 -46.27 9.70
CA VAL A 23 -24.94 -47.42 9.19
C VAL A 23 -24.64 -47.21 7.71
N GLN A 24 -23.36 -47.29 7.37
CA GLN A 24 -22.94 -47.12 6.00
C GLN A 24 -22.58 -48.46 5.37
N CYS A 25 -22.85 -48.57 4.07
CA CYS A 25 -22.57 -49.80 3.35
C CYS A 25 -22.14 -49.43 1.94
N GLU A 26 -21.08 -50.09 1.48
CA GLU A 26 -20.55 -49.84 0.15
C GLU A 26 -21.70 -49.64 -0.84
N GLY A 27 -21.91 -48.38 -1.21
CA GLY A 27 -22.96 -48.04 -2.14
C GLY A 27 -23.85 -46.92 -1.60
N SER A 28 -24.38 -47.16 -0.41
CA SER A 28 -25.24 -46.18 0.24
C SER A 28 -25.20 -46.38 1.76
N SER A 29 -25.83 -45.44 2.46
CA SER A 29 -25.87 -45.49 3.91
C SER A 29 -27.33 -45.42 4.39
N PHE A 30 -27.65 -46.30 5.33
CA PHE A 30 -28.99 -46.34 5.88
C PHE A 30 -28.95 -46.38 7.41
N HIS A 31 -30.10 -46.12 8.01
CA HIS A 31 -30.22 -46.11 9.46
C HIS A 31 -29.79 -47.48 10.00
N LYS A 32 -29.47 -47.50 11.28
CA LYS A 32 -29.04 -48.73 11.94
C LYS A 32 -30.14 -49.78 11.78
N SER A 33 -31.38 -49.32 11.88
CA SER A 33 -32.52 -50.20 11.76
C SER A 33 -32.99 -50.25 10.30
N CYS A 34 -32.08 -49.88 9.41
CA CYS A 34 -32.39 -49.88 7.98
C CYS A 34 -31.40 -50.81 7.28
N PHE A 35 -30.94 -51.80 8.03
CA PHE A 35 -30.00 -52.77 7.49
C PHE A 35 -30.51 -54.19 7.66
N LEU A 36 -31.57 -54.50 6.91
CA LEU A 36 -32.17 -55.83 6.97
C LEU A 36 -32.43 -56.33 5.55
N CYS A 37 -32.07 -57.57 5.32
CA CYS A 37 -32.26 -58.18 4.01
C CYS A 37 -33.70 -57.90 3.56
N MET A 38 -33.80 -57.11 2.50
CA MET A 38 -35.10 -56.75 1.96
C MET A 38 -35.66 -57.86 1.08
N VAL A 39 -34.98 -59.00 1.12
CA VAL A 39 -35.38 -60.15 0.33
C VAL A 39 -36.06 -61.17 1.24
N CYS A 40 -35.26 -61.75 2.13
CA CYS A 40 -35.77 -62.74 3.06
C CYS A 40 -36.47 -62.00 4.21
N LYS A 41 -36.03 -60.78 4.44
CA LYS A 41 -36.61 -59.96 5.50
C LYS A 41 -35.87 -60.25 6.81
N LYS A 42 -34.64 -60.73 6.67
CA LYS A 42 -33.83 -61.05 7.83
C LYS A 42 -32.78 -59.95 8.03
N ASN A 43 -32.71 -59.46 9.26
CA ASN A 43 -31.75 -58.41 9.60
C ASN A 43 -30.34 -58.88 9.22
N LEU A 44 -29.52 -57.92 8.83
CA LEU A 44 -28.16 -58.22 8.44
C LEU A 44 -27.20 -57.34 9.27
N ASP A 45 -25.97 -57.82 9.39
CA ASP A 45 -24.96 -57.10 10.15
C ASP A 45 -23.58 -57.47 9.62
N SER A 46 -23.23 -56.88 8.49
CA SER A 46 -21.95 -57.13 7.87
C SER A 46 -21.76 -58.64 7.64
N THR A 47 -20.74 -58.96 6.87
CA THR A 47 -20.45 -60.36 6.57
C THR A 47 -21.61 -60.99 5.81
N THR A 48 -21.37 -61.25 4.52
CA THR A 48 -22.38 -61.86 3.68
C THR A 48 -23.32 -60.79 3.12
N VAL A 49 -23.73 -59.90 4.00
CA VAL A 49 -24.63 -58.82 3.61
C VAL A 49 -24.09 -58.13 2.35
N ALA A 50 -25.01 -57.72 1.50
CA ALA A 50 -24.63 -57.07 0.26
C ALA A 50 -25.47 -55.80 0.08
N VAL A 51 -25.05 -54.96 -0.85
CA VAL A 51 -25.75 -53.71 -1.12
C VAL A 51 -26.24 -53.72 -2.57
N HIS A 52 -27.38 -53.08 -2.77
CA HIS A 52 -27.97 -53.00 -4.10
C HIS A 52 -28.87 -51.78 -4.19
N GLY A 53 -28.56 -50.91 -5.14
CA GLY A 53 -29.34 -49.70 -5.34
C GLY A 53 -29.63 -49.01 -4.01
N ASP A 54 -30.85 -49.20 -3.53
CA ASP A 54 -31.26 -48.60 -2.28
C ASP A 54 -31.88 -49.68 -1.38
N GLU A 55 -31.13 -50.76 -1.21
CA GLU A 55 -31.59 -51.86 -0.38
C GLU A 55 -30.43 -52.81 -0.06
N ILE A 56 -30.62 -53.59 0.99
CA ILE A 56 -29.60 -54.53 1.41
C ILE A 56 -30.09 -55.96 1.13
N TYR A 57 -29.15 -56.81 0.74
CA TYR A 57 -29.48 -58.19 0.44
C TYR A 57 -28.32 -59.11 0.79
N CYS A 58 -28.63 -60.15 1.56
CA CYS A 58 -27.62 -61.11 1.98
C CYS A 58 -27.10 -61.83 0.73
N LYS A 59 -25.81 -62.12 0.76
CA LYS A 59 -25.17 -62.80 -0.36
C LYS A 59 -26.11 -63.87 -0.90
N SER A 60 -26.28 -64.92 -0.11
CA SER A 60 -27.15 -66.02 -0.50
C SER A 60 -28.29 -65.49 -1.38
N CYS A 61 -29.06 -64.57 -0.82
CA CYS A 61 -30.17 -63.98 -1.54
C CYS A 61 -29.67 -63.52 -2.92
N TYR A 62 -28.71 -62.61 -2.89
CA TYR A 62 -28.13 -62.08 -4.11
C TYR A 62 -27.91 -63.20 -5.14
N GLY A 63 -27.07 -64.15 -4.77
CA GLY A 63 -26.77 -65.28 -5.63
C GLY A 63 -28.04 -66.05 -6.00
N LYS A 64 -29.05 -65.89 -5.15
CA LYS A 64 -30.33 -66.55 -5.36
C LYS A 64 -31.10 -65.84 -6.47
N LYS A 65 -31.01 -64.52 -6.45
CA LYS A 65 -31.69 -63.71 -7.44
C LYS A 65 -30.96 -63.81 -8.78
N TYR A 66 -29.68 -63.45 -8.75
CA TYR A 66 -28.86 -63.50 -9.95
C TYR A 66 -28.71 -64.94 -10.44
N GLY A 67 -28.41 -65.82 -9.50
CA GLY A 67 -28.24 -67.23 -9.83
C GLY A 67 -29.22 -67.67 -10.91
N PRO A 68 -28.72 -67.70 -12.17
CA PRO A 68 -29.54 -68.10 -13.30
C PRO A 68 -29.76 -69.62 -13.31
N LYS A 69 -30.58 -70.06 -14.25
CA LYS A 69 -30.87 -71.47 -14.39
C LYS A 69 -31.26 -71.78 -15.83
N GLY A 70 -31.45 -73.06 -16.11
CA GLY A 70 -31.82 -73.49 -17.45
C GLY A 70 -32.35 -74.93 -17.42
N LYS A 71 -32.61 -75.44 -18.62
CA LYS A 71 -33.12 -76.80 -18.75
C LYS A 71 -33.22 -77.15 -20.23
N GLY A 72 -33.59 -78.40 -20.49
CA GLY A 72 -33.73 -78.88 -21.85
C GLY A 72 -34.17 -80.34 -21.88
N LYS A 73 -34.42 -80.83 -23.08
CA LYS A 73 -34.85 -82.20 -23.27
C LYS A 73 -34.95 -82.51 -24.76
N GLY A 74 -35.26 -83.77 -25.05
CA GLY A 74 -35.39 -84.20 -26.43
C GLY A 74 -36.06 -85.58 -26.51
N MET A 75 -36.06 -86.14 -27.71
CA MET A 75 -36.66 -87.45 -27.93
C MET A 75 -36.50 -87.88 -29.40
N GLY A 76 -36.78 -89.15 -29.63
CA GLY A 76 -36.68 -89.70 -30.98
C GLY A 76 -37.36 -91.06 -31.06
N ALA A 77 -37.21 -91.69 -32.21
CA ALA A 77 -37.80 -93.00 -32.45
C ALA A 77 -37.37 -93.52 -33.82
N GLY A 78 -37.77 -94.75 -34.10
CA GLY A 78 -37.44 -95.38 -35.37
C GLY A 78 -37.90 -96.84 -35.40
N THR A 79 -37.92 -97.40 -36.60
CA THR A 79 -38.34 -98.78 -36.78
C THR A 79 -38.08 -99.23 -38.22
N LEU A 80 -38.11 -100.54 -38.40
CA LEU A 80 -37.87 -101.11 -39.72
C LEU A 80 -38.06 -102.63 -39.65
N SER A 81 -38.62 -103.16 -40.72
CA SER A 81 -38.86 -104.60 -40.79
C SER A 81 -39.43 -104.97 -42.16
N THR A 82 -39.40 -106.26 -42.46
CA THR A 82 -39.91 -106.75 -43.73
C THR A 82 -39.96 -108.28 -43.73
N ASP A 83 -40.70 -108.81 -44.68
CA ASP A 83 -40.84 -110.26 -44.80
C ASP A 83 -41.87 -110.57 -45.90
N LYS A 84 -41.90 -111.85 -46.28
CA LYS A 84 -42.81 -112.29 -47.31
C LYS A 84 -42.69 -113.81 -47.48
N GLY A 85 -43.55 -114.36 -48.32
CA GLY A 85 -43.55 -115.78 -48.58
C GLY A 85 -44.79 -116.20 -49.37
N GLU A 86 -44.70 -117.38 -49.96
CA GLU A 86 -45.80 -117.92 -50.76
C GLU A 86 -45.43 -119.28 -51.32
N SER A 87 -46.46 -120.09 -51.55
CA SER A 87 -46.26 -121.42 -52.10
C SER A 87 -47.61 -122.07 -52.40
N LEU A 88 -47.55 -123.13 -53.19
CA LEU A 88 -48.77 -123.84 -53.57
C LEU A 88 -48.39 -125.07 -54.40
N GLY A 89 -49.35 -125.98 -54.53
CA GLY A 89 -49.13 -127.20 -55.29
C GLY A 89 -50.29 -128.18 -55.09
N ILE A 90 -50.52 -128.98 -56.12
CA ILE A 90 -51.59 -129.96 -56.08
C ILE A 90 -51.50 -130.85 -57.32
N LYS A 91 -51.97 -132.08 -57.15
CA LYS A 91 -51.95 -133.05 -58.24
C LYS A 91 -52.73 -134.30 -57.83
N TYR A 92 -53.06 -135.10 -58.82
CA TYR A 92 -53.82 -136.33 -58.57
C TYR A 92 -53.94 -137.16 -59.85
N GLU A 93 -54.28 -138.42 -59.66
CA GLU A 93 -54.44 -139.33 -60.79
C GLU A 93 -54.87 -140.71 -60.30
N GLU A 94 -55.33 -141.53 -61.24
CA GLU A 94 -55.78 -142.87 -60.92
C GLU A 94 -56.26 -143.58 -62.18
N GLY A 95 -56.48 -144.88 -62.05
CA GLY A 95 -56.94 -145.69 -63.16
C GLY A 95 -56.67 -147.17 -62.91
N GLN A 96 -57.44 -148.01 -63.60
CA GLN A 96 -57.29 -149.44 -63.46
C GLN A 96 -58.25 -150.17 -64.40
N SER A 97 -58.02 -151.47 -64.56
CA SER A 97 -58.86 -152.28 -65.42
C SER A 97 -58.35 -153.72 -65.43
N HIS A 98 -59.20 -154.60 -65.94
CA HIS A 98 -58.86 -156.02 -66.01
C HIS A 98 -59.99 -156.80 -66.68
N ARG A 99 -59.74 -158.07 -66.91
CA ARG A 99 -60.74 -158.93 -67.54
C ARG A 99 -60.17 -160.33 -67.74
N PRO A 100 -60.45 -161.22 -66.74
CA PRO A 100 -59.98 -162.59 -66.80
C PRO A 100 -60.79 -163.41 -67.79
N THR A 101 -60.41 -164.67 -67.93
CA THR A 101 -61.09 -165.57 -68.85
C THR A 101 -60.60 -167.01 -68.66
N ASN A 102 -61.39 -167.94 -69.14
CA ASN A 102 -61.05 -169.35 -69.04
C ASN A 102 -62.15 -170.19 -69.68
N PRO A 103 -61.88 -170.63 -70.94
CA PRO A 103 -62.85 -171.42 -71.67
C PRO A 103 -62.86 -172.87 -71.15
N ASN A 104 -63.77 -173.66 -71.72
CA ASN A 104 -63.89 -175.04 -71.32
C ASN A 104 -64.67 -175.81 -72.40
N ALA A 105 -64.64 -177.13 -72.28
CA ALA A 105 -65.32 -177.99 -73.23
C ALA A 105 -65.18 -179.44 -72.80
N SER A 106 -65.84 -180.32 -73.55
CA SER A 106 -65.80 -181.74 -73.24
C SER A 106 -66.68 -182.51 -74.24
N ARG A 107 -66.55 -183.83 -74.19
CA ARG A 107 -67.32 -184.69 -75.07
C ARG A 107 -66.92 -186.15 -74.88
N MET A 108 -67.73 -187.03 -75.45
CA MET A 108 -67.48 -188.46 -75.34
C MET A 108 -68.53 -189.26 -76.11
N ALA A 109 -68.19 -190.51 -76.37
CA ALA A 109 -69.09 -191.39 -77.10
C ALA A 109 -68.49 -192.80 -77.15
N GLN A 110 -69.33 -193.75 -77.51
CA GLN A 110 -68.91 -195.14 -77.60
C GLN A 110 -70.04 -196.02 -78.12
N LYS A 111 -69.70 -197.26 -78.43
CA LYS A 111 -70.68 -198.20 -78.93
C LYS A 111 -70.02 -199.57 -79.11
N VAL A 112 -70.86 -200.58 -79.28
CA VAL A 112 -70.36 -201.94 -79.48
C VAL A 112 -71.53 -202.85 -79.87
N GLY A 113 -71.20 -203.89 -80.62
CA GLY A 113 -72.21 -204.84 -81.06
C GLY A 113 -71.58 -206.21 -81.32
N GLY A 114 -72.43 -207.14 -81.72
CA GLY A 114 -71.98 -208.50 -82.01
C GLY A 114 -73.13 -209.35 -82.56
N SER A 115 -72.76 -210.29 -83.42
CA SER A 115 -73.74 -211.18 -84.02
C SER A 115 -73.04 -212.42 -84.59
N ASP A 116 -73.79 -213.51 -84.60
CA ASP A 116 -73.26 -214.77 -85.11
C ASP A 116 -74.33 -215.86 -84.97
N GLY A 117 -73.99 -217.04 -85.48
CA GLY A 117 -74.90 -218.16 -85.44
C GLY A 117 -74.60 -219.07 -84.25
N CYS A 118 -75.48 -220.03 -84.02
CA CYS A 118 -75.31 -220.96 -82.93
C CYS A 118 -74.72 -222.25 -83.49
N PRO A 119 -73.42 -222.48 -83.15
CA PRO A 119 -72.72 -223.66 -83.60
C PRO A 119 -73.18 -224.91 -82.84
N ARG A 120 -74.13 -224.70 -81.95
CA ARG A 120 -74.67 -225.78 -81.15
C ARG A 120 -75.93 -226.36 -81.80
N CYS A 121 -76.99 -225.55 -81.79
CA CYS A 121 -78.24 -225.97 -82.38
C CYS A 121 -78.15 -225.77 -83.89
N GLY A 122 -77.44 -224.73 -84.28
CA GLY A 122 -77.28 -224.42 -85.69
C GLY A 122 -78.24 -223.32 -86.13
N GLN A 123 -78.69 -222.54 -85.16
CA GLN A 123 -79.62 -221.45 -85.43
C GLN A 123 -78.91 -220.11 -85.26
N ALA A 124 -79.21 -219.20 -86.20
CA ALA A 124 -78.61 -217.88 -86.17
C ALA A 124 -78.86 -217.24 -84.80
N VAL A 125 -77.92 -216.43 -84.38
CA VAL A 125 -78.02 -215.75 -83.09
C VAL A 125 -77.77 -214.26 -83.28
N TYR A 126 -78.80 -213.47 -83.01
CA TYR A 126 -78.71 -212.02 -83.14
C TYR A 126 -80.01 -211.35 -82.71
N ALA A 127 -79.87 -210.37 -81.85
CA ALA A 127 -81.03 -209.63 -81.35
C ALA A 127 -81.74 -210.47 -80.30
N ALA A 128 -81.37 -210.23 -79.04
CA ALA A 128 -81.97 -210.97 -77.93
C ALA A 128 -81.68 -212.46 -78.09
N GLU A 129 -81.46 -213.10 -76.96
CA GLU A 129 -81.16 -214.52 -76.95
C GLU A 129 -79.85 -214.80 -77.68
N LYS A 130 -78.84 -214.02 -77.32
CA LYS A 130 -77.53 -214.16 -77.94
C LYS A 130 -76.45 -214.10 -76.85
N VAL A 131 -75.71 -215.20 -76.73
CA VAL A 131 -74.66 -215.29 -75.73
C VAL A 131 -73.31 -215.40 -76.44
N ILE A 132 -72.29 -214.81 -75.81
CA ILE A 132 -70.96 -214.85 -76.37
C ILE A 132 -69.99 -215.42 -75.33
N GLY A 133 -69.44 -216.58 -75.66
CA GLY A 133 -68.50 -217.24 -74.78
C GLY A 133 -67.44 -218.01 -75.57
N ALA A 134 -66.27 -218.15 -74.96
CA ALA A 134 -65.17 -218.86 -75.59
C ALA A 134 -64.98 -218.32 -77.01
N GLY A 135 -65.09 -217.01 -77.14
CA GLY A 135 -64.93 -216.36 -78.43
C GLY A 135 -65.87 -216.96 -79.47
N LYS A 136 -67.10 -217.24 -79.02
CA LYS A 136 -68.10 -217.81 -79.90
C LYS A 136 -69.48 -217.32 -79.49
N SER A 137 -70.42 -217.43 -80.42
CA SER A 137 -71.78 -217.00 -80.17
C SER A 137 -72.73 -218.18 -80.23
N TRP A 138 -73.68 -218.20 -79.30
CA TRP A 138 -74.65 -219.28 -79.24
C TRP A 138 -75.83 -218.81 -78.40
N HIS A 139 -76.86 -219.64 -78.37
CA HIS A 139 -78.06 -219.32 -77.60
C HIS A 139 -77.82 -219.63 -76.12
N LYS A 140 -77.89 -218.58 -75.32
CA LYS A 140 -77.68 -218.73 -73.88
C LYS A 140 -78.44 -219.97 -73.39
N SER A 141 -79.50 -220.30 -74.11
CA SER A 141 -80.31 -221.45 -73.75
C SER A 141 -79.50 -222.74 -73.95
N CYS A 142 -79.15 -222.99 -75.20
CA CYS A 142 -78.37 -224.18 -75.53
C CYS A 142 -77.03 -224.10 -74.79
N PHE A 143 -76.42 -222.92 -74.87
CA PHE A 143 -75.15 -222.71 -74.22
C PHE A 143 -75.16 -223.23 -72.79
N ARG A 144 -74.61 -224.42 -72.61
CA ARG A 144 -74.57 -225.05 -71.30
C ARG A 144 -73.27 -225.84 -71.14
N CYS A 145 -72.74 -225.83 -69.92
CA CYS A 145 -71.51 -226.55 -69.63
C CYS A 145 -71.58 -227.90 -70.33
N ALA A 146 -70.51 -228.20 -71.07
CA ALA A 146 -70.43 -229.46 -71.79
C ALA A 146 -69.80 -230.52 -70.88
N LYS A 147 -70.09 -230.41 -69.60
CA LYS A 147 -69.56 -231.34 -68.62
C LYS A 147 -70.68 -231.77 -67.66
N CYS A 148 -71.41 -230.77 -67.19
CA CYS A 148 -72.52 -231.02 -66.27
C CYS A 148 -73.83 -230.74 -67.01
N GLY A 149 -73.71 -230.01 -68.10
CA GLY A 149 -74.87 -229.66 -68.90
C GLY A 149 -75.59 -228.45 -68.32
N LYS A 150 -75.05 -227.93 -67.22
CA LYS A 150 -75.62 -226.77 -66.57
C LYS A 150 -75.54 -225.56 -67.51
N SER A 151 -76.70 -225.00 -67.79
CA SER A 151 -76.77 -223.84 -68.66
C SER A 151 -75.96 -222.69 -68.08
N LEU A 152 -75.34 -221.93 -68.96
CA LEU A 152 -74.53 -220.80 -68.54
C LEU A 152 -75.18 -219.50 -69.03
N GLU A 153 -74.48 -218.40 -68.80
CA GLU A 153 -74.98 -217.10 -69.21
C GLU A 153 -73.82 -216.21 -69.67
N SER A 154 -72.99 -215.84 -68.72
CA SER A 154 -71.84 -214.98 -69.02
C SER A 154 -71.22 -214.48 -67.72
N THR A 155 -70.79 -215.42 -66.89
CA THR A 155 -70.17 -215.09 -65.62
C THR A 155 -69.30 -216.24 -65.13
N THR A 156 -69.93 -217.40 -64.96
CA THR A 156 -69.22 -218.57 -64.51
C THR A 156 -68.99 -219.55 -65.66
N LEU A 157 -68.59 -218.99 -66.80
CA LEU A 157 -68.34 -219.79 -67.99
C LEU A 157 -66.83 -219.97 -68.15
N ALA A 158 -66.45 -221.15 -68.64
CA ALA A 158 -65.05 -221.46 -68.86
C ALA A 158 -64.86 -221.92 -70.31
N ASP A 159 -64.03 -221.17 -71.02
CA ASP A 159 -63.75 -221.49 -72.41
C ASP A 159 -62.43 -222.26 -72.50
N LYS A 160 -62.56 -223.56 -72.73
CA LYS A 160 -61.40 -224.42 -72.84
C LYS A 160 -61.06 -224.64 -74.31
N ASP A 161 -60.20 -223.78 -74.83
CA ASP A 161 -59.79 -223.88 -76.21
C ASP A 161 -61.00 -224.21 -77.09
N GLY A 162 -61.99 -223.34 -77.01
CA GLY A 162 -63.21 -223.53 -77.78
C GLY A 162 -64.32 -224.10 -76.90
N GLU A 163 -64.01 -225.18 -76.21
CA GLU A 163 -64.96 -225.82 -75.33
C GLU A 163 -65.54 -224.82 -74.34
N ILE A 164 -66.68 -225.18 -73.77
CA ILE A 164 -67.35 -224.32 -72.81
C ILE A 164 -67.81 -225.16 -71.61
N TYR A 165 -67.49 -224.66 -70.42
CA TYR A 165 -67.87 -225.35 -69.20
C TYR A 165 -68.22 -224.35 -68.09
N CYS A 166 -68.48 -224.89 -66.91
CA CYS A 166 -68.83 -224.06 -65.77
C CYS A 166 -67.57 -223.87 -64.91
N LYS A 167 -67.51 -222.72 -64.26
CA LYS A 167 -66.38 -222.41 -63.40
C LYS A 167 -66.07 -223.61 -62.51
N GLY A 168 -67.13 -224.21 -61.98
CA GLY A 168 -66.99 -225.37 -61.12
C GLY A 168 -66.24 -226.50 -61.82
N CYS A 169 -66.39 -226.53 -63.13
CA CYS A 169 -65.74 -227.54 -63.94
C CYS A 169 -64.32 -227.09 -64.22
N TYR A 170 -64.19 -225.84 -64.64
CA TYR A 170 -62.90 -225.27 -64.95
C TYR A 170 -61.96 -225.34 -63.74
N ALA A 171 -62.56 -225.27 -62.56
CA ALA A 171 -61.80 -225.33 -61.33
C ALA A 171 -61.62 -226.80 -60.91
N LYS A 172 -62.74 -227.43 -60.62
CA LYS A 172 -62.71 -228.83 -60.21
C LYS A 172 -61.85 -229.63 -61.19
N ASN A 173 -62.33 -229.70 -62.42
CA ASN A 173 -61.62 -230.43 -63.46
C ASN A 173 -60.12 -230.20 -63.29
N PHE A 174 -59.78 -228.99 -62.86
CA PHE A 174 -58.39 -228.63 -62.65
C PHE A 174 -58.12 -228.25 -61.19
N GLY A 175 -58.42 -229.19 -60.30
CA GLY A 175 -58.21 -228.96 -58.88
C GLY A 175 -57.79 -230.24 -58.17
N PRO A 176 -58.04 -230.27 -56.84
CA PRO A 176 -57.69 -231.43 -56.04
C PRO A 176 -58.66 -232.58 -56.29
N LYS A 177 -58.21 -233.54 -57.10
CA LYS A 177 -59.02 -234.70 -57.42
C LYS A 177 -58.20 -235.66 -58.26
N GLY A 178 -58.69 -236.90 -58.35
CA GLY A 178 -58.01 -237.92 -59.12
C GLY A 178 -58.61 -238.05 -60.52
N PHE A 179 -58.84 -239.29 -60.93
CA PHE A 179 -59.40 -239.55 -62.23
C PHE A 179 -60.15 -240.90 -62.25
N GLY A 180 -60.92 -241.10 -63.31
CA GLY A 180 -61.68 -242.32 -63.46
C GLY A 180 -62.14 -242.51 -64.90
N PHE A 181 -63.15 -243.36 -65.06
CA PHE A 181 -63.70 -243.63 -66.38
C PHE A 181 -64.96 -244.48 -66.28
N GLY A 182 -65.99 -244.04 -67.00
CA GLY A 182 -67.26 -244.75 -67.01
C GLY A 182 -67.82 -244.83 -68.43
N GLN A 183 -68.41 -245.99 -68.72
CA GLN A 183 -68.99 -246.22 -70.04
C GLN A 183 -70.20 -247.15 -69.92
N GLY A 184 -70.97 -247.21 -71.00
CA GLY A 184 -72.14 -248.05 -71.04
C GLY A 184 -72.61 -248.28 -72.47
N ALA A 185 -73.82 -248.83 -72.59
CA ALA A 185 -74.39 -249.11 -73.90
C ALA A 185 -73.49 -250.09 -74.64
N GLY A 186 -73.91 -251.35 -74.64
CA GLY A 186 -73.16 -252.39 -75.31
C GLY A 186 -73.94 -253.71 -75.32
N ALA A 187 -73.23 -254.77 -75.66
CA ALA A 187 -73.84 -256.10 -75.72
C ALA A 187 -74.00 -256.64 -74.30
N LEU A 188 -74.88 -257.61 -74.18
CA LEU A 188 -75.14 -258.23 -72.88
C LEU A 188 -74.86 -259.73 -72.97
N ILE A 189 -73.60 -260.07 -73.25
CA ILE A 189 -73.20 -261.45 -73.37
C ILE A 189 -74.20 -262.20 -74.26
N HIS A 190 -73.91 -262.21 -75.54
CA HIS A 190 -74.77 -262.89 -76.51
C HIS A 190 -74.33 -264.35 -76.66
N SER A 191 -74.41 -265.07 -75.56
CA SER A 191 -74.02 -266.47 -75.57
C SER A 191 -72.50 -266.60 -75.59
N GLN A 192 -71.91 -266.02 -76.64
CA GLN A 192 -70.47 -266.06 -76.79
C GLN A 192 -69.92 -267.43 -76.36
ZN ZN B . -33.45 -45.35 7.28
ZN ZN C . -31.60 -62.60 2.56
ZN ZN D . -78.42 -222.60 -79.80
ZN ZN E . -69.79 -228.03 -65.53
N MET A 1 -17.21 -20.64 13.46
CA MET A 1 -17.43 -19.45 14.28
C MET A 1 -18.87 -19.38 14.77
N PRO A 2 -19.04 -18.80 15.98
CA PRO A 2 -20.37 -18.65 16.58
C PRO A 2 -21.16 -17.55 15.89
N ASN A 3 -22.38 -17.36 16.37
CA ASN A 3 -23.25 -16.33 15.81
C ASN A 3 -24.45 -16.12 16.74
N TRP A 4 -25.18 -15.05 16.50
CA TRP A 4 -26.34 -14.73 17.29
C TRP A 4 -27.10 -13.61 16.59
N GLY A 5 -28.36 -13.45 16.99
CA GLY A 5 -29.21 -12.42 16.40
C GLY A 5 -30.13 -11.81 17.46
N GLY A 6 -31.29 -11.39 17.01
CA GLY A 6 -32.28 -10.78 17.90
C GLY A 6 -33.70 -11.02 17.39
N GLY A 7 -34.60 -10.16 17.84
CA GLY A 7 -36.00 -10.26 17.44
C GLY A 7 -36.73 -8.95 17.69
N LYS A 8 -38.05 -9.06 17.80
CA LYS A 8 -38.88 -7.89 18.05
C LYS A 8 -39.52 -8.01 19.44
N LYS A 9 -40.34 -7.02 19.76
CA LYS A 9 -41.01 -6.99 21.05
C LYS A 9 -42.49 -6.63 20.85
N CYS A 10 -43.35 -7.55 21.24
CA CYS A 10 -44.78 -7.34 21.10
C CYS A 10 -45.22 -6.34 22.17
N GLY A 11 -45.53 -5.14 21.72
CA GLY A 11 -45.97 -4.09 22.62
C GLY A 11 -47.45 -4.28 23.01
N VAL A 12 -48.01 -5.37 22.55
CA VAL A 12 -49.40 -5.67 22.83
C VAL A 12 -49.48 -6.62 24.03
N CYS A 13 -49.00 -7.84 23.82
CA CYS A 13 -49.01 -8.85 24.87
C CYS A 13 -47.83 -8.55 25.81
N GLN A 14 -46.81 -7.90 25.26
CA GLN A 14 -45.64 -7.56 26.04
C GLN A 14 -44.64 -8.73 26.03
N LYS A 15 -44.71 -9.51 24.96
CA LYS A 15 -43.83 -10.65 24.83
C LYS A 15 -42.97 -10.48 23.57
N ALA A 16 -41.73 -10.96 23.66
CA ALA A 16 -40.82 -10.86 22.54
C ALA A 16 -41.40 -11.58 21.34
N VAL A 17 -40.94 -11.17 20.16
CA VAL A 17 -41.42 -11.77 18.92
C VAL A 17 -40.22 -12.24 18.10
N TYR A 18 -40.49 -13.17 17.19
CA TYR A 18 -39.44 -13.71 16.34
C TYR A 18 -39.89 -13.74 14.87
N PHE A 19 -39.03 -13.24 14.01
CA PHE A 19 -39.33 -13.20 12.58
C PHE A 19 -39.89 -14.54 12.11
N ALA A 20 -41.21 -14.57 11.96
CA ALA A 20 -41.88 -15.78 11.52
C ALA A 20 -43.37 -15.50 11.34
N GLU A 21 -43.96 -14.92 12.38
CA GLU A 21 -45.37 -14.60 12.36
C GLU A 21 -45.63 -13.29 13.13
N GLU A 22 -44.85 -12.28 12.78
CA GLU A 22 -44.97 -10.98 13.42
C GLU A 22 -45.66 -9.99 12.49
N VAL A 23 -46.40 -9.07 13.08
CA VAL A 23 -47.12 -8.07 12.32
C VAL A 23 -46.71 -6.67 12.81
N GLN A 24 -46.13 -5.91 11.90
CA GLN A 24 -45.68 -4.56 12.22
C GLN A 24 -46.60 -3.53 11.56
N CYS A 25 -46.95 -2.51 12.34
CA CYS A 25 -47.82 -1.46 11.85
C CYS A 25 -47.35 -0.13 12.44
N GLU A 26 -47.47 0.92 11.64
CA GLU A 26 -47.07 2.24 12.07
C GLU A 26 -47.44 2.46 13.54
N GLY A 27 -46.41 2.64 14.36
CA GLY A 27 -46.61 2.86 15.78
C GLY A 27 -45.95 1.75 16.60
N SER A 28 -46.31 0.52 16.27
CA SER A 28 -45.76 -0.64 16.96
C SER A 28 -46.08 -1.92 16.19
N SER A 29 -45.51 -3.02 16.66
CA SER A 29 -45.73 -4.31 16.03
C SER A 29 -46.24 -5.32 17.05
N PHE A 30 -47.25 -6.07 16.64
CA PHE A 30 -47.83 -7.08 17.50
C PHE A 30 -47.88 -8.44 16.81
N HIS A 31 -48.07 -9.47 17.63
CA HIS A 31 -48.12 -10.83 17.11
C HIS A 31 -49.29 -10.96 16.13
N LYS A 32 -49.07 -11.75 15.10
CA LYS A 32 -50.10 -11.95 14.08
C LYS A 32 -51.46 -12.15 14.77
N SER A 33 -51.50 -13.11 15.67
CA SER A 33 -52.72 -13.40 16.39
C SER A 33 -53.12 -12.19 17.25
N CYS A 34 -52.11 -11.53 17.79
CA CYS A 34 -52.33 -10.36 18.62
C CYS A 34 -53.03 -9.30 17.77
N PHE A 35 -52.50 -9.10 16.57
CA PHE A 35 -53.06 -8.12 15.67
C PHE A 35 -54.48 -8.50 15.25
N LEU A 36 -55.43 -8.17 16.12
CA LEU A 36 -56.82 -8.47 15.86
C LEU A 36 -57.68 -7.25 16.20
N CYS A 37 -58.67 -7.00 15.35
CA CYS A 37 -59.55 -5.88 15.54
C CYS A 37 -60.09 -5.93 16.98
N MET A 38 -59.70 -4.94 17.76
CA MET A 38 -60.13 -4.86 19.15
C MET A 38 -61.55 -4.32 19.25
N VAL A 39 -62.20 -4.22 18.10
CA VAL A 39 -63.57 -3.72 18.04
C VAL A 39 -64.52 -4.89 17.78
N CYS A 40 -64.44 -5.41 16.57
CA CYS A 40 -65.30 -6.53 16.18
C CYS A 40 -64.72 -7.81 16.79
N LYS A 41 -63.41 -7.79 17.00
CA LYS A 41 -62.74 -8.94 17.57
C LYS A 41 -62.33 -9.90 16.46
N LYS A 42 -62.16 -9.34 15.27
CA LYS A 42 -61.78 -10.13 14.11
C LYS A 42 -60.30 -9.92 13.83
N ASN A 43 -59.57 -11.04 13.77
CA ASN A 43 -58.15 -11.00 13.51
C ASN A 43 -57.90 -10.33 12.15
N LEU A 44 -56.76 -9.66 12.06
CA LEU A 44 -56.40 -8.97 10.83
C LEU A 44 -54.98 -9.40 10.42
N ASP A 45 -54.66 -9.11 9.17
CA ASP A 45 -53.35 -9.45 8.64
C ASP A 45 -52.60 -8.17 8.27
N SER A 46 -52.94 -7.64 7.10
CA SER A 46 -52.32 -6.42 6.61
C SER A 46 -52.82 -6.10 5.20
N THR A 47 -53.83 -5.26 5.13
CA THR A 47 -54.41 -4.87 3.87
C THR A 47 -55.13 -3.53 3.99
N THR A 48 -56.06 -3.49 4.93
CA THR A 48 -56.83 -2.28 5.17
C THR A 48 -57.10 -2.10 6.67
N VAL A 49 -56.06 -2.27 7.45
CA VAL A 49 -56.17 -2.13 8.90
C VAL A 49 -55.66 -0.75 9.32
N ALA A 50 -56.23 -0.24 10.40
CA ALA A 50 -55.83 1.06 10.91
C ALA A 50 -55.41 0.91 12.38
N VAL A 51 -54.74 1.95 12.87
CA VAL A 51 -54.26 1.95 14.24
C VAL A 51 -54.88 3.14 14.98
N HIS A 52 -54.91 3.02 16.30
CA HIS A 52 -55.45 4.08 17.13
C HIS A 52 -54.80 4.04 18.52
N GLY A 53 -53.99 5.04 18.79
CA GLY A 53 -53.30 5.15 20.06
C GLY A 53 -52.57 3.84 20.38
N ASP A 54 -53.22 3.03 21.21
CA ASP A 54 -52.64 1.75 21.60
C ASP A 54 -53.64 0.63 21.32
N GLU A 55 -54.23 0.69 20.13
CA GLU A 55 -55.20 -0.31 19.73
C GLU A 55 -55.20 -0.48 18.21
N ILE A 56 -55.84 -1.55 17.76
CA ILE A 56 -55.93 -1.83 16.34
C ILE A 56 -57.39 -2.01 15.94
N TYR A 57 -57.72 -1.43 14.79
CA TYR A 57 -59.08 -1.53 14.28
C TYR A 57 -59.10 -1.66 12.75
N CYS A 58 -60.02 -2.48 12.28
CA CYS A 58 -60.14 -2.71 10.85
C CYS A 58 -60.77 -1.47 10.22
N LYS A 59 -60.22 -1.08 9.07
CA LYS A 59 -60.72 0.08 8.36
C LYS A 59 -62.25 0.10 8.44
N SER A 60 -62.85 -0.93 7.86
CA SER A 60 -64.29 -1.05 7.84
C SER A 60 -64.87 -0.45 9.13
N CYS A 61 -64.35 -0.92 10.25
CA CYS A 61 -64.80 -0.46 11.55
C CYS A 61 -64.60 1.06 11.61
N TYR A 62 -63.35 1.47 11.41
CA TYR A 62 -63.02 2.88 11.43
C TYR A 62 -64.05 3.71 10.66
N GLY A 63 -64.25 3.32 9.41
CA GLY A 63 -65.20 4.00 8.55
C GLY A 63 -66.64 3.82 9.06
N LYS A 64 -66.82 2.76 9.84
CA LYS A 64 -68.13 2.46 10.39
C LYS A 64 -68.42 3.41 11.56
N LYS A 65 -67.36 3.73 12.29
CA LYS A 65 -67.48 4.63 13.43
C LYS A 65 -67.69 6.06 12.93
N TYR A 66 -66.70 6.54 12.19
CA TYR A 66 -66.77 7.88 11.64
C TYR A 66 -67.91 8.02 10.64
N GLY A 67 -67.97 7.06 9.73
CA GLY A 67 -69.00 7.06 8.70
C GLY A 67 -70.34 7.55 9.27
N PRO A 68 -70.62 8.86 9.04
CA PRO A 68 -71.86 9.46 9.52
C PRO A 68 -73.05 9.00 8.68
N LYS A 69 -74.22 9.50 9.06
CA LYS A 69 -75.44 9.16 8.36
C LYS A 69 -76.29 10.42 8.16
N GLY A 70 -77.40 10.26 7.46
CA GLY A 70 -78.29 11.37 7.21
C GLY A 70 -79.74 10.89 7.12
N LYS A 71 -80.60 11.77 6.63
CA LYS A 71 -82.01 11.45 6.49
C LYS A 71 -82.71 12.59 5.76
N GLY A 72 -84.00 12.39 5.50
CA GLY A 72 -84.79 13.38 4.81
C GLY A 72 -86.28 13.03 4.83
N LYS A 73 -87.08 13.90 4.26
CA LYS A 73 -88.52 13.69 4.22
C LYS A 73 -89.17 14.80 3.40
N GLY A 74 -90.48 14.67 3.22
CA GLY A 74 -91.23 15.66 2.47
C GLY A 74 -92.55 15.08 1.96
N MET A 75 -93.50 15.97 1.72
CA MET A 75 -94.81 15.56 1.24
C MET A 75 -95.72 16.77 1.03
N GLY A 76 -96.87 16.51 0.41
CA GLY A 76 -97.83 17.57 0.13
C GLY A 76 -98.81 17.14 -0.96
N ALA A 77 -99.90 17.87 -1.04
CA ALA A 77 -100.93 17.58 -2.04
C ALA A 77 -102.04 18.63 -1.94
N GLY A 78 -102.98 18.53 -2.86
CA GLY A 78 -104.10 19.46 -2.89
C GLY A 78 -105.15 19.03 -3.92
N THR A 79 -106.36 19.53 -3.73
CA THR A 79 -107.46 19.20 -4.62
C THR A 79 -108.21 20.47 -5.03
N LEU A 80 -109.20 20.28 -5.89
CA LEU A 80 -110.00 21.39 -6.37
C LEU A 80 -111.31 20.86 -6.96
N SER A 81 -112.16 21.78 -7.36
CA SER A 81 -113.45 21.43 -7.93
C SER A 81 -114.10 22.66 -8.57
N THR A 82 -115.16 22.40 -9.32
CA THR A 82 -115.88 23.48 -9.98
C THR A 82 -117.17 22.94 -10.61
N ASP A 83 -118.05 23.87 -10.96
CA ASP A 83 -119.31 23.51 -11.58
C ASP A 83 -120.02 24.78 -12.06
N LYS A 84 -121.03 24.58 -12.89
CA LYS A 84 -121.80 25.68 -13.44
C LYS A 84 -122.95 25.14 -14.28
N GLY A 85 -123.78 26.06 -14.74
CA GLY A 85 -124.92 25.69 -15.57
C GLY A 85 -125.67 26.92 -16.06
N GLU A 86 -126.70 26.68 -16.86
CA GLU A 86 -127.50 27.76 -17.39
C GLU A 86 -128.66 27.20 -18.24
N SER A 87 -129.57 28.09 -18.60
CA SER A 87 -130.71 27.70 -19.40
C SER A 87 -131.58 28.92 -19.71
N LEU A 88 -132.26 28.85 -20.84
CA LEU A 88 -133.13 29.95 -21.26
C LEU A 88 -133.90 29.53 -22.51
N GLY A 89 -134.89 30.34 -22.86
CA GLY A 89 -135.71 30.06 -24.03
C GLY A 89 -136.98 30.91 -24.02
N ILE A 90 -137.44 31.24 -25.21
CA ILE A 90 -138.64 32.05 -25.36
C ILE A 90 -139.55 31.42 -26.43
N LYS A 91 -140.72 32.02 -26.59
CA LYS A 91 -141.67 31.54 -27.57
C LYS A 91 -142.90 32.46 -27.58
N TYR A 92 -143.67 32.35 -28.65
CA TYR A 92 -144.86 33.16 -28.80
C TYR A 92 -145.67 32.74 -30.03
N GLU A 93 -146.90 33.24 -30.09
CA GLU A 93 -147.78 32.91 -31.20
C GLU A 93 -149.12 33.62 -31.04
N GLU A 94 -149.80 33.82 -32.16
CA GLU A 94 -151.08 34.48 -32.16
C GLU A 94 -151.66 34.53 -33.58
N GLY A 95 -152.95 34.84 -33.65
CA GLY A 95 -153.63 34.92 -34.92
C GLY A 95 -155.15 35.01 -34.74
N GLN A 96 -155.81 35.55 -35.74
CA GLN A 96 -157.25 35.69 -35.70
C GLN A 96 -157.77 36.33 -37.01
N SER A 97 -159.08 36.28 -37.17
CA SER A 97 -159.70 36.84 -38.36
C SER A 97 -161.22 36.66 -38.28
N HIS A 98 -161.91 37.30 -39.22
CA HIS A 98 -163.35 37.22 -39.27
C HIS A 98 -163.85 37.83 -40.59
N ARG A 99 -165.15 37.70 -40.80
CA ARG A 99 -165.77 38.22 -42.02
C ARG A 99 -167.29 38.13 -41.92
N PRO A 100 -167.91 39.26 -41.48
CA PRO A 100 -169.35 39.32 -41.34
C PRO A 100 -170.04 39.43 -42.70
N THR A 101 -171.35 39.49 -42.67
CA THR A 101 -172.13 39.60 -43.90
C THR A 101 -173.60 39.88 -43.57
N ASN A 102 -174.30 40.41 -44.57
CA ASN A 102 -175.71 40.73 -44.40
C ASN A 102 -176.31 41.08 -45.76
N PRO A 103 -177.48 40.44 -46.05
CA PRO A 103 -178.17 40.68 -47.30
C PRO A 103 -178.86 42.04 -47.31
N ASN A 104 -179.51 42.33 -48.43
CA ASN A 104 -180.22 43.59 -48.58
C ASN A 104 -181.36 43.42 -49.58
N ALA A 105 -182.24 44.41 -49.59
CA ALA A 105 -183.38 44.39 -50.51
C ALA A 105 -184.00 45.78 -50.58
N SER A 106 -184.97 45.92 -51.47
CA SER A 106 -185.65 47.19 -51.64
C SER A 106 -186.75 47.04 -52.69
N ARG A 107 -187.57 48.08 -52.79
CA ARG A 107 -188.67 48.09 -53.75
C ARG A 107 -189.47 49.39 -53.63
N MET A 108 -190.28 49.63 -54.64
CA MET A 108 -191.11 50.83 -54.66
C MET A 108 -191.97 50.89 -55.92
N ALA A 109 -192.92 51.80 -55.91
CA ALA A 109 -193.81 51.97 -57.06
C ALA A 109 -194.75 53.15 -56.80
N GLN A 110 -195.51 53.49 -57.82
CA GLN A 110 -196.45 54.60 -57.71
C GLN A 110 -197.27 54.73 -59.01
N LYS A 111 -198.29 55.56 -58.95
CA LYS A 111 -199.15 55.79 -60.09
C LYS A 111 -200.19 56.86 -59.75
N VAL A 112 -200.68 57.51 -60.80
CA VAL A 112 -201.66 58.56 -60.63
C VAL A 112 -202.29 58.90 -61.98
N GLY A 113 -203.37 59.65 -61.93
CA GLY A 113 -204.07 60.05 -63.15
C GLY A 113 -205.26 60.96 -62.82
N GLY A 114 -205.85 61.51 -63.87
CA GLY A 114 -207.00 62.39 -63.72
C GLY A 114 -207.43 62.96 -65.07
N SER A 115 -208.73 62.84 -65.34
CA SER A 115 -209.28 63.33 -66.58
C SER A 115 -210.77 63.01 -66.65
N ASP A 116 -211.46 63.72 -67.54
CA ASP A 116 -212.89 63.53 -67.71
C ASP A 116 -213.33 64.17 -69.02
N GLY A 117 -214.60 64.56 -69.06
CA GLY A 117 -215.15 65.19 -70.24
C GLY A 117 -215.95 66.45 -69.87
N CYS A 118 -216.36 67.17 -70.90
CA CYS A 118 -217.13 68.40 -70.69
C CYS A 118 -218.61 68.09 -70.94
N PRO A 119 -219.38 68.05 -69.82
CA PRO A 119 -220.80 67.77 -69.92
C PRO A 119 -221.57 68.98 -70.46
N ARG A 120 -220.82 70.03 -70.76
CA ARG A 120 -221.41 71.26 -71.28
C ARG A 120 -221.37 71.25 -72.80
N CYS A 121 -220.17 71.39 -73.34
CA CYS A 121 -219.99 71.40 -74.78
C CYS A 121 -220.07 69.96 -75.29
N GLY A 122 -219.67 69.03 -74.42
CA GLY A 122 -219.70 67.63 -74.77
C GLY A 122 -218.35 67.18 -75.34
N GLN A 123 -217.31 67.94 -75.00
CA GLN A 123 -215.98 67.63 -75.47
C GLN A 123 -215.10 67.15 -74.31
N ALA A 124 -214.35 66.08 -74.58
CA ALA A 124 -213.48 65.52 -73.58
C ALA A 124 -212.63 66.63 -72.95
N VAL A 125 -212.23 66.40 -71.71
CA VAL A 125 -211.42 67.37 -70.99
C VAL A 125 -210.25 66.65 -70.33
N TYR A 126 -209.05 67.12 -70.64
CA TYR A 126 -207.84 66.53 -70.09
C TYR A 126 -206.63 67.44 -70.34
N ALA A 127 -206.44 67.77 -71.61
CA ALA A 127 -205.32 68.62 -71.99
C ALA A 127 -205.85 69.98 -72.43
N ALA A 128 -205.42 71.01 -71.73
CA ALA A 128 -205.84 72.37 -72.03
C ALA A 128 -207.36 72.48 -71.84
N GLU A 129 -207.76 73.53 -71.15
CA GLU A 129 -209.17 73.76 -70.89
C GLU A 129 -209.73 72.67 -69.97
N LYS A 130 -209.08 72.52 -68.82
CA LYS A 130 -209.51 71.53 -67.85
C LYS A 130 -209.81 72.22 -66.53
N VAL A 131 -211.09 72.19 -66.17
CA VAL A 131 -211.52 72.81 -64.93
C VAL A 131 -212.45 71.85 -64.18
N ILE A 132 -212.39 71.93 -62.85
CA ILE A 132 -213.21 71.07 -62.01
C ILE A 132 -213.98 71.93 -61.00
N GLY A 133 -215.29 71.92 -61.15
CA GLY A 133 -216.15 72.70 -60.27
C GLY A 133 -217.46 71.95 -59.99
N ALA A 134 -218.00 72.20 -58.80
CA ALA A 134 -219.25 71.57 -58.41
C ALA A 134 -219.16 70.06 -58.66
N GLY A 135 -218.06 69.48 -58.20
CA GLY A 135 -217.83 68.05 -58.36
C GLY A 135 -218.06 67.63 -59.82
N LYS A 136 -217.68 68.51 -60.72
CA LYS A 136 -217.83 68.25 -62.14
C LYS A 136 -216.61 68.77 -62.89
N SER A 137 -216.46 68.30 -64.13
CA SER A 137 -215.34 68.71 -64.96
C SER A 137 -215.87 69.31 -66.27
N TRP A 138 -215.21 70.37 -66.69
CA TRP A 138 -215.59 71.03 -67.93
C TRP A 138 -214.44 71.94 -68.36
N HIS A 139 -214.59 72.54 -69.53
CA HIS A 139 -213.58 73.43 -70.06
C HIS A 139 -213.67 74.79 -69.37
N LYS A 140 -212.58 75.17 -68.74
CA LYS A 140 -212.52 76.45 -68.04
C LYS A 140 -213.08 77.55 -68.96
N SER A 141 -213.01 77.29 -70.24
CA SER A 141 -213.50 78.25 -71.23
C SER A 141 -215.03 78.30 -71.19
N CYS A 142 -215.64 77.16 -71.51
CA CYS A 142 -217.09 77.07 -71.51
C CYS A 142 -217.59 77.32 -70.10
N PHE A 143 -216.93 76.69 -69.14
CA PHE A 143 -217.30 76.84 -67.75
C PHE A 143 -217.53 78.31 -67.39
N ARG A 144 -218.80 78.69 -67.38
CA ARG A 144 -219.17 80.06 -67.07
C ARG A 144 -220.44 80.09 -66.22
N CYS A 145 -220.59 81.17 -65.47
CA CYS A 145 -221.75 81.33 -64.61
C CYS A 145 -223.01 81.11 -65.45
N ALA A 146 -223.86 80.22 -64.97
CA ALA A 146 -225.09 79.90 -65.65
C ALA A 146 -226.19 80.88 -65.21
N LYS A 147 -225.77 82.11 -64.95
CA LYS A 147 -226.71 83.13 -64.52
C LYS A 147 -226.43 84.43 -65.27
N CYS A 148 -225.14 84.78 -65.32
CA CYS A 148 -224.72 85.98 -66.01
C CYS A 148 -223.96 85.58 -67.28
N GLY A 149 -223.48 84.35 -67.27
CA GLY A 149 -222.73 83.83 -68.41
C GLY A 149 -221.27 84.30 -68.36
N LYS A 150 -220.84 84.69 -67.17
CA LYS A 150 -219.48 85.16 -66.99
C LYS A 150 -218.57 83.96 -66.75
N SER A 151 -217.62 83.79 -67.67
CA SER A 151 -216.68 82.68 -67.57
C SER A 151 -215.97 82.72 -66.22
N LEU A 152 -215.78 81.53 -65.66
CA LEU A 152 -215.11 81.41 -64.37
C LEU A 152 -213.72 80.81 -64.57
N GLU A 153 -213.06 80.53 -63.45
CA GLU A 153 -211.73 79.94 -63.50
C GLU A 153 -211.61 78.84 -62.45
N SER A 154 -212.00 79.17 -61.23
CA SER A 154 -211.94 78.21 -60.14
C SER A 154 -212.44 78.86 -58.84
N THR A 155 -211.77 79.92 -58.45
CA THR A 155 -212.13 80.64 -57.25
C THR A 155 -213.24 81.65 -57.54
N THR A 156 -213.92 82.06 -56.48
CA THR A 156 -215.01 83.02 -56.61
C THR A 156 -216.13 82.44 -57.48
N LEU A 157 -216.20 81.13 -57.50
CA LEU A 157 -217.22 80.44 -58.29
C LEU A 157 -218.14 79.66 -57.35
N ALA A 158 -219.44 79.82 -57.59
CA ALA A 158 -220.43 79.13 -56.77
C ALA A 158 -220.83 77.83 -57.46
N ASP A 159 -221.06 76.81 -56.64
CA ASP A 159 -221.45 75.51 -57.15
C ASP A 159 -222.68 75.02 -56.38
N LYS A 160 -223.84 75.21 -57.00
CA LYS A 160 -225.08 74.79 -56.39
C LYS A 160 -225.34 73.32 -56.71
N ASP A 161 -224.64 72.46 -55.97
CA ASP A 161 -224.78 71.02 -56.17
C ASP A 161 -224.23 70.64 -57.55
N GLY A 162 -225.02 70.92 -58.56
CA GLY A 162 -224.63 70.62 -59.93
C GLY A 162 -224.49 71.89 -60.76
N GLU A 163 -225.24 72.90 -60.35
CA GLU A 163 -225.22 74.18 -61.05
C GLU A 163 -223.96 74.96 -60.67
N ILE A 164 -223.58 75.88 -61.54
CA ILE A 164 -222.40 76.70 -61.31
C ILE A 164 -222.74 78.16 -61.62
N TYR A 165 -222.22 79.04 -60.76
CA TYR A 165 -222.45 80.47 -60.91
C TYR A 165 -221.27 81.28 -60.40
N CYS A 166 -221.45 82.59 -60.40
CA CYS A 166 -220.41 83.49 -59.94
C CYS A 166 -220.75 83.92 -58.51
N LYS A 167 -219.71 84.06 -57.70
CA LYS A 167 -219.88 84.47 -56.32
C LYS A 167 -220.84 85.66 -56.26
N GLY A 168 -220.65 86.56 -57.22
CA GLY A 168 -221.49 87.76 -57.29
C GLY A 168 -222.98 87.38 -57.37
N CYS A 169 -223.23 86.24 -57.98
CA CYS A 169 -224.60 85.75 -58.13
C CYS A 169 -224.99 85.03 -56.84
N TYR A 170 -224.11 84.13 -56.41
CA TYR A 170 -224.36 83.36 -55.21
C TYR A 170 -224.64 84.29 -54.02
N ALA A 171 -224.02 85.46 -54.07
CA ALA A 171 -224.19 86.43 -53.00
C ALA A 171 -225.40 87.31 -53.32
N LYS A 172 -225.31 88.04 -54.42
CA LYS A 172 -226.39 88.93 -54.83
C LYS A 172 -227.71 88.15 -54.79
N ASN A 173 -227.83 87.20 -55.69
CA ASN A 173 -229.04 86.39 -55.77
C ASN A 173 -229.51 86.07 -54.36
N PHE A 174 -228.55 85.97 -53.45
CA PHE A 174 -228.86 85.67 -52.06
C PHE A 174 -228.50 86.85 -51.15
N GLY A 175 -229.06 88.00 -51.49
CA GLY A 175 -228.81 89.21 -50.71
C GLY A 175 -229.99 89.50 -49.78
N PRO A 176 -230.24 90.82 -49.59
CA PRO A 176 -231.33 91.26 -48.73
C PRO A 176 -232.68 91.07 -49.42
N LYS A 177 -233.28 89.92 -49.15
CA LYS A 177 -234.58 89.59 -49.74
C LYS A 177 -235.49 89.02 -48.65
N GLY A 178 -236.79 89.13 -48.90
CA GLY A 178 -237.77 88.63 -47.96
C GLY A 178 -239.20 88.95 -48.43
N PHE A 179 -240.14 88.85 -47.51
CA PHE A 179 -241.53 89.12 -47.82
C PHE A 179 -242.02 90.38 -47.11
N GLY A 180 -242.69 91.23 -47.89
CA GLY A 180 -243.21 92.47 -47.35
C GLY A 180 -244.48 92.22 -46.53
N PHE A 181 -245.23 93.30 -46.34
CA PHE A 181 -246.47 93.22 -45.58
C PHE A 181 -247.60 93.98 -46.28
N GLY A 182 -247.30 95.24 -46.57
CA GLY A 182 -248.27 96.09 -47.24
C GLY A 182 -248.81 97.16 -46.28
N GLN A 183 -247.92 98.05 -45.88
CA GLN A 183 -248.29 99.12 -44.96
C GLN A 183 -248.35 100.45 -45.71
N GLY A 184 -247.22 100.82 -46.28
CA GLY A 184 -247.13 102.07 -47.03
C GLY A 184 -247.05 101.80 -48.53
N ALA A 185 -247.47 102.80 -49.31
CA ALA A 185 -247.45 102.69 -50.75
C ALA A 185 -247.15 104.06 -51.35
N GLY A 186 -245.87 104.42 -51.32
CA GLY A 186 -245.45 105.70 -51.86
C GLY A 186 -243.92 105.78 -51.91
N ALA A 187 -243.36 105.06 -52.88
CA ALA A 187 -241.91 105.05 -53.05
C ALA A 187 -241.48 106.34 -53.77
N LEU A 188 -241.98 106.50 -54.98
CA LEU A 188 -241.65 107.68 -55.77
C LEU A 188 -242.85 108.03 -56.66
N ILE A 189 -243.26 109.29 -56.57
CA ILE A 189 -244.38 109.76 -57.37
C ILE A 189 -243.85 110.63 -58.51
N HIS A 190 -244.65 110.70 -59.57
CA HIS A 190 -244.28 111.50 -60.74
C HIS A 190 -245.19 112.72 -60.83
N SER A 191 -244.58 113.84 -61.17
CA SER A 191 -245.33 115.08 -61.30
C SER A 191 -245.86 115.53 -59.94
N GLN A 192 -245.25 116.60 -59.42
CA GLN A 192 -245.64 117.13 -58.13
C GLN A 192 -245.92 115.99 -57.15
ZN ZN B . -48.34 -10.41 21.06
ZN ZN C . -63.31 -4.48 13.07
ZN ZN D . -216.56 72.67 -72.55
ZN ZN E . -223.31 85.12 -62.32
N MET A 1 -17.21 -20.64 13.46
CA MET A 1 -17.43 -19.45 14.28
C MET A 1 -18.81 -18.84 13.99
N PRO A 2 -19.06 -18.62 12.68
CA PRO A 2 -20.33 -18.03 12.26
C PRO A 2 -21.47 -19.06 12.35
N ASN A 3 -22.65 -18.60 12.00
CA ASN A 3 -23.82 -19.47 12.04
C ASN A 3 -24.72 -19.16 10.83
N TRP A 4 -25.68 -20.04 10.60
CA TRP A 4 -26.60 -19.88 9.50
C TRP A 4 -27.83 -20.75 9.77
N GLY A 5 -28.91 -20.44 9.06
CA GLY A 5 -30.15 -21.18 9.22
C GLY A 5 -31.03 -21.03 7.99
N GLY A 6 -32.28 -21.46 8.14
CA GLY A 6 -33.24 -21.39 7.05
C GLY A 6 -34.64 -21.78 7.52
N GLY A 7 -35.55 -21.90 6.56
CA GLY A 7 -36.92 -22.26 6.86
C GLY A 7 -37.77 -22.26 5.59
N LYS A 8 -39.08 -22.27 5.80
CA LYS A 8 -40.02 -22.26 4.69
C LYS A 8 -40.60 -20.86 4.52
N LYS A 9 -41.31 -20.68 3.43
CA LYS A 9 -41.93 -19.39 3.13
C LYS A 9 -43.45 -19.57 3.03
N CYS A 10 -44.14 -18.94 3.97
CA CYS A 10 -45.59 -19.02 4.01
C CYS A 10 -46.15 -18.23 2.81
N GLY A 11 -46.65 -18.98 1.84
CA GLY A 11 -47.21 -18.37 0.64
C GLY A 11 -48.60 -17.79 0.92
N VAL A 12 -49.02 -17.91 2.17
CA VAL A 12 -50.32 -17.41 2.58
C VAL A 12 -50.16 -15.99 3.12
N CYS A 13 -49.57 -15.90 4.30
CA CYS A 13 -49.36 -14.61 4.94
C CYS A 13 -48.23 -13.89 4.20
N GLN A 14 -47.36 -14.69 3.60
CA GLN A 14 -46.23 -14.16 2.87
C GLN A 14 -45.04 -13.93 3.80
N LYS A 15 -45.06 -14.65 4.91
CA LYS A 15 -43.99 -14.54 5.89
C LYS A 15 -43.06 -15.75 5.77
N ALA A 16 -42.10 -15.81 6.68
CA ALA A 16 -41.14 -16.91 6.67
C ALA A 16 -41.38 -17.79 7.90
N VAL A 17 -41.56 -19.08 7.63
CA VAL A 17 -41.80 -20.03 8.70
C VAL A 17 -40.47 -20.68 9.11
N TYR A 18 -40.12 -20.46 10.38
CA TYR A 18 -38.89 -21.01 10.91
C TYR A 18 -39.15 -22.32 11.66
N PHE A 19 -39.93 -22.21 12.71
CA PHE A 19 -40.25 -23.37 13.52
C PHE A 19 -41.21 -23.00 14.67
N ALA A 20 -42.47 -23.36 14.50
CA ALA A 20 -43.47 -23.07 15.51
C ALA A 20 -44.76 -23.83 15.17
N GLU A 21 -45.16 -23.71 13.91
CA GLU A 21 -46.37 -24.38 13.45
C GLU A 21 -46.45 -24.32 11.92
N GLU A 22 -45.47 -24.92 11.27
CA GLU A 22 -45.42 -24.94 9.82
C GLU A 22 -46.25 -26.10 9.28
N VAL A 23 -47.13 -25.77 8.35
CA VAL A 23 -47.98 -26.77 7.74
C VAL A 23 -47.70 -26.85 6.24
N GLN A 24 -47.24 -28.03 5.83
CA GLN A 24 -46.92 -28.24 4.42
C GLN A 24 -48.05 -29.03 3.73
N CYS A 25 -48.33 -28.63 2.51
CA CYS A 25 -49.38 -29.28 1.73
C CYS A 25 -48.93 -29.32 0.27
N GLU A 26 -49.12 -30.50 -0.33
CA GLU A 26 -48.75 -30.68 -1.73
C GLU A 26 -49.09 -29.43 -2.54
N GLY A 27 -48.05 -28.67 -2.88
CA GLY A 27 -48.23 -27.46 -3.65
C GLY A 27 -47.60 -26.26 -2.93
N SER A 28 -48.02 -26.05 -1.71
CA SER A 28 -47.52 -24.94 -0.91
C SER A 28 -47.64 -25.28 0.58
N SER A 29 -47.05 -24.42 1.40
CA SER A 29 -47.09 -24.60 2.83
C SER A 29 -47.39 -23.27 3.53
N PHE A 30 -48.22 -23.36 4.56
CA PHE A 30 -48.60 -22.17 5.31
C PHE A 30 -48.57 -22.44 6.82
N HIS A 31 -48.63 -21.36 7.58
CA HIS A 31 -48.61 -21.47 9.04
C HIS A 31 -49.88 -22.20 9.51
N LYS A 32 -49.69 -23.05 10.50
CA LYS A 32 -50.80 -23.81 11.05
C LYS A 32 -52.03 -22.90 11.15
N SER A 33 -51.85 -21.78 11.83
CA SER A 33 -52.92 -20.83 12.01
C SER A 33 -53.45 -20.37 10.65
N CYS A 34 -52.52 -20.08 9.75
CA CYS A 34 -52.87 -19.65 8.41
C CYS A 34 -53.72 -20.73 7.76
N PHE A 35 -53.26 -21.97 7.91
CA PHE A 35 -53.97 -23.10 7.34
C PHE A 35 -55.37 -23.23 7.93
N LEU A 36 -56.32 -22.53 7.30
CA LEU A 36 -57.70 -22.56 7.76
C LEU A 36 -58.62 -22.62 6.54
N CYS A 37 -59.60 -23.51 6.63
CA CYS A 37 -60.56 -23.69 5.55
C CYS A 37 -61.00 -22.29 5.08
N MET A 38 -60.60 -21.97 3.85
CA MET A 38 -60.94 -20.69 3.27
C MET A 38 -62.39 -20.67 2.78
N VAL A 39 -63.09 -21.76 3.09
CA VAL A 39 -64.49 -21.88 2.69
C VAL A 39 -65.39 -21.59 3.88
N CYS A 40 -65.41 -22.53 4.82
CA CYS A 40 -66.22 -22.38 6.01
C CYS A 40 -65.55 -21.35 6.92
N LYS A 41 -64.25 -21.22 6.75
CA LYS A 41 -63.49 -20.27 7.55
C LYS A 41 -63.12 -20.91 8.89
N LYS A 42 -63.10 -22.24 8.88
CA LYS A 42 -62.77 -22.99 10.09
C LYS A 42 -61.33 -23.49 10.00
N ASN A 43 -60.62 -23.36 11.11
CA ASN A 43 -59.23 -23.78 11.17
C ASN A 43 -59.10 -25.16 10.53
N LEU A 44 -57.97 -25.37 9.87
CA LEU A 44 -57.71 -26.65 9.21
C LEU A 44 -56.35 -27.18 9.66
N ASP A 45 -56.20 -28.49 9.55
CA ASP A 45 -54.96 -29.13 9.93
C ASP A 45 -54.60 -30.21 8.90
N SER A 46 -53.47 -30.84 9.13
CA SER A 46 -53.00 -31.88 8.23
C SER A 46 -53.80 -33.17 8.45
N THR A 47 -55.10 -33.05 8.23
CA THR A 47 -55.99 -34.19 8.39
C THR A 47 -57.28 -33.99 7.60
N THR A 48 -57.59 -34.97 6.77
CA THR A 48 -58.79 -34.91 5.94
C THR A 48 -58.92 -33.53 5.29
N VAL A 49 -57.78 -32.98 4.91
CA VAL A 49 -57.76 -31.68 4.27
C VAL A 49 -57.40 -31.83 2.79
N ALA A 50 -57.82 -30.84 2.01
CA ALA A 50 -57.55 -30.86 0.59
C ALA A 50 -57.25 -29.43 0.11
N VAL A 51 -56.67 -29.35 -1.08
CA VAL A 51 -56.33 -28.06 -1.66
C VAL A 51 -57.04 -27.91 -3.00
N HIS A 52 -57.21 -26.65 -3.40
CA HIS A 52 -57.87 -26.35 -4.66
C HIS A 52 -57.98 -24.83 -4.84
N GLY A 53 -58.04 -24.41 -6.10
CA GLY A 53 -58.13 -23.00 -6.41
C GLY A 53 -57.16 -22.17 -5.56
N ASP A 54 -55.90 -22.55 -5.64
CA ASP A 54 -54.85 -21.86 -4.90
C ASP A 54 -55.39 -21.51 -3.50
N GLU A 55 -56.08 -22.47 -2.91
CA GLU A 55 -56.64 -22.27 -1.59
C GLU A 55 -56.71 -23.59 -0.83
N ILE A 56 -57.09 -23.50 0.44
CA ILE A 56 -57.19 -24.68 1.27
C ILE A 56 -58.66 -24.89 1.67
N TYR A 57 -59.07 -26.15 1.62
CA TYR A 57 -60.43 -26.50 1.96
C TYR A 57 -60.49 -27.85 2.70
N CYS A 58 -61.37 -27.93 3.67
CA CYS A 58 -61.53 -29.14 4.45
C CYS A 58 -62.20 -30.20 3.56
N LYS A 59 -61.82 -31.44 3.79
CA LYS A 59 -62.37 -32.54 3.02
C LYS A 59 -63.85 -32.29 2.76
N SER A 60 -64.63 -32.37 3.83
CA SER A 60 -66.07 -32.14 3.74
C SER A 60 -66.36 -31.11 2.65
N CYS A 61 -65.97 -29.88 2.92
CA CYS A 61 -66.20 -28.80 1.98
C CYS A 61 -65.87 -29.30 0.58
N TYR A 62 -64.67 -29.85 0.44
CA TYR A 62 -64.23 -30.37 -0.84
C TYR A 62 -65.33 -31.21 -1.49
N GLY A 63 -65.79 -32.21 -0.76
CA GLY A 63 -66.84 -33.08 -1.26
C GLY A 63 -68.16 -32.32 -1.43
N LYS A 64 -68.23 -31.17 -0.76
CA LYS A 64 -69.42 -30.34 -0.83
C LYS A 64 -69.46 -29.61 -2.17
N LYS A 65 -68.34 -28.96 -2.48
CA LYS A 65 -68.23 -28.23 -3.73
C LYS A 65 -68.32 -29.20 -4.91
N TYR A 66 -67.54 -30.27 -4.81
CA TYR A 66 -67.52 -31.28 -5.85
C TYR A 66 -68.87 -31.99 -5.94
N GLY A 67 -69.37 -32.42 -4.80
CA GLY A 67 -70.64 -33.12 -4.73
C GLY A 67 -71.64 -32.52 -5.72
N PRO A 68 -71.75 -33.20 -6.91
CA PRO A 68 -72.65 -32.75 -7.95
C PRO A 68 -74.11 -33.08 -7.58
N LYS A 69 -75.00 -32.69 -8.48
CA LYS A 69 -76.42 -32.93 -8.26
C LYS A 69 -77.15 -32.86 -9.60
N GLY A 70 -78.36 -33.42 -9.61
CA GLY A 70 -79.16 -33.42 -10.83
C GLY A 70 -80.55 -34.03 -10.56
N LYS A 71 -81.40 -33.93 -11.56
CA LYS A 71 -82.75 -34.47 -11.45
C LYS A 71 -83.46 -34.32 -12.79
N GLY A 72 -84.30 -35.30 -13.09
CA GLY A 72 -85.05 -35.30 -14.34
C GLY A 72 -86.20 -36.30 -14.28
N LYS A 73 -87.05 -36.24 -15.30
CA LYS A 73 -88.20 -37.13 -15.38
C LYS A 73 -88.81 -37.03 -16.78
N GLY A 74 -89.77 -37.92 -17.04
CA GLY A 74 -90.44 -37.94 -18.32
C GLY A 74 -91.85 -38.52 -18.19
N MET A 75 -92.52 -38.63 -19.33
CA MET A 75 -93.87 -39.17 -19.35
C MET A 75 -94.39 -39.26 -20.79
N GLY A 76 -95.46 -40.04 -20.95
CA GLY A 76 -96.06 -40.22 -22.26
C GLY A 76 -97.31 -41.10 -22.16
N ALA A 77 -98.04 -41.15 -23.27
CA ALA A 77 -99.25 -41.95 -23.33
C ALA A 77 -99.82 -41.89 -24.75
N GLY A 78 -100.85 -42.69 -24.96
CA GLY A 78 -101.50 -42.76 -26.26
C GLY A 78 -102.46 -43.94 -26.35
N THR A 79 -103.55 -43.72 -27.07
CA THR A 79 -104.56 -44.77 -27.24
C THR A 79 -105.53 -44.38 -28.34
N LEU A 80 -105.92 -45.39 -29.13
CA LEU A 80 -106.85 -45.17 -30.22
C LEU A 80 -107.88 -46.30 -30.23
N SER A 81 -108.84 -46.17 -31.14
CA SER A 81 -109.89 -47.17 -31.26
C SER A 81 -110.84 -46.79 -32.41
N THR A 82 -111.38 -47.82 -33.04
CA THR A 82 -112.30 -47.61 -34.15
C THR A 82 -112.94 -48.94 -34.57
N ASP A 83 -114.09 -48.83 -35.20
CA ASP A 83 -114.81 -50.00 -35.66
C ASP A 83 -116.02 -49.57 -36.49
N LYS A 84 -116.30 -50.36 -37.52
CA LYS A 84 -117.41 -50.07 -38.40
C LYS A 84 -117.55 -51.18 -39.44
N GLY A 85 -118.68 -51.17 -40.13
CA GLY A 85 -118.93 -52.18 -41.16
C GLY A 85 -120.33 -52.00 -41.75
N GLU A 86 -120.42 -52.24 -43.05
CA GLU A 86 -121.68 -52.10 -43.76
C GLU A 86 -121.50 -52.41 -45.24
N SER A 87 -122.59 -52.84 -45.87
CA SER A 87 -122.56 -53.17 -47.28
C SER A 87 -123.94 -53.68 -47.73
N LEU A 88 -124.32 -53.26 -48.92
CA LEU A 88 -125.60 -53.66 -49.48
C LEU A 88 -125.74 -53.10 -50.90
N GLY A 89 -126.39 -53.88 -51.74
CA GLY A 89 -126.60 -53.47 -53.12
C GLY A 89 -127.09 -54.65 -53.98
N ILE A 90 -128.09 -54.37 -54.80
CA ILE A 90 -128.65 -55.38 -55.66
C ILE A 90 -129.05 -54.75 -57.00
N LYS A 91 -128.80 -55.50 -58.07
CA LYS A 91 -129.12 -55.01 -59.40
C LYS A 91 -129.19 -56.21 -60.36
N TYR A 92 -129.85 -55.97 -61.49
CA TYR A 92 -130.01 -57.02 -62.49
C TYR A 92 -130.58 -56.45 -63.79
N GLU A 93 -130.18 -57.06 -64.90
CA GLU A 93 -130.64 -56.63 -66.21
C GLU A 93 -130.28 -57.66 -67.26
N GLU A 94 -130.91 -57.52 -68.42
CA GLU A 94 -130.67 -58.44 -69.52
C GLU A 94 -131.40 -57.97 -70.78
N GLY A 95 -131.05 -58.58 -71.89
CA GLY A 95 -131.67 -58.23 -73.16
C GLY A 95 -131.27 -59.22 -74.26
N GLN A 96 -132.07 -59.25 -75.32
CA GLN A 96 -131.80 -60.14 -76.43
C GLN A 96 -132.31 -59.52 -77.74
N SER A 97 -131.49 -59.66 -78.77
CA SER A 97 -131.83 -59.11 -80.08
C SER A 97 -130.96 -59.76 -81.16
N HIS A 98 -131.55 -59.90 -82.34
CA HIS A 98 -130.85 -60.49 -83.46
C HIS A 98 -131.73 -60.45 -84.71
N ARG A 99 -131.14 -60.84 -85.82
CA ARG A 99 -131.86 -60.85 -87.09
C ARG A 99 -131.04 -61.56 -88.16
N PRO A 100 -131.24 -62.91 -88.24
CA PRO A 100 -130.54 -63.72 -89.21
C PRO A 100 -131.11 -63.52 -90.61
N THR A 101 -130.21 -63.29 -91.56
CA THR A 101 -130.62 -63.08 -92.94
C THR A 101 -129.59 -63.70 -93.89
N ASN A 102 -130.10 -64.27 -94.98
CA ASN A 102 -129.24 -64.89 -95.97
C ASN A 102 -129.86 -64.71 -97.36
N PRO A 103 -129.01 -64.28 -98.32
CA PRO A 103 -129.48 -64.07 -99.68
C PRO A 103 -129.66 -65.40 -100.41
N ASN A 104 -130.10 -65.30 -101.65
CA ASN A 104 -130.34 -66.49 -102.46
C ASN A 104 -130.60 -66.08 -103.91
N ALA A 105 -129.75 -66.56 -104.80
CA ALA A 105 -129.88 -66.24 -106.21
C ALA A 105 -128.96 -67.17 -107.02
N SER A 106 -129.47 -67.60 -108.16
CA SER A 106 -128.71 -68.49 -109.03
C SER A 106 -129.28 -68.43 -110.45
N ARG A 107 -128.39 -68.66 -111.41
CA ARG A 107 -128.79 -68.64 -112.81
C ARG A 107 -127.88 -69.56 -113.64
N MET A 108 -128.47 -70.12 -114.68
CA MET A 108 -127.72 -71.02 -115.56
C MET A 108 -127.65 -70.47 -116.98
N ALA A 109 -126.57 -70.79 -117.66
CA ALA A 109 -126.37 -70.34 -119.02
C ALA A 109 -125.44 -71.30 -119.75
N GLN A 110 -125.97 -71.91 -120.81
CA GLN A 110 -125.20 -72.86 -121.60
C GLN A 110 -125.91 -73.15 -122.91
N LYS A 111 -125.26 -72.78 -124.00
CA LYS A 111 -125.81 -73.01 -125.32
C LYS A 111 -124.73 -73.56 -126.25
N VAL A 112 -125.13 -74.47 -127.11
CA VAL A 112 -124.20 -75.08 -128.04
C VAL A 112 -124.98 -75.72 -129.19
N GLY A 113 -124.37 -75.71 -130.36
CA GLY A 113 -125.01 -76.29 -131.54
C GLY A 113 -124.00 -76.41 -132.69
N GLY A 114 -124.32 -77.30 -133.63
CA GLY A 114 -123.46 -77.52 -134.78
C GLY A 114 -124.21 -78.26 -135.88
N SER A 115 -124.76 -77.49 -136.81
CA SER A 115 -125.50 -78.05 -137.92
C SER A 115 -126.04 -76.93 -138.81
N ASP A 116 -126.57 -77.33 -139.96
CA ASP A 116 -127.13 -76.38 -140.91
C ASP A 116 -127.70 -77.13 -142.10
N GLY A 117 -128.39 -76.39 -142.95
CA GLY A 117 -128.99 -76.97 -144.14
C GLY A 117 -128.08 -76.81 -145.36
N CYS A 118 -128.46 -77.48 -146.43
CA CYS A 118 -127.69 -77.43 -147.66
C CYS A 118 -128.33 -76.38 -148.58
N PRO A 119 -127.61 -75.24 -148.76
CA PRO A 119 -128.10 -74.17 -149.60
C PRO A 119 -127.95 -74.53 -151.08
N ARG A 120 -127.42 -75.73 -151.32
CA ARG A 120 -127.22 -76.20 -152.69
C ARG A 120 -128.43 -77.02 -153.13
N CYS A 121 -128.56 -78.19 -152.52
CA CYS A 121 -129.66 -79.08 -152.86
C CYS A 121 -130.90 -78.62 -152.09
N GLY A 122 -130.67 -78.13 -150.89
CA GLY A 122 -131.76 -77.65 -150.04
C GLY A 122 -131.94 -78.56 -148.83
N GLN A 123 -131.57 -79.83 -149.01
CA GLN A 123 -131.70 -80.80 -147.94
C GLN A 123 -130.89 -80.37 -146.72
N ALA A 124 -131.45 -80.64 -145.55
CA ALA A 124 -130.79 -80.29 -144.31
C ALA A 124 -129.47 -81.06 -144.19
N VAL A 125 -128.57 -80.52 -143.38
CA VAL A 125 -127.28 -81.14 -143.18
C VAL A 125 -126.98 -81.20 -141.67
N TYR A 126 -126.89 -82.43 -141.17
CA TYR A 126 -126.61 -82.64 -139.77
C TYR A 126 -125.94 -84.00 -139.54
N ALA A 127 -126.50 -85.02 -140.18
CA ALA A 127 -125.97 -86.36 -140.06
C ALA A 127 -124.83 -86.55 -141.08
N ALA A 128 -124.42 -87.80 -141.23
CA ALA A 128 -123.36 -88.13 -142.16
C ALA A 128 -123.54 -87.32 -143.45
N GLU A 129 -122.43 -87.14 -144.15
CA GLU A 129 -122.46 -86.39 -145.40
C GLU A 129 -122.72 -84.91 -145.12
N LYS A 130 -121.88 -84.35 -144.26
CA LYS A 130 -122.00 -82.94 -143.91
C LYS A 130 -120.65 -82.26 -144.04
N VAL A 131 -120.65 -81.10 -144.68
CA VAL A 131 -119.42 -80.35 -144.87
C VAL A 131 -119.65 -78.90 -144.46
N ILE A 132 -118.60 -78.29 -143.93
CA ILE A 132 -118.67 -76.91 -143.49
C ILE A 132 -117.55 -76.10 -144.15
N GLY A 133 -117.96 -75.15 -144.97
CA GLY A 133 -117.01 -74.30 -145.66
C GLY A 133 -117.59 -72.91 -145.93
N ALA A 134 -116.70 -71.95 -146.07
CA ALA A 134 -117.11 -70.57 -146.32
C ALA A 134 -118.22 -70.19 -145.33
N GLY A 135 -117.95 -70.47 -144.06
CA GLY A 135 -118.91 -70.16 -143.02
C GLY A 135 -120.32 -70.61 -143.41
N LYS A 136 -120.38 -71.79 -144.02
CA LYS A 136 -121.65 -72.35 -144.46
C LYS A 136 -121.59 -73.88 -144.36
N SER A 137 -122.77 -74.49 -144.43
CA SER A 137 -122.86 -75.94 -144.36
C SER A 137 -123.58 -76.48 -145.60
N TRP A 138 -123.04 -77.58 -146.11
CA TRP A 138 -123.62 -78.20 -147.29
C TRP A 138 -123.15 -79.65 -147.33
N HIS A 139 -123.73 -80.41 -148.26
CA HIS A 139 -123.38 -81.81 -148.41
C HIS A 139 -122.06 -81.92 -149.18
N LYS A 140 -121.08 -82.54 -148.52
CA LYS A 140 -119.77 -82.73 -149.12
C LYS A 140 -119.94 -83.19 -150.56
N SER A 141 -121.06 -83.85 -150.81
CA SER A 141 -121.35 -84.35 -152.15
C SER A 141 -121.61 -83.18 -153.10
N CYS A 142 -122.56 -82.34 -152.71
CA CYS A 142 -122.91 -81.18 -153.51
C CYS A 142 -121.74 -80.22 -153.50
N PHE A 143 -121.35 -79.82 -152.30
CA PHE A 143 -120.23 -78.90 -152.15
C PHE A 143 -119.17 -79.13 -153.21
N ARG A 144 -119.25 -78.35 -154.28
CA ARG A 144 -118.31 -78.46 -155.37
C ARG A 144 -117.82 -77.09 -155.80
N CYS A 145 -116.57 -77.04 -156.26
CA CYS A 145 -115.98 -75.80 -156.70
C CYS A 145 -116.89 -75.18 -157.76
N ALA A 146 -117.21 -73.91 -157.55
CA ALA A 146 -118.07 -73.19 -158.47
C ALA A 146 -117.21 -72.55 -159.57
N LYS A 147 -116.15 -73.25 -159.93
CA LYS A 147 -115.25 -72.76 -160.96
C LYS A 147 -114.89 -73.91 -161.91
N CYS A 148 -114.55 -75.04 -161.32
CA CYS A 148 -114.20 -76.22 -162.09
C CYS A 148 -115.32 -77.26 -161.95
N GLY A 149 -116.08 -77.10 -160.87
CA GLY A 149 -117.17 -78.01 -160.60
C GLY A 149 -116.71 -79.22 -159.79
N LYS A 150 -115.39 -79.32 -159.65
CA LYS A 150 -114.80 -80.41 -158.90
C LYS A 150 -115.48 -80.52 -157.54
N SER A 151 -115.41 -81.71 -156.96
CA SER A 151 -116.01 -81.96 -155.67
C SER A 151 -115.01 -81.66 -154.55
N LEU A 152 -115.50 -80.94 -153.55
CA LEU A 152 -114.65 -80.57 -152.42
C LEU A 152 -114.99 -81.48 -151.23
N GLU A 153 -114.36 -81.17 -150.10
CA GLU A 153 -114.59 -81.93 -148.89
C GLU A 153 -113.99 -81.21 -147.68
N SER A 154 -114.35 -79.94 -147.54
CA SER A 154 -113.86 -79.14 -146.44
C SER A 154 -112.42 -78.72 -146.71
N THR A 155 -111.56 -79.71 -146.91
CA THR A 155 -110.16 -79.45 -147.18
C THR A 155 -109.96 -79.09 -148.66
N THR A 156 -108.85 -78.43 -148.93
CA THR A 156 -108.52 -78.02 -150.28
C THR A 156 -109.67 -77.20 -150.88
N LEU A 157 -110.34 -76.47 -150.01
CA LEU A 157 -111.46 -75.63 -150.43
C LEU A 157 -111.09 -74.16 -150.22
N ALA A 158 -111.82 -73.29 -150.92
CA ALA A 158 -111.58 -71.87 -150.82
C ALA A 158 -112.93 -71.14 -150.72
N ASP A 159 -113.06 -70.36 -149.65
CA ASP A 159 -114.28 -69.60 -149.43
C ASP A 159 -114.04 -68.14 -149.79
N LYS A 160 -114.54 -67.75 -150.96
CA LYS A 160 -114.39 -66.39 -151.44
C LYS A 160 -115.65 -65.60 -151.09
N ASP A 161 -115.62 -64.98 -149.93
CA ASP A 161 -116.75 -64.19 -149.46
C ASP A 161 -118.05 -64.91 -149.84
N GLY A 162 -118.24 -66.07 -149.24
CA GLY A 162 -119.43 -66.85 -149.51
C GLY A 162 -119.17 -67.92 -150.57
N GLU A 163 -118.60 -67.47 -151.68
CA GLU A 163 -118.29 -68.37 -152.78
C GLU A 163 -117.42 -69.53 -152.29
N ILE A 164 -117.47 -70.63 -153.03
CA ILE A 164 -116.69 -71.80 -152.68
C ILE A 164 -115.99 -72.33 -153.93
N TYR A 165 -114.69 -72.55 -153.80
CA TYR A 165 -113.89 -73.05 -154.90
C TYR A 165 -112.85 -74.06 -154.40
N CYS A 166 -112.00 -74.48 -155.33
CA CYS A 166 -110.96 -75.44 -155.01
C CYS A 166 -109.65 -74.67 -154.81
N LYS A 167 -108.83 -75.19 -153.92
CA LYS A 167 -107.54 -74.58 -153.63
C LYS A 167 -106.85 -74.22 -154.95
N GLY A 168 -106.92 -75.15 -155.89
CA GLY A 168 -106.31 -74.94 -157.19
C GLY A 168 -106.84 -73.67 -157.86
N CYS A 169 -108.08 -73.36 -157.54
CA CYS A 169 -108.72 -72.17 -158.10
C CYS A 169 -108.29 -70.96 -157.27
N TYR A 170 -108.38 -71.12 -155.96
CA TYR A 170 -108.01 -70.04 -155.05
C TYR A 170 -106.56 -69.62 -155.28
N ALA A 171 -105.75 -70.58 -155.69
CA ALA A 171 -104.34 -70.30 -155.94
C ALA A 171 -104.18 -69.81 -157.39
N LYS A 172 -104.49 -70.69 -158.32
CA LYS A 172 -104.39 -70.37 -159.73
C LYS A 172 -105.07 -69.02 -159.99
N ASN A 173 -106.38 -69.02 -159.84
CA ASN A 173 -107.16 -67.82 -160.05
C ASN A 173 -106.40 -66.61 -159.49
N PHE A 174 -105.62 -66.87 -158.45
CA PHE A 174 -104.84 -65.83 -157.82
C PHE A 174 -103.34 -66.13 -157.91
N GLY A 175 -102.88 -66.32 -159.15
CA GLY A 175 -101.48 -66.61 -159.39
C GLY A 175 -101.09 -66.31 -160.84
N PRO A 176 -99.93 -66.87 -161.26
CA PRO A 176 -99.44 -66.67 -162.61
C PRO A 176 -100.24 -67.51 -163.61
N LYS A 177 -100.16 -67.11 -164.86
CA LYS A 177 -100.85 -67.80 -165.93
C LYS A 177 -102.35 -67.86 -165.59
N GLY A 178 -103.13 -68.26 -166.58
CA GLY A 178 -104.57 -68.35 -166.41
C GLY A 178 -105.26 -68.70 -167.73
N PHE A 179 -105.61 -67.66 -168.47
CA PHE A 179 -106.27 -67.84 -169.75
C PHE A 179 -107.51 -68.72 -169.61
N GLY A 180 -108.66 -68.06 -169.51
CA GLY A 180 -109.91 -68.78 -169.37
C GLY A 180 -110.50 -69.14 -170.74
N PHE A 181 -111.24 -68.21 -171.30
CA PHE A 181 -111.86 -68.42 -172.60
C PHE A 181 -112.67 -69.73 -172.61
N GLY A 182 -113.98 -69.57 -172.47
CA GLY A 182 -114.86 -70.71 -172.47
C GLY A 182 -116.34 -70.27 -172.50
N GLN A 183 -116.78 -69.93 -173.69
CA GLN A 183 -118.16 -69.48 -173.87
C GLN A 183 -118.85 -70.33 -174.95
N GLY A 184 -120.17 -70.44 -174.81
CA GLY A 184 -120.95 -71.21 -175.76
C GLY A 184 -121.63 -70.30 -176.77
N ALA A 185 -122.67 -70.82 -177.40
CA ALA A 185 -123.42 -70.07 -178.39
C ALA A 185 -124.67 -70.85 -178.79
N GLY A 186 -125.81 -70.36 -178.34
CA GLY A 186 -127.08 -70.99 -178.64
C GLY A 186 -127.93 -70.13 -179.56
N ALA A 187 -128.79 -70.79 -180.33
CA ALA A 187 -129.65 -70.10 -181.26
C ALA A 187 -130.92 -69.64 -180.53
N LEU A 188 -131.65 -70.61 -180.01
CA LEU A 188 -132.88 -70.33 -179.29
C LEU A 188 -133.21 -71.51 -178.37
N ILE A 189 -133.86 -71.18 -177.26
CA ILE A 189 -134.24 -72.19 -176.29
C ILE A 189 -135.37 -71.66 -175.42
N HIS A 190 -136.14 -72.58 -174.87
CA HIS A 190 -137.26 -72.22 -174.01
C HIS A 190 -138.31 -71.47 -174.84
N SER A 191 -139.53 -72.01 -174.83
CA SER A 191 -140.61 -71.40 -175.57
C SER A 191 -141.87 -71.33 -174.68
N GLN A 192 -142.28 -70.10 -174.42
CA GLN A 192 -143.46 -69.88 -173.59
C GLN A 192 -144.66 -70.64 -174.15
ZN ZN B . -48.64 -17.93 7.42
ZN ZN C . -64.53 -26.21 5.38
ZN ZN D . -126.53 -80.79 -150.73
ZN ZN E . -111.94 -75.02 -158.97
N MET A 1 -17.21 -20.64 13.46
CA MET A 1 -17.43 -19.45 14.28
C MET A 1 -16.10 -18.82 14.69
N PRO A 2 -15.22 -19.68 15.28
CA PRO A 2 -13.91 -19.22 15.73
C PRO A 2 -12.97 -19.00 14.54
N ASN A 3 -12.69 -17.73 14.27
CA ASN A 3 -11.82 -17.38 13.16
C ASN A 3 -11.71 -15.86 13.08
N TRP A 4 -10.59 -15.40 12.52
CA TRP A 4 -10.35 -13.98 12.37
C TRP A 4 -9.03 -13.80 11.61
N GLY A 5 -7.96 -14.26 12.24
CA GLY A 5 -6.64 -14.15 11.65
C GLY A 5 -6.12 -12.72 11.71
N GLY A 6 -5.72 -12.20 10.55
CA GLY A 6 -5.20 -10.85 10.46
C GLY A 6 -5.40 -10.28 9.06
N GLY A 7 -4.84 -9.10 8.85
CA GLY A 7 -4.94 -8.43 7.56
C GLY A 7 -4.29 -7.05 7.60
N LYS A 8 -4.45 -6.33 6.51
CA LYS A 8 -3.88 -4.99 6.41
C LYS A 8 -5.00 -3.95 6.61
N LYS A 9 -4.60 -2.69 6.60
CA LYS A 9 -5.54 -1.60 6.78
C LYS A 9 -5.44 -0.64 5.60
N CYS A 10 -6.49 -0.60 4.81
CA CYS A 10 -6.52 0.28 3.65
C CYS A 10 -6.89 1.69 4.12
N GLY A 11 -5.88 2.56 4.11
CA GLY A 11 -6.07 3.93 4.55
C GLY A 11 -6.70 4.77 3.43
N VAL A 12 -7.06 4.08 2.35
CA VAL A 12 -7.66 4.74 1.21
C VAL A 12 -9.19 4.65 1.33
N CYS A 13 -9.68 3.42 1.22
CA CYS A 13 -11.11 3.18 1.31
C CYS A 13 -11.49 3.10 2.79
N GLN A 14 -10.50 2.81 3.61
CA GLN A 14 -10.71 2.69 5.04
C GLN A 14 -11.24 1.31 5.39
N LYS A 15 -10.87 0.34 4.57
CA LYS A 15 -11.29 -1.03 4.79
C LYS A 15 -10.06 -1.90 5.07
N ALA A 16 -10.26 -2.90 5.93
CA ALA A 16 -9.18 -3.80 6.30
C ALA A 16 -9.02 -4.86 5.20
N VAL A 17 -7.80 -4.98 4.71
CA VAL A 17 -7.49 -5.94 3.67
C VAL A 17 -7.41 -7.34 4.28
N TYR A 18 -8.22 -8.24 3.74
CA TYR A 18 -8.25 -9.61 4.23
C TYR A 18 -7.10 -10.43 3.63
N PHE A 19 -5.91 -9.85 3.69
CA PHE A 19 -4.73 -10.51 3.16
C PHE A 19 -5.01 -11.08 1.76
N ALA A 20 -4.81 -10.24 0.76
CA ALA A 20 -5.03 -10.64 -0.62
C ALA A 20 -4.06 -9.89 -1.53
N GLU A 21 -4.07 -8.57 -1.40
CA GLU A 21 -3.20 -7.74 -2.20
C GLU A 21 -2.44 -6.75 -1.31
N GLU A 22 -3.21 -6.01 -0.51
CA GLU A 22 -2.62 -5.04 0.40
C GLU A 22 -1.41 -4.37 -0.25
N VAL A 23 -1.68 -3.57 -1.26
CA VAL A 23 -0.62 -2.86 -1.98
C VAL A 23 0.06 -1.88 -1.03
N GLN A 24 1.34 -2.12 -0.80
CA GLN A 24 2.12 -1.26 0.08
C GLN A 24 2.63 -0.03 -0.68
N CYS A 25 2.96 1.00 0.08
CA CYS A 25 3.47 2.23 -0.51
C CYS A 25 4.11 3.06 0.58
N GLU A 26 4.84 4.08 0.17
CA GLU A 26 5.51 4.97 1.10
C GLU A 26 4.61 5.23 2.32
N GLY A 27 4.99 4.64 3.44
CA GLY A 27 4.24 4.80 4.67
C GLY A 27 2.73 4.80 4.39
N SER A 28 2.28 3.73 3.74
CA SER A 28 0.88 3.60 3.40
C SER A 28 0.64 2.28 2.68
N SER A 29 -0.64 1.97 2.48
CA SER A 29 -1.01 0.74 1.80
C SER A 29 -2.50 0.75 1.48
N PHE A 30 -2.82 0.39 0.24
CA PHE A 30 -4.20 0.35 -0.20
C PHE A 30 -4.50 -0.91 -0.99
N HIS A 31 -5.77 -1.15 -1.22
CA HIS A 31 -6.20 -2.32 -1.97
C HIS A 31 -5.66 -2.25 -3.40
N LYS A 32 -5.62 -3.40 -4.05
CA LYS A 32 -5.13 -3.48 -5.41
C LYS A 32 -5.95 -2.54 -6.30
N SER A 33 -7.24 -2.84 -6.38
CA SER A 33 -8.14 -2.03 -7.18
C SER A 33 -8.11 -0.57 -6.71
N CYS A 34 -7.93 -0.42 -5.41
CA CYS A 34 -7.88 0.91 -4.82
C CYS A 34 -6.72 1.67 -5.44
N PHE A 35 -5.57 1.00 -5.50
CA PHE A 35 -4.38 1.60 -6.08
C PHE A 35 -4.55 1.83 -7.58
N LEU A 36 -5.14 2.98 -7.90
CA LEU A 36 -5.37 3.34 -9.29
C LEU A 36 -5.08 4.83 -9.48
N CYS A 37 -4.34 5.12 -10.54
CA CYS A 37 -3.98 6.49 -10.85
C CYS A 37 -5.24 7.36 -10.74
N MET A 38 -5.24 8.22 -9.73
CA MET A 38 -6.37 9.11 -9.50
C MET A 38 -6.35 10.28 -10.48
N VAL A 39 -5.42 10.22 -11.42
CA VAL A 39 -5.29 11.26 -12.42
C VAL A 39 -5.93 10.80 -13.73
N CYS A 40 -5.26 9.84 -14.37
CA CYS A 40 -5.75 9.30 -15.63
C CYS A 40 -6.92 8.37 -15.33
N LYS A 41 -6.94 7.86 -14.10
CA LYS A 41 -7.99 6.96 -13.67
C LYS A 41 -7.66 5.54 -14.13
N LYS A 42 -6.37 5.32 -14.35
CA LYS A 42 -5.90 4.01 -14.79
C LYS A 42 -5.25 3.28 -13.62
N ASN A 43 -5.67 2.04 -13.42
CA ASN A 43 -5.14 1.23 -12.34
C ASN A 43 -3.60 1.32 -12.35
N LEU A 44 -3.04 1.29 -11.16
CA LEU A 44 -1.59 1.36 -11.02
C LEU A 44 -1.09 0.12 -10.27
N ASP A 45 -0.73 -0.89 -11.05
CA ASP A 45 -0.23 -2.13 -10.48
C ASP A 45 1.15 -2.43 -11.05
N SER A 46 2.08 -1.52 -10.79
CA SER A 46 3.45 -1.67 -11.26
C SER A 46 4.32 -0.55 -10.71
N THR A 47 5.62 -0.67 -10.98
CA THR A 47 6.56 0.33 -10.52
C THR A 47 6.33 1.66 -11.24
N THR A 48 7.34 2.51 -11.19
CA THR A 48 7.26 3.81 -11.82
C THR A 48 6.02 4.56 -11.33
N VAL A 49 5.54 4.16 -10.17
CA VAL A 49 4.36 4.77 -9.59
C VAL A 49 4.79 5.75 -8.48
N ALA A 50 3.98 6.78 -8.30
CA ALA A 50 4.26 7.78 -7.29
C ALA A 50 3.03 7.98 -6.41
N VAL A 51 3.24 8.64 -5.28
CA VAL A 51 2.15 8.89 -4.35
C VAL A 51 1.98 10.41 -4.19
N HIS A 52 0.94 10.78 -3.45
CA HIS A 52 0.65 12.18 -3.22
C HIS A 52 -0.35 12.31 -2.06
N GLY A 53 -0.52 13.54 -1.60
CA GLY A 53 -1.43 13.81 -0.50
C GLY A 53 -2.70 12.97 -0.63
N ASP A 54 -2.77 11.93 0.18
CA ASP A 54 -3.93 11.05 0.18
C ASP A 54 -4.36 10.81 -1.27
N GLU A 55 -3.43 10.30 -2.07
CA GLU A 55 -3.71 10.03 -3.46
C GLU A 55 -2.51 9.32 -4.11
N ILE A 56 -2.78 8.73 -5.26
CA ILE A 56 -1.73 8.02 -5.99
C ILE A 56 -1.75 8.46 -7.46
N TYR A 57 -0.56 8.61 -8.02
CA TYR A 57 -0.42 9.02 -9.41
C TYR A 57 0.76 8.31 -10.07
N CYS A 58 0.56 7.99 -11.34
CA CYS A 58 1.61 7.31 -12.10
C CYS A 58 2.71 8.32 -12.42
N LYS A 59 3.93 7.81 -12.53
CA LYS A 59 5.07 8.65 -12.82
C LYS A 59 4.67 9.71 -13.84
N SER A 60 4.49 9.27 -15.07
CA SER A 60 4.10 10.17 -16.15
C SER A 60 3.22 11.29 -15.60
N CYS A 61 2.02 10.92 -15.18
CA CYS A 61 1.08 11.88 -14.64
C CYS A 61 1.86 12.86 -13.75
N TYR A 62 2.58 12.28 -12.80
CA TYR A 62 3.36 13.08 -11.88
C TYR A 62 4.21 14.11 -12.62
N GLY A 63 4.96 13.61 -13.59
CA GLY A 63 5.82 14.47 -14.39
C GLY A 63 5.00 15.46 -15.22
N LYS A 64 3.72 15.14 -15.36
CA LYS A 64 2.81 15.99 -16.12
C LYS A 64 2.41 17.19 -15.26
N LYS A 65 1.92 16.89 -14.07
CA LYS A 65 1.50 17.94 -13.15
C LYS A 65 2.72 18.76 -12.73
N TYR A 66 3.76 18.05 -12.33
CA TYR A 66 4.99 18.70 -11.90
C TYR A 66 5.68 19.41 -13.08
N GLY A 67 5.83 18.68 -14.17
CA GLY A 67 6.45 19.22 -15.36
C GLY A 67 6.02 20.67 -15.59
N PRO A 68 6.83 21.39 -16.40
CA PRO A 68 6.55 22.78 -16.71
C PRO A 68 5.40 22.89 -17.73
N LYS A 69 5.07 24.13 -18.06
CA LYS A 69 3.99 24.38 -19.01
C LYS A 69 4.59 24.79 -20.35
N GLY A 70 5.26 25.93 -20.34
CA GLY A 70 5.89 26.45 -21.54
C GLY A 70 6.47 27.84 -21.31
N LYS A 71 6.72 28.54 -22.40
CA LYS A 71 7.27 29.88 -22.32
C LYS A 71 6.14 30.91 -22.44
N GLY A 72 6.52 32.17 -22.30
CA GLY A 72 5.54 33.25 -22.39
C GLY A 72 5.57 33.91 -23.77
N LYS A 73 5.45 35.22 -23.77
CA LYS A 73 5.46 35.98 -25.01
C LYS A 73 6.38 37.20 -24.86
N GLY A 74 6.52 37.93 -25.94
CA GLY A 74 7.37 39.11 -25.95
C GLY A 74 6.56 40.37 -26.28
N MET A 75 7.21 41.30 -26.94
CA MET A 75 6.56 42.54 -27.32
C MET A 75 7.37 43.29 -28.38
N GLY A 76 6.75 44.31 -28.94
CA GLY A 76 7.41 45.12 -29.97
C GLY A 76 7.01 46.59 -29.84
N ALA A 77 7.42 47.36 -30.85
CA ALA A 77 7.12 48.78 -30.87
C ALA A 77 7.61 49.38 -32.17
N GLY A 78 7.32 50.66 -32.35
CA GLY A 78 7.74 51.38 -33.55
C GLY A 78 6.88 52.61 -33.78
N THR A 79 7.48 53.61 -34.42
CA THR A 79 6.78 54.84 -34.70
C THR A 79 7.64 55.75 -35.61
N LEU A 80 6.96 56.62 -36.33
CA LEU A 80 7.64 57.54 -37.23
C LEU A 80 6.63 58.56 -37.77
N SER A 81 7.13 59.76 -38.02
CA SER A 81 6.29 60.83 -38.54
C SER A 81 7.15 62.00 -38.98
N THR A 82 6.73 62.64 -40.06
CA THR A 82 7.46 63.78 -40.60
C THR A 82 6.65 64.43 -41.73
N ASP A 83 6.88 65.73 -41.89
CA ASP A 83 6.20 66.48 -42.93
C ASP A 83 6.64 67.94 -42.88
N LYS A 84 6.82 68.51 -44.06
CA LYS A 84 7.24 69.90 -44.15
C LYS A 84 7.30 70.31 -45.62
N GLY A 85 7.30 71.61 -45.85
CA GLY A 85 7.35 72.15 -47.20
C GLY A 85 6.07 72.92 -47.53
N GLU A 86 6.23 74.22 -47.71
CA GLU A 86 5.10 75.07 -48.04
C GLU A 86 5.57 76.52 -48.25
N SER A 87 5.20 77.06 -49.40
CA SER A 87 5.57 78.43 -49.73
C SER A 87 5.01 78.80 -51.10
N LEU A 88 4.49 80.03 -51.17
CA LEU A 88 3.92 80.52 -52.42
C LEU A 88 3.52 81.99 -52.24
N GLY A 89 3.58 82.71 -53.34
CA GLY A 89 3.23 84.13 -53.32
C GLY A 89 3.50 84.78 -54.69
N ILE A 90 2.86 85.91 -54.90
CA ILE A 90 3.02 86.64 -56.15
C ILE A 90 2.31 87.99 -56.04
N LYS A 91 2.78 88.94 -56.84
CA LYS A 91 2.20 90.27 -56.85
C LYS A 91 2.65 91.01 -58.10
N TYR A 92 1.88 92.03 -58.47
CA TYR A 92 2.19 92.83 -59.63
C TYR A 92 1.36 94.11 -59.66
N GLU A 93 1.74 95.01 -60.56
CA GLU A 93 1.05 96.27 -60.69
C GLU A 93 1.31 96.88 -62.08
N GLU A 94 0.58 97.94 -62.37
CA GLU A 94 0.72 98.62 -63.65
C GLU A 94 0.29 100.08 -63.53
N GLY A 95 0.57 100.84 -64.58
CA GLY A 95 0.22 102.25 -64.60
C GLY A 95 -0.74 102.55 -65.74
N GLN A 96 -0.70 103.81 -66.18
CA GLN A 96 -1.57 104.24 -67.27
C GLN A 96 -1.12 105.62 -67.78
N SER A 97 -1.62 105.97 -68.96
CA SER A 97 -1.28 107.24 -69.56
C SER A 97 -2.55 107.93 -70.07
N HIS A 98 -2.40 109.19 -70.45
CA HIS A 98 -3.52 109.97 -70.96
C HIS A 98 -3.11 110.67 -72.25
N ARG A 99 -4.09 111.33 -72.86
CA ARG A 99 -3.84 112.04 -74.10
C ARG A 99 -4.63 113.36 -74.11
N PRO A 100 -3.87 114.49 -74.24
CA PRO A 100 -4.48 115.80 -74.27
C PRO A 100 -5.17 116.05 -75.61
N THR A 101 -5.79 117.23 -75.71
CA THR A 101 -6.48 117.61 -76.93
C THR A 101 -5.83 118.85 -77.54
N ASN A 102 -6.00 118.98 -78.86
CA ASN A 102 -5.44 120.11 -79.57
C ASN A 102 -6.57 120.91 -80.22
N PRO A 103 -6.39 122.26 -80.26
CA PRO A 103 -7.37 123.14 -80.86
C PRO A 103 -7.34 123.05 -82.39
N ASN A 104 -8.25 123.78 -83.00
CA ASN A 104 -8.34 123.80 -84.46
C ASN A 104 -8.13 125.23 -84.96
N ALA A 105 -7.89 125.33 -86.26
CA ALA A 105 -7.68 126.63 -86.88
C ALA A 105 -8.83 126.94 -87.83
N SER A 106 -8.79 128.14 -88.38
CA SER A 106 -9.83 128.57 -89.31
C SER A 106 -9.23 128.80 -90.70
N ARG A 107 -10.11 128.99 -91.66
CA ARG A 107 -9.68 129.21 -93.03
C ARG A 107 -10.57 130.27 -93.70
N MET A 108 -10.11 130.74 -94.85
CA MET A 108 -10.85 131.75 -95.59
C MET A 108 -11.33 131.20 -96.93
N ALA A 109 -12.18 131.99 -97.58
CA ALA A 109 -12.73 131.59 -98.87
C ALA A 109 -13.59 132.73 -99.42
N GLN A 110 -13.87 132.64 -100.71
CA GLN A 110 -14.69 133.65 -101.37
C GLN A 110 -14.84 133.33 -102.86
N LYS A 111 -16.04 133.57 -103.37
CA LYS A 111 -16.30 133.32 -104.77
C LYS A 111 -17.74 133.77 -105.10
N VAL A 112 -17.85 134.52 -106.18
CA VAL A 112 -19.16 135.02 -106.60
C VAL A 112 -19.30 134.83 -108.12
N GLY A 113 -20.50 135.09 -108.60
CA GLY A 113 -20.79 134.95 -110.02
C GLY A 113 -21.89 135.92 -110.45
N GLY A 114 -22.45 135.63 -111.63
CA GLY A 114 -23.50 136.46 -112.17
C GLY A 114 -24.88 136.00 -111.68
N SER A 115 -25.77 135.82 -112.63
CA SER A 115 -27.12 135.37 -112.31
C SER A 115 -27.77 136.34 -111.32
N ASP A 116 -29.09 136.21 -111.20
CA ASP A 116 -29.84 137.07 -110.31
C ASP A 116 -31.10 136.34 -109.85
N GLY A 117 -32.05 137.12 -109.36
CA GLY A 117 -33.31 136.57 -108.88
C GLY A 117 -34.50 137.35 -109.43
N CYS A 118 -35.69 136.81 -109.20
CA CYS A 118 -36.91 137.46 -109.67
C CYS A 118 -37.52 138.22 -108.50
N PRO A 119 -37.43 139.58 -108.57
CA PRO A 119 -37.98 140.43 -107.52
C PRO A 119 -39.50 140.49 -107.62
N ARG A 120 -40.03 139.87 -108.66
CA ARG A 120 -41.47 139.85 -108.87
C ARG A 120 -42.10 138.74 -108.05
N CYS A 121 -41.77 137.51 -108.42
CA CYS A 121 -42.29 136.35 -107.73
C CYS A 121 -41.48 136.13 -106.46
N GLY A 122 -40.17 136.27 -106.60
CA GLY A 122 -39.27 136.09 -105.48
C GLY A 122 -38.24 134.99 -105.75
N GLN A 123 -38.62 134.09 -106.64
CA GLN A 123 -37.74 132.98 -107.01
C GLN A 123 -36.42 133.52 -107.55
N ALA A 124 -35.60 132.60 -108.04
CA ALA A 124 -34.31 132.96 -108.59
C ALA A 124 -34.40 133.03 -110.11
N VAL A 125 -33.40 133.67 -110.70
CA VAL A 125 -33.37 133.81 -112.15
C VAL A 125 -31.95 133.53 -112.65
N TYR A 126 -31.86 132.63 -113.62
CA TYR A 126 -30.58 132.26 -114.19
C TYR A 126 -30.76 131.47 -115.49
N ALA A 127 -30.83 132.20 -116.59
CA ALA A 127 -31.00 131.58 -117.89
C ALA A 127 -32.36 130.87 -117.94
N ALA A 128 -32.72 130.44 -119.14
CA ALA A 128 -33.98 129.75 -119.33
C ALA A 128 -35.12 130.78 -119.37
N GLU A 129 -35.19 131.58 -118.32
CA GLU A 129 -36.21 132.60 -118.22
C GLU A 129 -35.69 133.81 -117.42
N LYS A 130 -34.55 134.32 -117.87
CA LYS A 130 -33.93 135.45 -117.21
C LYS A 130 -34.03 136.68 -118.12
N VAL A 131 -34.57 137.76 -117.56
CA VAL A 131 -34.72 138.99 -118.31
C VAL A 131 -34.09 140.14 -117.52
N ILE A 132 -33.49 141.06 -118.27
CA ILE A 132 -32.86 142.21 -117.66
C ILE A 132 -33.48 143.50 -118.21
N GLY A 133 -34.12 144.24 -117.32
CA GLY A 133 -34.77 145.48 -117.70
C GLY A 133 -34.84 146.45 -116.52
N ALA A 134 -34.94 147.73 -116.85
CA ALA A 134 -35.02 148.76 -115.82
C ALA A 134 -33.89 148.56 -114.82
N GLY A 135 -32.74 148.13 -115.34
CA GLY A 135 -31.58 147.90 -114.50
C GLY A 135 -31.90 146.88 -113.39
N LYS A 136 -32.60 145.83 -113.78
CA LYS A 136 -32.97 144.79 -112.85
C LYS A 136 -33.23 143.49 -113.61
N SER A 137 -33.26 142.39 -112.85
CA SER A 137 -33.49 141.09 -113.44
C SER A 137 -34.82 140.52 -112.94
N TRP A 138 -35.45 139.73 -113.80
CA TRP A 138 -36.72 139.11 -113.46
C TRP A 138 -37.02 138.04 -114.51
N HIS A 139 -38.08 137.29 -114.26
CA HIS A 139 -38.49 136.24 -115.17
C HIS A 139 -39.14 136.84 -116.41
N LYS A 140 -38.66 136.44 -117.57
CA LYS A 140 -39.18 136.95 -118.83
C LYS A 140 -40.69 136.69 -118.88
N SER A 141 -41.13 135.78 -118.03
CA SER A 141 -42.54 135.44 -117.96
C SER A 141 -43.28 136.43 -117.07
N CYS A 142 -42.74 136.62 -115.88
CA CYS A 142 -43.34 137.54 -114.92
C CYS A 142 -43.20 138.97 -115.47
N PHE A 143 -41.95 139.34 -115.72
CA PHE A 143 -41.65 140.67 -116.23
C PHE A 143 -42.75 141.13 -117.20
N ARG A 144 -43.68 141.91 -116.67
CA ARG A 144 -44.78 142.42 -117.46
C ARG A 144 -45.04 143.90 -117.11
N CYS A 145 -45.94 144.49 -117.87
CA CYS A 145 -46.30 145.88 -117.66
C CYS A 145 -47.10 145.98 -116.37
N ALA A 146 -46.68 146.90 -115.51
CA ALA A 146 -47.36 147.10 -114.24
C ALA A 146 -48.48 148.12 -114.42
N LYS A 147 -49.08 148.09 -115.60
CA LYS A 147 -50.16 149.01 -115.91
C LYS A 147 -51.29 148.24 -116.61
N CYS A 148 -50.90 147.44 -117.59
CA CYS A 148 -51.86 146.64 -118.33
C CYS A 148 -51.66 145.18 -117.97
N GLY A 149 -50.45 144.87 -117.51
CA GLY A 149 -50.12 143.51 -117.13
C GLY A 149 -49.52 142.74 -118.30
N LYS A 150 -49.60 143.35 -119.48
CA LYS A 150 -49.07 142.73 -120.68
C LYS A 150 -47.58 142.46 -120.51
N SER A 151 -47.22 141.21 -120.66
CA SER A 151 -45.83 140.81 -120.53
C SER A 151 -44.94 141.65 -121.44
N LEU A 152 -43.71 141.84 -121.02
CA LEU A 152 -42.76 142.64 -121.79
C LEU A 152 -41.60 141.74 -122.25
N GLU A 153 -40.60 142.37 -122.84
CA GLU A 153 -39.44 141.64 -123.32
C GLU A 153 -38.16 142.37 -122.90
N SER A 154 -37.96 143.54 -123.48
CA SER A 154 -36.78 144.34 -123.18
C SER A 154 -36.94 145.74 -123.76
N THR A 155 -37.01 145.80 -125.09
CA THR A 155 -37.16 147.07 -125.77
C THR A 155 -38.59 147.60 -125.60
N THR A 156 -39.54 146.83 -126.11
CA THR A 156 -40.93 147.22 -126.02
C THR A 156 -41.28 147.65 -124.59
N LEU A 157 -40.50 147.14 -123.65
CA LEU A 157 -40.72 147.47 -122.25
C LEU A 157 -40.29 148.91 -122.00
N ALA A 158 -40.69 149.42 -120.84
CA ALA A 158 -40.36 150.79 -120.47
C ALA A 158 -40.02 150.83 -118.97
N ASP A 159 -38.76 151.12 -118.69
CA ASP A 159 -38.31 151.21 -117.31
C ASP A 159 -38.49 152.64 -116.81
N LYS A 160 -39.49 152.82 -115.96
CA LYS A 160 -39.77 154.13 -115.40
C LYS A 160 -39.19 154.20 -113.99
N ASP A 161 -37.97 154.70 -113.91
CA ASP A 161 -37.29 154.83 -112.63
C ASP A 161 -37.56 153.59 -111.78
N GLY A 162 -37.16 152.45 -112.32
CA GLY A 162 -37.35 151.19 -111.62
C GLY A 162 -38.59 150.45 -112.14
N GLU A 163 -39.69 151.19 -112.20
CA GLU A 163 -40.94 150.63 -112.69
C GLU A 163 -40.76 150.04 -114.09
N ILE A 164 -41.74 149.24 -114.49
CA ILE A 164 -41.69 148.62 -115.80
C ILE A 164 -43.09 148.65 -116.42
N TYR A 165 -43.14 149.01 -117.69
CA TYR A 165 -44.40 149.08 -118.41
C TYR A 165 -44.21 148.76 -119.89
N CYS A 166 -45.29 148.91 -120.64
CA CYS A 166 -45.26 148.64 -122.07
C CYS A 166 -45.07 149.96 -122.81
N LYS A 167 -44.45 149.87 -123.97
CA LYS A 167 -44.21 151.05 -124.78
C LYS A 167 -45.47 151.89 -124.85
N GLY A 168 -46.59 151.21 -125.05
CA GLY A 168 -47.87 151.89 -125.15
C GLY A 168 -48.16 152.69 -123.87
N CYS A 169 -47.63 152.19 -122.76
CA CYS A 169 -47.82 152.86 -121.48
C CYS A 169 -46.82 154.01 -121.40
N TYR A 170 -45.58 153.71 -121.73
CA TYR A 170 -44.53 154.70 -121.70
C TYR A 170 -44.87 155.90 -122.59
N ALA A 171 -45.57 155.59 -123.68
CA ALA A 171 -45.96 156.62 -124.63
C ALA A 171 -47.17 157.38 -124.08
N LYS A 172 -48.26 156.65 -123.90
CA LYS A 172 -49.48 157.24 -123.39
C LYS A 172 -49.16 158.08 -122.15
N ASN A 173 -48.60 157.42 -121.15
CA ASN A 173 -48.24 158.10 -119.92
C ASN A 173 -47.66 159.48 -120.25
N PHE A 174 -46.87 159.50 -121.32
CA PHE A 174 -46.25 160.75 -121.75
C PHE A 174 -46.59 161.05 -123.20
N GLY A 175 -47.89 161.16 -123.46
CA GLY A 175 -48.37 161.45 -124.81
C GLY A 175 -48.47 162.95 -125.04
N PRO A 176 -48.51 163.33 -126.35
CA PRO A 176 -48.60 164.74 -126.71
C PRO A 176 -50.01 165.28 -126.47
N LYS A 177 -50.16 166.57 -126.72
CA LYS A 177 -51.46 167.21 -126.53
C LYS A 177 -52.21 167.21 -127.87
N GLY A 178 -53.47 167.64 -127.79
CA GLY A 178 -54.31 167.70 -128.98
C GLY A 178 -55.15 168.96 -129.00
N PHE A 179 -55.48 169.41 -130.20
CA PHE A 179 -56.28 170.61 -130.37
C PHE A 179 -57.75 170.33 -130.06
N GLY A 180 -58.46 171.40 -129.73
CA GLY A 180 -59.87 171.29 -129.41
C GLY A 180 -60.74 171.91 -130.51
N PHE A 181 -62.04 171.68 -130.40
CA PHE A 181 -62.98 172.21 -131.37
C PHE A 181 -64.30 172.59 -130.71
N GLY A 182 -65.15 173.25 -131.48
CA GLY A 182 -66.44 173.67 -130.98
C GLY A 182 -67.52 173.54 -132.06
N GLN A 183 -68.67 174.14 -131.78
CA GLN A 183 -69.78 174.08 -132.72
C GLN A 183 -70.35 175.49 -132.95
N GLY A 184 -71.14 175.62 -134.00
CA GLY A 184 -71.75 176.89 -134.34
C GLY A 184 -73.27 176.81 -134.24
N ALA A 185 -73.92 177.72 -134.95
CA ALA A 185 -75.38 177.77 -134.96
C ALA A 185 -75.85 178.62 -136.14
N GLY A 186 -76.66 178.00 -136.98
CA GLY A 186 -77.19 178.69 -138.15
C GLY A 186 -78.29 179.67 -137.75
N ALA A 187 -79.42 179.54 -138.43
CA ALA A 187 -80.57 180.40 -138.16
C ALA A 187 -81.79 179.86 -138.90
N LEU A 188 -82.96 180.23 -138.38
CA LEU A 188 -84.20 179.79 -138.98
C LEU A 188 -85.24 180.93 -138.90
N ILE A 189 -86.39 180.68 -139.47
CA ILE A 189 -87.47 181.66 -139.47
C ILE A 189 -88.70 181.07 -138.79
N HIS A 190 -89.66 181.94 -138.50
CA HIS A 190 -90.89 181.51 -137.85
C HIS A 190 -92.07 181.70 -138.81
N SER A 191 -93.16 181.03 -138.48
CA SER A 191 -94.36 181.12 -139.31
C SER A 191 -95.51 180.37 -138.63
N GLN A 192 -96.65 181.02 -138.59
CA GLN A 192 -97.84 180.43 -137.98
C GLN A 192 -97.49 179.87 -136.60
ZN ZN B . -8.99 0.00 -0.34
ZN ZN C . -1.78 8.31 -14.58
ZN ZN D . -40.82 135.66 -111.54
ZN ZN E . -48.93 148.77 -120.26
N MET A 1 -17.21 -20.64 13.46
CA MET A 1 -17.43 -19.45 14.28
C MET A 1 -16.55 -18.30 13.81
N PRO A 2 -17.03 -17.06 14.09
CA PRO A 2 -16.30 -15.86 13.70
C PRO A 2 -15.09 -15.64 14.60
N ASN A 3 -13.91 -15.88 14.05
CA ASN A 3 -12.68 -15.70 14.80
C ASN A 3 -12.10 -14.31 14.52
N TRP A 4 -11.15 -13.93 15.35
CA TRP A 4 -10.51 -12.63 15.19
C TRP A 4 -9.00 -12.84 15.20
N GLY A 5 -8.29 -11.83 14.70
CA GLY A 5 -6.84 -11.90 14.65
C GLY A 5 -6.30 -11.02 13.52
N GLY A 6 -5.01 -10.72 13.60
CA GLY A 6 -4.37 -9.90 12.60
C GLY A 6 -2.95 -9.52 13.04
N GLY A 7 -2.10 -9.25 12.04
CA GLY A 7 -0.72 -8.88 12.31
C GLY A 7 -0.53 -7.38 12.13
N LYS A 8 0.66 -7.03 11.65
CA LYS A 8 0.99 -5.63 11.42
C LYS A 8 1.30 -5.42 9.93
N LYS A 9 1.60 -4.17 9.59
CA LYS A 9 1.92 -3.84 8.22
C LYS A 9 3.25 -3.09 8.18
N CYS A 10 4.26 -3.77 7.64
CA CYS A 10 5.59 -3.19 7.54
C CYS A 10 5.57 -2.13 6.44
N GLY A 11 5.58 -0.87 6.86
CA GLY A 11 5.56 0.23 5.92
C GLY A 11 6.96 0.48 5.34
N VAL A 12 7.88 -0.41 5.69
CA VAL A 12 9.24 -0.29 5.22
C VAL A 12 9.42 -1.14 3.95
N CYS A 13 9.30 -2.45 4.14
CA CYS A 13 9.44 -3.38 3.03
C CYS A 13 8.08 -3.47 2.32
N GLN A 14 7.04 -3.11 3.05
CA GLN A 14 5.69 -3.16 2.50
C GLN A 14 5.12 -4.57 2.60
N LYS A 15 5.59 -5.30 3.61
CA LYS A 15 5.14 -6.65 3.83
C LYS A 15 4.39 -6.73 5.17
N ALA A 16 3.44 -7.64 5.22
CA ALA A 16 2.64 -7.82 6.42
C ALA A 16 3.47 -8.54 7.49
N VAL A 17 3.41 -8.01 8.70
CA VAL A 17 4.15 -8.59 9.80
C VAL A 17 3.23 -9.50 10.62
N TYR A 18 3.85 -10.46 11.30
CA TYR A 18 3.09 -11.40 12.11
C TYR A 18 3.56 -11.36 13.57
N PHE A 19 3.50 -10.16 14.14
CA PHE A 19 3.90 -9.97 15.53
C PHE A 19 5.32 -10.52 15.76
N ALA A 20 5.82 -10.27 16.96
CA ALA A 20 7.15 -10.73 17.31
C ALA A 20 8.20 -9.89 16.59
N GLU A 21 8.15 -9.95 15.26
CA GLU A 21 9.08 -9.20 14.44
C GLU A 21 8.72 -7.72 14.43
N GLU A 22 7.42 -7.48 14.31
CA GLU A 22 6.92 -6.11 14.28
C GLU A 22 7.69 -5.25 15.29
N VAL A 23 8.21 -4.13 14.77
CA VAL A 23 8.98 -3.23 15.60
C VAL A 23 8.35 -1.83 15.51
N GLN A 24 7.90 -1.35 16.67
CA GLN A 24 7.28 -0.03 16.74
C GLN A 24 8.35 1.06 16.64
N CYS A 25 8.10 2.00 15.74
CA CYS A 25 9.02 3.10 15.53
C CYS A 25 8.20 4.38 15.28
N GLU A 26 8.60 5.44 15.95
CA GLU A 26 7.92 6.71 15.81
C GLU A 26 7.55 6.96 14.34
N GLY A 27 6.27 6.74 14.04
CA GLY A 27 5.78 6.93 12.69
C GLY A 27 5.06 5.67 12.19
N SER A 28 5.79 4.56 12.24
CA SER A 28 5.23 3.29 11.80
C SER A 28 6.02 2.13 12.40
N SER A 29 5.68 0.93 11.96
CA SER A 29 6.35 -0.26 12.45
C SER A 29 7.01 -1.01 11.29
N PHE A 30 8.16 -1.60 11.59
CA PHE A 30 8.90 -2.34 10.58
C PHE A 30 9.38 -3.69 11.14
N HIS A 31 9.76 -4.56 10.22
CA HIS A 31 10.24 -5.89 10.61
C HIS A 31 11.53 -5.75 11.42
N LYS A 32 11.72 -6.69 12.33
CA LYS A 32 12.90 -6.69 13.17
C LYS A 32 14.16 -6.56 12.29
N SER A 33 14.24 -7.44 11.31
CA SER A 33 15.37 -7.44 10.40
C SER A 33 15.38 -6.14 9.58
N CYS A 34 14.18 -5.64 9.33
CA CYS A 34 14.03 -4.41 8.57
C CYS A 34 14.71 -3.28 9.34
N PHE A 35 14.36 -3.18 10.61
CA PHE A 35 14.91 -2.15 11.47
C PHE A 35 16.40 -2.40 11.72
N LEU A 36 17.21 -1.80 10.85
CA LEU A 36 18.65 -1.94 10.97
C LEU A 36 19.32 -0.61 10.61
N CYS A 37 20.28 -0.22 11.42
CA CYS A 37 21.00 1.02 11.21
C CYS A 37 21.47 1.05 9.75
N MET A 38 20.86 1.94 8.98
CA MET A 38 21.20 2.07 7.58
C MET A 38 22.56 2.77 7.41
N VAL A 39 23.18 3.06 8.55
CA VAL A 39 24.47 3.72 8.54
C VAL A 39 25.58 2.67 8.72
N CYS A 40 25.71 2.20 9.94
CA CYS A 40 26.71 1.20 10.26
C CYS A 40 26.28 -0.13 9.64
N LYS A 41 25.02 -0.18 9.23
CA LYS A 41 24.47 -1.37 8.62
C LYS A 41 24.33 -2.46 9.68
N LYS A 42 24.29 -2.02 10.94
CA LYS A 42 24.15 -2.94 12.06
C LYS A 42 22.69 -2.97 12.50
N ASN A 43 22.19 -4.19 12.68
CA ASN A 43 20.82 -4.36 13.11
C ASN A 43 20.50 -3.40 14.25
N LEU A 44 19.26 -2.95 14.28
CA LEU A 44 18.82 -2.02 15.31
C LEU A 44 17.63 -2.62 16.06
N ASP A 45 17.64 -2.44 17.38
CA ASP A 45 16.57 -2.95 18.20
C ASP A 45 16.55 -2.19 19.54
N SER A 46 15.35 -2.01 20.05
CA SER A 46 15.18 -1.30 21.31
C SER A 46 15.32 0.21 21.08
N THR A 47 15.15 0.96 22.16
CA THR A 47 15.25 2.40 22.09
C THR A 47 16.67 2.82 21.68
N THR A 48 17.08 3.98 22.17
CA THR A 48 18.40 4.49 21.86
C THR A 48 18.60 4.57 20.34
N VAL A 49 17.49 4.54 19.63
CA VAL A 49 17.52 4.60 18.17
C VAL A 49 16.87 5.90 17.71
N ALA A 50 17.10 6.23 16.45
CA ALA A 50 16.54 7.43 15.87
C ALA A 50 16.19 7.19 14.40
N VAL A 51 15.41 8.09 13.85
CA VAL A 51 15.00 7.98 12.45
C VAL A 51 15.47 9.21 11.68
N HIS A 52 15.26 9.17 10.38
CA HIS A 52 15.66 10.28 9.52
C HIS A 52 15.05 10.10 8.14
N GLY A 53 14.08 10.96 7.83
CA GLY A 53 13.40 10.90 6.55
C GLY A 53 12.96 9.47 6.22
N ASP A 54 13.60 8.91 5.21
CA ASP A 54 13.29 7.56 4.78
C ASP A 54 14.47 6.64 5.12
N GLU A 55 14.95 6.79 6.34
CA GLU A 55 16.07 5.97 6.80
C GLU A 55 16.08 5.89 8.33
N ILE A 56 16.74 4.87 8.84
CA ILE A 56 16.82 4.67 10.28
C ILE A 56 18.30 4.61 10.68
N TYR A 57 18.60 5.28 11.79
CA TYR A 57 19.96 5.31 12.30
C TYR A 57 19.97 5.14 13.82
N CYS A 58 21.05 4.55 14.30
CA CYS A 58 21.21 4.32 15.72
C CYS A 58 21.61 5.63 16.39
N LYS A 59 21.20 5.77 17.64
CA LYS A 59 21.51 6.98 18.40
C LYS A 59 22.93 7.43 18.07
N SER A 60 23.89 6.67 18.60
CA SER A 60 25.29 6.98 18.36
C SER A 60 25.47 7.62 16.99
N CYS A 61 25.25 6.81 15.96
CA CYS A 61 25.39 7.28 14.59
C CYS A 61 24.79 8.69 14.51
N TYR A 62 23.52 8.78 14.88
CA TYR A 62 22.83 10.06 14.84
C TYR A 62 23.71 11.17 15.41
N GLY A 63 24.17 10.97 16.63
CA GLY A 63 25.03 11.95 17.28
C GLY A 63 26.34 12.12 16.52
N LYS A 64 26.68 11.10 15.75
CA LYS A 64 27.90 11.12 14.98
C LYS A 64 27.72 12.04 13.76
N LYS A 65 26.58 11.87 13.10
CA LYS A 65 26.27 12.68 11.93
C LYS A 65 26.11 14.15 12.34
N TYR A 66 25.33 14.35 13.39
CA TYR A 66 25.09 15.69 13.90
C TYR A 66 26.36 16.28 14.50
N GLY A 67 27.00 15.50 15.36
CA GLY A 67 28.23 15.95 16.00
C GLY A 67 27.99 17.22 16.81
N PRO A 68 28.93 17.47 17.78
CA PRO A 68 28.83 18.65 18.62
C PRO A 68 29.24 19.91 17.85
N LYS A 69 29.19 21.03 18.56
CA LYS A 69 29.55 22.30 17.96
C LYS A 69 30.47 23.07 18.91
N GLY A 70 31.21 24.00 18.34
CA GLY A 70 32.14 24.80 19.13
C GLY A 70 32.04 26.28 18.74
N LYS A 71 33.08 27.02 19.08
CA LYS A 71 33.13 28.44 18.77
C LYS A 71 34.55 28.96 19.04
N GLY A 72 34.74 30.24 18.72
CA GLY A 72 36.03 30.87 18.91
C GLY A 72 35.94 32.38 18.64
N LYS A 73 36.98 33.08 19.10
CA LYS A 73 37.04 34.52 18.92
C LYS A 73 38.37 35.04 19.45
N GLY A 74 38.56 36.35 19.29
CA GLY A 74 39.79 36.98 19.75
C GLY A 74 39.87 38.43 19.27
N MET A 75 40.79 39.17 19.87
CA MET A 75 40.98 40.57 19.51
C MET A 75 42.13 41.19 20.31
N GLY A 76 42.77 42.18 19.70
CA GLY A 76 43.88 42.85 20.33
C GLY A 76 43.74 44.37 20.20
N ALA A 77 44.85 45.05 20.44
CA ALA A 77 44.88 46.51 20.35
C ALA A 77 46.31 47.01 20.56
N GLY A 78 46.47 48.31 20.41
CA GLY A 78 47.78 48.92 20.58
C GLY A 78 47.66 50.45 20.64
N THR A 79 48.80 51.08 20.89
CA THR A 79 48.84 52.54 20.97
C THR A 79 50.24 53.05 20.64
N LEU A 80 50.30 54.33 20.29
CA LEU A 80 51.56 54.95 19.95
C LEU A 80 51.54 56.42 20.39
N SER A 81 52.68 57.07 20.23
CA SER A 81 52.81 58.47 20.59
C SER A 81 54.14 59.02 20.09
N THR A 82 54.14 60.34 19.87
CA THR A 82 55.34 61.01 19.38
C THR A 82 55.23 62.51 19.60
N ASP A 83 56.34 63.10 20.02
CA ASP A 83 56.38 64.54 20.26
C ASP A 83 57.77 65.07 19.89
N LYS A 84 57.83 66.39 19.72
CA LYS A 84 59.08 67.04 19.38
C LYS A 84 59.11 68.45 19.96
N GLY A 85 60.22 69.12 19.77
CA GLY A 85 60.38 70.48 20.26
C GLY A 85 61.77 71.04 19.91
N GLU A 86 61.84 72.36 19.88
CA GLU A 86 63.09 73.03 19.55
C GLU A 86 62.90 74.55 19.56
N SER A 87 64.01 75.25 19.71
CA SER A 87 63.99 76.70 19.74
C SER A 87 65.41 77.24 19.88
N LEU A 88 65.52 78.56 19.71
CA LEU A 88 66.81 79.22 19.81
C LEU A 88 66.62 80.73 19.65
N GLY A 89 67.66 81.46 20.00
CA GLY A 89 67.63 82.91 19.89
C GLY A 89 69.03 83.51 19.97
N ILE A 90 69.11 84.80 19.75
CA ILE A 90 70.38 85.50 19.79
C ILE A 90 70.14 87.00 19.65
N LYS A 91 71.05 87.78 20.23
CA LYS A 91 70.95 89.22 20.17
C LYS A 91 72.36 89.83 20.13
N TYR A 92 72.40 91.14 19.96
CA TYR A 92 73.67 91.85 19.90
C TYR A 92 73.45 93.36 19.99
N GLU A 93 74.52 94.06 20.34
CA GLU A 93 74.46 95.50 20.47
C GLU A 93 75.74 96.14 19.91
N GLU A 94 75.71 97.46 19.81
CA GLU A 94 76.87 98.20 19.29
C GLU A 94 76.88 99.61 19.86
N GLY A 95 77.97 100.31 19.59
CA GLY A 95 78.13 101.67 20.07
C GLY A 95 78.97 102.50 19.09
N GLN A 96 79.42 103.65 19.58
CA GLN A 96 80.24 104.53 18.76
C GLN A 96 80.76 105.70 19.60
N SER A 97 81.65 106.47 19.00
CA SER A 97 82.23 107.62 19.67
C SER A 97 83.12 108.40 18.71
N HIS A 98 83.26 109.69 18.99
CA HIS A 98 84.07 110.55 18.17
C HIS A 98 84.81 111.57 19.05
N ARG A 99 85.67 112.35 18.41
CA ARG A 99 86.44 113.36 19.12
C ARG A 99 86.53 114.64 18.29
N PRO A 100 86.61 115.79 19.01
CA PRO A 100 86.70 117.08 18.35
C PRO A 100 88.10 117.31 17.78
N THR A 101 88.27 118.46 17.17
CA THR A 101 89.55 118.81 16.58
C THR A 101 90.03 120.18 17.09
N ASN A 102 91.21 120.57 16.63
CA ASN A 102 91.79 121.83 17.05
C ASN A 102 92.27 122.59 15.81
N PRO A 103 91.91 123.90 15.75
CA PRO A 103 92.30 124.73 14.63
C PRO A 103 93.77 125.13 14.73
N ASN A 104 94.21 125.90 13.75
CA ASN A 104 95.60 126.34 13.71
C ASN A 104 95.65 127.80 13.26
N ALA A 105 96.82 128.40 13.44
CA ALA A 105 97.01 129.80 13.06
C ALA A 105 98.41 129.97 12.48
N SER A 106 98.68 131.18 12.02
CA SER A 106 99.97 131.50 11.44
C SER A 106 100.28 132.99 11.61
N ARG A 107 101.52 133.35 11.29
CA ARG A 107 101.94 134.73 11.40
C ARG A 107 102.98 135.05 10.33
N MET A 108 103.08 136.34 10.03
CA MET A 108 104.03 136.79 9.02
C MET A 108 104.92 137.91 9.57
N ALA A 109 105.93 138.25 8.78
CA ALA A 109 106.87 139.29 9.17
C ALA A 109 107.28 140.09 7.94
N GLN A 110 108.08 141.13 8.18
CA GLN A 110 108.54 141.97 7.10
C GLN A 110 110.03 142.32 7.31
N LYS A 111 110.61 142.94 6.28
CA LYS A 111 112.00 143.33 6.35
C LYS A 111 112.17 144.70 5.68
N VAL A 112 113.39 145.20 5.74
CA VAL A 112 113.70 146.49 5.15
C VAL A 112 115.20 146.57 4.86
N GLY A 113 115.58 147.60 4.11
CA GLY A 113 116.97 147.79 3.75
C GLY A 113 117.30 149.29 3.67
N GLY A 114 118.50 149.56 3.17
CA GLY A 114 118.95 150.94 3.02
C GLY A 114 119.20 151.29 1.55
N SER A 115 119.02 152.56 1.25
CA SER A 115 119.22 153.04 -0.11
C SER A 115 118.98 154.55 -0.18
N ASP A 116 119.41 155.14 -1.29
CA ASP A 116 119.24 156.57 -1.50
C ASP A 116 119.16 156.85 -3.00
N GLY A 117 119.60 158.06 -3.36
CA GLY A 117 119.58 158.46 -4.74
C GLY A 117 120.86 159.22 -5.11
N CYS A 118 121.01 159.48 -6.40
CA CYS A 118 122.19 160.19 -6.90
C CYS A 118 121.79 161.64 -7.14
N PRO A 119 122.29 162.54 -6.25
CA PRO A 119 122.00 163.95 -6.36
C PRO A 119 122.80 164.60 -7.49
N ARG A 120 123.62 163.77 -8.14
CA ARG A 120 124.45 164.24 -9.24
C ARG A 120 123.71 164.06 -10.56
N CYS A 121 123.55 162.80 -10.96
CA CYS A 121 122.87 162.48 -12.19
C CYS A 121 121.36 162.61 -11.96
N GLY A 122 120.95 162.25 -10.75
CA GLY A 122 119.55 162.31 -10.40
C GLY A 122 118.89 160.93 -10.51
N GLN A 123 119.72 159.91 -10.45
CA GLN A 123 119.24 158.54 -10.55
C GLN A 123 119.39 157.83 -9.20
N ALA A 124 118.34 157.13 -8.81
CA ALA A 124 118.35 156.39 -7.56
C ALA A 124 119.70 155.71 -7.38
N VAL A 125 120.03 155.44 -6.12
CA VAL A 125 121.29 154.79 -5.80
C VAL A 125 121.03 153.62 -4.86
N TYR A 126 121.38 152.42 -5.33
CA TYR A 126 121.19 151.22 -4.54
C TYR A 126 122.42 150.31 -4.61
N ALA A 127 122.24 149.07 -4.18
CA ALA A 127 123.32 148.11 -4.19
C ALA A 127 123.87 147.99 -5.62
N ALA A 128 125.08 148.51 -5.80
CA ALA A 128 125.73 148.46 -7.10
C ALA A 128 126.90 149.45 -7.10
N GLU A 129 126.56 150.73 -7.08
CA GLU A 129 127.57 151.77 -7.09
C GLU A 129 127.17 152.90 -6.14
N LYS A 130 126.72 152.50 -4.95
CA LYS A 130 126.31 153.47 -3.95
C LYS A 130 127.54 153.97 -3.19
N VAL A 131 127.65 155.29 -3.13
CA VAL A 131 128.78 155.91 -2.44
C VAL A 131 128.24 156.91 -1.42
N ILE A 132 129.01 157.07 -0.34
CA ILE A 132 128.63 157.98 0.72
C ILE A 132 129.78 158.95 0.99
N GLY A 133 129.52 160.22 0.74
CA GLY A 133 130.53 161.25 0.95
C GLY A 133 129.87 162.61 1.23
N ALA A 134 130.61 163.44 1.94
CA ALA A 134 130.11 164.77 2.28
C ALA A 134 128.70 164.64 2.87
N GLY A 135 128.53 163.65 3.73
CA GLY A 135 127.25 163.41 4.36
C GLY A 135 126.14 163.32 3.32
N LYS A 136 126.45 162.64 2.23
CA LYS A 136 125.49 162.47 1.15
C LYS A 136 125.79 161.18 0.40
N SER A 137 124.86 160.80 -0.46
CA SER A 137 125.02 159.59 -1.25
C SER A 137 124.98 159.92 -2.74
N TRP A 138 125.71 159.12 -3.51
CA TRP A 138 125.78 159.33 -4.95
C TRP A 138 126.36 158.05 -5.58
N HIS A 139 126.41 158.06 -6.90
CA HIS A 139 126.95 156.93 -7.63
C HIS A 139 128.48 156.93 -7.55
N LYS A 140 129.02 155.79 -7.16
CA LYS A 140 130.46 155.65 -7.02
C LYS A 140 131.11 155.91 -8.39
N SER A 141 130.28 155.92 -9.42
CA SER A 141 130.76 156.16 -10.77
C SER A 141 130.80 157.66 -11.06
N CYS A 142 129.68 158.31 -10.76
CA CYS A 142 129.58 159.75 -10.98
C CYS A 142 130.46 160.46 -9.96
N PHE A 143 130.13 160.25 -8.69
CA PHE A 143 130.88 160.86 -7.61
C PHE A 143 132.35 161.08 -8.01
N ARG A 144 132.65 162.30 -8.41
CA ARG A 144 134.00 162.64 -8.82
C ARG A 144 134.34 164.07 -8.38
N CYS A 145 135.60 164.25 -8.00
CA CYS A 145 136.07 165.55 -7.56
C CYS A 145 135.50 166.61 -8.50
N ALA A 146 134.82 167.59 -7.91
CA ALA A 146 134.22 168.66 -8.68
C ALA A 146 135.24 169.79 -8.86
N LYS A 147 136.50 169.39 -9.00
CA LYS A 147 137.58 170.33 -9.18
C LYS A 147 138.50 169.85 -10.30
N CYS A 148 138.84 168.57 -10.23
CA CYS A 148 139.71 167.97 -11.22
C CYS A 148 138.88 166.99 -12.06
N GLY A 149 137.79 166.53 -11.46
CA GLY A 149 136.92 165.59 -12.13
C GLY A 149 137.41 164.15 -11.96
N LYS A 150 138.21 163.95 -10.92
CA LYS A 150 138.76 162.64 -10.64
C LYS A 150 137.72 161.81 -9.88
N SER A 151 137.37 160.67 -10.47
CA SER A 151 136.40 159.79 -9.86
C SER A 151 136.90 159.31 -8.50
N LEU A 152 136.01 159.35 -7.52
CA LEU A 152 136.35 158.93 -6.17
C LEU A 152 135.65 157.60 -5.87
N GLU A 153 135.80 157.15 -4.63
CA GLU A 153 135.20 155.91 -4.21
C GLU A 153 134.67 156.03 -2.78
N SER A 154 135.58 156.34 -1.86
CA SER A 154 135.23 156.49 -0.47
C SER A 154 136.31 157.30 0.26
N THR A 155 137.52 156.77 0.23
CA THR A 155 138.65 157.43 0.88
C THR A 155 139.30 158.43 -0.08
N THR A 156 140.17 159.25 0.48
CA THR A 156 140.87 160.25 -0.29
C THR A 156 139.88 161.26 -0.88
N LEU A 157 138.72 161.33 -0.25
CA LEU A 157 137.68 162.25 -0.70
C LEU A 157 137.50 163.36 0.33
N ALA A 158 137.10 164.53 -0.15
CA ALA A 158 136.89 165.67 0.72
C ALA A 158 135.47 166.19 0.54
N ASP A 159 134.95 166.79 1.60
CA ASP A 159 133.60 167.33 1.57
C ASP A 159 133.63 168.77 2.07
N LYS A 160 133.50 169.69 1.13
CA LYS A 160 133.50 171.11 1.47
C LYS A 160 132.06 171.61 1.54
N ASP A 161 131.51 171.58 2.74
CA ASP A 161 130.15 172.04 2.97
C ASP A 161 129.28 171.60 1.79
N GLY A 162 129.13 170.29 1.66
CA GLY A 162 128.33 169.73 0.59
C GLY A 162 129.21 169.34 -0.60
N GLU A 163 130.02 170.29 -1.04
CA GLU A 163 130.90 170.05 -2.16
C GLU A 163 131.77 168.81 -1.91
N ILE A 164 132.24 168.23 -3.00
CA ILE A 164 133.08 167.04 -2.92
C ILE A 164 134.29 167.20 -3.83
N TYR A 165 135.45 166.87 -3.29
CA TYR A 165 136.69 166.97 -4.05
C TYR A 165 137.65 165.83 -3.67
N CYS A 166 138.85 165.92 -4.23
CA CYS A 166 139.87 164.91 -3.97
C CYS A 166 140.79 165.44 -2.86
N LYS A 167 141.36 164.51 -2.11
CA LYS A 167 142.25 164.86 -1.02
C LYS A 167 143.26 165.90 -1.52
N GLY A 168 143.77 165.66 -2.73
CA GLY A 168 144.74 166.56 -3.33
C GLY A 168 144.17 167.98 -3.45
N CYS A 169 142.84 168.03 -3.61
CA CYS A 169 142.17 169.30 -3.75
C CYS A 169 141.97 169.90 -2.35
N TYR A 170 141.49 169.06 -1.45
CA TYR A 170 141.25 169.49 -0.08
C TYR A 170 142.55 170.00 0.57
N ALA A 171 143.65 169.38 0.16
CA ALA A 171 144.95 169.75 0.70
C ALA A 171 145.45 171.01 -0.01
N LYS A 172 145.64 170.88 -1.32
CA LYS A 172 146.11 171.99 -2.12
C LYS A 172 145.29 173.23 -1.80
N ASN A 173 143.98 173.13 -2.04
CA ASN A 173 143.09 174.24 -1.78
C ASN A 173 143.50 174.93 -0.47
N PHE A 174 143.90 174.10 0.50
CA PHE A 174 144.33 174.61 1.79
C PHE A 174 145.74 174.16 2.11
N GLY A 175 146.67 174.57 1.27
CA GLY A 175 148.08 174.22 1.46
C GLY A 175 148.99 175.20 0.74
N PRO A 176 150.13 174.66 0.22
CA PRO A 176 151.09 175.47 -0.50
C PRO A 176 150.58 175.83 -1.89
N LYS A 177 151.38 176.61 -2.59
CA LYS A 177 151.03 177.04 -3.94
C LYS A 177 149.83 177.99 -3.87
N GLY A 178 150.05 179.19 -4.39
CA GLY A 178 148.99 180.21 -4.39
C GLY A 178 148.18 180.13 -5.68
N PHE A 179 147.14 180.95 -5.73
CA PHE A 179 146.27 180.99 -6.89
C PHE A 179 145.69 182.40 -7.09
N GLY A 180 145.08 182.59 -8.25
CA GLY A 180 144.48 183.88 -8.58
C GLY A 180 143.58 183.77 -9.81
N PHE A 181 142.65 184.70 -9.91
CA PHE A 181 141.72 184.73 -11.03
C PHE A 181 142.01 185.91 -11.96
N GLY A 182 141.39 185.86 -13.13
CA GLY A 182 141.57 186.92 -14.11
C GLY A 182 141.48 186.36 -15.53
N GLN A 183 140.27 186.34 -16.05
CA GLN A 183 140.04 185.84 -17.40
C GLN A 183 138.60 186.12 -17.83
N GLY A 184 138.37 186.04 -19.13
CA GLY A 184 137.05 186.29 -19.68
C GLY A 184 137.09 186.33 -21.21
N ALA A 185 135.96 185.98 -21.81
CA ALA A 185 135.85 185.97 -23.26
C ALA A 185 134.48 186.50 -23.67
N GLY A 186 134.35 187.82 -23.59
CA GLY A 186 133.09 188.46 -23.94
C GLY A 186 132.31 188.87 -22.70
N ALA A 187 132.79 189.91 -22.04
CA ALA A 187 132.14 190.41 -20.84
C ALA A 187 131.02 191.38 -21.23
N LEU A 188 131.43 192.45 -21.89
CA LEU A 188 130.47 193.46 -22.32
C LEU A 188 129.35 192.79 -23.11
N ILE A 189 128.22 193.47 -23.16
CA ILE A 189 127.06 192.96 -23.89
C ILE A 189 126.55 194.03 -24.86
N HIS A 190 126.05 193.56 -25.99
CA HIS A 190 125.54 194.46 -27.01
C HIS A 190 124.64 195.50 -26.35
N SER A 191 124.33 196.54 -27.12
CA SER A 191 123.48 197.61 -26.63
C SER A 191 122.16 197.63 -27.41
N GLN A 192 121.21 196.84 -26.93
CA GLN A 192 119.91 196.76 -27.57
C GLN A 192 118.86 196.25 -26.57
ZN ZN B . 9.76 -5.19 6.76
ZN ZN C . 24.63 2.90 13.51
ZN ZN D . 125.05 159.21 -10.49
ZN ZN E . 140.43 167.28 -7.28
N MET A 1 -17.21 -20.64 13.46
CA MET A 1 -17.43 -19.45 14.28
C MET A 1 -16.10 -18.91 14.82
N PRO A 2 -15.51 -17.96 14.05
CA PRO A 2 -14.26 -17.35 14.44
C PRO A 2 -14.46 -16.36 15.58
N ASN A 3 -13.36 -15.76 16.01
CA ASN A 3 -13.40 -14.78 17.09
C ASN A 3 -12.27 -13.77 16.90
N TRP A 4 -12.56 -12.54 17.28
CA TRP A 4 -11.59 -11.46 17.15
C TRP A 4 -12.22 -10.18 17.67
N GLY A 5 -11.37 -9.22 17.98
CA GLY A 5 -11.83 -7.93 18.49
C GLY A 5 -10.75 -7.25 19.32
N GLY A 6 -10.89 -5.94 19.46
CA GLY A 6 -9.93 -5.16 20.22
C GLY A 6 -9.96 -3.69 19.81
N GLY A 7 -9.40 -2.85 20.66
CA GLY A 7 -9.36 -1.42 20.39
C GLY A 7 -9.85 -0.62 21.60
N LYS A 8 -9.36 0.61 21.68
CA LYS A 8 -9.74 1.49 22.78
C LYS A 8 -10.70 2.57 22.26
N LYS A 9 -11.10 3.44 23.17
CA LYS A 9 -12.00 4.53 22.81
C LYS A 9 -11.38 5.86 23.22
N CYS A 10 -11.20 6.72 22.23
CA CYS A 10 -10.62 8.02 22.48
C CYS A 10 -11.68 8.91 23.14
N GLY A 11 -11.47 9.16 24.42
CA GLY A 11 -12.40 9.98 25.19
C GLY A 11 -12.18 11.46 24.89
N VAL A 12 -11.27 11.72 23.96
CA VAL A 12 -10.96 13.09 23.58
C VAL A 12 -11.78 13.48 22.36
N CYS A 13 -11.43 12.86 21.24
CA CYS A 13 -12.13 13.12 19.99
C CYS A 13 -13.47 12.38 20.01
N GLN A 14 -13.51 11.32 20.82
CA GLN A 14 -14.71 10.52 20.95
C GLN A 14 -14.78 9.48 19.82
N LYS A 15 -13.60 9.10 19.34
CA LYS A 15 -13.52 8.12 18.26
C LYS A 15 -12.75 6.90 18.77
N ALA A 16 -13.18 5.74 18.29
CA ALA A 16 -12.55 4.49 18.68
C ALA A 16 -11.14 4.43 18.08
N VAL A 17 -10.20 4.00 18.90
CA VAL A 17 -8.82 3.88 18.49
C VAL A 17 -8.49 2.42 18.21
N TYR A 18 -8.08 2.15 16.99
CA TYR A 18 -7.72 0.80 16.58
C TYR A 18 -6.38 0.38 17.19
N PHE A 19 -6.42 -0.73 17.90
CA PHE A 19 -5.21 -1.26 18.53
C PHE A 19 -3.99 -1.07 17.62
N ALA A 20 -3.15 -0.13 18.01
CA ALA A 20 -1.94 0.15 17.24
C ALA A 20 -1.12 1.22 17.96
N GLU A 21 -1.73 2.38 18.14
CA GLU A 21 -1.06 3.48 18.81
C GLU A 21 -1.75 3.78 20.15
N GLU A 22 -2.90 4.44 20.05
CA GLU A 22 -3.66 4.79 21.24
C GLU A 22 -2.72 5.29 22.34
N VAL A 23 -2.53 6.59 22.37
CA VAL A 23 -1.68 7.21 23.36
C VAL A 23 -2.33 7.10 24.74
N GLN A 24 -1.67 6.38 25.62
CA GLN A 24 -2.18 6.20 26.97
C GLN A 24 -1.69 7.32 27.89
N CYS A 25 -2.38 7.48 29.01
CA CYS A 25 -2.01 8.50 29.97
C CYS A 25 -2.51 8.06 31.35
N GLU A 26 -1.82 7.07 31.91
CA GLU A 26 -2.18 6.55 33.21
C GLU A 26 -3.55 5.86 33.16
N GLY A 27 -4.58 6.68 33.20
CA GLY A 27 -5.95 6.17 33.16
C GLY A 27 -6.65 6.61 31.88
N SER A 28 -6.19 7.72 31.34
CA SER A 28 -6.78 8.26 30.12
C SER A 28 -6.07 7.67 28.89
N SER A 29 -6.62 7.98 27.73
CA SER A 29 -6.06 7.48 26.48
C SER A 29 -6.71 8.19 25.30
N PHE A 30 -5.86 8.72 24.43
CA PHE A 30 -6.35 9.42 23.25
C PHE A 30 -5.42 9.18 22.05
N HIS A 31 -5.88 9.61 20.89
CA HIS A 31 -5.12 9.45 19.66
C HIS A 31 -3.81 10.25 19.77
N LYS A 32 -2.84 9.83 18.97
CA LYS A 32 -1.55 10.50 18.96
C LYS A 32 -1.75 12.00 18.75
N SER A 33 -2.70 12.32 17.89
CA SER A 33 -3.02 13.71 17.59
C SER A 33 -4.11 14.22 18.53
N CYS A 34 -4.13 13.65 19.72
CA CYS A 34 -5.12 14.04 20.71
C CYS A 34 -4.39 14.29 22.03
N PHE A 35 -3.11 14.58 21.92
CA PHE A 35 -2.30 14.85 23.10
C PHE A 35 -1.56 16.18 22.97
N LEU A 36 -2.30 17.26 23.17
CA LEU A 36 -1.73 18.59 23.08
C LEU A 36 -2.32 19.47 24.19
N CYS A 37 -1.43 20.20 24.85
CA CYS A 37 -1.83 21.07 25.93
C CYS A 37 -3.04 21.89 25.45
N MET A 38 -4.18 21.62 26.07
CA MET A 38 -5.41 22.32 25.71
C MET A 38 -5.45 23.70 26.37
N VAL A 39 -4.33 24.07 26.98
CA VAL A 39 -4.24 25.36 27.64
C VAL A 39 -3.45 26.33 26.75
N CYS A 40 -2.17 26.04 26.62
CA CYS A 40 -1.30 26.88 25.82
C CYS A 40 -1.54 26.53 24.34
N LYS A 41 -2.01 25.31 24.12
CA LYS A 41 -2.28 24.85 22.78
C LYS A 41 -1.00 24.29 22.16
N LYS A 42 -0.09 23.88 23.05
CA LYS A 42 1.18 23.32 22.61
C LYS A 42 1.14 21.80 22.77
N ASN A 43 1.48 21.11 21.68
CA ASN A 43 1.50 19.66 21.68
C ASN A 43 2.33 19.17 22.87
N LEU A 44 1.91 18.03 23.41
CA LEU A 44 2.62 17.44 24.54
C LEU A 44 3.09 16.04 24.16
N ASP A 45 4.39 15.94 23.91
CA ASP A 45 4.99 14.67 23.55
C ASP A 45 6.23 14.42 24.42
N SER A 46 6.01 14.43 25.72
CA SER A 46 7.09 14.21 26.66
C SER A 46 6.55 14.22 28.10
N THR A 47 7.40 13.80 29.02
CA THR A 47 7.03 13.75 30.42
C THR A 47 6.61 15.14 30.91
N THR A 48 6.45 15.25 32.22
CA THR A 48 6.07 16.51 32.83
C THR A 48 4.68 16.94 32.35
N VAL A 49 4.01 16.00 31.71
CA VAL A 49 2.66 16.24 31.21
C VAL A 49 1.63 15.80 32.24
N ALA A 50 0.53 16.54 32.28
CA ALA A 50 -0.54 16.24 33.23
C ALA A 50 -1.84 16.08 32.47
N VAL A 51 -2.82 15.51 33.16
CA VAL A 51 -4.14 15.30 32.56
C VAL A 51 -5.19 16.05 33.37
N HIS A 52 -6.41 16.03 32.86
CA HIS A 52 -7.52 16.71 33.52
C HIS A 52 -8.83 16.33 32.83
N GLY A 53 -9.55 15.42 33.48
CA GLY A 53 -10.83 14.97 32.94
C GLY A 53 -10.68 14.52 31.49
N ASP A 54 -11.20 15.34 30.59
CA ASP A 54 -11.14 15.05 29.16
C ASP A 54 -10.25 16.07 28.47
N GLU A 55 -9.13 16.37 29.13
CA GLU A 55 -8.19 17.34 28.58
C GLU A 55 -6.79 17.10 29.16
N ILE A 56 -5.79 17.59 28.44
CA ILE A 56 -4.42 17.44 28.85
C ILE A 56 -3.78 18.82 29.02
N TYR A 57 -2.96 18.93 30.06
CA TYR A 57 -2.29 20.18 30.35
C TYR A 57 -0.86 19.94 30.82
N CYS A 58 0.06 20.72 30.26
CA CYS A 58 1.46 20.59 30.62
C CYS A 58 1.63 21.00 32.08
N LYS A 59 2.63 20.43 32.72
CA LYS A 59 2.91 20.71 34.12
C LYS A 59 2.68 22.20 34.38
N SER A 60 3.60 23.01 33.85
CA SER A 60 3.50 24.45 34.02
C SER A 60 2.04 24.88 34.08
N CYS A 61 1.37 24.76 32.94
CA CYS A 61 -0.03 25.13 32.86
C CYS A 61 -0.73 24.63 34.12
N TYR A 62 -0.67 23.32 34.33
CA TYR A 62 -1.29 22.72 35.49
C TYR A 62 -1.02 23.54 36.76
N GLY A 63 0.26 23.83 36.97
CA GLY A 63 0.67 24.60 38.13
C GLY A 63 0.14 26.04 38.05
N LYS A 64 -0.20 26.45 36.83
CA LYS A 64 -0.72 27.79 36.61
C LYS A 64 -2.18 27.84 37.03
N LYS A 65 -2.95 26.90 36.51
CA LYS A 65 -4.37 26.82 36.82
C LYS A 65 -4.54 26.61 38.33
N TYR A 66 -3.73 25.71 38.86
CA TYR A 66 -3.78 25.41 40.28
C TYR A 66 -3.25 26.57 41.12
N GLY A 67 -2.07 27.05 40.73
CA GLY A 67 -1.45 28.17 41.42
C GLY A 67 -1.22 27.83 42.90
N PRO A 68 -0.27 28.58 43.52
CA PRO A 68 0.06 28.37 44.93
C PRO A 68 -1.04 28.94 45.82
N LYS A 69 -0.82 28.79 47.13
CA LYS A 69 -1.78 29.29 48.11
C LYS A 69 -1.02 29.76 49.35
N GLY A 70 -1.76 30.41 50.23
CA GLY A 70 -1.18 30.93 51.46
C GLY A 70 -2.26 31.42 52.43
N LYS A 71 -1.82 32.10 53.46
CA LYS A 71 -2.74 32.63 54.46
C LYS A 71 -1.98 33.59 55.39
N GLY A 72 -2.73 34.20 56.30
CA GLY A 72 -2.15 35.13 57.25
C GLY A 72 -3.13 35.44 58.38
N LYS A 73 -2.60 36.08 59.42
CA LYS A 73 -3.41 36.44 60.56
C LYS A 73 -2.70 37.54 61.35
N GLY A 74 -3.42 38.06 62.34
CA GLY A 74 -2.87 39.13 63.18
C GLY A 74 -3.94 39.67 64.12
N MET A 75 -3.47 40.25 65.23
CA MET A 75 -4.36 40.82 66.21
C MET A 75 -3.58 41.43 67.38
N GLY A 76 -4.27 42.26 68.14
CA GLY A 76 -3.65 42.92 69.28
C GLY A 76 -4.66 43.83 70.00
N ALA A 77 -4.40 44.04 71.28
CA ALA A 77 -5.27 44.87 72.09
C ALA A 77 -4.58 45.17 73.43
N GLY A 78 -5.13 46.14 74.14
CA GLY A 78 -4.58 46.53 75.42
C GLY A 78 -5.64 47.24 76.28
N THR A 79 -5.29 47.44 77.54
CA THR A 79 -6.21 48.11 78.46
C THR A 79 -5.42 48.76 79.60
N LEU A 80 -6.10 49.65 80.31
CA LEU A 80 -5.48 50.35 81.42
C LEU A 80 -6.56 51.02 82.27
N SER A 81 -6.19 51.38 83.49
CA SER A 81 -7.12 52.02 84.40
C SER A 81 -6.38 52.50 85.65
N THR A 82 -7.00 53.43 86.35
CA THR A 82 -6.42 53.98 87.56
C THR A 82 -7.51 54.41 88.54
N ASP A 83 -7.13 54.52 89.79
CA ASP A 83 -8.07 54.93 90.83
C ASP A 83 -7.30 55.25 92.11
N LYS A 84 -7.94 56.04 92.97
CA LYS A 84 -7.33 56.43 94.23
C LYS A 84 -8.37 57.12 95.11
N GLY A 85 -8.04 57.22 96.39
CA GLY A 85 -8.94 57.84 97.34
C GLY A 85 -8.64 57.38 98.76
N GLU A 86 -9.15 58.15 99.73
CA GLU A 86 -8.93 57.83 101.12
C GLU A 86 -9.80 58.74 102.01
N SER A 87 -10.05 58.26 103.22
CA SER A 87 -10.86 59.01 104.16
C SER A 87 -10.59 58.52 105.59
N LEU A 88 -10.88 59.40 106.55
CA LEU A 88 -10.68 59.06 107.94
C LEU A 88 -11.60 59.94 108.81
N GLY A 89 -11.78 59.50 110.04
CA GLY A 89 -12.62 60.22 110.98
C GLY A 89 -13.11 59.31 112.10
N ILE A 90 -13.14 59.86 113.31
CA ILE A 90 -13.58 59.11 114.46
C ILE A 90 -13.68 60.04 115.67
N LYS A 91 -14.65 59.76 116.52
CA LYS A 91 -14.87 60.57 117.71
C LYS A 91 -15.87 59.87 118.62
N TYR A 92 -15.66 60.03 119.91
CA TYR A 92 -16.54 59.42 120.90
C TYR A 92 -16.26 59.97 122.31
N GLU A 93 -17.29 59.94 123.14
CA GLU A 93 -17.17 60.42 124.49
C GLU A 93 -18.49 60.26 125.24
N GLU A 94 -18.40 59.80 126.48
CA GLU A 94 -19.58 59.59 127.30
C GLU A 94 -19.18 59.02 128.67
N GLY A 95 -20.07 59.20 129.62
CA GLY A 95 -19.83 58.72 130.97
C GLY A 95 -20.98 59.10 131.91
N GLN A 96 -21.09 58.35 132.99
CA GLN A 96 -22.14 58.60 133.97
C GLN A 96 -22.01 57.62 135.14
N SER A 97 -22.57 58.02 136.27
CA SER A 97 -22.53 57.20 137.47
C SER A 97 -23.56 57.71 138.48
N HIS A 98 -23.91 56.82 139.40
CA HIS A 98 -24.88 57.15 140.44
C HIS A 98 -24.85 56.09 141.53
N ARG A 99 -25.48 56.42 142.65
CA ARG A 99 -25.54 55.50 143.77
C ARG A 99 -26.58 55.97 144.79
N PRO A 100 -27.85 55.56 144.54
CA PRO A 100 -28.94 55.93 145.42
C PRO A 100 -28.90 55.12 146.72
N THR A 101 -29.76 55.51 147.65
CA THR A 101 -29.83 54.83 148.94
C THR A 101 -31.02 55.35 149.75
N ASN A 102 -31.45 54.54 150.70
CA ASN A 102 -32.57 54.89 151.55
C ASN A 102 -32.87 53.74 152.51
N PRO A 103 -32.37 53.90 153.77
CA PRO A 103 -32.57 52.89 154.79
C PRO A 103 -34.01 52.92 155.32
N ASN A 104 -34.28 52.03 156.26
CA ASN A 104 -35.60 51.94 156.86
C ASN A 104 -35.64 50.80 157.86
N ALA A 105 -36.51 50.95 158.85
CA ALA A 105 -36.65 49.93 159.88
C ALA A 105 -37.78 50.33 160.83
N SER A 106 -38.33 49.33 161.50
CA SER A 106 -39.41 49.56 162.44
C SER A 106 -39.54 48.36 163.39
N ARG A 107 -40.13 48.63 164.54
CA ARG A 107 -40.33 47.59 165.54
C ARG A 107 -40.98 48.17 166.79
N MET A 108 -41.88 47.38 167.38
CA MET A 108 -42.58 47.81 168.58
C MET A 108 -43.54 46.73 169.06
N ALA A 109 -43.55 46.52 170.37
CA ALA A 109 -44.41 45.53 170.97
C ALA A 109 -44.26 45.58 172.49
N GLN A 110 -45.36 45.27 173.17
CA GLN A 110 -45.36 45.28 174.63
C GLN A 110 -46.75 44.91 175.15
N LYS A 111 -46.77 44.47 176.40
CA LYS A 111 -48.03 44.08 177.04
C LYS A 111 -47.77 43.78 178.51
N VAL A 112 -48.84 43.86 179.29
CA VAL A 112 -48.75 43.59 180.72
C VAL A 112 -49.89 42.67 181.14
N GLY A 113 -49.59 41.78 182.08
CA GLY A 113 -50.57 40.84 182.57
C GLY A 113 -51.21 41.35 183.87
N GLY A 114 -51.50 40.41 184.76
CA GLY A 114 -52.12 40.74 186.03
C GLY A 114 -53.64 40.76 185.92
N SER A 115 -54.25 39.68 186.38
CA SER A 115 -55.70 39.55 186.34
C SER A 115 -56.13 38.24 186.97
N ASP A 116 -57.43 38.10 187.17
CA ASP A 116 -57.98 36.89 187.76
C ASP A 116 -59.50 37.04 187.88
N GLY A 117 -60.13 35.94 188.25
CA GLY A 117 -61.58 35.93 188.41
C GLY A 117 -61.98 36.21 189.86
N CYS A 118 -63.27 36.44 190.06
CA CYS A 118 -63.79 36.72 191.39
C CYS A 118 -64.34 35.42 191.97
N PRO A 119 -63.63 34.91 193.01
CA PRO A 119 -64.04 33.68 193.66
C PRO A 119 -65.25 33.92 194.57
N ARG A 120 -65.72 35.16 194.57
CA ARG A 120 -66.85 35.53 195.39
C ARG A 120 -68.13 35.53 194.54
N CYS A 121 -68.23 36.52 193.67
CA CYS A 121 -69.38 36.64 192.80
C CYS A 121 -69.25 35.61 191.68
N GLY A 122 -68.01 35.33 191.32
CA GLY A 122 -67.73 34.37 190.27
C GLY A 122 -67.34 35.08 188.98
N GLN A 123 -67.76 36.33 188.87
CA GLN A 123 -67.46 37.12 187.70
C GLN A 123 -65.95 37.35 187.58
N ALA A 124 -65.47 37.36 186.34
CA ALA A 124 -64.06 37.57 186.08
C ALA A 124 -63.67 38.98 186.52
N VAL A 125 -62.40 39.12 186.87
CA VAL A 125 -61.89 40.41 187.31
C VAL A 125 -60.66 40.78 186.47
N TYR A 126 -60.80 41.86 185.72
CA TYR A 126 -59.72 42.32 184.87
C TYR A 126 -59.31 43.75 185.24
N ALA A 127 -58.56 44.36 184.34
CA ALA A 127 -58.09 45.72 184.55
C ALA A 127 -59.21 46.55 185.18
N ALA A 128 -58.84 47.32 186.19
CA ALA A 128 -59.80 48.16 186.88
C ALA A 128 -60.79 47.28 187.65
N GLU A 129 -61.01 47.65 188.90
CA GLU A 129 -61.91 46.90 189.76
C GLU A 129 -61.29 45.56 190.16
N LYS A 130 -60.13 45.66 190.79
CA LYS A 130 -59.42 44.46 191.23
C LYS A 130 -58.94 44.67 192.66
N VAL A 131 -59.08 43.60 193.45
CA VAL A 131 -58.67 43.65 194.85
C VAL A 131 -57.92 42.36 195.19
N ILE A 132 -56.91 42.51 196.04
CA ILE A 132 -56.11 41.38 196.45
C ILE A 132 -56.13 41.27 197.98
N GLY A 133 -56.70 40.17 198.46
CA GLY A 133 -56.80 39.94 199.89
C GLY A 133 -56.72 38.46 200.21
N ALA A 134 -56.05 38.14 201.32
CA ALA A 134 -55.89 36.77 201.74
C ALA A 134 -55.38 35.93 200.58
N GLY A 135 -54.34 36.45 199.94
CA GLY A 135 -53.74 35.76 198.80
C GLY A 135 -54.80 35.34 197.78
N LYS A 136 -55.79 36.21 197.63
CA LYS A 136 -56.88 35.95 196.71
C LYS A 136 -57.27 37.25 196.01
N SER A 137 -57.96 37.10 194.89
CA SER A 137 -58.41 38.26 194.12
C SER A 137 -59.94 38.29 194.07
N TRP A 138 -60.47 39.49 194.04
CA TRP A 138 -61.91 39.69 193.99
C TRP A 138 -62.19 41.11 193.52
N HIS A 139 -63.46 41.39 193.29
CA HIS A 139 -63.87 42.71 192.84
C HIS A 139 -63.71 43.71 193.99
N LYS A 140 -62.89 44.72 193.73
CA LYS A 140 -62.63 45.75 194.73
C LYS A 140 -63.91 46.54 194.98
N SER A 141 -64.82 45.93 195.73
CA SER A 141 -66.08 46.57 196.05
C SER A 141 -67.14 45.51 196.37
N CYS A 142 -66.90 44.31 195.84
CA CYS A 142 -67.82 43.20 196.06
C CYS A 142 -67.36 42.44 197.31
N PHE A 143 -66.08 42.56 197.60
CA PHE A 143 -65.51 41.90 198.76
C PHE A 143 -66.51 41.85 199.91
N ARG A 144 -67.13 40.69 200.07
CA ARG A 144 -68.11 40.49 201.13
C ARG A 144 -67.53 39.63 202.24
N CYS A 145 -67.78 40.05 203.47
CA CYS A 145 -67.29 39.33 204.63
C CYS A 145 -67.94 37.95 204.65
N ALA A 146 -67.11 36.93 204.77
CA ALA A 146 -67.59 35.56 204.81
C ALA A 146 -67.89 35.17 206.27
N LYS A 147 -68.38 36.15 207.01
CA LYS A 147 -68.72 35.93 208.41
C LYS A 147 -70.06 36.59 208.72
N CYS A 148 -70.19 37.83 208.27
CA CYS A 148 -71.41 38.58 208.50
C CYS A 148 -72.13 38.74 207.16
N GLY A 149 -71.36 38.56 206.09
CA GLY A 149 -71.91 38.67 204.75
C GLY A 149 -72.11 40.15 204.37
N LYS A 150 -71.45 41.01 205.12
CA LYS A 150 -71.54 42.44 204.87
C LYS A 150 -70.68 42.79 203.66
N SER A 151 -70.83 44.03 203.20
CA SER A 151 -70.07 44.50 202.05
C SER A 151 -68.83 45.25 202.51
N LEU A 152 -67.75 45.03 201.79
CA LEU A 152 -66.48 45.68 202.11
C LEU A 152 -65.99 46.46 200.89
N GLU A 153 -64.78 46.98 201.02
CA GLU A 153 -64.19 47.76 199.95
C GLU A 153 -62.68 47.49 199.87
N SER A 154 -61.96 48.07 200.82
CA SER A 154 -60.52 47.90 200.87
C SER A 154 -59.90 48.92 201.85
N THR A 155 -59.90 48.53 203.12
CA THR A 155 -59.35 49.40 204.15
C THR A 155 -59.09 48.61 205.42
N THR A 156 -60.07 47.81 205.80
CA THR A 156 -59.97 46.99 206.99
C THR A 156 -60.53 45.59 206.74
N LEU A 157 -59.98 44.94 205.73
CA LEU A 157 -60.43 43.60 205.37
C LEU A 157 -59.48 42.57 205.98
N ALA A 158 -60.05 41.67 206.77
CA ALA A 158 -59.27 40.64 207.42
C ALA A 158 -59.12 39.44 206.47
N ASP A 159 -58.03 38.71 206.66
CA ASP A 159 -57.76 37.55 205.83
C ASP A 159 -57.29 36.39 206.72
N LYS A 160 -58.20 35.45 206.93
CA LYS A 160 -57.89 34.29 207.75
C LYS A 160 -57.52 33.12 206.86
N ASP A 161 -56.22 33.01 206.59
CA ASP A 161 -55.71 31.93 205.75
C ASP A 161 -56.69 31.70 204.60
N GLY A 162 -56.64 32.59 203.62
CA GLY A 162 -57.51 32.49 202.46
C GLY A 162 -58.86 33.16 202.73
N GLU A 163 -59.43 32.82 203.88
CA GLU A 163 -60.71 33.38 204.26
C GLU A 163 -60.63 34.91 204.33
N ILE A 164 -61.77 35.54 204.10
CA ILE A 164 -61.83 36.99 204.14
C ILE A 164 -63.01 37.43 205.02
N TYR A 165 -62.75 38.41 205.85
CA TYR A 165 -63.78 38.93 206.75
C TYR A 165 -63.61 40.43 206.99
N CYS A 166 -64.44 40.96 207.86
CA CYS A 166 -64.40 42.38 208.18
C CYS A 166 -63.56 42.56 209.44
N LYS A 167 -62.79 43.63 209.46
CA LYS A 167 -61.94 43.93 210.61
C LYS A 167 -62.74 43.75 211.89
N GLY A 168 -63.99 44.19 211.84
CA GLY A 168 -64.88 44.09 212.98
C GLY A 168 -65.02 42.64 213.43
N CYS A 169 -64.94 41.73 212.47
CA CYS A 169 -65.06 40.31 212.75
C CYS A 169 -63.71 39.81 213.28
N TYR A 170 -62.66 40.18 212.59
CA TYR A 170 -61.31 39.78 212.98
C TYR A 170 -61.00 40.26 214.40
N ALA A 171 -61.56 41.41 214.75
CA ALA A 171 -61.35 41.98 216.06
C ALA A 171 -62.31 41.34 217.06
N LYS A 172 -63.60 41.57 216.83
CA LYS A 172 -64.62 41.02 217.69
C LYS A 172 -64.34 39.54 217.93
N ASN A 173 -64.39 38.78 216.85
CA ASN A 173 -64.15 37.35 216.93
C ASN A 173 -63.02 37.08 217.93
N PHE A 174 -62.04 37.98 217.92
CA PHE A 174 -60.91 37.85 218.82
C PHE A 174 -60.77 39.09 219.70
N GLY A 175 -61.83 39.36 220.45
CA GLY A 175 -61.83 40.51 221.34
C GLY A 175 -63.23 40.76 221.91
N PRO A 176 -63.57 39.98 222.97
CA PRO A 176 -64.87 40.11 223.60
C PRO A 176 -64.94 41.37 224.46
N LYS A 177 -66.04 42.10 224.30
CA LYS A 177 -66.25 43.33 225.06
C LYS A 177 -66.89 43.00 226.40
N GLY A 178 -66.41 43.67 227.43
CA GLY A 178 -66.93 43.46 228.77
C GLY A 178 -67.54 44.74 229.34
N PHE A 179 -66.68 45.59 229.86
CA PHE A 179 -67.11 46.85 230.44
C PHE A 179 -68.21 46.63 231.48
N GLY A 180 -68.54 47.70 232.18
CA GLY A 180 -69.57 47.65 233.20
C GLY A 180 -69.51 48.86 234.12
N PHE A 181 -70.67 49.26 234.61
CA PHE A 181 -70.76 50.41 235.50
C PHE A 181 -72.20 50.62 235.99
N GLY A 182 -72.34 50.61 237.31
CA GLY A 182 -73.65 50.80 237.92
C GLY A 182 -73.51 51.28 239.36
N GLN A 183 -73.58 52.60 239.51
CA GLN A 183 -73.46 53.21 240.83
C GLN A 183 -74.86 53.41 241.44
N GLY A 184 -75.15 52.64 242.47
CA GLY A 184 -76.43 52.72 243.15
C GLY A 184 -76.27 52.44 244.64
N ALA A 185 -76.58 53.47 245.43
CA ALA A 185 -76.47 53.35 246.88
C ALA A 185 -77.82 53.71 247.51
N GLY A 186 -78.23 54.95 247.27
CA GLY A 186 -79.49 55.44 247.80
C GLY A 186 -79.61 56.96 247.63
N ALA A 187 -80.31 57.35 246.58
CA ALA A 187 -80.49 58.77 246.29
C ALA A 187 -81.55 59.33 247.24
N LEU A 188 -81.14 60.34 247.99
CA LEU A 188 -82.03 60.98 248.94
C LEU A 188 -83.35 61.34 248.24
N ILE A 189 -84.37 60.54 248.52
CA ILE A 189 -85.67 60.76 247.92
C ILE A 189 -86.38 61.90 248.67
N HIS A 190 -87.20 62.62 247.92
CA HIS A 190 -87.94 63.73 248.50
C HIS A 190 -89.37 63.29 248.82
N SER A 191 -89.90 63.82 249.92
CA SER A 191 -91.24 63.49 250.34
C SER A 191 -91.33 61.99 250.64
N GLN A 192 -91.21 61.67 251.92
CA GLN A 192 -91.28 60.28 252.36
C GLN A 192 -92.66 59.99 252.93
ZN ZN B . -8.55 11.05 19.54
ZN ZN C . 0.64 24.17 28.45
ZN ZN D . -66.82 40.01 192.81
ZN ZN E . -67.75 40.29 209.21
N MET A 1 -17.21 -20.64 13.46
CA MET A 1 -17.43 -19.45 14.28
C MET A 1 -17.13 -19.74 15.76
N PRO A 2 -15.82 -19.60 16.11
CA PRO A 2 -15.38 -19.83 17.47
C PRO A 2 -15.79 -18.68 18.38
N ASN A 3 -15.45 -18.82 19.66
CA ASN A 3 -15.77 -17.80 20.64
C ASN A 3 -14.56 -17.55 21.52
N TRP A 4 -14.45 -16.31 22.00
CA TRP A 4 -13.34 -15.93 22.85
C TRP A 4 -13.77 -14.71 23.67
N GLY A 5 -13.63 -14.83 24.98
CA GLY A 5 -14.00 -13.76 25.88
C GLY A 5 -13.34 -13.93 27.25
N GLY A 6 -13.33 -12.85 28.01
CA GLY A 6 -12.75 -12.87 29.34
C GLY A 6 -12.73 -11.47 29.96
N GLY A 7 -12.31 -11.42 31.21
CA GLY A 7 -12.23 -10.16 31.92
C GLY A 7 -10.86 -9.51 31.75
N LYS A 8 -10.26 -9.17 32.88
CA LYS A 8 -8.94 -8.55 32.88
C LYS A 8 -7.99 -9.35 33.78
N LYS A 9 -6.72 -9.02 33.69
CA LYS A 9 -5.71 -9.69 34.48
C LYS A 9 -4.95 -8.66 35.33
N CYS A 10 -5.14 -8.77 36.63
CA CYS A 10 -4.49 -7.86 37.55
C CYS A 10 -2.97 -8.07 37.44
N GLY A 11 -2.32 -7.10 36.82
CA GLY A 11 -0.88 -7.15 36.64
C GLY A 11 -0.16 -6.75 37.92
N VAL A 12 -0.93 -6.53 38.97
CA VAL A 12 -0.38 -6.14 40.25
C VAL A 12 -0.19 -7.38 41.12
N CYS A 13 -1.31 -7.97 41.50
CA CYS A 13 -1.28 -9.16 42.34
C CYS A 13 -1.02 -10.36 41.43
N GLN A 14 -1.37 -10.21 40.17
CA GLN A 14 -1.18 -11.27 39.20
C GLN A 14 -2.37 -12.22 39.21
N LYS A 15 -3.53 -11.67 39.57
CA LYS A 15 -4.75 -12.46 39.63
C LYS A 15 -5.75 -11.90 38.62
N ALA A 16 -6.53 -12.80 38.04
CA ALA A 16 -7.53 -12.41 37.07
C ALA A 16 -8.70 -11.72 37.79
N VAL A 17 -9.16 -10.64 37.18
CA VAL A 17 -10.26 -9.89 37.75
C VAL A 17 -11.46 -9.94 36.79
N TYR A 18 -12.65 -9.96 37.38
CA TYR A 18 -13.87 -10.01 36.60
C TYR A 18 -15.10 -9.99 37.51
N PHE A 19 -15.94 -8.99 37.30
CA PHE A 19 -17.16 -8.85 38.09
C PHE A 19 -16.84 -8.29 39.48
N ALA A 20 -15.90 -8.94 40.15
CA ALA A 20 -15.50 -8.52 41.48
C ALA A 20 -15.49 -7.00 41.55
N GLU A 21 -14.65 -6.40 40.72
CA GLU A 21 -14.53 -4.95 40.67
C GLU A 21 -13.72 -4.52 39.45
N GLU A 22 -12.43 -4.85 39.48
CA GLU A 22 -11.55 -4.51 38.38
C GLU A 22 -11.43 -2.98 38.25
N VAL A 23 -10.21 -2.50 38.46
CA VAL A 23 -9.96 -1.07 38.38
C VAL A 23 -9.00 -0.80 37.22
N GLN A 24 -9.49 -0.05 36.25
CA GLN A 24 -8.70 0.30 35.08
C GLN A 24 -7.88 1.56 35.35
N CYS A 25 -6.57 1.44 35.15
CA CYS A 25 -5.67 2.55 35.36
C CYS A 25 -4.73 2.64 34.16
N GLU A 26 -4.34 3.87 33.85
CA GLU A 26 -3.45 4.11 32.73
C GLU A 26 -2.25 3.15 32.79
N GLY A 27 -1.52 3.25 33.89
CA GLY A 27 -0.35 2.40 34.08
C GLY A 27 -0.70 0.93 33.89
N SER A 28 -1.96 0.61 34.17
CA SER A 28 -2.43 -0.75 34.04
C SER A 28 -3.75 -0.93 34.80
N SER A 29 -4.23 -2.16 34.80
CA SER A 29 -5.47 -2.48 35.49
C SER A 29 -5.20 -3.40 36.67
N PHE A 30 -5.74 -3.02 37.82
CA PHE A 30 -5.56 -3.81 39.04
C PHE A 30 -6.85 -3.87 39.84
N HIS A 31 -6.82 -4.70 40.88
CA HIS A 31 -7.98 -4.86 41.74
C HIS A 31 -8.29 -3.54 42.45
N LYS A 32 -9.44 -3.50 43.10
CA LYS A 32 -9.86 -2.31 43.81
C LYS A 32 -8.97 -2.11 45.04
N SER A 33 -8.70 -3.23 45.72
CA SER A 33 -7.87 -3.19 46.90
C SER A 33 -6.40 -2.96 46.51
N CYS A 34 -6.02 -3.57 45.41
CA CYS A 34 -4.65 -3.45 44.92
C CYS A 34 -4.37 -1.96 44.69
N PHE A 35 -5.38 -1.27 44.16
CA PHE A 35 -5.25 0.15 43.87
C PHE A 35 -5.17 0.95 45.18
N LEU A 36 -4.02 0.86 45.83
CA LEU A 36 -3.81 1.56 47.08
C LEU A 36 -2.39 2.15 47.10
N CYS A 37 -2.30 3.41 47.50
CA CYS A 37 -1.02 4.09 47.57
C CYS A 37 -0.02 3.16 48.25
N MET A 38 0.95 2.71 47.48
CA MET A 38 1.97 1.82 48.00
C MET A 38 3.03 2.59 48.78
N VAL A 39 2.74 3.86 49.01
CA VAL A 39 3.66 4.72 49.74
C VAL A 39 3.12 4.93 51.17
N CYS A 40 2.01 5.65 51.24
CA CYS A 40 1.39 5.93 52.53
C CYS A 40 0.61 4.68 52.97
N LYS A 41 0.22 3.90 51.97
CA LYS A 41 -0.53 2.68 52.24
C LYS A 41 -2.03 3.02 52.34
N LYS A 42 -2.38 4.13 51.71
CA LYS A 42 -3.76 4.57 51.73
C LYS A 42 -4.42 4.24 50.38
N ASN A 43 -5.55 3.55 50.46
CA ASN A 43 -6.27 3.17 49.26
C ASN A 43 -6.50 4.41 48.39
N LEU A 44 -6.48 4.18 47.08
CA LEU A 44 -6.68 5.27 46.13
C LEU A 44 -7.90 4.96 45.27
N ASP A 45 -8.68 6.00 45.00
CA ASP A 45 -9.88 5.85 44.20
C ASP A 45 -10.26 7.22 43.60
N SER A 46 -9.96 7.36 42.31
CA SER A 46 -10.26 8.61 41.62
C SER A 46 -9.99 9.80 42.54
N THR A 47 -8.71 9.96 42.88
CA THR A 47 -8.30 11.06 43.73
C THR A 47 -6.82 11.39 43.52
N THR A 48 -6.59 12.26 42.54
CA THR A 48 -5.23 12.67 42.22
C THR A 48 -4.26 11.49 42.38
N VAL A 49 -4.70 10.34 41.87
CA VAL A 49 -3.90 9.14 41.94
C VAL A 49 -2.92 9.11 40.77
N ALA A 50 -1.74 8.56 41.03
CA ALA A 50 -0.71 8.47 40.00
C ALA A 50 -0.23 7.02 39.91
N VAL A 51 0.47 6.74 38.82
CA VAL A 51 1.00 5.41 38.59
C VAL A 51 2.52 5.48 38.46
N HIS A 52 3.16 4.34 38.74
CA HIS A 52 4.60 4.27 38.66
C HIS A 52 5.04 2.80 38.57
N GLY A 53 5.74 2.48 37.49
CA GLY A 53 6.21 1.13 37.27
C GLY A 53 5.11 0.11 37.55
N ASP A 54 5.28 -0.61 38.65
CA ASP A 54 4.31 -1.62 39.05
C ASP A 54 3.76 -1.27 40.43
N GLU A 55 3.33 -0.03 40.58
CA GLU A 55 2.78 0.44 41.84
C GLU A 55 2.02 1.75 41.64
N ILE A 56 1.16 2.05 42.60
CA ILE A 56 0.36 3.26 42.54
C ILE A 56 0.78 4.19 43.68
N TYR A 57 0.75 5.49 43.39
CA TYR A 57 1.12 6.48 44.37
C TYR A 57 0.29 7.76 44.21
N CYS A 58 -0.23 8.24 45.33
CA CYS A 58 -1.04 9.45 45.32
C CYS A 58 -0.15 10.62 44.92
N LYS A 59 -0.77 11.60 44.27
CA LYS A 59 -0.05 12.79 43.83
C LYS A 59 0.97 13.18 44.90
N SER A 60 0.46 13.72 46.00
CA SER A 60 1.31 14.15 47.09
C SER A 60 2.54 13.26 47.18
N CYS A 61 2.32 12.01 47.55
CA CYS A 61 3.40 11.06 47.68
C CYS A 61 4.34 11.25 46.49
N TYR A 62 3.77 11.18 45.30
CA TYR A 62 4.55 11.34 44.08
C TYR A 62 5.44 12.59 44.17
N GLY A 63 4.82 13.70 44.51
CA GLY A 63 5.53 14.96 44.63
C GLY A 63 6.54 14.91 45.78
N LYS A 64 6.33 13.94 46.66
CA LYS A 64 7.21 13.77 47.81
C LYS A 64 8.50 13.07 47.36
N LYS A 65 8.33 11.95 46.69
CA LYS A 65 9.46 11.19 46.21
C LYS A 65 10.20 12.00 45.14
N TYR A 66 9.42 12.52 44.20
CA TYR A 66 9.98 13.33 43.13
C TYR A 66 10.55 14.64 43.66
N GLY A 67 9.74 15.32 44.46
CA GLY A 67 10.15 16.59 45.04
C GLY A 67 10.34 17.64 43.95
N PRO A 68 10.52 18.91 44.42
CA PRO A 68 10.71 20.02 43.50
C PRO A 68 12.11 20.00 42.90
N LYS A 69 12.21 20.56 41.70
CA LYS A 69 13.49 20.61 41.01
C LYS A 69 14.44 21.56 41.76
N GLY A 70 15.72 21.32 41.60
CA GLY A 70 16.73 22.15 42.25
C GLY A 70 16.83 23.52 41.57
N LYS A 71 17.96 24.18 41.79
CA LYS A 71 18.19 25.49 41.22
C LYS A 71 19.69 25.79 41.24
N GLY A 72 20.07 26.76 40.42
CA GLY A 72 21.47 27.16 40.34
C GLY A 72 21.67 28.59 40.84
N LYS A 73 22.61 29.28 40.21
CA LYS A 73 22.91 30.65 40.59
C LYS A 73 23.21 31.46 39.33
N GLY A 74 23.17 32.78 39.48
CA GLY A 74 23.43 33.67 38.37
C GLY A 74 24.82 34.30 38.50
N MET A 75 24.96 35.47 37.89
CA MET A 75 26.22 36.19 37.94
C MET A 75 25.98 37.70 38.05
N GLY A 76 27.05 38.40 38.43
CA GLY A 76 26.97 39.85 38.58
C GLY A 76 27.38 40.56 37.28
N ALA A 77 28.03 41.69 37.45
CA ALA A 77 28.48 42.47 36.31
C ALA A 77 29.48 43.53 36.77
N GLY A 78 30.02 44.26 35.82
CA GLY A 78 30.98 45.31 36.11
C GLY A 78 30.63 46.60 35.38
N THR A 79 31.52 47.57 35.50
CA THR A 79 31.32 48.86 34.88
C THR A 79 32.63 49.39 34.28
N LEU A 80 32.51 50.45 33.50
CA LEU A 80 33.67 51.05 32.87
C LEU A 80 33.32 52.46 32.42
N SER A 81 34.36 53.18 31.99
CA SER A 81 34.18 54.56 31.53
C SER A 81 35.48 55.08 30.95
N THR A 82 35.38 56.23 30.29
CA THR A 82 36.54 56.85 29.68
C THR A 82 36.19 58.26 29.18
N ASP A 83 37.17 59.14 29.29
CA ASP A 83 36.98 60.52 28.86
C ASP A 83 38.29 61.05 28.27
N LYS A 84 38.16 61.91 27.28
CA LYS A 84 39.32 62.49 26.63
C LYS A 84 38.85 63.53 25.61
N GLY A 85 39.63 64.60 25.51
CA GLY A 85 39.31 65.67 24.57
C GLY A 85 40.04 66.97 24.95
N GLU A 86 40.38 67.74 23.92
CA GLU A 86 41.06 68.99 24.14
C GLU A 86 41.35 69.67 22.80
N SER A 87 41.35 71.00 22.83
CA SER A 87 41.60 71.78 21.63
C SER A 87 41.49 73.27 21.95
N LEU A 88 42.33 74.05 21.26
CA LEU A 88 42.33 75.49 21.46
C LEU A 88 43.34 76.13 20.49
N GLY A 89 43.14 77.41 20.25
CA GLY A 89 44.01 78.14 19.35
C GLY A 89 43.23 79.20 18.56
N ILE A 90 43.44 80.45 18.95
CA ILE A 90 42.76 81.56 18.29
C ILE A 90 43.79 82.61 17.90
N LYS A 91 43.42 83.42 16.93
CA LYS A 91 44.30 84.48 16.44
C LYS A 91 43.54 85.36 15.45
N TYR A 92 43.64 86.67 15.66
CA TYR A 92 42.97 87.62 14.79
C TYR A 92 43.37 89.05 15.14
N GLU A 93 43.98 89.71 14.17
CA GLU A 93 44.41 91.09 14.36
C GLU A 93 45.03 91.64 13.07
N GLU A 94 44.60 92.84 12.71
CA GLU A 94 45.09 93.48 11.50
C GLU A 94 44.47 94.87 11.36
N GLY A 95 45.27 95.78 10.79
CA GLY A 95 44.81 97.14 10.59
C GLY A 95 45.98 98.06 10.22
N GLN A 96 45.66 99.10 9.48
CA GLN A 96 46.67 100.06 9.04
C GLN A 96 46.03 101.18 8.23
N SER A 97 46.58 102.38 8.40
CA SER A 97 46.07 103.53 7.68
C SER A 97 46.91 104.77 8.03
N HIS A 98 47.33 105.47 6.99
CA HIS A 98 48.15 106.66 7.16
C HIS A 98 48.36 107.34 5.81
N ARG A 99 48.26 108.66 5.82
CA ARG A 99 48.44 109.44 4.60
C ARG A 99 48.19 110.92 4.87
N PRO A 100 49.27 111.61 5.33
CA PRO A 100 49.17 113.03 5.64
C PRO A 100 49.14 113.86 4.35
N THR A 101 48.87 115.14 4.53
CA THR A 101 48.81 116.06 3.40
C THR A 101 49.41 117.42 3.77
N ASN A 102 49.42 118.31 2.79
CA ASN A 102 49.96 119.64 3.00
C ASN A 102 49.96 120.40 1.68
N PRO A 103 48.93 121.28 1.52
CA PRO A 103 48.80 122.07 0.31
C PRO A 103 49.81 123.22 0.30
N ASN A 104 49.76 123.99 -0.78
CA ASN A 104 50.66 125.12 -0.93
C ASN A 104 49.94 126.26 -1.64
N ALA A 105 50.55 127.43 -1.59
CA ALA A 105 49.98 128.61 -2.23
C ALA A 105 51.10 129.55 -2.66
N SER A 106 50.70 130.61 -3.34
CA SER A 106 51.66 131.60 -3.80
C SER A 106 51.03 133.00 -3.80
N ARG A 107 51.87 133.99 -4.00
CA ARG A 107 51.41 135.37 -4.02
C ARG A 107 52.13 136.16 -5.11
N MET A 108 51.62 137.35 -5.37
CA MET A 108 52.21 138.22 -6.39
C MET A 108 51.91 139.69 -6.09
N ALA A 109 52.57 140.55 -6.84
CA ALA A 109 52.40 141.99 -6.67
C ALA A 109 52.32 142.66 -8.05
N GLN A 110 52.07 143.95 -8.03
CA GLN A 110 51.97 144.71 -9.26
C GLN A 110 52.35 146.18 -9.02
N LYS A 111 52.47 146.92 -10.10
CA LYS A 111 52.83 148.32 -10.02
C LYS A 111 51.95 149.13 -10.96
N VAL A 112 52.12 150.44 -10.92
CA VAL A 112 51.34 151.33 -11.76
C VAL A 112 52.23 152.46 -12.27
N GLY A 113 51.71 153.20 -13.23
CA GLY A 113 52.45 154.32 -13.80
C GLY A 113 51.83 155.65 -13.39
N GLY A 114 52.11 156.67 -14.19
CA GLY A 114 51.58 158.01 -13.92
C GLY A 114 50.59 158.43 -15.00
N SER A 115 49.74 159.39 -14.63
CA SER A 115 48.74 159.90 -15.55
C SER A 115 47.95 161.02 -14.89
N ASP A 116 47.61 162.01 -15.71
CA ASP A 116 46.85 163.16 -15.21
C ASP A 116 46.23 163.89 -16.40
N GLY A 117 46.00 165.18 -16.20
CA GLY A 117 45.40 166.00 -17.25
C GLY A 117 46.17 167.32 -17.41
N CYS A 118 45.82 168.04 -18.46
CA CYS A 118 46.47 169.31 -18.74
C CYS A 118 45.53 170.44 -18.28
N PRO A 119 45.94 171.10 -17.16
CA PRO A 119 45.16 172.19 -16.61
C PRO A 119 45.32 173.45 -17.45
N ARG A 120 46.09 173.33 -18.51
CA ARG A 120 46.32 174.45 -19.42
C ARG A 120 45.34 174.41 -20.58
N CYS A 121 45.57 173.44 -21.47
CA CYS A 121 44.72 173.27 -22.63
C CYS A 121 43.40 172.63 -22.18
N GLY A 122 43.50 171.84 -21.12
CA GLY A 122 42.33 171.17 -20.58
C GLY A 122 42.16 169.78 -21.20
N GLN A 123 43.27 169.26 -21.71
CA GLN A 123 43.26 167.95 -22.33
C GLN A 123 44.05 166.94 -21.48
N ALA A 124 43.46 165.77 -21.31
CA ALA A 124 44.09 164.72 -20.52
C ALA A 124 45.54 164.56 -20.97
N VAL A 125 46.37 164.12 -20.04
CA VAL A 125 47.78 163.92 -20.32
C VAL A 125 48.20 162.53 -19.85
N TYR A 126 48.74 161.76 -20.79
CA TYR A 126 49.17 160.41 -20.50
C TYR A 126 49.73 159.72 -21.75
N ALA A 127 50.90 159.13 -21.59
CA ALA A 127 51.54 158.44 -22.70
C ALA A 127 51.89 159.45 -23.79
N ALA A 128 53.17 159.77 -23.87
CA ALA A 128 53.65 160.73 -24.86
C ALA A 128 53.00 162.09 -24.60
N GLU A 129 53.82 163.12 -24.64
CA GLU A 129 53.35 164.47 -24.42
C GLU A 129 52.85 164.63 -22.98
N LYS A 130 53.70 164.21 -22.05
CA LYS A 130 53.36 164.31 -20.64
C LYS A 130 54.51 164.98 -19.88
N VAL A 131 54.18 166.06 -19.20
CA VAL A 131 55.18 166.80 -18.44
C VAL A 131 54.68 166.98 -17.00
N ILE A 132 55.63 167.00 -16.07
CA ILE A 132 55.30 167.17 -14.67
C ILE A 132 56.12 168.33 -14.09
N GLY A 133 55.41 169.37 -13.68
CA GLY A 133 56.05 170.55 -13.12
C GLY A 133 55.20 171.16 -12.01
N ALA A 134 55.87 171.68 -11.01
CA ALA A 134 55.19 172.31 -9.89
C ALA A 134 54.06 171.39 -9.41
N GLY A 135 54.44 170.18 -9.03
CA GLY A 135 53.48 169.21 -8.56
C GLY A 135 52.22 169.22 -9.41
N LYS A 136 52.41 169.44 -10.70
CA LYS A 136 51.31 169.48 -11.64
C LYS A 136 51.71 168.79 -12.93
N SER A 137 50.70 168.48 -13.74
CA SER A 137 50.94 167.81 -15.02
C SER A 137 50.36 168.64 -16.16
N TRP A 138 50.99 168.53 -17.32
CA TRP A 138 50.54 169.27 -18.49
C TRP A 138 51.30 168.72 -19.70
N HIS A 139 50.96 169.26 -20.86
CA HIS A 139 51.60 168.85 -22.10
C HIS A 139 52.97 169.51 -22.21
N LYS A 140 53.95 168.71 -22.59
CA LYS A 140 55.30 169.21 -22.75
C LYS A 140 55.37 170.14 -23.95
N SER A 141 54.59 171.21 -23.89
CA SER A 141 54.55 172.17 -24.97
C SER A 141 53.67 173.36 -24.59
N CYS A 142 52.41 173.05 -24.29
CA CYS A 142 51.46 174.07 -23.91
C CYS A 142 52.03 174.82 -22.70
N PHE A 143 52.72 174.09 -21.86
CA PHE A 143 53.32 174.66 -20.66
C PHE A 143 53.77 176.11 -20.92
N ARG A 144 52.91 177.04 -20.55
CA ARG A 144 53.20 178.45 -20.74
C ARG A 144 53.63 179.08 -19.41
N CYS A 145 54.41 180.14 -19.53
CA CYS A 145 54.90 180.85 -18.35
C CYS A 145 53.77 181.73 -17.81
N ALA A 146 53.49 181.58 -16.53
CA ALA A 146 52.44 182.36 -15.89
C ALA A 146 53.04 183.67 -15.36
N LYS A 147 54.03 184.16 -16.07
CA LYS A 147 54.69 185.39 -15.68
C LYS A 147 54.86 186.30 -16.91
N CYS A 148 55.32 185.69 -17.99
CA CYS A 148 55.53 186.42 -19.23
C CYS A 148 54.49 185.94 -20.25
N GLY A 149 53.91 184.78 -19.95
CA GLY A 149 52.90 184.21 -20.83
C GLY A 149 53.55 183.43 -21.98
N LYS A 150 54.87 183.58 -22.08
CA LYS A 150 55.62 182.90 -23.12
C LYS A 150 55.24 181.41 -23.13
N SER A 151 55.58 180.75 -24.22
CA SER A 151 55.29 179.34 -24.37
C SER A 151 56.56 178.51 -24.14
N LEU A 152 56.47 177.59 -23.21
CA LEU A 152 57.60 176.72 -22.88
C LEU A 152 57.47 175.42 -23.66
N GLU A 153 58.39 174.50 -23.37
CA GLU A 153 58.38 173.20 -24.02
C GLU A 153 59.28 172.22 -23.26
N SER A 154 58.92 171.97 -22.02
CA SER A 154 59.67 171.06 -21.18
C SER A 154 61.16 171.38 -21.27
N THR A 155 61.50 172.55 -20.73
CA THR A 155 62.90 173.00 -20.74
C THR A 155 63.07 174.19 -19.80
N THR A 156 64.03 174.04 -18.89
CA THR A 156 64.31 175.10 -17.94
C THR A 156 63.02 175.73 -17.43
N LEU A 157 62.14 174.89 -16.92
CA LEU A 157 60.86 175.35 -16.42
C LEU A 157 60.96 175.52 -14.89
N ALA A 158 60.37 176.61 -14.42
CA ALA A 158 60.38 176.90 -13.00
C ALA A 158 59.01 176.57 -12.40
N ASP A 159 59.02 176.17 -11.13
CA ASP A 159 57.80 175.83 -10.45
C ASP A 159 57.79 176.49 -9.07
N LYS A 160 57.02 177.56 -8.97
CA LYS A 160 56.92 178.29 -7.71
C LYS A 160 55.66 177.83 -6.96
N ASP A 161 55.84 176.81 -6.14
CA ASP A 161 54.74 176.26 -5.36
C ASP A 161 53.48 176.26 -6.23
N GLY A 162 53.39 175.26 -7.10
CA GLY A 162 52.25 175.13 -7.99
C GLY A 162 52.42 176.00 -9.22
N GLU A 163 52.82 177.24 -9.00
CA GLU A 163 53.01 178.18 -10.09
C GLU A 163 54.09 177.67 -11.04
N ILE A 164 53.96 178.07 -12.30
CA ILE A 164 54.91 177.66 -13.31
C ILE A 164 55.39 178.89 -14.09
N TYR A 165 56.69 178.93 -14.33
CA TYR A 165 57.29 180.04 -15.06
C TYR A 165 58.48 179.57 -15.89
N CYS A 166 59.12 180.54 -16.53
CA CYS A 166 60.29 180.24 -17.36
C CYS A 166 61.54 180.51 -16.53
N LYS A 167 62.55 179.68 -16.77
CA LYS A 167 63.81 179.81 -16.06
C LYS A 167 64.23 181.28 -16.05
N GLY A 168 64.03 181.93 -17.19
CA GLY A 168 64.38 183.33 -17.33
C GLY A 168 63.68 184.17 -16.27
N CYS A 169 62.48 183.74 -15.91
CA CYS A 169 61.70 184.45 -14.91
C CYS A 169 62.20 184.05 -13.52
N TYR A 170 62.33 182.74 -13.33
CA TYR A 170 62.80 182.21 -12.07
C TYR A 170 64.15 182.81 -11.68
N ALA A 171 64.93 183.13 -12.71
CA ALA A 171 66.24 183.71 -12.50
C ALA A 171 66.11 185.24 -12.41
N LYS A 172 65.65 185.82 -13.50
CA LYS A 172 65.47 187.26 -13.56
C LYS A 172 64.73 187.73 -12.31
N ASN A 173 63.46 187.37 -12.24
CA ASN A 173 62.63 187.74 -11.10
C ASN A 173 63.45 187.61 -9.81
N PHE A 174 64.39 186.68 -9.85
CA PHE A 174 65.25 186.44 -8.69
C PHE A 174 66.70 186.83 -8.99
N GLY A 175 66.86 188.08 -9.42
CA GLY A 175 68.19 188.58 -9.74
C GLY A 175 68.10 189.97 -10.37
N PRO A 176 67.71 190.97 -9.52
CA PRO A 176 67.60 192.33 -9.98
C PRO A 176 68.97 192.98 -10.17
N LYS A 177 68.95 194.24 -10.59
CA LYS A 177 70.18 194.97 -10.81
C LYS A 177 69.87 196.47 -10.91
N GLY A 178 70.27 197.19 -9.87
CA GLY A 178 70.04 198.63 -9.82
C GLY A 178 71.26 199.39 -10.34
N PHE A 179 71.00 200.60 -10.80
CA PHE A 179 72.06 201.45 -11.33
C PHE A 179 71.53 202.83 -11.70
N GLY A 180 72.33 203.84 -11.37
CA GLY A 180 71.95 205.21 -11.66
C GLY A 180 73.18 206.10 -11.83
N PHE A 181 72.99 207.21 -12.54
CA PHE A 181 74.08 208.14 -12.78
C PHE A 181 73.58 209.38 -13.53
N GLY A 182 73.87 210.53 -12.93
CA GLY A 182 73.45 211.80 -13.53
C GLY A 182 74.67 212.61 -13.98
N GLN A 183 74.39 213.80 -14.49
CA GLN A 183 75.44 214.68 -14.97
C GLN A 183 74.94 216.12 -15.05
N GLY A 184 75.86 217.05 -14.95
CA GLY A 184 75.53 218.47 -15.01
C GLY A 184 76.69 219.28 -15.58
N ALA A 185 76.34 220.31 -16.33
CA ALA A 185 77.34 221.17 -16.93
C ALA A 185 76.67 222.48 -17.39
N GLY A 186 77.51 223.46 -17.69
CA GLY A 186 77.01 224.75 -18.13
C GLY A 186 78.17 225.74 -18.34
N ALA A 187 77.85 226.85 -18.97
CA ALA A 187 78.84 227.87 -19.24
C ALA A 187 78.14 229.17 -19.68
N LEU A 188 78.33 230.20 -18.87
CA LEU A 188 77.73 231.49 -19.17
C LEU A 188 78.69 232.60 -18.76
N ILE A 189 78.90 233.54 -19.69
CA ILE A 189 79.78 234.65 -19.44
C ILE A 189 79.43 235.29 -18.10
N HIS A 190 80.48 235.73 -17.39
CA HIS A 190 80.29 236.36 -16.10
C HIS A 190 81.58 237.08 -15.69
N SER A 191 81.46 237.88 -14.64
CA SER A 191 82.60 238.63 -14.14
C SER A 191 83.07 239.64 -15.19
N GLN A 192 82.95 240.92 -14.83
CA GLN A 192 83.35 241.99 -15.72
C GLN A 192 84.64 241.60 -16.47
ZN ZN B . -5.01 -7.30 42.19
ZN ZN C . 0.09 8.32 49.28
ZN ZN D . 48.34 170.95 -22.74
ZN ZN E . 58.47 183.85 -17.86
N MET A 1 -17.21 -20.64 13.46
CA MET A 1 -17.43 -19.45 14.28
C MET A 1 -16.10 -18.86 14.76
N PRO A 2 -15.27 -19.75 15.37
CA PRO A 2 -13.97 -19.33 15.87
C PRO A 2 -12.98 -19.13 14.73
N ASN A 3 -11.80 -18.63 15.09
CA ASN A 3 -10.76 -18.39 14.11
C ASN A 3 -9.58 -17.70 14.78
N TRP A 4 -8.50 -18.44 14.94
CA TRP A 4 -7.29 -17.91 15.56
C TRP A 4 -6.23 -19.02 15.57
N GLY A 5 -4.98 -18.60 15.71
CA GLY A 5 -3.88 -19.54 15.74
C GLY A 5 -2.79 -19.12 14.75
N GLY A 6 -1.55 -19.36 15.15
CA GLY A 6 -0.42 -19.01 14.31
C GLY A 6 0.55 -18.09 15.06
N GLY A 7 1.83 -18.25 14.74
CA GLY A 7 2.87 -17.44 15.37
C GLY A 7 4.12 -18.28 15.65
N LYS A 8 5.27 -17.64 15.46
CA LYS A 8 6.54 -18.32 15.69
C LYS A 8 7.29 -17.59 16.81
N LYS A 9 8.46 -18.15 17.14
CA LYS A 9 9.28 -17.56 18.19
C LYS A 9 10.72 -17.47 17.70
N CYS A 10 11.20 -16.24 17.61
CA CYS A 10 12.57 -16.00 17.16
C CYS A 10 13.51 -16.30 18.32
N GLY A 11 14.22 -17.41 18.19
CA GLY A 11 15.16 -17.82 19.22
C GLY A 11 16.48 -17.04 19.10
N VAL A 12 16.48 -16.09 18.18
CA VAL A 12 17.66 -15.26 17.96
C VAL A 12 17.53 -13.96 18.74
N CYS A 13 16.56 -13.15 18.33
CA CYS A 13 16.33 -11.88 18.98
C CYS A 13 15.50 -12.13 20.25
N GLN A 14 14.78 -13.25 20.22
CA GLN A 14 13.95 -13.62 21.36
C GLN A 14 12.59 -12.93 21.26
N LYS A 15 12.18 -12.65 20.03
CA LYS A 15 10.91 -11.99 19.80
C LYS A 15 10.03 -12.90 18.94
N ALA A 16 8.73 -12.84 19.19
CA ALA A 16 7.77 -13.64 18.46
C ALA A 16 7.79 -13.23 16.99
N VAL A 17 7.55 -14.21 16.13
CA VAL A 17 7.54 -13.97 14.70
C VAL A 17 6.12 -14.18 14.17
N TYR A 18 5.83 -13.51 13.06
CA TYR A 18 4.52 -13.63 12.44
C TYR A 18 4.64 -13.75 10.92
N PHE A 19 3.82 -14.62 10.36
CA PHE A 19 3.84 -14.84 8.92
C PHE A 19 4.05 -13.53 8.16
N ALA A 20 5.27 -13.35 7.68
CA ALA A 20 5.62 -12.15 6.94
C ALA A 20 7.07 -12.24 6.47
N GLU A 21 7.95 -12.45 7.44
CA GLU A 21 9.36 -12.56 7.14
C GLU A 21 10.04 -13.53 8.10
N GLU A 22 9.45 -14.72 8.21
CA GLU A 22 9.98 -15.74 9.09
C GLU A 22 10.90 -16.69 8.33
N VAL A 23 12.07 -16.92 8.89
CA VAL A 23 13.04 -17.80 8.26
C VAL A 23 13.35 -18.96 9.21
N GLN A 24 13.05 -20.16 8.74
CA GLN A 24 13.28 -21.36 9.53
C GLN A 24 14.65 -21.95 9.20
N CYS A 25 15.42 -22.20 10.25
CA CYS A 25 16.75 -22.78 10.09
C CYS A 25 16.87 -23.99 10.99
N GLU A 26 17.50 -25.03 10.46
CA GLU A 26 17.68 -26.26 11.21
C GLU A 26 18.01 -25.95 12.67
N GLY A 27 17.03 -26.20 13.53
CA GLY A 27 17.20 -25.95 14.95
C GLY A 27 16.15 -24.95 15.46
N SER A 28 16.15 -23.78 14.82
CA SER A 28 15.21 -22.73 15.19
C SER A 28 14.98 -21.80 14.00
N SER A 29 13.93 -20.98 14.13
CA SER A 29 13.60 -20.03 13.07
C SER A 29 13.82 -18.61 13.56
N PHE A 30 14.55 -17.85 12.75
CA PHE A 30 14.84 -16.46 13.10
C PHE A 30 14.21 -15.51 12.08
N HIS A 31 14.13 -14.24 12.48
CA HIS A 31 13.56 -13.22 11.62
C HIS A 31 14.41 -13.08 10.35
N LYS A 32 13.75 -12.76 9.26
CA LYS A 32 14.43 -12.58 7.99
C LYS A 32 15.66 -11.71 8.19
N SER A 33 15.42 -10.53 8.74
CA SER A 33 16.50 -9.58 8.99
C SER A 33 17.50 -10.19 9.98
N CYS A 34 16.96 -10.92 10.95
CA CYS A 34 17.79 -11.56 11.95
C CYS A 34 18.78 -12.48 11.25
N PHE A 35 18.26 -13.20 10.27
CA PHE A 35 19.09 -14.13 9.50
C PHE A 35 20.07 -13.37 8.60
N LEU A 36 21.07 -12.77 9.23
CA LEU A 36 22.07 -12.02 8.49
C LEU A 36 23.46 -12.44 8.96
N CYS A 37 24.32 -12.72 7.99
CA CYS A 37 25.68 -13.14 8.30
C CYS A 37 26.21 -12.24 9.43
N MET A 38 26.42 -12.86 10.57
CA MET A 38 26.92 -12.14 11.73
C MET A 38 28.43 -11.89 11.61
N VAL A 39 28.96 -12.23 10.44
CA VAL A 39 30.38 -12.04 10.18
C VAL A 39 30.57 -10.80 9.31
N CYS A 40 30.21 -10.95 8.04
CA CYS A 40 30.34 -9.86 7.10
C CYS A 40 29.25 -8.81 7.41
N LYS A 41 28.19 -9.30 8.03
CA LYS A 41 27.07 -8.42 8.38
C LYS A 41 26.15 -8.25 7.18
N LYS A 42 26.21 -9.23 6.29
CA LYS A 42 25.39 -9.21 5.09
C LYS A 42 24.24 -10.20 5.24
N ASN A 43 23.05 -9.75 4.85
CA ASN A 43 21.87 -10.59 4.93
C ASN A 43 22.18 -11.96 4.33
N LEU A 44 21.64 -12.98 4.97
CA LEU A 44 21.84 -14.35 4.52
C LEU A 44 20.50 -14.95 4.08
N ASP A 45 20.59 -15.92 3.18
CA ASP A 45 19.39 -16.58 2.67
C ASP A 45 19.77 -17.47 1.49
N SER A 46 18.75 -17.92 0.78
CA SER A 46 18.96 -18.77 -0.38
C SER A 46 19.59 -20.10 0.06
N THR A 47 20.90 -20.17 -0.06
CA THR A 47 21.63 -21.37 0.31
C THR A 47 23.08 -21.02 0.67
N THR A 48 23.91 -22.05 0.67
CA THR A 48 25.32 -21.87 1.00
C THR A 48 25.46 -21.16 2.35
N VAL A 49 24.39 -21.20 3.13
CA VAL A 49 24.39 -20.57 4.44
C VAL A 49 24.73 -21.61 5.50
N ALA A 50 25.41 -21.15 6.54
CA ALA A 50 25.80 -22.02 7.63
C ALA A 50 25.36 -21.41 8.96
N VAL A 51 25.35 -22.24 9.99
CA VAL A 51 24.95 -21.79 11.31
C VAL A 51 26.10 -22.00 12.29
N HIS A 52 25.92 -21.49 13.50
CA HIS A 52 26.93 -21.61 14.53
C HIS A 52 26.29 -21.44 15.91
N GLY A 53 25.53 -22.45 16.30
CA GLY A 53 24.86 -22.43 17.59
C GLY A 53 24.36 -21.02 17.91
N ASP A 54 23.19 -20.71 17.39
CA ASP A 54 22.59 -19.40 17.62
C ASP A 54 23.11 -18.42 16.57
N GLU A 55 24.41 -18.44 16.38
CA GLU A 55 25.04 -17.56 15.41
C GLU A 55 24.79 -18.06 13.98
N ILE A 56 24.96 -17.16 13.03
CA ILE A 56 24.75 -17.49 11.64
C ILE A 56 25.88 -16.90 10.79
N TYR A 57 26.38 -17.72 9.88
CA TYR A 57 27.47 -17.28 9.01
C TYR A 57 27.31 -17.87 7.61
N CYS A 58 27.80 -17.12 6.63
CA CYS A 58 27.73 -17.55 5.24
C CYS A 58 28.95 -18.43 4.95
N LYS A 59 28.68 -19.55 4.30
CA LYS A 59 29.75 -20.48 3.94
C LYS A 59 30.98 -19.69 3.49
N SER A 60 30.81 -18.96 2.41
CA SER A 60 31.89 -18.16 1.86
C SER A 60 32.79 -17.66 2.99
N CYS A 61 32.15 -17.07 3.99
CA CYS A 61 32.87 -16.55 5.14
C CYS A 61 33.59 -17.71 5.83
N TYR A 62 32.80 -18.68 6.26
CA TYR A 62 33.35 -19.85 6.93
C TYR A 62 34.62 -20.34 6.24
N GLY A 63 34.48 -20.63 4.95
CA GLY A 63 35.59 -21.11 4.16
C GLY A 63 36.71 -20.06 4.10
N LYS A 64 36.30 -18.81 4.18
CA LYS A 64 37.25 -17.71 4.13
C LYS A 64 38.12 -17.73 5.39
N LYS A 65 37.46 -17.88 6.53
CA LYS A 65 38.16 -17.93 7.80
C LYS A 65 39.02 -19.18 7.85
N TYR A 66 38.38 -20.31 7.57
CA TYR A 66 39.07 -21.59 7.59
C TYR A 66 40.24 -21.59 6.60
N GLY A 67 40.05 -20.86 5.51
CA GLY A 67 41.07 -20.77 4.48
C GLY A 67 42.47 -20.74 5.10
N PRO A 68 43.12 -21.93 5.12
CA PRO A 68 44.46 -22.05 5.68
C PRO A 68 45.51 -21.45 4.73
N LYS A 69 46.75 -21.51 5.16
CA LYS A 69 47.85 -20.99 4.37
C LYS A 69 49.17 -21.47 4.95
N GLY A 70 50.25 -21.12 4.27
CA GLY A 70 51.58 -21.51 4.71
C GLY A 70 52.65 -21.02 3.72
N LYS A 71 53.90 -21.27 4.08
CA LYS A 71 55.01 -20.88 3.25
C LYS A 71 56.32 -21.40 3.84
N GLY A 72 57.40 -21.16 3.13
CA GLY A 72 58.71 -21.61 3.58
C GLY A 72 59.79 -21.26 2.55
N LYS A 73 61.02 -21.58 2.91
CA LYS A 73 62.15 -21.30 2.04
C LYS A 73 63.44 -21.84 2.68
N GLY A 74 64.53 -21.71 1.94
CA GLY A 74 65.81 -22.18 2.42
C GLY A 74 66.93 -21.80 1.45
N MET A 75 68.15 -22.20 1.80
CA MET A 75 69.30 -21.92 0.98
C MET A 75 70.57 -22.53 1.58
N GLY A 76 71.63 -22.53 0.78
CA GLY A 76 72.90 -23.07 1.22
C GLY A 76 74.03 -22.68 0.25
N ALA A 77 75.21 -23.23 0.52
CA ALA A 77 76.36 -22.95 -0.32
C ALA A 77 77.54 -23.80 0.16
N GLY A 78 78.63 -23.71 -0.59
CA GLY A 78 79.83 -24.47 -0.25
C GLY A 78 81.08 -23.82 -0.88
N THR A 79 82.19 -24.50 -0.71
CA THR A 79 83.46 -24.02 -1.25
C THR A 79 84.55 -25.08 -1.09
N LEU A 80 85.44 -25.10 -2.07
CA LEU A 80 86.54 -26.06 -2.05
C LEU A 80 87.67 -25.54 -2.95
N SER A 81 88.77 -26.27 -2.93
CA SER A 81 89.93 -25.90 -3.73
C SER A 81 91.06 -26.92 -3.54
N THR A 82 92.04 -26.83 -4.40
CA THR A 82 93.19 -27.74 -4.33
C THR A 82 94.27 -27.30 -5.31
N ASP A 83 95.47 -27.80 -5.07
CA ASP A 83 96.61 -27.47 -5.92
C ASP A 83 97.85 -28.20 -5.41
N LYS A 84 98.89 -28.19 -6.24
CA LYS A 84 100.14 -28.84 -5.88
C LYS A 84 101.16 -28.60 -7.00
N GLY A 85 102.43 -28.74 -6.63
CA GLY A 85 103.51 -28.54 -7.58
C GLY A 85 104.87 -28.86 -6.94
N GLU A 86 105.88 -28.97 -7.79
CA GLU A 86 107.21 -29.27 -7.33
C GLU A 86 108.18 -29.36 -8.51
N SER A 87 109.47 -29.38 -8.19
CA SER A 87 110.49 -29.46 -9.20
C SER A 87 111.88 -29.42 -8.56
N LEU A 88 112.88 -29.72 -9.37
CA LEU A 88 114.26 -29.74 -8.89
C LEU A 88 115.20 -29.96 -10.07
N GLY A 89 116.49 -29.90 -9.78
CA GLY A 89 117.50 -30.09 -10.80
C GLY A 89 118.90 -29.83 -10.24
N ILE A 90 119.90 -30.36 -10.94
CA ILE A 90 121.28 -30.19 -10.52
C ILE A 90 122.14 -29.89 -11.75
N LYS A 91 123.42 -29.63 -11.49
CA LYS A 91 124.35 -29.34 -12.57
C LYS A 91 125.76 -29.23 -11.99
N TYR A 92 126.74 -29.41 -12.87
CA TYR A 92 128.13 -29.34 -12.46
C TYR A 92 129.06 -29.43 -13.68
N GLU A 93 130.31 -29.03 -13.45
CA GLU A 93 131.30 -29.06 -14.52
C GLU A 93 132.65 -28.56 -14.00
N GLU A 94 133.70 -28.95 -14.70
CA GLU A 94 135.04 -28.55 -14.32
C GLU A 94 136.05 -29.00 -15.38
N GLY A 95 137.23 -28.41 -15.32
CA GLY A 95 138.29 -28.74 -16.26
C GLY A 95 139.49 -27.80 -16.10
N GLN A 96 140.59 -28.19 -16.72
CA GLN A 96 141.81 -27.39 -16.65
C GLN A 96 142.91 -28.03 -17.49
N SER A 97 144.00 -27.30 -17.65
CA SER A 97 145.13 -27.78 -18.42
C SER A 97 146.22 -26.71 -18.47
N HIS A 98 147.38 -27.12 -18.97
CA HIS A 98 148.51 -26.21 -19.08
C HIS A 98 149.69 -26.94 -19.72
N ARG A 99 150.75 -26.18 -19.98
CA ARG A 99 151.94 -26.73 -20.59
C ARG A 99 152.97 -25.64 -20.84
N PRO A 100 153.90 -25.47 -19.86
CA PRO A 100 154.94 -24.47 -19.97
C PRO A 100 156.02 -24.90 -20.98
N THR A 101 157.01 -24.03 -21.13
CA THR A 101 158.10 -24.30 -22.05
C THR A 101 159.21 -23.25 -21.90
N ASN A 102 160.37 -23.59 -22.41
CA ASN A 102 161.52 -22.69 -22.33
C ASN A 102 162.74 -23.37 -22.96
N PRO A 103 163.33 -22.67 -23.98
CA PRO A 103 164.50 -23.20 -24.66
C PRO A 103 165.74 -23.07 -23.79
N ASN A 104 166.86 -23.53 -24.34
CA ASN A 104 168.13 -23.46 -23.62
C ASN A 104 169.27 -23.66 -24.62
N ALA A 105 170.47 -23.33 -24.16
CA ALA A 105 171.66 -23.45 -24.99
C ALA A 105 172.89 -23.09 -24.18
N SER A 106 174.05 -23.26 -24.80
CA SER A 106 175.31 -22.96 -24.15
C SER A 106 176.47 -23.21 -25.10
N ARG A 107 177.65 -22.76 -24.69
CA ARG A 107 178.84 -22.93 -25.50
C ARG A 107 180.05 -22.31 -24.79
N MET A 108 181.23 -22.63 -25.31
CA MET A 108 182.47 -22.11 -24.74
C MET A 108 183.68 -22.57 -25.56
N ALA A 109 184.82 -21.97 -25.25
CA ALA A 109 186.05 -22.30 -25.95
C ALA A 109 187.24 -21.79 -25.14
N GLN A 110 188.42 -22.14 -25.62
CA GLN A 110 189.65 -21.72 -24.94
C GLN A 110 190.87 -22.04 -25.81
N LYS A 111 192.01 -21.51 -25.41
CA LYS A 111 193.25 -21.72 -26.14
C LYS A 111 194.40 -21.85 -25.15
N VAL A 112 195.58 -22.13 -25.69
CA VAL A 112 196.76 -22.29 -24.86
C VAL A 112 197.98 -22.44 -25.77
N GLY A 113 199.15 -22.33 -25.15
CA GLY A 113 200.40 -22.44 -25.89
C GLY A 113 201.47 -23.13 -25.04
N GLY A 114 202.73 -22.86 -25.39
CA GLY A 114 203.84 -23.44 -24.67
C GLY A 114 205.18 -22.95 -25.24
N SER A 115 206.20 -23.00 -24.39
CA SER A 115 207.52 -22.57 -24.79
C SER A 115 208.51 -22.78 -23.65
N ASP A 116 209.79 -22.83 -24.02
CA ASP A 116 210.83 -23.04 -23.03
C ASP A 116 212.16 -22.55 -23.61
N GLY A 117 213.25 -23.10 -23.07
CA GLY A 117 214.57 -22.73 -23.52
C GLY A 117 215.44 -23.98 -23.77
N CYS A 118 216.61 -23.75 -24.33
CA CYS A 118 217.53 -24.83 -24.62
C CYS A 118 218.57 -24.90 -23.51
N PRO A 119 218.46 -25.96 -22.68
CA PRO A 119 219.38 -26.16 -21.57
C PRO A 119 220.75 -26.64 -22.07
N ARG A 120 220.83 -26.82 -23.37
CA ARG A 120 222.07 -27.27 -23.98
C ARG A 120 222.91 -26.08 -24.43
N CYS A 121 222.43 -25.40 -25.47
CA CYS A 121 223.13 -24.24 -25.98
C CYS A 121 222.82 -23.04 -25.10
N GLY A 122 221.59 -23.03 -24.59
CA GLY A 122 221.14 -21.95 -23.72
C GLY A 122 220.09 -21.09 -24.42
N GLN A 123 220.18 -21.05 -25.74
CA GLN A 123 219.25 -20.27 -26.54
C GLN A 123 217.81 -20.73 -26.26
N ALA A 124 216.91 -19.75 -26.20
CA ALA A 124 215.51 -20.03 -25.94
C ALA A 124 214.99 -21.00 -27.02
N VAL A 125 213.86 -21.62 -26.71
CA VAL A 125 213.25 -22.56 -27.64
C VAL A 125 211.75 -22.29 -27.70
N TYR A 126 211.29 -22.01 -28.92
CA TYR A 126 209.87 -21.74 -29.13
C TYR A 126 209.50 -21.86 -30.61
N ALA A 127 210.25 -21.12 -31.43
CA ALA A 127 210.02 -21.14 -32.86
C ALA A 127 210.64 -22.40 -33.47
N ALA A 128 210.75 -22.40 -34.79
CA ALA A 128 211.32 -23.53 -35.49
C ALA A 128 212.53 -24.05 -34.72
N GLU A 129 212.81 -25.34 -34.91
CA GLU A 129 213.93 -25.96 -34.24
C GLU A 129 213.62 -26.16 -32.75
N LYS A 130 212.54 -26.86 -32.50
CA LYS A 130 212.12 -27.13 -31.13
C LYS A 130 211.88 -28.64 -30.95
N VAL A 131 212.37 -29.15 -29.83
CA VAL A 131 212.22 -30.57 -29.54
C VAL A 131 211.88 -30.74 -28.05
N ILE A 132 211.14 -31.79 -27.77
CA ILE A 132 210.75 -32.08 -26.40
C ILE A 132 211.08 -33.53 -26.07
N GLY A 133 211.98 -33.70 -25.11
CA GLY A 133 212.40 -35.03 -24.71
C GLY A 133 212.78 -35.04 -23.22
N ALA A 134 212.62 -36.21 -22.62
CA ALA A 134 212.94 -36.37 -21.21
C ALA A 134 212.33 -35.22 -20.41
N GLY A 135 211.02 -35.05 -20.59
CA GLY A 135 210.30 -34.00 -19.89
C GLY A 135 211.09 -32.69 -19.92
N LYS A 136 211.74 -32.45 -21.05
CA LYS A 136 212.53 -31.24 -21.22
C LYS A 136 212.37 -30.73 -22.65
N SER A 137 212.90 -29.54 -22.88
CA SER A 137 212.84 -28.94 -24.20
C SER A 137 214.23 -28.44 -24.63
N TRP A 138 214.53 -28.63 -25.90
CA TRP A 138 215.81 -28.20 -26.43
C TRP A 138 215.68 -28.11 -27.95
N HIS A 139 216.74 -27.62 -28.58
CA HIS A 139 216.76 -27.48 -30.03
C HIS A 139 216.96 -28.85 -30.68
N LYS A 140 216.07 -29.16 -31.60
CA LYS A 140 216.13 -30.43 -32.31
C LYS A 140 217.51 -30.57 -32.97
N SER A 141 218.19 -29.44 -33.10
CA SER A 141 219.51 -29.43 -33.71
C SER A 141 220.55 -29.89 -32.69
N CYS A 142 220.54 -29.25 -31.54
CA CYS A 142 221.47 -29.58 -30.48
C CYS A 142 221.12 -30.98 -29.95
N PHE A 143 219.89 -31.10 -29.47
CA PHE A 143 219.41 -32.36 -28.94
C PHE A 143 220.05 -33.54 -29.67
N ARG A 144 221.10 -34.08 -29.05
CA ARG A 144 221.80 -35.21 -29.63
C ARG A 144 222.06 -36.27 -28.56
N CYS A 145 221.97 -37.52 -28.99
CA CYS A 145 222.19 -38.63 -28.08
C CYS A 145 223.49 -38.38 -27.31
N ALA A 146 223.40 -38.50 -26.00
CA ALA A 146 224.57 -38.28 -25.15
C ALA A 146 225.34 -39.60 -25.02
N LYS A 147 225.34 -40.36 -26.11
CA LYS A 147 226.04 -41.64 -26.12
C LYS A 147 226.80 -41.78 -27.45
N CYS A 148 226.09 -41.47 -28.53
CA CYS A 148 226.68 -41.57 -29.86
C CYS A 148 226.83 -40.16 -30.41
N GLY A 149 225.96 -39.27 -29.94
CA GLY A 149 225.98 -37.89 -30.38
C GLY A 149 225.14 -37.70 -31.64
N LYS A 150 224.21 -38.62 -31.84
CA LYS A 150 223.34 -38.58 -33.00
C LYS A 150 222.22 -37.55 -32.75
N SER A 151 222.00 -36.72 -33.77
CA SER A 151 220.97 -35.70 -33.68
C SER A 151 219.58 -36.34 -33.74
N LEU A 152 218.76 -35.98 -32.78
CA LEU A 152 217.40 -36.50 -32.71
C LEU A 152 216.40 -35.38 -33.05
N GLU A 153 215.13 -35.71 -32.90
CA GLU A 153 214.08 -34.75 -33.18
C GLU A 153 212.73 -35.27 -32.66
N SER A 154 212.40 -36.49 -33.07
CA SER A 154 211.15 -37.10 -32.65
C SER A 154 210.91 -38.37 -33.46
N THR A 155 211.60 -39.43 -33.07
CA THR A 155 211.46 -40.71 -33.74
C THR A 155 211.45 -41.86 -32.73
N THR A 156 212.52 -41.91 -31.94
CA THR A 156 212.63 -42.95 -30.92
C THR A 156 213.90 -42.73 -30.10
N LEU A 157 213.81 -41.80 -29.16
CA LEU A 157 214.94 -41.49 -28.30
C LEU A 157 214.74 -42.17 -26.94
N ALA A 158 215.70 -41.94 -26.05
CA ALA A 158 215.64 -42.53 -24.73
C ALA A 158 215.89 -41.44 -23.67
N ASP A 159 214.85 -41.18 -22.89
CA ASP A 159 214.94 -40.18 -21.85
C ASP A 159 215.17 -40.86 -20.50
N LYS A 160 216.44 -40.96 -20.13
CA LYS A 160 216.81 -41.59 -18.87
C LYS A 160 216.62 -40.59 -17.74
N ASP A 161 215.36 -40.38 -17.36
CA ASP A 161 215.04 -39.46 -16.29
C ASP A 161 215.37 -38.03 -16.74
N GLY A 162 216.66 -37.78 -16.88
CA GLY A 162 217.13 -36.47 -17.30
C GLY A 162 218.03 -36.58 -18.54
N GLU A 163 218.71 -37.70 -18.64
CA GLU A 163 219.60 -37.94 -19.76
C GLU A 163 218.79 -38.27 -21.03
N ILE A 164 219.43 -38.06 -22.17
CA ILE A 164 218.79 -38.32 -23.44
C ILE A 164 219.73 -39.15 -24.33
N TYR A 165 219.15 -40.12 -25.00
CA TYR A 165 219.93 -40.98 -25.88
C TYR A 165 219.09 -41.47 -27.06
N CYS A 166 219.67 -42.36 -27.84
CA CYS A 166 218.98 -42.91 -28.99
C CYS A 166 218.47 -44.31 -28.63
N LYS A 167 217.26 -44.61 -29.11
CA LYS A 167 216.65 -45.89 -28.85
C LYS A 167 217.69 -47.01 -29.10
N GLY A 168 218.47 -46.81 -30.14
CA GLY A 168 219.49 -47.78 -30.50
C GLY A 168 220.47 -47.99 -29.35
N CYS A 169 220.67 -46.93 -28.58
CA CYS A 169 221.58 -46.99 -27.45
C CYS A 169 220.83 -47.62 -26.27
N TYR A 170 219.63 -47.11 -26.02
CA TYR A 170 218.81 -47.62 -24.93
C TYR A 170 218.57 -49.12 -25.08
N ALA A 171 218.51 -49.56 -26.33
CA ALA A 171 218.28 -50.97 -26.62
C ALA A 171 219.61 -51.72 -26.54
N LYS A 172 220.51 -51.37 -27.45
CA LYS A 172 221.82 -52.01 -27.48
C LYS A 172 222.40 -52.05 -26.07
N ASN A 173 222.64 -50.87 -25.52
CA ASN A 173 223.19 -50.76 -24.19
C ASN A 173 222.58 -51.84 -23.29
N PHE A 174 221.29 -52.07 -23.51
CA PHE A 174 220.58 -53.08 -22.73
C PHE A 174 219.99 -54.16 -23.64
N GLY A 175 220.87 -54.80 -24.39
CA GLY A 175 220.45 -55.86 -25.30
C GLY A 175 220.46 -57.21 -24.60
N PRO A 176 220.82 -58.26 -25.40
CA PRO A 176 220.87 -59.61 -24.87
C PRO A 176 222.11 -59.82 -23.99
N LYS A 177 222.23 -61.03 -23.47
CA LYS A 177 223.36 -61.36 -22.61
C LYS A 177 223.81 -62.79 -22.91
N GLY A 178 225.11 -62.96 -23.01
CA GLY A 178 225.69 -64.27 -23.29
C GLY A 178 227.20 -64.26 -23.07
N PHE A 179 227.71 -65.40 -22.62
CA PHE A 179 229.14 -65.53 -22.38
C PHE A 179 229.49 -66.97 -21.96
N GLY A 180 230.30 -67.61 -22.78
CA GLY A 180 230.73 -68.97 -22.51
C GLY A 180 232.09 -69.00 -21.84
N PHE A 181 232.44 -70.18 -21.33
CA PHE A 181 233.72 -70.35 -20.65
C PHE A 181 234.83 -70.69 -21.65
N GLY A 182 234.56 -71.71 -22.45
CA GLY A 182 235.53 -72.14 -23.45
C GLY A 182 236.27 -73.40 -22.99
N GLN A 183 237.58 -73.38 -23.20
CA GLN A 183 238.42 -74.50 -22.81
C GLN A 183 239.53 -74.03 -21.86
N GLY A 184 240.15 -75.01 -21.21
CA GLY A 184 241.23 -74.72 -20.28
C GLY A 184 242.39 -75.69 -20.45
N ALA A 185 243.44 -75.47 -19.67
CA ALA A 185 244.61 -76.32 -19.73
C ALA A 185 245.09 -76.42 -21.17
N GLY A 186 246.21 -77.10 -21.35
CA GLY A 186 246.79 -77.27 -22.67
C GLY A 186 247.71 -78.50 -22.71
N ALA A 187 248.74 -78.46 -21.87
CA ALA A 187 249.68 -79.55 -21.80
C ALA A 187 249.17 -80.62 -20.83
N LEU A 188 249.91 -81.71 -20.77
CA LEU A 188 249.53 -82.81 -19.89
C LEU A 188 250.69 -83.12 -18.93
N ILE A 189 250.79 -82.30 -17.91
CA ILE A 189 251.84 -82.47 -16.92
C ILE A 189 251.23 -82.99 -15.61
N HIS A 190 251.82 -84.06 -15.11
CA HIS A 190 251.34 -84.66 -13.87
C HIS A 190 250.96 -83.56 -12.88
N SER A 191 251.97 -82.94 -12.30
CA SER A 191 251.76 -81.87 -11.34
C SER A 191 250.95 -80.74 -11.99
N GLN A 192 249.83 -80.41 -11.35
CA GLN A 192 248.97 -79.37 -11.85
C GLN A 192 249.15 -78.09 -11.02
ZN ZN B . 14.52 -12.18 15.23
ZN ZN C . 29.41 -13.62 5.49
ZN ZN D . 220.10 -25.72 -28.46
ZN ZN E . 223.12 -43.13 -29.04
N MET A 1 -17.21 -20.64 13.46
CA MET A 1 -17.43 -19.45 14.28
C MET A 1 -18.33 -19.76 15.48
N PRO A 2 -17.68 -20.11 16.62
CA PRO A 2 -18.41 -20.43 17.83
C PRO A 2 -18.96 -19.17 18.49
N ASN A 3 -19.76 -19.38 19.52
CA ASN A 3 -20.36 -18.27 20.24
C ASN A 3 -20.69 -18.71 21.67
N TRP A 4 -20.28 -17.88 22.62
CA TRP A 4 -20.51 -18.18 24.02
C TRP A 4 -20.00 -17.00 24.85
N GLY A 5 -20.71 -16.72 25.93
CA GLY A 5 -20.33 -15.63 26.80
C GLY A 5 -21.55 -15.07 27.55
N GLY A 6 -21.27 -14.32 28.60
CA GLY A 6 -22.33 -13.74 29.41
C GLY A 6 -21.98 -13.79 30.90
N GLY A 7 -22.70 -12.97 31.66
CA GLY A 7 -22.49 -12.92 33.10
C GLY A 7 -23.43 -13.87 33.83
N LYS A 8 -24.43 -13.27 34.48
CA LYS A 8 -25.42 -14.05 35.22
C LYS A 8 -26.72 -14.08 34.43
N LYS A 9 -27.70 -14.76 35.01
CA LYS A 9 -29.01 -14.88 34.38
C LYS A 9 -30.10 -14.60 35.41
N CYS A 10 -30.86 -13.54 35.15
CA CYS A 10 -31.93 -13.15 36.05
C CYS A 10 -33.12 -14.07 35.79
N GLY A 11 -33.36 -14.96 36.73
CA GLY A 11 -34.46 -15.91 36.62
C GLY A 11 -35.78 -15.24 37.02
N VAL A 12 -35.72 -13.94 37.23
CA VAL A 12 -36.90 -13.19 37.62
C VAL A 12 -37.49 -12.50 36.37
N CYS A 13 -36.72 -11.57 35.83
CA CYS A 13 -37.15 -10.84 34.65
C CYS A 13 -36.84 -11.69 33.42
N GLN A 14 -35.87 -12.58 33.59
CA GLN A 14 -35.46 -13.45 32.51
C GLN A 14 -34.45 -12.75 31.61
N LYS A 15 -33.70 -11.83 32.20
CA LYS A 15 -32.70 -11.08 31.47
C LYS A 15 -31.33 -11.35 32.09
N ALA A 16 -30.31 -11.28 31.24
CA ALA A 16 -28.95 -11.50 31.67
C ALA A 16 -28.60 -10.50 32.78
N VAL A 17 -27.67 -10.90 33.63
CA VAL A 17 -27.24 -10.05 34.72
C VAL A 17 -25.75 -9.70 34.55
N TYR A 18 -25.35 -8.61 35.16
CA TYR A 18 -23.97 -8.16 35.08
C TYR A 18 -23.67 -7.11 36.15
N PHE A 19 -22.43 -6.64 36.15
CA PHE A 19 -22.00 -5.64 37.11
C PHE A 19 -22.16 -6.16 38.55
N ALA A 20 -21.74 -5.32 39.48
CA ALA A 20 -21.82 -5.68 40.89
C ALA A 20 -23.29 -5.66 41.34
N GLU A 21 -24.10 -5.01 40.53
CA GLU A 21 -25.53 -4.91 40.82
C GLU A 21 -26.14 -6.31 40.96
N GLU A 22 -25.59 -7.24 40.19
CA GLU A 22 -26.07 -8.61 40.22
C GLU A 22 -26.38 -9.04 41.65
N VAL A 23 -27.60 -9.50 41.86
CA VAL A 23 -28.02 -9.95 43.18
C VAL A 23 -28.19 -11.46 43.17
N GLN A 24 -27.37 -12.11 43.99
CA GLN A 24 -27.41 -13.56 44.08
C GLN A 24 -28.19 -13.99 45.33
N CYS A 25 -28.52 -15.27 45.38
CA CYS A 25 -29.27 -15.82 46.50
C CYS A 25 -29.28 -17.34 46.37
N GLU A 26 -29.52 -17.99 47.50
CA GLU A 26 -29.57 -19.45 47.52
C GLU A 26 -30.30 -19.98 46.30
N GLY A 27 -29.57 -20.72 45.48
CA GLY A 27 -30.14 -21.29 44.28
C GLY A 27 -31.07 -20.30 43.58
N SER A 28 -30.55 -19.10 43.36
CA SER A 28 -31.32 -18.05 42.71
C SER A 28 -30.49 -16.77 42.61
N SER A 29 -30.98 -15.85 41.80
CA SER A 29 -30.29 -14.58 41.61
C SER A 29 -31.05 -13.72 40.61
N PHE A 30 -31.25 -12.46 40.98
CA PHE A 30 -31.96 -11.52 40.12
C PHE A 30 -31.24 -10.17 40.07
N HIS A 31 -31.82 -9.27 39.31
CA HIS A 31 -31.25 -7.93 39.16
C HIS A 31 -31.46 -7.15 40.45
N LYS A 32 -30.66 -6.10 40.60
CA LYS A 32 -30.74 -5.25 41.79
C LYS A 32 -32.15 -4.66 41.88
N SER A 33 -32.62 -4.16 40.75
CA SER A 33 -33.95 -3.56 40.70
C SER A 33 -35.02 -4.64 40.88
N CYS A 34 -34.70 -5.84 40.42
CA CYS A 34 -35.62 -6.96 40.52
C CYS A 34 -35.82 -7.27 42.01
N PHE A 35 -34.70 -7.46 42.69
CA PHE A 35 -34.74 -7.77 44.11
C PHE A 35 -35.84 -6.95 44.82
N LEU A 36 -36.97 -7.60 45.03
CA LEU A 36 -38.09 -6.95 45.69
C LEU A 36 -39.01 -8.02 46.29
N CYS A 37 -39.62 -7.67 47.40
CA CYS A 37 -40.53 -8.59 48.08
C CYS A 37 -41.75 -8.79 47.19
N MET A 38 -41.90 -10.02 46.73
CA MET A 38 -43.02 -10.37 45.87
C MET A 38 -44.29 -10.60 46.69
N VAL A 39 -44.19 -10.29 47.98
CA VAL A 39 -45.31 -10.45 48.88
C VAL A 39 -45.96 -9.09 49.13
N CYS A 40 -45.22 -8.23 49.82
CA CYS A 40 -45.71 -6.90 50.13
C CYS A 40 -45.53 -6.03 48.89
N LYS A 41 -44.60 -6.43 48.05
CA LYS A 41 -44.33 -5.70 46.82
C LYS A 41 -43.42 -4.51 47.13
N LYS A 42 -42.68 -4.64 48.23
CA LYS A 42 -41.78 -3.60 48.66
C LYS A 42 -40.35 -3.98 48.24
N ASN A 43 -39.69 -3.02 47.59
CA ASN A 43 -38.32 -3.24 47.15
C ASN A 43 -37.54 -3.98 48.23
N LEU A 44 -36.59 -4.78 47.78
CA LEU A 44 -35.76 -5.55 48.70
C LEU A 44 -34.31 -5.06 48.61
N ASP A 45 -33.66 -5.07 49.76
CA ASP A 45 -32.27 -4.63 49.84
C ASP A 45 -31.83 -4.59 51.30
N SER A 46 -32.66 -3.97 52.12
CA SER A 46 -32.36 -3.87 53.54
C SER A 46 -31.87 -5.20 54.07
N THR A 47 -31.35 -5.16 55.30
CA THR A 47 -30.83 -6.36 55.94
C THR A 47 -31.96 -7.14 56.60
N THR A 48 -32.83 -7.69 55.76
CA THR A 48 -33.96 -8.46 56.25
C THR A 48 -34.76 -9.05 55.08
N VAL A 49 -34.03 -9.65 54.15
CA VAL A 49 -34.65 -10.26 52.99
C VAL A 49 -34.57 -11.78 53.11
N ALA A 50 -35.21 -12.45 52.17
CA ALA A 50 -35.23 -13.90 52.16
C ALA A 50 -35.72 -14.39 50.79
N VAL A 51 -35.47 -15.67 50.53
CA VAL A 51 -35.88 -16.27 49.28
C VAL A 51 -36.79 -17.45 49.55
N HIS A 52 -37.51 -17.87 48.52
CA HIS A 52 -38.43 -18.98 48.64
C HIS A 52 -38.50 -19.74 47.31
N GLY A 53 -38.62 -21.06 47.42
CA GLY A 53 -38.70 -21.91 46.25
C GLY A 53 -39.96 -21.63 45.45
N ASP A 54 -39.99 -20.46 44.81
CA ASP A 54 -41.14 -20.07 44.02
C ASP A 54 -41.08 -18.56 43.76
N GLU A 55 -40.48 -17.85 44.71
CA GLU A 55 -40.35 -16.40 44.59
C GLU A 55 -39.47 -15.87 45.73
N ILE A 56 -39.30 -14.55 45.72
CA ILE A 56 -38.50 -13.90 46.73
C ILE A 56 -39.40 -13.13 47.70
N TYR A 57 -39.01 -13.14 48.96
CA TYR A 57 -39.79 -12.45 49.99
C TYR A 57 -38.86 -11.74 50.98
N CYS A 58 -39.48 -10.95 51.84
CA CYS A 58 -38.73 -10.21 52.84
C CYS A 58 -38.99 -10.85 54.21
N LYS A 59 -37.99 -10.77 55.06
CA LYS A 59 -38.08 -11.34 56.39
C LYS A 59 -39.50 -11.13 56.92
N SER A 60 -39.83 -9.87 57.16
CA SER A 60 -41.14 -9.52 57.66
C SER A 60 -42.18 -10.54 57.18
N CYS A 61 -42.48 -10.47 55.88
CA CYS A 61 -43.44 -11.36 55.29
C CYS A 61 -43.19 -12.77 55.83
N TYR A 62 -41.95 -13.22 55.66
CA TYR A 62 -41.56 -14.54 56.12
C TYR A 62 -42.10 -14.81 57.53
N GLY A 63 -41.75 -13.91 58.45
CA GLY A 63 -42.19 -14.04 59.83
C GLY A 63 -43.70 -13.89 59.93
N LYS A 64 -44.29 -13.33 58.88
CA LYS A 64 -45.73 -13.13 58.86
C LYS A 64 -46.41 -14.46 58.53
N LYS A 65 -45.99 -15.05 57.43
CA LYS A 65 -46.55 -16.32 56.99
C LYS A 65 -46.22 -17.40 58.02
N TYR A 66 -44.95 -17.44 58.40
CA TYR A 66 -44.49 -18.41 59.37
C TYR A 66 -45.11 -18.15 60.75
N GLY A 67 -45.02 -16.89 61.16
CA GLY A 67 -45.57 -16.50 62.45
C GLY A 67 -47.06 -16.81 62.53
N PRO A 68 -47.61 -16.68 63.77
CA PRO A 68 -49.02 -16.95 64.00
C PRO A 68 -49.89 -15.81 63.47
N LYS A 69 -51.17 -16.12 63.31
CA LYS A 69 -52.11 -15.13 62.82
C LYS A 69 -53.41 -15.22 63.62
N GLY A 70 -54.33 -14.32 63.30
CA GLY A 70 -55.62 -14.29 63.99
C GLY A 70 -56.64 -15.16 63.27
N LYS A 71 -57.81 -15.25 63.88
CA LYS A 71 -58.89 -16.06 63.31
C LYS A 71 -60.23 -15.53 63.81
N GLY A 72 -61.25 -15.70 62.99
CA GLY A 72 -62.59 -15.26 63.34
C GLY A 72 -63.65 -16.16 62.73
N LYS A 73 -64.74 -16.33 63.46
CA LYS A 73 -65.83 -17.17 63.00
C LYS A 73 -67.15 -16.43 63.21
N GLY A 74 -68.20 -16.99 62.63
CA GLY A 74 -69.53 -16.40 62.74
C GLY A 74 -70.53 -17.41 63.32
N MET A 75 -71.61 -17.60 62.58
CA MET A 75 -72.64 -18.53 63.00
C MET A 75 -73.74 -18.65 61.93
N GLY A 76 -74.62 -19.62 62.15
CA GLY A 76 -75.71 -19.86 61.22
C GLY A 76 -75.98 -21.36 61.06
N ALA A 77 -77.23 -21.73 61.25
CA ALA A 77 -77.64 -23.12 61.12
C ALA A 77 -79.15 -23.22 61.32
N GLY A 78 -79.68 -24.39 60.99
CA GLY A 78 -81.10 -24.63 61.12
C GLY A 78 -81.40 -26.14 61.09
N THR A 79 -82.41 -26.52 61.87
CA THR A 79 -82.81 -27.91 61.94
C THR A 79 -84.11 -28.06 62.74
N LEU A 80 -84.95 -28.98 62.29
CA LEU A 80 -86.21 -29.22 62.95
C LEU A 80 -86.78 -30.57 62.49
N SER A 81 -87.60 -31.16 63.34
CA SER A 81 -88.21 -32.44 63.03
C SER A 81 -89.66 -32.45 63.51
N THR A 82 -90.41 -33.42 62.99
CA THR A 82 -91.81 -33.56 63.36
C THR A 82 -92.33 -34.94 62.96
N ASP A 83 -93.26 -35.45 63.76
CA ASP A 83 -93.84 -36.75 63.49
C ASP A 83 -95.24 -36.82 64.12
N LYS A 84 -96.09 -37.62 63.50
CA LYS A 84 -97.46 -37.78 63.98
C LYS A 84 -97.91 -39.23 63.73
N GLY A 85 -98.85 -39.65 64.56
CA GLY A 85 -99.38 -41.01 64.45
C GLY A 85 -100.90 -41.01 64.67
N GLU A 86 -101.46 -42.21 64.61
CA GLU A 86 -102.89 -42.37 64.80
C GLU A 86 -103.24 -43.86 64.97
N SER A 87 -104.48 -44.10 65.34
CA SER A 87 -104.96 -45.46 65.54
C SER A 87 -106.29 -45.67 64.82
N LEU A 88 -106.58 -46.93 64.53
CA LEU A 88 -107.81 -47.28 63.85
C LEU A 88 -108.43 -48.51 64.52
N GLY A 89 -109.75 -48.51 64.55
CA GLY A 89 -110.48 -49.62 65.16
C GLY A 89 -111.30 -50.37 64.11
N ILE A 90 -111.96 -51.42 64.57
CA ILE A 90 -112.78 -52.24 63.68
C ILE A 90 -114.01 -52.74 64.45
N LYS A 91 -114.98 -53.22 63.70
CA LYS A 91 -116.21 -53.74 64.29
C LYS A 91 -117.07 -54.38 63.21
N TYR A 92 -118.08 -55.10 63.65
CA TYR A 92 -118.98 -55.77 62.72
C TYR A 92 -120.26 -56.22 63.43
N GLU A 93 -121.19 -56.73 62.64
CA GLU A 93 -122.46 -57.19 63.18
C GLU A 93 -123.26 -57.93 62.10
N GLU A 94 -124.27 -58.65 62.55
CA GLU A 94 -125.10 -59.41 61.64
C GLU A 94 -126.23 -60.12 62.42
N GLY A 95 -127.21 -60.60 61.66
CA GLY A 95 -128.35 -61.28 62.26
C GLY A 95 -129.44 -61.55 61.22
N GLN A 96 -130.04 -62.72 61.33
CA GLN A 96 -131.09 -63.11 60.42
C GLN A 96 -131.65 -64.48 60.80
N SER A 97 -132.94 -64.66 60.53
CA SER A 97 -133.61 -65.90 60.85
C SER A 97 -135.04 -65.88 60.29
N HIS A 98 -135.49 -67.06 59.87
CA HIS A 98 -136.83 -67.19 59.34
C HIS A 98 -137.13 -68.66 59.04
N ARG A 99 -138.42 -68.98 58.98
CA ARG A 99 -138.84 -70.34 58.70
C ARG A 99 -140.24 -70.34 58.09
N PRO A 100 -140.48 -71.36 57.22
CA PRO A 100 -141.77 -71.49 56.57
C PRO A 100 -142.83 -72.02 57.53
N THR A 101 -144.08 -71.91 57.10
CA THR A 101 -145.19 -72.38 57.92
C THR A 101 -146.02 -73.40 57.15
N ASN A 102 -146.92 -74.05 57.88
CA ASN A 102 -147.79 -75.06 57.28
C ASN A 102 -148.92 -75.40 58.26
N PRO A 103 -150.10 -74.79 58.00
CA PRO A 103 -151.26 -75.03 58.84
C PRO A 103 -151.87 -76.40 58.58
N ASN A 104 -152.95 -76.68 59.29
CA ASN A 104 -153.62 -77.96 59.14
C ASN A 104 -155.11 -77.79 59.49
N ALA A 105 -155.90 -78.78 59.10
CA ALA A 105 -157.33 -78.75 59.36
C ALA A 105 -157.93 -80.10 59.01
N SER A 106 -158.85 -80.54 59.86
CA SER A 106 -159.52 -81.81 59.65
C SER A 106 -160.91 -81.79 60.27
N ARG A 107 -161.78 -82.63 59.73
CA ARG A 107 -163.16 -82.70 60.22
C ARG A 107 -163.94 -83.77 59.44
N MET A 108 -164.83 -84.44 60.15
CA MET A 108 -165.65 -85.47 59.53
C MET A 108 -166.62 -86.08 60.55
N ALA A 109 -167.75 -86.54 60.04
CA ALA A 109 -168.75 -87.15 60.89
C ALA A 109 -169.91 -87.65 60.03
N GLN A 110 -170.71 -88.54 60.61
CA GLN A 110 -171.84 -89.11 59.90
C GLN A 110 -172.58 -90.11 60.79
N LYS A 111 -173.84 -90.32 60.47
CA LYS A 111 -174.66 -91.25 61.24
C LYS A 111 -176.00 -91.44 60.53
N VAL A 112 -176.71 -92.48 60.94
CA VAL A 112 -178.01 -92.78 60.35
C VAL A 112 -178.97 -93.24 61.46
N GLY A 113 -180.24 -93.30 61.10
CA GLY A 113 -181.27 -93.72 62.05
C GLY A 113 -182.52 -94.19 61.31
N GLY A 114 -183.55 -94.46 62.10
CA GLY A 114 -184.81 -94.91 61.54
C GLY A 114 -185.29 -96.19 62.24
N SER A 115 -186.47 -96.65 61.85
CA SER A 115 -187.04 -97.85 62.42
C SER A 115 -187.32 -97.64 63.91
N ASP A 116 -188.40 -98.23 64.38
CA ASP A 116 -188.78 -98.12 65.77
C ASP A 116 -189.70 -99.27 66.15
N GLY A 117 -190.47 -99.05 67.21
CA GLY A 117 -191.40 -100.07 67.68
C GLY A 117 -192.80 -99.47 67.87
N CYS A 118 -193.75 -100.36 68.12
CA CYS A 118 -195.13 -99.93 68.34
C CYS A 118 -195.39 -99.87 69.84
N PRO A 119 -195.50 -98.61 70.35
CA PRO A 119 -195.74 -98.40 71.76
C PRO A 119 -197.20 -98.71 72.13
N ARG A 120 -197.97 -99.04 71.09
CA ARG A 120 -199.37 -99.36 71.29
C ARG A 120 -199.53 -100.84 71.65
N CYS A 121 -199.18 -101.69 70.71
CA CYS A 121 -199.27 -103.13 70.93
C CYS A 121 -198.03 -103.58 71.69
N GLY A 122 -196.89 -103.05 71.29
CA GLY A 122 -195.63 -103.39 71.92
C GLY A 122 -194.65 -103.97 70.91
N GLN A 123 -195.20 -104.54 69.84
CA GLN A 123 -194.38 -105.14 68.81
C GLN A 123 -193.41 -104.10 68.23
N ALA A 124 -192.71 -104.51 67.18
CA ALA A 124 -191.76 -103.64 66.54
C ALA A 124 -192.39 -103.05 65.28
N VAL A 125 -191.80 -101.96 64.80
CA VAL A 125 -192.28 -101.29 63.61
C VAL A 125 -191.11 -100.98 62.68
N TYR A 126 -191.15 -101.59 61.51
CA TYR A 126 -190.10 -101.39 60.52
C TYR A 126 -190.57 -101.78 59.12
N ALA A 127 -190.37 -100.87 58.19
CA ALA A 127 -190.78 -101.10 56.81
C ALA A 127 -192.29 -101.00 56.71
N ALA A 128 -192.83 -101.67 55.70
CA ALA A 128 -194.27 -101.67 55.48
C ALA A 128 -194.99 -101.77 56.82
N GLU A 129 -196.00 -100.93 56.99
CA GLU A 129 -196.77 -100.90 58.21
C GLU A 129 -195.99 -100.18 59.32
N LYS A 130 -195.71 -98.92 59.07
CA LYS A 130 -194.97 -98.11 60.02
C LYS A 130 -195.42 -96.65 59.90
N VAL A 131 -196.37 -96.29 60.76
CA VAL A 131 -196.90 -94.93 60.76
C VAL A 131 -196.08 -94.08 61.73
N ILE A 132 -195.95 -92.80 61.38
CA ILE A 132 -195.19 -91.87 62.21
C ILE A 132 -196.08 -90.66 62.54
N GLY A 133 -196.34 -90.51 63.82
CA GLY A 133 -197.17 -89.40 64.29
C GLY A 133 -196.78 -88.99 65.71
N ALA A 134 -197.09 -87.74 66.03
CA ALA A 134 -196.78 -87.21 67.35
C ALA A 134 -195.34 -87.56 67.71
N GLY A 135 -194.45 -87.29 66.78
CA GLY A 135 -193.03 -87.58 66.99
C GLY A 135 -192.84 -88.98 67.56
N LYS A 136 -193.61 -89.92 67.03
CA LYS A 136 -193.53 -91.31 67.47
C LYS A 136 -193.83 -92.23 66.30
N SER A 137 -193.60 -93.51 66.53
CA SER A 137 -193.85 -94.51 65.51
C SER A 137 -194.75 -95.62 66.06
N TRP A 138 -195.68 -96.05 65.23
CA TRP A 138 -196.62 -97.10 65.62
C TRP A 138 -197.20 -97.72 64.34
N HIS A 139 -197.93 -98.81 64.54
CA HIS A 139 -198.55 -99.49 63.42
C HIS A 139 -199.74 -98.67 62.90
N LYS A 140 -199.72 -98.43 61.59
CA LYS A 140 -200.78 -97.67 60.97
C LYS A 140 -202.14 -98.32 61.27
N SER A 141 -202.06 -99.58 61.70
CA SER A 141 -203.26 -100.33 62.03
C SER A 141 -203.72 -99.98 63.44
N CYS A 142 -202.79 -100.07 64.37
CA CYS A 142 -203.09 -99.76 65.76
C CYS A 142 -203.34 -98.26 65.89
N PHE A 143 -202.34 -97.49 65.49
CA PHE A 143 -202.44 -96.05 65.56
C PHE A 143 -203.89 -95.59 65.36
N ARG A 144 -204.56 -95.35 66.48
CA ARG A 144 -205.95 -94.91 66.45
C ARG A 144 -206.19 -93.84 67.51
N CYS A 145 -207.09 -92.92 67.20
CA CYS A 145 -207.43 -91.85 68.12
C CYS A 145 -207.63 -92.45 69.51
N ALA A 146 -206.90 -91.91 70.47
CA ALA A 146 -206.99 -92.38 71.84
C ALA A 146 -208.10 -91.63 72.57
N LYS A 147 -209.14 -91.30 71.81
CA LYS A 147 -210.28 -90.59 72.36
C LYS A 147 -211.57 -91.25 71.89
N CYS A 148 -211.62 -91.53 70.60
CA CYS A 148 -212.79 -92.16 70.02
C CYS A 148 -212.42 -93.59 69.62
N GLY A 149 -211.12 -93.80 69.42
CA GLY A 149 -210.62 -95.12 69.03
C GLY A 149 -210.74 -95.33 67.53
N LYS A 150 -210.82 -94.22 66.81
CA LYS A 150 -210.93 -94.27 65.37
C LYS A 150 -209.53 -94.35 64.74
N SER A 151 -209.24 -95.50 64.15
CA SER A 151 -207.95 -95.71 63.53
C SER A 151 -207.66 -94.59 62.52
N LEU A 152 -206.44 -94.09 62.58
CA LEU A 152 -206.03 -93.02 61.69
C LEU A 152 -205.09 -93.58 60.62
N GLU A 153 -204.58 -92.68 59.79
CA GLU A 153 -203.67 -93.07 58.73
C GLU A 153 -203.55 -91.96 57.69
N SER A 154 -204.68 -91.62 57.08
CA SER A 154 -204.71 -90.57 56.08
C SER A 154 -204.05 -89.31 56.62
N THR A 155 -204.74 -88.64 57.53
CA THR A 155 -204.23 -87.43 58.13
C THR A 155 -205.18 -86.93 59.24
N THR A 156 -205.31 -85.62 59.32
CA THR A 156 -206.17 -85.01 60.33
C THR A 156 -205.99 -85.72 61.67
N LEU A 157 -204.73 -85.79 62.10
CA LEU A 157 -204.42 -86.41 63.37
C LEU A 157 -203.73 -85.39 64.28
N ALA A 158 -204.22 -85.34 65.52
CA ALA A 158 -203.67 -84.42 66.49
C ALA A 158 -202.64 -85.14 67.35
N ASP A 159 -201.66 -84.38 67.82
CA ASP A 159 -200.61 -84.94 68.65
C ASP A 159 -200.44 -84.07 69.90
N LYS A 160 -201.03 -84.53 70.99
CA LYS A 160 -200.95 -83.81 72.25
C LYS A 160 -199.82 -84.40 73.10
N ASP A 161 -198.63 -83.84 72.90
CA ASP A 161 -197.47 -84.30 73.64
C ASP A 161 -197.53 -85.83 73.79
N GLY A 162 -197.14 -86.51 72.73
CA GLY A 162 -197.15 -87.95 72.72
C GLY A 162 -198.53 -88.50 72.37
N GLU A 163 -199.54 -87.94 73.01
CA GLU A 163 -200.90 -88.35 72.77
C GLU A 163 -201.28 -88.13 71.31
N ILE A 164 -202.16 -89.00 70.82
CA ILE A 164 -202.60 -88.91 69.43
C ILE A 164 -204.13 -89.01 69.38
N TYR A 165 -204.73 -88.08 68.66
CA TYR A 165 -206.17 -88.06 68.53
C TYR A 165 -206.58 -87.67 67.10
N CYS A 166 -207.89 -87.56 66.91
CA CYS A 166 -208.43 -87.20 65.61
C CYS A 166 -208.79 -85.71 65.63
N LYS A 167 -208.61 -85.07 64.48
CA LYS A 167 -208.91 -83.65 64.35
C LYS A 167 -210.26 -83.37 65.01
N GLY A 168 -211.21 -84.26 64.76
CA GLY A 168 -212.54 -84.10 65.32
C GLY A 168 -212.48 -83.99 66.84
N CYS A 169 -211.51 -84.67 67.42
CA CYS A 169 -211.34 -84.66 68.87
C CYS A 169 -210.57 -83.39 69.24
N TYR A 170 -209.48 -83.17 68.51
CA TYR A 170 -208.64 -82.00 68.76
C TYR A 170 -209.47 -80.72 68.70
N ALA A 171 -210.52 -80.76 67.88
CA ALA A 171 -211.39 -79.61 67.73
C ALA A 171 -212.43 -79.61 68.84
N LYS A 172 -213.22 -80.68 68.87
CA LYS A 172 -214.26 -80.82 69.87
C LYS A 172 -213.68 -80.49 71.25
N ASN A 173 -212.83 -81.41 71.73
CA ASN A 173 -212.21 -81.24 73.02
C ASN A 173 -211.81 -79.77 73.20
N PHE A 174 -211.52 -79.13 72.09
CA PHE A 174 -211.13 -77.73 72.11
C PHE A 174 -212.18 -76.85 71.42
N GLY A 175 -213.41 -76.97 71.90
CA GLY A 175 -214.50 -76.20 71.34
C GLY A 175 -215.36 -75.59 72.46
N PRO A 176 -216.09 -74.50 72.09
CA PRO A 176 -216.95 -73.81 73.04
C PRO A 176 -218.22 -74.62 73.30
N LYS A 177 -218.86 -74.30 74.42
CA LYS A 177 -220.09 -74.99 74.80
C LYS A 177 -221.22 -73.98 74.86
N GLY A 178 -221.08 -73.02 75.78
CA GLY A 178 -222.10 -71.99 75.95
C GLY A 178 -223.14 -72.42 76.98
N PHE A 179 -223.88 -71.44 77.46
CA PHE A 179 -224.92 -71.70 78.45
C PHE A 179 -225.73 -70.43 78.74
N GLY A 180 -226.84 -70.63 79.44
CA GLY A 180 -227.71 -69.52 79.79
C GLY A 180 -229.02 -70.02 80.39
N PHE A 181 -229.26 -69.60 81.62
CA PHE A 181 -230.47 -69.99 82.33
C PHE A 181 -231.20 -68.77 82.89
N GLY A 182 -232.44 -69.00 83.31
CA GLY A 182 -233.25 -67.93 83.88
C GLY A 182 -234.57 -68.48 84.41
N GLN A 183 -234.73 -68.39 85.73
CA GLN A 183 -235.93 -68.87 86.37
C GLN A 183 -235.89 -68.58 87.87
N GLY A 184 -237.05 -68.27 88.42
CA GLY A 184 -237.16 -67.97 89.84
C GLY A 184 -238.58 -67.56 90.20
N ALA A 185 -238.86 -67.59 91.51
CA ALA A 185 -240.17 -67.21 92.00
C ALA A 185 -240.17 -67.23 93.52
N GLY A 186 -241.16 -66.58 94.10
CA GLY A 186 -241.29 -66.52 95.55
C GLY A 186 -242.22 -65.38 95.97
N ALA A 187 -242.18 -65.07 97.26
CA ALA A 187 -243.00 -64.00 97.80
C ALA A 187 -242.61 -63.74 99.25
N LEU A 188 -243.11 -62.64 99.78
CA LEU A 188 -242.82 -62.26 101.15
C LEU A 188 -244.05 -61.58 101.76
N ILE A 189 -244.26 -61.86 103.04
CA ILE A 189 -245.39 -61.29 103.75
C ILE A 189 -244.88 -60.56 105.00
N HIS A 190 -245.58 -59.48 105.34
CA HIS A 190 -245.22 -58.69 106.50
C HIS A 190 -246.32 -58.79 107.55
N SER A 191 -245.90 -58.74 108.81
CA SER A 191 -246.83 -58.82 109.92
C SER A 191 -246.16 -58.34 111.20
N GLN A 192 -246.33 -57.04 111.47
CA GLN A 192 -245.75 -56.46 112.67
C GLN A 192 -246.84 -55.83 113.54
ZN ZN B . -34.02 -8.99 36.69
ZN ZN C . -42.49 -8.34 52.34
ZN ZN D . -199.18 -101.88 67.00
ZN ZN E . -211.13 -88.97 68.20
N MET A 1 -17.21 -20.64 13.46
CA MET A 1 -17.43 -19.45 14.28
C MET A 1 -16.13 -18.66 14.45
N PRO A 2 -15.07 -19.40 14.89
CA PRO A 2 -13.77 -18.77 15.10
C PRO A 2 -13.08 -18.49 13.76
N ASN A 3 -12.92 -19.53 12.97
CA ASN A 3 -12.28 -19.41 11.67
C ASN A 3 -12.12 -20.80 11.05
N TRP A 4 -11.82 -20.81 9.76
CA TRP A 4 -11.64 -22.05 9.03
C TRP A 4 -11.14 -21.72 7.63
N GLY A 5 -10.58 -22.73 6.98
CA GLY A 5 -10.05 -22.55 5.64
C GLY A 5 -9.23 -23.77 5.21
N GLY A 6 -8.88 -23.78 3.93
CA GLY A 6 -8.10 -24.87 3.38
C GLY A 6 -7.88 -24.69 1.88
N GLY A 7 -7.14 -25.63 1.30
CA GLY A 7 -6.85 -25.59 -0.12
C GLY A 7 -6.00 -26.78 -0.54
N LYS A 8 -5.65 -26.79 -1.82
CA LYS A 8 -4.83 -27.87 -2.36
C LYS A 8 -3.47 -27.32 -2.77
N LYS A 9 -2.61 -28.22 -3.24
CA LYS A 9 -1.28 -27.84 -3.66
C LYS A 9 -1.06 -28.31 -5.10
N CYS A 10 -0.85 -27.34 -5.98
CA CYS A 10 -0.62 -27.63 -7.38
C CYS A 10 0.86 -28.01 -7.56
N GLY A 11 1.08 -29.29 -7.77
CA GLY A 11 2.44 -29.79 -7.95
C GLY A 11 2.92 -29.54 -9.38
N VAL A 12 2.09 -28.84 -10.14
CA VAL A 12 2.42 -28.53 -11.51
C VAL A 12 3.08 -27.15 -11.58
N CYS A 13 2.28 -26.14 -11.27
CA CYS A 13 2.78 -24.77 -11.29
C CYS A 13 3.53 -24.51 -9.98
N GLN A 14 3.15 -25.27 -8.96
CA GLN A 14 3.77 -25.14 -7.65
C GLN A 14 3.09 -24.02 -6.85
N LYS A 15 1.82 -23.82 -7.14
CA LYS A 15 1.04 -22.80 -6.47
C LYS A 15 -0.09 -23.45 -5.67
N ALA A 16 -0.66 -22.69 -4.75
CA ALA A 16 -1.75 -23.18 -3.93
C ALA A 16 -3.05 -23.12 -4.71
N VAL A 17 -3.92 -24.07 -4.43
CA VAL A 17 -5.21 -24.13 -5.11
C VAL A 17 -6.33 -24.08 -4.07
N TYR A 18 -7.53 -23.84 -4.55
CA TYR A 18 -8.70 -23.76 -3.68
C TYR A 18 -9.43 -25.11 -3.61
N PHE A 19 -10.26 -25.24 -2.59
CA PHE A 19 -11.02 -26.46 -2.40
C PHE A 19 -12.29 -26.45 -3.24
N ALA A 20 -12.11 -26.53 -4.55
CA ALA A 20 -13.24 -26.54 -5.47
C ALA A 20 -12.72 -26.51 -6.90
N GLU A 21 -11.99 -25.45 -7.22
CA GLU A 21 -11.43 -25.29 -8.56
C GLU A 21 -10.40 -26.40 -8.83
N GLU A 22 -9.72 -26.81 -7.77
CA GLU A 22 -8.72 -27.86 -7.89
C GLU A 22 -9.19 -28.94 -8.86
N VAL A 23 -8.30 -29.29 -9.78
CA VAL A 23 -8.62 -30.31 -10.76
C VAL A 23 -7.73 -31.53 -10.53
N GLN A 24 -8.38 -32.66 -10.26
CA GLN A 24 -7.67 -33.90 -10.01
C GLN A 24 -7.81 -34.84 -11.21
N CYS A 25 -6.89 -35.79 -11.28
CA CYS A 25 -6.91 -36.76 -12.37
C CYS A 25 -5.86 -37.84 -12.06
N GLU A 26 -6.28 -39.09 -12.21
CA GLU A 26 -5.39 -40.21 -11.96
C GLU A 26 -4.91 -40.19 -10.50
N GLY A 27 -3.77 -39.54 -10.30
CA GLY A 27 -3.20 -39.44 -8.98
C GLY A 27 -2.50 -38.09 -8.78
N SER A 28 -3.00 -37.10 -9.49
CA SER A 28 -2.43 -35.76 -9.40
C SER A 28 -3.56 -34.71 -9.34
N SER A 29 -3.17 -33.49 -9.03
CA SER A 29 -4.13 -32.40 -8.94
C SER A 29 -3.44 -31.08 -9.27
N PHE A 30 -4.04 -30.35 -10.20
CA PHE A 30 -3.50 -29.06 -10.62
C PHE A 30 -4.62 -28.05 -10.84
N HIS A 31 -4.22 -26.78 -10.88
CA HIS A 31 -5.18 -25.71 -11.09
C HIS A 31 -6.05 -26.03 -12.30
N LYS A 32 -7.20 -25.36 -12.36
CA LYS A 32 -8.14 -25.57 -13.45
C LYS A 32 -7.65 -24.80 -14.68
N SER A 33 -6.42 -25.09 -15.08
CA SER A 33 -5.83 -24.44 -16.23
C SER A 33 -4.48 -25.08 -16.57
N CYS A 34 -3.68 -25.27 -15.53
CA CYS A 34 -2.37 -25.87 -15.70
C CYS A 34 -2.54 -27.21 -16.43
N PHE A 35 -3.71 -27.80 -16.23
CA PHE A 35 -4.02 -29.08 -16.86
C PHE A 35 -4.02 -28.95 -18.39
N LEU A 36 -2.83 -28.95 -18.95
CA LEU A 36 -2.69 -28.83 -20.39
C LEU A 36 -1.61 -29.81 -20.87
N CYS A 37 -1.94 -30.54 -21.92
CA CYS A 37 -1.01 -31.51 -22.49
C CYS A 37 0.38 -30.86 -22.56
N MET A 38 1.29 -31.41 -21.78
CA MET A 38 2.65 -30.91 -21.74
C MET A 38 3.45 -31.37 -22.97
N VAL A 39 2.72 -31.89 -23.95
CA VAL A 39 3.34 -32.36 -25.17
C VAL A 39 2.94 -31.44 -26.33
N CYS A 40 1.68 -31.54 -26.71
CA CYS A 40 1.17 -30.72 -27.80
C CYS A 40 0.96 -29.31 -27.28
N LYS A 41 0.72 -29.22 -25.98
CA LYS A 41 0.49 -27.92 -25.35
C LYS A 41 -0.98 -27.56 -25.47
N LYS A 42 -1.81 -28.57 -25.61
CA LYS A 42 -3.24 -28.37 -25.73
C LYS A 42 -3.92 -28.63 -24.39
N ASN A 43 -4.72 -27.67 -23.97
CA ASN A 43 -5.43 -27.78 -22.71
C ASN A 43 -6.33 -29.01 -22.73
N LEU A 44 -6.48 -29.63 -21.57
CA LEU A 44 -7.31 -30.81 -21.46
C LEU A 44 -8.46 -30.53 -20.48
N ASP A 45 -9.53 -31.29 -20.65
CA ASP A 45 -10.70 -31.13 -19.80
C ASP A 45 -10.99 -32.46 -19.09
N SER A 46 -11.43 -33.43 -19.88
CA SER A 46 -11.75 -34.73 -19.34
C SER A 46 -12.41 -35.59 -20.42
N THR A 47 -11.72 -36.67 -20.79
CA THR A 47 -12.24 -37.57 -21.81
C THR A 47 -11.28 -38.74 -22.01
N THR A 48 -10.10 -38.42 -22.53
CA THR A 48 -9.09 -39.44 -22.77
C THR A 48 -7.69 -38.90 -22.44
N VAL A 49 -7.63 -38.19 -21.33
CA VAL A 49 -6.38 -37.61 -20.89
C VAL A 49 -5.62 -38.62 -20.02
N ALA A 50 -4.30 -38.58 -20.11
CA ALA A 50 -3.47 -39.49 -19.34
C ALA A 50 -2.43 -38.67 -18.56
N VAL A 51 -1.84 -39.33 -17.58
CA VAL A 51 -0.84 -38.68 -16.74
C VAL A 51 0.48 -39.46 -16.84
N HIS A 52 1.56 -38.79 -16.45
CA HIS A 52 2.88 -39.40 -16.50
C HIS A 52 3.84 -38.62 -15.60
N GLY A 53 4.43 -39.34 -14.65
CA GLY A 53 5.36 -38.73 -13.72
C GLY A 53 4.87 -37.35 -13.28
N ASP A 54 5.69 -36.35 -13.56
CA ASP A 54 5.35 -34.98 -13.19
C ASP A 54 4.94 -34.21 -14.45
N GLU A 55 3.98 -34.79 -15.17
CA GLU A 55 3.49 -34.17 -16.39
C GLU A 55 2.18 -34.83 -16.83
N ILE A 56 1.46 -34.13 -17.70
CA ILE A 56 0.20 -34.64 -18.21
C ILE A 56 0.24 -34.67 -19.73
N TYR A 57 -0.33 -35.74 -20.29
CA TYR A 57 -0.36 -35.90 -21.73
C TYR A 57 -1.71 -36.45 -22.19
N CYS A 58 -2.12 -36.03 -23.38
CA CYS A 58 -3.38 -36.47 -23.94
C CYS A 58 -3.18 -37.86 -24.55
N LYS A 59 -4.17 -38.71 -24.34
CA LYS A 59 -4.11 -40.07 -24.86
C LYS A 59 -3.50 -40.04 -26.27
N SER A 60 -4.18 -39.34 -27.16
CA SER A 60 -3.72 -39.23 -28.53
C SER A 60 -2.19 -39.20 -28.57
N CYS A 61 -1.63 -38.33 -27.75
CA CYS A 61 -0.18 -38.19 -27.69
C CYS A 61 0.40 -39.53 -27.24
N TYR A 62 -0.07 -39.99 -26.09
CA TYR A 62 0.39 -41.26 -25.54
C TYR A 62 0.49 -42.33 -26.63
N GLY A 63 -0.60 -42.45 -27.38
CA GLY A 63 -0.66 -43.44 -28.45
C GLY A 63 0.21 -43.00 -29.63
N LYS A 64 0.46 -41.70 -29.70
CA LYS A 64 1.26 -41.15 -30.78
C LYS A 64 2.73 -41.51 -30.54
N LYS A 65 3.12 -41.47 -29.27
CA LYS A 65 4.49 -41.78 -28.90
C LYS A 65 4.69 -43.30 -28.93
N TYR A 66 3.96 -43.98 -28.04
CA TYR A 66 4.04 -45.43 -27.97
C TYR A 66 3.66 -46.07 -29.31
N GLY A 67 2.75 -45.42 -30.01
CA GLY A 67 2.29 -45.91 -31.29
C GLY A 67 1.40 -47.14 -31.12
N PRO A 68 0.62 -47.44 -32.19
CA PRO A 68 -0.29 -48.57 -32.17
C PRO A 68 0.49 -49.89 -32.32
N LYS A 69 -0.27 -50.98 -32.33
CA LYS A 69 0.32 -52.30 -32.46
C LYS A 69 -0.74 -53.29 -32.93
N GLY A 70 -0.30 -54.52 -33.15
CA GLY A 70 -1.21 -55.56 -33.60
C GLY A 70 -0.52 -56.94 -33.56
N LYS A 71 -1.27 -57.95 -33.97
CA LYS A 71 -0.75 -59.30 -34.00
C LYS A 71 -1.78 -60.22 -34.65
N GLY A 72 -1.38 -61.48 -34.80
CA GLY A 72 -2.26 -62.48 -35.39
C GLY A 72 -1.73 -63.89 -35.17
N LYS A 73 -2.41 -64.85 -35.78
CA LYS A 73 -2.01 -66.25 -35.66
C LYS A 73 -2.94 -67.11 -36.51
N GLY A 74 -2.63 -68.40 -36.54
CA GLY A 74 -3.42 -69.34 -37.31
C GLY A 74 -3.22 -70.78 -36.81
N MET A 75 -3.68 -71.72 -37.61
CA MET A 75 -3.55 -73.13 -37.26
C MET A 75 -4.15 -74.02 -38.35
N GLY A 76 -3.91 -75.31 -38.21
CA GLY A 76 -4.41 -76.27 -39.17
C GLY A 76 -4.61 -77.65 -38.52
N ALA A 77 -4.79 -78.65 -39.37
CA ALA A 77 -4.99 -80.00 -38.89
C ALA A 77 -5.09 -80.95 -40.08
N GLY A 78 -5.19 -82.24 -39.78
CA GLY A 78 -5.30 -83.25 -40.82
C GLY A 78 -5.71 -84.61 -40.22
N THR A 79 -5.76 -85.60 -41.09
CA THR A 79 -6.13 -86.94 -40.67
C THR A 79 -5.93 -87.93 -41.81
N LEU A 80 -5.93 -89.21 -41.45
CA LEU A 80 -5.75 -90.27 -42.43
C LEU A 80 -6.14 -91.61 -41.81
N SER A 81 -6.17 -92.63 -42.65
CA SER A 81 -6.53 -93.96 -42.20
C SER A 81 -6.14 -95.00 -43.25
N THR A 82 -6.10 -96.25 -42.83
CA THR A 82 -5.75 -97.34 -43.73
C THR A 82 -6.73 -98.50 -43.58
N ASP A 83 -6.52 -99.53 -44.38
CA ASP A 83 -7.37 -100.71 -44.34
C ASP A 83 -6.70 -101.84 -45.12
N LYS A 84 -7.24 -103.04 -44.93
CA LYS A 84 -6.71 -104.21 -45.61
C LYS A 84 -7.79 -105.29 -45.66
N GLY A 85 -7.45 -106.39 -46.32
CA GLY A 85 -8.37 -107.50 -46.45
C GLY A 85 -7.62 -108.83 -46.52
N GLU A 86 -8.33 -109.85 -47.00
CA GLU A 86 -7.75 -111.18 -47.12
C GLU A 86 -8.72 -112.12 -47.81
N SER A 87 -8.23 -113.31 -48.14
CA SER A 87 -9.04 -114.31 -48.81
C SER A 87 -8.32 -115.66 -48.81
N LEU A 88 -9.05 -116.69 -49.19
CA LEU A 88 -8.50 -118.03 -49.25
C LEU A 88 -9.47 -118.96 -49.97
N GLY A 89 -9.04 -120.20 -50.15
CA GLY A 89 -9.86 -121.18 -50.83
C GLY A 89 -9.27 -122.59 -50.66
N ILE A 90 -9.97 -123.55 -51.25
CA ILE A 90 -9.54 -124.93 -51.17
C ILE A 90 -10.43 -125.80 -52.06
N LYS A 91 -10.03 -127.05 -52.20
CA LYS A 91 -10.79 -127.99 -53.03
C LYS A 91 -10.15 -129.38 -52.92
N TYR A 92 -10.80 -130.34 -53.56
CA TYR A 92 -10.32 -131.71 -53.54
C TYR A 92 -11.16 -132.60 -54.45
N GLU A 93 -10.57 -133.72 -54.85
CA GLU A 93 -11.26 -134.66 -55.72
C GLU A 93 -10.50 -136.00 -55.76
N GLU A 94 -11.15 -136.98 -56.36
CA GLU A 94 -10.55 -138.31 -56.47
C GLU A 94 -11.42 -139.21 -57.35
N GLY A 95 -10.87 -140.37 -57.67
CA GLY A 95 -11.58 -141.33 -58.51
C GLY A 95 -10.85 -142.67 -58.54
N GLN A 96 -11.39 -143.58 -59.34
CA GLN A 96 -10.80 -144.90 -59.47
C GLN A 96 -11.57 -145.72 -60.52
N SER A 97 -11.00 -146.88 -60.85
CA SER A 97 -11.62 -147.75 -61.81
C SER A 97 -10.87 -149.09 -61.87
N HIS A 98 -11.47 -150.04 -62.57
CA HIS A 98 -10.85 -151.35 -62.72
C HIS A 98 -11.64 -152.16 -63.76
N ARG A 99 -11.10 -153.34 -64.06
CA ARG A 99 -11.74 -154.22 -65.02
C ARG A 99 -11.14 -155.63 -64.93
N PRO A 100 -11.99 -156.63 -65.24
CA PRO A 100 -11.56 -158.02 -65.20
C PRO A 100 -10.68 -158.36 -66.40
N THR A 101 -10.24 -159.61 -66.45
CA THR A 101 -9.39 -160.08 -67.53
C THR A 101 -9.27 -161.60 -67.50
N ASN A 102 -8.77 -162.14 -68.60
CA ASN A 102 -8.59 -163.58 -68.70
C ASN A 102 -7.88 -163.91 -70.02
N PRO A 103 -6.55 -164.14 -69.91
CA PRO A 103 -5.74 -164.46 -71.08
C PRO A 103 -5.99 -165.90 -71.53
N ASN A 104 -5.28 -166.27 -72.59
CA ASN A 104 -5.42 -167.62 -73.14
C ASN A 104 -4.53 -167.75 -74.37
N ALA A 105 -4.15 -168.99 -74.67
CA ALA A 105 -3.31 -169.26 -75.82
C ALA A 105 -3.13 -170.77 -75.96
N SER A 106 -2.49 -171.15 -77.05
CA SER A 106 -2.25 -172.57 -77.32
C SER A 106 -1.48 -172.72 -78.64
N ARG A 107 -0.97 -173.93 -78.85
CA ARG A 107 -0.21 -174.22 -80.05
C ARG A 107 0.29 -175.67 -80.03
N MET A 108 0.47 -176.22 -81.22
CA MET A 108 0.95 -177.59 -81.35
C MET A 108 1.37 -177.90 -82.78
N ALA A 109 2.03 -179.02 -82.94
CA ALA A 109 2.49 -179.44 -84.25
C ALA A 109 3.11 -180.84 -84.15
N GLN A 110 3.49 -181.37 -85.30
CA GLN A 110 4.09 -182.70 -85.37
C GLN A 110 4.41 -183.06 -86.81
N LYS A 111 5.12 -184.17 -86.96
CA LYS A 111 5.51 -184.65 -88.27
C LYS A 111 6.14 -186.04 -88.15
N VAL A 112 6.44 -186.62 -89.30
CA VAL A 112 7.05 -187.95 -89.33
C VAL A 112 7.41 -188.30 -90.77
N GLY A 113 8.37 -189.21 -90.90
CA GLY A 113 8.83 -189.63 -92.20
C GLY A 113 9.08 -191.14 -92.24
N GLY A 114 9.90 -191.56 -93.19
CA GLY A 114 10.22 -192.97 -93.34
C GLY A 114 11.14 -193.20 -94.54
N SER A 115 12.20 -193.96 -94.29
CA SER A 115 13.15 -194.25 -95.35
C SER A 115 14.28 -195.14 -94.80
N ASP A 116 14.68 -196.10 -95.61
CA ASP A 116 15.74 -197.02 -95.23
C ASP A 116 16.23 -197.77 -96.45
N GLY A 117 16.78 -198.96 -96.21
CA GLY A 117 17.29 -199.79 -97.28
C GLY A 117 16.76 -201.22 -97.17
N CYS A 118 17.03 -202.00 -98.20
CA CYS A 118 16.59 -203.38 -98.23
C CYS A 118 17.77 -204.28 -97.88
N PRO A 119 17.71 -204.85 -96.65
CA PRO A 119 18.77 -205.73 -96.17
C PRO A 119 18.70 -207.09 -96.86
N ARG A 120 17.72 -207.23 -97.74
CA ARG A 120 17.54 -208.47 -98.46
C ARG A 120 18.26 -208.42 -99.81
N CYS A 121 17.71 -207.60 -100.71
CA CYS A 121 18.29 -207.45 -102.03
C CYS A 121 19.51 -206.53 -101.92
N GLY A 122 19.42 -205.61 -100.98
CA GLY A 122 20.50 -204.66 -100.77
C GLY A 122 20.13 -203.26 -101.29
N GLN A 123 19.19 -203.25 -102.22
CA GLN A 123 18.74 -202.00 -102.82
C GLN A 123 18.03 -201.15 -101.77
N ALA A 124 18.29 -199.86 -101.83
CA ALA A 124 17.68 -198.91 -100.90
C ALA A 124 16.16 -199.03 -100.99
N VAL A 125 15.50 -198.50 -99.96
CA VAL A 125 14.05 -198.53 -99.92
C VAL A 125 13.52 -197.15 -99.51
N TYR A 126 12.62 -196.63 -100.31
CA TYR A 126 12.04 -195.32 -100.05
C TYR A 126 10.51 -195.38 -100.16
N ALA A 127 9.89 -194.22 -99.92
CA ALA A 127 8.45 -194.13 -99.99
C ALA A 127 7.98 -194.54 -101.39
N ALA A 128 7.51 -195.78 -101.47
CA ALA A 128 7.03 -196.31 -102.74
C ALA A 128 6.89 -197.83 -102.62
N GLU A 129 7.91 -198.45 -102.05
CA GLU A 129 7.92 -199.89 -101.87
C GLU A 129 8.69 -200.27 -100.61
N LYS A 130 8.30 -199.65 -99.51
CA LYS A 130 8.95 -199.90 -98.24
C LYS A 130 8.00 -200.72 -97.34
N VAL A 131 8.55 -201.79 -96.77
CA VAL A 131 7.77 -202.65 -95.90
C VAL A 131 8.51 -202.83 -94.58
N ILE A 132 7.75 -202.83 -93.50
CA ILE A 132 8.30 -203.00 -92.17
C ILE A 132 7.95 -204.38 -91.64
N GLY A 133 8.96 -205.20 -91.43
CA GLY A 133 8.76 -206.55 -90.93
C GLY A 133 9.94 -206.98 -90.04
N ALA A 134 9.61 -207.72 -88.99
CA ALA A 134 10.62 -208.20 -88.08
C ALA A 134 11.50 -207.04 -87.62
N GLY A 135 10.86 -205.89 -87.46
CA GLY A 135 11.57 -204.69 -87.04
C GLY A 135 12.67 -204.33 -88.03
N LYS A 136 12.35 -204.47 -89.30
CA LYS A 136 13.30 -204.17 -90.36
C LYS A 136 12.55 -203.66 -91.59
N SER A 137 13.31 -203.05 -92.49
CA SER A 137 12.72 -202.53 -93.72
C SER A 137 13.18 -203.36 -94.92
N TRP A 138 12.25 -203.53 -95.85
CA TRP A 138 12.54 -204.30 -97.05
C TRP A 138 11.54 -203.90 -98.13
N HIS A 139 11.82 -204.32 -99.35
CA HIS A 139 10.95 -204.02 -100.48
C HIS A 139 9.64 -204.80 -100.35
N LYS A 140 8.55 -204.06 -100.26
CA LYS A 140 7.24 -204.66 -100.13
C LYS A 140 6.92 -205.45 -101.41
N SER A 141 7.55 -206.62 -101.51
CA SER A 141 7.34 -207.48 -102.67
C SER A 141 8.54 -208.41 -102.85
N CYS A 142 9.68 -207.96 -102.35
CA CYS A 142 10.90 -208.74 -102.45
C CYS A 142 11.00 -209.63 -101.22
N PHE A 143 10.34 -209.19 -100.15
CA PHE A 143 10.35 -209.95 -98.91
C PHE A 143 10.33 -211.45 -99.17
N ARG A 144 11.50 -212.06 -99.06
CA ARG A 144 11.62 -213.49 -99.29
C ARG A 144 12.09 -214.19 -98.01
N CYS A 145 11.67 -215.44 -97.87
CA CYS A 145 12.03 -216.22 -96.70
C CYS A 145 13.55 -216.45 -96.73
N ALA A 146 14.18 -216.15 -95.61
CA ALA A 146 15.62 -216.32 -95.51
C ALA A 146 15.93 -217.74 -95.02
N LYS A 147 15.09 -218.67 -95.44
CA LYS A 147 15.26 -220.07 -95.06
C LYS A 147 15.06 -220.95 -96.29
N CYS A 148 13.98 -220.67 -97.03
CA CYS A 148 13.67 -221.43 -98.22
C CYS A 148 13.88 -220.53 -99.43
N GLY A 149 13.91 -219.23 -99.17
CA GLY A 149 14.10 -218.26 -100.23
C GLY A 149 12.77 -217.85 -100.86
N LYS A 150 11.72 -218.53 -100.43
CA LYS A 150 10.38 -218.25 -100.92
C LYS A 150 10.15 -216.74 -100.93
N SER A 151 9.03 -216.35 -101.53
CA SER A 151 8.68 -214.94 -101.61
C SER A 151 7.35 -214.69 -100.89
N LEU A 152 7.42 -213.95 -99.81
CA LEU A 152 6.23 -213.63 -99.03
C LEU A 152 5.93 -212.13 -99.16
N GLU A 153 4.76 -211.76 -98.67
CA GLU A 153 4.34 -210.36 -98.72
C GLU A 153 2.84 -210.25 -98.42
N SER A 154 2.43 -210.93 -97.36
CA SER A 154 1.04 -210.91 -96.95
C SER A 154 0.76 -212.05 -95.98
N THR A 155 0.69 -211.70 -94.70
CA THR A 155 0.44 -212.69 -93.67
C THR A 155 1.13 -214.01 -94.01
N THR A 156 2.37 -214.12 -93.59
CA THR A 156 3.15 -215.31 -93.84
C THR A 156 4.57 -215.15 -93.29
N LEU A 157 5.08 -213.94 -93.38
CA LEU A 157 6.42 -213.64 -92.91
C LEU A 157 6.48 -213.88 -91.40
N ALA A 158 7.63 -214.36 -90.96
CA ALA A 158 7.83 -214.64 -89.55
C ALA A 158 9.13 -213.98 -89.08
N ASP A 159 8.99 -213.10 -88.11
CA ASP A 159 10.14 -212.39 -87.56
C ASP A 159 10.74 -213.21 -86.41
N LYS A 160 11.78 -213.96 -86.73
CA LYS A 160 12.45 -214.78 -85.74
C LYS A 160 13.82 -214.18 -85.42
N ASP A 161 13.95 -213.67 -84.21
CA ASP A 161 15.20 -213.06 -83.78
C ASP A 161 15.67 -212.07 -84.83
N GLY A 162 14.73 -211.28 -85.33
CA GLY A 162 15.03 -210.29 -86.34
C GLY A 162 14.93 -210.88 -87.75
N GLU A 163 15.35 -212.13 -87.86
CA GLU A 163 15.31 -212.82 -89.13
C GLU A 163 13.87 -212.88 -89.65
N ILE A 164 13.75 -213.12 -90.96
CA ILE A 164 12.45 -213.21 -91.59
C ILE A 164 12.34 -214.54 -92.33
N TYR A 165 11.22 -215.22 -92.10
CA TYR A 165 10.98 -216.50 -92.74
C TYR A 165 9.51 -216.66 -93.12
N CYS A 166 9.18 -217.85 -93.60
CA CYS A 166 7.81 -218.14 -94.00
C CYS A 166 7.15 -218.93 -92.88
N LYS A 167 5.84 -218.70 -92.73
CA LYS A 167 5.08 -219.39 -91.70
C LYS A 167 5.46 -220.87 -91.68
N GLY A 168 5.56 -221.43 -92.87
CA GLY A 168 5.91 -222.84 -93.01
C GLY A 168 7.24 -223.14 -92.30
N CYS A 169 8.12 -222.15 -92.31
CA CYS A 169 9.42 -222.30 -91.68
C CYS A 169 9.24 -222.09 -90.17
N TYR A 170 8.51 -221.02 -89.84
CA TYR A 170 8.26 -220.69 -88.44
C TYR A 170 7.59 -221.86 -87.72
N ALA A 171 6.79 -222.61 -88.48
CA ALA A 171 6.09 -223.75 -87.93
C ALA A 171 7.03 -224.96 -87.87
N LYS A 172 7.43 -225.40 -89.05
CA LYS A 172 8.34 -226.54 -89.15
C LYS A 172 9.47 -226.38 -88.14
N ASN A 173 10.19 -225.27 -88.27
CA ASN A 173 11.30 -224.99 -87.37
C ASN A 173 10.93 -225.43 -85.95
N PHE A 174 9.72 -225.09 -85.57
CA PHE A 174 9.23 -225.43 -84.24
C PHE A 174 7.80 -225.99 -84.31
N GLY A 175 7.66 -227.12 -84.97
CA GLY A 175 6.37 -227.76 -85.11
C GLY A 175 6.32 -229.09 -84.35
N PRO A 176 5.56 -230.06 -84.93
CA PRO A 176 5.43 -231.36 -84.31
C PRO A 176 6.69 -232.20 -84.50
N LYS A 177 6.87 -233.16 -83.62
CA LYS A 177 8.03 -234.03 -83.67
C LYS A 177 7.76 -235.30 -82.87
N GLY A 178 8.66 -236.26 -83.01
CA GLY A 178 8.53 -237.52 -82.30
C GLY A 178 9.75 -238.41 -82.53
N PHE A 179 9.97 -239.31 -81.58
CA PHE A 179 11.10 -240.22 -81.66
C PHE A 179 10.81 -241.53 -80.92
N GLY A 180 11.57 -242.55 -81.27
CA GLY A 180 11.40 -243.86 -80.66
C GLY A 180 12.73 -244.62 -80.60
N PHE A 181 12.66 -245.84 -80.10
CA PHE A 181 13.84 -246.67 -79.98
C PHE A 181 13.47 -248.11 -79.63
N GLY A 182 14.24 -249.04 -80.15
CA GLY A 182 14.00 -250.45 -79.90
C GLY A 182 15.02 -251.01 -78.90
N GLN A 183 15.08 -252.33 -78.83
CA GLN A 183 16.00 -253.00 -77.92
C GLN A 183 16.22 -254.45 -78.36
N GLY A 184 17.21 -255.07 -77.74
CA GLY A 184 17.54 -256.45 -78.05
C GLY A 184 18.43 -257.06 -76.97
N ALA A 185 18.52 -258.38 -77.00
CA ALA A 185 19.34 -259.10 -76.04
C ALA A 185 19.30 -260.59 -76.36
N GLY A 186 20.31 -261.29 -75.85
CA GLY A 186 20.41 -262.73 -76.07
C GLY A 186 21.79 -263.25 -75.67
N ALA A 187 21.85 -263.84 -74.49
CA ALA A 187 23.10 -264.38 -73.98
C ALA A 187 22.79 -265.48 -72.96
N LEU A 188 23.53 -266.57 -73.09
CA LEU A 188 23.35 -267.70 -72.19
C LEU A 188 24.42 -268.76 -72.49
N ILE A 189 25.49 -268.72 -71.70
CA ILE A 189 26.57 -269.67 -71.88
C ILE A 189 27.31 -269.84 -70.55
N HIS A 190 27.53 -271.10 -70.19
CA HIS A 190 28.22 -271.41 -68.94
C HIS A 190 29.36 -272.38 -69.23
N SER A 191 30.26 -272.48 -68.26
CA SER A 191 31.41 -273.37 -68.39
C SER A 191 32.07 -273.58 -67.02
N GLN A 192 32.74 -274.72 -66.89
CA GLN A 192 33.40 -275.05 -65.65
C GLN A 192 34.19 -276.36 -65.80
ZN ZN B . -1.38 -25.04 -11.23
ZN ZN C . -1.20 -33.94 -26.51
ZN ZN D . 14.38 -205.79 -101.62
ZN ZN E . 10.74 -220.56 -95.45
N MET A 1 -17.21 -20.64 13.46
CA MET A 1 -17.43 -19.45 14.28
C MET A 1 -16.34 -18.40 14.01
N PRO A 2 -16.73 -17.12 14.22
CA PRO A 2 -15.81 -16.02 14.01
C PRO A 2 -14.80 -15.92 15.15
N ASN A 3 -13.62 -15.40 14.82
CA ASN A 3 -12.57 -15.26 15.80
C ASN A 3 -11.34 -14.63 15.13
N TRP A 4 -10.48 -14.05 15.96
CA TRP A 4 -9.29 -13.41 15.47
C TRP A 4 -8.24 -13.42 16.60
N GLY A 5 -6.98 -13.43 16.19
CA GLY A 5 -5.89 -13.45 17.16
C GLY A 5 -4.77 -12.49 16.73
N GLY A 6 -3.67 -12.57 17.45
CA GLY A 6 -2.52 -11.73 17.16
C GLY A 6 -1.45 -11.87 18.24
N GLY A 7 -0.34 -11.18 18.02
CA GLY A 7 0.76 -11.21 18.96
C GLY A 7 2.11 -11.16 18.24
N LYS A 8 3.09 -10.57 18.91
CA LYS A 8 4.42 -10.45 18.34
C LYS A 8 5.39 -11.29 19.15
N LYS A 9 6.62 -11.38 18.67
CA LYS A 9 7.65 -12.15 19.33
C LYS A 9 8.91 -11.30 19.47
N CYS A 10 9.40 -11.21 20.70
CA CYS A 10 10.59 -10.43 20.98
C CYS A 10 11.82 -11.29 20.66
N GLY A 11 12.49 -10.95 19.58
CA GLY A 11 13.68 -11.69 19.16
C GLY A 11 14.89 -11.29 20.00
N VAL A 12 14.64 -10.45 20.99
CA VAL A 12 15.70 -9.98 21.87
C VAL A 12 15.71 -10.83 23.15
N CYS A 13 14.66 -10.66 23.94
CA CYS A 13 14.53 -11.40 25.18
C CYS A 13 14.07 -12.82 24.85
N GLN A 14 13.44 -12.95 23.69
CA GLN A 14 12.95 -14.24 23.25
C GLN A 14 11.59 -14.54 23.89
N LYS A 15 10.88 -13.47 24.22
CA LYS A 15 9.58 -13.60 24.83
C LYS A 15 8.53 -12.93 23.94
N ALA A 16 7.33 -13.49 23.96
CA ALA A 16 6.23 -12.95 23.17
C ALA A 16 5.87 -11.57 23.68
N VAL A 17 5.33 -10.76 22.78
CA VAL A 17 4.94 -9.40 23.12
C VAL A 17 3.50 -9.17 22.68
N TYR A 18 2.86 -8.20 23.30
CA TYR A 18 1.49 -7.87 22.98
C TYR A 18 1.42 -6.70 21.99
N PHE A 19 0.22 -6.48 21.47
CA PHE A 19 0.01 -5.41 20.51
C PHE A 19 -0.21 -4.07 21.22
N ALA A 20 0.90 -3.45 21.59
CA ALA A 20 0.85 -2.18 22.28
C ALA A 20 2.27 -1.75 22.66
N GLU A 21 2.90 -2.59 23.47
CA GLU A 21 4.26 -2.31 23.93
C GLU A 21 5.26 -2.64 22.83
N GLU A 22 4.94 -3.69 22.08
CA GLU A 22 5.81 -4.13 21.00
C GLU A 22 6.39 -2.91 20.27
N VAL A 23 7.71 -2.88 20.19
CA VAL A 23 8.39 -1.78 19.53
C VAL A 23 9.16 -2.32 18.32
N GLN A 24 8.77 -1.83 17.15
CA GLN A 24 9.40 -2.26 15.92
C GLN A 24 10.57 -1.34 15.57
N CYS A 25 11.63 -1.94 15.03
CA CYS A 25 12.81 -1.18 14.65
C CYS A 25 13.39 -1.81 13.39
N GLU A 26 13.77 -0.94 12.46
CA GLU A 26 14.35 -1.39 11.21
C GLU A 26 15.27 -2.58 11.45
N GLY A 27 14.78 -3.75 11.08
CA GLY A 27 15.55 -4.97 11.25
C GLY A 27 14.79 -6.00 12.10
N SER A 28 14.41 -5.57 13.29
CA SER A 28 13.68 -6.43 14.20
C SER A 28 12.88 -5.59 15.20
N SER A 29 12.09 -6.28 16.00
CA SER A 29 11.28 -5.60 17.00
C SER A 29 11.49 -6.24 18.37
N PHE A 30 11.49 -5.40 19.39
CA PHE A 30 11.69 -5.86 20.76
C PHE A 30 10.74 -5.16 21.72
N HIS A 31 10.74 -5.63 22.96
CA HIS A 31 9.90 -5.04 23.99
C HIS A 31 10.19 -3.55 24.12
N LYS A 32 9.34 -2.87 24.88
CA LYS A 32 9.50 -1.45 25.10
C LYS A 32 10.83 -1.20 25.83
N SER A 33 10.95 -1.81 27.00
CA SER A 33 12.16 -1.66 27.80
C SER A 33 13.34 -2.29 27.08
N CYS A 34 13.05 -3.31 26.29
CA CYS A 34 14.08 -4.01 25.55
C CYS A 34 14.82 -2.99 24.67
N PHE A 35 14.04 -2.09 24.08
CA PHE A 35 14.60 -1.05 23.23
C PHE A 35 15.40 -0.04 24.05
N LEU A 36 16.56 -0.48 24.51
CA LEU A 36 17.43 0.37 25.30
C LEU A 36 18.88 0.16 24.86
N CYS A 37 19.57 1.26 24.64
CA CYS A 37 20.96 1.22 24.22
C CYS A 37 21.68 0.18 25.08
N MET A 38 22.09 -0.90 24.44
CA MET A 38 22.80 -1.96 25.13
C MET A 38 24.28 -1.60 25.33
N VAL A 39 24.59 -0.35 25.03
CA VAL A 39 25.96 0.12 25.19
C VAL A 39 26.06 0.96 26.46
N CYS A 40 25.38 2.10 26.44
CA CYS A 40 25.38 3.00 27.59
C CYS A 40 24.37 2.48 28.60
N LYS A 41 23.36 1.80 28.09
CA LYS A 41 22.32 1.24 28.94
C LYS A 41 21.22 2.28 29.14
N LYS A 42 21.10 3.16 28.14
CA LYS A 42 20.09 4.21 28.19
C LYS A 42 18.93 3.84 27.27
N ASN A 43 17.73 3.93 27.82
CA ASN A 43 16.53 3.62 27.05
C ASN A 43 16.49 4.47 25.79
N LEU A 44 16.00 3.87 24.71
CA LEU A 44 15.90 4.57 23.45
C LEU A 44 14.46 4.49 22.94
N ASP A 45 13.95 5.65 22.55
CA ASP A 45 12.60 5.74 22.04
C ASP A 45 12.61 5.59 20.52
N SER A 46 13.13 6.62 19.86
CA SER A 46 13.21 6.61 18.41
C SER A 46 14.20 7.68 17.94
N THR A 47 14.54 7.60 16.66
CA THR A 47 15.47 8.55 16.08
C THR A 47 16.83 8.47 16.78
N THR A 48 17.88 8.46 15.98
CA THR A 48 19.23 8.39 16.51
C THR A 48 19.61 6.93 16.81
N VAL A 49 18.67 6.21 17.39
CA VAL A 49 18.90 4.82 17.74
C VAL A 49 19.17 4.02 16.46
N ALA A 50 20.13 3.12 16.55
CA ALA A 50 20.49 2.30 15.42
C ALA A 50 20.36 0.82 15.79
N VAL A 51 20.35 -0.02 14.78
CA VAL A 51 20.23 -1.45 15.00
C VAL A 51 21.50 -2.15 14.49
N HIS A 52 21.95 -3.12 15.26
CA HIS A 52 23.15 -3.88 14.90
C HIS A 52 22.95 -5.35 15.25
N GLY A 53 23.24 -6.20 14.27
CA GLY A 53 23.10 -7.63 14.45
C GLY A 53 21.76 -7.97 15.11
N ASP A 54 21.82 -8.16 16.43
CA ASP A 54 20.63 -8.49 17.19
C ASP A 54 20.63 -7.69 18.49
N GLU A 55 20.79 -6.38 18.35
CA GLU A 55 20.80 -5.50 19.49
C GLU A 55 20.49 -4.06 19.06
N ILE A 56 20.08 -3.26 20.04
CA ILE A 56 19.74 -1.87 19.78
C ILE A 56 20.74 -0.96 20.49
N TYR A 57 21.06 0.14 19.83
CA TYR A 57 22.01 1.09 20.38
C TYR A 57 21.67 2.52 19.94
N CYS A 58 22.41 3.47 20.50
CA CYS A 58 22.20 4.87 20.18
C CYS A 58 23.27 5.30 19.17
N LYS A 59 22.85 6.10 18.21
CA LYS A 59 23.76 6.59 17.19
C LYS A 59 25.13 6.86 17.83
N SER A 60 25.17 7.91 18.63
CA SER A 60 26.41 8.28 19.30
C SER A 60 27.27 7.03 19.55
N CYS A 61 26.81 6.20 20.48
CA CYS A 61 27.51 4.99 20.82
C CYS A 61 28.02 4.35 19.52
N TYR A 62 27.07 4.09 18.62
CA TYR A 62 27.41 3.50 17.34
C TYR A 62 28.64 4.16 16.72
N GLY A 63 28.56 5.47 16.60
CA GLY A 63 29.66 6.23 16.03
C GLY A 63 30.89 6.17 16.92
N LYS A 64 30.67 5.78 18.17
CA LYS A 64 31.75 5.67 19.12
C LYS A 64 32.52 4.37 18.87
N LYS A 65 31.78 3.28 18.84
CA LYS A 65 32.38 1.98 18.61
C LYS A 65 32.97 1.94 17.20
N TYR A 66 32.17 2.39 16.25
CA TYR A 66 32.61 2.42 14.86
C TYR A 66 33.76 3.40 14.66
N GLY A 67 33.55 4.62 15.17
CA GLY A 67 34.57 5.65 15.05
C GLY A 67 35.27 5.59 13.69
N PRO A 68 34.63 6.24 12.68
CA PRO A 68 35.18 6.26 11.34
C PRO A 68 36.37 7.21 11.24
N LYS A 69 37.20 6.98 10.24
CA LYS A 69 38.37 7.81 10.03
C LYS A 69 39.04 7.40 8.72
N GLY A 70 39.68 8.39 8.09
CA GLY A 70 40.37 8.14 6.83
C GLY A 70 41.66 8.96 6.75
N LYS A 71 42.40 8.73 5.68
CA LYS A 71 43.65 9.43 5.46
C LYS A 71 44.10 9.24 4.02
N GLY A 72 44.76 10.27 3.49
CA GLY A 72 45.26 10.22 2.12
C GLY A 72 46.39 11.23 1.91
N LYS A 73 47.02 11.12 0.76
CA LYS A 73 48.13 12.00 0.43
C LYS A 73 48.57 11.74 -1.01
N GLY A 74 48.51 12.78 -1.83
CA GLY A 74 48.90 12.68 -3.23
C GLY A 74 50.26 13.34 -3.46
N MET A 75 51.05 12.70 -4.31
CA MET A 75 52.37 13.21 -4.64
C MET A 75 53.01 12.40 -5.77
N GLY A 76 53.33 13.10 -6.84
CA GLY A 76 53.94 12.45 -7.99
C GLY A 76 55.16 13.25 -8.48
N ALA A 77 55.93 12.63 -9.35
CA ALA A 77 57.11 13.27 -9.91
C ALA A 77 57.64 12.42 -11.06
N GLY A 78 58.05 13.12 -12.12
CA GLY A 78 58.58 12.45 -13.29
C GLY A 78 59.95 13.02 -13.68
N THR A 79 60.55 12.41 -14.69
CA THR A 79 61.85 12.85 -15.16
C THR A 79 61.94 12.73 -16.69
N LEU A 80 62.70 13.64 -17.28
CA LEU A 80 62.87 13.65 -18.72
C LEU A 80 64.37 13.64 -19.05
N SER A 81 64.71 12.83 -20.04
CA SER A 81 66.10 12.71 -20.47
C SER A 81 66.19 12.88 -21.98
N THR A 82 67.30 13.45 -22.41
CA THR A 82 67.53 13.67 -23.83
C THR A 82 69.01 13.49 -24.17
N ASP A 83 69.26 13.06 -25.40
CA ASP A 83 70.62 12.83 -25.86
C ASP A 83 70.59 12.37 -27.32
N LYS A 84 71.50 12.92 -28.10
CA LYS A 84 71.59 12.56 -29.51
C LYS A 84 72.87 13.18 -30.10
N GLY A 85 73.33 12.57 -31.18
CA GLY A 85 74.52 13.04 -31.85
C GLY A 85 75.41 11.87 -32.27
N GLU A 86 75.82 11.89 -33.53
CA GLU A 86 76.68 10.84 -34.06
C GLU A 86 77.00 11.12 -35.53
N SER A 87 78.29 11.27 -35.80
CA SER A 87 78.75 11.54 -37.15
C SER A 87 79.85 10.56 -37.54
N LEU A 88 80.09 10.46 -38.83
CA LEU A 88 81.12 9.57 -39.34
C LEU A 88 81.41 9.91 -40.80
N GLY A 89 82.66 9.71 -41.19
CA GLY A 89 83.08 10.00 -42.55
C GLY A 89 84.57 9.65 -42.75
N ILE A 90 84.86 9.11 -43.92
CA ILE A 90 86.22 8.73 -44.25
C ILE A 90 86.52 9.13 -45.70
N LYS A 91 87.73 9.65 -45.89
CA LYS A 91 88.15 10.08 -47.21
C LYS A 91 89.51 9.46 -47.53
N TYR A 92 89.92 9.61 -48.79
CA TYR A 92 91.19 9.07 -49.22
C TYR A 92 91.66 9.77 -50.50
N GLU A 93 92.93 9.52 -50.85
CA GLU A 93 93.51 10.12 -52.03
C GLU A 93 94.57 9.19 -52.63
N GLU A 94 94.82 9.38 -53.91
CA GLU A 94 95.81 8.57 -54.61
C GLU A 94 96.62 9.43 -55.59
N GLY A 95 97.90 9.11 -55.68
CA GLY A 95 98.78 9.85 -56.57
C GLY A 95 100.07 9.06 -56.84
N GLN A 96 100.45 9.03 -58.10
CA GLN A 96 101.67 8.32 -58.50
C GLN A 96 101.88 8.45 -60.01
N SER A 97 103.12 8.18 -60.42
CA SER A 97 103.46 8.27 -61.83
C SER A 97 104.92 7.81 -62.03
N HIS A 98 105.27 7.61 -63.29
CA HIS A 98 106.61 7.18 -63.63
C HIS A 98 106.75 7.11 -65.16
N ARG A 99 108.00 6.99 -65.59
CA ARG A 99 108.28 6.93 -67.02
C ARG A 99 109.76 6.59 -67.24
N PRO A 100 110.02 5.88 -68.37
CA PRO A 100 111.39 5.49 -68.71
C PRO A 100 112.17 6.69 -69.25
N THR A 101 113.43 6.42 -69.59
CA THR A 101 114.29 7.47 -70.11
C THR A 101 115.61 6.87 -70.60
N ASN A 102 116.05 7.33 -71.76
CA ASN A 102 117.29 6.84 -72.35
C ASN A 102 117.77 7.84 -73.40
N PRO A 103 119.04 8.30 -73.22
CA PRO A 103 119.63 9.25 -74.15
C PRO A 103 120.03 8.57 -75.45
N ASN A 104 120.59 9.36 -76.35
CA ASN A 104 121.01 8.84 -77.65
C ASN A 104 121.79 9.94 -78.39
N ALA A 105 122.90 9.53 -78.99
CA ALA A 105 123.73 10.45 -79.74
C ALA A 105 124.82 9.66 -80.48
N SER A 106 125.18 10.16 -81.65
CA SER A 106 126.20 9.52 -82.46
C SER A 106 126.43 10.33 -83.74
N ARG A 107 127.68 10.37 -84.17
CA ARG A 107 128.05 11.08 -85.38
C ARG A 107 129.55 10.96 -85.63
N MET A 108 129.90 10.90 -86.91
CA MET A 108 131.29 10.78 -87.30
C MET A 108 131.43 10.81 -88.82
N ALA A 109 132.56 11.35 -89.27
CA ALA A 109 132.83 11.44 -90.69
C ALA A 109 134.34 11.30 -90.94
N GLN A 110 134.67 10.88 -92.14
CA GLN A 110 136.07 10.69 -92.51
C GLN A 110 136.18 10.22 -93.96
N LYS A 111 137.04 10.89 -94.70
CA LYS A 111 137.25 10.55 -96.09
C LYS A 111 138.39 11.40 -96.66
N VAL A 112 139.26 10.74 -97.42
CA VAL A 112 140.39 11.42 -98.02
C VAL A 112 141.13 10.44 -98.94
N GLY A 113 141.71 11.00 -100.00
CA GLY A 113 142.45 10.20 -100.96
C GLY A 113 142.75 11.01 -102.23
N GLY A 114 143.63 10.45 -103.05
CA GLY A 114 144.01 11.10 -104.29
C GLY A 114 145.53 11.31 -104.35
N SER A 115 146.18 10.43 -105.11
CA SER A 115 147.62 10.51 -105.27
C SER A 115 148.09 9.55 -106.37
N ASP A 116 149.14 9.95 -107.05
CA ASP A 116 149.69 9.14 -108.13
C ASP A 116 151.17 9.45 -108.30
N GLY A 117 151.68 9.15 -109.49
CA GLY A 117 153.07 9.40 -109.78
C GLY A 117 153.23 10.05 -111.17
N CYS A 118 154.46 10.47 -111.45
CA CYS A 118 154.76 11.10 -112.72
C CYS A 118 155.35 10.05 -113.66
N PRO A 119 154.54 9.68 -114.69
CA PRO A 119 154.99 8.68 -115.66
C PRO A 119 156.00 9.28 -116.63
N ARG A 120 156.28 10.56 -116.43
CA ARG A 120 157.23 11.27 -117.29
C ARG A 120 158.63 11.20 -116.67
N CYS A 121 158.78 11.92 -115.57
CA CYS A 121 160.07 11.95 -114.89
C CYS A 121 160.19 10.69 -114.03
N GLY A 122 159.05 10.26 -113.49
CA GLY A 122 159.02 9.08 -112.65
C GLY A 122 158.72 9.45 -111.20
N GLN A 123 159.09 10.66 -110.84
CA GLN A 123 158.87 11.14 -109.48
C GLN A 123 157.38 11.09 -109.14
N ALA A 124 157.10 10.72 -107.90
CA ALA A 124 155.73 10.63 -107.44
C ALA A 124 155.05 12.00 -107.60
N VAL A 125 153.73 11.96 -107.58
CA VAL A 125 152.95 13.18 -107.72
C VAL A 125 151.82 13.19 -106.68
N TYR A 126 151.84 14.20 -105.83
CA TYR A 126 150.82 14.34 -104.80
C TYR A 126 150.73 15.78 -104.30
N ALA A 127 151.88 16.30 -103.90
CA ALA A 127 151.95 17.66 -103.40
C ALA A 127 151.87 18.64 -104.57
N ALA A 128 152.19 19.89 -104.29
CA ALA A 128 152.16 20.92 -105.30
C ALA A 128 152.72 20.37 -106.62
N GLU A 129 152.21 20.89 -107.72
CA GLU A 129 152.65 20.45 -109.03
C GLU A 129 152.05 19.09 -109.36
N LYS A 130 150.73 19.02 -109.33
CA LYS A 130 150.02 17.79 -109.61
C LYS A 130 148.99 18.05 -110.71
N VAL A 131 149.41 17.80 -111.94
CA VAL A 131 148.54 18.00 -113.09
C VAL A 131 147.80 16.69 -113.40
N ILE A 132 146.58 16.84 -113.91
CA ILE A 132 145.78 15.67 -114.25
C ILE A 132 145.28 15.81 -115.69
N GLY A 133 145.74 14.90 -116.53
CA GLY A 133 145.36 14.92 -117.93
C GLY A 133 145.39 13.50 -118.52
N ALA A 134 144.61 13.31 -119.58
CA ALA A 134 144.55 12.03 -120.24
C ALA A 134 144.41 10.92 -119.20
N GLY A 135 143.44 11.11 -118.32
CA GLY A 135 143.19 10.14 -117.25
C GLY A 135 144.50 9.67 -116.62
N LYS A 136 145.38 10.63 -116.38
CA LYS A 136 146.67 10.32 -115.78
C LYS A 136 147.13 11.53 -114.95
N SER A 137 148.17 11.28 -114.16
CA SER A 137 148.72 12.33 -113.31
C SER A 137 150.21 12.50 -113.60
N TRP A 138 150.64 13.76 -113.63
CA TRP A 138 152.03 14.08 -113.89
C TRP A 138 152.31 15.46 -113.32
N HIS A 139 153.59 15.82 -113.33
CA HIS A 139 154.00 17.12 -112.82
C HIS A 139 153.63 18.21 -113.83
N LYS A 140 152.90 19.20 -113.34
CA LYS A 140 152.46 20.31 -114.17
C LYS A 140 153.68 20.92 -114.87
N SER A 141 154.85 20.65 -114.29
CA SER A 141 156.10 21.16 -114.84
C SER A 141 156.51 20.33 -116.06
N CYS A 142 156.44 19.02 -115.89
CA CYS A 142 156.80 18.11 -116.97
C CYS A 142 155.71 18.16 -118.04
N PHE A 143 154.50 17.79 -117.62
CA PHE A 143 153.37 17.79 -118.53
C PHE A 143 153.48 18.92 -119.56
N ARG A 144 154.01 18.57 -120.71
CA ARG A 144 154.18 19.53 -121.79
C ARG A 144 153.71 18.95 -123.12
N CYS A 145 153.15 19.82 -123.95
CA CYS A 145 152.66 19.40 -125.25
C CYS A 145 153.72 18.51 -125.91
N ALA A 146 153.30 17.31 -126.27
CA ALA A 146 154.21 16.36 -126.89
C ALA A 146 154.16 16.55 -128.41
N LYS A 147 153.92 17.80 -128.81
CA LYS A 147 153.86 18.14 -130.22
C LYS A 147 154.74 19.36 -130.49
N CYS A 148 154.60 20.36 -129.63
CA CYS A 148 155.37 21.58 -129.76
C CYS A 148 156.39 21.63 -128.63
N GLY A 149 156.09 20.89 -127.57
CA GLY A 149 156.97 20.85 -126.41
C GLY A 149 156.71 22.02 -125.48
N LYS A 150 155.54 22.62 -125.64
CA LYS A 150 155.16 23.76 -124.82
C LYS A 150 154.49 23.26 -123.53
N SER A 151 155.15 23.51 -122.42
CA SER A 151 154.63 23.09 -121.13
C SER A 151 153.18 23.56 -120.97
N LEU A 152 152.34 22.65 -120.50
CA LEU A 152 150.94 22.96 -120.31
C LEU A 152 150.70 23.27 -118.83
N GLU A 153 149.42 23.43 -118.49
CA GLU A 153 149.03 23.73 -117.12
C GLU A 153 147.75 22.99 -116.76
N SER A 154 146.70 23.30 -117.51
CA SER A 154 145.40 22.68 -117.28
C SER A 154 144.40 23.15 -118.34
N THR A 155 143.49 22.25 -118.68
CA THR A 155 142.47 22.56 -119.67
C THR A 155 143.12 22.81 -121.03
N THR A 156 142.27 22.95 -122.05
CA THR A 156 142.75 23.18 -123.40
C THR A 156 143.88 22.22 -123.74
N LEU A 157 143.80 21.04 -123.15
CA LEU A 157 144.81 20.02 -123.39
C LEU A 157 144.18 18.84 -124.14
N ALA A 158 144.88 18.40 -125.18
CA ALA A 158 144.40 17.29 -125.98
C ALA A 158 145.06 16.00 -125.51
N ASP A 159 144.30 15.24 -124.73
CA ASP A 159 144.81 13.98 -124.21
C ASP A 159 144.56 12.87 -125.22
N LYS A 160 145.59 12.59 -126.00
CA LYS A 160 145.50 11.54 -127.01
C LYS A 160 145.90 10.20 -126.41
N ASP A 161 144.90 9.45 -126.00
CA ASP A 161 145.13 8.14 -125.41
C ASP A 161 145.98 8.31 -124.15
N GLY A 162 147.29 8.37 -124.37
CA GLY A 162 148.23 8.51 -123.27
C GLY A 162 149.00 9.83 -123.39
N GLU A 163 149.20 10.26 -124.62
CA GLU A 163 149.93 11.49 -124.88
C GLU A 163 149.02 12.70 -124.59
N ILE A 164 149.66 13.86 -124.45
CA ILE A 164 148.94 15.07 -124.16
C ILE A 164 149.56 16.22 -124.97
N TYR A 165 148.68 17.00 -125.59
CA TYR A 165 149.11 18.14 -126.39
C TYR A 165 148.27 19.38 -126.09
N CYS A 166 148.53 20.42 -126.87
CA CYS A 166 147.80 21.66 -126.70
C CYS A 166 146.68 21.71 -127.75
N LYS A 167 145.56 22.28 -127.33
CA LYS A 167 144.41 22.39 -128.21
C LYS A 167 144.86 22.90 -129.57
N GLY A 168 145.77 23.86 -129.54
CA GLY A 168 146.30 24.44 -130.76
C GLY A 168 146.89 23.36 -131.68
N CYS A 169 147.41 22.32 -131.04
CA CYS A 169 148.01 21.22 -131.78
C CYS A 169 146.88 20.27 -132.22
N TYR A 170 146.02 19.95 -131.27
CA TYR A 170 144.90 19.06 -131.54
C TYR A 170 144.04 19.60 -132.69
N ALA A 171 144.02 20.91 -132.81
CA ALA A 171 143.25 21.56 -133.85
C ALA A 171 144.10 21.67 -135.12
N LYS A 172 145.16 22.45 -135.01
CA LYS A 172 146.06 22.66 -136.13
C LYS A 172 146.43 21.29 -136.73
N ASN A 173 147.18 20.52 -135.95
CA ASN A 173 147.60 19.20 -136.38
C ASN A 173 146.47 18.53 -137.14
N PHE A 174 145.25 18.87 -136.75
CA PHE A 174 144.06 18.30 -137.38
C PHE A 174 143.23 19.40 -138.04
N GLY A 175 143.87 20.13 -138.94
CA GLY A 175 143.19 21.20 -139.65
C GLY A 175 143.52 21.15 -141.15
N PRO A 176 142.96 20.12 -141.82
CA PRO A 176 143.17 19.95 -143.25
C PRO A 176 142.35 20.96 -144.06
N LYS A 177 142.49 20.87 -145.37
CA LYS A 177 141.78 21.77 -146.26
C LYS A 177 141.14 20.95 -147.39
N GLY A 178 142.00 20.34 -148.18
CA GLY A 178 141.54 19.54 -149.30
C GLY A 178 142.66 18.62 -149.81
N PHE A 179 142.44 17.32 -149.64
CA PHE A 179 143.42 16.34 -150.08
C PHE A 179 142.74 15.22 -150.89
N GLY A 180 143.39 14.86 -151.99
CA GLY A 180 142.87 13.82 -152.85
C GLY A 180 144.00 12.94 -153.39
N PHE A 181 143.62 11.78 -153.89
CA PHE A 181 144.59 10.84 -154.45
C PHE A 181 143.89 9.74 -155.25
N GLY A 182 144.52 9.35 -156.34
CA GLY A 182 143.98 8.31 -157.20
C GLY A 182 144.96 7.14 -157.32
N GLN A 183 144.59 6.20 -158.17
CA GLN A 183 145.42 5.02 -158.40
C GLN A 183 146.33 5.24 -159.61
N GLY A 184 147.34 4.39 -159.71
CA GLY A 184 148.29 4.49 -160.81
C GLY A 184 148.02 3.40 -161.85
N ALA A 185 148.22 2.16 -161.43
CA ALA A 185 148.00 1.03 -162.31
C ALA A 185 148.95 1.13 -163.50
N GLY A 186 149.06 0.03 -164.23
CA GLY A 186 149.93 -0.03 -165.40
C GLY A 186 150.19 -1.47 -165.83
N ALA A 187 151.34 -1.98 -165.43
CA ALA A 187 151.71 -3.34 -165.77
C ALA A 187 151.85 -3.47 -167.29
N LEU A 188 152.65 -4.44 -167.70
CA LEU A 188 152.87 -4.67 -169.12
C LEU A 188 153.26 -6.13 -169.34
N ILE A 189 152.40 -7.02 -168.88
CA ILE A 189 152.64 -8.45 -169.02
C ILE A 189 153.89 -8.82 -168.22
N HIS A 190 153.78 -9.94 -167.50
CA HIS A 190 154.90 -10.41 -166.69
C HIS A 190 155.11 -11.91 -166.95
N SER A 191 154.08 -12.68 -166.61
CA SER A 191 154.14 -14.12 -166.80
C SER A 191 155.50 -14.66 -166.32
N GLN A 192 155.57 -14.91 -165.02
CA GLN A 192 156.79 -15.41 -164.42
C GLN A 192 157.98 -14.51 -164.78
ZN ZN B . 11.94 -8.16 24.87
ZN ZN C . 24.22 4.58 23.99
ZN ZN D . 157.33 14.90 -113.71
ZN ZN E . 151.26 21.94 -128.95
N MET A 1 -17.21 -20.64 13.46
CA MET A 1 -17.43 -19.45 14.28
C MET A 1 -16.10 -18.79 14.64
N PRO A 2 -15.17 -19.62 15.19
CA PRO A 2 -13.87 -19.12 15.59
C PRO A 2 -12.98 -18.89 14.37
N ASN A 3 -11.77 -18.41 14.64
CA ASN A 3 -10.82 -18.13 13.57
C ASN A 3 -9.60 -19.05 13.74
N TRP A 4 -8.79 -19.09 12.70
CA TRP A 4 -7.59 -19.91 12.71
C TRP A 4 -6.45 -19.10 12.08
N GLY A 5 -5.23 -19.49 12.43
CA GLY A 5 -4.06 -18.81 11.90
C GLY A 5 -3.02 -19.83 11.40
N GLY A 6 -1.76 -19.41 11.46
CA GLY A 6 -0.68 -20.27 11.02
C GLY A 6 0.59 -20.02 11.85
N GLY A 7 1.73 -20.30 11.23
CA GLY A 7 3.00 -20.11 11.89
C GLY A 7 4.13 -19.95 10.88
N LYS A 8 5.35 -20.15 11.36
CA LYS A 8 6.52 -20.03 10.51
C LYS A 8 7.20 -21.40 10.38
N LYS A 9 8.25 -21.44 9.59
CA LYS A 9 8.99 -22.67 9.38
C LYS A 9 10.47 -22.43 9.72
N CYS A 10 10.92 -23.11 10.77
CA CYS A 10 12.30 -22.99 11.21
C CYS A 10 13.19 -23.73 10.20
N GLY A 11 13.91 -22.95 9.41
CA GLY A 11 14.80 -23.52 8.42
C GLY A 11 16.11 -23.99 9.05
N VAL A 12 16.16 -23.90 10.37
CA VAL A 12 17.34 -24.31 11.11
C VAL A 12 17.15 -25.75 11.59
N CYS A 13 16.21 -25.92 12.51
CA CYS A 13 15.92 -27.23 13.07
C CYS A 13 15.03 -27.98 12.08
N GLN A 14 14.33 -27.21 11.26
CA GLN A 14 13.44 -27.79 10.27
C GLN A 14 12.07 -28.09 10.90
N LYS A 15 11.74 -27.32 11.92
CA LYS A 15 10.47 -27.49 12.61
C LYS A 15 9.64 -26.22 12.46
N ALA A 16 8.34 -26.41 12.36
CA ALA A 16 7.43 -25.29 12.22
C ALA A 16 7.28 -24.58 13.58
N VAL A 17 7.36 -23.25 13.52
CA VAL A 17 7.24 -22.46 14.73
C VAL A 17 5.83 -21.87 14.81
N TYR A 18 5.35 -21.75 16.05
CA TYR A 18 4.02 -21.21 16.28
C TYR A 18 4.07 -19.69 16.51
N PHE A 19 4.85 -19.31 17.51
CA PHE A 19 4.99 -17.90 17.84
C PHE A 19 5.91 -17.71 19.05
N ALA A 20 6.39 -16.49 19.21
CA ALA A 20 7.28 -16.17 20.31
C ALA A 20 8.68 -16.72 20.02
N GLU A 21 8.72 -18.03 19.81
CA GLU A 21 9.98 -18.70 19.53
C GLU A 21 10.57 -18.17 18.22
N GLU A 22 9.71 -18.07 17.21
CA GLU A 22 10.13 -17.59 15.91
C GLU A 22 10.97 -16.31 16.06
N VAL A 23 12.20 -16.39 15.57
CA VAL A 23 13.10 -15.26 15.64
C VAL A 23 13.59 -14.92 14.23
N GLN A 24 13.26 -13.70 13.81
CA GLN A 24 13.66 -13.24 12.49
C GLN A 24 15.18 -13.12 12.41
N CYS A 25 15.68 -13.19 11.18
CA CYS A 25 17.11 -13.09 10.95
C CYS A 25 17.34 -12.66 9.49
N GLU A 26 17.26 -11.36 9.27
CA GLU A 26 17.45 -10.82 7.94
C GLU A 26 16.81 -11.73 6.89
N GLY A 27 15.49 -11.87 7.00
CA GLY A 27 14.76 -12.72 6.08
C GLY A 27 14.51 -14.10 6.67
N SER A 28 15.59 -14.70 7.15
CA SER A 28 15.50 -16.03 7.75
C SER A 28 14.72 -15.96 9.07
N SER A 29 14.47 -17.13 9.63
CA SER A 29 13.72 -17.21 10.87
C SER A 29 13.97 -18.58 11.54
N PHE A 30 14.36 -18.52 12.80
CA PHE A 30 14.63 -19.73 13.56
C PHE A 30 14.14 -19.60 15.00
N HIS A 31 14.04 -20.75 15.66
CA HIS A 31 13.59 -20.77 17.04
C HIS A 31 14.55 -19.96 17.91
N LYS A 32 13.98 -19.29 18.90
CA LYS A 32 14.78 -18.48 19.81
C LYS A 32 15.99 -19.28 20.28
N SER A 33 15.73 -20.53 20.63
CA SER A 33 16.79 -21.42 21.09
C SER A 33 17.74 -21.74 19.94
N CYS A 34 17.15 -21.88 18.76
CA CYS A 34 17.94 -22.19 17.57
C CYS A 34 18.91 -21.03 17.31
N PHE A 35 18.35 -19.83 17.27
CA PHE A 35 19.14 -18.65 17.03
C PHE A 35 20.24 -18.49 18.10
N LEU A 36 21.42 -18.98 17.77
CA LEU A 36 22.54 -18.90 18.68
C LEU A 36 23.84 -18.72 17.88
N CYS A 37 24.66 -17.81 18.34
CA CYS A 37 25.93 -17.53 17.69
C CYS A 37 26.67 -18.85 17.48
N MET A 38 26.77 -19.24 16.23
CA MET A 38 27.44 -20.48 15.88
C MET A 38 28.96 -20.32 15.97
N VAL A 39 29.38 -19.14 16.39
CA VAL A 39 30.79 -18.84 16.52
C VAL A 39 31.22 -19.05 17.97
N CYS A 40 30.81 -18.12 18.82
CA CYS A 40 31.14 -18.19 20.23
C CYS A 40 30.31 -19.31 20.86
N LYS A 41 29.22 -19.64 20.19
CA LYS A 41 28.34 -20.69 20.68
C LYS A 41 27.45 -20.14 21.79
N LYS A 42 27.29 -18.82 21.77
CA LYS A 42 26.47 -18.16 22.77
C LYS A 42 25.10 -17.84 22.17
N ASN A 43 24.07 -18.11 22.95
CA ASN A 43 22.70 -17.86 22.52
C ASN A 43 22.63 -16.46 21.90
N LEU A 44 21.77 -16.35 20.89
CA LEU A 44 21.59 -15.08 20.21
C LEU A 44 20.10 -14.72 20.18
N ASP A 45 19.72 -13.80 21.06
CA ASP A 45 18.34 -13.37 21.15
C ASP A 45 18.27 -12.03 21.88
N SER A 46 18.43 -10.96 21.09
CA SER A 46 18.39 -9.62 21.63
C SER A 46 18.52 -8.59 20.51
N THR A 47 19.76 -8.35 20.11
CA THR A 47 20.03 -7.40 19.04
C THR A 47 21.52 -7.40 18.69
N THR A 48 21.84 -6.66 17.64
CA THR A 48 23.22 -6.57 17.18
C THR A 48 23.71 -7.94 16.72
N VAL A 49 22.94 -8.54 15.83
CA VAL A 49 23.29 -9.85 15.30
C VAL A 49 23.49 -9.76 13.78
N ALA A 50 23.92 -10.87 13.20
CA ALA A 50 24.15 -10.92 11.77
C ALA A 50 24.00 -12.36 11.28
N VAL A 51 23.87 -12.49 9.97
CA VAL A 51 23.71 -13.80 9.37
C VAL A 51 24.86 -14.05 8.39
N HIS A 52 24.94 -15.29 7.92
CA HIS A 52 25.99 -15.66 6.98
C HIS A 52 25.63 -17.00 6.32
N GLY A 53 25.17 -16.92 5.09
CA GLY A 53 24.79 -18.10 4.35
C GLY A 53 23.83 -18.98 5.16
N ASP A 54 24.37 -20.10 5.63
CA ASP A 54 23.57 -21.03 6.42
C ASP A 54 24.10 -21.06 7.85
N GLU A 55 24.39 -19.87 8.37
CA GLU A 55 24.91 -19.74 9.72
C GLU A 55 24.55 -18.38 10.30
N ILE A 56 24.60 -18.30 11.62
CA ILE A 56 24.29 -17.07 12.32
C ILE A 56 25.45 -16.69 13.23
N TYR A 57 25.76 -15.40 13.23
CA TYR A 57 26.85 -14.90 14.06
C TYR A 57 26.48 -13.53 14.66
N CYS A 58 27.02 -13.29 15.86
CA CYS A 58 26.76 -12.05 16.55
C CYS A 58 27.63 -10.96 15.92
N LYS A 59 27.11 -9.74 15.96
CA LYS A 59 27.84 -8.60 15.40
C LYS A 59 29.32 -8.74 15.72
N SER A 60 29.64 -8.52 16.99
CA SER A 60 31.02 -8.61 17.44
C SER A 60 31.78 -9.66 16.63
N CYS A 61 31.39 -10.91 16.84
CA CYS A 61 32.02 -12.02 16.12
C CYS A 61 32.22 -11.59 14.67
N TYR A 62 31.11 -11.28 14.02
CA TYR A 62 31.15 -10.87 12.63
C TYR A 62 32.29 -9.88 12.38
N GLY A 63 32.31 -8.83 13.19
CA GLY A 63 33.34 -7.81 13.07
C GLY A 63 34.72 -8.39 13.37
N LYS A 64 34.72 -9.49 14.12
CA LYS A 64 35.97 -10.15 14.47
C LYS A 64 36.50 -10.91 13.26
N LYS A 65 35.60 -11.65 12.62
CA LYS A 65 35.97 -12.42 11.45
C LYS A 65 36.45 -11.49 10.34
N TYR A 66 35.65 -10.45 10.11
CA TYR A 66 35.98 -9.47 9.08
C TYR A 66 37.23 -8.68 9.47
N GLY A 67 37.24 -8.20 10.71
CA GLY A 67 38.35 -7.42 11.20
C GLY A 67 38.88 -6.47 10.13
N PRO A 68 38.28 -5.24 10.11
CA PRO A 68 38.68 -4.23 9.15
C PRO A 68 40.01 -3.61 9.53
N LYS A 69 40.80 -3.29 8.51
CA LYS A 69 42.11 -2.69 8.72
C LYS A 69 42.30 -1.54 7.74
N GLY A 70 43.41 -0.84 7.90
CA GLY A 70 43.73 0.27 7.02
C GLY A 70 45.19 0.69 7.18
N LYS A 71 45.51 1.86 6.63
CA LYS A 71 46.85 2.39 6.70
C LYS A 71 46.87 3.81 6.14
N GLY A 72 48.02 4.46 6.30
CA GLY A 72 48.18 5.82 5.82
C GLY A 72 49.48 6.43 6.34
N LYS A 73 50.00 7.37 5.56
CA LYS A 73 51.24 8.05 5.93
C LYS A 73 51.36 9.35 5.13
N GLY A 74 52.42 10.09 5.44
CA GLY A 74 52.67 11.35 4.76
C GLY A 74 53.84 12.10 5.39
N MET A 75 54.43 12.98 4.61
CA MET A 75 55.56 13.76 5.08
C MET A 75 55.97 14.82 4.05
N GLY A 76 56.87 15.70 4.47
CA GLY A 76 57.35 16.76 3.61
C GLY A 76 58.35 17.66 4.33
N ALA A 77 58.98 18.53 3.57
CA ALA A 77 59.95 19.45 4.13
C ALA A 77 60.45 20.40 3.02
N GLY A 78 61.28 21.34 3.43
CA GLY A 78 61.82 22.31 2.49
C GLY A 78 62.67 23.35 3.22
N THR A 79 63.70 23.81 2.53
CA THR A 79 64.61 24.81 3.10
C THR A 79 64.95 25.87 2.04
N LEU A 80 65.22 27.07 2.54
CA LEU A 80 65.56 28.18 1.66
C LEU A 80 66.64 29.03 2.32
N SER A 81 67.09 30.04 1.58
CA SER A 81 68.12 30.94 2.09
C SER A 81 68.35 32.06 1.08
N THR A 82 68.63 33.24 1.63
CA THR A 82 68.88 34.40 0.78
C THR A 82 69.86 35.37 1.49
N ASP A 83 70.57 36.13 0.68
CA ASP A 83 71.52 37.08 1.20
C ASP A 83 72.21 37.81 0.04
N LYS A 84 72.85 38.93 0.38
CA LYS A 84 73.54 39.72 -0.62
C LYS A 84 74.47 40.72 0.07
N GLY A 85 75.35 41.31 -0.72
CA GLY A 85 76.29 42.28 -0.19
C GLY A 85 76.64 43.34 -1.25
N GLU A 86 77.66 44.12 -0.94
CA GLU A 86 78.09 45.17 -1.84
C GLU A 86 79.27 45.94 -1.24
N SER A 87 79.90 46.75 -2.08
CA SER A 87 81.04 47.54 -1.63
C SER A 87 81.56 48.39 -2.80
N LEU A 88 82.29 49.43 -2.45
CA LEU A 88 82.86 50.32 -3.44
C LEU A 88 83.93 51.20 -2.79
N GLY A 89 84.57 52.02 -3.62
CA GLY A 89 85.61 52.90 -3.13
C GLY A 89 86.53 53.34 -4.27
N ILE A 90 87.02 54.56 -4.16
CA ILE A 90 87.92 55.11 -5.17
C ILE A 90 88.45 56.46 -4.70
N LYS A 91 89.68 56.75 -5.10
CA LYS A 91 90.32 57.99 -4.74
C LYS A 91 91.25 58.45 -5.86
N TYR A 92 91.67 59.70 -5.78
CA TYR A 92 92.56 60.26 -6.78
C TYR A 92 93.16 61.58 -6.29
N GLU A 93 94.29 61.94 -6.91
CA GLU A 93 94.97 63.16 -6.55
C GLU A 93 96.21 63.35 -7.44
N GLU A 94 96.72 64.58 -7.42
CA GLU A 94 97.90 64.91 -8.22
C GLU A 94 98.26 66.38 -8.04
N GLY A 95 99.44 66.72 -8.53
CA GLY A 95 99.92 68.10 -8.43
C GLY A 95 101.22 68.28 -9.23
N GLN A 96 101.64 69.53 -9.33
CA GLN A 96 102.85 69.86 -10.06
C GLN A 96 103.12 71.36 -9.99
N SER A 97 104.33 71.73 -10.36
CA SER A 97 104.74 73.13 -10.35
C SER A 97 106.16 73.27 -10.88
N HIS A 98 106.56 74.52 -11.09
CA HIS A 98 107.89 74.80 -11.59
C HIS A 98 108.11 76.31 -11.65
N ARG A 99 109.34 76.70 -11.98
CA ARG A 99 109.68 78.10 -12.08
C ARG A 99 111.10 78.27 -12.63
N PRO A 100 111.18 78.45 -13.97
CA PRO A 100 112.46 78.61 -14.63
C PRO A 100 113.03 80.01 -14.37
N THR A 101 114.21 80.25 -14.93
CA THR A 101 114.88 81.53 -14.78
C THR A 101 115.49 81.98 -16.10
N ASN A 102 116.09 83.16 -16.07
CA ASN A 102 116.73 83.71 -17.24
C ASN A 102 118.00 84.48 -16.84
N PRO A 103 119.10 84.19 -17.57
CA PRO A 103 120.37 84.83 -17.29
C PRO A 103 120.36 86.28 -17.79
N ASN A 104 121.49 86.96 -17.55
CA ASN A 104 121.62 88.35 -17.97
C ASN A 104 123.03 88.57 -18.52
N ALA A 105 123.21 89.70 -19.18
CA ALA A 105 124.49 90.04 -19.77
C ALA A 105 124.84 91.49 -19.40
N SER A 106 126.04 91.89 -19.79
CA SER A 106 126.50 93.24 -19.51
C SER A 106 127.75 93.54 -20.33
N ARG A 107 128.14 94.80 -20.33
CA ARG A 107 129.32 95.23 -21.07
C ARG A 107 129.81 96.58 -20.54
N MET A 108 131.02 96.94 -20.96
CA MET A 108 131.61 98.20 -20.54
C MET A 108 132.89 98.50 -21.34
N ALA A 109 133.35 99.73 -21.22
CA ALA A 109 134.55 100.15 -21.91
C ALA A 109 134.91 101.58 -21.49
N GLN A 110 136.13 101.96 -21.80
CA GLN A 110 136.61 103.30 -21.47
C GLN A 110 138.05 103.48 -21.94
N LYS A 111 138.49 104.73 -21.91
CA LYS A 111 139.84 105.06 -22.34
C LYS A 111 140.10 106.54 -22.10
N VAL A 112 141.38 106.91 -22.14
CA VAL A 112 141.77 108.29 -21.93
C VAL A 112 143.27 108.43 -22.17
N GLY A 113 143.66 109.61 -22.61
CA GLY A 113 145.07 109.89 -22.87
C GLY A 113 145.43 111.34 -22.51
N GLY A 114 146.34 111.89 -23.28
CA GLY A 114 146.79 113.26 -23.06
C GLY A 114 148.17 113.50 -23.65
N SER A 115 148.19 113.64 -24.97
CA SER A 115 149.44 113.88 -25.68
C SER A 115 149.17 114.06 -27.17
N ASP A 116 150.19 114.52 -27.88
CA ASP A 116 150.08 114.75 -29.31
C ASP A 116 151.47 114.80 -29.92
N GLY A 117 151.55 115.43 -31.09
CA GLY A 117 152.82 115.55 -31.79
C GLY A 117 153.05 116.99 -32.25
N CYS A 118 154.26 117.24 -32.74
CA CYS A 118 154.62 118.56 -33.22
C CYS A 118 154.55 118.55 -34.75
N PRO A 119 153.48 119.22 -35.28
CA PRO A 119 153.29 119.29 -36.72
C PRO A 119 154.26 120.28 -37.35
N ARG A 120 155.08 120.89 -36.50
CA ARG A 120 156.06 121.86 -36.96
C ARG A 120 157.36 121.16 -37.33
N CYS A 121 158.00 120.59 -36.33
CA CYS A 121 159.26 119.88 -36.54
C CYS A 121 158.93 118.45 -36.96
N GLY A 122 157.91 117.89 -36.33
CA GLY A 122 157.49 116.54 -36.63
C GLY A 122 157.61 115.64 -35.40
N GLN A 123 158.53 116.01 -34.51
CA GLN A 123 158.75 115.25 -33.29
C GLN A 123 157.47 115.23 -32.45
N ALA A 124 157.27 114.11 -31.77
CA ALA A 124 156.10 113.95 -30.92
C ALA A 124 156.17 114.95 -29.77
N VAL A 125 155.03 115.16 -29.12
CA VAL A 125 154.95 116.07 -28.00
C VAL A 125 154.17 115.41 -26.86
N TYR A 126 154.83 115.35 -25.70
CA TYR A 126 154.22 114.76 -24.53
C TYR A 126 154.28 115.71 -23.34
N ALA A 127 155.47 116.20 -23.07
CA ALA A 127 155.67 117.12 -21.96
C ALA A 127 157.08 117.73 -22.05
N ALA A 128 157.43 118.47 -21.01
CA ALA A 128 158.74 119.10 -20.97
C ALA A 128 158.74 120.34 -21.87
N GLU A 129 158.41 120.11 -23.13
CA GLU A 129 158.36 121.19 -24.10
C GLU A 129 157.08 121.09 -24.94
N LYS A 130 155.98 120.85 -24.25
CA LYS A 130 154.69 120.74 -24.91
C LYS A 130 154.02 122.12 -24.96
N VAL A 131 153.17 122.29 -25.96
CA VAL A 131 152.47 123.56 -26.13
C VAL A 131 151.08 123.28 -26.70
N ILE A 132 150.13 124.10 -26.29
CA ILE A 132 148.76 123.96 -26.76
C ILE A 132 148.25 125.31 -27.27
N GLY A 133 147.99 125.36 -28.56
CA GLY A 133 147.49 126.57 -29.18
C GLY A 133 146.74 126.27 -30.48
N ALA A 134 145.80 127.15 -30.80
CA ALA A 134 145.00 126.98 -32.00
C ALA A 134 144.46 125.56 -32.06
N GLY A 135 143.79 125.17 -30.97
CA GLY A 135 143.22 123.83 -30.89
C GLY A 135 144.16 122.79 -31.47
N LYS A 136 145.45 122.98 -31.20
CA LYS A 136 146.46 122.07 -31.70
C LYS A 136 147.61 121.98 -30.69
N SER A 137 148.42 120.94 -30.84
CA SER A 137 149.54 120.74 -29.95
C SER A 137 150.85 120.82 -30.74
N TRP A 138 151.90 121.26 -30.06
CA TRP A 138 153.20 121.38 -30.68
C TRP A 138 154.23 121.58 -29.57
N HIS A 139 155.47 121.79 -30.00
CA HIS A 139 156.56 121.99 -29.06
C HIS A 139 156.56 123.46 -28.59
N LYS A 140 156.90 123.63 -27.31
CA LYS A 140 156.94 124.96 -26.73
C LYS A 140 158.27 125.63 -27.11
N SER A 141 158.62 125.50 -28.37
CA SER A 141 159.85 126.08 -28.87
C SER A 141 159.71 126.42 -30.35
N CYS A 142 159.17 125.47 -31.09
CA CYS A 142 158.98 125.66 -32.52
C CYS A 142 157.76 126.55 -32.73
N PHE A 143 156.77 126.35 -31.87
CA PHE A 143 155.53 127.12 -31.94
C PHE A 143 155.84 128.62 -32.10
N ARG A 144 155.78 129.08 -33.34
CA ARG A 144 156.05 130.47 -33.64
C ARG A 144 155.09 130.98 -34.72
N CYS A 145 154.88 132.28 -34.72
CA CYS A 145 153.99 132.91 -35.69
C CYS A 145 154.42 132.43 -37.09
N ALA A 146 153.44 131.91 -37.82
CA ALA A 146 153.69 131.43 -39.17
C ALA A 146 153.52 132.58 -40.16
N LYS A 147 153.89 133.77 -39.71
CA LYS A 147 153.78 134.95 -40.55
C LYS A 147 155.07 135.77 -40.44
N CYS A 148 155.51 135.95 -39.20
CA CYS A 148 156.72 136.71 -38.95
C CYS A 148 157.81 135.74 -38.47
N GLY A 149 157.34 134.61 -37.96
CA GLY A 149 158.27 133.59 -37.47
C GLY A 149 158.69 133.90 -36.03
N LYS A 150 157.90 134.73 -35.37
CA LYS A 150 158.19 135.11 -34.00
C LYS A 150 157.80 133.96 -33.07
N SER A 151 158.78 133.50 -32.30
CA SER A 151 158.57 132.41 -31.37
C SER A 151 157.60 132.85 -30.26
N LEU A 152 156.56 132.06 -30.08
CA LEU A 152 155.56 132.37 -29.06
C LEU A 152 155.80 131.48 -27.84
N GLU A 153 154.87 131.55 -26.90
CA GLU A 153 154.96 130.76 -25.68
C GLU A 153 153.62 130.77 -24.94
N SER A 154 153.17 131.97 -24.62
CA SER A 154 151.91 132.13 -23.91
C SER A 154 151.67 133.61 -23.60
N THR A 155 151.65 134.41 -24.66
CA THR A 155 151.44 135.84 -24.51
C THR A 155 150.14 136.25 -25.22
N THR A 156 150.23 136.33 -26.54
CA THR A 156 149.08 136.71 -27.35
C THR A 156 149.20 136.13 -28.76
N LEU A 157 148.97 134.83 -28.85
CA LEU A 157 149.04 134.14 -30.13
C LEU A 157 147.64 133.98 -30.70
N ALA A 158 147.55 134.06 -32.03
CA ALA A 158 146.28 133.93 -32.71
C ALA A 158 146.19 132.54 -33.34
N ASP A 159 144.96 132.08 -33.50
CA ASP A 159 144.72 130.78 -34.10
C ASP A 159 143.69 130.92 -35.23
N LYS A 160 144.21 130.99 -36.44
CA LYS A 160 143.36 131.13 -37.61
C LYS A 160 143.15 129.75 -38.24
N ASP A 161 142.02 129.14 -37.92
CA ASP A 161 141.69 127.83 -38.44
C ASP A 161 142.96 126.97 -38.49
N GLY A 162 143.44 126.62 -37.32
CA GLY A 162 144.65 125.81 -37.21
C GLY A 162 145.91 126.69 -37.23
N GLU A 163 145.95 127.57 -38.21
CA GLU A 163 147.09 128.47 -38.35
C GLU A 163 147.35 129.20 -37.03
N ILE A 164 148.62 129.52 -36.81
CA ILE A 164 149.02 130.21 -35.60
C ILE A 164 149.87 131.43 -35.97
N TYR A 165 149.49 132.57 -35.40
CA TYR A 165 150.21 133.81 -35.66
C TYR A 165 150.37 134.63 -34.38
N CYS A 166 150.92 135.82 -34.54
CA CYS A 166 151.14 136.70 -33.42
C CYS A 166 150.01 137.76 -33.40
N LYS A 167 149.66 138.18 -32.20
CA LYS A 167 148.61 139.17 -32.05
C LYS A 167 148.83 140.31 -33.04
N GLY A 168 150.09 140.71 -33.16
CA GLY A 168 150.44 141.79 -34.07
C GLY A 168 150.02 141.45 -35.50
N CYS A 169 150.02 140.16 -35.80
CA CYS A 169 149.64 139.71 -37.13
C CYS A 169 148.12 139.65 -37.20
N TYR A 170 147.54 139.04 -36.17
CA TYR A 170 146.09 138.90 -36.10
C TYR A 170 145.41 140.28 -36.17
N ALA A 171 146.11 141.26 -35.62
CA ALA A 171 145.58 142.62 -35.60
C ALA A 171 145.84 143.28 -36.96
N LYS A 172 147.12 143.39 -37.30
CA LYS A 172 147.52 143.99 -38.56
C LYS A 172 146.67 143.40 -39.69
N ASN A 173 146.78 142.09 -39.85
CA ASN A 173 146.04 141.40 -40.90
C ASN A 173 144.63 142.00 -40.98
N PHE A 174 144.08 142.30 -39.82
CA PHE A 174 142.75 142.86 -39.75
C PHE A 174 142.74 144.18 -38.97
N GLY A 175 143.49 145.14 -39.50
CA GLY A 175 143.59 146.45 -38.87
C GLY A 175 144.43 147.40 -39.72
N PRO A 176 143.84 147.80 -40.88
CA PRO A 176 144.51 148.72 -41.79
C PRO A 176 144.50 150.14 -41.25
N LYS A 177 145.13 151.04 -42.00
CA LYS A 177 145.19 152.43 -41.61
C LYS A 177 145.84 153.25 -42.74
N GLY A 178 145.15 153.29 -43.86
CA GLY A 178 145.64 154.03 -45.02
C GLY A 178 144.78 153.75 -46.25
N PHE A 179 145.42 153.84 -47.41
CA PHE A 179 144.73 153.60 -48.67
C PHE A 179 145.71 153.67 -49.84
N GLY A 180 145.20 153.30 -51.02
CA GLY A 180 146.01 153.31 -52.22
C GLY A 180 145.30 154.05 -53.35
N PHE A 181 145.89 153.97 -54.53
CA PHE A 181 145.32 154.63 -55.70
C PHE A 181 146.12 154.29 -56.96
N GLY A 182 145.58 154.70 -58.09
CA GLY A 182 146.24 154.45 -59.37
C GLY A 182 145.33 154.87 -60.54
N GLN A 183 145.90 155.64 -61.44
CA GLN A 183 145.17 156.11 -62.61
C GLN A 183 146.09 156.90 -63.53
N GLY A 184 145.88 156.71 -64.83
CA GLY A 184 146.67 157.41 -65.83
C GLY A 184 146.08 157.24 -67.22
N ALA A 185 146.91 156.75 -68.14
CA ALA A 185 146.47 156.54 -69.51
C ALA A 185 146.09 157.89 -70.13
N GLY A 186 146.12 157.92 -71.45
CA GLY A 186 145.77 159.13 -72.18
C GLY A 186 146.13 159.00 -73.66
N ALA A 187 145.65 159.95 -74.44
CA ALA A 187 145.91 159.96 -75.86
C ALA A 187 145.36 161.25 -76.48
N LEU A 188 146.18 161.88 -77.31
CA LEU A 188 145.80 163.12 -77.96
C LEU A 188 145.62 162.86 -79.45
N ILE A 189 145.12 163.88 -80.14
CA ILE A 189 144.90 163.78 -81.57
C ILE A 189 144.51 165.16 -82.12
N HIS A 190 145.30 165.63 -83.07
CA HIS A 190 145.05 166.92 -83.68
C HIS A 190 145.92 167.06 -84.94
N SER A 191 145.38 167.80 -85.90
CA SER A 191 146.08 168.02 -87.16
C SER A 191 147.28 168.95 -86.93
N GLN A 192 148.39 168.60 -87.55
CA GLN A 192 149.61 169.39 -87.43
C GLN A 192 149.47 170.70 -88.20
ZN ZN B . 14.33 -24.09 15.29
ZN ZN C . 29.40 -14.58 18.86
ZN ZN D . 158.51 121.11 -32.55
ZN ZN E . 153.39 137.43 -36.78
N MET A 1 -17.21 -20.64 13.46
CA MET A 1 -17.43 -19.45 14.28
C MET A 1 -18.53 -19.69 15.32
N PRO A 2 -19.69 -20.18 14.83
CA PRO A 2 -20.82 -20.46 15.70
C PRO A 2 -20.58 -21.74 16.51
N ASN A 3 -21.53 -22.03 17.38
CA ASN A 3 -21.44 -23.22 18.22
C ASN A 3 -22.85 -23.76 18.49
N TRP A 4 -22.89 -24.99 18.98
CA TRP A 4 -24.17 -25.63 19.28
C TRP A 4 -24.15 -26.03 20.76
N GLY A 5 -25.34 -26.23 21.30
CA GLY A 5 -25.48 -26.62 22.69
C GLY A 5 -26.66 -27.58 22.88
N GLY A 6 -27.33 -27.41 24.02
CA GLY A 6 -28.47 -28.26 24.33
C GLY A 6 -29.50 -27.49 25.16
N GLY A 7 -30.27 -28.25 25.94
CA GLY A 7 -31.28 -27.66 26.79
C GLY A 7 -31.80 -28.68 27.81
N LYS A 8 -32.96 -28.37 28.38
CA LYS A 8 -33.56 -29.24 29.37
C LYS A 8 -34.64 -30.11 28.68
N LYS A 9 -35.23 -30.98 29.48
CA LYS A 9 -36.26 -31.87 28.96
C LYS A 9 -37.53 -31.71 29.81
N CYS A 10 -38.58 -31.26 29.16
CA CYS A 10 -39.85 -31.06 29.83
C CYS A 10 -40.55 -32.42 29.96
N GLY A 11 -40.54 -32.93 31.19
CA GLY A 11 -41.15 -34.21 31.46
C GLY A 11 -42.67 -34.08 31.59
N VAL A 12 -43.15 -32.87 31.33
CA VAL A 12 -44.58 -32.60 31.41
C VAL A 12 -45.20 -32.75 30.03
N CYS A 13 -44.82 -31.86 29.13
CA CYS A 13 -45.34 -31.89 27.77
C CYS A 13 -44.54 -32.93 26.98
N GLN A 14 -43.33 -33.17 27.45
CA GLN A 14 -42.46 -34.14 26.79
C GLN A 14 -41.69 -33.47 25.65
N LYS A 15 -41.47 -32.18 25.80
CA LYS A 15 -40.76 -31.42 24.79
C LYS A 15 -39.39 -31.00 25.33
N ALA A 16 -38.64 -30.31 24.49
CA ALA A 16 -37.32 -29.85 24.87
C ALA A 16 -37.41 -28.40 25.35
N VAL A 17 -36.65 -28.11 26.41
CA VAL A 17 -36.65 -26.77 26.97
C VAL A 17 -35.27 -26.14 26.74
N TYR A 18 -35.26 -24.81 26.78
CA TYR A 18 -34.03 -24.06 26.57
C TYR A 18 -33.76 -23.12 27.74
N PHE A 19 -34.66 -22.16 27.91
CA PHE A 19 -34.53 -21.20 28.99
C PHE A 19 -35.63 -20.14 28.91
N ALA A 20 -35.91 -19.71 27.69
CA ALA A 20 -36.95 -18.71 27.47
C ALA A 20 -38.14 -19.00 28.39
N GLU A 21 -38.44 -20.29 28.50
CA GLU A 21 -39.56 -20.70 29.34
C GLU A 21 -39.18 -21.96 30.13
N GLU A 22 -38.00 -21.91 30.73
CA GLU A 22 -37.51 -23.02 31.52
C GLU A 22 -37.84 -22.81 33.00
N VAL A 23 -38.66 -23.71 33.53
CA VAL A 23 -39.06 -23.64 34.92
C VAL A 23 -38.64 -24.93 35.63
N GLN A 24 -37.78 -24.76 36.63
CA GLN A 24 -37.29 -25.89 37.40
C GLN A 24 -37.90 -25.87 38.80
N CYS A 25 -38.18 -27.08 39.30
CA CYS A 25 -38.77 -27.22 40.62
C CYS A 25 -38.21 -28.51 41.25
N GLU A 26 -37.82 -28.38 42.51
CA GLU A 26 -37.27 -29.51 43.24
C GLU A 26 -38.04 -30.79 42.88
N GLY A 27 -37.39 -31.62 42.07
CA GLY A 27 -38.00 -32.88 41.65
C GLY A 27 -37.99 -33.00 40.13
N SER A 28 -38.59 -32.01 39.48
CA SER A 28 -38.65 -31.99 38.03
C SER A 28 -38.70 -30.55 37.52
N SER A 29 -38.59 -30.42 36.21
CA SER A 29 -38.60 -29.10 35.58
C SER A 29 -39.46 -29.14 34.31
N PHE A 30 -40.33 -28.15 34.18
CA PHE A 30 -41.20 -28.06 33.03
C PHE A 30 -41.18 -26.65 32.44
N HIS A 31 -41.84 -26.52 31.30
CA HIS A 31 -41.90 -25.23 30.62
C HIS A 31 -42.66 -24.23 31.49
N LYS A 32 -42.48 -22.95 31.17
CA LYS A 32 -43.14 -21.89 31.91
C LYS A 32 -44.65 -22.09 31.84
N SER A 33 -45.12 -22.46 30.66
CA SER A 33 -46.54 -22.70 30.46
C SER A 33 -46.90 -24.11 30.90
N CYS A 34 -45.95 -24.78 31.51
CA CYS A 34 -46.15 -26.14 31.98
C CYS A 34 -46.12 -26.13 33.51
N PHE A 35 -46.53 -24.99 34.07
CA PHE A 35 -46.55 -24.84 35.51
C PHE A 35 -47.87 -24.21 35.97
N LEU A 36 -48.89 -25.05 36.03
CA LEU A 36 -50.20 -24.58 36.46
C LEU A 36 -50.87 -25.66 37.32
N CYS A 37 -51.44 -25.22 38.43
CA CYS A 37 -52.11 -26.13 39.34
C CYS A 37 -53.03 -27.04 38.53
N MET A 38 -52.69 -28.32 38.53
CA MET A 38 -53.48 -29.30 37.79
C MET A 38 -54.74 -29.68 38.57
N VAL A 39 -55.01 -28.91 39.62
CA VAL A 39 -56.18 -29.15 40.44
C VAL A 39 -57.23 -28.07 40.18
N CYS A 40 -56.90 -26.86 40.62
CA CYS A 40 -57.80 -25.73 40.44
C CYS A 40 -57.68 -25.24 39.00
N LYS A 41 -56.52 -25.52 38.42
CA LYS A 41 -56.26 -25.11 37.04
C LYS A 41 -55.75 -23.67 37.03
N LYS A 42 -55.18 -23.26 38.15
CA LYS A 42 -54.65 -21.91 38.29
C LYS A 42 -53.14 -21.95 38.06
N ASN A 43 -52.69 -21.08 37.17
CA ASN A 43 -51.27 -20.99 36.85
C ASN A 43 -50.49 -20.64 38.13
N LEU A 44 -49.30 -21.23 38.23
CA LEU A 44 -48.46 -20.99 39.39
C LEU A 44 -47.08 -20.50 38.92
N ASP A 45 -46.50 -19.62 39.71
CA ASP A 45 -45.19 -19.08 39.39
C ASP A 45 -44.14 -19.68 40.33
N SER A 46 -44.28 -19.34 41.61
CA SER A 46 -43.35 -19.84 42.61
C SER A 46 -43.60 -19.13 43.94
N THR A 47 -44.39 -19.77 44.78
CA THR A 47 -44.72 -19.22 46.09
C THR A 47 -45.16 -20.32 47.04
N THR A 48 -46.27 -20.95 46.68
CA THR A 48 -46.82 -22.03 47.49
C THR A 48 -47.05 -23.28 46.64
N VAL A 49 -46.63 -23.18 45.39
CA VAL A 49 -46.79 -24.29 44.47
C VAL A 49 -46.04 -25.51 45.00
N ALA A 50 -46.62 -26.68 44.77
CA ALA A 50 -46.02 -27.92 45.24
C ALA A 50 -45.93 -28.90 44.06
N VAL A 51 -45.14 -29.94 44.27
CA VAL A 51 -44.97 -30.96 43.25
C VAL A 51 -45.47 -32.31 43.77
N HIS A 52 -46.12 -33.05 42.90
CA HIS A 52 -46.65 -34.34 43.26
C HIS A 52 -46.69 -35.25 42.02
N GLY A 53 -46.15 -36.46 42.19
CA GLY A 53 -46.11 -37.41 41.11
C GLY A 53 -45.61 -36.77 39.81
N ASP A 54 -46.56 -36.43 38.95
CA ASP A 54 -46.22 -35.80 37.68
C ASP A 54 -47.20 -34.65 37.42
N GLU A 55 -47.33 -33.78 38.42
CA GLU A 55 -48.21 -32.64 38.31
C GLU A 55 -47.91 -31.62 39.41
N ILE A 56 -48.36 -30.40 39.18
CA ILE A 56 -48.15 -29.33 40.14
C ILE A 56 -49.48 -28.99 40.83
N TYR A 57 -49.38 -28.71 42.12
CA TYR A 57 -50.56 -28.37 42.90
C TYR A 57 -50.22 -27.32 43.96
N CYS A 58 -50.99 -26.25 43.95
CA CYS A 58 -50.79 -25.17 44.91
C CYS A 58 -50.86 -25.76 46.32
N LYS A 59 -50.14 -25.13 47.23
CA LYS A 59 -50.12 -25.58 48.62
C LYS A 59 -51.51 -26.07 49.01
N SER A 60 -52.42 -25.11 49.15
CA SER A 60 -53.79 -25.42 49.52
C SER A 60 -54.21 -26.76 48.92
N CYS A 61 -54.31 -26.77 47.60
CA CYS A 61 -54.70 -27.98 46.89
C CYS A 61 -53.99 -29.17 47.54
N TYR A 62 -52.66 -29.05 47.65
CA TYR A 62 -51.86 -30.09 48.25
C TYR A 62 -52.44 -30.54 49.60
N GLY A 63 -52.61 -29.56 50.48
CA GLY A 63 -53.14 -29.83 51.80
C GLY A 63 -54.58 -30.36 51.70
N LYS A 64 -55.18 -30.16 50.54
CA LYS A 64 -56.54 -30.61 50.30
C LYS A 64 -56.54 -32.13 50.08
N LYS A 65 -55.73 -32.55 49.12
CA LYS A 65 -55.62 -33.97 48.80
C LYS A 65 -54.97 -34.71 49.97
N TYR A 66 -53.83 -34.18 50.39
CA TYR A 66 -53.09 -34.78 51.50
C TYR A 66 -53.89 -34.69 52.80
N GLY A 67 -54.43 -33.51 53.05
CA GLY A 67 -55.22 -33.27 54.25
C GLY A 67 -56.06 -34.50 54.59
N PRO A 68 -55.54 -35.32 55.54
CA PRO A 68 -56.24 -36.53 55.96
C PRO A 68 -57.42 -36.19 56.86
N LYS A 69 -58.11 -37.23 57.29
CA LYS A 69 -59.27 -37.05 58.16
C LYS A 69 -59.49 -38.33 58.97
N GLY A 70 -60.44 -38.25 59.89
CA GLY A 70 -60.76 -39.38 60.75
C GLY A 70 -61.93 -39.06 61.68
N LYS A 71 -62.24 -40.02 62.53
CA LYS A 71 -63.32 -39.85 63.48
C LYS A 71 -63.32 -41.02 64.47
N GLY A 72 -64.22 -40.94 65.44
CA GLY A 72 -64.33 -41.97 66.45
C GLY A 72 -65.64 -41.85 67.23
N LYS A 73 -65.82 -42.76 68.16
CA LYS A 73 -67.03 -42.76 68.99
C LYS A 73 -66.94 -43.89 70.02
N GLY A 74 -67.95 -43.95 70.87
CA GLY A 74 -67.99 -44.98 71.90
C GLY A 74 -69.29 -44.88 72.72
N MET A 75 -69.48 -45.86 73.58
CA MET A 75 -70.66 -45.90 74.41
C MET A 75 -70.65 -47.13 75.33
N GLY A 76 -71.60 -47.14 76.26
CA GLY A 76 -71.71 -48.24 77.20
C GLY A 76 -72.83 -47.99 78.21
N ALA A 77 -73.09 -49.01 79.02
CA ALA A 77 -74.13 -48.91 80.03
C ALA A 77 -74.16 -50.21 80.85
N GLY A 78 -75.00 -50.20 81.86
CA GLY A 78 -75.14 -51.37 82.73
C GLY A 78 -76.23 -51.15 83.78
N THR A 79 -76.53 -52.21 84.51
CA THR A 79 -77.55 -52.14 85.54
C THR A 79 -77.57 -53.44 86.36
N LEU A 80 -78.14 -53.35 87.54
CA LEU A 80 -78.22 -54.50 88.42
C LEU A 80 -79.51 -54.42 89.25
N SER A 81 -79.74 -55.45 90.04
CA SER A 81 -80.92 -55.50 90.88
C SER A 81 -80.95 -56.81 91.67
N THR A 82 -81.64 -56.77 92.80
CA THR A 82 -81.75 -57.95 93.66
C THR A 82 -83.19 -58.11 94.15
N ASP A 83 -83.40 -59.17 94.91
CA ASP A 83 -84.72 -59.45 95.45
C ASP A 83 -84.67 -60.78 96.23
N LYS A 84 -85.73 -61.02 96.98
CA LYS A 84 -85.83 -62.23 97.77
C LYS A 84 -87.25 -62.39 98.30
N GLY A 85 -87.49 -63.50 98.98
CA GLY A 85 -88.80 -63.77 99.55
C GLY A 85 -88.72 -64.90 100.58
N GLU A 86 -89.90 -65.36 100.99
CA GLU A 86 -89.98 -66.43 101.96
C GLU A 86 -91.44 -66.80 102.23
N SER A 87 -91.62 -67.89 102.96
CA SER A 87 -92.96 -68.36 103.28
C SER A 87 -92.87 -69.62 104.14
N LEU A 88 -93.98 -69.93 104.80
CA LEU A 88 -94.05 -71.11 105.65
C LEU A 88 -95.49 -71.29 106.15
N GLY A 89 -95.78 -72.52 106.53
CA GLY A 89 -97.12 -72.84 107.03
C GLY A 89 -97.42 -74.34 106.83
N ILE A 90 -98.01 -74.93 107.87
CA ILE A 90 -98.36 -76.33 107.82
C ILE A 90 -99.15 -76.70 109.08
N LYS A 91 -99.99 -77.71 108.94
CA LYS A 91 -100.81 -78.16 110.06
C LYS A 91 -101.55 -79.44 109.64
N TYR A 92 -102.14 -80.08 110.64
CA TYR A 92 -102.89 -81.31 110.40
C TYR A 92 -103.58 -81.79 111.68
N GLU A 93 -104.40 -82.81 111.52
CA GLU A 93 -105.12 -83.38 112.65
C GLU A 93 -106.00 -84.54 112.18
N GLU A 94 -106.55 -85.26 113.16
CA GLU A 94 -107.40 -86.39 112.87
C GLU A 94 -107.90 -87.03 114.17
N GLY A 95 -108.83 -87.95 114.02
CA GLY A 95 -109.40 -88.64 115.17
C GLY A 95 -110.60 -89.49 114.76
N GLN A 96 -111.00 -90.37 115.67
CA GLN A 96 -112.13 -91.25 115.42
C GLN A 96 -112.36 -92.17 116.62
N SER A 97 -113.52 -92.84 116.59
CA SER A 97 -113.87 -93.75 117.67
C SER A 97 -115.25 -94.34 117.41
N HIS A 98 -115.48 -95.52 117.99
CA HIS A 98 -116.74 -96.20 117.82
C HIS A 98 -116.73 -97.51 118.62
N ARG A 99 -117.91 -98.08 118.78
CA ARG A 99 -118.04 -99.33 119.52
C ARG A 99 -119.52 -99.73 119.62
N PRO A 100 -120.00 -100.44 118.57
CA PRO A 100 -121.38 -100.89 118.53
C PRO A 100 -121.60 -102.07 119.49
N THR A 101 -122.86 -102.43 119.65
CA THR A 101 -123.22 -103.53 120.52
C THR A 101 -124.29 -104.41 119.87
N ASN A 102 -124.66 -105.47 120.57
CA ASN A 102 -125.67 -106.38 120.07
C ASN A 102 -125.79 -107.57 121.03
N PRO A 103 -126.84 -107.50 121.89
CA PRO A 103 -127.08 -108.56 122.86
C PRO A 103 -127.67 -109.80 122.18
N ASN A 104 -127.92 -110.82 123.00
CA ASN A 104 -128.48 -112.06 122.50
C ASN A 104 -128.88 -112.96 123.67
N ALA A 105 -129.74 -113.91 123.37
CA ALA A 105 -130.20 -114.84 124.40
C ALA A 105 -131.13 -115.87 123.76
N SER A 106 -131.44 -116.90 124.54
CA SER A 106 -132.31 -117.96 124.06
C SER A 106 -132.48 -119.03 125.14
N ARG A 107 -133.44 -119.90 124.93
CA ARG A 107 -133.71 -120.97 125.88
C ARG A 107 -134.93 -121.79 125.43
N MET A 108 -135.08 -122.95 126.04
CA MET A 108 -136.19 -123.83 125.71
C MET A 108 -136.16 -125.09 126.57
N ALA A 109 -137.33 -125.70 126.72
CA ALA A 109 -137.45 -126.92 127.50
C ALA A 109 -138.85 -127.50 127.31
N GLN A 110 -139.02 -128.72 127.83
CA GLN A 110 -140.30 -129.41 127.72
C GLN A 110 -140.22 -130.77 128.40
N LYS A 111 -141.39 -131.40 128.52
CA LYS A 111 -141.47 -132.71 129.14
C LYS A 111 -142.77 -133.39 128.72
N VAL A 112 -142.93 -134.63 129.17
CA VAL A 112 -144.12 -135.39 128.86
C VAL A 112 -144.60 -136.13 130.11
N GLY A 113 -145.74 -136.80 129.96
CA GLY A 113 -146.31 -137.56 131.07
C GLY A 113 -147.75 -137.94 130.78
N GLY A 114 -148.31 -138.71 131.69
CA GLY A 114 -149.69 -139.16 131.54
C GLY A 114 -149.89 -140.54 132.19
N SER A 115 -151.08 -140.73 132.73
CA SER A 115 -151.41 -141.99 133.38
C SER A 115 -152.88 -141.99 133.83
N ASP A 116 -153.35 -143.16 134.22
CA ASP A 116 -154.72 -143.30 134.67
C ASP A 116 -154.81 -144.44 135.68
N GLY A 117 -156.00 -145.03 135.76
CA GLY A 117 -156.22 -146.13 136.68
C GLY A 117 -157.09 -147.22 136.03
N CYS A 118 -157.21 -148.34 136.74
CA CYS A 118 -158.01 -149.44 136.25
C CYS A 118 -159.35 -149.44 136.98
N PRO A 119 -160.40 -149.03 136.23
CA PRO A 119 -161.75 -148.96 136.80
C PRO A 119 -162.35 -150.37 136.94
N ARG A 120 -161.57 -151.35 136.51
CA ARG A 120 -162.00 -152.74 136.59
C ARG A 120 -161.57 -153.37 137.91
N CYS A 121 -160.27 -153.55 138.04
CA CYS A 121 -159.71 -154.13 139.26
C CYS A 121 -159.65 -153.05 140.33
N GLY A 122 -159.39 -151.83 139.88
CA GLY A 122 -159.30 -150.70 140.79
C GLY A 122 -157.84 -150.37 141.12
N GLN A 123 -156.96 -150.80 140.23
CA GLN A 123 -155.53 -150.56 140.42
C GLN A 123 -155.02 -149.57 139.37
N ALA A 124 -154.26 -148.59 139.85
CA ALA A 124 -153.71 -147.58 138.96
C ALA A 124 -153.23 -148.24 137.66
N VAL A 125 -153.14 -147.43 136.62
CA VAL A 125 -152.71 -147.91 135.33
C VAL A 125 -151.65 -146.96 134.75
N TYR A 126 -150.48 -147.52 134.49
CA TYR A 126 -149.39 -146.74 133.94
C TYR A 126 -148.26 -147.65 133.46
N ALA A 127 -147.63 -147.23 132.36
CA ALA A 127 -146.54 -147.99 131.78
C ALA A 127 -147.05 -149.37 131.37
N ALA A 128 -146.14 -150.33 131.38
CA ALA A 128 -146.47 -151.69 131.00
C ALA A 128 -147.84 -152.05 131.59
N GLU A 129 -148.66 -152.68 130.76
CA GLU A 129 -149.99 -153.08 131.18
C GLU A 129 -150.93 -151.88 131.17
N LYS A 130 -151.13 -151.33 129.98
CA LYS A 130 -152.00 -150.18 129.82
C LYS A 130 -152.88 -150.39 128.59
N VAL A 131 -154.16 -150.11 128.75
CA VAL A 131 -155.12 -150.26 127.67
C VAL A 131 -156.01 -149.02 127.61
N ILE A 132 -156.38 -148.65 126.39
CA ILE A 132 -157.23 -147.48 126.19
C ILE A 132 -158.46 -147.90 125.38
N GLY A 133 -159.61 -147.75 126.01
CA GLY A 133 -160.86 -148.10 125.36
C GLY A 133 -162.03 -147.30 125.94
N ALA A 134 -163.00 -147.01 125.08
CA ALA A 134 -164.16 -146.25 125.49
C ALA A 134 -163.71 -145.03 126.30
N GLY A 135 -162.88 -144.21 125.67
CA GLY A 135 -162.37 -143.02 126.31
C GLY A 135 -162.07 -143.27 127.79
N LYS A 136 -161.49 -144.44 128.05
CA LYS A 136 -161.14 -144.82 129.40
C LYS A 136 -159.87 -145.67 129.37
N SER A 137 -159.21 -145.73 130.52
CA SER A 137 -157.99 -146.49 130.65
C SER A 137 -158.19 -147.65 131.63
N TRP A 138 -157.56 -148.77 131.31
CA TRP A 138 -157.67 -149.96 132.15
C TRP A 138 -156.45 -150.85 131.87
N HIS A 139 -156.40 -151.96 132.58
CA HIS A 139 -155.31 -152.90 132.42
C HIS A 139 -155.55 -153.78 131.19
N LYS A 140 -154.53 -153.90 130.36
CA LYS A 140 -154.62 -154.70 129.16
C LYS A 140 -154.71 -156.18 129.54
N SER A 141 -155.75 -156.51 130.28
CA SER A 141 -155.96 -157.88 130.71
C SER A 141 -157.32 -158.00 131.40
N CYS A 142 -157.57 -157.08 132.31
CA CYS A 142 -158.82 -157.08 133.06
C CYS A 142 -159.96 -156.70 132.09
N PHE A 143 -159.67 -155.72 131.26
CA PHE A 143 -160.65 -155.26 130.28
C PHE A 143 -161.54 -156.41 129.81
N ARG A 144 -162.76 -156.43 130.35
CA ARG A 144 -163.71 -157.47 129.99
C ARG A 144 -165.11 -156.87 129.87
N CYS A 145 -165.87 -157.45 128.95
CA CYS A 145 -167.24 -156.99 128.72
C CYS A 145 -167.94 -156.85 130.07
N ALA A 146 -168.49 -155.68 130.29
CA ALA A 146 -169.19 -155.41 131.54
C ALA A 146 -170.66 -155.81 131.39
N LYS A 147 -170.88 -156.87 130.61
CA LYS A 147 -172.23 -157.35 130.39
C LYS A 147 -172.24 -158.88 130.52
N CYS A 148 -171.26 -159.50 129.88
CA CYS A 148 -171.14 -160.95 129.92
C CYS A 148 -169.93 -161.32 130.77
N GLY A 149 -169.04 -160.36 130.91
CA GLY A 149 -167.82 -160.55 131.69
C GLY A 149 -166.76 -161.30 130.87
N LYS A 150 -166.96 -161.30 129.56
CA LYS A 150 -166.04 -161.95 128.66
C LYS A 150 -164.81 -161.07 128.46
N SER A 151 -163.64 -161.69 128.58
CA SER A 151 -162.39 -160.96 128.41
C SER A 151 -162.30 -160.40 127.00
N LEU A 152 -161.76 -159.20 126.90
CA LEU A 152 -161.60 -158.54 125.61
C LEU A 152 -160.61 -157.39 125.75
N GLU A 153 -160.34 -156.74 124.62
CA GLU A 153 -159.41 -155.63 124.59
C GLU A 153 -159.25 -155.10 123.17
N SER A 154 -160.03 -154.07 122.86
CA SER A 154 -159.98 -153.48 121.54
C SER A 154 -160.73 -154.36 120.53
N THR A 155 -160.29 -155.60 120.46
CA THR A 155 -160.90 -156.56 119.54
C THR A 155 -162.42 -156.52 119.68
N THR A 156 -163.05 -155.91 118.68
CA THR A 156 -164.50 -155.81 118.67
C THR A 156 -165.01 -155.45 120.06
N LEU A 157 -164.49 -154.34 120.59
CA LEU A 157 -164.89 -153.88 121.90
C LEU A 157 -165.83 -152.68 121.76
N ALA A 158 -167.04 -152.84 122.26
CA ALA A 158 -168.03 -151.79 122.20
C ALA A 158 -167.81 -150.81 123.35
N ASP A 159 -168.12 -149.56 123.09
CA ASP A 159 -167.97 -148.51 124.10
C ASP A 159 -169.27 -147.72 124.21
N LYS A 160 -170.02 -148.02 125.26
CA LYS A 160 -171.29 -147.33 125.49
C LYS A 160 -171.06 -146.17 126.45
N ASP A 161 -170.72 -145.03 125.88
CA ASP A 161 -170.47 -143.84 126.68
C ASP A 161 -169.75 -144.23 127.97
N GLY A 162 -168.48 -144.59 127.80
CA GLY A 162 -167.66 -144.99 128.94
C GLY A 162 -167.70 -146.50 129.13
N GLU A 163 -168.91 -147.03 129.16
CA GLU A 163 -169.10 -148.46 129.33
C GLU A 163 -168.39 -149.23 128.23
N ILE A 164 -168.04 -150.47 128.54
CA ILE A 164 -167.37 -151.33 127.58
C ILE A 164 -168.06 -152.70 127.53
N TYR A 165 -168.18 -153.22 126.33
CA TYR A 165 -168.82 -154.51 126.14
C TYR A 165 -168.24 -155.23 124.92
N CYS A 166 -168.81 -156.39 124.63
CA CYS A 166 -168.37 -157.19 123.50
C CYS A 166 -169.26 -156.86 122.30
N LYS A 167 -168.63 -156.80 121.14
CA LYS A 167 -169.36 -156.50 119.91
C LYS A 167 -170.64 -157.32 119.87
N GLY A 168 -170.52 -158.58 120.30
CA GLY A 168 -171.65 -159.48 120.32
C GLY A 168 -172.81 -158.90 121.14
N CYS A 169 -172.43 -158.16 122.18
CA CYS A 169 -173.43 -157.54 123.05
C CYS A 169 -173.94 -156.27 122.37
N TYR A 170 -173.01 -155.46 121.90
CA TYR A 170 -173.35 -154.22 121.23
C TYR A 170 -174.29 -154.48 120.05
N ALA A 171 -174.14 -155.66 119.46
CA ALA A 171 -174.98 -156.04 118.33
C ALA A 171 -176.25 -156.71 118.84
N LYS A 172 -176.06 -157.85 119.47
CA LYS A 172 -177.18 -158.60 120.02
C LYS A 172 -178.08 -157.66 120.83
N ASN A 173 -177.55 -157.21 121.94
CA ASN A 173 -178.29 -156.30 122.81
C ASN A 173 -179.06 -155.30 121.95
N PHE A 174 -178.50 -155.00 120.79
CA PHE A 174 -179.12 -154.06 119.88
C PHE A 174 -179.51 -154.76 118.57
N GLY A 175 -180.30 -155.81 118.71
CA GLY A 175 -180.75 -156.57 117.54
C GLY A 175 -182.25 -156.38 117.31
N PRO A 176 -182.67 -156.62 116.04
CA PRO A 176 -184.06 -156.47 115.68
C PRO A 176 -184.90 -157.64 116.21
N LYS A 177 -186.03 -157.31 116.80
CA LYS A 177 -186.92 -158.32 117.35
C LYS A 177 -188.36 -157.84 117.23
N GLY A 178 -189.25 -158.79 116.95
CA GLY A 178 -190.67 -158.48 116.81
C GLY A 178 -191.52 -159.73 117.00
N PHE A 179 -192.73 -159.51 117.48
CA PHE A 179 -193.66 -160.61 117.71
C PHE A 179 -194.70 -160.69 116.60
N GLY A 180 -195.40 -161.82 116.57
CA GLY A 180 -196.43 -162.03 115.57
C GLY A 180 -197.40 -163.14 115.99
N PHE A 181 -198.56 -163.15 115.36
CA PHE A 181 -199.57 -164.14 115.68
C PHE A 181 -200.69 -164.13 114.63
N GLY A 182 -200.64 -165.12 113.74
CA GLY A 182 -201.64 -165.23 112.69
C GLY A 182 -201.07 -165.95 111.47
N GLN A 183 -201.62 -167.13 111.21
CA GLN A 183 -201.18 -167.93 110.07
C GLN A 183 -202.29 -168.88 109.63
N GLY A 184 -202.56 -168.86 108.34
CA GLY A 184 -203.60 -169.72 107.78
C GLY A 184 -204.45 -168.97 106.77
N ALA A 185 -204.04 -169.05 105.51
CA ALA A 185 -204.76 -168.37 104.44
C ALA A 185 -204.75 -169.25 103.19
N GLY A 186 -205.82 -169.17 102.43
CA GLY A 186 -205.95 -169.95 101.21
C GLY A 186 -206.84 -169.23 100.19
N ALA A 187 -207.26 -169.98 99.19
CA ALA A 187 -208.10 -169.44 98.14
C ALA A 187 -207.39 -168.27 97.46
N LEU A 188 -208.03 -167.74 96.44
CA LEU A 188 -207.47 -166.61 95.70
C LEU A 188 -206.21 -167.07 94.97
N ILE A 189 -206.33 -167.16 93.65
CA ILE A 189 -205.22 -167.58 92.82
C ILE A 189 -204.99 -166.54 91.73
N HIS A 190 -206.05 -166.23 91.00
CA HIS A 190 -205.97 -165.26 89.93
C HIS A 190 -206.82 -164.03 90.28
N SER A 191 -206.39 -163.33 91.32
CA SER A 191 -207.09 -162.14 91.76
C SER A 191 -206.37 -161.51 92.96
N GLN A 192 -205.34 -160.76 92.64
CA GLN A 192 -204.55 -160.09 93.68
C GLN A 192 -205.02 -158.65 93.84
ZN ZN B . -43.50 -28.29 28.77
ZN ZN C . -54.66 -25.27 43.20
ZN ZN D . -156.98 -154.03 135.95
ZN ZN E . -170.73 -158.97 126.30
N MET A 1 -17.21 -20.64 13.46
CA MET A 1 -17.43 -19.45 14.28
C MET A 1 -18.92 -19.17 14.44
N PRO A 2 -19.64 -19.14 13.28
CA PRO A 2 -21.06 -18.88 13.30
C PRO A 2 -21.84 -20.10 13.78
N ASN A 3 -21.56 -21.23 13.14
CA ASN A 3 -22.22 -22.48 13.50
C ASN A 3 -21.71 -23.60 12.59
N TRP A 4 -21.93 -24.83 13.04
CA TRP A 4 -21.51 -25.98 12.28
C TRP A 4 -22.73 -26.53 11.53
N GLY A 5 -22.45 -27.35 10.51
CA GLY A 5 -23.50 -27.93 9.71
C GLY A 5 -23.58 -29.44 9.93
N GLY A 6 -24.32 -30.10 9.05
CA GLY A 6 -24.48 -31.55 9.14
C GLY A 6 -24.97 -32.12 7.81
N GLY A 7 -25.85 -33.11 7.92
CA GLY A 7 -26.40 -33.76 6.74
C GLY A 7 -26.98 -32.72 5.78
N LYS A 8 -27.87 -31.89 6.31
CA LYS A 8 -28.50 -30.85 5.51
C LYS A 8 -29.76 -31.43 4.87
N LYS A 9 -30.54 -30.53 4.28
CA LYS A 9 -31.78 -30.92 3.64
C LYS A 9 -31.46 -31.76 2.39
N CYS A 10 -32.13 -32.89 2.28
CA CYS A 10 -31.93 -33.78 1.15
C CYS A 10 -32.84 -33.32 0.00
N GLY A 11 -32.21 -32.77 -1.02
CA GLY A 11 -32.95 -32.30 -2.18
C GLY A 11 -33.33 -33.45 -3.11
N VAL A 12 -33.07 -34.66 -2.63
CA VAL A 12 -33.37 -35.85 -3.41
C VAL A 12 -34.68 -36.46 -2.89
N CYS A 13 -34.62 -36.95 -1.66
CA CYS A 13 -35.79 -37.56 -1.05
C CYS A 13 -36.70 -36.45 -0.53
N GLN A 14 -36.07 -35.32 -0.21
CA GLN A 14 -36.81 -34.18 0.30
C GLN A 14 -36.97 -34.28 1.81
N LYS A 15 -36.00 -34.94 2.43
CA LYS A 15 -36.01 -35.11 3.87
C LYS A 15 -34.74 -34.49 4.46
N ALA A 16 -34.88 -33.99 5.68
CA ALA A 16 -33.76 -33.38 6.37
C ALA A 16 -32.75 -34.46 6.75
N VAL A 17 -31.48 -34.09 6.67
CA VAL A 17 -30.40 -35.01 6.99
C VAL A 17 -29.55 -34.41 8.12
N TYR A 18 -29.03 -35.30 8.96
CA TYR A 18 -28.19 -34.87 10.07
C TYR A 18 -27.05 -35.85 10.31
N PHE A 19 -27.40 -37.12 10.34
CA PHE A 19 -26.41 -38.17 10.55
C PHE A 19 -25.18 -37.94 9.68
N ALA A 20 -24.13 -38.68 9.99
CA ALA A 20 -22.88 -38.57 9.24
C ALA A 20 -23.01 -39.34 7.92
N GLU A 21 -24.04 -40.18 7.86
CA GLU A 21 -24.29 -40.97 6.67
C GLU A 21 -24.45 -40.06 5.46
N GLU A 22 -24.91 -38.85 5.72
CA GLU A 22 -25.10 -37.88 4.66
C GLU A 22 -23.95 -37.94 3.66
N VAL A 23 -24.31 -37.74 2.39
CA VAL A 23 -23.32 -37.78 1.33
C VAL A 23 -23.50 -36.55 0.43
N GLN A 24 -22.40 -35.84 0.22
CA GLN A 24 -22.41 -34.65 -0.60
C GLN A 24 -22.44 -35.03 -2.08
N CYS A 25 -22.58 -34.02 -2.93
CA CYS A 25 -22.61 -34.23 -4.36
C CYS A 25 -22.35 -32.90 -5.06
N GLU A 26 -21.08 -32.50 -5.02
CA GLU A 26 -20.68 -31.25 -5.64
C GLU A 26 -21.78 -30.19 -5.49
N GLY A 27 -21.74 -29.50 -4.36
CA GLY A 27 -22.72 -28.46 -4.08
C GLY A 27 -23.97 -29.06 -3.45
N SER A 28 -24.43 -30.15 -4.05
CA SER A 28 -25.62 -30.82 -3.56
C SER A 28 -25.25 -31.80 -2.44
N SER A 29 -26.27 -32.47 -1.92
CA SER A 29 -26.06 -33.43 -0.85
C SER A 29 -27.33 -34.24 -0.61
N PHE A 30 -27.18 -35.55 -0.66
CA PHE A 30 -28.31 -36.45 -0.45
C PHE A 30 -27.94 -37.58 0.51
N HIS A 31 -28.97 -38.30 0.95
CA HIS A 31 -28.77 -39.41 1.85
C HIS A 31 -27.85 -40.45 1.21
N LYS A 32 -27.28 -41.30 2.05
CA LYS A 32 -26.39 -42.34 1.57
C LYS A 32 -27.08 -43.16 0.48
N SER A 33 -28.16 -43.82 0.88
CA SER A 33 -28.93 -44.63 -0.06
C SER A 33 -29.43 -43.76 -1.21
N CYS A 34 -29.65 -42.49 -0.90
CA CYS A 34 -30.13 -41.56 -1.90
C CYS A 34 -29.12 -41.51 -3.05
N PHE A 35 -27.85 -41.44 -2.68
CA PHE A 35 -26.79 -41.39 -3.67
C PHE A 35 -26.68 -42.72 -4.41
N LEU A 36 -27.61 -42.93 -5.33
CA LEU A 36 -27.64 -44.14 -6.13
C LEU A 36 -27.95 -43.79 -7.57
N CYS A 37 -27.17 -44.37 -8.48
CA CYS A 37 -27.35 -44.12 -9.90
C CYS A 37 -28.84 -44.26 -10.21
N MET A 38 -29.44 -43.11 -10.56
CA MET A 38 -30.86 -43.09 -10.89
C MET A 38 -31.10 -43.57 -12.31
N VAL A 39 -30.03 -44.06 -12.93
CA VAL A 39 -30.12 -44.55 -14.29
C VAL A 39 -30.17 -46.09 -14.27
N CYS A 40 -29.07 -46.69 -13.85
CA CYS A 40 -28.99 -48.13 -13.78
C CYS A 40 -29.70 -48.60 -12.51
N LYS A 41 -29.76 -47.69 -11.54
CA LYS A 41 -30.40 -47.99 -10.28
C LYS A 41 -29.39 -48.66 -9.34
N LYS A 42 -28.11 -48.40 -9.61
CA LYS A 42 -27.06 -48.98 -8.81
C LYS A 42 -26.47 -47.90 -7.90
N ASN A 43 -26.42 -48.22 -6.61
CA ASN A 43 -25.88 -47.29 -5.63
C ASN A 43 -24.52 -46.77 -6.11
N LEU A 44 -24.27 -45.51 -5.80
CA LEU A 44 -23.01 -44.88 -6.19
C LEU A 44 -22.25 -44.45 -4.94
N ASP A 45 -21.19 -45.19 -4.65
CA ASP A 45 -20.37 -44.89 -3.49
C ASP A 45 -19.22 -43.97 -3.90
N SER A 46 -18.35 -44.50 -4.73
CA SER A 46 -17.20 -43.74 -5.21
C SER A 46 -16.54 -44.45 -6.39
N THR A 47 -17.02 -44.13 -7.58
CA THR A 47 -16.49 -44.74 -8.78
C THR A 47 -16.93 -43.94 -10.02
N THR A 48 -16.09 -42.97 -10.38
CA THR A 48 -16.38 -42.13 -11.53
C THR A 48 -17.86 -41.75 -11.56
N VAL A 49 -18.34 -41.26 -10.43
CA VAL A 49 -19.73 -40.85 -10.32
C VAL A 49 -19.89 -39.43 -10.83
N ALA A 50 -21.02 -39.18 -11.46
CA ALA A 50 -21.31 -37.87 -12.00
C ALA A 50 -22.65 -37.37 -11.46
N VAL A 51 -22.88 -36.07 -11.62
CA VAL A 51 -24.10 -35.46 -11.15
C VAL A 51 -24.83 -34.82 -12.32
N HIS A 52 -26.09 -34.46 -12.08
CA HIS A 52 -26.90 -33.84 -13.11
C HIS A 52 -28.07 -33.10 -12.45
N GLY A 53 -27.93 -31.78 -12.38
CA GLY A 53 -28.96 -30.95 -11.79
C GLY A 53 -29.33 -31.45 -10.40
N ASP A 54 -30.49 -32.10 -10.33
CA ASP A 54 -30.96 -32.63 -9.06
C ASP A 54 -31.07 -34.16 -9.16
N GLU A 55 -30.04 -34.75 -9.77
CA GLU A 55 -30.01 -36.20 -9.93
C GLU A 55 -28.56 -36.70 -9.88
N ILE A 56 -28.41 -37.93 -9.44
CA ILE A 56 -27.10 -38.54 -9.34
C ILE A 56 -27.01 -39.73 -10.30
N TYR A 57 -25.86 -39.85 -10.94
CA TYR A 57 -25.64 -40.93 -11.89
C TYR A 57 -24.18 -41.36 -11.90
N CYS A 58 -23.93 -42.51 -12.52
CA CYS A 58 -22.58 -43.03 -12.61
C CYS A 58 -22.05 -42.78 -14.03
N LYS A 59 -20.76 -42.48 -14.11
CA LYS A 59 -20.13 -42.22 -15.39
C LYS A 59 -20.72 -43.16 -16.44
N SER A 60 -20.50 -44.45 -16.21
CA SER A 60 -21.00 -45.47 -17.13
C SER A 60 -22.27 -44.97 -17.83
N CYS A 61 -23.35 -44.94 -17.06
CA CYS A 61 -24.63 -44.49 -17.58
C CYS A 61 -24.39 -43.22 -18.41
N TYR A 62 -23.80 -42.23 -17.74
CA TYR A 62 -23.52 -40.96 -18.39
C TYR A 62 -23.00 -41.19 -19.82
N GLY A 63 -21.82 -41.80 -19.90
CA GLY A 63 -21.21 -42.07 -21.18
C GLY A 63 -22.11 -42.96 -22.05
N LYS A 64 -23.06 -43.61 -21.38
CA LYS A 64 -23.99 -44.49 -22.06
C LYS A 64 -25.00 -43.65 -22.84
N LYS A 65 -25.67 -42.75 -22.11
CA LYS A 65 -26.66 -41.88 -22.72
C LYS A 65 -25.96 -40.89 -23.65
N TYR A 66 -25.00 -40.18 -23.08
CA TYR A 66 -24.25 -39.20 -23.84
C TYR A 66 -23.51 -39.85 -25.01
N GLY A 67 -22.98 -41.04 -24.75
CA GLY A 67 -22.25 -41.77 -25.76
C GLY A 67 -22.90 -41.61 -27.14
N PRO A 68 -22.33 -40.67 -27.94
CA PRO A 68 -22.85 -40.41 -29.26
C PRO A 68 -22.46 -41.53 -30.23
N LYS A 69 -22.90 -41.37 -31.48
CA LYS A 69 -22.60 -42.36 -32.51
C LYS A 69 -21.76 -41.70 -33.60
N GLY A 70 -21.07 -42.55 -34.36
CA GLY A 70 -20.23 -42.07 -35.44
C GLY A 70 -21.03 -41.93 -36.74
N LYS A 71 -20.29 -41.83 -37.83
CA LYS A 71 -20.91 -41.69 -39.14
C LYS A 71 -19.83 -41.65 -40.22
N GLY A 72 -20.27 -41.62 -41.46
CA GLY A 72 -19.37 -41.59 -42.59
C GLY A 72 -19.86 -40.63 -43.67
N LYS A 73 -19.36 -40.85 -44.89
CA LYS A 73 -19.74 -40.02 -46.01
C LYS A 73 -19.37 -40.73 -47.31
N GLY A 74 -19.73 -40.10 -48.43
CA GLY A 74 -19.44 -40.65 -49.73
C GLY A 74 -19.07 -39.55 -50.73
N MET A 75 -19.25 -39.86 -52.00
CA MET A 75 -18.95 -38.91 -53.06
C MET A 75 -19.56 -39.35 -54.39
N GLY A 76 -19.49 -38.45 -55.36
CA GLY A 76 -20.04 -38.73 -56.68
C GLY A 76 -19.38 -37.86 -57.74
N ALA A 77 -19.92 -37.93 -58.94
CA ALA A 77 -19.38 -37.16 -60.06
C ALA A 77 -20.29 -37.34 -61.27
N GLY A 78 -19.96 -36.62 -62.33
CA GLY A 78 -20.72 -36.69 -63.56
C GLY A 78 -20.15 -35.74 -64.62
N THR A 79 -20.73 -35.82 -65.81
CA THR A 79 -20.30 -34.97 -66.91
C THR A 79 -21.30 -35.05 -68.07
N LEU A 80 -21.21 -34.06 -68.94
CA LEU A 80 -22.09 -34.00 -70.09
C LEU A 80 -21.66 -32.85 -71.01
N SER A 81 -22.02 -32.98 -72.28
CA SER A 81 -21.68 -31.97 -73.26
C SER A 81 -22.26 -32.35 -74.62
N THR A 82 -22.36 -31.34 -75.49
CA THR A 82 -22.90 -31.55 -76.82
C THR A 82 -22.73 -30.29 -77.66
N ASP A 83 -22.88 -30.46 -78.97
CA ASP A 83 -22.75 -29.35 -79.90
C ASP A 83 -22.93 -29.86 -81.33
N LYS A 84 -23.16 -28.93 -82.23
CA LYS A 84 -23.36 -29.26 -83.63
C LYS A 84 -23.54 -27.97 -84.44
N GLY A 85 -23.10 -28.04 -85.69
CA GLY A 85 -23.20 -26.88 -86.57
C GLY A 85 -22.68 -27.23 -87.97
N GLU A 86 -23.17 -26.48 -88.95
CA GLU A 86 -22.78 -26.70 -90.33
C GLU A 86 -23.43 -25.66 -91.24
N SER A 87 -22.70 -25.26 -92.27
CA SER A 87 -23.20 -24.28 -93.21
C SER A 87 -22.17 -24.06 -94.32
N LEU A 88 -22.68 -23.85 -95.52
CA LEU A 88 -21.83 -23.62 -96.68
C LEU A 88 -22.70 -23.25 -97.88
N GLY A 89 -22.05 -22.62 -98.86
CA GLY A 89 -22.74 -22.20 -100.06
C GLY A 89 -22.28 -20.81 -100.51
N ILE A 90 -22.08 -20.68 -101.81
CA ILE A 90 -21.65 -19.42 -102.38
C ILE A 90 -21.66 -19.51 -103.91
N LYS A 91 -21.99 -18.40 -104.53
CA LYS A 91 -22.04 -18.34 -105.99
C LYS A 91 -22.31 -16.90 -106.44
N TYR A 92 -22.18 -16.68 -107.73
CA TYR A 92 -22.40 -15.36 -108.30
C TYR A 92 -22.80 -15.46 -109.78
N GLU A 93 -23.14 -14.31 -110.34
CA GLU A 93 -23.55 -14.25 -111.73
C GLU A 93 -23.59 -12.79 -112.21
N GLU A 94 -23.76 -12.64 -113.50
CA GLU A 94 -23.82 -11.31 -114.10
C GLU A 94 -24.08 -11.41 -115.61
N GLY A 95 -24.67 -10.36 -116.15
CA GLY A 95 -24.98 -10.32 -117.57
C GLY A 95 -25.54 -8.95 -117.97
N GLN A 96 -25.24 -8.57 -119.20
CA GLN A 96 -25.70 -7.30 -119.72
C GLN A 96 -25.28 -7.13 -121.18
N SER A 97 -26.22 -6.64 -121.98
CA SER A 97 -25.96 -6.43 -123.39
C SER A 97 -27.22 -5.89 -124.08
N HIS A 98 -27.02 -4.90 -124.94
CA HIS A 98 -28.12 -4.28 -125.65
C HIS A 98 -27.59 -3.19 -126.58
N ARG A 99 -28.37 -2.90 -127.61
CA ARG A 99 -27.99 -1.88 -128.57
C ARG A 99 -29.09 -1.70 -129.62
N PRO A 100 -30.09 -0.84 -129.26
CA PRO A 100 -31.19 -0.56 -130.16
C PRO A 100 -30.77 0.34 -131.30
N THR A 101 -31.08 -0.09 -132.52
CA THR A 101 -30.73 0.67 -133.70
C THR A 101 -31.71 0.36 -134.84
N ASN A 102 -32.35 1.41 -135.34
CA ASN A 102 -33.30 1.26 -136.42
C ASN A 102 -33.91 2.62 -136.75
N PRO A 103 -33.37 3.25 -137.84
CA PRO A 103 -33.85 4.55 -138.26
C PRO A 103 -35.21 4.44 -138.96
N ASN A 104 -35.71 5.58 -139.40
CA ASN A 104 -36.99 5.61 -140.09
C ASN A 104 -37.00 6.80 -141.06
N ALA A 105 -37.80 6.65 -142.11
CA ALA A 105 -37.92 7.69 -143.11
C ALA A 105 -38.95 7.27 -144.16
N SER A 106 -39.76 8.24 -144.57
CA SER A 106 -40.79 7.99 -145.56
C SER A 106 -41.53 9.29 -145.90
N ARG A 107 -41.84 9.44 -147.17
CA ARG A 107 -42.53 10.62 -147.64
C ARG A 107 -42.82 10.53 -149.13
N MET A 108 -44.05 10.83 -149.50
CA MET A 108 -44.47 10.77 -150.89
C MET A 108 -45.90 11.27 -151.06
N ALA A 109 -46.20 11.73 -152.26
CA ALA A 109 -47.52 12.23 -152.57
C ALA A 109 -47.62 12.55 -154.06
N GLN A 110 -48.71 12.08 -154.66
CA GLN A 110 -48.92 12.29 -156.09
C GLN A 110 -50.29 11.76 -156.50
N LYS A 111 -51.10 12.65 -157.07
CA LYS A 111 -52.43 12.28 -157.50
C LYS A 111 -53.03 13.42 -158.32
N VAL A 112 -53.73 13.05 -159.39
CA VAL A 112 -54.35 14.03 -160.25
C VAL A 112 -55.19 13.31 -161.30
N GLY A 113 -56.23 14.00 -161.75
CA GLY A 113 -57.13 13.43 -162.77
C GLY A 113 -58.59 13.62 -162.36
N GLY A 114 -59.46 13.46 -163.35
CA GLY A 114 -60.89 13.62 -163.12
C GLY A 114 -61.57 14.30 -164.31
N SER A 115 -61.75 13.52 -165.36
CA SER A 115 -62.39 14.03 -166.57
C SER A 115 -62.42 12.94 -167.64
N ASP A 116 -63.47 12.99 -168.45
CA ASP A 116 -63.63 12.03 -169.52
C ASP A 116 -64.62 12.57 -170.56
N GLY A 117 -65.26 11.65 -171.25
CA GLY A 117 -66.23 12.02 -172.27
C GLY A 117 -67.51 11.21 -172.13
N CYS A 118 -68.51 11.59 -172.91
CA CYS A 118 -69.79 10.91 -172.88
C CYS A 118 -69.87 9.97 -174.08
N PRO A 119 -69.76 8.65 -173.79
CA PRO A 119 -69.81 7.64 -174.84
C PRO A 119 -71.25 7.44 -175.34
N ARG A 120 -72.15 8.19 -174.73
CA ARG A 120 -73.56 8.11 -175.10
C ARG A 120 -73.89 9.15 -176.17
N CYS A 121 -73.87 10.41 -175.75
CA CYS A 121 -74.16 11.51 -176.65
C CYS A 121 -72.92 11.79 -177.49
N GLY A 122 -71.77 11.62 -176.84
CA GLY A 122 -70.50 11.85 -177.51
C GLY A 122 -69.79 13.08 -176.93
N GLN A 123 -70.59 14.00 -176.44
CA GLN A 123 -70.06 15.22 -175.86
C GLN A 123 -69.16 14.89 -174.66
N ALA A 124 -68.06 15.61 -174.56
CA ALA A 124 -67.11 15.41 -173.47
C ALA A 124 -67.86 15.48 -172.14
N VAL A 125 -67.17 15.05 -171.10
CA VAL A 125 -67.75 15.05 -169.76
C VAL A 125 -66.73 15.61 -168.77
N TYR A 126 -67.10 16.73 -168.16
CA TYR A 126 -66.23 17.39 -167.20
C TYR A 126 -67.04 17.95 -166.03
N ALA A 127 -66.37 18.75 -165.21
CA ALA A 127 -67.01 19.36 -164.06
C ALA A 127 -68.29 20.07 -164.51
N ALA A 128 -69.42 19.43 -164.21
CA ALA A 128 -70.71 19.99 -164.58
C ALA A 128 -71.79 18.91 -164.42
N GLU A 129 -71.63 17.84 -165.19
CA GLU A 129 -72.58 16.74 -165.13
C GLU A 129 -71.87 15.42 -165.48
N LYS A 130 -70.72 15.22 -164.86
CA LYS A 130 -69.95 14.01 -165.09
C LYS A 130 -70.41 12.91 -164.12
N VAL A 131 -70.51 11.70 -164.64
CA VAL A 131 -70.94 10.57 -163.85
C VAL A 131 -70.00 9.39 -164.09
N ILE A 132 -69.88 8.54 -163.09
CA ILE A 132 -69.01 7.38 -163.18
C ILE A 132 -69.86 6.11 -163.04
N GLY A 133 -69.89 5.33 -164.10
CA GLY A 133 -70.65 4.09 -164.11
C GLY A 133 -70.00 3.05 -165.01
N ALA A 134 -70.16 1.79 -164.62
CA ALA A 134 -69.59 0.69 -165.38
C ALA A 134 -68.13 1.02 -165.75
N GLY A 135 -67.37 1.38 -164.72
CA GLY A 135 -65.97 1.72 -164.91
C GLY A 135 -65.80 2.61 -166.14
N LYS A 136 -66.69 3.57 -166.26
CA LYS A 136 -66.65 4.51 -167.38
C LYS A 136 -67.25 5.84 -166.96
N SER A 137 -67.08 6.84 -167.82
CA SER A 137 -67.60 8.17 -167.54
C SER A 137 -68.67 8.53 -168.58
N TRP A 138 -69.76 9.09 -168.09
CA TRP A 138 -70.85 9.49 -168.97
C TRP A 138 -71.54 10.70 -168.33
N HIS A 139 -72.51 11.23 -169.06
CA HIS A 139 -73.25 12.39 -168.59
C HIS A 139 -74.31 11.94 -167.57
N LYS A 140 -74.29 12.62 -166.42
CA LYS A 140 -75.24 12.30 -165.37
C LYS A 140 -76.66 12.64 -165.83
N SER A 141 -77.16 11.82 -166.75
CA SER A 141 -78.49 12.02 -167.27
C SER A 141 -78.69 11.17 -168.53
N CYS A 142 -77.70 11.21 -169.40
CA CYS A 142 -77.75 10.44 -170.64
C CYS A 142 -77.87 8.96 -170.28
N PHE A 143 -77.04 8.54 -169.33
CA PHE A 143 -77.05 7.16 -168.88
C PHE A 143 -78.44 6.53 -169.05
N ARG A 144 -78.51 5.56 -169.94
CA ARG A 144 -79.76 4.87 -170.20
C ARG A 144 -79.57 3.35 -170.11
N CYS A 145 -80.61 2.68 -169.66
CA CYS A 145 -80.57 1.24 -169.51
C CYS A 145 -80.59 0.62 -170.91
N ALA A 146 -79.62 -0.24 -171.16
CA ALA A 146 -79.52 -0.90 -172.45
C ALA A 146 -80.33 -2.20 -172.42
N LYS A 147 -81.42 -2.16 -171.67
CA LYS A 147 -82.29 -3.32 -171.55
C LYS A 147 -83.74 -2.88 -171.70
N CYS A 148 -84.08 -1.81 -171.01
CA CYS A 148 -85.44 -1.28 -171.06
C CYS A 148 -85.40 0.05 -171.80
N GLY A 149 -84.21 0.64 -171.86
CA GLY A 149 -84.03 1.91 -172.54
C GLY A 149 -84.36 3.07 -171.61
N LYS A 150 -84.95 2.73 -170.47
CA LYS A 150 -85.33 3.75 -169.49
C LYS A 150 -84.07 4.46 -169.00
N SER A 151 -84.22 5.76 -168.78
CA SER A 151 -83.11 6.57 -168.31
C SER A 151 -82.70 6.13 -166.91
N LEU A 152 -81.45 6.41 -166.57
CA LEU A 152 -80.92 6.05 -165.26
C LEU A 152 -80.60 7.32 -164.48
N GLU A 153 -80.01 7.12 -163.31
CA GLU A 153 -79.64 8.23 -162.46
C GLU A 153 -80.83 8.62 -161.56
N SER A 154 -81.35 7.64 -160.85
CA SER A 154 -82.47 7.86 -159.97
C SER A 154 -82.45 6.86 -158.82
N THR A 155 -82.36 5.59 -159.18
CA THR A 155 -82.33 4.52 -158.20
C THR A 155 -80.91 3.94 -158.08
N THR A 156 -80.47 3.35 -159.18
CA THR A 156 -79.14 2.76 -159.22
C THR A 156 -78.85 2.22 -160.62
N LEU A 157 -77.68 2.60 -161.13
CA LEU A 157 -77.27 2.16 -162.45
C LEU A 157 -76.35 0.94 -162.31
N ALA A 158 -76.80 -0.15 -162.92
CA ALA A 158 -76.04 -1.39 -162.87
C ALA A 158 -75.03 -1.41 -164.03
N ASP A 159 -73.93 -2.11 -163.79
CA ASP A 159 -72.89 -2.22 -164.80
C ASP A 159 -72.47 -3.68 -164.95
N LYS A 160 -72.91 -4.27 -166.04
CA LYS A 160 -72.59 -5.67 -166.32
C LYS A 160 -71.43 -5.73 -167.31
N ASP A 161 -70.23 -5.85 -166.76
CA ASP A 161 -69.03 -5.92 -167.58
C ASP A 161 -69.17 -4.98 -168.77
N GLY A 162 -69.07 -3.69 -168.48
CA GLY A 162 -69.17 -2.68 -169.51
C GLY A 162 -70.64 -2.27 -169.72
N GLU A 163 -71.49 -3.27 -169.86
CA GLU A 163 -72.91 -3.03 -170.07
C GLU A 163 -73.47 -2.19 -168.93
N ILE A 164 -74.54 -1.47 -169.23
CA ILE A 164 -75.18 -0.62 -168.25
C ILE A 164 -76.69 -0.85 -168.28
N TYR A 165 -77.26 -1.04 -167.10
CA TYR A 165 -78.68 -1.28 -166.99
C TYR A 165 -79.25 -0.58 -165.75
N CYS A 166 -80.56 -0.78 -165.54
CA CYS A 166 -81.22 -0.17 -164.41
C CYS A 166 -81.25 -1.20 -163.27
N LYS A 167 -81.18 -0.68 -162.05
CA LYS A 167 -81.19 -1.54 -160.87
C LYS A 167 -82.31 -2.58 -161.00
N GLY A 168 -83.45 -2.10 -161.51
CA GLY A 168 -84.60 -2.96 -161.69
C GLY A 168 -84.27 -4.14 -162.61
N CYS A 169 -83.34 -3.88 -163.53
CA CYS A 169 -82.92 -4.91 -164.47
C CYS A 169 -81.91 -5.82 -163.77
N TYR A 170 -80.95 -5.19 -163.11
CA TYR A 170 -79.93 -5.94 -162.40
C TYR A 170 -80.54 -6.84 -161.33
N ALA A 171 -81.65 -6.38 -160.76
CA ALA A 171 -82.34 -7.14 -159.74
C ALA A 171 -83.22 -8.21 -160.41
N LYS A 172 -84.19 -7.73 -161.16
CA LYS A 172 -85.10 -8.62 -161.86
C LYS A 172 -84.29 -9.72 -162.57
N ASN A 173 -83.45 -9.28 -163.49
CA ASN A 173 -82.62 -10.20 -164.23
C ASN A 173 -82.13 -11.32 -163.31
N PHE A 174 -81.79 -10.92 -162.08
CA PHE A 174 -81.32 -11.87 -161.10
C PHE A 174 -82.18 -11.83 -159.83
N GLY A 175 -83.46 -12.13 -160.01
CA GLY A 175 -84.39 -12.12 -158.89
C GLY A 175 -85.37 -13.27 -159.00
N PRO A 176 -84.84 -14.51 -158.81
CA PRO A 176 -85.68 -15.71 -158.88
C PRO A 176 -86.53 -15.85 -157.63
N LYS A 177 -87.34 -16.91 -157.62
CA LYS A 177 -88.21 -17.18 -156.49
C LYS A 177 -88.41 -18.69 -156.35
N GLY A 178 -87.31 -19.37 -156.06
CA GLY A 178 -87.34 -20.80 -155.89
C GLY A 178 -85.95 -21.35 -155.56
N PHE A 179 -85.44 -22.19 -156.46
CA PHE A 179 -84.13 -22.79 -156.28
C PHE A 179 -83.43 -22.98 -157.63
N GLY A 180 -82.11 -22.80 -157.61
CA GLY A 180 -81.32 -22.95 -158.82
C GLY A 180 -80.01 -23.68 -158.51
N PHE A 181 -79.49 -24.36 -159.53
CA PHE A 181 -78.25 -25.09 -159.38
C PHE A 181 -77.43 -25.04 -160.68
N GLY A 182 -76.15 -25.35 -160.54
CA GLY A 182 -75.25 -25.33 -161.68
C GLY A 182 -73.96 -24.59 -161.35
N GLN A 183 -72.85 -25.33 -161.40
CA GLN A 183 -71.56 -24.76 -161.11
C GLN A 183 -70.45 -25.62 -161.73
N GLY A 184 -69.24 -25.07 -161.72
CA GLY A 184 -68.09 -25.77 -162.28
C GLY A 184 -66.85 -25.55 -161.42
N ALA A 185 -65.70 -25.78 -162.04
CA ALA A 185 -64.43 -25.61 -161.34
C ALA A 185 -63.38 -25.11 -162.34
N GLY A 186 -62.26 -24.66 -161.79
CA GLY A 186 -61.18 -24.16 -162.61
C GLY A 186 -59.85 -24.83 -162.23
N ALA A 187 -59.09 -25.18 -163.26
CA ALA A 187 -57.80 -25.82 -163.05
C ALA A 187 -56.69 -24.94 -163.63
N LEU A 188 -55.49 -25.12 -163.10
CA LEU A 188 -54.35 -24.35 -163.55
C LEU A 188 -53.74 -25.02 -164.79
N ILE A 189 -54.37 -24.76 -165.92
CA ILE A 189 -53.91 -25.33 -167.18
C ILE A 189 -52.73 -24.51 -167.70
N HIS A 190 -51.72 -25.23 -168.18
CA HIS A 190 -50.53 -24.58 -168.70
C HIS A 190 -50.70 -24.31 -170.20
N SER A 191 -50.86 -23.04 -170.52
CA SER A 191 -51.05 -22.64 -171.91
C SER A 191 -49.91 -23.19 -172.78
N GLN A 192 -50.26 -24.18 -173.59
CA GLN A 192 -49.29 -24.80 -174.47
C GLN A 192 -49.47 -24.31 -175.90
ZN ZN B . -32.21 -38.46 0.85
ZN ZN C . -25.27 -46.10 -13.62
ZN ZN D . -74.16 12.63 -172.61
ZN ZN E . -83.56 -1.71 -167.39
N MET A 1 -17.21 -20.64 13.46
CA MET A 1 -17.43 -19.45 14.28
C MET A 1 -16.16 -19.06 15.03
N PRO A 2 -15.58 -20.07 15.74
CA PRO A 2 -14.36 -19.84 16.50
C PRO A 2 -13.14 -19.75 15.58
N ASN A 3 -11.99 -19.51 16.20
CA ASN A 3 -10.75 -19.39 15.45
C ASN A 3 -9.66 -20.20 16.15
N TRP A 4 -8.60 -20.47 15.40
CA TRP A 4 -7.48 -21.22 15.94
C TRP A 4 -6.19 -20.49 15.57
N GLY A 5 -5.14 -20.81 16.30
CA GLY A 5 -3.85 -20.19 16.07
C GLY A 5 -2.76 -21.25 15.86
N GLY A 6 -1.55 -20.91 16.28
CA GLY A 6 -0.42 -21.81 16.16
C GLY A 6 0.44 -21.81 17.43
N GLY A 7 1.72 -22.08 17.24
CA GLY A 7 2.65 -22.11 18.35
C GLY A 7 1.99 -22.73 19.59
N LYS A 8 1.84 -21.90 20.62
CA LYS A 8 1.24 -22.35 21.86
C LYS A 8 2.33 -22.91 22.78
N LYS A 9 1.93 -23.17 24.02
CA LYS A 9 2.86 -23.71 25.00
C LYS A 9 3.42 -25.05 24.49
N CYS A 10 4.73 -25.18 24.60
CA CYS A 10 5.40 -26.40 24.16
C CYS A 10 5.48 -27.36 25.34
N GLY A 11 4.72 -28.44 25.23
CA GLY A 11 4.69 -29.45 26.28
C GLY A 11 5.91 -30.37 26.19
N VAL A 12 6.86 -29.97 25.36
CA VAL A 12 8.07 -30.74 25.18
C VAL A 12 9.23 -30.04 25.89
N CYS A 13 9.57 -28.85 25.39
CA CYS A 13 10.65 -28.08 25.96
C CYS A 13 10.11 -27.31 27.17
N GLN A 14 8.82 -27.02 27.10
CA GLN A 14 8.17 -26.29 28.18
C GLN A 14 8.26 -24.78 27.93
N LYS A 15 8.36 -24.43 26.66
CA LYS A 15 8.46 -23.03 26.28
C LYS A 15 7.33 -22.69 25.30
N ALA A 16 6.93 -21.44 25.32
CA ALA A 16 5.87 -20.97 24.44
C ALA A 16 6.35 -21.02 22.99
N VAL A 17 5.41 -21.23 22.09
CA VAL A 17 5.72 -21.32 20.67
C VAL A 17 4.84 -20.32 19.90
N TYR A 18 5.27 -20.04 18.68
CA TYR A 18 4.53 -19.11 17.84
C TYR A 18 3.93 -19.84 16.62
N PHE A 19 3.26 -19.07 15.78
CA PHE A 19 2.64 -19.62 14.59
C PHE A 19 3.58 -19.51 13.39
N ALA A 20 4.29 -20.61 13.13
CA ALA A 20 5.22 -20.66 12.02
C ALA A 20 6.11 -21.90 12.16
N GLU A 21 6.82 -21.95 13.28
CA GLU A 21 7.71 -23.06 13.55
C GLU A 21 6.92 -24.25 14.13
N GLU A 22 5.79 -23.91 14.74
CA GLU A 22 4.94 -24.93 15.34
C GLU A 22 4.92 -26.19 14.47
N VAL A 23 5.10 -27.32 15.13
CA VAL A 23 5.10 -28.60 14.43
C VAL A 23 4.11 -29.55 15.11
N GLN A 24 3.10 -29.95 14.35
CA GLN A 24 2.09 -30.85 14.86
C GLN A 24 2.69 -32.24 15.12
N CYS A 25 1.94 -33.04 15.85
CA CYS A 25 2.39 -34.39 16.19
C CYS A 25 1.18 -35.19 16.68
N GLU A 26 0.36 -35.60 15.73
CA GLU A 26 -0.83 -36.37 16.05
C GLU A 26 -1.45 -35.87 17.36
N GLY A 27 -2.20 -34.79 17.24
CA GLY A 27 -2.86 -34.20 18.41
C GLY A 27 -1.91 -33.27 19.16
N SER A 28 -0.70 -33.77 19.38
CA SER A 28 0.31 -32.99 20.08
C SER A 28 0.93 -31.97 19.14
N SER A 29 1.80 -31.14 19.70
CA SER A 29 2.47 -30.11 18.92
C SER A 29 3.63 -29.52 19.73
N PHE A 30 4.80 -29.51 19.10
CA PHE A 30 5.99 -28.97 19.73
C PHE A 30 6.78 -28.09 18.77
N HIS A 31 7.81 -27.46 19.31
CA HIS A 31 8.64 -26.58 18.52
C HIS A 31 9.12 -27.31 17.26
N LYS A 32 9.95 -26.63 16.49
CA LYS A 32 10.47 -27.20 15.27
C LYS A 32 11.67 -28.10 15.61
N SER A 33 12.67 -27.49 16.23
CA SER A 33 13.86 -28.22 16.62
C SER A 33 13.52 -29.30 17.63
N CYS A 34 12.50 -29.01 18.43
CA CYS A 34 12.06 -29.95 19.44
C CYS A 34 11.73 -31.28 18.76
N PHE A 35 11.11 -31.18 17.60
CA PHE A 35 10.73 -32.35 16.84
C PHE A 35 11.97 -33.05 16.26
N LEU A 36 12.76 -33.63 17.17
CA LEU A 36 13.96 -34.33 16.76
C LEU A 36 13.95 -35.72 17.36
N CYS A 37 14.22 -36.70 16.49
CA CYS A 37 14.24 -38.09 16.91
C CYS A 37 14.99 -38.18 18.24
N MET A 38 14.25 -38.54 19.28
CA MET A 38 14.84 -38.66 20.61
C MET A 38 15.58 -39.98 20.76
N VAL A 39 15.72 -40.68 19.64
CA VAL A 39 16.41 -41.96 19.62
C VAL A 39 17.82 -41.77 19.06
N CYS A 40 17.87 -41.45 17.78
CA CYS A 40 19.14 -41.23 17.11
C CYS A 40 19.64 -39.83 17.44
N LYS A 41 18.69 -38.97 17.80
CA LYS A 41 19.01 -37.60 18.15
C LYS A 41 19.14 -36.78 16.87
N LYS A 42 18.46 -37.23 15.83
CA LYS A 42 18.50 -36.55 14.55
C LYS A 42 17.14 -35.89 14.30
N ASN A 43 17.20 -34.65 13.82
CA ASN A 43 15.99 -33.89 13.54
C ASN A 43 15.00 -34.80 12.78
N LEU A 44 13.73 -34.57 13.06
CA LEU A 44 12.67 -35.35 12.43
C LEU A 44 11.86 -34.43 11.52
N ASP A 45 11.45 -34.99 10.39
CA ASP A 45 10.65 -34.24 9.43
C ASP A 45 9.31 -34.95 9.22
N SER A 46 8.53 -34.40 8.30
CA SER A 46 7.22 -34.97 7.99
C SER A 46 7.34 -35.94 6.81
N THR A 47 7.54 -37.20 7.14
CA THR A 47 7.68 -38.23 6.12
C THR A 47 7.30 -39.60 6.70
N THR A 48 8.11 -40.04 7.65
CA THR A 48 7.88 -41.33 8.28
C THR A 48 8.19 -41.24 9.78
N VAL A 49 7.78 -40.14 10.37
CA VAL A 49 8.00 -39.92 11.80
C VAL A 49 6.87 -40.57 12.60
N ALA A 50 7.23 -41.09 13.76
CA ALA A 50 6.26 -41.74 14.62
C ALA A 50 6.35 -41.13 16.03
N VAL A 51 5.30 -41.39 16.81
CA VAL A 51 5.26 -40.88 18.17
C VAL A 51 5.07 -42.05 19.14
N HIS A 52 5.40 -41.79 20.40
CA HIS A 52 5.27 -42.81 21.43
C HIS A 52 5.10 -42.14 22.79
N GLY A 53 3.95 -42.39 23.40
CA GLY A 53 3.65 -41.82 24.70
C GLY A 53 3.93 -40.31 24.72
N ASP A 54 5.08 -39.97 25.28
CA ASP A 54 5.49 -38.58 25.38
C ASP A 54 6.90 -38.42 24.80
N GLU A 55 7.09 -38.99 23.61
CA GLU A 55 8.37 -38.91 22.95
C GLU A 55 8.19 -39.01 21.43
N ILE A 56 9.19 -38.52 20.72
CA ILE A 56 9.16 -38.54 19.27
C ILE A 56 10.29 -39.45 18.75
N TYR A 57 9.94 -40.24 17.74
CA TYR A 57 10.91 -41.15 17.15
C TYR A 57 10.72 -41.26 15.64
N CYS A 58 11.77 -41.67 14.96
CA CYS A 58 11.72 -41.82 13.51
C CYS A 58 11.42 -43.29 13.19
N LYS A 59 10.45 -43.48 12.31
CA LYS A 59 10.07 -44.81 11.90
C LYS A 59 11.32 -45.68 11.77
N SER A 60 12.22 -45.24 10.92
CA SER A 60 13.46 -45.96 10.69
C SER A 60 13.98 -46.55 12.01
N CYS A 61 13.88 -45.74 13.06
CA CYS A 61 14.32 -46.16 14.37
C CYS A 61 13.36 -47.23 14.89
N TYR A 62 12.09 -46.86 14.94
CA TYR A 62 11.06 -47.78 15.41
C TYR A 62 11.29 -49.18 14.85
N GLY A 63 11.51 -49.24 13.54
CA GLY A 63 11.73 -50.51 12.88
C GLY A 63 13.11 -51.07 13.22
N LYS A 64 14.06 -50.15 13.40
CA LYS A 64 15.43 -50.55 13.72
C LYS A 64 15.43 -51.27 15.07
N LYS A 65 14.58 -50.79 15.97
CA LYS A 65 14.48 -51.38 17.29
C LYS A 65 13.75 -52.72 17.20
N TYR A 66 12.53 -52.65 16.67
CA TYR A 66 11.70 -53.84 16.52
C TYR A 66 12.42 -54.89 15.67
N GLY A 67 13.41 -54.43 14.91
CA GLY A 67 14.17 -55.30 14.05
C GLY A 67 15.29 -56.00 14.82
N PRO A 68 15.73 -57.16 14.27
CA PRO A 68 16.80 -57.94 14.90
C PRO A 68 18.15 -57.27 14.69
N LYS A 69 19.18 -57.90 15.24
CA LYS A 69 20.53 -57.38 15.12
C LYS A 69 21.53 -58.54 15.29
N GLY A 70 22.80 -58.20 15.13
CA GLY A 70 23.86 -59.19 15.26
C GLY A 70 25.15 -58.56 15.77
N LYS A 71 26.19 -59.36 15.83
CA LYS A 71 27.48 -58.89 16.30
C LYS A 71 28.59 -59.80 15.73
N GLY A 72 29.82 -59.42 16.03
CA GLY A 72 30.97 -60.18 15.57
C GLY A 72 32.11 -60.14 16.59
N LYS A 73 33.30 -60.48 16.12
CA LYS A 73 34.47 -60.49 16.97
C LYS A 73 35.72 -60.38 16.11
N GLY A 74 36.87 -60.31 16.78
CA GLY A 74 38.14 -60.20 16.09
C GLY A 74 39.30 -60.13 17.08
N MET A 75 40.50 -60.33 16.56
CA MET A 75 41.70 -60.29 17.39
C MET A 75 42.95 -60.52 16.55
N GLY A 76 44.10 -60.31 17.18
CA GLY A 76 45.37 -60.50 16.51
C GLY A 76 46.43 -59.56 17.08
N ALA A 77 47.59 -60.14 17.37
CA ALA A 77 48.69 -59.36 17.92
C ALA A 77 49.92 -60.26 18.08
N GLY A 78 51.07 -59.63 18.23
CA GLY A 78 52.31 -60.36 18.40
C GLY A 78 53.47 -59.63 17.72
N THR A 79 54.54 -59.45 18.48
CA THR A 79 55.72 -58.76 17.97
C THR A 79 56.98 -59.33 18.63
N LEU A 80 57.89 -59.79 17.79
CA LEU A 80 59.15 -60.35 18.28
C LEU A 80 60.18 -60.32 17.16
N SER A 81 61.44 -60.33 17.56
CA SER A 81 62.53 -60.31 16.60
C SER A 81 63.87 -60.40 17.33
N THR A 82 64.85 -60.97 16.65
CA THR A 82 66.18 -61.12 17.22
C THR A 82 67.25 -61.00 16.12
N ASP A 83 68.33 -60.32 16.47
CA ASP A 83 69.43 -60.13 15.54
C ASP A 83 70.66 -59.64 16.29
N LYS A 84 71.82 -60.01 15.77
CA LYS A 84 73.07 -59.62 16.38
C LYS A 84 74.20 -59.72 15.35
N GLY A 85 75.38 -59.28 15.76
CA GLY A 85 76.53 -59.30 14.88
C GLY A 85 77.64 -58.38 15.40
N GLU A 86 78.84 -58.59 14.87
CA GLU A 86 79.98 -57.79 15.26
C GLU A 86 81.21 -58.19 14.45
N SER A 87 82.13 -57.24 14.33
CA SER A 87 83.36 -57.47 13.58
C SER A 87 84.46 -56.54 14.08
N LEU A 88 85.68 -56.83 13.64
CA LEU A 88 86.82 -56.02 14.03
C LEU A 88 87.39 -55.32 12.79
N GLY A 89 88.19 -54.29 13.05
CA GLY A 89 88.81 -53.54 11.96
C GLY A 89 89.97 -54.32 11.35
N ILE A 90 90.89 -53.56 10.75
CA ILE A 90 92.06 -54.16 10.13
C ILE A 90 93.13 -53.09 9.93
N LYS A 91 94.36 -53.55 9.82
CA LYS A 91 95.49 -52.64 9.63
C LYS A 91 96.01 -52.79 8.19
N TYR A 92 96.87 -51.84 7.82
CA TYR A 92 97.44 -51.85 6.49
C TYR A 92 98.91 -51.42 6.52
N GLU A 93 99.68 -51.96 5.59
CA GLU A 93 101.09 -51.64 5.50
C GLU A 93 101.50 -51.44 4.04
N GLU A 94 102.71 -50.92 3.85
CA GLU A 94 103.22 -50.68 2.52
C GLU A 94 104.69 -50.23 2.60
N GLY A 95 105.38 -50.37 1.48
CA GLY A 95 106.78 -49.99 1.40
C GLY A 95 107.42 -50.51 0.12
N GLN A 96 108.21 -49.64 -0.50
CA GLN A 96 108.89 -50.01 -1.74
C GLN A 96 109.99 -48.98 -2.05
N SER A 97 111.16 -49.51 -2.36
CA SER A 97 112.30 -48.66 -2.68
C SER A 97 113.50 -49.52 -3.07
N HIS A 98 114.03 -49.26 -4.26
CA HIS A 98 115.17 -50.00 -4.75
C HIS A 98 115.63 -49.40 -6.08
N ARG A 99 116.89 -49.65 -6.41
CA ARG A 99 117.45 -49.14 -7.65
C ARG A 99 118.48 -50.15 -8.22
N PRO A 100 117.94 -51.12 -9.00
CA PRO A 100 118.78 -52.14 -9.60
C PRO A 100 119.57 -51.57 -10.78
N THR A 101 120.89 -51.64 -10.66
CA THR A 101 121.76 -51.13 -11.71
C THR A 101 121.80 -52.11 -12.89
N ASN A 102 121.47 -51.58 -14.07
CA ASN A 102 121.47 -52.40 -15.27
C ASN A 102 122.63 -51.96 -16.18
N PRO A 103 123.73 -52.75 -16.11
CA PRO A 103 124.91 -52.46 -16.92
C PRO A 103 124.67 -52.83 -18.38
N ASN A 104 125.37 -52.12 -19.26
CA ASN A 104 125.24 -52.37 -20.68
C ASN A 104 126.10 -51.36 -21.45
N ALA A 105 126.58 -51.79 -22.61
CA ALA A 105 127.41 -50.95 -23.44
C ALA A 105 127.10 -51.22 -24.91
N SER A 106 127.66 -50.37 -25.76
CA SER A 106 127.46 -50.52 -27.20
C SER A 106 128.68 -50.00 -27.95
N ARG A 107 128.71 -50.32 -29.24
CA ARG A 107 129.83 -49.90 -30.08
C ARG A 107 129.30 -49.38 -31.43
N MET A 108 130.13 -48.57 -32.07
CA MET A 108 129.76 -48.00 -33.36
C MET A 108 130.99 -47.43 -34.08
N ALA A 109 131.26 -47.98 -35.25
CA ALA A 109 132.38 -47.53 -36.04
C ALA A 109 132.22 -48.03 -37.48
N GLN A 110 132.22 -47.08 -38.40
CA GLN A 110 132.07 -47.41 -39.81
C GLN A 110 133.02 -46.56 -40.65
N LYS A 111 134.16 -47.14 -40.98
CA LYS A 111 135.16 -46.45 -41.78
C LYS A 111 135.84 -47.45 -42.72
N VAL A 112 135.17 -47.71 -43.83
CA VAL A 112 135.68 -48.64 -44.82
C VAL A 112 135.51 -48.05 -46.22
N GLY A 113 136.55 -48.16 -47.02
CA GLY A 113 136.53 -47.64 -48.37
C GLY A 113 136.96 -48.71 -49.38
N GLY A 114 137.19 -48.27 -50.60
CA GLY A 114 137.61 -49.18 -51.66
C GLY A 114 136.46 -50.10 -52.08
N SER A 115 136.55 -50.57 -53.31
CA SER A 115 135.53 -51.46 -53.86
C SER A 115 136.00 -52.91 -53.78
N ASP A 116 137.12 -53.17 -54.44
CA ASP A 116 137.69 -54.51 -54.45
C ASP A 116 139.20 -54.41 -54.67
N GLY A 117 139.78 -55.54 -55.05
CA GLY A 117 141.22 -55.60 -55.28
C GLY A 117 141.52 -56.33 -56.59
N CYS A 118 142.79 -56.29 -56.97
CA CYS A 118 143.23 -56.94 -58.19
C CYS A 118 143.84 -58.30 -57.82
N PRO A 119 143.10 -59.38 -58.19
CA PRO A 119 143.55 -60.73 -57.90
C PRO A 119 144.68 -61.14 -58.85
N ARG A 120 145.02 -60.21 -59.74
CA ARG A 120 146.08 -60.47 -60.70
C ARG A 120 147.42 -59.92 -60.18
N CYS A 121 147.51 -58.60 -60.18
CA CYS A 121 148.71 -57.94 -59.71
C CYS A 121 148.72 -57.96 -58.19
N GLY A 122 147.52 -57.90 -57.62
CA GLY A 122 147.37 -57.90 -56.18
C GLY A 122 146.98 -56.51 -55.66
N GLN A 123 147.35 -55.50 -56.43
CA GLN A 123 147.04 -54.13 -56.06
C GLN A 123 145.54 -53.94 -55.95
N ALA A 124 145.14 -53.17 -54.96
CA ALA A 124 143.74 -52.89 -54.73
C ALA A 124 143.13 -52.26 -56.00
N VAL A 125 141.81 -52.30 -56.07
CA VAL A 125 141.10 -51.75 -57.21
C VAL A 125 139.89 -50.95 -56.71
N TYR A 126 139.87 -49.68 -57.09
CA TYR A 126 138.79 -48.80 -56.70
C TYR A 126 138.05 -48.26 -57.93
N ALA A 127 138.79 -47.50 -58.73
CA ALA A 127 138.22 -46.91 -59.93
C ALA A 127 139.36 -46.51 -60.88
N ALA A 128 138.99 -45.70 -61.87
CA ALA A 128 139.97 -45.24 -62.85
C ALA A 128 140.31 -46.38 -63.81
N GLU A 129 140.79 -47.47 -63.23
CA GLU A 129 141.16 -48.63 -64.02
C GLU A 129 140.58 -49.90 -63.39
N LYS A 130 139.32 -49.81 -62.98
CA LYS A 130 138.64 -50.93 -62.37
C LYS A 130 137.81 -51.66 -63.43
N VAL A 131 137.96 -52.98 -63.46
CA VAL A 131 137.23 -53.79 -64.41
C VAL A 131 136.55 -54.94 -63.68
N ILE A 132 135.38 -55.32 -64.19
CA ILE A 132 134.62 -56.40 -63.59
C ILE A 132 134.31 -57.45 -64.66
N GLY A 133 134.86 -58.64 -64.45
CA GLY A 133 134.66 -59.74 -65.38
C GLY A 133 134.71 -61.09 -64.66
N ALA A 134 134.03 -62.06 -65.26
CA ALA A 134 133.99 -63.40 -64.68
C ALA A 134 133.67 -63.30 -63.19
N GLY A 135 132.63 -62.53 -62.90
CA GLY A 135 132.21 -62.34 -61.52
C GLY A 135 133.40 -62.02 -60.62
N LYS A 136 134.27 -61.16 -61.13
CA LYS A 136 135.46 -60.77 -60.38
C LYS A 136 135.87 -59.36 -60.81
N SER A 137 136.79 -58.79 -60.04
CA SER A 137 137.27 -57.44 -60.33
C SER A 137 138.79 -57.46 -60.47
N TRP A 138 139.29 -56.60 -61.34
CA TRP A 138 140.72 -56.50 -61.57
C TRP A 138 140.98 -55.20 -62.33
N HIS A 139 142.26 -54.91 -62.51
CA HIS A 139 142.67 -53.70 -63.21
C HIS A 139 142.43 -53.87 -64.72
N LYS A 140 141.74 -52.90 -65.29
CA LYS A 140 141.45 -52.93 -66.71
C LYS A 140 142.76 -53.03 -67.51
N SER A 141 143.84 -52.72 -66.82
CA SER A 141 145.15 -52.77 -67.44
C SER A 141 145.68 -54.20 -67.46
N CYS A 142 145.67 -54.81 -66.29
CA CYS A 142 146.14 -56.18 -66.15
C CYS A 142 145.15 -57.11 -66.86
N PHE A 143 143.91 -57.05 -66.39
CA PHE A 143 142.86 -57.88 -66.97
C PHE A 143 143.08 -58.06 -68.48
N ARG A 144 143.67 -59.18 -68.83
CA ARG A 144 143.94 -59.50 -70.22
C ARG A 144 143.71 -60.98 -70.49
N CYS A 145 143.24 -61.27 -71.70
CA CYS A 145 142.97 -62.64 -72.09
C CYS A 145 144.12 -63.51 -71.60
N ALA A 146 143.75 -64.56 -70.88
CA ALA A 146 144.73 -65.49 -70.35
C ALA A 146 145.01 -66.59 -71.37
N LYS A 147 144.95 -66.20 -72.64
CA LYS A 147 145.19 -67.14 -73.72
C LYS A 147 146.12 -66.49 -74.75
N CYS A 148 145.81 -65.25 -75.09
CA CYS A 148 146.60 -64.52 -76.06
C CYS A 148 147.34 -63.39 -75.32
N GLY A 149 146.82 -63.06 -74.15
CA GLY A 149 147.43 -62.01 -73.34
C GLY A 149 146.98 -60.63 -73.81
N LYS A 150 145.88 -60.62 -74.55
CA LYS A 150 145.34 -59.37 -75.07
C LYS A 150 144.52 -58.69 -73.99
N SER A 151 144.95 -57.48 -73.64
CA SER A 151 144.26 -56.71 -72.63
C SER A 151 142.81 -56.45 -73.04
N LEU A 152 141.91 -56.67 -72.10
CA LEU A 152 140.49 -56.47 -72.36
C LEU A 152 140.04 -55.16 -71.71
N GLU A 153 138.73 -54.92 -71.80
CA GLU A 153 138.17 -53.71 -71.23
C GLU A 153 136.69 -53.58 -71.62
N SER A 154 136.41 -53.94 -72.86
CA SER A 154 135.05 -53.88 -73.37
C SER A 154 134.33 -55.21 -73.12
N THR A 155 133.04 -55.21 -73.44
CA THR A 155 132.23 -56.40 -73.25
C THR A 155 132.54 -57.44 -74.33
N THR A 156 133.82 -57.81 -74.41
CA THR A 156 134.25 -58.78 -75.39
C THR A 156 135.15 -59.84 -74.72
N LEU A 157 134.94 -60.02 -73.43
CA LEU A 157 135.71 -60.99 -72.67
C LEU A 157 134.90 -62.27 -72.54
N ALA A 158 135.58 -63.30 -72.03
CA ALA A 158 134.94 -64.59 -71.84
C ALA A 158 135.35 -65.17 -70.48
N ASP A 159 134.37 -65.25 -69.58
CA ASP A 159 134.63 -65.77 -68.26
C ASP A 159 134.36 -67.28 -68.25
N LYS A 160 135.44 -68.04 -68.34
CA LYS A 160 135.33 -69.49 -68.35
C LYS A 160 135.62 -70.03 -66.94
N ASP A 161 134.55 -70.28 -66.21
CA ASP A 161 134.67 -70.80 -64.86
C ASP A 161 135.83 -70.10 -64.16
N GLY A 162 135.65 -68.80 -63.95
CA GLY A 162 136.68 -68.00 -63.29
C GLY A 162 137.67 -67.43 -64.30
N GLU A 163 138.16 -68.31 -65.17
CA GLU A 163 139.11 -67.91 -66.19
C GLU A 163 138.54 -66.77 -67.03
N ILE A 164 139.44 -66.05 -67.68
CA ILE A 164 139.05 -64.93 -68.52
C ILE A 164 139.81 -65.00 -69.84
N TYR A 165 139.10 -64.74 -70.92
CA TYR A 165 139.69 -64.77 -72.25
C TYR A 165 139.01 -63.76 -73.18
N CYS A 166 139.43 -63.78 -74.43
CA CYS A 166 138.87 -62.88 -75.42
C CYS A 166 137.81 -63.63 -76.22
N LYS A 167 136.81 -62.89 -76.68
CA LYS A 167 135.74 -63.48 -77.46
C LYS A 167 136.34 -64.40 -78.53
N GLY A 168 137.40 -63.92 -79.16
CA GLY A 168 138.07 -64.69 -80.20
C GLY A 168 138.54 -66.03 -79.66
N CYS A 169 138.85 -66.05 -78.37
CA CYS A 169 139.32 -67.26 -77.72
C CYS A 169 138.10 -68.12 -77.38
N TYR A 170 137.12 -67.48 -76.77
CA TYR A 170 135.91 -68.17 -76.37
C TYR A 170 135.23 -68.82 -77.58
N ALA A 171 135.37 -68.15 -78.72
CA ALA A 171 134.77 -68.64 -79.95
C ALA A 171 135.66 -69.74 -80.54
N LYS A 172 136.89 -69.36 -80.83
CA LYS A 172 137.85 -70.30 -81.40
C LYS A 172 137.84 -71.59 -80.58
N ASN A 173 138.17 -71.46 -79.31
CA ASN A 173 138.19 -72.61 -78.41
C ASN A 173 137.01 -73.52 -78.73
N PHE A 174 135.89 -72.90 -79.04
CA PHE A 174 134.67 -73.64 -79.37
C PHE A 174 134.13 -73.23 -80.73
N GLY A 175 134.94 -73.43 -81.75
CA GLY A 175 134.56 -73.09 -83.10
C GLY A 175 133.88 -74.27 -83.80
N PRO A 176 133.37 -74.00 -85.04
CA PRO A 176 132.71 -75.03 -85.81
C PRO A 176 133.71 -76.01 -86.41
N LYS A 177 133.20 -77.12 -86.90
CA LYS A 177 134.04 -78.14 -87.50
C LYS A 177 133.42 -78.60 -88.83
N GLY A 178 134.26 -78.65 -89.84
CA GLY A 178 133.81 -79.06 -91.16
C GLY A 178 134.96 -79.66 -91.98
N PHE A 179 134.65 -80.71 -92.71
CA PHE A 179 135.64 -81.37 -93.53
C PHE A 179 135.01 -81.98 -94.78
N GLY A 180 135.76 -81.96 -95.86
CA GLY A 180 135.29 -82.51 -97.13
C GLY A 180 135.68 -81.60 -98.29
N PHE A 181 136.62 -82.08 -99.09
CA PHE A 181 137.08 -81.32 -100.25
C PHE A 181 137.95 -82.19 -101.16
N GLY A 182 138.16 -81.69 -102.36
CA GLY A 182 138.96 -82.42 -103.34
C GLY A 182 138.08 -83.17 -104.33
N GLN A 183 137.51 -82.40 -105.27
CA GLN A 183 136.64 -82.99 -106.27
C GLN A 183 136.64 -82.12 -107.54
N GLY A 184 136.48 -82.78 -108.67
CA GLY A 184 136.46 -82.10 -109.94
C GLY A 184 135.26 -82.52 -110.79
N ALA A 185 135.51 -82.69 -112.07
CA ALA A 185 134.46 -83.10 -112.99
C ALA A 185 135.07 -83.45 -114.35
N GLY A 186 134.32 -84.19 -115.14
CA GLY A 186 134.77 -84.58 -116.46
C GLY A 186 133.59 -84.89 -117.38
N ALA A 187 133.39 -84.01 -118.36
CA ALA A 187 132.31 -84.18 -119.31
C ALA A 187 132.86 -84.72 -120.62
N LEU A 188 131.95 -85.02 -121.53
CA LEU A 188 132.34 -85.56 -122.83
C LEU A 188 131.10 -85.64 -123.73
N ILE A 189 131.36 -85.70 -125.03
CA ILE A 189 130.29 -85.78 -126.00
C ILE A 189 129.16 -84.82 -125.60
N HIS A 190 129.52 -83.53 -125.55
CA HIS A 190 128.56 -82.51 -125.19
C HIS A 190 127.50 -82.38 -126.28
N SER A 191 126.28 -82.76 -125.92
CA SER A 191 125.17 -82.70 -126.85
C SER A 191 123.86 -82.52 -126.10
N GLN A 192 123.59 -83.48 -125.22
CA GLN A 192 122.36 -83.44 -124.44
C GLN A 192 121.17 -83.08 -125.31
ZN ZN B . 9.59 -27.01 22.13
ZN ZN C . 15.87 -41.93 14.76
ZN ZN D . 145.95 -55.34 -61.68
ZN ZN E . 142.56 -64.54 -76.37
N MET A 1 -17.21 -20.64 13.46
CA MET A 1 -17.43 -19.45 14.28
C MET A 1 -16.27 -18.46 14.12
N PRO A 2 -16.45 -17.54 13.13
CA PRO A 2 -15.43 -16.53 12.88
C PRO A 2 -15.45 -15.44 13.95
N ASN A 3 -14.56 -14.47 13.77
CA ASN A 3 -14.45 -13.37 14.72
C ASN A 3 -15.77 -12.59 14.73
N TRP A 4 -15.91 -11.73 15.72
CA TRP A 4 -17.10 -10.91 15.85
C TRP A 4 -16.84 -9.86 16.93
N GLY A 5 -17.66 -8.81 16.90
CA GLY A 5 -17.53 -7.74 17.87
C GLY A 5 -18.44 -6.56 17.51
N GLY A 6 -18.52 -5.61 18.42
CA GLY A 6 -19.35 -4.43 18.21
C GLY A 6 -18.56 -3.16 18.51
N GLY A 7 -19.30 -2.10 18.77
CA GLY A 7 -18.70 -0.81 19.07
C GLY A 7 -19.54 -0.02 20.07
N LYS A 8 -19.46 1.29 19.96
CA LYS A 8 -20.21 2.16 20.86
C LYS A 8 -20.84 3.30 20.05
N LYS A 9 -22.16 3.39 20.11
CA LYS A 9 -22.87 4.43 19.40
C LYS A 9 -22.64 5.78 20.08
N CYS A 10 -21.97 6.66 19.38
CA CYS A 10 -21.68 7.98 19.90
C CYS A 10 -22.99 8.77 19.98
N GLY A 11 -23.47 8.94 21.20
CA GLY A 11 -24.71 9.66 21.43
C GLY A 11 -24.47 11.18 21.41
N VAL A 12 -23.25 11.54 21.05
CA VAL A 12 -22.89 12.95 20.97
C VAL A 12 -23.01 13.43 19.53
N CYS A 13 -22.18 12.86 18.67
CA CYS A 13 -22.20 13.23 17.26
C CYS A 13 -23.28 12.41 16.57
N GLN A 14 -23.60 11.27 17.16
CA GLN A 14 -24.62 10.39 16.61
C GLN A 14 -24.00 9.46 15.57
N LYS A 15 -22.71 9.17 15.76
CA LYS A 15 -22.01 8.29 14.86
C LYS A 15 -21.52 7.05 15.62
N ALA A 16 -21.46 5.93 14.90
CA ALA A 16 -21.01 4.69 15.50
C ALA A 16 -19.52 4.76 15.78
N VAL A 17 -19.12 4.16 16.89
CA VAL A 17 -17.71 4.15 17.28
C VAL A 17 -17.19 2.71 17.27
N TYR A 18 -15.92 2.58 16.98
CA TYR A 18 -15.29 1.27 16.92
C TYR A 18 -13.76 1.40 17.01
N PHE A 19 -13.24 1.08 18.19
CA PHE A 19 -11.81 1.15 18.41
C PHE A 19 -11.25 2.52 18.02
N ALA A 20 -9.94 2.62 18.02
CA ALA A 20 -9.26 3.86 17.67
C ALA A 20 -9.23 4.78 18.89
N GLU A 21 -10.41 5.14 19.37
CA GLU A 21 -10.52 6.02 20.52
C GLU A 21 -11.64 5.52 21.45
N GLU A 22 -12.87 5.86 21.08
CA GLU A 22 -14.02 5.45 21.87
C GLU A 22 -13.81 5.81 23.34
N VAL A 23 -14.37 6.95 23.72
CA VAL A 23 -14.26 7.43 25.09
C VAL A 23 -15.55 7.11 25.84
N GLN A 24 -15.39 6.70 27.09
CA GLN A 24 -16.53 6.38 27.93
C GLN A 24 -16.50 7.20 29.22
N CYS A 25 -17.68 7.36 29.81
CA CYS A 25 -17.80 8.12 31.04
C CYS A 25 -19.16 7.79 31.67
N GLU A 26 -19.12 7.46 32.95
CA GLU A 26 -20.32 7.13 33.67
C GLU A 26 -21.14 6.07 32.91
N GLY A 27 -22.16 6.55 32.21
CA GLY A 27 -23.01 5.67 31.43
C GLY A 27 -23.17 6.19 30.00
N SER A 28 -22.07 6.68 29.45
CA SER A 28 -22.08 7.21 28.09
C SER A 28 -20.70 7.05 27.47
N SER A 29 -20.64 7.33 26.17
CA SER A 29 -19.38 7.23 25.45
C SER A 29 -19.47 8.05 24.15
N PHE A 30 -18.39 8.78 23.89
CA PHE A 30 -18.33 9.60 22.69
C PHE A 30 -16.93 9.57 22.07
N HIS A 31 -16.84 10.01 20.83
CA HIS A 31 -15.58 10.04 20.12
C HIS A 31 -14.63 10.99 20.84
N LYS A 32 -13.36 10.58 20.90
CA LYS A 32 -12.34 11.39 21.56
C LYS A 32 -12.55 12.85 21.19
N SER A 33 -12.56 13.12 19.89
CA SER A 33 -12.74 14.46 19.39
C SER A 33 -14.00 15.07 20.00
N CYS A 34 -15.05 14.27 20.04
CA CYS A 34 -16.32 14.71 20.59
C CYS A 34 -16.10 15.09 22.06
N PHE A 35 -15.38 14.22 22.76
CA PHE A 35 -15.10 14.44 24.16
C PHE A 35 -14.17 15.65 24.35
N LEU A 36 -14.78 16.83 24.33
CA LEU A 36 -14.03 18.06 24.49
C LEU A 36 -14.67 18.90 25.60
N CYS A 37 -13.83 19.39 26.49
CA CYS A 37 -14.30 20.21 27.60
C CYS A 37 -15.28 21.25 27.05
N MET A 38 -16.54 21.08 27.41
CA MET A 38 -17.58 21.99 26.95
C MET A 38 -17.53 23.31 27.73
N VAL A 39 -16.53 23.40 28.61
CA VAL A 39 -16.36 24.59 29.41
C VAL A 39 -15.31 25.50 28.77
N CYS A 40 -14.06 25.09 28.89
CA CYS A 40 -12.96 25.85 28.32
C CYS A 40 -13.00 25.70 26.80
N LYS A 41 -13.65 24.62 26.37
CA LYS A 41 -13.77 24.36 24.94
C LYS A 41 -12.48 23.71 24.43
N LYS A 42 -11.76 23.11 25.35
CA LYS A 42 -10.51 22.44 25.02
C LYS A 42 -10.73 20.93 24.96
N ASN A 43 -10.18 20.32 23.93
CA ASN A 43 -10.32 18.88 23.75
C ASN A 43 -9.97 18.18 25.06
N LEU A 44 -10.68 17.09 25.32
CA LEU A 44 -10.45 16.32 26.54
C LEU A 44 -9.98 14.93 26.17
N ASP A 45 -8.86 14.54 26.77
CA ASP A 45 -8.28 13.23 26.51
C ASP A 45 -7.19 12.94 27.54
N SER A 46 -7.62 12.75 28.78
CA SER A 46 -6.69 12.46 29.86
C SER A 46 -7.42 11.74 31.00
N THR A 47 -6.63 11.31 31.98
CA THR A 47 -7.18 10.61 33.13
C THR A 47 -7.50 11.59 34.25
N THR A 48 -8.20 12.65 33.88
CA THR A 48 -8.58 13.67 34.84
C THR A 48 -9.76 14.49 34.32
N VAL A 49 -10.82 13.79 33.96
CA VAL A 49 -12.02 14.44 33.44
C VAL A 49 -13.19 14.14 34.38
N ALA A 50 -14.33 14.75 34.04
CA ALA A 50 -15.53 14.56 34.84
C ALA A 50 -16.75 14.93 34.00
N VAL A 51 -17.91 14.51 34.48
CA VAL A 51 -19.16 14.79 33.79
C VAL A 51 -20.07 15.61 34.70
N HIS A 52 -20.89 16.43 34.07
CA HIS A 52 -21.82 17.27 34.81
C HIS A 52 -22.71 18.05 33.82
N GLY A 53 -23.88 18.43 34.31
CA GLY A 53 -24.83 19.17 33.50
C GLY A 53 -24.94 18.55 32.09
N ASP A 54 -25.20 17.26 32.07
CA ASP A 54 -25.33 16.55 30.81
C ASP A 54 -24.26 17.04 29.83
N GLU A 55 -23.04 17.15 30.35
CA GLU A 55 -21.92 17.60 29.54
C GLU A 55 -20.61 17.04 30.08
N ILE A 56 -19.53 17.34 29.37
CA ILE A 56 -18.21 16.88 29.77
C ILE A 56 -17.35 18.07 30.16
N TYR A 57 -16.64 17.91 31.26
CA TYR A 57 -15.76 18.97 31.75
C TYR A 57 -14.47 18.39 32.33
N CYS A 58 -13.39 19.11 32.11
CA CYS A 58 -12.09 18.69 32.61
C CYS A 58 -12.04 18.93 34.11
N LYS A 59 -11.47 17.97 34.82
CA LYS A 59 -11.35 18.07 36.27
C LYS A 59 -11.05 19.52 36.65
N SER A 60 -9.89 19.98 36.22
CA SER A 60 -9.47 21.34 36.51
C SER A 60 -10.69 22.28 36.52
N CYS A 61 -11.46 22.18 35.45
CA CYS A 61 -12.65 23.01 35.32
C CYS A 61 -13.60 22.68 36.48
N TYR A 62 -13.90 21.40 36.61
CA TYR A 62 -14.78 20.95 37.67
C TYR A 62 -14.40 21.58 39.01
N GLY A 63 -13.14 21.44 39.36
CA GLY A 63 -12.64 21.99 40.61
C GLY A 63 -12.62 23.52 40.56
N LYS A 64 -12.57 24.04 39.34
CA LYS A 64 -12.55 25.48 39.14
C LYS A 64 -13.90 26.07 39.52
N LYS A 65 -14.94 25.53 38.89
CA LYS A 65 -16.30 25.99 39.14
C LYS A 65 -16.68 25.67 40.59
N TYR A 66 -16.41 24.43 40.98
CA TYR A 66 -16.72 24.00 42.33
C TYR A 66 -15.95 24.82 43.36
N GLY A 67 -14.72 25.15 43.02
CA GLY A 67 -13.88 25.95 43.90
C GLY A 67 -14.69 27.01 44.63
N PRO A 68 -15.06 26.67 45.89
CA PRO A 68 -15.84 27.58 46.72
C PRO A 68 -14.98 28.73 47.23
N LYS A 69 -15.63 29.65 47.93
CA LYS A 69 -14.93 30.80 48.49
C LYS A 69 -15.63 31.25 49.77
N GLY A 70 -14.84 31.77 50.69
CA GLY A 70 -15.37 32.24 51.96
C GLY A 70 -14.76 33.58 52.35
N LYS A 71 -15.18 34.07 53.51
CA LYS A 71 -14.69 35.34 54.00
C LYS A 71 -15.10 35.51 55.46
N GLY A 72 -14.59 36.58 56.08
CA GLY A 72 -14.90 36.86 57.46
C GLY A 72 -14.54 38.31 57.81
N LYS A 73 -14.91 38.70 59.03
CA LYS A 73 -14.63 40.04 59.50
C LYS A 73 -13.78 39.97 60.77
N GLY A 74 -13.40 41.14 61.26
CA GLY A 74 -12.58 41.22 62.46
C GLY A 74 -13.01 42.41 63.33
N MET A 75 -12.53 42.40 64.57
CA MET A 75 -12.84 43.46 65.50
C MET A 75 -12.14 43.24 66.85
N GLY A 76 -12.01 44.33 67.60
CA GLY A 76 -11.36 44.26 68.89
C GLY A 76 -10.76 45.61 69.28
N ALA A 77 -11.06 46.04 70.49
CA ALA A 77 -10.56 47.32 70.98
C ALA A 77 -10.82 47.40 72.49
N GLY A 78 -10.05 48.28 73.13
CA GLY A 78 -10.19 48.48 74.57
C GLY A 78 -8.82 48.66 75.23
N THR A 79 -8.81 49.47 76.26
CA THR A 79 -7.57 49.74 76.98
C THR A 79 -7.88 50.33 78.37
N LEU A 80 -7.02 49.99 79.32
CA LEU A 80 -7.18 50.48 80.67
C LEU A 80 -5.84 50.43 81.41
N SER A 81 -5.61 51.44 82.23
CA SER A 81 -4.37 51.50 83.00
C SER A 81 -4.38 52.73 83.91
N THR A 82 -3.91 52.53 85.12
CA THR A 82 -3.87 53.60 86.10
C THR A 82 -3.10 53.15 87.35
N ASP A 83 -2.45 54.11 87.99
CA ASP A 83 -1.68 53.83 89.18
C ASP A 83 -1.01 55.12 89.67
N LYS A 84 -1.01 55.29 90.99
CA LYS A 84 -0.40 56.46 91.59
C LYS A 84 -0.45 56.33 93.11
N GLY A 85 0.56 56.91 93.75
CA GLY A 85 0.65 56.87 95.20
C GLY A 85 2.05 57.24 95.68
N GLU A 86 2.13 58.40 96.32
CA GLU A 86 3.41 58.89 96.83
C GLU A 86 3.21 60.21 97.57
N SER A 87 4.11 60.46 98.51
CA SER A 87 4.05 61.67 99.30
C SER A 87 5.18 61.70 100.33
N LEU A 88 6.33 62.13 99.88
CA LEU A 88 7.50 62.21 100.75
C LEU A 88 7.99 63.66 100.81
N GLY A 89 8.20 64.12 102.04
CA GLY A 89 8.66 65.48 102.26
C GLY A 89 9.07 65.69 103.72
N ILE A 90 10.27 66.23 103.89
CA ILE A 90 10.78 66.48 105.22
C ILE A 90 11.94 67.49 105.13
N LYS A 91 12.01 68.35 106.14
CA LYS A 91 13.05 69.36 106.18
C LYS A 91 13.25 69.81 107.63
N TYR A 92 14.46 70.31 107.89
CA TYR A 92 14.79 70.78 109.23
C TYR A 92 15.50 72.14 109.17
N GLU A 93 15.42 72.85 110.29
CA GLU A 93 16.05 74.16 110.38
C GLU A 93 16.45 74.46 111.82
N GLU A 94 17.51 75.26 111.96
CA GLU A 94 18.01 75.62 113.27
C GLU A 94 19.20 76.57 113.14
N GLY A 95 19.47 77.27 114.23
CA GLY A 95 20.58 78.22 114.25
C GLY A 95 20.68 78.92 115.61
N GLN A 96 21.85 78.79 116.21
CA GLN A 96 22.09 79.40 117.52
C GLN A 96 23.59 79.62 117.74
N SER A 97 23.89 80.46 118.71
CA SER A 97 25.27 80.75 119.04
C SER A 97 25.44 80.93 120.54
N HIS A 98 26.68 80.79 121.00
CA HIS A 98 26.97 80.93 122.41
C HIS A 98 28.38 81.52 122.59
N ARG A 99 28.67 81.92 123.81
CA ARG A 99 29.97 82.49 124.12
C ARG A 99 30.33 82.22 125.58
N PRO A 100 31.11 81.12 125.79
CA PRO A 100 31.53 80.74 127.13
C PRO A 100 32.65 81.65 127.63
N THR A 101 33.04 81.44 128.87
CA THR A 101 34.09 82.23 129.49
C THR A 101 35.32 81.36 129.77
N ASN A 102 36.47 82.00 129.72
CA ASN A 102 37.73 81.31 129.96
C ASN A 102 38.53 82.07 131.03
N PRO A 103 38.95 81.30 132.07
CA PRO A 103 39.72 81.90 133.16
C PRO A 103 41.16 82.16 132.73
N ASN A 104 41.85 82.96 133.53
CA ASN A 104 43.23 83.30 133.24
C ASN A 104 44.14 82.65 134.29
N ALA A 105 45.36 82.39 133.88
CA ALA A 105 46.33 81.78 134.78
C ALA A 105 47.74 82.23 134.39
N SER A 106 48.68 81.96 135.27
CA SER A 106 50.07 82.33 135.03
C SER A 106 51.01 81.29 135.64
N ARG A 107 52.25 81.33 135.19
CA ARG A 107 53.26 80.39 135.69
C ARG A 107 54.64 81.05 135.67
N MET A 108 55.52 80.52 136.52
CA MET A 108 56.87 81.04 136.62
C MET A 108 57.51 81.14 135.23
N ALA A 109 58.57 81.94 135.17
CA ALA A 109 59.29 82.13 133.92
C ALA A 109 60.54 81.25 133.91
N GLN A 110 60.91 80.82 132.72
CA GLN A 110 62.08 79.97 132.55
C GLN A 110 63.26 80.79 132.02
N LYS A 111 64.39 80.63 132.69
CA LYS A 111 65.60 81.35 132.31
C LYS A 111 66.17 80.71 131.04
N VAL A 112 67.20 81.37 130.51
CA VAL A 112 67.85 80.88 129.30
C VAL A 112 69.26 80.41 129.65
N GLY A 113 69.73 79.43 128.88
CA GLY A 113 71.05 78.88 129.09
C GLY A 113 72.01 79.32 127.99
N GLY A 114 72.71 80.42 128.25
CA GLY A 114 73.67 80.95 127.30
C GLY A 114 75.06 80.36 127.51
N SER A 115 75.67 79.96 126.40
CA SER A 115 77.01 79.37 126.45
C SER A 115 78.06 80.48 126.51
N ASP A 116 78.04 81.33 125.50
CA ASP A 116 78.99 82.43 125.42
C ASP A 116 78.48 83.48 124.44
N GLY A 117 79.41 84.25 123.90
CA GLY A 117 79.07 85.29 122.94
C GLY A 117 79.95 85.19 121.69
N CYS A 118 79.58 85.97 120.68
CA CYS A 118 80.33 85.98 119.44
C CYS A 118 81.23 87.21 119.43
N PRO A 119 82.56 86.96 119.58
CA PRO A 119 83.53 88.04 119.58
C PRO A 119 83.75 88.58 118.17
N ARG A 120 83.04 88.01 117.23
CA ARG A 120 83.15 88.42 115.84
C ARG A 120 82.05 89.44 115.50
N CYS A 121 80.83 88.95 115.42
CA CYS A 121 79.69 89.80 115.11
C CYS A 121 79.34 90.60 116.36
N GLY A 122 79.65 90.02 117.51
CA GLY A 122 79.38 90.68 118.78
C GLY A 122 78.11 90.11 119.42
N GLN A 123 77.27 89.51 118.58
CA GLN A 123 76.04 88.93 119.05
C GLN A 123 76.32 87.71 119.94
N ALA A 124 75.52 87.59 120.99
CA ALA A 124 75.67 86.48 121.92
C ALA A 124 75.53 85.15 121.17
N VAL A 125 75.99 84.09 121.81
CA VAL A 125 75.93 82.77 121.21
C VAL A 125 75.39 81.78 122.24
N TYR A 126 74.23 81.22 121.93
CA TYR A 126 73.61 80.25 122.82
C TYR A 126 73.96 78.82 122.40
N ALA A 127 73.46 77.87 123.20
CA ALA A 127 73.72 76.47 122.92
C ALA A 127 73.62 76.22 121.41
N ALA A 128 72.40 76.39 120.90
CA ALA A 128 72.15 76.18 119.48
C ALA A 128 72.78 77.33 118.69
N GLU A 129 73.47 76.96 117.61
CA GLU A 129 74.13 77.95 116.77
C GLU A 129 75.39 78.48 117.46
N LYS A 130 76.31 77.58 117.73
CA LYS A 130 77.55 77.95 118.39
C LYS A 130 78.70 77.11 117.83
N VAL A 131 79.83 77.75 117.66
CA VAL A 131 81.00 77.08 117.13
C VAL A 131 82.22 77.42 118.00
N ILE A 132 83.13 76.46 118.11
CA ILE A 132 84.33 76.64 118.90
C ILE A 132 85.56 76.42 118.00
N GLY A 133 86.34 77.48 117.85
CA GLY A 133 87.54 77.42 117.03
C GLY A 133 88.63 78.33 117.59
N ALA A 134 89.86 77.84 117.48
CA ALA A 134 91.01 78.60 117.98
C ALA A 134 90.73 79.04 119.42
N GLY A 135 90.24 78.09 120.21
CA GLY A 135 89.94 78.37 121.61
C GLY A 135 89.04 79.60 121.74
N LYS A 136 88.12 79.73 120.79
CA LYS A 136 87.20 80.85 120.79
C LYS A 136 85.81 80.37 120.37
N SER A 137 84.80 81.14 120.76
CA SER A 137 83.44 80.80 120.43
C SER A 137 82.84 81.87 119.51
N TRP A 138 82.12 81.40 118.50
CA TRP A 138 81.50 82.31 117.55
C TRP A 138 80.36 81.55 116.86
N HIS A 139 79.60 82.29 116.06
CA HIS A 139 78.48 81.71 115.35
C HIS A 139 79.00 80.78 114.26
N LYS A 140 78.47 79.56 114.26
CA LYS A 140 78.87 78.56 113.27
C LYS A 140 78.39 79.00 111.89
N SER A 141 79.04 80.04 111.37
CA SER A 141 78.69 80.56 110.06
C SER A 141 79.37 81.91 109.85
N CYS A 142 79.17 82.80 110.82
CA CYS A 142 79.75 84.13 110.75
C CYS A 142 81.27 83.99 110.67
N PHE A 143 81.76 82.93 111.30
CA PHE A 143 83.19 82.66 111.31
C PHE A 143 83.85 83.12 110.01
N ARG A 144 84.42 84.31 110.05
CA ARG A 144 85.08 84.87 108.88
C ARG A 144 86.60 84.76 109.03
N CYS A 145 87.28 84.80 107.90
CA CYS A 145 88.73 84.71 107.89
C CYS A 145 89.30 86.07 108.32
N ALA A 146 90.14 86.04 109.33
CA ALA A 146 90.76 87.25 109.84
C ALA A 146 92.06 87.52 109.08
N LYS A 147 92.04 87.15 107.80
CA LYS A 147 93.21 87.35 106.96
C LYS A 147 92.77 87.96 105.62
N CYS A 148 91.71 87.38 105.08
CA CYS A 148 91.17 87.85 103.80
C CYS A 148 89.82 88.53 104.06
N GLY A 149 89.24 88.16 105.20
CA GLY A 149 87.95 88.72 105.58
C GLY A 149 86.80 87.98 104.88
N LYS A 150 87.12 86.79 104.40
CA LYS A 150 86.14 85.98 103.70
C LYS A 150 85.26 85.27 104.74
N SER A 151 84.27 84.55 104.23
CA SER A 151 83.36 83.81 105.09
C SER A 151 83.83 82.36 105.24
N LEU A 152 83.56 81.80 106.41
CA LEU A 152 83.94 80.43 106.69
C LEU A 152 82.76 79.68 107.28
N GLU A 153 83.00 78.43 107.66
CA GLU A 153 81.96 77.60 108.24
C GLU A 153 82.57 76.54 109.15
N SER A 154 83.63 76.95 109.85
CA SER A 154 84.32 76.05 110.77
C SER A 154 85.14 75.03 109.97
N THR A 155 84.45 74.30 109.12
CA THR A 155 85.10 73.28 108.30
C THR A 155 86.33 73.87 107.60
N THR A 156 86.07 74.93 106.84
CA THR A 156 87.14 75.59 106.12
C THR A 156 87.76 76.70 106.97
N LEU A 157 87.82 76.44 108.27
CA LEU A 157 88.38 77.40 109.21
C LEU A 157 89.72 76.88 109.73
N ALA A 158 90.66 77.79 109.87
CA ALA A 158 91.99 77.44 110.35
C ALA A 158 92.29 78.24 111.62
N ASP A 159 92.44 77.51 112.72
CA ASP A 159 92.72 78.13 114.00
C ASP A 159 94.24 78.10 114.25
N LYS A 160 94.89 79.19 113.87
CA LYS A 160 96.33 79.30 114.05
C LYS A 160 96.66 80.61 114.73
N ASP A 161 97.65 80.56 115.62
CA ASP A 161 98.07 81.74 116.35
C ASP A 161 96.84 82.46 116.91
N GLY A 162 96.12 81.76 117.77
CA GLY A 162 94.92 82.31 118.37
C GLY A 162 94.14 83.16 117.36
N GLU A 163 94.19 82.72 116.11
CA GLU A 163 93.49 83.42 115.05
C GLU A 163 92.71 82.43 114.18
N ILE A 164 91.69 82.96 113.51
CA ILE A 164 90.87 82.13 112.64
C ILE A 164 91.04 82.61 111.19
N TYR A 165 91.30 81.64 110.32
CA TYR A 165 91.48 81.95 108.91
C TYR A 165 90.72 80.94 108.03
N CYS A 166 90.89 81.11 106.73
CA CYS A 166 90.23 80.23 105.77
C CYS A 166 91.22 79.16 105.33
N LYS A 167 90.71 77.96 105.11
CA LYS A 167 91.54 76.85 104.68
C LYS A 167 92.48 77.31 103.58
N GLY A 168 91.93 78.11 102.67
CA GLY A 168 92.71 78.63 101.56
C GLY A 168 93.94 79.39 102.05
N CYS A 169 93.78 80.00 103.21
CA CYS A 169 94.87 80.76 103.80
C CYS A 169 95.80 79.79 104.53
N TYR A 170 95.20 78.90 105.30
CA TYR A 170 95.95 77.91 106.04
C TYR A 170 96.85 77.08 105.10
N ALA A 171 96.36 76.91 103.87
CA ALA A 171 97.10 76.16 102.88
C ALA A 171 98.06 77.08 102.15
N LYS A 172 97.48 78.02 101.41
CA LYS A 172 98.27 78.98 100.66
C LYS A 172 99.38 79.55 101.56
N ASN A 173 98.94 80.30 102.56
CA ASN A 173 99.88 80.92 103.49
C ASN A 173 101.01 79.93 103.79
N PHE A 174 100.66 78.66 103.80
CA PHE A 174 101.62 77.61 104.07
C PHE A 174 101.77 76.67 102.86
N GLY A 175 102.14 77.27 101.74
CA GLY A 175 102.32 76.51 100.52
C GLY A 175 103.53 77.02 99.73
N PRO A 176 104.07 76.12 98.85
CA PRO A 176 105.22 76.47 98.04
C PRO A 176 104.82 77.40 96.89
N LYS A 177 105.80 78.16 96.41
CA LYS A 177 105.56 79.09 95.33
C LYS A 177 106.14 78.51 94.03
N GLY A 178 105.84 79.17 92.93
CA GLY A 178 106.31 78.75 91.63
C GLY A 178 107.14 79.85 90.95
N PHE A 179 108.07 79.41 90.11
CA PHE A 179 108.92 80.35 89.40
C PHE A 179 108.28 80.79 88.09
N GLY A 180 107.88 79.80 87.30
CA GLY A 180 107.26 80.07 86.02
C GLY A 180 107.75 79.09 84.94
N PHE A 181 107.28 79.32 83.73
CA PHE A 181 107.66 78.47 82.61
C PHE A 181 107.37 79.16 81.28
N GLY A 182 107.88 78.55 80.21
CA GLY A 182 107.69 79.09 78.88
C GLY A 182 108.64 78.44 77.88
N GLN A 183 108.46 78.81 76.62
CA GLN A 183 109.29 78.26 75.56
C GLN A 183 110.16 79.37 74.95
N GLY A 184 109.61 80.57 74.92
CA GLY A 184 110.31 81.72 74.37
C GLY A 184 109.95 81.93 72.90
N ALA A 185 108.86 82.65 72.69
CA ALA A 185 108.40 82.93 71.34
C ALA A 185 107.48 84.15 71.37
N GLY A 186 108.09 85.31 71.50
CA GLY A 186 107.34 86.56 71.54
C GLY A 186 107.69 87.45 70.35
N ALA A 187 106.70 88.20 69.89
CA ALA A 187 106.89 89.09 68.76
C ALA A 187 107.22 88.27 67.52
N LEU A 188 106.38 88.42 66.50
CA LEU A 188 106.57 87.70 65.26
C LEU A 188 105.66 88.31 64.18
N ILE A 189 106.30 88.84 63.15
CA ILE A 189 105.57 89.45 62.05
C ILE A 189 105.12 88.36 61.07
N HIS A 190 103.89 88.48 60.61
CA HIS A 190 103.34 87.52 59.68
C HIS A 190 103.15 86.18 60.37
N SER A 191 101.92 85.67 60.28
CA SER A 191 101.59 84.40 60.89
C SER A 191 102.26 83.26 60.13
N GLN A 192 101.93 83.17 58.85
CA GLN A 192 102.50 82.14 58.01
C GLN A 192 102.97 82.73 56.67
ZN ZN B . -18.69 11.29 18.42
ZN ZN C . -11.90 22.61 30.85
ZN ZN D . 78.82 85.61 115.00
ZN ZN E . 91.71 83.77 104.38
N MET A 1 -17.21 -20.64 13.46
CA MET A 1 -17.43 -19.45 14.28
C MET A 1 -18.51 -19.71 15.33
N PRO A 2 -19.68 -20.21 14.85
CA PRO A 2 -20.79 -20.49 15.73
C PRO A 2 -20.54 -21.76 16.54
N ASN A 3 -21.44 -22.02 17.49
CA ASN A 3 -21.32 -23.19 18.34
C ASN A 3 -22.68 -23.47 18.98
N TRP A 4 -22.90 -24.76 19.29
CA TRP A 4 -24.14 -25.16 19.91
C TRP A 4 -23.80 -25.97 21.16
N GLY A 5 -24.75 -26.02 22.08
CA GLY A 5 -24.56 -26.76 23.32
C GLY A 5 -25.69 -26.47 24.31
N GLY A 6 -25.92 -27.44 25.18
CA GLY A 6 -26.98 -27.30 26.18
C GLY A 6 -27.00 -28.50 27.12
N GLY A 7 -28.16 -28.75 27.70
CA GLY A 7 -28.33 -29.86 28.61
C GLY A 7 -27.85 -31.17 27.98
N LYS A 8 -28.31 -31.41 26.76
CA LYS A 8 -27.94 -32.60 26.04
C LYS A 8 -28.92 -33.73 26.39
N LYS A 9 -28.80 -34.82 25.65
CA LYS A 9 -29.67 -35.97 25.88
C LYS A 9 -29.41 -36.54 27.28
N CYS A 10 -30.49 -36.71 28.02
CA CYS A 10 -30.40 -37.24 29.36
C CYS A 10 -30.45 -38.76 29.29
N GLY A 11 -29.31 -39.38 29.58
CA GLY A 11 -29.21 -40.83 29.55
C GLY A 11 -29.79 -41.44 30.83
N VAL A 12 -30.40 -40.59 31.64
CA VAL A 12 -30.99 -41.03 32.88
C VAL A 12 -32.50 -41.18 32.70
N CYS A 13 -33.15 -40.04 32.48
CA CYS A 13 -34.59 -40.03 32.28
C CYS A 13 -34.88 -40.42 30.84
N GLN A 14 -33.92 -40.15 29.98
CA GLN A 14 -34.06 -40.47 28.56
C GLN A 14 -34.74 -39.32 27.82
N LYS A 15 -34.55 -38.12 28.36
CA LYS A 15 -35.16 -36.94 27.76
C LYS A 15 -34.05 -35.90 27.50
N ALA A 16 -34.29 -35.08 26.48
CA ALA A 16 -33.33 -34.04 26.12
C ALA A 16 -33.27 -33.00 27.23
N VAL A 17 -32.13 -32.35 27.33
CA VAL A 17 -31.93 -31.33 28.34
C VAL A 17 -31.45 -30.03 27.67
N TYR A 18 -31.83 -28.92 28.27
CA TYR A 18 -31.45 -27.62 27.75
C TYR A 18 -30.72 -26.79 28.80
N PHE A 19 -30.42 -25.56 28.43
CA PHE A 19 -29.74 -24.65 29.34
C PHE A 19 -30.71 -24.04 30.35
N ALA A 20 -31.50 -24.91 30.96
CA ALA A 20 -32.47 -24.48 31.95
C ALA A 20 -32.07 -25.01 33.32
N GLU A 21 -31.93 -26.32 33.40
CA GLU A 21 -31.54 -26.96 34.64
C GLU A 21 -30.81 -28.28 34.37
N GLU A 22 -29.75 -28.17 33.57
CA GLU A 22 -28.95 -29.33 33.22
C GLU A 22 -27.80 -29.52 34.21
N VAL A 23 -27.47 -30.77 34.45
CA VAL A 23 -26.39 -31.09 35.38
C VAL A 23 -25.50 -32.15 34.76
N GLN A 24 -24.25 -31.79 34.53
CA GLN A 24 -23.28 -32.69 33.95
C GLN A 24 -22.46 -33.37 35.05
N CYS A 25 -22.10 -34.62 34.78
CA CYS A 25 -21.32 -35.39 35.73
C CYS A 25 -20.32 -36.25 34.95
N GLU A 26 -19.10 -36.29 35.46
CA GLU A 26 -18.05 -37.07 34.82
C GLU A 26 -18.60 -38.41 34.34
N GLY A 27 -18.76 -38.49 33.02
CA GLY A 27 -19.28 -39.70 32.41
C GLY A 27 -20.50 -39.40 31.54
N SER A 28 -21.48 -38.76 32.14
CA SER A 28 -22.70 -38.41 31.42
C SER A 28 -23.34 -37.17 32.06
N SER A 29 -24.33 -36.64 31.36
CA SER A 29 -25.03 -35.46 31.85
C SER A 29 -26.53 -35.78 32.01
N PHE A 30 -27.05 -35.45 33.19
CA PHE A 30 -28.45 -35.69 33.48
C PHE A 30 -29.12 -34.41 33.99
N HIS A 31 -30.45 -34.44 33.99
CA HIS A 31 -31.22 -33.30 34.46
C HIS A 31 -30.78 -32.93 35.88
N LYS A 32 -31.35 -31.84 36.37
CA LYS A 32 -31.03 -31.37 37.71
C LYS A 32 -31.57 -32.35 38.74
N SER A 33 -32.89 -32.53 38.71
CA SER A 33 -33.54 -33.44 39.62
C SER A 33 -33.03 -34.86 39.42
N CYS A 34 -32.73 -35.17 38.16
CA CYS A 34 -32.23 -36.48 37.81
C CYS A 34 -30.99 -36.78 38.67
N PHE A 35 -30.21 -35.73 38.90
CA PHE A 35 -29.01 -35.87 39.70
C PHE A 35 -29.35 -36.14 41.16
N LEU A 36 -29.89 -37.32 41.41
CA LEU A 36 -30.25 -37.71 42.76
C LEU A 36 -29.74 -39.12 43.04
N CYS A 37 -29.13 -39.26 44.20
CA CYS A 37 -28.59 -40.56 44.61
C CYS A 37 -29.63 -41.63 44.31
N MET A 38 -29.28 -42.51 43.37
CA MET A 38 -30.16 -43.58 42.97
C MET A 38 -30.12 -44.73 43.98
N VAL A 39 -29.46 -44.47 45.09
CA VAL A 39 -29.32 -45.46 46.15
C VAL A 39 -30.25 -45.10 47.31
N CYS A 40 -29.90 -44.02 47.98
CA CYS A 40 -30.69 -43.55 49.11
C CYS A 40 -31.91 -42.82 48.57
N LYS A 41 -31.80 -42.38 47.32
CA LYS A 41 -32.90 -41.66 46.68
C LYS A 41 -32.88 -40.20 47.14
N LYS A 42 -31.72 -39.78 47.61
CA LYS A 42 -31.56 -38.41 48.08
C LYS A 42 -30.83 -37.59 47.02
N ASN A 43 -31.40 -36.43 46.72
CA ASN A 43 -30.81 -35.55 45.73
C ASN A 43 -29.32 -35.35 46.03
N LEU A 44 -28.55 -35.15 44.96
CA LEU A 44 -27.12 -34.95 45.10
C LEU A 44 -26.72 -33.64 44.42
N ASP A 45 -25.72 -33.00 44.99
CA ASP A 45 -25.24 -31.74 44.44
C ASP A 45 -24.55 -30.94 45.55
N SER A 46 -23.24 -31.09 45.61
CA SER A 46 -22.45 -30.39 46.61
C SER A 46 -20.99 -30.81 46.53
N THR A 47 -20.65 -31.85 47.27
CA THR A 47 -19.29 -32.35 47.28
C THR A 47 -19.25 -33.74 47.92
N THR A 48 -19.48 -34.75 47.10
CA THR A 48 -19.47 -36.13 47.57
C THR A 48 -20.12 -37.04 46.53
N VAL A 49 -21.04 -36.47 45.77
CA VAL A 49 -21.74 -37.23 44.75
C VAL A 49 -20.72 -37.98 43.89
N ALA A 50 -21.11 -39.17 43.44
CA ALA A 50 -20.25 -39.99 42.61
C ALA A 50 -21.05 -40.52 41.42
N VAL A 51 -20.32 -41.02 40.44
CA VAL A 51 -20.94 -41.56 39.24
C VAL A 51 -20.59 -43.05 39.11
N HIS A 52 -21.57 -43.81 38.64
CA HIS A 52 -21.37 -45.24 38.47
C HIS A 52 -22.30 -45.75 37.38
N GLY A 53 -21.73 -46.54 36.47
CA GLY A 53 -22.49 -47.10 35.37
C GLY A 53 -23.40 -46.04 34.74
N ASP A 54 -24.68 -46.14 35.06
CA ASP A 54 -25.66 -45.21 34.54
C ASP A 54 -26.54 -44.71 35.68
N GLU A 55 -25.89 -44.26 36.74
CA GLU A 55 -26.59 -43.74 37.89
C GLU A 55 -25.64 -42.96 38.80
N ILE A 56 -26.22 -42.13 39.65
CA ILE A 56 -25.44 -41.31 40.56
C ILE A 56 -25.59 -41.87 41.98
N TYR A 57 -24.48 -41.83 42.72
CA TYR A 57 -24.48 -42.33 44.08
C TYR A 57 -23.54 -41.49 44.95
N CYS A 58 -24.07 -41.08 46.09
CA CYS A 58 -23.30 -40.28 47.03
C CYS A 58 -22.16 -41.14 47.58
N LYS A 59 -21.01 -40.51 47.74
CA LYS A 59 -19.84 -41.20 48.26
C LYS A 59 -20.28 -42.18 49.36
N SER A 60 -20.81 -41.62 50.43
CA SER A 60 -21.27 -42.41 51.55
C SER A 60 -21.83 -43.74 51.05
N CYS A 61 -22.76 -43.64 50.09
CA CYS A 61 -23.37 -44.82 49.53
C CYS A 61 -22.27 -45.70 48.92
N TYR A 62 -21.55 -45.12 47.97
CA TYR A 62 -20.48 -45.84 47.31
C TYR A 62 -19.66 -46.65 48.31
N GLY A 63 -19.11 -45.94 49.28
CA GLY A 63 -18.30 -46.58 50.31
C GLY A 63 -19.14 -47.55 51.14
N LYS A 64 -20.45 -47.31 51.14
CA LYS A 64 -21.36 -48.15 51.88
C LYS A 64 -21.50 -49.50 51.17
N LYS A 65 -21.51 -49.43 49.85
CA LYS A 65 -21.64 -50.63 49.04
C LYS A 65 -20.28 -51.31 48.92
N TYR A 66 -19.35 -50.57 48.31
CA TYR A 66 -17.99 -51.08 48.13
C TYR A 66 -17.35 -51.45 49.46
N GLY A 67 -17.71 -50.69 50.48
CA GLY A 67 -17.18 -50.92 51.81
C GLY A 67 -17.22 -52.40 52.18
N PRO A 68 -16.61 -52.73 53.33
CA PRO A 68 -16.58 -54.11 53.80
C PRO A 68 -17.93 -54.53 54.37
N LYS A 69 -18.09 -55.83 54.55
CA LYS A 69 -19.34 -56.37 55.08
C LYS A 69 -19.10 -56.89 56.50
N GLY A 70 -20.17 -57.33 57.13
CA GLY A 70 -20.09 -57.86 58.47
C GLY A 70 -19.97 -59.39 58.46
N LYS A 71 -20.83 -60.03 59.25
CA LYS A 71 -20.84 -61.47 59.33
C LYS A 71 -22.04 -61.92 60.16
N GLY A 72 -22.27 -63.23 60.15
CA GLY A 72 -23.38 -63.80 60.89
C GLY A 72 -22.93 -64.99 61.73
N LYS A 73 -23.89 -65.83 62.09
CA LYS A 73 -23.60 -67.01 62.90
C LYS A 73 -24.71 -68.04 62.70
N GLY A 74 -24.32 -69.31 62.79
CA GLY A 74 -25.26 -70.39 62.62
C GLY A 74 -25.10 -71.43 63.74
N MET A 75 -26.24 -71.92 64.21
CA MET A 75 -26.23 -72.91 65.27
C MET A 75 -27.59 -73.63 65.36
N GLY A 76 -27.53 -74.90 65.73
CA GLY A 76 -28.73 -75.70 65.85
C GLY A 76 -28.39 -77.18 66.03
N ALA A 77 -29.42 -77.95 66.36
CA ALA A 77 -29.25 -79.38 66.56
C ALA A 77 -30.60 -80.04 66.79
N GLY A 78 -30.61 -81.36 66.75
CA GLY A 78 -31.84 -82.11 66.95
C GLY A 78 -31.66 -83.57 66.55
N THR A 79 -31.72 -84.43 67.57
CA THR A 79 -31.56 -85.86 67.34
C THR A 79 -32.40 -86.65 68.35
N LEU A 80 -33.04 -87.70 67.85
CA LEU A 80 -33.87 -88.54 68.70
C LEU A 80 -34.20 -89.83 67.95
N SER A 81 -34.72 -90.79 68.70
CA SER A 81 -35.09 -92.08 68.13
C SER A 81 -35.77 -92.94 69.18
N THR A 82 -37.00 -93.34 68.87
CA THR A 82 -37.77 -94.17 69.79
C THR A 82 -39.06 -94.65 69.09
N ASP A 83 -39.37 -95.92 69.33
CA ASP A 83 -40.57 -96.51 68.75
C ASP A 83 -40.78 -97.90 69.35
N LYS A 84 -41.83 -98.00 70.16
CA LYS A 84 -42.16 -99.26 70.79
C LYS A 84 -43.59 -99.20 71.34
N GLY A 85 -44.27 -100.34 71.27
CA GLY A 85 -45.64 -100.42 71.75
C GLY A 85 -46.29 -101.72 71.32
N GLU A 86 -46.83 -102.44 72.29
CA GLU A 86 -47.48 -103.71 72.02
C GLU A 86 -48.26 -104.18 73.25
N SER A 87 -49.17 -105.11 73.03
CA SER A 87 -49.98 -105.65 74.10
C SER A 87 -50.86 -106.79 73.58
N LEU A 88 -50.95 -107.84 74.37
CA LEU A 88 -51.75 -108.99 74.00
C LEU A 88 -51.77 -109.99 75.16
N GLY A 89 -52.82 -110.80 75.19
CA GLY A 89 -52.97 -111.79 76.23
C GLY A 89 -54.41 -111.84 76.75
N ILE A 90 -55.09 -112.92 76.41
CA ILE A 90 -56.47 -113.10 76.83
C ILE A 90 -56.92 -114.53 76.50
N LYS A 91 -57.43 -115.20 77.52
CA LYS A 91 -57.90 -116.56 77.35
C LYS A 91 -59.31 -116.70 77.95
N TYR A 92 -60.03 -117.69 77.46
CA TYR A 92 -61.39 -117.93 77.94
C TYR A 92 -61.59 -119.41 78.28
N GLU A 93 -62.72 -119.68 78.91
CA GLU A 93 -63.04 -121.05 79.30
C GLU A 93 -64.48 -121.39 78.88
N GLU A 94 -64.70 -122.68 78.67
CA GLU A 94 -66.02 -123.14 78.25
C GLU A 94 -66.20 -124.61 78.65
N GLY A 95 -67.41 -124.93 79.09
CA GLY A 95 -67.73 -126.28 79.50
C GLY A 95 -68.93 -126.30 80.45
N GLN A 96 -69.97 -127.00 80.03
CA GLN A 96 -71.18 -127.11 80.83
C GLN A 96 -71.88 -128.44 80.57
N SER A 97 -72.69 -128.85 81.53
CA SER A 97 -73.41 -130.10 81.41
C SER A 97 -74.82 -129.95 82.01
N HIS A 98 -75.64 -130.97 81.78
CA HIS A 98 -77.00 -130.95 82.30
C HIS A 98 -77.59 -132.36 82.22
N ARG A 99 -78.73 -132.53 82.86
CA ARG A 99 -79.40 -133.81 82.87
C ARG A 99 -80.86 -133.65 83.31
N PRO A 100 -81.76 -133.54 82.29
CA PRO A 100 -83.17 -133.37 82.56
C PRO A 100 -83.80 -134.69 83.01
N THR A 101 -85.07 -134.61 83.37
CA THR A 101 -85.80 -135.79 83.81
C THR A 101 -87.07 -135.97 82.99
N ASN A 102 -87.46 -137.23 82.84
CA ASN A 102 -88.65 -137.55 82.07
C ASN A 102 -89.89 -137.39 82.96
N PRO A 103 -90.73 -136.40 82.59
CA PRO A 103 -91.95 -136.13 83.35
C PRO A 103 -93.01 -137.19 83.07
N ASN A 104 -94.08 -137.12 83.84
CA ASN A 104 -95.19 -138.07 83.69
C ASN A 104 -96.49 -137.39 84.08
N ALA A 105 -97.57 -137.84 83.45
CA ALA A 105 -98.88 -137.28 83.72
C ALA A 105 -99.94 -138.37 83.53
N SER A 106 -101.16 -138.03 83.89
CA SER A 106 -102.27 -138.97 83.76
C SER A 106 -103.53 -138.24 83.28
N ARG A 107 -104.54 -139.02 82.92
CA ARG A 107 -105.79 -138.46 82.44
C ARG A 107 -106.97 -139.03 83.24
N MET A 108 -108.10 -138.36 83.13
CA MET A 108 -109.30 -138.79 83.82
C MET A 108 -110.52 -138.00 83.35
N ALA A 109 -111.59 -138.74 83.09
CA ALA A 109 -112.83 -138.12 82.63
C ALA A 109 -113.88 -138.22 83.73
N GLN A 110 -115.00 -137.55 83.51
CA GLN A 110 -116.08 -137.55 84.47
C GLN A 110 -117.38 -137.09 83.81
N LYS A 111 -118.45 -137.82 84.10
CA LYS A 111 -119.75 -137.51 83.54
C LYS A 111 -120.78 -137.46 84.66
N VAL A 112 -121.70 -136.50 84.53
CA VAL A 112 -122.75 -136.34 85.53
C VAL A 112 -124.09 -136.11 84.82
N GLY A 113 -125.10 -136.81 85.32
CA GLY A 113 -126.43 -136.71 84.74
C GLY A 113 -127.39 -136.01 85.71
N GLY A 114 -128.57 -135.68 85.19
CA GLY A 114 -129.58 -135.02 85.99
C GLY A 114 -130.94 -135.02 85.29
N SER A 115 -131.99 -135.15 86.08
CA SER A 115 -133.33 -135.16 85.55
C SER A 115 -133.66 -133.80 84.93
N ASP A 116 -134.67 -133.80 84.06
CA ASP A 116 -135.10 -132.59 83.40
C ASP A 116 -136.56 -132.73 82.96
N GLY A 117 -136.91 -131.99 81.92
CA GLY A 117 -138.26 -132.02 81.39
C GLY A 117 -138.25 -132.04 79.86
N CYS A 118 -139.43 -132.23 79.30
CA CYS A 118 -139.57 -132.26 77.85
C CYS A 118 -140.13 -130.91 77.40
N PRO A 119 -139.23 -130.11 76.75
CA PRO A 119 -139.60 -128.81 76.25
C PRO A 119 -140.47 -128.91 75.00
N ARG A 120 -140.72 -130.15 74.60
CA ARG A 120 -141.53 -130.42 73.42
C ARG A 120 -142.99 -130.62 73.82
N CYS A 121 -143.24 -131.76 74.46
CA CYS A 121 -144.58 -132.08 74.90
C CYS A 121 -144.90 -131.27 76.15
N GLY A 122 -143.85 -130.99 76.92
CA GLY A 122 -144.00 -130.22 78.14
C GLY A 122 -144.17 -131.15 79.35
N GLN A 123 -143.72 -132.38 79.18
CA GLN A 123 -143.81 -133.36 80.25
C GLN A 123 -142.43 -133.67 80.82
N ALA A 124 -142.36 -133.70 82.14
CA ALA A 124 -141.11 -133.98 82.82
C ALA A 124 -140.41 -135.16 82.15
N VAL A 125 -139.10 -135.20 82.31
CA VAL A 125 -138.31 -136.28 81.73
C VAL A 125 -137.32 -136.81 82.76
N TYR A 126 -137.46 -138.10 83.06
CA TYR A 126 -136.58 -138.73 84.03
C TYR A 126 -136.61 -140.26 83.88
N ALA A 127 -137.81 -140.80 83.89
CA ALA A 127 -137.98 -142.24 83.77
C ALA A 127 -137.71 -142.64 82.32
N ALA A 128 -138.08 -143.88 82.01
CA ALA A 128 -137.88 -144.41 80.66
C ALA A 128 -138.23 -143.32 79.64
N GLU A 129 -137.47 -143.32 78.54
CA GLU A 129 -137.69 -142.34 77.49
C GLU A 129 -137.12 -140.98 77.90
N LYS A 130 -135.83 -140.98 78.20
CA LYS A 130 -135.16 -139.76 78.60
C LYS A 130 -133.95 -139.53 77.71
N VAL A 131 -134.14 -138.71 76.68
CA VAL A 131 -133.06 -138.39 75.75
C VAL A 131 -132.41 -137.08 76.16
N ILE A 132 -131.15 -136.93 75.78
CA ILE A 132 -130.40 -135.72 76.09
C ILE A 132 -129.63 -135.27 74.85
N GLY A 133 -130.01 -134.10 74.35
CA GLY A 133 -129.36 -133.55 73.17
C GLY A 133 -129.34 -132.02 73.22
N ALA A 134 -128.36 -131.45 72.54
CA ALA A 134 -128.22 -130.00 72.50
C ALA A 134 -128.35 -129.45 73.92
N GLY A 135 -127.59 -130.04 74.82
CA GLY A 135 -127.60 -129.61 76.21
C GLY A 135 -129.03 -129.44 76.72
N LYS A 136 -129.87 -130.40 76.33
CA LYS A 136 -131.27 -130.38 76.74
C LYS A 136 -131.76 -131.82 76.90
N SER A 137 -132.94 -131.94 77.49
CA SER A 137 -133.54 -133.24 77.72
C SER A 137 -134.97 -133.27 77.18
N TRP A 138 -135.31 -134.36 76.52
CA TRP A 138 -136.64 -134.52 75.95
C TRP A 138 -136.93 -136.02 75.84
N HIS A 139 -138.17 -136.33 75.49
CA HIS A 139 -138.58 -137.71 75.34
C HIS A 139 -138.05 -138.26 74.01
N LYS A 140 -137.24 -139.31 74.12
CA LYS A 140 -136.67 -139.93 72.94
C LYS A 140 -137.75 -140.10 71.88
N SER A 141 -139.00 -140.20 72.35
CA SER A 141 -140.12 -140.36 71.46
C SER A 141 -140.37 -139.06 70.68
N CYS A 142 -140.48 -137.98 71.44
CA CYS A 142 -140.71 -136.67 70.85
C CYS A 142 -139.45 -136.26 70.08
N PHE A 143 -138.36 -136.17 70.81
CA PHE A 143 -137.08 -135.79 70.21
C PHE A 143 -136.95 -136.36 68.80
N ARG A 144 -137.28 -135.54 67.83
CA ARG A 144 -137.20 -135.94 66.43
C ARG A 144 -136.57 -134.83 65.59
N CYS A 145 -135.79 -135.25 64.60
CA CYS A 145 -135.13 -134.31 63.72
C CYS A 145 -136.13 -133.19 63.37
N ALA A 146 -135.69 -131.96 63.58
CA ALA A 146 -136.53 -130.81 63.30
C ALA A 146 -136.32 -130.38 61.84
N LYS A 147 -136.07 -131.37 61.00
CA LYS A 147 -135.85 -131.09 59.58
C LYS A 147 -136.65 -132.10 58.75
N CYS A 148 -136.56 -133.35 59.15
CA CYS A 148 -137.28 -134.41 58.44
C CYS A 148 -138.40 -134.91 59.35
N GLY A 149 -138.27 -134.60 60.63
CA GLY A 149 -139.27 -135.00 61.60
C GLY A 149 -139.08 -136.48 61.98
N LYS A 150 -137.92 -137.00 61.63
CA LYS A 150 -137.61 -138.39 61.93
C LYS A 150 -137.12 -138.50 63.38
N SER A 151 -137.87 -139.26 64.16
CA SER A 151 -137.53 -139.45 65.57
C SER A 151 -136.10 -139.99 65.68
N LEU A 152 -135.37 -139.43 66.64
CA LEU A 152 -133.99 -139.83 66.86
C LEU A 152 -133.94 -140.81 68.04
N GLU A 153 -132.72 -141.17 68.42
CA GLU A 153 -132.52 -142.09 69.52
C GLU A 153 -131.02 -142.33 69.75
N SER A 154 -130.43 -143.05 68.81
CA SER A 154 -129.01 -143.36 68.89
C SER A 154 -128.19 -142.06 68.95
N THR A 155 -126.90 -142.22 69.15
CA THR A 155 -126.00 -141.08 69.23
C THR A 155 -125.66 -140.58 67.82
N THR A 156 -126.71 -140.33 67.05
CA THR A 156 -126.53 -139.84 65.69
C THR A 156 -127.39 -138.60 65.45
N LEU A 157 -127.51 -137.79 66.50
CA LEU A 157 -128.30 -136.57 66.42
C LEU A 157 -127.37 -135.39 66.14
N ALA A 158 -127.98 -134.27 65.76
CA ALA A 158 -127.22 -133.07 65.46
C ALA A 158 -127.83 -131.89 66.22
N ASP A 159 -127.19 -131.53 67.32
CA ASP A 159 -127.65 -130.42 68.13
C ASP A 159 -127.01 -129.12 67.64
N LYS A 160 -127.76 -128.38 66.85
CA LYS A 160 -127.27 -127.12 66.31
C LYS A 160 -127.46 -126.02 67.36
N ASP A 161 -126.55 -126.01 68.33
CA ASP A 161 -126.61 -125.02 69.38
C ASP A 161 -127.86 -125.24 70.22
N GLY A 162 -129.00 -124.96 69.61
CA GLY A 162 -130.27 -125.13 70.30
C GLY A 162 -131.20 -126.07 69.51
N GLU A 163 -131.03 -126.04 68.19
CA GLU A 163 -131.84 -126.88 67.32
C GLU A 163 -131.34 -128.33 67.36
N ILE A 164 -132.18 -129.22 66.86
CA ILE A 164 -131.84 -130.63 66.83
C ILE A 164 -132.23 -131.22 65.48
N TYR A 165 -131.36 -132.08 64.97
CA TYR A 165 -131.59 -132.72 63.69
C TYR A 165 -130.93 -134.09 63.63
N CYS A 166 -131.00 -134.70 62.45
CA CYS A 166 -130.41 -136.01 62.25
C CYS A 166 -129.04 -135.83 61.59
N LYS A 167 -128.11 -136.70 61.97
CA LYS A 167 -126.77 -136.64 61.43
C LYS A 167 -126.84 -136.51 59.90
N GLY A 168 -127.78 -137.24 59.33
CA GLY A 168 -127.97 -137.21 57.89
C GLY A 168 -128.28 -135.80 57.40
N CYS A 169 -128.89 -135.02 58.29
CA CYS A 169 -129.26 -133.66 57.96
C CYS A 169 -128.02 -132.77 58.18
N TYR A 170 -127.42 -132.95 59.35
CA TYR A 170 -126.23 -132.17 59.69
C TYR A 170 -125.12 -132.38 58.65
N ALA A 171 -125.08 -133.58 58.11
CA ALA A 171 -124.08 -133.91 57.10
C ALA A 171 -124.55 -133.41 55.74
N LYS A 172 -125.67 -133.95 55.28
CA LYS A 172 -126.23 -133.57 54.00
C LYS A 172 -126.24 -132.04 53.89
N ASN A 173 -126.99 -131.41 54.78
CA ASN A 173 -127.09 -129.96 54.80
C ASN A 173 -125.72 -129.35 54.49
N PHE A 174 -124.69 -130.00 55.03
CA PHE A 174 -123.33 -129.53 54.83
C PHE A 174 -122.48 -130.61 54.16
N GLY A 175 -122.93 -131.02 52.98
CA GLY A 175 -122.22 -132.04 52.23
C GLY A 175 -121.54 -131.43 51.00
N PRO A 176 -120.71 -132.28 50.33
CA PRO A 176 -119.99 -131.84 49.15
C PRO A 176 -120.91 -131.74 47.94
N LYS A 177 -121.50 -130.56 47.77
CA LYS A 177 -122.41 -130.34 46.66
C LYS A 177 -122.82 -128.86 46.64
N GLY A 178 -122.91 -128.32 45.44
CA GLY A 178 -123.29 -126.93 45.26
C GLY A 178 -122.09 -126.09 44.80
N PHE A 179 -122.16 -125.65 43.55
CA PHE A 179 -121.11 -124.84 42.97
C PHE A 179 -121.52 -124.28 41.61
N GLY A 180 -121.72 -122.97 41.58
CA GLY A 180 -122.13 -122.31 40.36
C GLY A 180 -121.79 -120.81 40.41
N PHE A 181 -121.19 -120.33 39.34
CA PHE A 181 -120.81 -118.93 39.26
C PHE A 181 -120.49 -118.53 37.81
N GLY A 182 -120.49 -117.23 37.58
CA GLY A 182 -120.20 -116.71 36.25
C GLY A 182 -120.75 -115.28 36.10
N GLN A 183 -119.82 -114.35 35.98
CA GLN A 183 -120.20 -112.95 35.83
C GLN A 183 -118.97 -112.11 35.48
N GLY A 184 -119.23 -110.89 35.03
CA GLY A 184 -118.16 -109.97 34.66
C GLY A 184 -118.70 -108.78 33.88
N ALA A 185 -118.45 -107.59 34.43
CA ALA A 185 -118.91 -106.37 33.79
C ALA A 185 -117.85 -105.28 33.97
N GLY A 186 -117.94 -104.27 33.13
CA GLY A 186 -116.99 -103.17 33.18
C GLY A 186 -117.71 -101.82 32.99
N ALA A 187 -117.06 -100.78 33.47
CA ALA A 187 -117.61 -99.44 33.36
C ALA A 187 -116.59 -98.42 33.85
N LEU A 188 -116.70 -97.21 33.33
CA LEU A 188 -115.79 -96.14 33.70
C LEU A 188 -116.41 -94.79 33.32
N ILE A 189 -117.38 -94.38 34.13
CA ILE A 189 -118.06 -93.12 33.88
C ILE A 189 -117.96 -92.25 35.14
N HIS A 190 -116.86 -91.52 35.24
CA HIS A 190 -116.62 -90.65 36.38
C HIS A 190 -117.77 -89.64 36.48
N SER A 191 -117.89 -88.83 35.45
CA SER A 191 -118.94 -87.81 35.41
C SER A 191 -118.89 -86.98 36.70
N GLN A 192 -117.96 -86.04 36.72
CA GLN A 192 -117.80 -85.17 37.87
C GLN A 192 -118.30 -83.76 37.55
ZN ZN B . -32.97 -36.33 33.19
ZN ZN C . -26.79 -41.95 48.72
ZN ZN D . -141.82 -135.32 75.08
ZN ZN E . -133.30 -134.92 59.44
N MET A 1 -17.21 -20.64 13.46
CA MET A 1 -17.43 -19.45 14.28
C MET A 1 -18.92 -19.14 14.41
N PRO A 2 -19.60 -19.08 13.24
CA PRO A 2 -21.02 -18.80 13.20
C PRO A 2 -21.84 -20.02 13.65
N ASN A 3 -23.16 -19.85 13.65
CA ASN A 3 -24.04 -20.92 14.06
C ASN A 3 -24.94 -21.31 12.86
N TRP A 4 -24.47 -22.30 12.12
CA TRP A 4 -25.21 -22.78 10.97
C TRP A 4 -25.40 -21.60 10.01
N GLY A 5 -25.71 -21.93 8.76
CA GLY A 5 -25.90 -20.92 7.74
C GLY A 5 -26.83 -21.43 6.63
N GLY A 6 -26.25 -21.58 5.45
CA GLY A 6 -26.99 -22.06 4.31
C GLY A 6 -26.60 -21.31 3.03
N GLY A 7 -26.34 -22.08 1.99
CA GLY A 7 -25.95 -21.50 0.71
C GLY A 7 -25.05 -20.27 0.92
N LYS A 8 -25.56 -19.12 0.51
CA LYS A 8 -24.82 -17.88 0.64
C LYS A 8 -23.91 -17.71 -0.57
N LYS A 9 -23.34 -16.51 -0.68
CA LYS A 9 -22.45 -16.21 -1.79
C LYS A 9 -21.19 -17.07 -1.69
N CYS A 10 -20.95 -17.81 -2.76
CA CYS A 10 -19.79 -18.69 -2.80
C CYS A 10 -18.55 -17.85 -3.16
N GLY A 11 -17.69 -17.68 -2.18
CA GLY A 11 -16.47 -16.89 -2.38
C GLY A 11 -15.41 -17.72 -3.10
N VAL A 12 -15.81 -18.90 -3.54
CA VAL A 12 -14.90 -19.78 -4.25
C VAL A 12 -15.17 -19.68 -5.76
N CYS A 13 -16.34 -20.15 -6.16
CA CYS A 13 -16.73 -20.11 -7.56
C CYS A 13 -17.20 -18.70 -7.89
N GLN A 14 -17.69 -18.01 -6.86
CA GLN A 14 -18.17 -16.66 -7.03
C GLN A 14 -19.65 -16.67 -7.45
N LYS A 15 -20.33 -17.74 -7.06
CA LYS A 15 -21.74 -17.89 -7.38
C LYS A 15 -22.54 -18.06 -6.09
N ALA A 16 -23.78 -17.58 -6.13
CA ALA A 16 -24.66 -17.68 -4.98
C ALA A 16 -25.03 -19.14 -4.73
N VAL A 17 -25.23 -19.47 -3.47
CA VAL A 17 -25.58 -20.82 -3.09
C VAL A 17 -26.90 -20.80 -2.32
N TYR A 18 -27.68 -21.86 -2.50
CA TYR A 18 -28.96 -21.99 -1.83
C TYR A 18 -28.85 -22.88 -0.59
N PHE A 19 -28.61 -24.15 -0.83
CA PHE A 19 -28.48 -25.11 0.25
C PHE A 19 -28.24 -26.53 -0.29
N ALA A 20 -28.17 -27.47 0.64
CA ALA A 20 -27.94 -28.86 0.26
C ALA A 20 -26.48 -29.05 -0.15
N GLU A 21 -26.12 -28.40 -1.25
CA GLU A 21 -24.77 -28.48 -1.76
C GLU A 21 -23.83 -27.66 -0.89
N GLU A 22 -24.32 -26.51 -0.46
CA GLU A 22 -23.53 -25.63 0.38
C GLU A 22 -22.70 -26.43 1.37
N VAL A 23 -21.45 -26.03 1.52
CA VAL A 23 -20.55 -26.71 2.44
C VAL A 23 -19.80 -25.66 3.27
N GLN A 24 -20.00 -25.74 4.58
CA GLN A 24 -19.35 -24.82 5.49
C GLN A 24 -17.90 -25.23 5.73
N CYS A 25 -17.02 -24.26 5.59
CA CYS A 25 -15.59 -24.50 5.78
C CYS A 25 -15.02 -23.37 6.62
N GLU A 26 -14.24 -23.75 7.63
CA GLU A 26 -13.63 -22.78 8.51
C GLU A 26 -13.13 -21.57 7.72
N GLY A 27 -13.90 -20.49 7.82
CA GLY A 27 -13.54 -19.27 7.11
C GLY A 27 -14.71 -18.78 6.25
N SER A 28 -15.17 -19.67 5.38
CA SER A 28 -16.28 -19.35 4.49
C SER A 28 -16.97 -20.62 4.03
N SER A 29 -18.02 -20.44 3.25
CA SER A 29 -18.78 -21.57 2.73
C SER A 29 -18.72 -21.59 1.21
N PHE A 30 -18.59 -22.81 0.68
CA PHE A 30 -18.52 -22.98 -0.77
C PHE A 30 -19.37 -24.17 -1.22
N HIS A 31 -19.71 -24.16 -2.50
CA HIS A 31 -20.50 -25.23 -3.07
C HIS A 31 -19.88 -26.58 -2.73
N LYS A 32 -20.62 -27.64 -3.04
CA LYS A 32 -20.14 -28.98 -2.78
C LYS A 32 -19.00 -29.31 -3.73
N SER A 33 -19.30 -29.25 -5.01
CA SER A 33 -18.31 -29.55 -6.04
C SER A 33 -17.11 -28.60 -5.90
N CYS A 34 -17.38 -27.46 -5.27
CA CYS A 34 -16.33 -26.47 -5.06
C CYS A 34 -15.34 -27.02 -4.03
N PHE A 35 -15.88 -27.39 -2.88
CA PHE A 35 -15.06 -27.92 -1.81
C PHE A 35 -14.37 -29.22 -2.26
N LEU A 36 -13.13 -29.07 -2.71
CA LEU A 36 -12.37 -30.21 -3.16
C LEU A 36 -10.88 -29.98 -2.85
N CYS A 37 -10.27 -31.01 -2.29
CA CYS A 37 -8.86 -30.93 -1.93
C CYS A 37 -8.09 -30.35 -3.11
N MET A 38 -7.61 -29.13 -2.92
CA MET A 38 -6.85 -28.45 -3.95
C MET A 38 -5.44 -29.02 -4.08
N VAL A 39 -5.18 -30.05 -3.27
CA VAL A 39 -3.88 -30.69 -3.28
C VAL A 39 -3.94 -31.94 -4.17
N CYS A 40 -4.57 -32.97 -3.63
CA CYS A 40 -4.70 -34.23 -4.35
C CYS A 40 -5.68 -34.02 -5.50
N LYS A 41 -6.51 -32.99 -5.35
CA LYS A 41 -7.49 -32.67 -6.37
C LYS A 41 -8.68 -33.62 -6.23
N LYS A 42 -8.83 -34.16 -5.03
CA LYS A 42 -9.92 -35.08 -4.75
C LYS A 42 -11.03 -34.34 -3.98
N ASN A 43 -12.26 -34.55 -4.42
CA ASN A 43 -13.39 -33.92 -3.79
C ASN A 43 -13.22 -33.95 -2.27
N LEU A 44 -13.74 -32.93 -1.62
CA LEU A 44 -13.65 -32.83 -0.17
C LEU A 44 -15.04 -32.63 0.41
N ASP A 45 -15.10 -32.63 1.73
CA ASP A 45 -16.36 -32.45 2.44
C ASP A 45 -16.09 -32.01 3.87
N SER A 46 -17.16 -31.69 4.57
CA SER A 46 -17.05 -31.25 5.96
C SER A 46 -16.77 -32.45 6.86
N THR A 47 -15.53 -32.91 6.80
CA THR A 47 -15.11 -34.05 7.61
C THR A 47 -13.61 -34.29 7.45
N THR A 48 -12.92 -34.28 8.59
CA THR A 48 -11.48 -34.49 8.59
C THR A 48 -10.81 -33.64 7.52
N VAL A 49 -11.36 -32.45 7.32
CA VAL A 49 -10.82 -31.54 6.32
C VAL A 49 -10.21 -30.33 7.03
N ALA A 50 -9.39 -29.60 6.29
CA ALA A 50 -8.72 -28.43 6.82
C ALA A 50 -8.67 -27.34 5.74
N VAL A 51 -8.37 -26.13 6.18
CA VAL A 51 -8.28 -25.00 5.27
C VAL A 51 -6.86 -24.42 5.33
N HIS A 52 -6.62 -23.46 4.45
CA HIS A 52 -5.31 -22.82 4.39
C HIS A 52 -5.42 -21.53 3.57
N GLY A 53 -5.54 -20.42 4.29
CA GLY A 53 -5.64 -19.12 3.65
C GLY A 53 -6.78 -19.10 2.62
N ASP A 54 -6.40 -19.17 1.36
CA ASP A 54 -7.38 -19.16 0.28
C ASP A 54 -7.32 -20.51 -0.45
N GLU A 55 -7.18 -21.57 0.33
CA GLU A 55 -7.12 -22.91 -0.23
C GLU A 55 -7.73 -23.92 0.75
N ILE A 56 -8.10 -25.07 0.20
CA ILE A 56 -8.69 -26.12 1.01
C ILE A 56 -7.91 -27.42 0.81
N TYR A 57 -7.61 -28.09 1.91
CA TYR A 57 -6.88 -29.33 1.86
C TYR A 57 -7.48 -30.37 2.81
N CYS A 58 -7.32 -31.64 2.44
CA CYS A 58 -7.85 -32.73 3.25
C CYS A 58 -6.85 -33.00 4.38
N LYS A 59 -7.40 -33.29 5.55
CA LYS A 59 -6.58 -33.58 6.71
C LYS A 59 -5.35 -34.39 6.28
N SER A 60 -5.62 -35.61 5.84
CA SER A 60 -4.55 -36.49 5.38
C SER A 60 -3.44 -35.68 4.72
N CYS A 61 -3.86 -34.80 3.81
CA CYS A 61 -2.93 -33.96 3.09
C CYS A 61 -2.24 -33.03 4.10
N TYR A 62 -3.07 -32.29 4.82
CA TYR A 62 -2.56 -31.37 5.81
C TYR A 62 -1.43 -32.00 6.63
N GLY A 63 -1.70 -33.19 7.13
CA GLY A 63 -0.72 -33.91 7.92
C GLY A 63 0.44 -34.40 7.05
N LYS A 64 0.13 -34.64 5.79
CA LYS A 64 1.12 -35.11 4.84
C LYS A 64 2.18 -34.03 4.64
N LYS A 65 1.71 -32.84 4.31
CA LYS A 65 2.60 -31.71 4.08
C LYS A 65 3.31 -31.36 5.39
N TYR A 66 2.51 -31.27 6.45
CA TYR A 66 3.05 -30.94 7.75
C TYR A 66 4.09 -31.97 8.19
N GLY A 67 3.88 -33.20 7.75
CA GLY A 67 4.80 -34.28 8.09
C GLY A 67 6.24 -33.89 7.80
N PRO A 68 7.18 -34.58 8.51
CA PRO A 68 8.59 -34.32 8.34
C PRO A 68 9.11 -34.89 7.02
N LYS A 69 10.40 -34.69 6.78
CA LYS A 69 11.03 -35.18 5.56
C LYS A 69 12.11 -36.20 5.93
N GLY A 70 13.13 -35.70 6.61
CA GLY A 70 14.23 -36.56 7.03
C GLY A 70 15.58 -35.93 6.66
N LYS A 71 16.64 -36.70 6.88
CA LYS A 71 17.98 -36.23 6.58
C LYS A 71 18.79 -37.37 5.96
N GLY A 72 20.01 -37.04 5.57
CA GLY A 72 20.89 -38.04 4.98
C GLY A 72 22.20 -38.17 5.76
N LYS A 73 23.24 -38.58 5.07
CA LYS A 73 24.54 -38.74 5.69
C LYS A 73 25.63 -38.59 4.62
N GLY A 74 26.88 -38.64 5.09
CA GLY A 74 28.01 -38.52 4.19
C GLY A 74 29.01 -39.65 4.42
N MET A 75 30.09 -39.61 3.65
CA MET A 75 31.13 -40.63 3.75
C MET A 75 32.46 -40.11 3.20
N GLY A 76 33.50 -40.89 3.43
CA GLY A 76 34.83 -40.53 2.97
C GLY A 76 35.56 -41.74 2.39
N ALA A 77 36.87 -41.60 2.28
CA ALA A 77 37.70 -42.68 1.77
C ALA A 77 39.18 -42.27 1.84
N GLY A 78 40.03 -43.21 1.46
CA GLY A 78 41.46 -42.96 1.49
C GLY A 78 42.25 -44.27 1.34
N THR A 79 43.48 -44.13 0.86
CA THR A 79 44.34 -45.28 0.67
C THR A 79 45.76 -44.83 0.29
N LEU A 80 46.73 -45.59 0.77
CA LEU A 80 48.12 -45.29 0.50
C LEU A 80 49.00 -46.40 1.05
N SER A 81 50.02 -46.75 0.27
CA SER A 81 50.94 -47.80 0.67
C SER A 81 51.97 -48.03 -0.43
N THR A 82 53.24 -48.07 -0.02
CA THR A 82 54.32 -48.28 -0.96
C THR A 82 55.45 -49.07 -0.30
N ASP A 83 55.86 -50.14 -0.97
CA ASP A 83 56.93 -50.99 -0.46
C ASP A 83 57.16 -52.15 -1.43
N LYS A 84 58.44 -52.40 -1.71
CA LYS A 84 58.81 -53.46 -2.62
C LYS A 84 60.33 -53.64 -2.60
N GLY A 85 60.75 -54.85 -2.90
CA GLY A 85 62.18 -55.17 -2.91
C GLY A 85 62.48 -56.40 -2.06
N GLU A 86 63.19 -57.34 -2.67
CA GLU A 86 63.55 -58.56 -1.98
C GLU A 86 64.38 -59.46 -2.89
N SER A 87 65.53 -59.86 -2.38
CA SER A 87 66.43 -60.72 -3.13
C SER A 87 67.62 -61.13 -2.26
N LEU A 88 67.44 -62.23 -1.55
CA LEU A 88 68.50 -62.73 -0.68
C LEU A 88 68.03 -64.03 -0.03
N GLY A 89 68.92 -65.01 -0.04
CA GLY A 89 68.62 -66.32 0.54
C GLY A 89 68.78 -67.42 -0.50
N ILE A 90 69.96 -68.04 -0.49
CA ILE A 90 70.25 -69.11 -1.42
C ILE A 90 71.61 -69.73 -1.08
N LYS A 91 71.55 -70.86 -0.39
CA LYS A 91 72.76 -71.55 0.01
C LYS A 91 72.39 -72.85 0.72
N TYR A 92 72.61 -73.95 0.03
CA TYR A 92 72.30 -75.26 0.57
C TYR A 92 72.77 -76.38 -0.37
N GLU A 93 73.57 -77.28 0.19
CA GLU A 93 74.09 -78.40 -0.59
C GLU A 93 74.91 -79.32 0.30
N GLU A 94 74.41 -80.53 0.48
CA GLU A 94 75.08 -81.52 1.31
C GLU A 94 74.33 -82.84 1.28
N GLY A 95 75.08 -83.92 1.43
CA GLY A 95 74.50 -85.25 1.43
C GLY A 95 75.58 -86.32 1.31
N GLN A 96 75.29 -87.49 1.87
CA GLN A 96 76.22 -88.60 1.84
C GLN A 96 75.59 -89.83 2.48
N SER A 97 76.25 -90.97 2.26
CA SER A 97 75.77 -92.22 2.81
C SER A 97 76.92 -93.23 2.91
N HIS A 98 76.72 -94.22 3.77
CA HIS A 98 77.73 -95.25 3.97
C HIS A 98 77.06 -96.61 4.10
N ARG A 99 77.89 -97.64 4.15
CA ARG A 99 77.39 -99.00 4.27
C ARG A 99 78.56 -99.99 4.38
N PRO A 100 78.91 -100.33 5.65
CA PRO A 100 80.00 -101.25 5.90
C PRO A 100 79.57 -102.69 5.60
N THR A 101 80.51 -103.60 5.82
CA THR A 101 80.25 -105.01 5.58
C THR A 101 80.87 -105.87 6.69
N ASN A 102 80.08 -106.80 7.20
CA ASN A 102 80.54 -107.69 8.25
C ASN A 102 79.94 -109.07 8.04
N PRO A 103 80.74 -110.11 8.41
CA PRO A 103 80.32 -111.48 8.26
C PRO A 103 79.29 -111.86 9.34
N ASN A 104 78.86 -113.10 9.29
CA ASN A 104 77.88 -113.59 10.24
C ASN A 104 77.68 -115.10 10.05
N ALA A 105 77.10 -115.73 11.06
CA ALA A 105 76.86 -117.15 11.01
C ALA A 105 76.10 -117.58 12.27
N SER A 106 75.05 -118.36 12.06
CA SER A 106 74.24 -118.85 13.16
C SER A 106 73.46 -120.09 12.73
N ARG A 107 72.84 -120.73 13.71
CA ARG A 107 72.05 -121.93 13.45
C ARG A 107 71.04 -122.16 14.58
N MET A 108 69.85 -122.57 14.19
CA MET A 108 68.79 -122.83 15.15
C MET A 108 67.57 -123.44 14.47
N ALA A 109 66.85 -124.26 15.23
CA ALA A 109 65.65 -124.90 14.71
C ALA A 109 65.01 -125.73 15.82
N GLN A 110 63.85 -126.29 15.50
CA GLN A 110 63.12 -127.11 16.45
C GLN A 110 62.60 -126.24 17.60
N LYS A 111 61.42 -126.60 18.08
CA LYS A 111 60.80 -125.86 19.17
C LYS A 111 59.56 -126.62 19.65
N VAL A 112 58.94 -126.09 20.69
CA VAL A 112 57.75 -126.71 21.26
C VAL A 112 57.15 -125.78 22.31
N GLY A 113 55.84 -125.84 22.44
CA GLY A 113 55.13 -125.02 23.40
C GLY A 113 53.67 -125.46 23.54
N GLY A 114 53.00 -124.86 24.51
CA GLY A 114 51.61 -125.18 24.75
C GLY A 114 50.72 -123.93 24.60
N SER A 115 49.74 -124.05 23.71
CA SER A 115 48.82 -122.96 23.46
C SER A 115 47.42 -123.49 23.19
N ASP A 116 46.45 -122.91 23.89
CA ASP A 116 45.07 -123.32 23.74
C ASP A 116 44.16 -122.29 24.39
N GLY A 117 42.98 -122.75 24.80
CA GLY A 117 42.02 -121.87 25.44
C GLY A 117 41.51 -122.49 26.75
N CYS A 118 40.76 -121.69 27.49
CA CYS A 118 40.20 -122.14 28.75
C CYS A 118 38.74 -122.54 28.53
N PRO A 119 38.51 -123.87 28.59
CA PRO A 119 37.16 -124.40 28.39
C PRO A 119 36.29 -124.15 29.63
N ARG A 120 36.90 -123.51 30.62
CA ARG A 120 36.19 -123.21 31.86
C ARG A 120 35.61 -121.79 31.80
N CYS A 121 36.50 -120.81 31.87
CA CYS A 121 36.09 -119.43 31.83
C CYS A 121 35.76 -119.06 30.38
N GLY A 122 36.48 -119.70 29.47
CA GLY A 122 36.28 -119.46 28.05
C GLY A 122 37.43 -118.64 27.47
N GLN A 123 38.09 -117.90 28.34
CA GLN A 123 39.21 -117.06 27.93
C GLN A 123 40.35 -117.94 27.41
N ALA A 124 41.02 -117.43 26.38
CA ALA A 124 42.13 -118.15 25.78
C ALA A 124 43.22 -118.38 26.84
N VAL A 125 44.10 -119.32 26.54
CA VAL A 125 45.19 -119.64 27.45
C VAL A 125 46.49 -119.75 26.66
N TYR A 126 47.47 -118.95 27.07
CA TYR A 126 48.76 -118.95 26.42
C TYR A 126 49.74 -118.01 27.14
N ALA A 127 50.86 -118.59 27.56
CA ALA A 127 51.88 -117.82 28.26
C ALA A 127 51.33 -117.39 29.63
N ALA A 128 51.89 -117.99 30.66
CA ALA A 128 51.48 -117.68 32.02
C ALA A 128 50.01 -118.05 32.20
N GLU A 129 49.72 -118.68 33.32
CA GLU A 129 48.36 -119.09 33.63
C GLU A 129 47.91 -120.20 32.67
N LYS A 130 48.73 -121.23 32.58
CA LYS A 130 48.45 -122.36 31.71
C LYS A 130 48.54 -123.65 32.50
N VAL A 131 47.44 -124.40 32.50
CA VAL A 131 47.39 -125.67 33.20
C VAL A 131 46.87 -126.75 32.26
N ILE A 132 47.35 -127.97 32.50
CA ILE A 132 46.94 -129.10 31.69
C ILE A 132 46.39 -130.21 32.59
N GLY A 133 45.10 -130.49 32.43
CA GLY A 133 44.45 -131.53 33.23
C GLY A 133 43.36 -132.23 32.42
N ALA A 134 43.21 -133.51 32.68
CA ALA A 134 42.21 -134.31 32.00
C ALA A 134 42.30 -134.04 30.49
N GLY A 135 43.50 -134.26 29.96
CA GLY A 135 43.74 -134.05 28.54
C GLY A 135 43.09 -132.76 28.07
N LYS A 136 43.15 -131.74 28.92
CA LYS A 136 42.57 -130.44 28.60
C LYS A 136 43.47 -129.35 29.17
N SER A 137 43.16 -128.12 28.78
CA SER A 137 43.92 -126.97 29.25
C SER A 137 42.98 -125.93 29.87
N TRP A 138 43.50 -125.22 30.86
CA TRP A 138 42.73 -124.21 31.55
C TRP A 138 43.70 -123.28 32.27
N HIS A 139 43.14 -122.20 32.80
CA HIS A 139 43.95 -121.22 33.53
C HIS A 139 44.41 -121.82 34.85
N LYS A 140 45.73 -121.91 35.00
CA LYS A 140 46.30 -122.47 36.21
C LYS A 140 45.96 -121.56 37.40
N SER A 141 44.73 -121.67 37.85
CA SER A 141 44.26 -120.87 38.97
C SER A 141 42.74 -120.73 38.91
N CYS A 142 42.20 -120.85 37.71
CA CYS A 142 40.78 -120.74 37.51
C CYS A 142 40.16 -122.13 37.64
N PHE A 143 40.98 -123.13 37.39
CA PHE A 143 40.53 -124.51 37.48
C PHE A 143 39.49 -124.68 38.60
N ARG A 144 38.24 -124.67 38.19
CA ARG A 144 37.15 -124.82 39.15
C ARG A 144 36.59 -126.24 39.10
N CYS A 145 36.16 -126.72 40.25
CA CYS A 145 35.60 -128.05 40.36
C CYS A 145 34.19 -128.04 39.76
N ALA A 146 33.96 -128.96 38.84
CA ALA A 146 32.67 -129.05 38.18
C ALA A 146 31.76 -129.99 38.98
N LYS A 147 31.93 -129.93 40.30
CA LYS A 147 31.13 -130.75 41.20
C LYS A 147 30.65 -129.90 42.37
N CYS A 148 31.59 -129.15 42.94
CA CYS A 148 31.27 -128.29 44.07
C CYS A 148 31.31 -126.83 43.59
N GLY A 149 31.98 -126.63 42.46
CA GLY A 149 32.11 -125.31 41.89
C GLY A 149 33.14 -124.48 42.67
N LYS A 150 33.94 -125.17 43.46
CA LYS A 150 34.97 -124.53 44.24
C LYS A 150 36.25 -124.42 43.41
N SER A 151 36.95 -123.31 43.61
CA SER A 151 38.19 -123.07 42.89
C SER A 151 39.30 -123.98 43.42
N LEU A 152 40.07 -124.53 42.50
CA LEU A 152 41.15 -125.43 42.86
C LEU A 152 42.49 -124.69 42.70
N GLU A 153 43.57 -125.43 42.90
CA GLU A 153 44.90 -124.86 42.77
C GLU A 153 45.95 -125.89 43.19
N SER A 154 45.79 -126.40 44.39
CA SER A 154 46.72 -127.39 44.92
C SER A 154 46.84 -128.57 43.94
N THR A 155 47.89 -129.36 44.14
CA THR A 155 48.12 -130.51 43.29
C THR A 155 47.20 -131.67 43.68
N THR A 156 45.91 -131.39 43.64
CA THR A 156 44.92 -132.39 43.99
C THR A 156 43.65 -132.19 43.16
N LEU A 157 43.84 -132.10 41.85
CA LEU A 157 42.73 -131.91 40.94
C LEU A 157 42.39 -133.24 40.26
N ALA A 158 41.15 -133.66 40.41
CA ALA A 158 40.69 -134.90 39.83
C ALA A 158 40.25 -134.65 38.39
N ASP A 159 40.40 -135.68 37.56
CA ASP A 159 40.03 -135.57 36.17
C ASP A 159 39.27 -136.84 35.75
N LYS A 160 37.96 -136.72 35.68
CA LYS A 160 37.12 -137.84 35.30
C LYS A 160 37.00 -137.89 33.78
N ASP A 161 38.01 -138.49 33.15
CA ASP A 161 38.03 -138.61 31.71
C ASP A 161 38.18 -137.22 31.08
N GLY A 162 37.06 -136.51 31.03
CA GLY A 162 37.05 -135.17 30.47
C GLY A 162 36.66 -134.14 31.52
N GLU A 163 35.90 -134.60 32.51
CA GLU A 163 35.45 -133.72 33.58
C GLU A 163 36.58 -133.48 34.58
N ILE A 164 36.46 -132.38 35.31
CA ILE A 164 37.47 -132.03 36.30
C ILE A 164 36.77 -131.71 37.63
N TYR A 165 37.39 -132.20 38.71
CA TYR A 165 36.85 -131.98 40.03
C TYR A 165 37.96 -131.86 41.06
N CYS A 166 37.56 -131.76 42.32
CA CYS A 166 38.51 -131.64 43.41
C CYS A 166 38.75 -133.04 43.99
N LYS A 167 39.98 -133.27 44.43
CA LYS A 167 40.35 -134.54 45.00
C LYS A 167 39.28 -134.97 46.02
N GLY A 168 38.83 -133.99 46.78
CA GLY A 168 37.81 -134.25 47.79
C GLY A 168 36.55 -134.83 47.16
N CYS A 169 36.32 -134.44 45.92
CA CYS A 169 35.14 -134.92 45.19
C CYS A 169 35.45 -136.32 44.66
N TYR A 170 36.62 -136.44 44.05
CA TYR A 170 37.04 -137.72 43.49
C TYR A 170 37.10 -138.80 44.57
N ALA A 171 37.46 -138.37 45.78
CA ALA A 171 37.55 -139.29 46.90
C ALA A 171 36.15 -139.55 47.46
N LYS A 172 35.55 -138.48 47.96
CA LYS A 172 34.20 -138.58 48.54
C LYS A 172 33.30 -139.36 47.58
N ASN A 173 33.14 -138.80 46.39
CA ASN A 173 32.30 -139.42 45.38
C ASN A 173 32.51 -140.94 45.42
N PHE A 174 33.77 -141.33 45.64
CA PHE A 174 34.11 -142.73 45.71
C PHE A 174 34.78 -143.08 47.04
N GLY A 175 34.05 -142.82 48.11
CA GLY A 175 34.56 -143.09 49.45
C GLY A 175 33.44 -143.57 50.38
N PRO A 176 33.85 -144.28 51.45
CA PRO A 176 32.89 -144.81 52.42
C PRO A 176 32.38 -143.69 53.32
N LYS A 177 31.07 -143.74 53.59
CA LYS A 177 30.45 -142.74 54.45
C LYS A 177 28.99 -143.13 54.69
N GLY A 178 28.50 -142.78 55.87
CA GLY A 178 27.13 -143.08 56.23
C GLY A 178 26.99 -143.22 57.75
N PHE A 179 25.99 -142.52 58.29
CA PHE A 179 25.74 -142.55 59.71
C PHE A 179 24.49 -141.74 60.07
N GLY A 180 23.86 -142.14 61.16
CA GLY A 180 22.65 -141.47 61.62
C GLY A 180 22.24 -141.96 63.00
N PHE A 181 21.46 -141.13 63.68
CA PHE A 181 20.99 -141.47 65.01
C PHE A 181 20.00 -140.43 65.53
N GLY A 182 19.10 -140.88 66.39
CA GLY A 182 18.10 -139.99 66.97
C GLY A 182 17.69 -140.46 68.36
N GLN A 183 16.40 -140.65 68.54
CA GLN A 183 15.86 -141.10 69.81
C GLN A 183 16.04 -140.00 70.87
N GLY A 184 15.06 -139.92 71.76
CA GLY A 184 15.09 -138.93 72.82
C GLY A 184 14.71 -139.55 74.17
N ALA A 185 14.22 -138.71 75.05
CA ALA A 185 13.82 -139.15 76.38
C ALA A 185 12.53 -138.44 76.79
N GLY A 186 12.03 -138.83 77.95
CA GLY A 186 10.81 -138.23 78.47
C GLY A 186 10.12 -139.16 79.48
N ALA A 187 8.82 -139.29 79.33
CA ALA A 187 8.04 -140.14 80.22
C ALA A 187 8.13 -139.58 81.65
N LEU A 188 6.98 -139.50 82.29
CA LEU A 188 6.91 -138.99 83.65
C LEU A 188 5.64 -139.52 84.32
N ILE A 189 5.84 -140.20 85.44
CA ILE A 189 4.73 -140.76 86.19
C ILE A 189 3.97 -139.62 86.87
N HIS A 190 2.66 -139.85 87.03
CA HIS A 190 1.81 -138.86 87.66
C HIS A 190 0.92 -139.55 88.70
N SER A 191 1.53 -139.92 89.82
CA SER A 191 0.82 -140.57 90.89
C SER A 191 -0.33 -139.68 91.39
N GLN A 192 -1.45 -140.31 91.65
CA GLN A 192 -2.63 -139.59 92.13
C GLN A 192 -2.40 -139.11 93.57
ZN ZN B . -19.03 -22.65 -5.23
ZN ZN C . -5.94 -34.25 -0.30
ZN ZN D . 40.15 -120.03 32.96
ZN ZN E . 34.62 -130.65 44.14
N MET A 1 -17.21 -20.64 13.46
CA MET A 1 -17.43 -19.45 14.28
C MET A 1 -18.71 -19.58 15.10
N PRO A 2 -19.82 -19.92 14.38
CA PRO A 2 -21.11 -20.08 15.04
C PRO A 2 -21.18 -21.38 15.82
N ASN A 3 -20.82 -22.46 15.15
CA ASN A 3 -20.83 -23.77 15.77
C ASN A 3 -20.48 -24.84 14.72
N TRP A 4 -20.18 -26.03 15.22
CA TRP A 4 -19.83 -27.13 14.34
C TRP A 4 -19.66 -28.38 15.20
N GLY A 5 -19.69 -29.53 14.54
CA GLY A 5 -19.54 -30.80 15.23
C GLY A 5 -18.96 -31.86 14.30
N GLY A 6 -19.41 -33.10 14.50
CA GLY A 6 -18.94 -34.21 13.69
C GLY A 6 -19.23 -35.54 14.38
N GLY A 7 -18.93 -36.62 13.66
CA GLY A 7 -19.16 -37.95 14.19
C GLY A 7 -17.92 -38.83 13.99
N LYS A 8 -18.17 -40.12 13.87
CA LYS A 8 -17.08 -41.08 13.68
C LYS A 8 -17.43 -42.02 12.52
N LYS A 9 -16.55 -42.99 12.30
CA LYS A 9 -16.76 -43.96 11.24
C LYS A 9 -16.60 -45.37 11.81
N CYS A 10 -17.70 -46.12 11.75
CA CYS A 10 -17.70 -47.48 12.26
C CYS A 10 -16.76 -48.31 11.39
N GLY A 11 -15.61 -48.64 11.97
CA GLY A 11 -14.62 -49.44 11.26
C GLY A 11 -15.00 -50.92 11.26
N VAL A 12 -16.17 -51.20 11.82
CA VAL A 12 -16.66 -52.56 11.89
C VAL A 12 -17.55 -52.85 10.69
N CYS A 13 -18.69 -52.19 10.67
CA CYS A 13 -19.65 -52.35 9.58
C CYS A 13 -19.19 -51.51 8.40
N GLN A 14 -18.40 -50.49 8.72
CA GLN A 14 -17.88 -49.60 7.69
C GLN A 14 -18.90 -48.51 7.38
N LYS A 15 -19.73 -48.20 8.37
CA LYS A 15 -20.75 -47.18 8.22
C LYS A 15 -20.43 -46.00 9.13
N ALA A 16 -20.72 -44.81 8.63
CA ALA A 16 -20.47 -43.60 9.38
C ALA A 16 -21.47 -43.50 10.54
N VAL A 17 -20.94 -43.16 11.70
CA VAL A 17 -21.77 -43.04 12.90
C VAL A 17 -21.86 -41.57 13.30
N TYR A 18 -23.01 -41.19 13.82
CA TYR A 18 -23.25 -39.82 14.24
C TYR A 18 -24.49 -39.73 15.13
N PHE A 19 -25.60 -40.22 14.59
CA PHE A 19 -26.87 -40.19 15.31
C PHE A 19 -27.26 -41.59 15.77
N ALA A 20 -26.81 -42.58 15.00
CA ALA A 20 -27.12 -43.96 15.31
C ALA A 20 -26.99 -44.18 16.82
N GLU A 21 -25.79 -44.00 17.32
CA GLU A 21 -25.52 -44.17 18.73
C GLU A 21 -24.02 -44.12 19.01
N GLU A 22 -23.28 -44.92 18.25
CA GLU A 22 -21.84 -44.96 18.40
C GLU A 22 -21.46 -45.51 19.78
N VAL A 23 -20.66 -46.55 19.77
CA VAL A 23 -20.23 -47.18 21.02
C VAL A 23 -18.70 -47.25 21.04
N GLN A 24 -18.12 -46.56 22.02
CA GLN A 24 -16.67 -46.53 22.16
C GLN A 24 -16.24 -47.39 23.35
N CYS A 25 -15.03 -47.90 23.25
CA CYS A 25 -14.48 -48.73 24.32
C CYS A 25 -12.98 -48.48 24.41
N GLU A 26 -12.41 -48.88 25.53
CA GLU A 26 -10.99 -48.70 25.76
C GLU A 26 -10.21 -48.92 24.46
N GLY A 27 -10.53 -50.03 23.80
CA GLY A 27 -9.87 -50.36 22.54
C GLY A 27 -10.89 -50.81 21.50
N SER A 28 -11.96 -50.03 21.39
CA SER A 28 -13.01 -50.32 20.43
C SER A 28 -13.78 -49.05 20.08
N SER A 29 -14.58 -49.16 19.02
CA SER A 29 -15.36 -48.02 18.57
C SER A 29 -16.24 -48.43 17.38
N PHE A 30 -17.42 -48.96 17.71
CA PHE A 30 -18.35 -49.40 16.68
C PHE A 30 -19.79 -49.10 17.10
N HIS A 31 -20.70 -49.36 16.17
CA HIS A 31 -22.11 -49.12 16.42
C HIS A 31 -22.55 -49.94 17.64
N LYS A 32 -23.74 -49.60 18.13
CA LYS A 32 -24.29 -50.28 19.28
C LYS A 32 -24.64 -51.73 18.90
N SER A 33 -25.33 -51.85 17.77
CA SER A 33 -25.73 -53.17 17.29
C SER A 33 -24.49 -53.98 16.92
N CYS A 34 -23.54 -53.31 16.30
CA CYS A 34 -22.31 -53.96 15.89
C CYS A 34 -21.63 -54.53 17.13
N PHE A 35 -21.55 -53.71 18.17
CA PHE A 35 -20.94 -54.11 19.42
C PHE A 35 -21.81 -55.13 20.15
N LEU A 36 -21.49 -56.40 19.94
CA LEU A 36 -22.23 -57.48 20.57
C LEU A 36 -21.27 -58.61 20.92
N CYS A 37 -21.45 -59.13 22.12
CA CYS A 37 -20.61 -60.23 22.60
C CYS A 37 -20.61 -61.33 21.54
N MET A 38 -19.45 -61.55 20.95
CA MET A 38 -19.31 -62.57 19.92
C MET A 38 -19.21 -63.96 20.54
N VAL A 39 -19.47 -64.02 21.84
CA VAL A 39 -19.42 -65.27 22.56
C VAL A 39 -20.84 -65.74 22.88
N CYS A 40 -21.47 -65.01 23.79
CA CYS A 40 -22.83 -65.34 24.19
C CYS A 40 -23.78 -64.87 23.09
N LYS A 41 -23.30 -63.92 22.30
CA LYS A 41 -24.09 -63.37 21.22
C LYS A 41 -25.05 -62.32 21.78
N LYS A 42 -24.70 -61.80 22.94
CA LYS A 42 -25.52 -60.79 23.59
C LYS A 42 -24.91 -59.41 23.34
N ASN A 43 -25.74 -58.50 22.88
CA ASN A 43 -25.31 -57.14 22.60
C ASN A 43 -24.61 -56.57 23.84
N LEU A 44 -23.68 -55.66 23.59
CA LEU A 44 -22.95 -55.03 24.68
C LEU A 44 -23.18 -53.51 24.63
N ASP A 45 -23.03 -52.89 25.79
CA ASP A 45 -23.22 -51.45 25.90
C ASP A 45 -22.84 -50.99 27.31
N SER A 46 -23.28 -51.76 28.28
CA SER A 46 -23.00 -51.45 29.68
C SER A 46 -21.50 -51.18 29.85
N THR A 47 -21.14 -50.79 31.06
CA THR A 47 -19.75 -50.48 31.37
C THR A 47 -19.08 -51.69 32.03
N THR A 48 -18.84 -52.71 31.21
CA THR A 48 -18.20 -53.92 31.70
C THR A 48 -17.94 -54.88 30.55
N VAL A 49 -17.45 -54.32 29.45
CA VAL A 49 -17.15 -55.12 28.27
C VAL A 49 -15.64 -55.25 28.12
N ALA A 50 -15.23 -56.12 27.21
CA ALA A 50 -13.82 -56.34 26.96
C ALA A 50 -13.63 -56.70 25.48
N VAL A 51 -12.37 -56.60 25.05
CA VAL A 51 -12.04 -56.91 23.67
C VAL A 51 -11.01 -58.04 23.63
N HIS A 52 -10.94 -58.70 22.49
CA HIS A 52 -10.00 -59.80 22.32
C HIS A 52 -9.48 -59.81 20.88
N GLY A 53 -8.22 -60.20 20.74
CA GLY A 53 -7.60 -60.26 19.43
C GLY A 53 -8.26 -61.33 18.55
N ASP A 54 -9.47 -61.03 18.14
CA ASP A 54 -10.23 -61.95 17.30
C ASP A 54 -11.69 -61.52 17.26
N GLU A 55 -12.14 -60.93 18.37
CA GLU A 55 -13.50 -60.47 18.48
C GLU A 55 -13.72 -59.74 19.81
N ILE A 56 -14.94 -59.30 20.02
CA ILE A 56 -15.30 -58.59 21.24
C ILE A 56 -16.08 -59.52 22.17
N TYR A 57 -15.80 -59.40 23.46
CA TYR A 57 -16.46 -60.21 24.45
C TYR A 57 -16.89 -59.38 25.66
N CYS A 58 -17.89 -59.88 26.37
CA CYS A 58 -18.40 -59.19 27.55
C CYS A 58 -17.57 -59.63 28.75
N LYS A 59 -17.52 -58.74 29.75
CA LYS A 59 -16.77 -59.01 30.95
C LYS A 59 -16.94 -60.49 31.33
N SER A 60 -18.14 -60.82 31.79
CA SER A 60 -18.44 -62.18 32.18
C SER A 60 -17.64 -63.16 31.33
N CYS A 61 -17.99 -63.24 30.06
CA CYS A 61 -17.31 -64.12 29.13
C CYS A 61 -15.81 -64.05 29.42
N TYR A 62 -15.29 -62.83 29.33
CA TYR A 62 -13.87 -62.62 29.58
C TYR A 62 -13.41 -63.37 30.83
N GLY A 63 -14.12 -63.12 31.92
CA GLY A 63 -13.80 -63.76 33.18
C GLY A 63 -14.02 -65.26 33.11
N LYS A 64 -14.78 -65.68 32.11
CA LYS A 64 -15.08 -67.08 31.92
C LYS A 64 -13.87 -67.77 31.28
N LYS A 65 -13.44 -67.21 30.16
CA LYS A 65 -12.30 -67.76 29.45
C LYS A 65 -11.05 -67.63 30.31
N TYR A 66 -10.89 -66.44 30.88
CA TYR A 66 -9.74 -66.18 31.73
C TYR A 66 -9.82 -66.99 33.03
N GLY A 67 -10.98 -66.92 33.66
CA GLY A 67 -11.19 -67.64 34.91
C GLY A 67 -10.51 -69.00 34.88
N PRO A 68 -9.30 -69.05 35.49
CA PRO A 68 -8.53 -70.29 35.55
C PRO A 68 -9.13 -71.26 36.56
N LYS A 69 -8.55 -72.45 36.61
CA LYS A 69 -9.01 -73.48 37.52
C LYS A 69 -7.81 -74.23 38.10
N GLY A 70 -8.10 -75.11 39.03
CA GLY A 70 -7.04 -75.90 39.66
C GLY A 70 -7.27 -77.40 39.42
N LYS A 71 -6.56 -78.20 40.21
CA LYS A 71 -6.67 -79.64 40.09
C LYS A 71 -5.85 -80.31 41.20
N GLY A 72 -5.92 -81.63 41.24
CA GLY A 72 -5.20 -82.38 42.25
C GLY A 72 -4.66 -83.70 41.66
N LYS A 73 -4.03 -84.48 42.53
CA LYS A 73 -3.47 -85.74 42.10
C LYS A 73 -3.50 -86.73 43.28
N GLY A 74 -3.11 -87.96 43.00
CA GLY A 74 -3.09 -88.99 44.02
C GLY A 74 -2.87 -90.38 43.40
N MET A 75 -2.34 -91.28 44.20
CA MET A 75 -2.07 -92.64 43.75
C MET A 75 -1.51 -93.49 44.88
N GLY A 76 -1.43 -94.79 44.61
CA GLY A 76 -0.91 -95.73 45.59
C GLY A 76 -1.26 -97.16 45.21
N ALA A 77 -0.38 -98.08 45.62
CA ALA A 77 -0.59 -99.49 45.32
C ALA A 77 0.52 -100.30 45.99
N GLY A 78 0.39 -101.62 45.89
CA GLY A 78 1.37 -102.52 46.47
C GLY A 78 0.76 -103.90 46.71
N THR A 79 1.58 -104.91 46.47
CA THR A 79 1.14 -106.29 46.67
C THR A 79 2.31 -107.26 46.50
N LEU A 80 2.16 -108.43 47.10
CA LEU A 80 3.20 -109.45 47.03
C LEU A 80 2.70 -110.71 47.71
N SER A 81 2.98 -111.84 47.07
CA SER A 81 2.57 -113.13 47.61
C SER A 81 3.15 -114.26 46.76
N THR A 82 3.29 -115.42 47.39
CA THR A 82 3.84 -116.58 46.70
C THR A 82 3.70 -117.83 47.58
N ASP A 83 3.55 -118.97 46.92
CA ASP A 83 3.41 -120.23 47.62
C ASP A 83 3.32 -121.37 46.60
N LYS A 84 3.49 -122.58 47.11
CA LYS A 84 3.42 -123.75 46.25
C LYS A 84 3.41 -125.02 47.12
N GLY A 85 2.83 -126.07 46.58
CA GLY A 85 2.75 -127.33 47.30
C GLY A 85 2.78 -128.52 46.33
N GLU A 86 2.55 -129.70 46.88
CA GLU A 86 2.55 -130.92 46.08
C GLU A 86 1.94 -132.07 46.87
N SER A 87 1.71 -133.17 46.17
CA SER A 87 1.14 -134.35 46.79
C SER A 87 1.26 -135.55 45.85
N LEU A 88 1.13 -136.73 46.44
CA LEU A 88 1.22 -137.96 45.66
C LEU A 88 0.30 -139.02 46.29
N GLY A 89 -0.01 -140.03 45.49
CA GLY A 89 -0.87 -141.11 45.96
C GLY A 89 -0.90 -142.26 44.94
N ILE A 90 -1.40 -143.40 45.41
CA ILE A 90 -1.49 -144.57 44.55
C ILE A 90 -2.31 -145.65 45.26
N LYS A 91 -2.67 -146.67 44.50
CA LYS A 91 -3.45 -147.77 45.05
C LYS A 91 -3.63 -148.84 43.97
N TYR A 92 -4.27 -149.94 44.37
CA TYR A 92 -4.51 -151.04 43.45
C TYR A 92 -5.42 -152.09 44.09
N GLU A 93 -5.83 -153.05 43.27
CA GLU A 93 -6.70 -154.11 43.74
C GLU A 93 -6.96 -155.12 42.62
N GLU A 94 -7.55 -156.24 43.00
CA GLU A 94 -7.84 -157.29 42.04
C GLU A 94 -8.70 -158.38 42.70
N GLY A 95 -9.21 -159.28 41.86
CA GLY A 95 -10.04 -160.36 42.35
C GLY A 95 -10.23 -161.42 41.26
N GLN A 96 -10.96 -162.47 41.63
CA GLN A 96 -11.23 -163.56 40.70
C GLN A 96 -12.12 -164.62 41.36
N SER A 97 -12.96 -165.22 40.54
CA SER A 97 -13.87 -166.25 41.04
C SER A 97 -14.44 -167.05 39.87
N HIS A 98 -15.06 -168.17 40.20
CA HIS A 98 -15.65 -169.03 39.19
C HIS A 98 -16.38 -170.19 39.86
N ARG A 99 -17.23 -170.85 39.09
CA ARG A 99 -17.99 -171.98 39.59
C ARG A 99 -18.59 -172.78 38.44
N PRO A 100 -18.73 -174.11 38.68
CA PRO A 100 -19.28 -175.00 37.67
C PRO A 100 -20.80 -174.83 37.55
N THR A 101 -21.37 -175.56 36.61
CA THR A 101 -22.80 -175.50 36.39
C THR A 101 -23.23 -176.59 35.40
N ASN A 102 -24.51 -176.95 35.50
CA ASN A 102 -25.05 -177.97 34.62
C ASN A 102 -26.52 -178.24 35.00
N PRO A 103 -27.44 -177.62 34.21
CA PRO A 103 -28.86 -177.78 34.46
C PRO A 103 -29.34 -179.16 34.01
N ASN A 104 -30.61 -179.41 34.27
CA ASN A 104 -31.21 -180.69 33.90
C ASN A 104 -32.72 -180.53 33.81
N ALA A 105 -33.36 -181.52 33.19
CA ALA A 105 -34.80 -181.49 33.03
C ALA A 105 -35.27 -182.84 32.46
N SER A 106 -36.58 -182.98 32.37
CA SER A 106 -37.17 -184.20 31.86
C SER A 106 -38.70 -184.08 31.81
N ARG A 107 -39.31 -185.04 31.15
CA ARG A 107 -40.77 -185.05 31.02
C ARG A 107 -41.23 -186.31 30.29
N MET A 108 -42.53 -186.54 30.33
CA MET A 108 -43.11 -187.69 29.67
C MET A 108 -44.63 -187.70 29.82
N ALA A 109 -45.27 -188.54 29.01
CA ALA A 109 -46.72 -188.65 29.03
C ALA A 109 -47.15 -189.80 28.11
N GLN A 110 -48.38 -190.23 28.31
CA GLN A 110 -48.93 -191.31 27.51
C GLN A 110 -50.41 -191.54 27.85
N LYS A 111 -51.11 -192.18 26.93
CA LYS A 111 -52.52 -192.47 27.13
C LYS A 111 -53.03 -193.32 25.97
N VAL A 112 -54.04 -194.13 26.27
CA VAL A 112 -54.62 -195.01 25.27
C VAL A 112 -56.11 -195.21 25.57
N GLY A 113 -56.77 -195.91 24.66
CA GLY A 113 -58.19 -196.18 24.82
C GLY A 113 -58.79 -196.72 23.54
N GLY A 114 -59.99 -197.26 23.66
CA GLY A 114 -60.69 -197.82 22.51
C GLY A 114 -61.79 -198.79 22.95
N SER A 115 -62.94 -198.67 22.31
CA SER A 115 -64.07 -199.53 22.62
C SER A 115 -65.09 -199.48 21.49
N ASP A 116 -65.73 -200.63 21.26
CA ASP A 116 -66.73 -200.73 20.21
C ASP A 116 -67.28 -202.16 20.19
N GLY A 117 -68.38 -202.31 19.46
CA GLY A 117 -69.03 -203.62 19.35
C GLY A 117 -68.50 -204.37 18.13
N CYS A 118 -68.87 -205.65 18.07
CA CYS A 118 -68.46 -206.49 16.96
C CYS A 118 -69.60 -206.59 15.96
N PRO A 119 -69.41 -205.92 14.80
CA PRO A 119 -70.42 -205.92 13.75
C PRO A 119 -70.45 -207.27 13.01
N ARG A 120 -69.58 -208.17 13.46
CA ARG A 120 -69.50 -209.48 12.86
C ARG A 120 -70.37 -210.48 13.63
N CYS A 121 -69.92 -210.78 14.84
CA CYS A 121 -70.64 -211.72 15.69
C CYS A 121 -71.82 -210.98 16.31
N GLY A 122 -71.61 -209.70 16.59
CA GLY A 122 -72.65 -208.87 17.18
C GLY A 122 -72.32 -208.55 18.63
N GLN A 123 -71.48 -209.39 19.23
CA GLN A 123 -71.08 -209.21 20.61
C GLN A 123 -70.22 -207.96 20.75
N ALA A 124 -70.42 -207.27 21.87
CA ALA A 124 -69.67 -206.05 22.13
C ALA A 124 -68.19 -206.40 22.30
N VAL A 125 -67.35 -205.40 22.07
CA VAL A 125 -65.91 -205.59 22.20
C VAL A 125 -65.33 -204.47 23.06
N TYR A 126 -64.80 -204.86 24.20
CA TYR A 126 -64.21 -203.90 25.12
C TYR A 126 -63.37 -204.61 26.19
N ALA A 127 -63.97 -205.64 26.78
CA ALA A 127 -63.29 -206.40 27.81
C ALA A 127 -61.87 -206.75 27.34
N ALA A 128 -61.80 -207.69 26.41
CA ALA A 128 -60.53 -208.12 25.87
C ALA A 128 -60.74 -208.72 24.48
N GLU A 129 -59.65 -208.83 23.75
CA GLU A 129 -59.70 -209.37 22.40
C GLU A 129 -60.44 -208.42 21.47
N LYS A 130 -59.98 -207.18 21.45
CA LYS A 130 -60.60 -206.16 20.61
C LYS A 130 -59.65 -205.81 19.46
N VAL A 131 -60.22 -205.75 18.27
CA VAL A 131 -59.44 -205.42 17.08
C VAL A 131 -60.09 -204.26 16.35
N ILE A 132 -59.26 -203.49 15.66
CA ILE A 132 -59.74 -202.34 14.91
C ILE A 132 -59.24 -202.43 13.48
N GLY A 133 -60.18 -202.56 12.56
CA GLY A 133 -59.84 -202.66 11.14
C GLY A 133 -60.86 -201.89 10.29
N ALA A 134 -60.33 -201.21 9.28
CA ALA A 134 -61.18 -200.43 8.38
C ALA A 134 -62.14 -199.58 9.20
N GLY A 135 -61.56 -198.68 9.99
CA GLY A 135 -62.36 -197.80 10.83
C GLY A 135 -63.52 -198.56 11.48
N LYS A 136 -63.26 -199.82 11.78
CA LYS A 136 -64.27 -200.66 12.41
C LYS A 136 -63.63 -201.46 13.54
N SER A 137 -64.49 -202.06 14.35
CA SER A 137 -64.02 -202.86 15.48
C SER A 137 -64.68 -204.24 15.45
N TRP A 138 -63.94 -205.22 15.96
CA TRP A 138 -64.44 -206.59 16.01
C TRP A 138 -63.50 -207.41 16.88
N HIS A 139 -63.90 -208.64 17.13
CA HIS A 139 -63.10 -209.54 17.96
C HIS A 139 -61.83 -209.94 17.20
N LYS A 140 -60.70 -209.71 17.86
CA LYS A 140 -59.41 -210.04 17.26
C LYS A 140 -59.31 -211.56 17.10
N SER A 141 -60.02 -212.07 16.10
CA SER A 141 -60.01 -213.49 15.83
C SER A 141 -61.25 -213.88 15.02
N CYS A 142 -62.39 -213.33 15.44
CA CYS A 142 -63.65 -213.60 14.76
C CYS A 142 -63.60 -212.95 13.38
N PHE A 143 -62.76 -211.94 13.27
CA PHE A 143 -62.61 -211.22 12.01
C PHE A 143 -62.73 -212.17 10.82
N ARG A 144 -63.92 -212.17 10.22
CA ARG A 144 -64.17 -213.03 9.08
C ARG A 144 -64.20 -212.20 7.79
N CYS A 145 -63.54 -212.72 6.77
CA CYS A 145 -63.47 -212.04 5.49
C CYS A 145 -64.91 -211.83 4.99
N ALA A 146 -65.21 -210.58 4.66
CA ALA A 146 -66.53 -210.23 4.18
C ALA A 146 -66.56 -210.37 2.65
N LYS A 147 -65.81 -211.35 2.17
CA LYS A 147 -65.74 -211.61 0.74
C LYS A 147 -65.88 -213.12 0.48
N CYS A 148 -65.14 -213.88 1.27
CA CYS A 148 -65.18 -215.33 1.13
C CYS A 148 -65.87 -215.90 2.37
N GLY A 149 -65.96 -215.08 3.41
CA GLY A 149 -66.60 -215.50 4.64
C GLY A 149 -65.70 -216.45 5.43
N LYS A 150 -64.44 -216.49 5.03
CA LYS A 150 -63.47 -217.35 5.69
C LYS A 150 -62.88 -216.62 6.90
N SER A 151 -62.75 -217.36 7.99
CA SER A 151 -62.20 -216.81 9.22
C SER A 151 -60.73 -216.44 9.01
N LEU A 152 -60.38 -215.25 9.47
CA LEU A 152 -59.00 -214.79 9.36
C LEU A 152 -58.27 -215.01 10.68
N GLU A 153 -57.04 -214.53 10.72
CA GLU A 153 -56.23 -214.68 11.93
C GLU A 153 -54.90 -213.92 11.76
N SER A 154 -54.62 -213.09 12.75
CA SER A 154 -53.39 -212.30 12.73
C SER A 154 -53.48 -211.23 11.64
N THR A 155 -52.44 -210.40 11.59
CA THR A 155 -52.40 -209.34 10.61
C THR A 155 -52.41 -209.91 9.19
N THR A 156 -53.60 -210.06 8.66
CA THR A 156 -53.78 -210.59 7.32
C THR A 156 -55.13 -210.18 6.74
N LEU A 157 -55.63 -209.05 7.24
CA LEU A 157 -56.92 -208.54 6.78
C LEU A 157 -56.68 -207.38 5.83
N ALA A 158 -57.69 -207.10 5.02
CA ALA A 158 -57.61 -206.01 4.06
C ALA A 158 -58.81 -205.09 4.24
N ASP A 159 -58.50 -203.85 4.63
CA ASP A 159 -59.54 -202.86 4.85
C ASP A 159 -59.69 -202.01 3.59
N LYS A 160 -60.52 -202.50 2.68
CA LYS A 160 -60.77 -201.79 1.43
C LYS A 160 -62.27 -201.48 1.30
N ASP A 161 -62.55 -200.29 0.80
CA ASP A 161 -63.92 -199.87 0.62
C ASP A 161 -64.71 -200.15 1.89
N GLY A 162 -64.30 -199.50 2.97
CA GLY A 162 -64.95 -199.67 4.26
C GLY A 162 -65.37 -201.13 4.47
N GLU A 163 -64.53 -202.03 3.96
CA GLU A 163 -64.80 -203.44 4.08
C GLU A 163 -63.52 -204.20 4.47
N ILE A 164 -63.72 -205.32 5.14
CA ILE A 164 -62.59 -206.14 5.58
C ILE A 164 -62.57 -207.44 4.78
N TYR A 165 -61.38 -207.82 4.36
CA TYR A 165 -61.22 -209.04 3.59
C TYR A 165 -59.93 -209.78 3.99
N CYS A 166 -59.69 -210.89 3.32
CA CYS A 166 -58.51 -211.69 3.60
C CYS A 166 -57.40 -211.26 2.62
N LYS A 167 -56.17 -211.32 3.12
CA LYS A 167 -55.02 -210.94 2.31
C LYS A 167 -55.14 -211.60 0.94
N GLY A 168 -55.57 -212.85 0.94
CA GLY A 168 -55.73 -213.59 -0.29
C GLY A 168 -56.72 -212.90 -1.24
N CYS A 169 -57.66 -212.20 -0.64
CA CYS A 169 -58.67 -211.49 -1.40
C CYS A 169 -58.06 -210.17 -1.88
N TYR A 170 -57.42 -209.47 -0.95
CA TYR A 170 -56.78 -208.20 -1.27
C TYR A 170 -55.73 -208.37 -2.36
N ALA A 171 -55.08 -209.53 -2.34
CA ALA A 171 -54.05 -209.82 -3.33
C ALA A 171 -54.71 -210.26 -4.64
N LYS A 172 -55.42 -211.37 -4.56
CA LYS A 172 -56.10 -211.90 -5.73
C LYS A 172 -56.87 -210.77 -6.43
N ASN A 173 -57.80 -210.19 -5.68
CA ASN A 173 -58.60 -209.10 -6.22
C ASN A 173 -57.72 -208.18 -7.07
N PHE A 174 -56.51 -207.98 -6.58
CA PHE A 174 -55.55 -207.13 -7.29
C PHE A 174 -54.26 -207.89 -7.60
N GLY A 175 -54.41 -208.98 -8.34
CA GLY A 175 -53.28 -209.80 -8.71
C GLY A 175 -53.73 -211.14 -9.30
N PRO A 176 -53.90 -211.14 -10.65
CA PRO A 176 -54.33 -212.35 -11.34
C PRO A 176 -53.18 -213.36 -11.44
N LYS A 177 -51.99 -212.84 -11.68
CA LYS A 177 -50.81 -213.69 -11.81
C LYS A 177 -49.57 -212.81 -11.98
N GLY A 178 -48.73 -212.82 -10.94
CA GLY A 178 -47.51 -212.03 -10.97
C GLY A 178 -46.34 -212.83 -10.39
N PHE A 179 -45.92 -212.42 -9.20
CA PHE A 179 -44.81 -213.08 -8.53
C PHE A 179 -45.04 -214.60 -8.46
N GLY A 180 -43.94 -215.32 -8.32
CA GLY A 180 -44.00 -216.77 -8.24
C GLY A 180 -44.48 -217.22 -6.85
N PHE A 181 -44.59 -218.53 -6.69
CA PHE A 181 -45.03 -219.10 -5.43
C PHE A 181 -44.18 -220.31 -5.05
N GLY A 182 -44.12 -220.56 -3.74
CA GLY A 182 -43.35 -221.68 -3.23
C GLY A 182 -44.19 -222.56 -2.31
N GLN A 183 -43.91 -222.45 -1.02
CA GLN A 183 -44.64 -223.23 -0.03
C GLN A 183 -44.23 -222.80 1.38
N GLY A 184 -45.23 -222.58 2.22
CA GLY A 184 -44.98 -222.17 3.59
C GLY A 184 -46.02 -222.79 4.53
N ALA A 185 -45.54 -223.19 5.71
CA ALA A 185 -46.41 -223.78 6.71
C ALA A 185 -45.60 -224.04 7.98
N GLY A 186 -46.31 -224.51 9.00
CA GLY A 186 -45.69 -224.79 10.28
C GLY A 186 -46.71 -224.77 11.42
N ALA A 187 -47.44 -225.87 11.52
CA ALA A 187 -48.45 -226.00 12.55
C ALA A 187 -47.94 -226.90 13.67
N LEU A 188 -47.71 -226.29 14.82
CA LEU A 188 -47.21 -227.02 15.98
C LEU A 188 -47.28 -226.12 17.21
N ILE A 189 -48.50 -225.93 17.69
CA ILE A 189 -48.72 -225.10 18.87
C ILE A 189 -49.98 -225.57 19.58
N HIS A 190 -49.83 -225.85 20.87
CA HIS A 190 -50.95 -226.31 21.68
C HIS A 190 -51.06 -225.44 22.93
N SER A 191 -50.01 -225.49 23.75
CA SER A 191 -49.99 -224.71 24.98
C SER A 191 -48.54 -224.53 25.45
N GLN A 192 -47.88 -225.66 25.67
CA GLN A 192 -46.51 -225.64 26.12
C GLN A 192 -45.56 -225.97 24.96
ZN ZN B . -21.24 -50.49 12.93
ZN ZN C . -20.70 -62.64 26.63
ZN ZN D . -66.67 -210.84 16.98
ZN ZN E . -61.53 -213.39 1.43
N MET A 1 -17.21 -20.64 13.46
CA MET A 1 -17.43 -19.45 14.28
C MET A 1 -16.11 -18.72 14.55
N PRO A 2 -16.25 -17.45 15.02
CA PRO A 2 -15.08 -16.64 15.32
C PRO A 2 -14.41 -17.10 16.62
N ASN A 3 -14.03 -18.37 16.64
CA ASN A 3 -13.38 -18.94 17.81
C ASN A 3 -13.18 -20.43 17.59
N TRP A 4 -12.00 -20.78 17.07
CA TRP A 4 -11.68 -22.17 16.81
C TRP A 4 -10.17 -22.27 16.62
N GLY A 5 -9.66 -23.49 16.75
CA GLY A 5 -8.24 -23.73 16.59
C GLY A 5 -7.95 -25.23 16.43
N GLY A 6 -7.11 -25.54 15.46
CA GLY A 6 -6.75 -26.92 15.20
C GLY A 6 -5.33 -27.01 14.65
N GLY A 7 -5.03 -28.16 14.05
CA GLY A 7 -3.72 -28.39 13.48
C GLY A 7 -3.80 -29.28 12.23
N LYS A 8 -2.64 -29.75 11.80
CA LYS A 8 -2.58 -30.60 10.62
C LYS A 8 -1.77 -31.86 10.96
N LYS A 9 -2.41 -33.00 10.75
CA LYS A 9 -1.77 -34.28 11.03
C LYS A 9 -0.65 -34.51 10.01
N CYS A 10 0.57 -34.57 10.53
CA CYS A 10 1.74 -34.79 9.68
C CYS A 10 1.81 -36.27 9.34
N GLY A 11 1.47 -36.58 8.10
CA GLY A 11 1.50 -37.95 7.62
C GLY A 11 2.92 -38.40 7.30
N VAL A 12 3.86 -37.51 7.58
CA VAL A 12 5.26 -37.80 7.32
C VAL A 12 5.91 -38.37 8.58
N CYS A 13 6.01 -37.51 9.59
CA CYS A 13 6.61 -37.91 10.85
C CYS A 13 5.56 -38.67 11.66
N GLN A 14 4.29 -38.36 11.36
CA GLN A 14 3.19 -39.00 12.05
C GLN A 14 2.87 -38.25 13.35
N LYS A 15 3.16 -36.95 13.34
CA LYS A 15 2.91 -36.12 14.49
C LYS A 15 1.94 -34.99 14.11
N ALA A 16 1.25 -34.48 15.11
CA ALA A 16 0.29 -33.41 14.89
C ALA A 16 1.05 -32.09 14.73
N VAL A 17 0.61 -31.31 13.76
CA VAL A 17 1.22 -30.02 13.48
C VAL A 17 0.34 -28.91 14.02
N TYR A 18 0.99 -27.89 14.56
CA TYR A 18 0.27 -26.75 15.12
C TYR A 18 0.70 -25.44 14.44
N PHE A 19 -0.27 -24.57 14.23
CA PHE A 19 -0.01 -23.29 13.60
C PHE A 19 1.33 -22.72 14.06
N ALA A 20 2.33 -22.84 13.18
CA ALA A 20 3.66 -22.34 13.49
C ALA A 20 4.57 -22.58 12.28
N GLU A 21 4.60 -23.82 11.84
CA GLU A 21 5.42 -24.19 10.70
C GLU A 21 4.78 -25.35 9.93
N GLU A 22 3.52 -25.14 9.57
CA GLU A 22 2.78 -26.14 8.82
C GLU A 22 2.98 -25.95 7.32
N VAL A 23 3.39 -27.04 6.67
CA VAL A 23 3.62 -27.01 5.24
C VAL A 23 2.55 -27.83 4.53
N GLN A 24 1.78 -27.15 3.69
CA GLN A 24 0.72 -27.80 2.95
C GLN A 24 1.25 -28.31 1.61
N CYS A 25 0.56 -29.31 1.07
CA CYS A 25 0.95 -29.90 -0.20
C CYS A 25 -0.33 -30.39 -0.90
N GLU A 26 -1.09 -29.46 -1.42
CA GLU A 26 -2.31 -29.78 -2.12
C GLU A 26 -3.32 -30.40 -1.15
N GLY A 27 -3.14 -31.69 -0.90
CA GLY A 27 -4.02 -32.42 0.00
C GLY A 27 -3.27 -32.88 1.25
N SER A 28 -1.97 -33.09 1.07
CA SER A 28 -1.13 -33.53 2.17
C SER A 28 -0.58 -32.32 2.93
N SER A 29 0.08 -32.61 4.05
CA SER A 29 0.66 -31.56 4.87
C SER A 29 1.63 -32.18 5.88
N PHE A 30 2.82 -31.58 5.94
CA PHE A 30 3.84 -32.05 6.85
C PHE A 30 4.58 -30.87 7.51
N HIS A 31 5.37 -31.20 8.51
CA HIS A 31 6.14 -30.19 9.22
C HIS A 31 7.11 -29.52 8.26
N LYS A 32 7.63 -28.37 8.69
CA LYS A 32 8.58 -27.61 7.88
C LYS A 32 9.83 -28.45 7.66
N SER A 33 10.34 -29.00 8.77
CA SER A 33 11.53 -29.82 8.72
C SER A 33 11.16 -31.28 8.50
N CYS A 34 10.17 -31.49 7.63
CA CYS A 34 9.70 -32.82 7.32
C CYS A 34 9.74 -33.01 5.80
N PHE A 35 9.10 -32.08 5.11
CA PHE A 35 9.04 -32.13 3.66
C PHE A 35 10.39 -32.60 3.08
N LEU A 36 10.45 -33.89 2.79
CA LEU A 36 11.67 -34.47 2.24
C LEU A 36 11.30 -35.66 1.35
N CYS A 37 11.89 -35.69 0.17
CA CYS A 37 11.64 -36.76 -0.77
C CYS A 37 11.68 -38.08 -0.02
N MET A 38 10.52 -38.73 0.04
CA MET A 38 10.42 -40.00 0.72
C MET A 38 10.97 -41.14 -0.13
N VAL A 39 11.67 -40.75 -1.19
CA VAL A 39 12.27 -41.73 -2.09
C VAL A 39 13.79 -41.70 -1.94
N CYS A 40 14.38 -40.62 -2.43
CA CYS A 40 15.82 -40.46 -2.35
C CYS A 40 16.19 -40.08 -0.91
N LYS A 41 15.21 -39.52 -0.22
CA LYS A 41 15.42 -39.12 1.16
C LYS A 41 16.11 -37.75 1.18
N LYS A 42 15.95 -37.02 0.09
CA LYS A 42 16.54 -35.70 -0.03
C LYS A 42 15.52 -34.65 0.40
N ASN A 43 15.99 -33.74 1.26
CA ASN A 43 15.13 -32.67 1.75
C ASN A 43 14.53 -31.92 0.56
N LEU A 44 13.32 -31.43 0.76
CA LEU A 44 12.63 -30.68 -0.28
C LEU A 44 12.14 -29.35 0.29
N ASP A 45 12.38 -28.29 -0.46
CA ASP A 45 11.98 -26.96 -0.05
C ASP A 45 12.59 -25.92 -0.98
N SER A 46 11.81 -25.52 -1.97
CA SER A 46 12.27 -24.54 -2.93
C SER A 46 11.19 -24.27 -3.97
N THR A 47 11.29 -24.98 -5.09
CA THR A 47 10.34 -24.84 -6.17
C THR A 47 10.53 -25.93 -7.21
N THR A 48 10.30 -27.16 -6.79
CA THR A 48 10.45 -28.30 -7.67
C THR A 48 10.11 -29.60 -6.94
N VAL A 49 9.01 -29.55 -6.19
CA VAL A 49 8.56 -30.71 -5.44
C VAL A 49 7.21 -31.17 -6.00
N ALA A 50 6.88 -32.42 -5.70
CA ALA A 50 5.62 -32.99 -6.16
C ALA A 50 5.15 -34.02 -5.14
N VAL A 51 3.88 -34.40 -5.28
CA VAL A 51 3.29 -35.37 -4.38
C VAL A 51 2.83 -36.59 -5.19
N HIS A 52 2.58 -37.68 -4.46
CA HIS A 52 2.14 -38.91 -5.10
C HIS A 52 1.45 -39.80 -4.06
N GLY A 53 0.28 -40.30 -4.43
CA GLY A 53 -0.48 -41.17 -3.54
C GLY A 53 -0.44 -40.64 -2.10
N ASP A 54 0.21 -41.41 -1.25
CA ASP A 54 0.33 -41.05 0.15
C ASP A 54 1.80 -40.87 0.51
N GLU A 55 2.48 -40.10 -0.32
CA GLU A 55 3.90 -39.83 -0.11
C GLU A 55 4.33 -38.59 -0.90
N ILE A 56 5.55 -38.15 -0.62
CA ILE A 56 6.10 -36.97 -1.28
C ILE A 56 7.34 -37.38 -2.07
N TYR A 57 7.50 -36.73 -3.22
CA TYR A 57 8.64 -37.01 -4.08
C TYR A 57 9.16 -35.73 -4.73
N CYS A 58 10.46 -35.74 -5.01
CA CYS A 58 11.09 -34.59 -5.62
C CYS A 58 10.84 -34.65 -7.13
N LYS A 59 10.69 -33.46 -7.73
CA LYS A 59 10.44 -33.37 -9.14
C LYS A 59 11.26 -34.44 -9.88
N SER A 60 12.57 -34.29 -9.81
CA SER A 60 13.46 -35.23 -10.46
C SER A 60 12.88 -36.64 -10.39
N CYS A 61 12.48 -37.02 -9.19
CA CYS A 61 11.90 -38.33 -8.97
C CYS A 61 10.60 -38.43 -9.77
N TYR A 62 9.69 -37.52 -9.48
CA TYR A 62 8.41 -37.48 -10.16
C TYR A 62 8.58 -37.77 -11.65
N GLY A 63 9.47 -37.02 -12.28
CA GLY A 63 9.73 -37.19 -13.69
C GLY A 63 10.43 -38.52 -13.97
N LYS A 64 11.18 -38.97 -12.98
CA LYS A 64 11.91 -40.22 -13.09
C LYS A 64 10.91 -41.37 -13.21
N LYS A 65 9.95 -41.38 -12.31
CA LYS A 65 8.93 -42.41 -12.31
C LYS A 65 8.09 -42.31 -13.58
N TYR A 66 7.60 -41.11 -13.83
CA TYR A 66 6.79 -40.86 -15.01
C TYR A 66 7.56 -41.20 -16.29
N GLY A 67 8.87 -41.08 -16.19
CA GLY A 67 9.73 -41.38 -17.33
C GLY A 67 10.75 -42.48 -16.98
N PRO A 68 10.25 -43.74 -17.00
CA PRO A 68 11.10 -44.88 -16.69
C PRO A 68 12.04 -45.20 -17.86
N LYS A 69 12.85 -46.23 -17.66
CA LYS A 69 13.80 -46.64 -18.68
C LYS A 69 14.84 -45.55 -18.88
N GLY A 70 16.10 -45.94 -18.81
CA GLY A 70 17.20 -45.01 -18.98
C GLY A 70 18.52 -45.63 -18.52
N LYS A 71 18.88 -46.73 -19.14
CA LYS A 71 20.11 -47.43 -18.80
C LYS A 71 20.70 -48.05 -20.06
N GLY A 72 21.87 -48.66 -19.89
CA GLY A 72 22.55 -49.29 -21.01
C GLY A 72 23.65 -50.24 -20.51
N LYS A 73 24.21 -50.98 -21.45
CA LYS A 73 25.27 -51.92 -21.12
C LYS A 73 25.99 -52.34 -22.40
N GLY A 74 27.31 -52.40 -22.31
CA GLY A 74 28.12 -52.80 -23.45
C GLY A 74 29.61 -52.60 -23.16
N MET A 75 30.43 -52.93 -24.14
CA MET A 75 31.86 -52.80 -24.01
C MET A 75 32.54 -52.59 -25.37
N GLY A 76 33.75 -52.06 -25.33
CA GLY A 76 34.50 -51.81 -26.53
C GLY A 76 35.69 -50.89 -26.27
N ALA A 77 36.72 -51.05 -27.08
CA ALA A 77 37.92 -50.25 -26.95
C ALA A 77 38.76 -50.35 -28.22
N GLY A 78 39.78 -49.51 -28.29
CA GLY A 78 40.65 -49.50 -29.45
C GLY A 78 41.41 -48.18 -29.55
N THR A 79 42.69 -48.29 -29.91
CA THR A 79 43.53 -47.11 -30.04
C THR A 79 44.82 -47.46 -30.78
N LEU A 80 45.31 -46.51 -31.55
CA LEU A 80 46.54 -46.70 -32.30
C LEU A 80 47.37 -45.41 -32.27
N SER A 81 48.66 -45.58 -32.05
CA SER A 81 49.57 -44.45 -31.99
C SER A 81 50.94 -44.85 -32.54
N THR A 82 51.49 -43.97 -33.37
CA THR A 82 52.79 -44.21 -33.97
C THR A 82 53.88 -43.52 -33.17
N ASP A 83 54.92 -44.28 -32.85
CA ASP A 83 56.04 -43.74 -32.09
C ASP A 83 57.28 -43.71 -32.97
N LYS A 84 57.81 -42.51 -33.16
CA LYS A 84 59.00 -42.33 -33.98
C LYS A 84 59.48 -40.89 -33.85
N GLY A 85 60.77 -40.75 -33.57
CA GLY A 85 61.37 -39.44 -33.42
C GLY A 85 62.90 -39.53 -33.35
N GLU A 86 63.54 -39.10 -34.43
CA GLU A 86 64.98 -39.13 -34.50
C GLU A 86 65.58 -37.94 -33.74
N SER A 87 66.48 -38.26 -32.82
CA SER A 87 67.13 -37.23 -32.02
C SER A 87 68.60 -37.11 -32.43
N LEU A 88 68.87 -36.07 -33.21
CA LEU A 88 70.23 -35.82 -33.67
C LEU A 88 70.50 -34.31 -33.68
N GLY A 89 71.44 -33.90 -32.85
CA GLY A 89 71.79 -32.49 -32.76
C GLY A 89 71.88 -32.04 -31.30
N ILE A 90 70.75 -32.10 -30.62
CA ILE A 90 70.69 -31.70 -29.22
C ILE A 90 71.09 -30.22 -29.10
N LYS A 91 70.16 -29.44 -28.58
CA LYS A 91 70.38 -28.01 -28.40
C LYS A 91 69.83 -27.57 -27.05
N TYR A 92 70.39 -26.48 -26.54
CA TYR A 92 69.95 -25.95 -25.27
C TYR A 92 69.05 -24.73 -25.46
N GLU A 93 68.41 -24.33 -24.37
CA GLU A 93 67.52 -23.19 -24.40
C GLU A 93 67.21 -22.71 -22.98
N GLU A 94 67.14 -21.39 -22.83
CA GLU A 94 66.86 -20.80 -21.54
C GLU A 94 65.47 -20.16 -21.54
N GLY A 95 64.46 -21.02 -21.52
CA GLY A 95 63.08 -20.55 -21.51
C GLY A 95 62.18 -21.51 -20.73
N GLN A 96 61.49 -20.96 -19.76
CA GLN A 96 60.59 -21.76 -18.93
C GLN A 96 59.29 -22.05 -19.69
N SER A 97 58.99 -23.33 -19.81
CA SER A 97 57.79 -23.76 -20.51
C SER A 97 56.74 -24.24 -19.50
N HIS A 98 55.48 -24.04 -19.87
CA HIS A 98 54.37 -24.45 -19.01
C HIS A 98 54.33 -25.97 -18.92
N ARG A 99 54.11 -26.60 -20.07
CA ARG A 99 54.04 -28.04 -20.13
C ARG A 99 53.78 -28.49 -21.57
N PRO A 100 54.33 -29.70 -21.89
CA PRO A 100 54.18 -30.26 -23.22
C PRO A 100 52.76 -30.81 -23.43
N THR A 101 52.43 -31.06 -24.69
CA THR A 101 51.13 -31.59 -25.03
C THR A 101 51.26 -32.93 -25.74
N ASN A 102 52.13 -32.97 -26.73
CA ASN A 102 52.36 -34.18 -27.50
C ASN A 102 53.39 -33.91 -28.60
N PRO A 103 54.65 -34.30 -28.32
CA PRO A 103 55.73 -34.11 -29.26
C PRO A 103 55.63 -35.11 -30.42
N ASN A 104 54.96 -34.68 -31.48
CA ASN A 104 54.78 -35.52 -32.65
C ASN A 104 54.93 -34.67 -33.91
N ALA A 105 55.06 -35.36 -35.03
CA ALA A 105 55.20 -34.69 -36.32
C ALA A 105 56.51 -33.88 -36.32
N SER A 106 57.49 -34.40 -37.05
CA SER A 106 58.78 -33.75 -37.14
C SER A 106 59.69 -34.53 -38.10
N ARG A 107 59.87 -33.96 -39.28
CA ARG A 107 60.70 -34.58 -40.29
C ARG A 107 61.90 -33.69 -40.61
N MET A 108 63.03 -34.34 -40.87
CA MET A 108 64.24 -33.62 -41.19
C MET A 108 65.38 -34.58 -41.53
N ALA A 109 66.20 -34.17 -42.49
CA ALA A 109 67.33 -34.99 -42.92
C ALA A 109 68.59 -34.12 -42.98
N GLN A 110 69.72 -34.76 -42.74
CA GLN A 110 71.00 -34.06 -42.77
C GLN A 110 71.85 -34.56 -43.95
N LYS A 111 72.11 -33.65 -44.87
CA LYS A 111 72.89 -33.99 -46.04
C LYS A 111 74.39 -33.80 -45.72
N VAL A 112 75.22 -34.15 -46.68
CA VAL A 112 76.65 -34.03 -46.51
C VAL A 112 77.06 -32.56 -46.63
N GLY A 113 76.54 -31.76 -45.71
CA GLY A 113 76.83 -30.34 -45.70
C GLY A 113 77.99 -30.03 -44.74
N GLY A 114 78.88 -29.17 -45.20
CA GLY A 114 80.03 -28.78 -44.41
C GLY A 114 81.20 -28.37 -45.30
N SER A 115 81.81 -29.38 -45.91
CA SER A 115 82.94 -29.14 -46.80
C SER A 115 82.52 -28.26 -47.97
N ASP A 116 83.49 -27.54 -48.52
CA ASP A 116 83.24 -26.66 -49.64
C ASP A 116 84.54 -26.37 -50.37
N GLY A 117 84.58 -25.22 -51.02
CA GLY A 117 85.76 -24.81 -51.76
C GLY A 117 86.15 -23.36 -51.41
N CYS A 118 87.30 -22.96 -51.93
CA CYS A 118 87.79 -21.61 -51.68
C CYS A 118 87.48 -20.75 -52.92
N PRO A 119 86.48 -19.84 -52.74
CA PRO A 119 86.08 -18.96 -53.82
C PRO A 119 87.10 -17.85 -54.04
N ARG A 120 88.12 -17.86 -53.20
CA ARG A 120 89.18 -16.87 -53.30
C ARG A 120 90.31 -17.37 -54.19
N CYS A 121 91.02 -18.38 -53.70
CA CYS A 121 92.12 -18.95 -54.46
C CYS A 121 91.55 -19.92 -55.49
N GLY A 122 90.48 -20.60 -55.09
CA GLY A 122 89.82 -21.55 -55.97
C GLY A 122 89.99 -22.98 -55.44
N GLN A 123 91.07 -23.18 -54.71
CA GLN A 123 91.36 -24.49 -54.14
C GLN A 123 90.23 -24.92 -53.19
N ALA A 124 89.91 -26.20 -53.23
CA ALA A 124 88.87 -26.75 -52.38
C ALA A 124 89.16 -26.39 -50.93
N VAL A 125 88.15 -26.56 -50.09
CA VAL A 125 88.29 -26.27 -48.68
C VAL A 125 87.64 -27.40 -47.86
N TYR A 126 88.48 -28.07 -47.08
CA TYR A 126 88.01 -29.16 -46.25
C TYR A 126 89.17 -29.80 -45.47
N ALA A 127 90.21 -30.13 -46.21
CA ALA A 127 91.39 -30.74 -45.60
C ALA A 127 92.13 -29.70 -44.77
N ALA A 128 91.59 -29.45 -43.58
CA ALA A 128 92.18 -28.48 -42.67
C ALA A 128 92.24 -27.12 -43.36
N GLU A 129 92.33 -26.08 -42.54
CA GLU A 129 92.39 -24.73 -43.04
C GLU A 129 91.06 -24.35 -43.72
N LYS A 130 89.98 -24.56 -42.98
CA LYS A 130 88.65 -24.25 -43.48
C LYS A 130 88.04 -23.13 -42.65
N VAL A 131 87.48 -22.15 -43.34
CA VAL A 131 86.87 -21.01 -42.68
C VAL A 131 85.45 -20.82 -43.23
N ILE A 132 84.57 -20.37 -42.36
CA ILE A 132 83.19 -20.13 -42.75
C ILE A 132 82.81 -18.68 -42.43
N GLY A 133 82.50 -17.94 -43.49
CA GLY A 133 82.13 -16.55 -43.33
C GLY A 133 81.16 -16.11 -44.43
N ALA A 134 80.27 -15.20 -44.07
CA ALA A 134 79.29 -14.69 -45.01
C ALA A 134 78.64 -15.88 -45.73
N GLY A 135 77.96 -16.70 -44.95
CA GLY A 135 77.28 -17.87 -45.51
C GLY A 135 78.11 -18.49 -46.64
N LYS A 136 79.41 -18.46 -46.47
CA LYS A 136 80.32 -19.01 -47.46
C LYS A 136 81.52 -19.64 -46.76
N SER A 137 82.31 -20.37 -47.55
CA SER A 137 83.48 -21.03 -47.02
C SER A 137 84.72 -20.65 -47.84
N TRP A 138 85.85 -20.56 -47.15
CA TRP A 138 87.09 -20.20 -47.80
C TRP A 138 88.25 -20.68 -46.91
N HIS A 139 89.46 -20.40 -47.37
CA HIS A 139 90.65 -20.79 -46.63
C HIS A 139 90.93 -19.76 -45.53
N LYS A 140 91.20 -20.28 -44.34
CA LYS A 140 91.48 -19.42 -43.20
C LYS A 140 92.83 -18.72 -43.42
N SER A 141 92.86 -17.90 -44.45
CA SER A 141 94.07 -17.16 -44.78
C SER A 141 93.83 -16.27 -45.99
N CYS A 142 93.32 -16.89 -47.05
CA CYS A 142 93.04 -16.16 -48.27
C CYS A 142 92.00 -15.08 -47.97
N PHE A 143 91.01 -15.46 -47.18
CA PHE A 143 89.96 -14.53 -46.80
C PHE A 143 90.48 -13.10 -46.75
N ARG A 144 90.19 -12.36 -47.82
CA ARG A 144 90.62 -10.97 -47.90
C ARG A 144 89.41 -10.04 -47.96
N CYS A 145 89.65 -8.79 -47.61
CA CYS A 145 88.59 -7.79 -47.63
C CYS A 145 88.33 -7.38 -49.08
N ALA A 146 87.07 -7.45 -49.46
CA ALA A 146 86.68 -7.08 -50.81
C ALA A 146 86.35 -5.59 -50.87
N LYS A 147 87.08 -4.84 -50.06
CA LYS A 147 86.88 -3.40 -50.00
C LYS A 147 88.24 -2.70 -50.03
N CYS A 148 89.14 -3.20 -49.21
CA CYS A 148 90.48 -2.64 -49.12
C CYS A 148 91.46 -3.65 -49.72
N GLY A 149 91.00 -4.88 -49.84
CA GLY A 149 91.83 -5.93 -50.39
C GLY A 149 92.76 -6.51 -49.33
N LYS A 150 92.77 -5.85 -48.18
CA LYS A 150 93.61 -6.28 -47.07
C LYS A 150 93.34 -7.76 -46.77
N SER A 151 94.41 -8.53 -46.66
CA SER A 151 94.29 -9.94 -46.37
C SER A 151 93.92 -10.15 -44.89
N LEU A 152 92.83 -10.88 -44.69
CA LEU A 152 92.36 -11.16 -43.35
C LEU A 152 92.91 -12.50 -42.88
N GLU A 153 92.46 -12.92 -41.71
CA GLU A 153 92.90 -14.19 -41.16
C GLU A 153 91.94 -14.64 -40.05
N SER A 154 90.71 -14.93 -40.46
CA SER A 154 89.69 -15.37 -39.52
C SER A 154 89.45 -14.30 -38.47
N THR A 155 88.21 -14.25 -37.98
CA THR A 155 87.84 -13.28 -36.96
C THR A 155 87.98 -11.86 -37.51
N THR A 156 87.39 -10.92 -36.79
CA THR A 156 87.43 -9.52 -37.20
C THR A 156 87.09 -9.39 -38.68
N LEU A 157 86.35 -10.37 -39.18
CA LEU A 157 85.96 -10.37 -40.58
C LEU A 157 84.46 -10.07 -40.68
N ALA A 158 84.15 -9.06 -41.47
CA ALA A 158 82.76 -8.66 -41.66
C ALA A 158 82.19 -9.41 -42.87
N ASP A 159 80.92 -9.78 -42.74
CA ASP A 159 80.23 -10.49 -43.81
C ASP A 159 78.89 -9.82 -44.10
N LYS A 160 78.89 -9.01 -45.14
CA LYS A 160 77.67 -8.30 -45.53
C LYS A 160 76.86 -9.18 -46.48
N ASP A 161 75.93 -9.92 -45.91
CA ASP A 161 75.07 -10.79 -46.68
C ASP A 161 75.94 -11.85 -47.39
N GLY A 162 76.50 -11.43 -48.52
CA GLY A 162 77.34 -12.32 -49.30
C GLY A 162 78.77 -11.76 -49.40
N GLU A 163 78.86 -10.45 -49.38
CA GLU A 163 80.15 -9.77 -49.47
C GLU A 163 80.92 -9.94 -48.15
N ILE A 164 82.24 -9.84 -48.26
CA ILE A 164 83.09 -9.97 -47.10
C ILE A 164 84.05 -8.79 -47.04
N TYR A 165 84.24 -8.28 -45.83
CA TYR A 165 85.13 -7.14 -45.62
C TYR A 165 85.85 -7.26 -44.28
N CYS A 166 86.60 -6.21 -43.96
CA CYS A 166 87.34 -6.17 -42.71
C CYS A 166 86.52 -5.40 -41.68
N LYS A 167 86.60 -5.86 -40.44
CA LYS A 167 85.88 -5.21 -39.36
C LYS A 167 86.09 -3.70 -39.44
N GLY A 168 87.31 -3.32 -39.77
CA GLY A 168 87.66 -1.92 -39.88
C GLY A 168 86.79 -1.22 -40.92
N CYS A 169 86.38 -1.99 -41.92
CA CYS A 169 85.54 -1.46 -42.99
C CYS A 169 84.10 -1.43 -42.49
N TYR A 170 83.68 -2.54 -41.91
CA TYR A 170 82.33 -2.66 -41.39
C TYR A 170 82.05 -1.58 -40.35
N ALA A 171 83.10 -1.25 -39.60
CA ALA A 171 82.98 -0.24 -38.55
C ALA A 171 83.06 1.15 -39.19
N LYS A 172 84.21 1.43 -39.77
CA LYS A 172 84.43 2.73 -40.41
C LYS A 172 83.23 3.05 -41.30
N ASN A 173 83.05 2.22 -42.32
CA ASN A 173 81.95 2.41 -43.25
C ASN A 173 80.70 2.87 -42.48
N PHE A 174 80.55 2.32 -41.29
CA PHE A 174 79.41 2.67 -40.44
C PHE A 174 79.88 3.25 -39.11
N GLY A 175 80.62 4.35 -39.22
CA GLY A 175 81.13 5.02 -38.03
C GLY A 175 80.82 6.52 -38.07
N PRO A 176 81.72 7.27 -38.74
CA PRO A 176 81.56 8.71 -38.86
C PRO A 176 80.46 9.06 -39.87
N LYS A 177 80.23 10.35 -40.03
CA LYS A 177 79.22 10.82 -40.96
C LYS A 177 77.84 10.41 -40.45
N GLY A 178 76.89 11.32 -40.60
CA GLY A 178 75.53 11.06 -40.16
C GLY A 178 74.58 12.17 -40.62
N PHE A 179 73.35 12.10 -40.14
CA PHE A 179 72.35 13.09 -40.49
C PHE A 179 71.06 12.86 -39.71
N GLY A 180 70.20 13.88 -39.72
CA GLY A 180 68.93 13.79 -39.01
C GLY A 180 68.01 14.94 -39.43
N PHE A 181 66.72 14.64 -39.43
CA PHE A 181 65.72 15.64 -39.81
C PHE A 181 64.43 15.46 -39.00
N GLY A 182 63.59 16.48 -39.05
CA GLY A 182 62.33 16.44 -38.33
C GLY A 182 61.16 16.84 -39.24
N GLN A 183 59.97 16.79 -38.68
CA GLN A 183 58.78 17.14 -39.42
C GLN A 183 58.51 18.64 -39.33
N GLY A 184 57.89 19.18 -40.38
CA GLY A 184 57.58 20.58 -40.43
C GLY A 184 56.19 20.82 -41.03
N ALA A 185 55.69 22.03 -40.83
CA ALA A 185 54.38 22.39 -41.33
C ALA A 185 54.23 23.91 -41.29
N GLY A 186 53.10 24.37 -41.82
CA GLY A 186 52.82 25.81 -41.86
C GLY A 186 51.60 26.14 -41.02
N ALA A 187 51.13 27.37 -41.18
CA ALA A 187 49.96 27.83 -40.44
C ALA A 187 49.49 29.17 -41.01
N LEU A 188 48.22 29.47 -40.77
CA LEU A 188 47.64 30.70 -41.25
C LEU A 188 46.82 31.35 -40.14
N ILE A 189 45.76 30.64 -39.75
CA ILE A 189 44.88 31.13 -38.70
C ILE A 189 44.22 32.44 -39.15
N HIS A 190 42.91 32.42 -39.19
CA HIS A 190 42.15 33.59 -39.60
C HIS A 190 41.10 33.92 -38.54
N SER A 191 40.63 35.16 -38.58
CA SER A 191 39.61 35.61 -37.65
C SER A 191 38.79 36.74 -38.26
N GLN A 192 37.71 37.07 -37.58
CA GLN A 192 36.83 38.14 -38.04
C GLN A 192 37.47 39.50 -37.80
ZN ZN B . 6.27 -33.80 10.40
ZN ZN C . 13.72 -37.78 -4.86
ZN ZN D . 92.04 -20.13 -50.35
ZN ZN E . 88.40 -3.53 -45.65
N MET A 1 -17.21 -20.64 13.46
CA MET A 1 -17.43 -19.45 14.28
C MET A 1 -17.04 -18.19 13.51
N PRO A 2 -17.59 -17.03 13.99
CA PRO A 2 -17.31 -15.76 13.36
C PRO A 2 -15.90 -15.27 13.72
N ASN A 3 -15.52 -14.18 13.08
CA ASN A 3 -14.20 -13.60 13.33
C ASN A 3 -14.30 -12.07 13.26
N TRP A 4 -13.25 -11.42 13.73
CA TRP A 4 -13.20 -9.97 13.73
C TRP A 4 -12.19 -9.53 12.66
N GLY A 5 -12.39 -8.31 12.18
CA GLY A 5 -11.51 -7.76 11.16
C GLY A 5 -10.76 -6.54 11.69
N GLY A 6 -10.64 -5.54 10.83
CA GLY A 6 -9.96 -4.31 11.19
C GLY A 6 -10.55 -3.11 10.45
N GLY A 7 -9.72 -2.09 10.30
CA GLY A 7 -10.15 -0.88 9.61
C GLY A 7 -9.23 -0.56 8.42
N LYS A 8 -9.12 0.72 8.12
CA LYS A 8 -8.28 1.17 7.03
C LYS A 8 -7.50 2.41 7.46
N LYS A 9 -6.71 2.94 6.53
CA LYS A 9 -5.92 4.11 6.79
C LYS A 9 -6.22 5.18 5.74
N CYS A 10 -6.75 6.30 6.21
CA CYS A 10 -7.09 7.39 5.32
C CYS A 10 -5.80 8.16 4.98
N GLY A 11 -5.36 7.98 3.75
CA GLY A 11 -4.16 8.64 3.29
C GLY A 11 -4.43 10.11 2.93
N VAL A 12 -5.66 10.52 3.19
CA VAL A 12 -6.06 11.90 2.91
C VAL A 12 -5.92 12.73 4.18
N CYS A 13 -6.78 12.44 5.14
CA CYS A 13 -6.76 13.15 6.41
C CYS A 13 -5.60 12.61 7.25
N GLN A 14 -5.23 11.37 6.97
CA GLN A 14 -4.15 10.72 7.68
C GLN A 14 -4.68 10.09 8.97
N LYS A 15 -5.96 9.72 8.94
CA LYS A 15 -6.60 9.10 10.09
C LYS A 15 -7.07 7.70 9.71
N ALA A 16 -7.01 6.80 10.68
CA ALA A 16 -7.42 5.44 10.46
C ALA A 16 -8.96 5.37 10.46
N VAL A 17 -9.48 4.60 9.51
CA VAL A 17 -10.92 4.45 9.38
C VAL A 17 -11.36 3.20 10.14
N TYR A 18 -12.54 3.30 10.75
CA TYR A 18 -13.08 2.18 11.51
C TYR A 18 -13.99 1.31 10.62
N PHE A 19 -13.49 1.01 9.43
CA PHE A 19 -14.24 0.20 8.50
C PHE A 19 -15.73 0.52 8.56
N ALA A 20 -16.13 1.49 7.73
CA ALA A 20 -17.52 1.90 7.68
C ALA A 20 -17.66 3.09 6.73
N GLU A 21 -17.01 4.19 7.09
CA GLU A 21 -17.04 5.39 6.28
C GLU A 21 -16.02 5.30 5.15
N GLU A 22 -14.96 4.55 5.41
CA GLU A 22 -13.90 4.37 4.43
C GLU A 22 -14.50 4.25 3.02
N VAL A 23 -13.91 4.99 2.10
CA VAL A 23 -14.37 4.97 0.72
C VAL A 23 -13.18 4.68 -0.20
N GLN A 24 -13.29 3.57 -0.91
CA GLN A 24 -12.24 3.16 -1.83
C GLN A 24 -12.67 3.42 -3.28
N CYS A 25 -11.67 3.62 -4.13
CA CYS A 25 -11.94 3.88 -5.54
C CYS A 25 -10.62 3.73 -6.30
N GLU A 26 -10.49 2.58 -6.96
CA GLU A 26 -9.30 2.31 -7.73
C GLU A 26 -8.06 2.84 -7.02
N GLY A 27 -7.67 2.14 -5.95
CA GLY A 27 -6.52 2.53 -5.17
C GLY A 27 -6.90 3.54 -4.10
N SER A 28 -7.68 4.53 -4.50
CA SER A 28 -8.13 5.57 -3.58
C SER A 28 -8.75 4.92 -2.34
N SER A 29 -8.60 5.61 -1.22
CA SER A 29 -9.13 5.12 0.04
C SER A 29 -9.18 6.25 1.06
N PHE A 30 -10.26 7.03 1.00
CA PHE A 30 -10.44 8.14 1.91
C PHE A 30 -11.80 8.08 2.59
N HIS A 31 -11.91 8.81 3.69
CA HIS A 31 -13.16 8.85 4.45
C HIS A 31 -14.29 9.35 3.54
N LYS A 32 -15.50 8.99 3.91
CA LYS A 32 -16.67 9.39 3.14
C LYS A 32 -16.62 10.90 2.91
N SER A 33 -16.56 11.63 4.01
CA SER A 33 -16.50 13.09 3.93
C SER A 33 -15.26 13.53 3.14
N CYS A 34 -14.15 12.86 3.42
CA CYS A 34 -12.91 13.16 2.75
C CYS A 34 -13.13 13.03 1.24
N PHE A 35 -13.91 12.03 0.87
CA PHE A 35 -14.21 11.79 -0.53
C PHE A 35 -15.16 12.86 -1.08
N LEU A 36 -14.60 14.04 -1.29
CA LEU A 36 -15.38 15.16 -1.81
C LEU A 36 -14.57 15.90 -2.87
N CYS A 37 -15.21 16.17 -4.00
CA CYS A 37 -14.55 16.87 -5.08
C CYS A 37 -13.72 18.00 -4.50
N MET A 38 -12.41 17.90 -4.66
CA MET A 38 -11.51 18.91 -4.16
C MET A 38 -11.49 20.14 -5.06
N VAL A 39 -12.48 20.21 -5.94
CA VAL A 39 -12.60 21.32 -6.86
C VAL A 39 -13.83 22.15 -6.51
N CYS A 40 -15.00 21.57 -6.79
CA CYS A 40 -16.25 22.24 -6.51
C CYS A 40 -16.51 22.16 -5.00
N LYS A 41 -15.90 21.17 -4.38
CA LYS A 41 -16.04 20.97 -2.95
C LYS A 41 -17.37 20.26 -2.67
N LYS A 42 -17.84 19.54 -3.68
CA LYS A 42 -19.09 18.81 -3.56
C LYS A 42 -18.78 17.34 -3.27
N ASN A 43 -19.49 16.80 -2.29
CA ASN A 43 -19.31 15.41 -1.90
C ASN A 43 -19.36 14.53 -3.15
N LEU A 44 -18.54 13.48 -3.11
CA LEU A 44 -18.49 12.55 -4.23
C LEU A 44 -18.82 11.14 -3.74
N ASP A 45 -19.41 10.36 -4.63
CA ASP A 45 -19.78 9.00 -4.29
C ASP A 45 -20.80 8.48 -5.31
N SER A 46 -20.73 7.18 -5.58
CA SER A 46 -21.64 6.57 -6.51
C SER A 46 -21.20 6.87 -7.95
N THR A 47 -20.05 6.31 -8.32
CA THR A 47 -19.52 6.52 -9.65
C THR A 47 -19.49 8.01 -9.99
N THR A 48 -18.99 8.30 -11.18
CA THR A 48 -18.90 9.68 -11.64
C THR A 48 -17.62 10.33 -11.11
N VAL A 49 -17.35 10.09 -9.84
CA VAL A 49 -16.16 10.64 -9.21
C VAL A 49 -14.92 10.05 -9.85
N ALA A 50 -13.88 10.86 -9.92
CA ALA A 50 -12.62 10.43 -10.50
C ALA A 50 -11.48 10.65 -9.51
N VAL A 51 -10.35 10.03 -9.80
CA VAL A 51 -9.18 10.17 -8.94
C VAL A 51 -8.06 10.87 -9.71
N HIS A 52 -7.32 11.70 -8.99
CA HIS A 52 -6.22 12.44 -9.58
C HIS A 52 -5.17 12.74 -8.51
N GLY A 53 -3.92 12.42 -8.85
CA GLY A 53 -2.82 12.64 -7.94
C GLY A 53 -3.21 12.27 -6.51
N ASP A 54 -3.30 13.29 -5.67
CA ASP A 54 -3.66 13.07 -4.28
C ASP A 54 -4.94 13.86 -3.96
N GLU A 55 -5.95 13.65 -4.78
CA GLU A 55 -7.22 14.33 -4.60
C GLU A 55 -8.30 13.68 -5.47
N ILE A 56 -9.54 14.03 -5.18
CA ILE A 56 -10.66 13.49 -5.93
C ILE A 56 -11.31 14.61 -6.73
N TYR A 57 -11.87 14.23 -7.88
CA TYR A 57 -12.52 15.20 -8.75
C TYR A 57 -13.70 14.55 -9.48
N CYS A 58 -14.85 15.19 -9.36
CA CYS A 58 -16.07 14.70 -10.00
C CYS A 58 -15.82 14.64 -11.50
N LYS A 59 -16.47 13.67 -12.14
CA LYS A 59 -16.32 13.50 -13.57
C LYS A 59 -16.25 14.86 -14.25
N SER A 60 -17.38 15.55 -14.26
CA SER A 60 -17.46 16.87 -14.87
C SER A 60 -16.12 17.59 -14.71
N CYS A 61 -15.81 17.95 -13.47
CA CYS A 61 -14.57 18.64 -13.19
C CYS A 61 -13.44 17.98 -13.99
N TYR A 62 -13.27 16.70 -13.76
CA TYR A 62 -12.25 15.94 -14.45
C TYR A 62 -12.22 16.29 -15.94
N GLY A 63 -13.40 16.23 -16.56
CA GLY A 63 -13.52 16.54 -17.96
C GLY A 63 -13.24 18.02 -18.24
N LYS A 64 -13.41 18.82 -17.20
CA LYS A 64 -13.18 20.25 -17.31
C LYS A 64 -11.67 20.52 -17.34
N LYS A 65 -10.97 19.89 -16.41
CA LYS A 65 -9.53 20.05 -16.32
C LYS A 65 -8.88 19.51 -17.59
N TYR A 66 -9.35 18.35 -18.02
CA TYR A 66 -8.83 17.72 -19.23
C TYR A 66 -9.22 18.53 -20.47
N GLY A 67 -10.50 18.88 -20.53
CA GLY A 67 -11.01 19.65 -21.66
C GLY A 67 -9.97 20.68 -22.12
N PRO A 68 -9.24 20.31 -23.20
CA PRO A 68 -8.23 21.19 -23.76
C PRO A 68 -8.86 22.32 -24.55
N LYS A 69 -8.01 23.18 -25.09
CA LYS A 69 -8.48 24.31 -25.87
C LYS A 69 -7.28 24.96 -26.58
N GLY A 70 -7.59 25.69 -27.65
CA GLY A 70 -6.56 26.37 -28.42
C GLY A 70 -7.18 27.29 -29.47
N LYS A 71 -6.31 27.87 -30.28
CA LYS A 71 -6.76 28.78 -31.32
C LYS A 71 -5.56 29.16 -32.20
N GLY A 72 -5.86 29.93 -33.24
CA GLY A 72 -4.82 30.38 -34.16
C GLY A 72 -5.27 31.62 -34.93
N LYS A 73 -4.48 31.98 -35.94
CA LYS A 73 -4.78 33.13 -36.75
C LYS A 73 -3.82 33.18 -37.94
N GLY A 74 -4.05 34.16 -38.80
CA GLY A 74 -3.22 34.33 -39.98
C GLY A 74 -3.17 35.79 -40.42
N MET A 75 -2.70 35.99 -41.64
CA MET A 75 -2.60 37.33 -42.20
C MET A 75 -2.08 37.30 -43.63
N GLY A 76 -2.14 38.45 -44.28
CA GLY A 76 -1.68 38.56 -45.65
C GLY A 76 -1.50 40.03 -46.05
N ALA A 77 -1.18 40.23 -47.32
CA ALA A 77 -0.98 41.57 -47.84
C ALA A 77 -0.87 41.52 -49.37
N GLY A 78 -0.76 42.70 -49.96
CA GLY A 78 -0.64 42.79 -51.41
C GLY A 78 0.06 44.08 -51.81
N THR A 79 -0.06 44.41 -53.09
CA THR A 79 0.56 45.61 -53.62
C THR A 79 0.04 45.91 -55.03
N LEU A 80 0.28 47.13 -55.47
CA LEU A 80 -0.16 47.56 -56.78
C LEU A 80 0.90 48.49 -57.39
N SER A 81 0.64 48.88 -58.64
CA SER A 81 1.56 49.77 -59.34
C SER A 81 0.86 50.39 -60.55
N THR A 82 1.21 51.64 -60.81
CA THR A 82 0.62 52.35 -61.94
C THR A 82 1.69 53.19 -62.64
N ASP A 83 1.52 53.32 -63.95
CA ASP A 83 2.45 54.10 -64.75
C ASP A 83 1.72 54.70 -65.94
N LYS A 84 2.38 55.64 -66.59
CA LYS A 84 1.81 56.31 -67.75
C LYS A 84 2.92 56.92 -68.59
N GLY A 85 2.52 57.50 -69.72
CA GLY A 85 3.47 58.12 -70.62
C GLY A 85 2.76 59.03 -71.62
N GLU A 86 3.53 59.50 -72.60
CA GLU A 86 2.99 60.38 -73.63
C GLU A 86 4.07 60.74 -74.63
N SER A 87 3.64 61.38 -75.72
CA SER A 87 4.56 61.78 -76.77
C SER A 87 3.80 62.52 -77.87
N LEU A 88 4.57 63.11 -78.77
CA LEU A 88 3.99 63.85 -79.88
C LEU A 88 5.09 64.24 -80.87
N GLY A 89 4.67 64.85 -81.96
CA GLY A 89 5.61 65.28 -82.99
C GLY A 89 4.88 65.61 -84.29
N ILE A 90 5.49 66.50 -85.07
CA ILE A 90 4.92 66.90 -86.34
C ILE A 90 5.91 67.80 -87.09
N LYS A 91 5.83 67.72 -88.40
CA LYS A 91 6.73 68.52 -89.24
C LYS A 91 6.33 68.33 -90.71
N TYR A 92 6.73 69.31 -91.52
CA TYR A 92 6.42 69.27 -92.94
C TYR A 92 7.09 70.42 -93.68
N GLU A 93 7.28 70.23 -94.98
CA GLU A 93 7.92 71.24 -95.80
C GLU A 93 7.96 70.78 -97.26
N GLU A 94 8.29 71.72 -98.13
CA GLU A 94 8.37 71.42 -99.56
C GLU A 94 8.76 72.69 -100.34
N GLY A 95 9.04 72.49 -101.62
CA GLY A 95 9.41 73.59 -102.48
C GLY A 95 9.89 73.09 -103.84
N GLN A 96 9.98 74.00 -104.78
CA GLN A 96 10.44 73.66 -106.13
C GLN A 96 10.51 74.92 -107.00
N SER A 97 11.08 74.75 -108.18
CA SER A 97 11.22 75.86 -109.11
C SER A 97 11.96 75.40 -110.36
N HIS A 98 11.96 76.28 -111.36
CA HIS A 98 12.63 75.96 -112.62
C HIS A 98 12.66 77.21 -113.50
N ARG A 99 13.35 77.10 -114.62
CA ARG A 99 13.48 78.20 -115.55
C ARG A 99 14.02 77.71 -116.90
N PRO A 100 13.58 78.40 -117.98
CA PRO A 100 14.01 78.04 -119.32
C PRO A 100 15.45 78.49 -119.57
N THR A 101 15.94 78.20 -120.77
CA THR A 101 17.29 78.57 -121.14
C THR A 101 17.32 79.05 -122.60
N ASN A 102 18.41 79.72 -122.94
CA ASN A 102 18.58 80.25 -124.28
C ASN A 102 20.03 80.01 -124.73
N PRO A 103 20.16 79.48 -125.97
CA PRO A 103 21.48 79.21 -126.53
C PRO A 103 22.17 80.49 -126.97
N ASN A 104 23.39 80.34 -127.48
CA ASN A 104 24.15 81.48 -127.94
C ASN A 104 25.51 81.01 -128.47
N ALA A 105 26.01 81.72 -129.46
CA ALA A 105 27.29 81.38 -130.06
C ALA A 105 27.71 82.50 -131.01
N SER A 106 28.91 82.35 -131.56
CA SER A 106 29.45 83.32 -132.48
C SER A 106 30.81 82.88 -133.00
N ARG A 107 31.30 83.60 -134.00
CA ARG A 107 32.59 83.28 -134.59
C ARG A 107 32.92 84.27 -135.71
N MET A 108 34.21 84.45 -135.93
CA MET A 108 34.67 85.36 -136.97
C MET A 108 36.18 85.24 -137.17
N ALA A 109 36.64 85.84 -138.26
CA ALA A 109 38.06 85.82 -138.58
C ALA A 109 38.33 86.73 -139.78
N GLN A 110 39.61 86.84 -140.11
CA GLN A 110 40.01 87.68 -141.24
C GLN A 110 41.52 87.64 -141.41
N LYS A 111 41.96 87.93 -142.64
CA LYS A 111 43.38 87.93 -142.95
C LYS A 111 43.59 88.58 -144.31
N VAL A 112 44.80 89.08 -144.52
CA VAL A 112 45.15 89.73 -145.77
C VAL A 112 46.65 90.06 -145.77
N GLY A 113 47.18 90.21 -146.97
CA GLY A 113 48.59 90.54 -147.12
C GLY A 113 49.01 90.51 -148.59
N GLY A 114 50.24 90.92 -148.83
CA GLY A 114 50.77 90.95 -150.19
C GLY A 114 52.18 90.34 -150.24
N SER A 115 52.82 90.51 -151.38
CA SER A 115 54.16 89.99 -151.58
C SER A 115 54.68 90.39 -152.96
N ASP A 116 56.01 90.37 -153.08
CA ASP A 116 56.64 90.73 -154.33
C ASP A 116 58.09 90.22 -154.33
N GLY A 117 58.90 90.87 -155.15
CA GLY A 117 60.30 90.49 -155.25
C GLY A 117 61.21 91.71 -155.11
N CYS A 118 62.51 91.45 -155.00
CA CYS A 118 63.48 92.51 -154.86
C CYS A 118 64.07 92.81 -156.24
N PRO A 119 63.70 94.00 -156.78
CA PRO A 119 64.18 94.43 -158.08
C PRO A 119 65.64 94.88 -158.00
N ARG A 120 66.15 94.94 -156.79
CA ARG A 120 67.52 95.36 -156.56
C ARG A 120 68.46 94.17 -156.76
N CYS A 121 68.35 93.20 -155.87
CA CYS A 121 69.19 92.02 -155.93
C CYS A 121 68.59 91.07 -156.97
N GLY A 122 67.28 90.96 -156.94
CA GLY A 122 66.57 90.08 -157.87
C GLY A 122 65.79 89.01 -157.12
N GLN A 123 66.25 88.71 -155.92
CA GLN A 123 65.59 87.71 -155.10
C GLN A 123 64.12 88.06 -154.89
N ALA A 124 63.46 87.28 -154.04
CA ALA A 124 62.05 87.50 -153.76
C ALA A 124 61.93 88.21 -152.42
N VAL A 125 60.77 88.83 -152.22
CA VAL A 125 60.50 89.56 -150.99
C VAL A 125 59.10 89.19 -150.49
N TYR A 126 59.06 88.70 -149.26
CA TYR A 126 57.80 88.32 -148.65
C TYR A 126 57.58 89.05 -147.32
N ALA A 127 58.42 88.72 -146.35
CA ALA A 127 58.32 89.33 -145.04
C ALA A 127 59.70 89.30 -144.37
N ALA A 128 59.75 89.87 -143.18
CA ALA A 128 60.99 89.91 -142.42
C ALA A 128 61.85 91.07 -142.94
N GLU A 129 62.08 91.05 -144.25
CA GLU A 129 62.88 92.08 -144.89
C GLU A 129 62.17 92.63 -146.12
N LYS A 130 60.87 92.85 -145.97
CA LYS A 130 60.06 93.36 -147.07
C LYS A 130 59.82 94.86 -146.86
N VAL A 131 60.21 95.63 -147.86
CA VAL A 131 60.04 97.08 -147.80
C VAL A 131 59.22 97.54 -149.01
N ILE A 132 58.48 98.62 -148.80
CA ILE A 132 57.66 99.17 -149.86
C ILE A 132 57.93 100.68 -149.96
N GLY A 133 58.47 101.07 -151.12
CA GLY A 133 58.78 102.46 -151.36
C GLY A 133 58.65 102.79 -152.85
N ALA A 134 58.31 104.05 -153.12
CA ALA A 134 58.16 104.51 -154.49
C ALA A 134 57.24 103.54 -155.23
N GLY A 135 56.12 103.22 -154.60
CA GLY A 135 55.16 102.31 -155.19
C GLY A 135 55.83 101.04 -155.70
N LYS A 136 56.82 100.59 -154.93
CA LYS A 136 57.55 99.39 -155.29
C LYS A 136 57.95 98.63 -154.02
N SER A 137 58.51 97.45 -154.21
CA SER A 137 58.92 96.63 -153.09
C SER A 137 60.37 96.18 -153.29
N TRP A 138 61.06 96.00 -152.17
CA TRP A 138 62.45 95.58 -152.20
C TRP A 138 62.85 95.15 -150.79
N HIS A 139 64.06 94.65 -150.68
CA HIS A 139 64.57 94.20 -149.39
C HIS A 139 64.91 95.41 -148.53
N LYS A 140 64.40 95.39 -147.31
CA LYS A 140 64.64 96.47 -146.37
C LYS A 140 66.14 96.63 -146.15
N SER A 141 66.87 95.59 -146.55
CA SER A 141 68.32 95.60 -146.39
C SER A 141 68.97 96.29 -147.60
N CYS A 142 68.58 95.83 -148.79
CA CYS A 142 69.12 96.38 -150.01
C CYS A 142 68.59 97.80 -150.16
N PHE A 143 67.27 97.91 -150.21
CA PHE A 143 66.63 99.20 -150.35
C PHE A 143 67.42 100.29 -149.63
N ARG A 144 68.19 101.04 -150.41
CA ARG A 144 69.01 102.11 -149.86
C ARG A 144 69.05 103.29 -150.82
N CYS A 145 69.37 104.46 -150.27
CA CYS A 145 69.46 105.66 -151.08
C CYS A 145 70.35 105.38 -152.28
N ALA A 146 69.80 105.65 -153.46
CA ALA A 146 70.54 105.44 -154.69
C ALA A 146 71.37 106.67 -155.02
N LYS A 147 71.81 107.35 -153.96
CA LYS A 147 72.61 108.54 -154.11
C LYS A 147 73.83 108.47 -153.18
N CYS A 148 73.56 108.09 -151.93
CA CYS A 148 74.61 107.98 -150.94
C CYS A 148 74.80 106.50 -150.62
N GLY A 149 73.73 105.74 -150.79
CA GLY A 149 73.76 104.32 -150.51
C GLY A 149 73.36 104.02 -149.07
N LYS A 150 72.72 105.00 -148.45
CA LYS A 150 72.29 104.87 -147.07
C LYS A 150 70.97 104.10 -147.04
N SER A 151 71.01 102.93 -146.43
CA SER A 151 69.83 102.09 -146.32
C SER A 151 68.64 102.92 -145.83
N LEU A 152 67.47 102.52 -146.27
CA LEU A 152 66.24 103.21 -145.89
C LEU A 152 65.05 102.26 -146.02
N GLU A 153 63.90 102.74 -145.60
CA GLU A 153 62.68 101.95 -145.66
C GLU A 153 61.45 102.86 -145.61
N SER A 154 61.51 103.84 -144.72
CA SER A 154 60.41 104.77 -144.56
C SER A 154 60.79 105.87 -143.57
N THR A 155 59.84 106.75 -143.32
CA THR A 155 60.07 107.85 -142.40
C THR A 155 61.47 108.43 -142.59
N THR A 156 61.85 108.58 -143.85
CA THR A 156 63.15 109.11 -144.18
C THR A 156 63.46 108.89 -145.66
N LEU A 157 62.91 107.81 -146.20
CA LEU A 157 63.12 107.46 -147.59
C LEU A 157 62.45 108.51 -148.47
N ALA A 158 62.96 108.64 -149.69
CA ALA A 158 62.42 109.60 -150.63
C ALA A 158 62.25 108.93 -152.00
N ASP A 159 61.01 108.62 -152.33
CA ASP A 159 60.70 107.98 -153.60
C ASP A 159 60.47 109.05 -154.67
N LYS A 160 61.49 109.24 -155.49
CA LYS A 160 61.42 110.23 -156.56
C LYS A 160 60.78 109.60 -157.80
N ASP A 161 59.46 109.50 -157.75
CA ASP A 161 58.72 108.92 -158.86
C ASP A 161 58.99 107.42 -158.91
N GLY A 162 60.15 107.08 -159.43
CA GLY A 162 60.56 105.68 -159.55
C GLY A 162 61.91 105.44 -158.88
N GLU A 163 62.48 106.52 -158.36
CA GLU A 163 63.77 106.43 -157.70
C GLU A 163 63.58 106.46 -156.18
N ILE A 164 64.67 106.14 -155.48
CA ILE A 164 64.64 106.12 -154.03
C ILE A 164 65.91 106.77 -153.49
N TYR A 165 65.72 107.60 -152.47
CA TYR A 165 66.84 108.28 -151.85
C TYR A 165 66.57 108.54 -150.36
N CYS A 166 67.50 109.28 -149.75
CA CYS A 166 67.37 109.61 -148.34
C CYS A 166 66.85 111.04 -148.22
N LYS A 167 66.14 111.28 -147.12
CA LYS A 167 65.58 112.60 -146.88
C LYS A 167 66.65 113.66 -147.15
N GLY A 168 67.86 113.36 -146.70
CA GLY A 168 68.97 114.28 -146.88
C GLY A 168 69.21 114.57 -148.37
N CYS A 169 68.89 113.57 -149.19
CA CYS A 169 69.06 113.70 -150.62
C CYS A 169 67.85 114.45 -151.19
N TYR A 170 66.67 114.00 -150.78
CA TYR A 170 65.44 114.60 -151.23
C TYR A 170 65.41 116.09 -150.89
N ALA A 171 66.02 116.43 -149.77
CA ALA A 171 66.08 117.81 -149.32
C ALA A 171 67.18 118.55 -150.07
N LYS A 172 68.40 118.06 -149.89
CA LYS A 172 69.55 118.65 -150.54
C LYS A 172 69.24 118.88 -152.02
N ASN A 173 68.98 117.78 -152.71
CA ASN A 173 68.66 117.84 -154.12
C ASN A 173 67.77 119.06 -154.40
N PHE A 174 66.88 119.31 -153.46
CA PHE A 174 65.96 120.44 -153.59
C PHE A 174 66.09 121.38 -152.37
N GLY A 175 67.28 121.92 -152.21
CA GLY A 175 67.55 122.83 -151.10
C GLY A 175 68.14 124.15 -151.61
N PRO A 176 67.23 125.07 -152.01
CA PRO A 176 67.66 126.37 -152.51
C PRO A 176 68.12 127.27 -151.37
N LYS A 177 68.62 128.45 -151.74
CA LYS A 177 69.10 129.40 -150.76
C LYS A 177 67.92 129.95 -149.97
N GLY A 178 68.24 130.70 -148.92
CA GLY A 178 67.21 131.29 -148.08
C GLY A 178 66.79 132.67 -148.60
N PHE A 179 65.65 133.12 -148.12
CA PHE A 179 65.12 134.41 -148.53
C PHE A 179 63.85 134.75 -147.76
N GLY A 180 63.47 136.01 -147.84
CA GLY A 180 62.27 136.48 -147.15
C GLY A 180 62.00 137.96 -147.47
N PHE A 181 60.83 138.41 -147.05
CA PHE A 181 60.44 139.80 -147.28
C PHE A 181 59.09 140.11 -146.61
N GLY A 182 59.06 141.23 -145.93
CA GLY A 182 57.84 141.66 -145.25
C GLY A 182 58.09 142.90 -144.40
N GLN A 183 57.40 143.98 -144.77
CA GLN A 183 57.54 145.23 -144.05
C GLN A 183 56.17 145.87 -143.84
N GLY A 184 56.13 146.81 -142.90
CA GLY A 184 54.90 147.50 -142.59
C GLY A 184 54.75 147.72 -141.08
N ALA A 185 54.08 148.81 -140.73
CA ALA A 185 53.86 149.14 -139.34
C ALA A 185 52.51 149.83 -139.18
N GLY A 186 51.92 149.63 -138.01
CA GLY A 186 50.62 150.24 -137.73
C GLY A 186 50.73 151.75 -137.64
N ALA A 187 49.57 152.40 -137.71
CA ALA A 187 49.53 153.85 -137.65
C ALA A 187 49.27 154.29 -136.21
N LEU A 188 50.28 154.04 -135.37
CA LEU A 188 50.18 154.41 -133.96
C LEU A 188 51.50 154.08 -133.27
N ILE A 189 52.51 154.89 -133.56
CA ILE A 189 53.82 154.70 -132.98
C ILE A 189 53.71 154.81 -131.45
N HIS A 190 54.58 154.05 -130.78
CA HIS A 190 54.59 154.05 -129.33
C HIS A 190 55.72 153.17 -128.83
N SER A 191 56.95 153.57 -129.16
CA SER A 191 58.12 152.83 -128.75
C SER A 191 59.39 153.55 -129.21
N GLN A 192 59.75 154.58 -128.47
CA GLN A 192 60.93 155.36 -128.80
C GLN A 192 62.13 154.43 -129.03
ZN ZN B . -10.21 10.88 5.80
ZN ZN C . -16.34 18.84 -8.96
ZN ZN D . 67.40 92.77 -152.28
ZN ZN E . 71.09 109.93 -149.98
N MET A 1 -17.21 -20.64 13.46
CA MET A 1 -17.43 -19.45 14.28
C MET A 1 -16.99 -18.19 13.54
N PRO A 2 -17.94 -17.65 12.72
CA PRO A 2 -17.66 -16.45 11.95
C PRO A 2 -17.67 -15.21 12.84
N ASN A 3 -16.77 -14.29 12.54
CA ASN A 3 -16.67 -13.06 13.30
C ASN A 3 -15.48 -12.24 12.79
N TRP A 4 -15.79 -11.26 11.96
CA TRP A 4 -14.75 -10.40 11.40
C TRP A 4 -15.44 -9.36 10.51
N GLY A 5 -14.70 -8.29 10.24
CA GLY A 5 -15.22 -7.21 9.42
C GLY A 5 -14.09 -6.49 8.68
N GLY A 6 -14.44 -5.36 8.10
CA GLY A 6 -13.46 -4.56 7.36
C GLY A 6 -13.99 -3.14 7.12
N GLY A 7 -13.22 -2.39 6.35
CA GLY A 7 -13.59 -1.02 6.03
C GLY A 7 -12.82 -0.51 4.82
N LYS A 8 -12.72 0.81 4.73
CA LYS A 8 -12.01 1.44 3.63
C LYS A 8 -10.80 2.22 4.18
N LYS A 9 -10.08 2.84 3.26
CA LYS A 9 -8.92 3.63 3.64
C LYS A 9 -9.01 5.01 3.00
N CYS A 10 -9.07 6.02 3.86
CA CYS A 10 -9.16 7.40 3.40
C CYS A 10 -7.76 7.88 3.05
N GLY A 11 -7.51 7.99 1.76
CA GLY A 11 -6.21 8.44 1.27
C GLY A 11 -6.09 9.96 1.37
N VAL A 12 -7.12 10.57 1.95
CA VAL A 12 -7.14 12.01 2.10
C VAL A 12 -6.61 12.38 3.48
N CYS A 13 -7.37 12.02 4.49
CA CYS A 13 -6.98 12.30 5.86
C CYS A 13 -5.98 11.24 6.32
N GLN A 14 -6.03 10.10 5.65
CA GLN A 14 -5.13 9.00 5.97
C GLN A 14 -5.69 8.17 7.12
N LYS A 15 -7.01 8.18 7.23
CA LYS A 15 -7.68 7.43 8.29
C LYS A 15 -8.58 6.36 7.66
N ALA A 16 -8.76 5.29 8.41
CA ALA A 16 -9.58 4.19 7.95
C ALA A 16 -11.05 4.60 7.98
N VAL A 17 -11.78 4.17 6.95
CA VAL A 17 -13.19 4.49 6.85
C VAL A 17 -14.02 3.26 7.21
N TYR A 18 -15.26 3.51 7.60
CA TYR A 18 -16.16 2.43 7.98
C TYR A 18 -16.98 1.96 6.78
N PHE A 19 -18.01 2.72 6.46
CA PHE A 19 -18.87 2.39 5.35
C PHE A 19 -20.03 3.39 5.24
N ALA A 20 -20.72 3.32 4.10
CA ALA A 20 -21.85 4.20 3.86
C ALA A 20 -21.33 5.61 3.56
N GLU A 21 -20.76 6.23 4.58
CA GLU A 21 -20.23 7.58 4.45
C GLU A 21 -19.16 7.61 3.36
N GLU A 22 -18.50 6.47 3.18
CA GLU A 22 -17.46 6.35 2.19
C GLU A 22 -17.84 7.13 0.92
N VAL A 23 -16.87 7.86 0.39
CA VAL A 23 -17.09 8.65 -0.81
C VAL A 23 -16.09 8.22 -1.89
N GLN A 24 -16.64 7.69 -2.97
CA GLN A 24 -15.81 7.24 -4.08
C GLN A 24 -15.70 8.35 -5.14
N CYS A 25 -14.63 8.26 -5.92
CA CYS A 25 -14.40 9.24 -6.97
C CYS A 25 -13.35 8.67 -7.93
N GLU A 26 -13.29 9.27 -9.11
CA GLU A 26 -12.35 8.82 -10.13
C GLU A 26 -11.01 8.47 -9.49
N GLY A 27 -10.70 7.18 -9.52
CA GLY A 27 -9.45 6.70 -8.93
C GLY A 27 -9.14 7.42 -7.62
N SER A 28 -10.11 7.35 -6.71
CA SER A 28 -9.95 8.00 -5.41
C SER A 28 -11.15 7.67 -4.52
N SER A 29 -10.95 7.86 -3.22
CA SER A 29 -12.01 7.59 -2.26
C SER A 29 -11.64 8.18 -0.90
N PHE A 30 -12.51 9.03 -0.40
CA PHE A 30 -12.29 9.67 0.89
C PHE A 30 -13.57 9.67 1.73
N HIS A 31 -13.43 10.15 2.96
CA HIS A 31 -14.55 10.20 3.87
C HIS A 31 -15.65 11.09 3.29
N LYS A 32 -16.75 11.18 4.03
CA LYS A 32 -17.87 11.99 3.59
C LYS A 32 -17.60 13.46 3.92
N SER A 33 -17.27 13.68 5.19
CA SER A 33 -16.97 15.03 5.65
C SER A 33 -15.69 15.54 4.99
N CYS A 34 -14.75 14.63 4.81
CA CYS A 34 -13.48 14.98 4.19
C CYS A 34 -13.76 15.59 2.82
N PHE A 35 -14.73 15.01 2.13
CA PHE A 35 -15.11 15.50 0.81
C PHE A 35 -15.62 16.95 0.89
N LEU A 36 -14.68 17.87 0.83
CA LEU A 36 -15.02 19.29 0.89
C LEU A 36 -14.16 20.06 -0.12
N CYS A 37 -14.82 20.91 -0.89
CA CYS A 37 -14.13 21.71 -1.88
C CYS A 37 -12.89 22.31 -1.24
N MET A 38 -11.73 21.90 -1.74
CA MET A 38 -10.47 22.38 -1.22
C MET A 38 -10.16 23.78 -1.78
N VAL A 39 -11.17 24.38 -2.39
CA VAL A 39 -11.01 25.70 -2.97
C VAL A 39 -11.80 26.72 -2.13
N CYS A 40 -13.12 26.61 -2.24
CA CYS A 40 -14.00 27.50 -1.50
C CYS A 40 -14.05 27.05 -0.05
N LYS A 41 -13.80 25.76 0.14
CA LYS A 41 -13.80 25.18 1.47
C LYS A 41 -15.24 24.79 1.85
N LYS A 42 -16.04 24.57 0.82
CA LYS A 42 -17.43 24.19 1.02
C LYS A 42 -17.57 22.67 0.87
N ASN A 43 -18.22 22.07 1.86
CA ASN A 43 -18.42 20.64 1.85
C ASN A 43 -19.28 20.25 0.64
N LEU A 44 -18.98 19.08 0.10
CA LEU A 44 -19.71 18.58 -1.05
C LEU A 44 -20.20 17.16 -0.78
N ASP A 45 -21.37 16.85 -1.31
CA ASP A 45 -21.96 15.53 -1.13
C ASP A 45 -22.94 15.26 -2.26
N SER A 46 -22.39 14.84 -3.39
CA SER A 46 -23.22 14.53 -4.55
C SER A 46 -24.03 15.77 -4.96
N THR A 47 -23.69 16.32 -6.11
CA THR A 47 -24.38 17.49 -6.62
C THR A 47 -23.75 17.95 -7.93
N THR A 48 -22.47 18.29 -7.87
CA THR A 48 -21.74 18.74 -9.04
C THR A 48 -20.27 18.93 -8.71
N VAL A 49 -19.76 18.06 -7.84
CA VAL A 49 -18.37 18.13 -7.43
C VAL A 49 -17.49 17.52 -8.53
N ALA A 50 -16.22 17.90 -8.50
CA ALA A 50 -15.28 17.40 -9.48
C ALA A 50 -14.01 16.92 -8.77
N VAL A 51 -13.21 16.17 -9.51
CA VAL A 51 -11.96 15.64 -8.96
C VAL A 51 -10.79 16.17 -9.77
N HIS A 52 -9.70 16.46 -9.05
CA HIS A 52 -8.50 16.98 -9.70
C HIS A 52 -7.26 16.52 -8.91
N GLY A 53 -6.41 15.78 -9.59
CA GLY A 53 -5.18 15.29 -8.98
C GLY A 53 -5.50 14.49 -7.71
N ASP A 54 -5.45 15.18 -6.59
CA ASP A 54 -5.74 14.54 -5.31
C ASP A 54 -6.52 15.50 -4.42
N GLU A 55 -7.50 16.16 -5.05
CA GLU A 55 -8.33 17.11 -4.33
C GLU A 55 -9.72 17.19 -4.98
N ILE A 56 -10.67 17.66 -4.19
CA ILE A 56 -12.04 17.81 -4.67
C ILE A 56 -12.36 19.29 -4.86
N TYR A 57 -13.07 19.58 -5.93
CA TYR A 57 -13.45 20.95 -6.24
C TYR A 57 -14.84 21.00 -6.89
N CYS A 58 -15.70 21.82 -6.31
CA CYS A 58 -17.05 21.97 -6.82
C CYS A 58 -16.96 22.41 -8.28
N LYS A 59 -17.97 22.02 -9.05
CA LYS A 59 -18.01 22.37 -10.46
C LYS A 59 -17.46 23.78 -10.65
N SER A 60 -18.21 24.76 -10.16
CA SER A 60 -17.81 26.14 -10.26
C SER A 60 -16.29 26.26 -10.20
N CYS A 61 -15.75 25.97 -9.03
CA CYS A 61 -14.31 26.03 -8.82
C CYS A 61 -13.62 25.39 -10.02
N TYR A 62 -14.01 24.14 -10.29
CA TYR A 62 -13.44 23.41 -11.41
C TYR A 62 -13.36 24.28 -12.66
N GLY A 63 -14.52 24.83 -13.03
CA GLY A 63 -14.58 25.68 -14.20
C GLY A 63 -13.81 26.98 -13.99
N LYS A 64 -13.53 27.27 -12.72
CA LYS A 64 -12.80 28.47 -12.36
C LYS A 64 -11.32 28.27 -12.68
N LYS A 65 -10.77 27.18 -12.17
CA LYS A 65 -9.38 26.86 -12.39
C LYS A 65 -9.13 26.66 -13.90
N TYR A 66 -10.02 25.90 -14.50
CA TYR A 66 -9.92 25.62 -15.93
C TYR A 66 -10.14 26.89 -16.74
N GLY A 67 -11.22 27.60 -16.42
CA GLY A 67 -11.56 28.84 -17.10
C GLY A 67 -10.29 29.62 -17.46
N PRO A 68 -9.85 29.47 -18.73
CA PRO A 68 -8.67 30.16 -19.22
C PRO A 68 -8.96 31.64 -19.46
N LYS A 69 -7.93 32.35 -19.90
CA LYS A 69 -8.07 33.76 -20.19
C LYS A 69 -7.85 34.01 -21.68
N GLY A 70 -8.02 35.26 -22.08
CA GLY A 70 -7.86 35.64 -23.48
C GLY A 70 -7.03 36.91 -23.60
N LYS A 71 -7.08 37.50 -24.78
CA LYS A 71 -6.35 38.73 -25.05
C LYS A 71 -6.69 39.23 -26.46
N GLY A 72 -6.17 40.41 -26.76
CA GLY A 72 -6.41 41.01 -28.06
C GLY A 72 -5.44 42.17 -28.32
N LYS A 73 -5.67 42.85 -29.44
CA LYS A 73 -4.82 43.98 -29.81
C LYS A 73 -5.41 44.66 -31.04
N GLY A 74 -4.78 45.76 -31.42
CA GLY A 74 -5.23 46.51 -32.59
C GLY A 74 -4.16 47.49 -33.06
N MET A 75 -4.55 48.36 -33.97
CA MET A 75 -3.63 49.34 -34.52
C MET A 75 -4.38 50.49 -35.18
N GLY A 76 -3.63 51.53 -35.53
CA GLY A 76 -4.22 52.70 -36.19
C GLY A 76 -3.38 53.13 -37.38
N ALA A 77 -3.57 54.38 -37.77
CA ALA A 77 -2.83 54.93 -38.90
C ALA A 77 -3.06 56.44 -38.97
N GLY A 78 -2.37 57.07 -39.91
CA GLY A 78 -2.49 58.51 -40.08
C GLY A 78 -2.49 58.89 -41.56
N THR A 79 -2.22 60.16 -41.82
CA THR A 79 -2.18 60.66 -43.19
C THR A 79 -1.57 62.06 -43.22
N LEU A 80 -0.99 62.38 -44.37
CA LEU A 80 -0.36 63.68 -44.55
C LEU A 80 -0.75 64.25 -45.92
N SER A 81 -0.60 65.55 -46.04
CA SER A 81 -0.94 66.23 -47.29
C SER A 81 0.02 67.40 -47.52
N THR A 82 -0.07 67.96 -48.72
CA THR A 82 0.78 69.08 -49.08
C THR A 82 0.02 70.05 -49.98
N ASP A 83 0.58 71.24 -50.12
CA ASP A 83 -0.03 72.27 -50.95
C ASP A 83 1.05 73.22 -51.46
N LYS A 84 0.67 74.04 -52.43
CA LYS A 84 1.60 74.99 -53.01
C LYS A 84 0.83 76.24 -53.47
N GLY A 85 1.58 77.22 -53.95
CA GLY A 85 0.98 78.46 -54.41
C GLY A 85 1.96 79.25 -55.28
N GLU A 86 1.53 80.44 -55.68
CA GLU A 86 2.35 81.29 -56.51
C GLU A 86 1.63 82.62 -56.77
N SER A 87 2.37 83.55 -57.37
CA SER A 87 1.82 84.85 -57.69
C SER A 87 2.88 85.71 -58.37
N LEU A 88 2.42 86.82 -58.94
CA LEU A 88 3.32 87.73 -59.63
C LEU A 88 2.56 89.02 -59.97
N GLY A 89 3.29 89.96 -60.55
CA GLY A 89 2.70 91.24 -60.93
C GLY A 89 3.77 92.19 -61.46
N ILE A 90 3.34 93.09 -62.34
CA ILE A 90 4.24 94.05 -62.93
C ILE A 90 3.44 95.05 -63.78
N LYS A 91 3.98 96.25 -63.90
CA LYS A 91 3.34 97.29 -64.67
C LYS A 91 4.27 98.50 -64.79
N TYR A 92 3.94 99.37 -65.73
CA TYR A 92 4.74 100.57 -65.95
C TYR A 92 3.99 101.58 -66.82
N GLU A 93 4.53 102.78 -66.88
CA GLU A 93 3.93 103.84 -67.67
C GLU A 93 4.84 105.07 -67.69
N GLU A 94 4.59 105.93 -68.67
CA GLU A 94 5.38 107.14 -68.82
C GLU A 94 4.88 107.96 -70.01
N GLY A 95 5.33 109.20 -70.06
CA GLY A 95 4.93 110.10 -71.14
C GLY A 95 5.47 111.51 -70.90
N GLN A 96 5.61 112.25 -71.99
CA GLN A 96 6.11 113.60 -71.92
C GLN A 96 6.13 114.24 -73.31
N SER A 97 6.14 115.57 -73.33
CA SER A 97 6.17 116.31 -74.58
C SER A 97 6.12 117.81 -74.30
N HIS A 98 6.63 118.57 -75.26
CA HIS A 98 6.64 120.01 -75.14
C HIS A 98 7.19 120.63 -76.43
N ARG A 99 6.83 121.89 -76.64
CA ARG A 99 7.27 122.61 -77.82
C ARG A 99 7.04 124.11 -77.65
N PRO A 100 8.15 124.88 -77.72
CA PRO A 100 8.08 126.32 -77.59
C PRO A 100 7.50 126.98 -78.85
N THR A 101 7.41 128.30 -78.81
CA THR A 101 6.89 129.04 -79.94
C THR A 101 7.80 130.22 -80.27
N ASN A 102 7.83 130.57 -81.55
CA ASN A 102 8.65 131.67 -82.00
C ASN A 102 7.78 132.92 -82.20
N PRO A 103 8.26 134.06 -81.66
CA PRO A 103 7.53 135.31 -81.77
C PRO A 103 7.65 135.89 -83.19
N ASN A 104 7.02 137.04 -83.37
CA ASN A 104 7.05 137.71 -84.66
C ASN A 104 7.52 139.16 -84.49
N ALA A 105 7.93 139.75 -85.59
CA ALA A 105 8.40 141.13 -85.57
C ALA A 105 8.11 141.78 -86.92
N SER A 106 8.31 143.09 -86.96
CA SER A 106 8.07 143.85 -88.17
C SER A 106 8.50 145.31 -87.97
N ARG A 107 8.52 146.04 -89.08
CA ARG A 107 8.92 147.44 -89.04
C ARG A 107 8.60 148.12 -90.38
N MET A 108 8.22 149.38 -90.29
CA MET A 108 7.89 150.15 -91.48
C MET A 108 8.82 151.36 -91.62
N ALA A 109 8.84 151.90 -92.83
CA ALA A 109 9.67 153.06 -93.11
C ALA A 109 8.95 153.96 -94.11
N GLN A 110 9.52 155.14 -94.31
CA GLN A 110 8.95 156.11 -95.24
C GLN A 110 9.95 157.22 -95.54
N LYS A 111 9.67 157.96 -96.60
CA LYS A 111 10.53 159.06 -97.00
C LYS A 111 9.78 159.98 -97.96
N VAL A 112 10.34 161.17 -98.15
CA VAL A 112 9.72 162.14 -99.04
C VAL A 112 10.70 163.31 -99.25
N GLY A 113 10.43 164.07 -100.31
CA GLY A 113 11.26 165.22 -100.62
C GLY A 113 10.64 166.06 -101.74
N GLY A 114 9.70 166.91 -101.34
CA GLY A 114 9.02 167.77 -102.29
C GLY A 114 9.17 169.24 -101.91
N SER A 115 8.68 170.11 -102.79
CA SER A 115 8.75 171.54 -102.54
C SER A 115 8.18 171.85 -101.16
N ASP A 116 6.92 171.50 -100.98
CA ASP A 116 6.26 171.75 -99.70
C ASP A 116 5.14 170.71 -99.51
N GLY A 117 4.14 171.11 -98.74
CA GLY A 117 3.01 170.23 -98.46
C GLY A 117 1.69 170.99 -98.50
N CYS A 118 0.61 170.25 -98.42
CA CYS A 118 -0.72 170.84 -98.45
C CYS A 118 -1.24 170.93 -97.01
N PRO A 119 -1.28 172.18 -96.48
CA PRO A 119 -1.75 172.41 -95.13
C PRO A 119 -3.27 172.28 -95.05
N ARG A 120 -3.88 171.99 -96.20
CA ARG A 120 -5.31 171.85 -96.28
C ARG A 120 -5.72 170.38 -96.10
N CYS A 121 -5.39 169.59 -97.12
CA CYS A 121 -5.71 168.17 -97.09
C CYS A 121 -4.68 167.47 -96.19
N GLY A 122 -3.46 168.00 -96.23
CA GLY A 122 -2.39 167.43 -95.44
C GLY A 122 -1.52 166.49 -96.27
N GLN A 123 -1.59 166.69 -97.58
CA GLN A 123 -0.82 165.85 -98.49
C GLN A 123 0.32 166.68 -99.12
N ALA A 124 1.50 166.07 -99.12
CA ALA A 124 2.67 166.73 -99.68
C ALA A 124 2.30 167.41 -100.99
N VAL A 125 3.07 168.42 -101.34
CA VAL A 125 2.83 169.16 -102.58
C VAL A 125 4.15 169.36 -103.31
N TYR A 126 4.21 168.81 -104.52
CA TYR A 126 5.40 168.92 -105.34
C TYR A 126 5.20 168.26 -106.70
N ALA A 127 6.17 168.47 -107.58
CA ALA A 127 6.11 167.90 -108.91
C ALA A 127 5.05 168.66 -109.73
N ALA A 128 3.80 168.30 -109.48
CA ALA A 128 2.70 168.93 -110.18
C ALA A 128 1.56 169.21 -109.19
N GLU A 129 0.74 170.19 -109.54
CA GLU A 129 -0.37 170.57 -108.69
C GLU A 129 0.13 171.17 -107.37
N LYS A 130 1.02 172.14 -107.50
CA LYS A 130 1.57 172.80 -106.34
C LYS A 130 1.36 174.31 -106.44
N VAL A 131 0.22 174.75 -105.91
CA VAL A 131 -0.13 176.16 -105.93
C VAL A 131 0.59 176.88 -104.79
N ILE A 132 0.90 178.14 -105.04
CA ILE A 132 1.58 178.95 -104.04
C ILE A 132 0.80 180.24 -103.82
N GLY A 133 0.32 180.40 -102.60
CA GLY A 133 -0.45 181.58 -102.24
C GLY A 133 -0.29 181.92 -100.76
N ALA A 134 -0.45 183.19 -100.44
CA ALA A 134 -0.33 183.65 -99.07
C ALA A 134 0.93 183.04 -98.45
N GLY A 135 2.04 183.24 -99.14
CA GLY A 135 3.32 182.72 -98.67
C GLY A 135 3.16 181.28 -98.15
N LYS A 136 2.40 180.49 -98.90
CA LYS A 136 2.18 179.11 -98.53
C LYS A 136 1.97 178.28 -99.80
N SER A 137 2.04 176.97 -99.62
CA SER A 137 1.86 176.06 -100.74
C SER A 137 0.74 175.07 -100.43
N TRP A 138 -0.06 174.79 -101.45
CA TRP A 138 -1.18 173.87 -101.30
C TRP A 138 -1.55 173.35 -102.69
N HIS A 139 -2.47 172.40 -102.70
CA HIS A 139 -2.93 171.82 -103.95
C HIS A 139 -3.86 172.79 -104.66
N LYS A 140 -3.54 173.05 -105.93
CA LYS A 140 -4.34 173.95 -106.73
C LYS A 140 -5.79 173.47 -106.76
N SER A 141 -5.96 172.20 -106.41
CA SER A 141 -7.29 171.60 -106.38
C SER A 141 -8.01 172.02 -105.11
N CYS A 142 -7.36 171.79 -103.98
CA CYS A 142 -7.93 172.14 -102.70
C CYS A 142 -7.99 173.67 -102.58
N PHE A 143 -6.82 174.28 -102.67
CA PHE A 143 -6.73 175.73 -102.58
C PHE A 143 -7.97 176.39 -103.16
N ARG A 144 -8.82 176.87 -102.27
CA ARG A 144 -10.05 177.53 -102.68
C ARG A 144 -10.45 178.58 -101.66
N CYS A 145 -11.00 179.69 -102.16
CA CYS A 145 -11.43 180.77 -101.30
C CYS A 145 -12.13 180.17 -100.09
N ALA A 146 -11.67 180.57 -98.91
CA ALA A 146 -12.24 180.08 -97.67
C ALA A 146 -13.41 180.98 -97.27
N LYS A 147 -14.10 181.48 -98.28
CA LYS A 147 -15.25 182.34 -98.04
C LYS A 147 -16.41 181.90 -98.93
N CYS A 148 -16.09 181.68 -100.20
CA CYS A 148 -17.09 181.25 -101.16
C CYS A 148 -16.80 179.79 -101.54
N GLY A 149 -15.54 179.42 -101.40
CA GLY A 149 -15.12 178.06 -101.73
C GLY A 149 -14.73 177.95 -103.20
N LYS A 150 -14.42 179.09 -103.79
CA LYS A 150 -14.03 179.15 -105.19
C LYS A 150 -12.56 178.76 -105.32
N SER A 151 -12.33 177.64 -105.99
CA SER A 151 -10.97 177.15 -106.19
C SER A 151 -10.16 178.18 -106.96
N LEU A 152 -8.89 178.30 -106.57
CA LEU A 152 -8.00 179.25 -107.21
C LEU A 152 -6.78 178.49 -107.77
N GLU A 153 -5.83 179.26 -108.28
CA GLU A 153 -4.62 178.69 -108.84
C GLU A 153 -3.54 179.76 -109.00
N SER A 154 -3.89 180.79 -109.77
CA SER A 154 -2.96 181.88 -110.01
C SER A 154 -3.70 183.22 -109.87
N THR A 155 -3.02 184.16 -109.21
CA THR A 155 -3.58 185.48 -108.99
C THR A 155 -5.04 185.37 -108.54
N THR A 156 -5.72 186.51 -108.54
CA THR A 156 -7.10 186.55 -108.14
C THR A 156 -7.24 186.32 -106.63
N LEU A 157 -6.69 185.19 -106.20
CA LEU A 157 -6.74 184.84 -104.79
C LEU A 157 -6.34 186.06 -103.95
N ALA A 158 -6.51 185.91 -102.64
CA ALA A 158 -6.17 186.98 -101.72
C ALA A 158 -5.66 186.38 -100.41
N ASP A 159 -4.42 186.74 -100.07
CA ASP A 159 -3.81 186.25 -98.85
C ASP A 159 -4.07 187.24 -97.72
N LYS A 160 -5.03 186.90 -96.88
CA LYS A 160 -5.38 187.75 -95.75
C LYS A 160 -4.80 187.15 -94.47
N ASP A 161 -3.67 187.72 -94.05
CA ASP A 161 -3.00 187.25 -92.85
C ASP A 161 -3.01 185.73 -92.82
N GLY A 162 -2.45 185.15 -93.88
CA GLY A 162 -2.37 183.70 -93.99
C GLY A 162 -3.59 183.15 -94.73
N GLU A 163 -4.75 183.63 -94.33
CA GLU A 163 -6.00 183.20 -94.95
C GLU A 163 -5.92 183.37 -96.47
N ILE A 164 -6.80 182.66 -97.16
CA ILE A 164 -6.84 182.71 -98.61
C ILE A 164 -8.29 182.88 -99.07
N TYR A 165 -8.48 183.83 -99.97
CA TYR A 165 -9.81 184.11 -100.50
C TYR A 165 -9.75 184.49 -101.97
N CYS A 166 -10.89 184.93 -102.49
CA CYS A 166 -10.98 185.32 -103.89
C CYS A 166 -10.98 186.85 -103.94
N LYS A 167 -10.30 187.38 -104.96
CA LYS A 167 -10.23 188.81 -105.14
C LYS A 167 -11.60 189.43 -104.91
N GLY A 168 -12.62 188.76 -105.46
CA GLY A 168 -13.98 189.24 -105.31
C GLY A 168 -14.36 189.40 -103.85
N CYS A 169 -13.79 188.54 -103.02
CA CYS A 169 -14.05 188.58 -101.60
C CYS A 169 -13.19 189.69 -100.97
N TYR A 170 -11.93 189.69 -101.35
CA TYR A 170 -10.99 190.68 -100.84
C TYR A 170 -11.49 192.10 -101.16
N ALA A 171 -12.18 192.22 -102.29
CA ALA A 171 -12.71 193.50 -102.71
C ALA A 171 -14.00 193.79 -101.96
N LYS A 172 -15.00 192.96 -102.23
CA LYS A 172 -16.30 193.11 -101.58
C LYS A 172 -16.09 193.35 -100.08
N ASN A 173 -15.45 192.38 -99.45
CA ASN A 173 -15.18 192.47 -98.02
C ASN A 173 -14.82 193.92 -97.66
N PHE A 174 -14.00 194.52 -98.51
CA PHE A 174 -13.58 195.89 -98.28
C PHE A 174 -13.70 196.72 -99.57
N GLY A 175 -14.94 196.84 -100.02
CA GLY A 175 -15.21 197.59 -101.24
C GLY A 175 -16.72 197.70 -101.49
N PRO A 176 -17.41 198.42 -100.56
CA PRO A 176 -18.84 198.60 -100.68
C PRO A 176 -19.19 199.61 -101.77
N LYS A 177 -20.48 199.84 -101.93
CA LYS A 177 -20.95 200.79 -102.93
C LYS A 177 -21.94 201.76 -102.29
N GLY A 178 -23.05 201.20 -101.82
CA GLY A 178 -24.07 202.00 -101.17
C GLY A 178 -25.33 201.18 -100.91
N PHE A 179 -25.41 200.64 -99.71
CA PHE A 179 -26.55 199.83 -99.32
C PHE A 179 -26.52 199.51 -97.82
N GLY A 180 -26.37 200.58 -97.03
CA GLY A 180 -26.32 200.42 -95.59
C GLY A 180 -27.73 200.30 -95.01
N PHE A 181 -27.81 199.62 -93.87
CA PHE A 181 -29.08 199.43 -93.20
C PHE A 181 -28.93 199.51 -91.68
N GLY A 182 -30.06 199.49 -91.00
CA GLY A 182 -30.06 199.55 -89.55
C GLY A 182 -31.47 199.87 -89.01
N GLN A 183 -32.02 198.91 -88.30
CA GLN A 183 -33.35 199.08 -87.73
C GLN A 183 -33.27 199.17 -86.20
N GLY A 184 -34.40 199.51 -85.60
CA GLY A 184 -34.47 199.63 -84.16
C GLY A 184 -35.03 201.00 -83.75
N ALA A 185 -34.15 201.83 -83.21
CA ALA A 185 -34.54 203.16 -82.78
C ALA A 185 -35.56 203.04 -81.64
N GLY A 186 -35.58 204.07 -80.80
CA GLY A 186 -36.50 204.09 -79.68
C GLY A 186 -37.77 204.87 -80.02
N ALA A 187 -38.75 204.78 -79.12
CA ALA A 187 -40.01 205.47 -79.32
C ALA A 187 -40.88 205.28 -78.08
N LEU A 188 -41.19 204.03 -77.80
CA LEU A 188 -42.02 203.70 -76.65
C LEU A 188 -43.47 204.13 -76.92
N ILE A 189 -43.65 205.44 -77.02
CA ILE A 189 -44.97 205.99 -77.28
C ILE A 189 -45.88 205.70 -76.09
N HIS A 190 -45.87 206.62 -75.14
CA HIS A 190 -46.69 206.48 -73.94
C HIS A 190 -47.57 207.71 -73.77
N SER A 191 -48.75 207.48 -73.23
CA SER A 191 -49.70 208.56 -73.01
C SER A 191 -49.13 209.57 -72.02
N GLN A 192 -48.88 210.77 -72.52
CA GLN A 192 -48.34 211.82 -71.68
C GLN A 192 -49.46 212.58 -70.97
ZN ZN B . -10.99 11.20 5.46
ZN ZN C . -15.70 25.22 -4.59
ZN ZN D . -4.55 169.66 -100.91
ZN ZN E . -14.53 184.21 -102.09
N MET A 1 -17.21 -20.64 13.46
CA MET A 1 -17.43 -19.45 14.28
C MET A 1 -18.64 -19.63 15.20
N PRO A 2 -18.68 -18.80 16.27
CA PRO A 2 -19.78 -18.86 17.22
C PRO A 2 -21.04 -18.20 16.64
N ASN A 3 -22.06 -19.03 16.47
CA ASN A 3 -23.32 -18.56 15.94
C ASN A 3 -24.47 -19.36 16.54
N TRP A 4 -25.61 -18.69 16.67
CA TRP A 4 -26.79 -19.34 17.24
C TRP A 4 -27.67 -19.81 16.08
N GLY A 5 -27.88 -21.11 16.03
CA GLY A 5 -28.71 -21.70 14.99
C GLY A 5 -30.19 -21.40 15.23
N GLY A 6 -30.69 -21.91 16.34
CA GLY A 6 -32.09 -21.71 16.70
C GLY A 6 -32.52 -22.69 17.80
N GLY A 7 -33.24 -22.16 18.77
CA GLY A 7 -33.72 -22.96 19.88
C GLY A 7 -35.11 -22.52 20.32
N LYS A 8 -35.13 -21.73 21.39
CA LYS A 8 -36.39 -21.23 21.92
C LYS A 8 -36.34 -19.70 21.96
N LYS A 9 -37.45 -19.12 22.40
CA LYS A 9 -37.56 -17.68 22.50
C LYS A 9 -37.92 -17.29 23.93
N CYS A 10 -36.98 -16.61 24.57
CA CYS A 10 -37.19 -16.17 25.95
C CYS A 10 -38.04 -14.90 25.93
N GLY A 11 -39.30 -15.08 26.31
CA GLY A 11 -40.22 -13.96 26.34
C GLY A 11 -40.03 -13.11 27.60
N VAL A 12 -39.00 -13.47 28.36
CA VAL A 12 -38.69 -12.76 29.59
C VAL A 12 -37.65 -11.67 29.30
N CYS A 13 -36.46 -12.12 28.92
CA CYS A 13 -35.38 -11.20 28.62
C CYS A 13 -35.54 -10.75 27.17
N GLN A 14 -36.23 -11.57 26.40
CA GLN A 14 -36.46 -11.27 24.99
C GLN A 14 -35.26 -11.71 24.16
N LYS A 15 -34.59 -12.75 24.64
CA LYS A 15 -33.43 -13.28 23.95
C LYS A 15 -33.71 -14.72 23.52
N ALA A 16 -32.97 -15.16 22.51
CA ALA A 16 -33.14 -16.52 22.01
C ALA A 16 -32.45 -17.50 22.95
N VAL A 17 -33.14 -18.60 23.22
CA VAL A 17 -32.62 -19.62 24.11
C VAL A 17 -32.01 -20.75 23.26
N TYR A 18 -31.08 -21.47 23.87
CA TYR A 18 -30.41 -22.57 23.20
C TYR A 18 -30.19 -23.74 24.16
N PHE A 19 -30.12 -24.93 23.58
CA PHE A 19 -29.90 -26.13 24.37
C PHE A 19 -28.66 -25.99 25.25
N ALA A 20 -28.92 -25.65 26.51
CA ALA A 20 -27.84 -25.49 27.47
C ALA A 20 -28.43 -25.09 28.83
N GLU A 21 -29.27 -24.08 28.81
CA GLU A 21 -29.91 -23.60 30.02
C GLU A 21 -31.31 -23.08 29.72
N GLU A 22 -32.08 -23.91 29.03
CA GLU A 22 -33.44 -23.55 28.67
C GLU A 22 -34.42 -24.03 29.74
N VAL A 23 -35.33 -23.14 30.11
CA VAL A 23 -36.33 -23.46 31.13
C VAL A 23 -37.72 -23.33 30.52
N GLN A 24 -38.44 -24.44 30.49
CA GLN A 24 -39.78 -24.45 29.93
C GLN A 24 -40.80 -24.13 31.03
N CYS A 25 -41.95 -23.66 30.59
CA CYS A 25 -43.02 -23.31 31.52
C CYS A 25 -44.36 -23.74 30.90
N GLU A 26 -45.23 -24.24 31.77
CA GLU A 26 -46.54 -24.69 31.32
C GLU A 26 -47.07 -23.79 30.21
N GLY A 27 -47.06 -22.49 30.49
CA GLY A 27 -47.54 -21.51 29.53
C GLY A 27 -46.51 -20.38 29.35
N SER A 28 -45.27 -20.80 29.14
CA SER A 28 -44.19 -19.84 28.95
C SER A 28 -42.85 -20.58 28.82
N SER A 29 -41.79 -19.78 28.69
CA SER A 29 -40.46 -20.35 28.57
C SER A 29 -39.42 -19.23 28.62
N PHE A 30 -38.43 -19.44 29.48
CA PHE A 30 -37.36 -18.46 29.65
C PHE A 30 -36.03 -19.14 29.94
N HIS A 31 -34.98 -18.34 30.02
CA HIS A 31 -33.66 -18.85 30.29
C HIS A 31 -33.58 -19.35 31.73
N LYS A 32 -32.48 -20.00 32.04
CA LYS A 32 -32.27 -20.54 33.37
C LYS A 32 -32.07 -19.39 34.36
N SER A 33 -31.28 -18.41 33.93
CA SER A 33 -31.01 -17.26 34.76
C SER A 33 -32.04 -16.16 34.49
N CYS A 34 -33.27 -16.58 34.26
CA CYS A 34 -34.35 -15.65 34.00
C CYS A 34 -35.50 -15.96 34.96
N PHE A 35 -35.82 -17.25 35.05
CA PHE A 35 -36.90 -17.68 35.92
C PHE A 35 -36.70 -17.14 37.35
N LEU A 36 -37.24 -15.95 37.57
CA LEU A 36 -37.13 -15.32 38.87
C LEU A 36 -38.34 -14.39 39.09
N CYS A 37 -38.98 -14.56 40.23
CA CYS A 37 -40.14 -13.75 40.57
C CYS A 37 -39.79 -12.28 40.32
N MET A 38 -40.42 -11.72 39.30
CA MET A 38 -40.18 -10.33 38.95
C MET A 38 -40.90 -9.39 39.93
N VAL A 39 -41.41 -9.97 40.99
CA VAL A 39 -42.12 -9.20 42.00
C VAL A 39 -41.24 -9.08 43.25
N CYS A 40 -41.12 -10.19 43.97
CA CYS A 40 -40.31 -10.22 45.17
C CYS A 40 -38.85 -10.20 44.78
N LYS A 41 -38.59 -10.67 43.57
CA LYS A 41 -37.23 -10.71 43.05
C LYS A 41 -36.54 -11.99 43.54
N LYS A 42 -37.36 -12.98 43.85
CA LYS A 42 -36.85 -14.25 44.34
C LYS A 42 -36.76 -15.24 43.18
N ASN A 43 -35.58 -15.85 43.04
CA ASN A 43 -35.36 -16.81 41.98
C ASN A 43 -36.33 -17.98 42.15
N LEU A 44 -36.78 -18.51 41.01
CA LEU A 44 -37.71 -19.62 41.03
C LEU A 44 -37.13 -20.76 40.18
N ASP A 45 -37.31 -21.98 40.68
CA ASP A 45 -36.82 -23.15 39.98
C ASP A 45 -37.20 -24.40 40.78
N SER A 46 -38.42 -24.86 40.55
CA SER A 46 -38.93 -26.03 41.24
C SER A 46 -40.43 -26.19 41.00
N THR A 47 -41.19 -25.57 41.89
CA THR A 47 -42.64 -25.63 41.79
C THR A 47 -43.28 -24.40 42.45
N THR A 48 -44.59 -24.44 42.58
CA THR A 48 -45.32 -23.34 43.18
C THR A 48 -45.00 -22.02 42.47
N VAL A 49 -44.64 -22.15 41.20
CA VAL A 49 -44.31 -20.98 40.40
C VAL A 49 -45.45 -20.69 39.43
N ALA A 50 -45.58 -19.43 39.07
CA ALA A 50 -46.61 -19.01 38.14
C ALA A 50 -46.02 -18.03 37.13
N VAL A 51 -46.78 -17.80 36.06
CA VAL A 51 -46.34 -16.90 35.01
C VAL A 51 -47.36 -15.76 34.87
N HIS A 52 -47.01 -14.80 34.03
CA HIS A 52 -47.88 -13.65 33.81
C HIS A 52 -47.36 -12.85 32.60
N GLY A 53 -47.94 -13.14 31.45
CA GLY A 53 -47.55 -12.46 30.23
C GLY A 53 -46.03 -12.50 30.03
N ASP A 54 -45.45 -11.31 29.89
CA ASP A 54 -44.02 -11.20 29.69
C ASP A 54 -43.34 -11.02 31.05
N GLU A 55 -43.91 -11.68 32.05
CA GLU A 55 -43.37 -11.60 33.40
C GLU A 55 -43.61 -12.90 34.15
N ILE A 56 -42.77 -13.16 35.14
CA ILE A 56 -42.87 -14.37 35.93
C ILE A 56 -43.13 -13.98 37.39
N TYR A 57 -43.94 -14.81 38.05
CA TYR A 57 -44.27 -14.57 39.45
C TYR A 57 -44.38 -15.89 40.21
N CYS A 58 -44.04 -15.83 41.49
CA CYS A 58 -44.10 -17.01 42.34
C CYS A 58 -45.52 -17.15 42.87
N LYS A 59 -45.86 -18.38 43.22
CA LYS A 59 -47.20 -18.67 43.74
C LYS A 59 -47.64 -17.52 44.65
N SER A 60 -46.99 -17.44 45.80
CA SER A 60 -47.31 -16.40 46.77
C SER A 60 -47.77 -15.14 46.04
N CYS A 61 -46.82 -14.50 45.36
CA CYS A 61 -47.11 -13.28 44.63
C CYS A 61 -48.46 -13.47 43.91
N TYR A 62 -48.51 -14.50 43.07
CA TYR A 62 -49.72 -14.79 42.32
C TYR A 62 -50.95 -14.68 43.21
N GLY A 63 -50.92 -15.42 44.31
CA GLY A 63 -52.02 -15.42 45.25
C GLY A 63 -52.22 -14.03 45.87
N LYS A 64 -51.16 -13.23 45.79
CA LYS A 64 -51.19 -11.89 46.34
C LYS A 64 -51.93 -10.96 45.36
N LYS A 65 -51.55 -11.07 44.09
CA LYS A 65 -52.17 -10.26 43.06
C LYS A 65 -53.64 -10.66 42.91
N TYR A 66 -53.85 -11.95 42.72
CA TYR A 66 -55.21 -12.47 42.57
C TYR A 66 -56.00 -12.33 43.87
N GLY A 67 -55.37 -12.77 44.96
CA GLY A 67 -56.00 -12.70 46.26
C GLY A 67 -57.48 -13.11 46.18
N PRO A 68 -57.71 -14.45 46.17
CA PRO A 68 -59.06 -14.97 46.09
C PRO A 68 -59.79 -14.82 47.44
N LYS A 69 -59.08 -15.19 48.49
CA LYS A 69 -59.65 -15.10 49.83
C LYS A 69 -58.67 -14.34 50.74
N GLY A 70 -59.23 -13.44 51.52
CA GLY A 70 -58.42 -12.65 52.44
C GLY A 70 -58.33 -13.32 53.81
N LYS A 71 -57.97 -12.52 54.80
CA LYS A 71 -57.84 -13.03 56.16
C LYS A 71 -57.91 -11.85 57.14
N GLY A 72 -58.10 -12.19 58.41
CA GLY A 72 -58.18 -11.18 59.45
C GLY A 72 -58.20 -11.82 60.84
N LYS A 73 -58.12 -10.98 61.85
CA LYS A 73 -58.14 -11.45 63.22
C LYS A 73 -58.22 -10.25 64.17
N GLY A 74 -58.44 -10.55 65.44
CA GLY A 74 -58.54 -9.51 66.45
C GLY A 74 -57.84 -9.93 67.74
N MET A 75 -58.30 -9.36 68.84
CA MET A 75 -57.73 -9.66 70.15
C MET A 75 -58.48 -8.92 71.26
N GLY A 76 -58.26 -9.39 72.48
CA GLY A 76 -58.90 -8.78 73.63
C GLY A 76 -57.93 -7.87 74.39
N ALA A 77 -58.26 -7.63 75.65
CA ALA A 77 -57.42 -6.79 76.50
C ALA A 77 -58.00 -6.77 77.92
N GLY A 78 -57.32 -7.48 78.80
CA GLY A 78 -57.75 -7.56 80.19
C GLY A 78 -56.67 -7.03 81.13
N THR A 79 -57.10 -6.57 82.29
CA THR A 79 -56.19 -6.03 83.27
C THR A 79 -56.84 -6.03 84.66
N LEU A 80 -56.07 -6.49 85.64
CA LEU A 80 -56.56 -6.54 87.01
C LEU A 80 -55.37 -6.45 87.98
N SER A 81 -55.42 -5.44 88.82
CA SER A 81 -54.35 -5.24 89.80
C SER A 81 -54.74 -4.11 90.77
N THR A 82 -54.77 -4.46 92.05
CA THR A 82 -55.12 -3.48 93.07
C THR A 82 -54.05 -3.46 94.16
N ASP A 83 -54.01 -2.34 94.88
CA ASP A 83 -53.04 -2.18 95.95
C ASP A 83 -53.20 -0.79 96.57
N LYS A 84 -52.66 -0.64 97.77
CA LYS A 84 -52.74 0.63 98.48
C LYS A 84 -51.84 0.57 99.71
N GLY A 85 -51.27 1.73 100.04
CA GLY A 85 -50.39 1.82 101.19
C GLY A 85 -50.60 3.14 101.93
N GLU A 86 -49.90 3.28 103.05
CA GLU A 86 -50.00 4.48 103.85
C GLU A 86 -48.85 4.54 104.86
N SER A 87 -48.39 5.76 105.13
CA SER A 87 -47.30 5.96 106.07
C SER A 87 -47.41 7.35 106.69
N LEU A 88 -46.98 7.45 107.94
CA LEU A 88 -47.01 8.72 108.64
C LEU A 88 -45.74 8.86 109.49
N GLY A 89 -45.31 10.11 109.64
CA GLY A 89 -44.11 10.39 110.41
C GLY A 89 -44.27 11.70 111.19
N ILE A 90 -43.55 11.75 112.31
CA ILE A 90 -43.60 12.94 113.16
C ILE A 90 -42.18 13.34 113.56
N LYS A 91 -41.98 14.63 113.71
CA LYS A 91 -40.68 15.15 114.09
C LYS A 91 -40.85 16.30 115.09
N TYR A 92 -39.77 16.62 115.77
CA TYR A 92 -39.79 17.69 116.75
C TYR A 92 -38.39 18.23 117.02
N GLU A 93 -38.33 19.50 117.36
CA GLU A 93 -37.06 20.15 117.63
C GLU A 93 -37.27 21.42 118.46
N GLU A 94 -36.27 21.74 119.27
CA GLU A 94 -36.34 22.92 120.12
C GLU A 94 -34.99 23.15 120.80
N GLY A 95 -34.69 24.42 121.03
CA GLY A 95 -33.44 24.79 121.69
C GLY A 95 -32.95 26.15 121.20
N GLN A 96 -32.71 27.03 122.16
CA GLN A 96 -32.24 28.38 121.84
C GLN A 96 -31.96 29.16 123.12
N SER A 97 -30.79 29.77 123.16
CA SER A 97 -30.39 30.56 124.32
C SER A 97 -29.05 31.23 124.07
N HIS A 98 -29.05 32.55 124.16
CA HIS A 98 -27.85 33.33 123.95
C HIS A 98 -28.14 34.81 124.20
N ARG A 99 -27.10 35.52 124.63
CA ARG A 99 -27.23 36.94 124.90
C ARG A 99 -25.87 37.63 124.81
N PRO A 100 -25.87 38.83 124.17
CA PRO A 100 -24.64 39.59 124.00
C PRO A 100 -24.23 40.25 125.32
N THR A 101 -22.92 40.41 125.47
CA THR A 101 -22.39 41.02 126.68
C THR A 101 -20.88 41.25 126.53
N ASN A 102 -20.49 42.51 126.67
CA ASN A 102 -19.08 42.87 126.56
C ASN A 102 -18.91 44.34 126.98
N PRO A 103 -17.79 44.60 127.69
CA PRO A 103 -17.49 45.95 128.15
C PRO A 103 -17.00 46.83 127.00
N ASN A 104 -16.83 48.10 127.31
CA ASN A 104 -16.37 49.06 126.31
C ASN A 104 -15.93 50.35 127.01
N ALA A 105 -14.95 51.01 126.40
CA ALA A 105 -14.43 52.24 126.95
C ALA A 105 -13.56 52.94 125.89
N SER A 106 -13.48 54.25 126.01
CA SER A 106 -12.69 55.04 125.09
C SER A 106 -12.55 56.47 125.61
N ARG A 107 -11.68 57.23 124.94
CA ARG A 107 -11.44 58.60 125.33
C ARG A 107 -10.91 59.40 124.13
N MET A 108 -11.31 60.67 124.08
CA MET A 108 -10.88 61.55 123.01
C MET A 108 -10.05 62.71 123.55
N ALA A 109 -9.43 63.42 122.62
CA ALA A 109 -8.61 64.57 122.99
C ALA A 109 -8.70 65.63 121.89
N GLN A 110 -8.16 66.80 122.20
CA GLN A 110 -8.18 67.91 121.26
C GLN A 110 -7.02 68.87 121.54
N LYS A 111 -6.60 69.56 120.49
CA LYS A 111 -5.50 70.50 120.61
C LYS A 111 -5.79 71.73 119.74
N VAL A 112 -5.59 72.90 120.33
CA VAL A 112 -5.82 74.14 119.61
C VAL A 112 -4.48 74.74 119.19
N GLY A 113 -4.49 75.39 118.04
CA GLY A 113 -3.29 76.02 117.51
C GLY A 113 -3.58 76.75 116.20
N GLY A 114 -3.16 78.01 116.15
CA GLY A 114 -3.37 78.82 114.97
C GLY A 114 -2.61 80.15 115.07
N SER A 115 -2.40 80.76 113.92
CA SER A 115 -1.69 82.03 113.87
C SER A 115 -1.95 82.72 112.52
N ASP A 116 -2.32 83.99 112.61
CA ASP A 116 -2.60 84.76 111.41
C ASP A 116 -2.29 86.24 111.69
N GLY A 117 -2.96 87.09 110.93
CA GLY A 117 -2.76 88.52 111.07
C GLY A 117 -4.10 89.27 110.95
N CYS A 118 -4.05 90.57 111.24
CA CYS A 118 -5.24 91.39 111.17
C CYS A 118 -5.21 92.17 109.85
N PRO A 119 -6.10 91.76 108.92
CA PRO A 119 -6.19 92.40 107.62
C PRO A 119 -6.87 93.77 107.73
N ARG A 120 -7.27 94.10 108.95
CA ARG A 120 -7.93 95.37 109.21
C ARG A 120 -6.91 96.44 109.61
N CYS A 121 -6.35 96.27 110.79
CA CYS A 121 -5.37 97.21 111.30
C CYS A 121 -4.03 96.90 110.63
N GLY A 122 -3.82 95.63 110.35
CA GLY A 122 -2.58 95.20 109.71
C GLY A 122 -1.58 94.69 110.75
N GLN A 123 -2.11 94.30 111.90
CA GLN A 123 -1.27 93.79 112.97
C GLN A 123 -1.48 92.29 113.15
N ALA A 124 -0.39 91.58 113.30
CA ALA A 124 -0.44 90.13 113.47
C ALA A 124 -1.52 89.80 114.50
N VAL A 125 -2.03 88.57 114.40
CA VAL A 125 -3.07 88.11 115.30
C VAL A 125 -2.72 86.71 115.79
N TYR A 126 -2.74 86.55 117.11
CA TYR A 126 -2.43 85.26 117.71
C TYR A 126 -2.72 85.28 119.21
N ALA A 127 -2.15 86.28 119.87
CA ALA A 127 -2.33 86.42 121.31
C ALA A 127 -3.73 86.98 121.59
N ALA A 128 -3.92 87.43 122.82
CA ALA A 128 -5.20 87.98 123.23
C ALA A 128 -5.74 88.87 122.11
N GLU A 129 -7.07 88.98 122.07
CA GLU A 129 -7.72 89.78 121.05
C GLU A 129 -7.57 89.12 119.68
N LYS A 130 -8.01 87.87 119.60
CA LYS A 130 -7.93 87.12 118.37
C LYS A 130 -9.32 86.60 118.00
N VAL A 131 -9.75 86.95 116.80
CA VAL A 131 -11.06 86.52 116.33
C VAL A 131 -10.92 85.90 114.93
N ILE A 132 -11.76 84.91 114.67
CA ILE A 132 -11.73 84.23 113.40
C ILE A 132 -13.13 84.25 112.78
N GLY A 133 -13.23 84.91 111.63
CA GLY A 133 -14.51 85.01 110.94
C GLY A 133 -14.31 84.94 109.43
N ALA A 134 -15.28 84.33 108.77
CA ALA A 134 -15.23 84.18 107.32
C ALA A 134 -13.86 83.64 106.92
N GLY A 135 -13.52 82.50 107.46
CA GLY A 135 -12.24 81.87 107.17
C GLY A 135 -11.11 82.88 107.21
N LYS A 136 -11.28 83.88 108.09
CA LYS A 136 -10.27 84.92 108.24
C LYS A 136 -10.00 85.15 109.72
N SER A 137 -8.98 85.94 109.99
CA SER A 137 -8.60 86.24 111.37
C SER A 137 -8.33 87.74 111.51
N TRP A 138 -8.78 88.28 112.63
CA TRP A 138 -8.59 89.70 112.91
C TRP A 138 -8.75 89.92 114.41
N HIS A 139 -8.49 91.14 114.84
CA HIS A 139 -8.60 91.49 116.24
C HIS A 139 -10.07 91.71 116.60
N LYS A 140 -10.57 90.86 117.49
CA LYS A 140 -11.95 90.95 117.92
C LYS A 140 -12.30 92.42 118.18
N SER A 141 -11.28 93.19 118.51
CA SER A 141 -11.47 94.61 118.78
C SER A 141 -11.83 95.34 117.49
N CYS A 142 -10.97 95.19 116.49
CA CYS A 142 -11.20 95.83 115.20
C CYS A 142 -12.42 95.18 114.56
N PHE A 143 -12.34 93.86 114.40
CA PHE A 143 -13.43 93.12 113.79
C PHE A 143 -14.78 93.76 114.10
N ARG A 144 -15.24 94.57 113.18
CA ARG A 144 -16.52 95.26 113.34
C ARG A 144 -17.33 95.17 112.04
N CYS A 145 -18.65 95.23 112.20
CA CYS A 145 -19.54 95.16 111.07
C CYS A 145 -19.02 96.11 109.99
N ALA A 146 -18.85 95.57 108.78
CA ALA A 146 -18.36 96.36 107.67
C ALA A 146 -19.55 97.01 106.95
N LYS A 147 -20.57 97.36 107.74
CA LYS A 147 -21.76 97.98 107.19
C LYS A 147 -22.15 99.17 108.08
N CYS A 148 -22.13 98.93 109.37
CA CYS A 148 -22.49 99.97 110.33
C CYS A 148 -21.22 100.38 111.09
N GLY A 149 -20.25 99.47 111.09
CA GLY A 149 -19.00 99.72 111.76
C GLY A 149 -19.11 99.41 113.26
N LYS A 150 -20.12 98.63 113.60
CA LYS A 150 -20.34 98.26 114.99
C LYS A 150 -19.55 96.99 115.30
N SER A 151 -18.61 97.14 116.21
CA SER A 151 -17.77 96.01 116.61
C SER A 151 -18.64 94.78 116.83
N LEU A 152 -18.11 93.64 116.38
CA LEU A 152 -18.83 92.38 116.51
C LEU A 152 -18.21 91.57 117.64
N GLU A 153 -18.68 90.34 117.77
CA GLU A 153 -18.18 89.45 118.81
C GLU A 153 -18.98 88.14 118.82
N SER A 154 -18.30 87.08 119.20
CA SER A 154 -18.93 85.77 119.26
C SER A 154 -19.73 85.51 117.99
N THR A 155 -20.55 84.47 118.03
CA THR A 155 -21.36 84.11 116.89
C THR A 155 -22.55 85.07 116.76
N THR A 156 -22.22 86.33 116.52
CA THR A 156 -23.25 87.36 116.38
C THR A 156 -22.97 88.22 115.14
N LEU A 157 -21.98 87.78 114.37
CA LEU A 157 -21.61 88.50 113.16
C LEU A 157 -22.17 87.77 111.94
N ALA A 158 -21.81 88.27 110.77
CA ALA A 158 -22.27 87.67 109.52
C ALA A 158 -21.13 87.73 108.50
N ASP A 159 -20.57 86.55 108.22
CA ASP A 159 -19.48 86.45 107.26
C ASP A 159 -20.05 86.03 105.90
N LYS A 160 -20.35 87.04 105.09
CA LYS A 160 -20.89 86.79 103.77
C LYS A 160 -20.07 87.56 102.73
N ASP A 161 -19.85 86.91 101.59
CA ASP A 161 -19.08 87.53 100.52
C ASP A 161 -17.80 88.12 101.09
N GLY A 162 -16.95 87.23 101.60
CA GLY A 162 -15.68 87.66 102.19
C GLY A 162 -15.85 88.96 102.96
N GLU A 163 -17.05 89.16 103.47
CA GLU A 163 -17.35 90.35 104.25
C GLU A 163 -17.94 89.99 105.61
N ILE A 164 -17.74 90.88 106.57
CA ILE A 164 -18.23 90.66 107.91
C ILE A 164 -19.24 91.75 108.27
N TYR A 165 -20.32 91.34 108.91
CA TYR A 165 -21.36 92.27 109.31
C TYR A 165 -21.96 91.88 110.67
N CYS A 166 -22.97 92.63 111.06
CA CYS A 166 -23.63 92.38 112.34
C CYS A 166 -24.90 91.58 112.06
N LYS A 167 -25.22 90.69 112.98
CA LYS A 167 -26.40 89.85 112.86
C LYS A 167 -27.60 90.71 112.46
N GLY A 168 -27.65 91.89 113.07
CA GLY A 168 -28.73 92.82 112.79
C GLY A 168 -28.76 93.21 111.31
N CYS A 169 -27.58 93.19 110.71
CA CYS A 169 -27.44 93.54 109.30
C CYS A 169 -27.81 92.31 108.47
N TYR A 170 -27.24 91.18 108.85
CA TYR A 170 -27.50 89.93 108.14
C TYR A 170 -28.99 89.59 108.16
N ALA A 171 -29.64 89.96 109.26
CA ALA A 171 -31.05 89.70 109.42
C ALA A 171 -31.86 90.77 108.67
N LYS A 172 -31.69 92.01 109.11
CA LYS A 172 -32.38 93.12 108.49
C LYS A 172 -32.24 93.03 106.97
N ASN A 173 -30.99 93.10 106.53
CA ASN A 173 -30.69 93.04 105.11
C ASN A 173 -31.60 91.99 104.46
N PHE A 174 -31.83 90.90 105.19
CA PHE A 174 -32.67 89.82 104.70
C PHE A 174 -33.84 89.57 105.66
N GLY A 175 -34.64 90.61 105.85
CA GLY A 175 -35.79 90.50 106.74
C GLY A 175 -37.07 90.92 106.01
N PRO A 176 -37.57 90.00 105.15
CA PRO A 176 -38.78 90.26 104.39
C PRO A 176 -40.02 90.14 105.29
N LYS A 177 -41.15 90.61 104.75
CA LYS A 177 -42.39 90.56 105.49
C LYS A 177 -43.53 91.03 104.57
N GLY A 178 -43.76 90.26 103.52
CA GLY A 178 -44.82 90.59 102.57
C GLY A 178 -45.64 89.34 102.22
N PHE A 179 -46.87 89.60 101.80
CA PHE A 179 -47.77 88.51 101.43
C PHE A 179 -49.08 89.06 100.87
N GLY A 180 -49.29 88.81 99.59
CA GLY A 180 -50.50 89.26 98.92
C GLY A 180 -50.96 88.26 97.86
N PHE A 181 -50.11 88.08 96.86
CA PHE A 181 -50.42 87.15 95.77
C PHE A 181 -51.11 85.90 96.31
N GLY A 182 -52.21 85.53 95.67
CA GLY A 182 -52.96 84.36 96.07
C GLY A 182 -53.02 83.33 94.93
N GLN A 183 -54.05 82.52 94.97
CA GLN A 183 -54.23 81.49 93.95
C GLN A 183 -55.57 81.67 93.24
N GLY A 184 -56.63 81.63 94.02
CA GLY A 184 -57.97 81.78 93.48
C GLY A 184 -58.01 82.91 92.46
N ALA A 185 -58.49 82.58 91.26
CA ALA A 185 -58.59 83.56 90.20
C ALA A 185 -59.71 83.14 89.24
N GLY A 186 -60.08 84.08 88.37
CA GLY A 186 -61.13 83.83 87.41
C GLY A 186 -61.84 85.13 87.03
N ALA A 187 -63.06 84.96 86.53
CA ALA A 187 -63.87 86.11 86.13
C ALA A 187 -63.16 86.86 85.00
N LEU A 188 -63.73 86.75 83.81
CA LEU A 188 -63.16 87.41 82.65
C LEU A 188 -64.24 88.26 81.98
N ILE A 189 -65.27 87.59 81.50
CA ILE A 189 -66.37 88.27 80.84
C ILE A 189 -67.63 88.16 81.71
N HIS A 190 -67.58 88.80 82.85
CA HIS A 190 -68.70 88.79 83.78
C HIS A 190 -69.28 90.19 83.90
N SER A 191 -70.43 90.28 84.57
CA SER A 191 -71.10 91.55 84.76
C SER A 191 -70.36 92.37 85.81
N GLN A 192 -70.24 91.80 87.00
CA GLN A 192 -69.57 92.47 88.11
C GLN A 192 -68.29 93.13 87.61
ZN ZN B . -34.10 -15.09 29.32
ZN ZN C . -42.74 -13.64 44.48
ZN ZN D . -6.93 94.53 114.23
ZN ZN E . -24.11 96.19 110.73
N MET A 1 -17.21 -20.64 13.46
CA MET A 1 -17.43 -19.45 14.28
C MET A 1 -18.13 -18.36 13.48
N PRO A 2 -17.56 -18.06 12.28
CA PRO A 2 -18.12 -17.04 11.41
C PRO A 2 -19.38 -17.55 10.71
N ASN A 3 -19.26 -18.74 10.13
CA ASN A 3 -20.38 -19.34 9.43
C ASN A 3 -19.93 -20.66 8.79
N TRP A 4 -20.90 -21.46 8.40
CA TRP A 4 -20.61 -22.74 7.77
C TRP A 4 -21.86 -23.20 7.02
N GLY A 5 -21.66 -24.13 6.10
CA GLY A 5 -22.77 -24.65 5.31
C GLY A 5 -22.25 -25.34 4.05
N GLY A 6 -23.11 -26.15 3.46
CA GLY A 6 -22.77 -26.87 2.25
C GLY A 6 -23.88 -27.84 1.85
N GLY A 7 -23.68 -28.47 0.69
CA GLY A 7 -24.66 -29.43 0.19
C GLY A 7 -24.25 -29.94 -1.19
N LYS A 8 -24.98 -30.95 -1.64
CA LYS A 8 -24.71 -31.54 -2.94
C LYS A 8 -25.96 -31.44 -3.82
N LYS A 9 -25.82 -31.93 -5.05
CA LYS A 9 -26.93 -31.90 -5.98
C LYS A 9 -27.10 -33.30 -6.60
N CYS A 10 -28.24 -33.91 -6.30
CA CYS A 10 -28.53 -35.23 -6.82
C CYS A 10 -28.79 -35.12 -8.32
N GLY A 11 -27.82 -35.59 -9.09
CA GLY A 11 -27.93 -35.55 -10.54
C GLY A 11 -28.80 -36.69 -11.06
N VAL A 12 -29.38 -37.42 -10.11
CA VAL A 12 -30.25 -38.54 -10.47
C VAL A 12 -31.70 -38.06 -10.48
N CYS A 13 -32.19 -37.70 -9.31
CA CYS A 13 -33.56 -37.23 -9.18
C CYS A 13 -33.60 -35.75 -9.55
N GLN A 14 -32.45 -35.11 -9.42
CA GLN A 14 -32.33 -33.70 -9.74
C GLN A 14 -32.74 -32.85 -8.54
N LYS A 15 -32.55 -33.42 -7.36
CA LYS A 15 -32.88 -32.73 -6.13
C LYS A 15 -31.62 -32.50 -5.30
N ALA A 16 -31.61 -31.40 -4.57
CA ALA A 16 -30.47 -31.06 -3.75
C ALA A 16 -30.37 -32.05 -2.58
N VAL A 17 -29.14 -32.30 -2.16
CA VAL A 17 -28.90 -33.22 -1.06
C VAL A 17 -28.08 -32.51 0.02
N TYR A 18 -28.08 -33.11 1.21
CA TYR A 18 -27.35 -32.56 2.32
C TYR A 18 -25.87 -32.96 2.27
N PHE A 19 -25.11 -32.46 3.23
CA PHE A 19 -23.69 -32.75 3.30
C PHE A 19 -23.42 -33.92 4.26
N ALA A 20 -23.93 -35.08 3.89
CA ALA A 20 -23.75 -36.27 4.70
C ALA A 20 -24.50 -37.44 4.06
N GLU A 21 -25.81 -37.27 3.93
CA GLU A 21 -26.63 -38.31 3.33
C GLU A 21 -26.20 -38.57 1.89
N GLU A 22 -25.89 -37.48 1.20
CA GLU A 22 -25.46 -37.58 -0.18
C GLU A 22 -24.56 -38.79 -0.38
N VAL A 23 -24.90 -39.59 -1.39
CA VAL A 23 -24.13 -40.79 -1.68
C VAL A 23 -23.20 -40.51 -2.87
N GLN A 24 -21.91 -40.60 -2.60
CA GLN A 24 -20.91 -40.36 -3.63
C GLN A 24 -20.67 -41.63 -4.45
N CYS A 25 -20.93 -41.53 -5.74
CA CYS A 25 -20.75 -42.67 -6.63
C CYS A 25 -19.90 -42.21 -7.82
N GLU A 26 -19.10 -43.13 -8.33
CA GLU A 26 -18.24 -42.85 -9.45
C GLU A 26 -19.02 -42.14 -10.56
N GLY A 27 -20.04 -42.83 -11.05
CA GLY A 27 -20.88 -42.27 -12.11
C GLY A 27 -21.40 -40.89 -11.73
N SER A 28 -21.52 -40.68 -10.42
CA SER A 28 -22.01 -39.41 -9.91
C SER A 28 -22.50 -39.58 -8.47
N SER A 29 -23.08 -38.51 -7.95
CA SER A 29 -23.60 -38.52 -6.59
C SER A 29 -25.12 -38.50 -6.61
N PHE A 30 -25.71 -39.38 -5.80
CA PHE A 30 -27.15 -39.46 -5.71
C PHE A 30 -27.60 -39.60 -4.24
N HIS A 31 -28.91 -39.49 -4.06
CA HIS A 31 -29.48 -39.60 -2.72
C HIS A 31 -29.21 -41.01 -2.16
N LYS A 32 -29.61 -41.20 -0.92
CA LYS A 32 -29.43 -42.47 -0.26
C LYS A 32 -30.43 -43.48 -0.82
N SER A 33 -31.69 -43.04 -0.89
CA SER A 33 -32.74 -43.89 -1.39
C SER A 33 -32.61 -44.05 -2.91
N CYS A 34 -32.17 -42.98 -3.54
CA CYS A 34 -31.98 -42.98 -4.99
C CYS A 34 -31.04 -44.12 -5.35
N PHE A 35 -30.01 -44.28 -4.53
CA PHE A 35 -29.03 -45.34 -4.74
C PHE A 35 -29.65 -46.72 -4.55
N LEU A 36 -30.38 -47.16 -5.57
CA LEU A 36 -31.02 -48.46 -5.52
C LEU A 36 -30.88 -49.15 -6.87
N CYS A 37 -30.56 -50.44 -6.81
CA CYS A 37 -30.39 -51.22 -8.02
C CYS A 37 -31.60 -51.00 -8.92
N MET A 38 -31.34 -50.37 -10.06
CA MET A 38 -32.41 -50.08 -11.01
C MET A 38 -32.74 -51.32 -11.85
N VAL A 39 -32.20 -52.45 -11.41
CA VAL A 39 -32.43 -53.70 -12.11
C VAL A 39 -33.39 -54.56 -11.28
N CYS A 40 -32.89 -55.02 -10.13
CA CYS A 40 -33.68 -55.86 -9.25
C CYS A 40 -34.63 -54.95 -8.47
N LYS A 41 -34.22 -53.69 -8.33
CA LYS A 41 -35.03 -52.72 -7.60
C LYS A 41 -34.70 -52.82 -6.11
N LYS A 42 -33.52 -53.33 -5.82
CA LYS A 42 -33.08 -53.48 -4.44
C LYS A 42 -32.11 -52.35 -4.09
N ASN A 43 -32.41 -51.67 -2.99
CA ASN A 43 -31.57 -50.57 -2.54
C ASN A 43 -30.14 -51.09 -2.32
N LEU A 44 -29.19 -50.22 -2.64
CA LEU A 44 -27.79 -50.57 -2.48
C LEU A 44 -27.13 -49.59 -1.50
N ASP A 45 -26.48 -50.17 -0.50
CA ASP A 45 -25.80 -49.37 0.51
C ASP A 45 -24.29 -49.38 0.24
N SER A 46 -23.71 -50.56 0.35
CA SER A 46 -22.29 -50.72 0.13
C SER A 46 -21.91 -52.20 0.14
N THR A 47 -22.18 -52.85 -0.97
CA THR A 47 -21.88 -54.27 -1.09
C THR A 47 -21.79 -54.67 -2.57
N THR A 48 -20.59 -54.49 -3.12
CA THR A 48 -20.37 -54.83 -4.52
C THR A 48 -21.39 -54.14 -5.41
N VAL A 49 -21.37 -52.82 -5.39
CA VAL A 49 -22.29 -52.03 -6.19
C VAL A 49 -21.55 -51.48 -7.42
N ALA A 50 -22.31 -51.31 -8.49
CA ALA A 50 -21.75 -50.79 -9.72
C ALA A 50 -22.61 -49.63 -10.23
N VAL A 51 -22.05 -48.89 -11.17
CA VAL A 51 -22.76 -47.75 -11.74
C VAL A 51 -22.91 -47.95 -13.25
N HIS A 52 -23.78 -47.14 -13.84
CA HIS A 52 -24.04 -47.23 -15.27
C HIS A 52 -24.81 -45.99 -15.72
N GLY A 53 -24.10 -45.12 -16.45
CA GLY A 53 -24.70 -43.90 -16.95
C GLY A 53 -25.40 -43.13 -15.83
N ASP A 54 -26.72 -43.19 -15.85
CA ASP A 54 -27.51 -42.51 -14.84
C ASP A 54 -28.35 -43.54 -14.08
N GLU A 55 -27.70 -44.63 -13.70
CA GLU A 55 -28.35 -45.68 -12.96
C GLU A 55 -27.33 -46.53 -12.20
N ILE A 56 -27.81 -47.21 -11.17
CA ILE A 56 -26.96 -48.06 -10.37
C ILE A 56 -27.41 -49.51 -10.50
N TYR A 57 -26.43 -50.40 -10.48
CA TYR A 57 -26.72 -51.83 -10.60
C TYR A 57 -25.76 -52.65 -9.75
N CYS A 58 -26.33 -53.57 -8.99
CA CYS A 58 -25.54 -54.43 -8.12
C CYS A 58 -24.72 -55.37 -9.01
N LYS A 59 -23.46 -55.53 -8.63
CA LYS A 59 -22.57 -56.41 -9.37
C LYS A 59 -23.32 -57.66 -9.80
N SER A 60 -23.82 -58.39 -8.81
CA SER A 60 -24.57 -59.61 -9.07
C SER A 60 -25.39 -59.46 -10.35
N CYS A 61 -26.10 -58.34 -10.42
CA CYS A 61 -26.94 -58.07 -11.58
C CYS A 61 -26.03 -57.94 -12.81
N TYR A 62 -25.05 -57.06 -12.69
CA TYR A 62 -24.11 -56.83 -13.78
C TYR A 62 -23.63 -58.17 -14.36
N GLY A 63 -23.17 -59.03 -13.48
CA GLY A 63 -22.67 -60.34 -13.88
C GLY A 63 -23.82 -61.23 -14.36
N LYS A 64 -25.01 -60.93 -13.86
CA LYS A 64 -26.19 -61.69 -14.22
C LYS A 64 -26.57 -61.38 -15.67
N LYS A 65 -26.39 -60.12 -16.04
CA LYS A 65 -26.71 -59.68 -17.38
C LYS A 65 -25.56 -60.04 -18.32
N TYR A 66 -24.42 -59.40 -18.07
CA TYR A 66 -23.24 -59.63 -18.89
C TYR A 66 -22.85 -61.11 -18.87
N GLY A 67 -23.16 -61.77 -17.75
CA GLY A 67 -22.85 -63.18 -17.60
C GLY A 67 -23.05 -63.93 -18.90
N PRO A 68 -21.92 -64.14 -19.63
CA PRO A 68 -21.97 -64.85 -20.91
C PRO A 68 -22.16 -66.36 -20.69
N LYS A 69 -22.30 -67.07 -21.80
CA LYS A 69 -22.49 -68.50 -21.74
C LYS A 69 -21.87 -69.13 -22.98
N GLY A 70 -21.89 -70.47 -23.01
CA GLY A 70 -21.33 -71.20 -24.13
C GLY A 70 -21.55 -72.71 -23.96
N LYS A 71 -21.14 -73.46 -24.97
CA LYS A 71 -21.29 -74.90 -24.94
C LYS A 71 -20.57 -75.50 -26.15
N GLY A 72 -20.57 -76.83 -26.20
CA GLY A 72 -19.92 -77.54 -27.29
C GLY A 72 -20.02 -79.05 -27.09
N LYS A 73 -19.65 -79.77 -28.14
CA LYS A 73 -19.68 -81.22 -28.09
C LYS A 73 -19.08 -81.79 -29.39
N GLY A 74 -19.00 -83.11 -29.43
CA GLY A 74 -18.44 -83.79 -30.59
C GLY A 74 -18.65 -85.30 -30.50
N MET A 75 -18.13 -86.00 -31.51
CA MET A 75 -18.25 -87.44 -31.54
C MET A 75 -17.56 -88.02 -32.79
N GLY A 76 -17.44 -89.33 -32.80
CA GLY A 76 -16.81 -90.01 -33.93
C GLY A 76 -16.82 -91.52 -33.72
N ALA A 77 -16.37 -92.23 -34.75
CA ALA A 77 -16.32 -93.68 -34.69
C ALA A 77 -15.67 -94.21 -35.98
N GLY A 78 -15.48 -95.53 -36.02
CA GLY A 78 -14.88 -96.17 -37.17
C GLY A 78 -15.17 -97.67 -37.17
N THR A 79 -14.62 -98.34 -38.17
CA THR A 79 -14.81 -99.78 -38.31
C THR A 79 -13.47 -100.47 -38.54
N LEU A 80 -13.53 -101.79 -38.62
CA LEU A 80 -12.33 -102.58 -38.84
C LEU A 80 -12.73 -103.96 -39.39
N SER A 81 -11.72 -104.71 -39.80
CA SER A 81 -11.95 -106.04 -40.33
C SER A 81 -10.75 -106.93 -40.04
N THR A 82 -10.93 -108.22 -40.30
CA THR A 82 -9.87 -109.20 -40.06
C THR A 82 -10.01 -110.38 -41.02
N ASP A 83 -8.87 -110.91 -41.42
CA ASP A 83 -8.85 -112.04 -42.34
C ASP A 83 -7.75 -113.02 -41.91
N LYS A 84 -7.82 -114.22 -42.47
CA LYS A 84 -6.84 -115.25 -42.15
C LYS A 84 -6.53 -116.05 -43.41
N GLY A 85 -5.58 -116.97 -43.28
CA GLY A 85 -5.17 -117.79 -44.40
C GLY A 85 -4.50 -119.08 -43.91
N GLU A 86 -3.90 -119.79 -44.85
CA GLU A 86 -3.23 -121.04 -44.53
C GLU A 86 -2.47 -121.56 -45.76
N SER A 87 -1.65 -122.57 -45.52
CA SER A 87 -0.86 -123.17 -46.59
C SER A 87 -0.30 -124.51 -46.13
N LEU A 88 0.25 -125.24 -47.10
CA LEU A 88 0.84 -126.54 -46.81
C LEU A 88 2.00 -126.80 -47.76
N GLY A 89 2.66 -127.93 -47.54
CA GLY A 89 3.80 -128.29 -48.36
C GLY A 89 4.24 -129.73 -48.09
N ILE A 90 5.27 -130.16 -48.81
CA ILE A 90 5.78 -131.51 -48.66
C ILE A 90 7.16 -131.60 -49.30
N LYS A 91 7.80 -132.75 -49.11
CA LYS A 91 9.12 -132.97 -49.67
C LYS A 91 9.47 -134.46 -49.58
N TYR A 92 10.58 -134.81 -50.17
CA TYR A 92 11.03 -136.20 -50.16
C TYR A 92 12.42 -136.33 -50.79
N GLU A 93 12.97 -137.53 -50.71
CA GLU A 93 14.29 -137.80 -51.26
C GLU A 93 14.60 -139.29 -51.17
N GLU A 94 15.64 -139.69 -51.91
CA GLU A 94 16.05 -141.09 -51.92
C GLU A 94 17.25 -141.27 -52.84
N GLY A 95 18.01 -142.33 -52.58
CA GLY A 95 19.18 -142.62 -53.37
C GLY A 95 19.92 -143.85 -52.82
N GLN A 96 20.75 -144.43 -53.68
CA GLN A 96 21.51 -145.61 -53.29
C GLN A 96 22.41 -146.05 -54.45
N SER A 97 23.56 -146.61 -54.08
CA SER A 97 24.51 -147.08 -55.06
C SER A 97 25.65 -147.84 -54.38
N HIS A 98 26.47 -148.49 -55.19
CA HIS A 98 27.60 -149.25 -54.67
C HIS A 98 28.74 -149.20 -55.68
N ARG A 99 29.88 -149.74 -55.25
CA ARG A 99 31.06 -149.77 -56.10
C ARG A 99 31.94 -150.98 -55.75
N PRO A 100 31.74 -152.08 -56.51
CA PRO A 100 32.49 -153.29 -56.29
C PRO A 100 33.92 -153.15 -56.82
N THR A 101 34.70 -154.21 -56.63
CA THR A 101 36.08 -154.21 -57.08
C THR A 101 36.53 -155.63 -57.44
N ASN A 102 37.51 -155.71 -58.32
CA ASN A 102 38.02 -156.99 -58.75
C ASN A 102 39.46 -156.82 -59.25
N PRO A 103 40.34 -157.73 -58.77
CA PRO A 103 41.75 -157.68 -59.15
C PRO A 103 41.95 -158.20 -60.58
N ASN A 104 43.19 -158.15 -61.03
CA ASN A 104 43.52 -158.61 -62.37
C ASN A 104 44.98 -159.07 -62.39
N ALA A 105 45.32 -159.78 -63.46
CA ALA A 105 46.68 -160.27 -63.63
C ALA A 105 46.95 -160.53 -65.11
N SER A 106 48.19 -160.88 -65.40
CA SER A 106 48.59 -161.16 -66.78
C SER A 106 50.01 -161.73 -66.80
N ARG A 107 50.39 -162.23 -67.97
CA ARG A 107 51.71 -162.81 -68.14
C ARG A 107 52.02 -162.99 -69.62
N MET A 108 53.29 -163.25 -69.91
CA MET A 108 53.72 -163.44 -71.28
C MET A 108 54.90 -164.42 -71.34
N ALA A 109 55.20 -164.86 -72.56
CA ALA A 109 56.28 -165.79 -72.77
C ALA A 109 56.64 -165.83 -74.26
N GLN A 110 57.69 -166.57 -74.57
CA GLN A 110 58.14 -166.69 -75.95
C GLN A 110 58.90 -168.01 -76.15
N LYS A 111 59.14 -168.34 -77.40
CA LYS A 111 59.85 -169.56 -77.74
C LYS A 111 60.43 -169.44 -79.15
N VAL A 112 61.17 -170.46 -79.54
CA VAL A 112 61.78 -170.48 -80.86
C VAL A 112 62.20 -171.92 -81.20
N GLY A 113 62.05 -172.25 -82.48
CA GLY A 113 62.40 -173.58 -82.95
C GLY A 113 63.88 -173.64 -83.37
N GLY A 114 64.18 -174.66 -84.16
CA GLY A 114 65.54 -174.84 -84.64
C GLY A 114 65.54 -175.38 -86.08
N SER A 115 66.74 -175.65 -86.56
CA SER A 115 66.91 -176.16 -87.91
C SER A 115 68.30 -176.76 -88.09
N ASP A 116 68.50 -177.40 -89.22
CA ASP A 116 69.79 -178.01 -89.53
C ASP A 116 69.74 -178.61 -90.94
N GLY A 117 70.88 -179.16 -91.35
CA GLY A 117 70.97 -179.77 -92.66
C GLY A 117 70.86 -181.29 -92.57
N CYS A 118 70.77 -181.92 -93.74
CA CYS A 118 70.65 -183.36 -93.81
C CYS A 118 72.04 -183.95 -94.08
N PRO A 119 72.61 -184.60 -93.03
CA PRO A 119 73.93 -185.20 -93.15
C PRO A 119 73.86 -186.49 -93.98
N ARG A 120 72.65 -186.83 -94.40
CA ARG A 120 72.44 -188.03 -95.20
C ARG A 120 72.54 -187.71 -96.69
N CYS A 121 71.55 -186.97 -97.17
CA CYS A 121 71.51 -186.58 -98.57
C CYS A 121 72.46 -185.40 -98.77
N GLY A 122 72.50 -184.54 -97.77
CA GLY A 122 73.36 -183.37 -97.83
C GLY A 122 72.56 -182.12 -98.20
N GLN A 123 71.27 -182.18 -97.93
CA GLN A 123 70.38 -181.06 -98.23
C GLN A 123 69.88 -180.41 -96.94
N ALA A 124 69.87 -179.08 -96.95
CA ALA A 124 69.40 -178.34 -95.78
C ALA A 124 68.06 -178.88 -95.33
N VAL A 125 67.79 -178.72 -94.04
CA VAL A 125 66.54 -179.19 -93.47
C VAL A 125 65.95 -178.11 -92.57
N TYR A 126 64.79 -177.62 -92.97
CA TYR A 126 64.12 -176.57 -92.20
C TYR A 126 62.68 -176.97 -91.89
N ALA A 127 61.87 -175.96 -91.56
CA ALA A 127 60.48 -176.20 -91.24
C ALA A 127 59.89 -177.20 -92.22
N ALA A 128 59.12 -178.13 -91.68
CA ALA A 128 58.49 -179.16 -92.50
C ALA A 128 59.57 -180.06 -93.10
N GLU A 129 59.32 -181.37 -93.00
CA GLU A 129 60.26 -182.35 -93.53
C GLU A 129 61.61 -182.22 -92.82
N LYS A 130 61.54 -182.06 -91.50
CA LYS A 130 62.74 -181.92 -90.69
C LYS A 130 62.63 -182.84 -89.47
N VAL A 131 63.25 -184.00 -89.59
CA VAL A 131 63.23 -184.97 -88.51
C VAL A 131 64.42 -184.70 -87.57
N ILE A 132 64.23 -185.09 -86.31
CA ILE A 132 65.27 -184.90 -85.31
C ILE A 132 65.47 -186.20 -84.53
N GLY A 133 66.65 -186.77 -84.68
CA GLY A 133 66.97 -188.01 -84.00
C GLY A 133 68.47 -188.08 -83.68
N ALA A 134 68.79 -188.84 -82.65
CA ALA A 134 70.17 -189.01 -82.23
C ALA A 134 70.85 -187.64 -82.16
N GLY A 135 70.13 -186.69 -81.54
CA GLY A 135 70.64 -185.35 -81.40
C GLY A 135 71.15 -184.80 -82.74
N LYS A 136 70.37 -185.08 -83.78
CA LYS A 136 70.72 -184.61 -85.12
C LYS A 136 69.44 -184.34 -85.91
N SER A 137 69.62 -183.66 -87.04
CA SER A 137 68.50 -183.33 -87.90
C SER A 137 68.74 -183.87 -89.30
N TRP A 138 67.67 -184.42 -89.87
CA TRP A 138 67.75 -184.98 -91.21
C TRP A 138 66.33 -185.05 -91.78
N HIS A 139 66.26 -185.41 -93.05
CA HIS A 139 64.97 -185.51 -93.72
C HIS A 139 64.24 -186.77 -93.25
N LYS A 140 62.99 -186.58 -92.87
CA LYS A 140 62.17 -187.69 -92.40
C LYS A 140 62.05 -188.73 -93.51
N SER A 141 62.42 -188.32 -94.71
CA SER A 141 62.35 -189.21 -95.86
C SER A 141 63.59 -190.10 -95.91
N CYS A 142 64.75 -189.46 -95.79
CA CYS A 142 66.00 -190.19 -95.82
C CYS A 142 66.15 -190.93 -94.50
N PHE A 143 66.15 -190.15 -93.42
CA PHE A 143 66.28 -190.73 -92.09
C PHE A 143 65.65 -192.12 -92.02
N ARG A 144 66.50 -193.13 -91.99
CA ARG A 144 66.04 -194.50 -91.92
C ARG A 144 67.07 -195.38 -91.22
N CYS A 145 66.55 -196.36 -90.48
CA CYS A 145 67.42 -197.27 -89.75
C CYS A 145 68.59 -197.65 -90.65
N ALA A 146 69.79 -197.47 -90.11
CA ALA A 146 70.99 -197.79 -90.86
C ALA A 146 71.36 -199.26 -90.61
N LYS A 147 70.33 -200.07 -90.46
CA LYS A 147 70.53 -201.49 -90.23
C LYS A 147 69.58 -202.29 -91.11
N CYS A 148 68.33 -201.86 -91.13
CA CYS A 148 67.32 -202.53 -91.92
C CYS A 148 66.92 -201.60 -93.07
N GLY A 149 67.19 -200.32 -92.88
CA GLY A 149 66.87 -199.33 -93.89
C GLY A 149 65.41 -198.89 -93.78
N LYS A 150 64.83 -199.14 -92.61
CA LYS A 150 63.45 -198.79 -92.38
C LYS A 150 63.37 -197.30 -92.00
N SER A 151 62.68 -196.55 -92.83
CA SER A 151 62.52 -195.12 -92.60
C SER A 151 61.87 -194.88 -91.24
N LEU A 152 62.35 -193.85 -90.56
CA LEU A 152 61.83 -193.52 -89.24
C LEU A 152 61.13 -192.15 -89.32
N GLU A 153 60.70 -191.68 -88.15
CA GLU A 153 60.02 -190.39 -88.07
C GLU A 153 59.80 -190.01 -86.61
N SER A 154 60.90 -189.95 -85.87
CA SER A 154 60.83 -189.60 -84.46
C SER A 154 59.59 -190.24 -83.81
N THR A 155 59.73 -191.52 -83.50
CA THR A 155 58.64 -192.25 -82.87
C THR A 155 59.18 -193.46 -82.11
N THR A 156 59.84 -194.34 -82.86
CA THR A 156 60.40 -195.54 -82.26
C THR A 156 61.78 -195.83 -82.86
N LEU A 157 62.60 -194.80 -82.91
CA LEU A 157 63.95 -194.93 -83.46
C LEU A 157 64.95 -195.03 -82.31
N ALA A 158 66.20 -195.25 -82.68
CA ALA A 158 67.26 -195.37 -81.69
C ALA A 158 68.48 -194.57 -82.16
N ASP A 159 69.26 -194.11 -81.18
CA ASP A 159 70.44 -193.33 -81.48
C ASP A 159 71.65 -193.96 -80.78
N LYS A 160 72.47 -194.62 -81.57
CA LYS A 160 73.67 -195.27 -81.04
C LYS A 160 74.89 -194.40 -81.34
N ASP A 161 75.25 -193.59 -80.35
CA ASP A 161 76.39 -192.70 -80.50
C ASP A 161 76.42 -192.14 -81.91
N GLY A 162 75.40 -191.34 -82.22
CA GLY A 162 75.30 -190.73 -83.52
C GLY A 162 74.46 -191.60 -84.47
N GLU A 163 74.82 -192.87 -84.53
CA GLU A 163 74.12 -193.81 -85.39
C GLU A 163 72.62 -193.76 -85.10
N ILE A 164 71.84 -194.18 -86.10
CA ILE A 164 70.40 -194.19 -85.97
C ILE A 164 69.86 -195.53 -86.48
N TYR A 165 68.98 -196.11 -85.68
CA TYR A 165 68.38 -197.39 -86.04
C TYR A 165 66.92 -197.45 -85.59
N CYS A 166 66.33 -198.63 -85.78
CA CYS A 166 64.95 -198.83 -85.41
C CYS A 166 64.91 -199.50 -84.03
N LYS A 167 63.83 -199.24 -83.31
CA LYS A 167 63.66 -199.80 -81.98
C LYS A 167 64.00 -201.29 -82.01
N GLY A 168 63.50 -201.95 -83.05
CA GLY A 168 63.74 -203.38 -83.22
C GLY A 168 65.24 -203.67 -83.28
N CYS A 169 65.99 -202.70 -83.78
CA CYS A 169 67.42 -202.84 -83.91
C CYS A 169 68.05 -202.56 -82.54
N TYR A 170 67.61 -201.46 -81.94
CA TYR A 170 68.12 -201.07 -80.64
C TYR A 170 67.87 -202.17 -79.60
N ALA A 171 66.76 -202.85 -79.77
CA ALA A 171 66.40 -203.93 -78.86
C ALA A 171 67.19 -205.18 -79.21
N LYS A 172 66.98 -205.68 -80.43
CA LYS A 172 67.67 -206.86 -80.88
C LYS A 172 69.17 -206.73 -80.58
N ASN A 173 69.76 -205.69 -81.17
CA ASN A 173 71.18 -205.45 -80.98
C ASN A 173 71.55 -205.72 -79.52
N PHE A 174 70.63 -205.33 -78.63
CA PHE A 174 70.85 -205.52 -77.20
C PHE A 174 69.72 -206.36 -76.59
N GLY A 175 69.56 -207.55 -77.13
CA GLY A 175 68.52 -208.45 -76.64
C GLY A 175 69.12 -209.79 -76.19
N PRO A 176 69.62 -209.80 -74.93
CA PRO A 176 70.22 -210.99 -74.37
C PRO A 176 69.15 -212.02 -73.99
N LYS A 177 69.33 -213.23 -74.49
CA LYS A 177 68.38 -214.31 -74.23
C LYS A 177 69.01 -215.29 -73.24
N GLY A 178 68.16 -215.92 -72.44
CA GLY A 178 68.61 -216.88 -71.46
C GLY A 178 67.53 -217.91 -71.15
N PHE A 179 67.81 -218.75 -70.17
CA PHE A 179 66.87 -219.78 -69.78
C PHE A 179 66.28 -219.48 -68.39
N GLY A 180 65.12 -220.08 -68.14
CA GLY A 180 64.45 -219.88 -66.86
C GLY A 180 64.69 -221.07 -65.93
N PHE A 181 65.85 -221.06 -65.30
CA PHE A 181 66.21 -222.11 -64.37
C PHE A 181 66.18 -221.62 -62.92
N GLY A 182 65.43 -222.33 -62.10
CA GLY A 182 65.31 -221.97 -60.70
C GLY A 182 63.86 -222.11 -60.22
N GLN A 183 63.67 -223.00 -59.26
CA GLN A 183 62.35 -223.23 -58.72
C GLN A 183 62.05 -222.24 -57.58
N GLY A 184 60.93 -221.55 -57.73
CA GLY A 184 60.53 -220.56 -56.74
C GLY A 184 59.63 -221.20 -55.67
N ALA A 185 60.23 -222.12 -54.92
CA ALA A 185 59.49 -222.80 -53.86
C ALA A 185 58.34 -223.60 -54.48
N GLY A 186 58.70 -224.61 -55.25
CA GLY A 186 57.72 -225.45 -55.90
C GLY A 186 57.29 -226.60 -54.99
N ALA A 187 56.42 -226.28 -54.05
CA ALA A 187 55.93 -227.27 -53.10
C ALA A 187 54.83 -228.09 -53.78
N LEU A 188 55.23 -228.94 -54.71
CA LEU A 188 54.29 -229.78 -55.42
C LEU A 188 53.65 -230.76 -54.44
N ILE A 189 54.49 -231.62 -53.87
CA ILE A 189 54.02 -232.60 -52.92
C ILE A 189 54.27 -232.11 -51.50
N HIS A 190 53.77 -232.86 -50.54
CA HIS A 190 53.92 -232.50 -49.14
C HIS A 190 55.42 -232.37 -48.81
N SER A 191 55.69 -231.62 -47.75
CA SER A 191 57.06 -231.41 -47.33
C SER A 191 57.45 -232.44 -46.27
N GLN A 192 56.69 -232.45 -45.19
CA GLN A 192 56.95 -233.38 -44.11
C GLN A 192 58.30 -233.09 -43.45
ZN ZN B . -31.83 -38.34 -5.57
ZN ZN C . -29.52 -55.80 -8.59
ZN ZN D . 67.86 -186.09 -96.43
ZN ZN E . 66.53 -201.55 -88.05
N MET A 1 -17.21 -20.64 13.46
CA MET A 1 -17.43 -19.45 14.28
C MET A 1 -18.68 -18.70 13.82
N PRO A 2 -19.30 -17.98 14.80
CA PRO A 2 -20.50 -17.22 14.51
C PRO A 2 -20.16 -15.93 13.74
N ASN A 3 -21.20 -15.17 13.44
CA ASN A 3 -21.03 -13.92 12.71
C ASN A 3 -22.29 -13.07 12.85
N TRP A 4 -22.16 -11.81 12.47
CA TRP A 4 -23.27 -10.88 12.56
C TRP A 4 -23.16 -9.90 11.39
N GLY A 5 -24.27 -9.23 11.10
CA GLY A 5 -24.31 -8.26 10.02
C GLY A 5 -25.74 -8.04 9.54
N GLY A 6 -25.98 -6.83 9.04
CA GLY A 6 -27.29 -6.47 8.55
C GLY A 6 -27.43 -4.95 8.41
N GLY A 7 -28.51 -4.54 7.77
CA GLY A 7 -28.79 -3.13 7.59
C GLY A 7 -29.48 -2.88 6.24
N LYS A 8 -30.05 -1.69 6.11
CA LYS A 8 -30.75 -1.32 4.90
C LYS A 8 -29.77 -0.61 3.95
N LYS A 9 -30.25 -0.33 2.75
CA LYS A 9 -29.44 0.33 1.75
C LYS A 9 -30.21 1.52 1.18
N CYS A 10 -29.70 2.72 1.46
CA CYS A 10 -30.34 3.93 0.99
C CYS A 10 -30.10 4.04 -0.52
N GLY A 11 -31.16 3.80 -1.28
CA GLY A 11 -31.07 3.87 -2.72
C GLY A 11 -31.12 5.31 -3.21
N VAL A 12 -31.11 6.23 -2.25
CA VAL A 12 -31.14 7.65 -2.57
C VAL A 12 -29.72 8.20 -2.56
N CYS A 13 -29.12 8.22 -1.38
CA CYS A 13 -27.77 8.73 -1.22
C CYS A 13 -26.80 7.62 -1.64
N GLN A 14 -27.29 6.40 -1.57
CA GLN A 14 -26.47 5.25 -1.94
C GLN A 14 -25.60 4.81 -0.75
N LYS A 15 -26.11 5.10 0.45
CA LYS A 15 -25.40 4.74 1.66
C LYS A 15 -26.24 3.76 2.48
N ALA A 16 -25.55 2.84 3.14
CA ALA A 16 -26.22 1.85 3.95
C ALA A 16 -26.86 2.54 5.16
N VAL A 17 -28.05 2.07 5.51
CA VAL A 17 -28.78 2.62 6.63
C VAL A 17 -28.79 1.60 7.78
N TYR A 18 -28.64 2.13 8.99
CA TYR A 18 -28.64 1.27 10.17
C TYR A 18 -29.78 1.64 11.12
N PHE A 19 -30.32 0.62 11.78
CA PHE A 19 -31.40 0.83 12.71
C PHE A 19 -31.22 2.14 13.48
N ALA A 20 -31.99 3.14 13.06
CA ALA A 20 -31.92 4.44 13.70
C ALA A 20 -33.06 5.33 13.18
N GLU A 21 -33.12 5.42 11.86
CA GLU A 21 -34.15 6.22 11.21
C GLU A 21 -34.78 5.45 10.05
N GLU A 22 -33.93 5.05 9.12
CA GLU A 22 -34.38 4.30 7.96
C GLU A 22 -35.83 4.65 7.64
N VAL A 23 -36.00 5.70 6.82
CA VAL A 23 -37.32 6.14 6.45
C VAL A 23 -37.80 5.33 5.23
N GLN A 24 -38.89 4.60 5.43
CA GLN A 24 -39.45 3.79 4.38
C GLN A 24 -40.10 4.67 3.31
N CYS A 25 -40.36 4.06 2.17
CA CYS A 25 -40.98 4.78 1.06
C CYS A 25 -41.55 3.76 0.08
N GLU A 26 -42.69 3.18 0.47
CA GLU A 26 -43.35 2.19 -0.36
C GLU A 26 -42.31 1.31 -1.05
N GLY A 27 -41.78 0.36 -0.28
CA GLY A 27 -40.79 -0.56 -0.81
C GLY A 27 -39.37 -0.01 -0.61
N SER A 28 -39.21 1.26 -0.97
CA SER A 28 -37.93 1.92 -0.84
C SER A 28 -37.69 2.32 0.62
N SER A 29 -36.50 2.84 0.88
CA SER A 29 -36.13 3.27 2.21
C SER A 29 -34.90 4.16 2.17
N PHE A 30 -35.11 5.43 2.44
CA PHE A 30 -34.02 6.40 2.43
C PHE A 30 -33.80 6.99 3.82
N HIS A 31 -32.63 7.59 4.00
CA HIS A 31 -32.29 8.21 5.27
C HIS A 31 -33.31 9.32 5.60
N LYS A 32 -33.38 9.64 6.88
CA LYS A 32 -34.30 10.67 7.34
C LYS A 32 -34.08 11.94 6.51
N SER A 33 -32.82 12.21 6.22
CA SER A 33 -32.47 13.39 5.45
C SER A 33 -32.40 13.04 3.96
N CYS A 34 -33.23 12.08 3.58
CA CYS A 34 -33.28 11.64 2.19
C CYS A 34 -34.74 11.58 1.76
N PHE A 35 -35.57 12.36 2.45
CA PHE A 35 -36.99 12.41 2.14
C PHE A 35 -37.42 13.84 1.81
N LEU A 36 -37.01 14.29 0.64
CA LEU A 36 -37.34 15.63 0.19
C LEU A 36 -37.71 15.59 -1.29
N CYS A 37 -38.79 16.29 -1.63
CA CYS A 37 -39.26 16.34 -3.00
C CYS A 37 -38.05 16.65 -3.90
N MET A 38 -37.70 15.67 -4.71
CA MET A 38 -36.57 15.83 -5.62
C MET A 38 -36.98 16.64 -6.87
N VAL A 39 -38.17 17.19 -6.80
CA VAL A 39 -38.70 17.99 -7.90
C VAL A 39 -38.61 19.47 -7.53
N CYS A 40 -39.43 19.87 -6.57
CA CYS A 40 -39.46 21.24 -6.12
C CYS A 40 -38.25 21.47 -5.20
N LYS A 41 -37.80 20.39 -4.58
CA LYS A 41 -36.68 20.45 -3.68
C LYS A 41 -37.17 20.81 -2.27
N LYS A 42 -38.45 20.53 -2.04
CA LYS A 42 -39.06 20.81 -0.75
C LYS A 42 -39.16 19.52 0.06
N ASN A 43 -38.64 19.59 1.27
CA ASN A 43 -38.66 18.44 2.16
C ASN A 43 -40.10 17.93 2.30
N LEU A 44 -40.22 16.62 2.48
CA LEU A 44 -41.53 16.01 2.62
C LEU A 44 -41.58 15.24 3.94
N ASP A 45 -42.74 15.32 4.58
CA ASP A 45 -42.94 14.65 5.86
C ASP A 45 -44.34 14.03 5.90
N SER A 46 -45.33 14.89 5.73
CA SER A 46 -46.72 14.45 5.75
C SER A 46 -47.58 15.41 4.92
N THR A 47 -47.40 15.33 3.60
CA THR A 47 -48.16 16.17 2.70
C THR A 47 -48.30 15.49 1.33
N THR A 48 -49.21 14.53 1.29
CA THR A 48 -49.46 13.80 0.06
C THR A 48 -48.15 13.52 -0.67
N VAL A 49 -47.21 12.94 0.08
CA VAL A 49 -45.91 12.61 -0.48
C VAL A 49 -46.03 11.33 -1.31
N ALA A 50 -45.25 11.29 -2.38
CA ALA A 50 -45.27 10.13 -3.26
C ALA A 50 -43.83 9.61 -3.44
N VAL A 51 -43.73 8.41 -3.97
CA VAL A 51 -42.43 7.80 -4.19
C VAL A 51 -42.25 7.52 -5.69
N HIS A 52 -40.99 7.40 -6.08
CA HIS A 52 -40.67 7.13 -7.48
C HIS A 52 -39.23 6.63 -7.59
N GLY A 53 -39.11 5.38 -8.02
CA GLY A 53 -37.81 4.76 -8.16
C GLY A 53 -36.93 5.02 -6.94
N ASP A 54 -35.92 5.85 -7.13
CA ASP A 54 -35.01 6.20 -6.06
C ASP A 54 -35.11 7.69 -5.77
N GLU A 55 -36.34 8.15 -5.60
CA GLU A 55 -36.58 9.56 -5.31
C GLU A 55 -38.01 9.76 -4.81
N ILE A 56 -38.22 10.89 -4.15
CA ILE A 56 -39.53 11.21 -3.61
C ILE A 56 -40.08 12.45 -4.33
N TYR A 57 -41.40 12.45 -4.51
CA TYR A 57 -42.06 13.55 -5.19
C TYR A 57 -43.44 13.79 -4.59
N CYS A 58 -43.70 15.06 -4.28
CA CYS A 58 -44.98 15.44 -3.71
C CYS A 58 -46.06 15.28 -4.78
N LYS A 59 -47.22 14.80 -4.34
CA LYS A 59 -48.34 14.59 -5.24
C LYS A 59 -48.38 15.73 -6.27
N SER A 60 -48.70 16.91 -5.76
CA SER A 60 -48.78 18.09 -6.61
C SER A 60 -47.79 17.97 -7.77
N CYS A 61 -46.52 17.79 -7.40
CA CYS A 61 -45.47 17.66 -8.40
C CYS A 61 -45.87 16.54 -9.37
N TYR A 62 -46.06 15.36 -8.82
CA TYR A 62 -46.44 14.21 -9.63
C TYR A 62 -47.53 14.58 -10.63
N GLY A 63 -48.66 15.03 -10.09
CA GLY A 63 -49.77 15.43 -10.93
C GLY A 63 -49.38 16.56 -11.88
N LYS A 64 -48.32 17.27 -11.51
CA LYS A 64 -47.84 18.37 -12.32
C LYS A 64 -47.06 17.82 -13.52
N LYS A 65 -46.29 16.78 -13.24
CA LYS A 65 -45.49 16.15 -14.29
C LYS A 65 -46.41 15.34 -15.20
N TYR A 66 -47.13 14.41 -14.60
CA TYR A 66 -48.04 13.57 -15.34
C TYR A 66 -49.19 14.38 -15.94
N GLY A 67 -49.79 15.21 -15.09
CA GLY A 67 -50.90 16.05 -15.51
C GLY A 67 -51.95 15.23 -16.26
N PRO A 68 -53.04 15.94 -16.68
CA PRO A 68 -54.12 15.29 -17.41
C PRO A 68 -53.71 15.00 -18.86
N LYS A 69 -54.65 14.43 -19.59
CA LYS A 69 -54.40 14.10 -20.98
C LYS A 69 -55.29 14.96 -21.87
N GLY A 70 -54.95 14.99 -23.15
CA GLY A 70 -55.70 15.77 -24.12
C GLY A 70 -56.59 14.87 -24.98
N LYS A 71 -57.07 15.44 -26.08
CA LYS A 71 -57.93 14.70 -26.99
C LYS A 71 -58.10 15.51 -28.27
N GLY A 72 -58.70 14.86 -29.26
CA GLY A 72 -58.93 15.50 -30.54
C GLY A 72 -60.05 14.80 -31.31
N LYS A 73 -60.26 15.24 -32.55
CA LYS A 73 -61.29 14.67 -33.39
C LYS A 73 -60.93 14.91 -34.85
N GLY A 74 -61.48 14.06 -35.72
CA GLY A 74 -61.24 14.17 -37.14
C GLY A 74 -62.55 14.27 -37.92
N MET A 75 -62.43 14.17 -39.24
CA MET A 75 -63.59 14.24 -40.10
C MET A 75 -63.23 13.83 -41.54
N GLY A 76 -64.27 13.68 -42.35
CA GLY A 76 -64.08 13.29 -43.74
C GLY A 76 -65.31 13.65 -44.58
N ALA A 77 -65.26 13.24 -45.84
CA ALA A 77 -66.35 13.52 -46.75
C ALA A 77 -66.14 12.72 -48.04
N GLY A 78 -67.13 12.80 -48.92
CA GLY A 78 -67.08 12.09 -50.18
C GLY A 78 -67.67 12.95 -51.31
N THR A 79 -67.97 12.28 -52.42
CA THR A 79 -68.53 12.95 -53.57
C THR A 79 -69.47 12.03 -54.34
N LEU A 80 -70.34 12.62 -55.13
CA LEU A 80 -71.29 11.86 -55.91
C LEU A 80 -71.04 12.12 -57.40
N SER A 81 -71.69 11.31 -58.23
CA SER A 81 -71.54 11.44 -59.67
C SER A 81 -72.92 11.36 -60.34
N THR A 82 -72.92 11.67 -61.63
CA THR A 82 -74.16 11.65 -62.39
C THR A 82 -73.88 11.23 -63.84
N ASP A 83 -74.94 10.85 -64.53
CA ASP A 83 -74.82 10.42 -65.92
C ASP A 83 -76.10 10.80 -66.66
N LYS A 84 -76.02 10.71 -67.99
CA LYS A 84 -77.16 11.03 -68.83
C LYS A 84 -77.08 10.22 -70.12
N GLY A 85 -78.15 10.28 -70.89
CA GLY A 85 -78.22 9.56 -72.15
C GLY A 85 -79.21 10.21 -73.12
N GLU A 86 -79.05 9.90 -74.39
CA GLU A 86 -79.93 10.45 -75.41
C GLU A 86 -79.56 9.87 -76.79
N SER A 87 -80.60 9.69 -77.60
CA SER A 87 -80.41 9.14 -78.94
C SER A 87 -81.70 9.27 -79.74
N LEU A 88 -81.54 9.37 -81.04
CA LEU A 88 -82.69 9.49 -81.94
C LEU A 88 -82.22 9.30 -83.38
N GLY A 89 -83.14 8.81 -84.20
CA GLY A 89 -82.84 8.58 -85.61
C GLY A 89 -83.74 7.47 -86.18
N ILE A 90 -84.34 7.78 -87.32
CA ILE A 90 -85.21 6.83 -87.98
C ILE A 90 -85.18 7.09 -89.49
N LYS A 91 -85.72 6.12 -90.23
CA LYS A 91 -85.76 6.23 -91.68
C LYS A 91 -86.50 5.01 -92.24
N TYR A 92 -86.97 5.17 -93.47
CA TYR A 92 -87.70 4.11 -94.14
C TYR A 92 -87.50 4.17 -95.66
N GLU A 93 -87.68 3.03 -96.30
CA GLU A 93 -87.53 2.94 -97.75
C GLU A 93 -87.88 1.54 -98.23
N GLU A 94 -88.48 1.50 -99.42
CA GLU A 94 -88.88 0.24 -100.01
C GLU A 94 -89.10 0.40 -101.51
N GLY A 95 -88.82 -0.68 -102.24
CA GLY A 95 -88.97 -0.68 -103.68
C GLY A 95 -88.53 -2.01 -104.29
N GLN A 96 -89.10 -2.31 -105.44
CA GLN A 96 -88.77 -3.55 -106.13
C GLN A 96 -89.45 -3.59 -107.50
N SER A 97 -88.74 -4.16 -108.47
CA SER A 97 -89.26 -4.26 -109.82
C SER A 97 -88.36 -5.19 -110.65
N HIS A 98 -88.95 -5.71 -111.72
CA HIS A 98 -88.22 -6.60 -112.61
C HIS A 98 -89.11 -7.01 -113.78
N ARG A 99 -88.50 -7.69 -114.73
CA ARG A 99 -89.23 -8.15 -115.91
C ARG A 99 -88.64 -9.46 -116.41
N PRO A 100 -89.54 -10.31 -117.01
CA PRO A 100 -89.12 -11.59 -117.54
C PRO A 100 -88.36 -11.42 -118.86
N THR A 101 -87.95 -12.54 -119.42
CA THR A 101 -87.21 -12.54 -120.67
C THR A 101 -87.64 -13.71 -121.55
N ASN A 102 -87.40 -13.57 -122.85
CA ASN A 102 -87.75 -14.61 -123.80
C ASN A 102 -86.57 -14.83 -124.75
N PRO A 103 -86.21 -16.13 -124.92
CA PRO A 103 -85.10 -16.49 -125.80
C PRO A 103 -85.51 -16.39 -127.26
N ASN A 104 -84.56 -16.65 -128.13
CA ASN A 104 -84.80 -16.58 -129.57
C ASN A 104 -83.75 -17.42 -130.30
N ALA A 105 -84.24 -18.35 -131.11
CA ALA A 105 -83.36 -19.21 -131.86
C ALA A 105 -83.74 -19.16 -133.35
N SER A 106 -82.88 -19.74 -134.17
CA SER A 106 -83.11 -19.76 -135.60
C SER A 106 -82.34 -20.92 -136.25
N ARG A 107 -82.69 -21.19 -137.49
CA ARG A 107 -82.04 -22.27 -138.23
C ARG A 107 -81.63 -21.79 -139.62
N MET A 108 -80.35 -21.97 -139.92
CA MET A 108 -79.83 -21.56 -141.21
C MET A 108 -78.52 -22.29 -141.52
N ALA A 109 -78.53 -23.01 -142.64
CA ALA A 109 -77.35 -23.75 -143.06
C ALA A 109 -77.42 -23.98 -144.57
N GLN A 110 -76.33 -24.55 -145.09
CA GLN A 110 -76.26 -24.83 -146.52
C GLN A 110 -74.94 -25.54 -146.85
N LYS A 111 -75.03 -26.47 -147.79
CA LYS A 111 -73.86 -27.22 -148.21
C LYS A 111 -73.99 -27.58 -149.68
N VAL A 112 -73.05 -27.07 -150.47
CA VAL A 112 -73.05 -27.32 -151.90
C VAL A 112 -71.61 -27.27 -152.41
N GLY A 113 -71.30 -28.20 -153.31
CA GLY A 113 -69.98 -28.27 -153.89
C GLY A 113 -70.01 -28.93 -155.27
N GLY A 114 -68.90 -29.58 -155.61
CA GLY A 114 -68.80 -30.25 -156.89
C GLY A 114 -67.38 -30.12 -157.46
N SER A 115 -67.32 -29.82 -158.75
CA SER A 115 -66.04 -29.67 -159.43
C SER A 115 -65.55 -28.23 -159.30
N ASP A 116 -64.23 -28.07 -159.37
CA ASP A 116 -63.63 -26.76 -159.26
C ASP A 116 -62.29 -26.76 -160.00
N GLY A 117 -61.40 -25.88 -159.55
CA GLY A 117 -60.09 -25.78 -160.16
C GLY A 117 -58.99 -25.61 -159.09
N CYS A 118 -57.76 -25.67 -159.54
CA CYS A 118 -56.62 -25.53 -158.64
C CYS A 118 -56.11 -24.10 -158.74
N PRO A 119 -56.36 -23.32 -157.65
CA PRO A 119 -55.93 -21.94 -157.60
C PRO A 119 -54.42 -21.84 -157.35
N ARG A 120 -53.80 -23.00 -157.25
CA ARG A 120 -52.37 -23.06 -157.01
C ARG A 120 -51.62 -23.19 -158.35
N CYS A 121 -51.76 -24.36 -158.95
CA CYS A 121 -51.10 -24.63 -160.22
C CYS A 121 -51.90 -23.94 -161.32
N GLY A 122 -53.20 -23.87 -161.12
CA GLY A 122 -54.08 -23.24 -162.09
C GLY A 122 -54.72 -24.29 -163.01
N GLN A 123 -54.73 -25.53 -162.55
CA GLN A 123 -55.29 -26.62 -163.32
C GLN A 123 -56.60 -27.08 -162.70
N ALA A 124 -57.60 -27.26 -163.56
CA ALA A 124 -58.91 -27.70 -163.12
C ALA A 124 -58.75 -28.84 -162.12
N VAL A 125 -59.76 -28.99 -161.27
CA VAL A 125 -59.74 -30.04 -160.27
C VAL A 125 -61.10 -30.74 -160.24
N TYR A 126 -61.05 -32.06 -160.41
CA TYR A 126 -62.26 -32.85 -160.42
C TYR A 126 -61.93 -34.35 -160.40
N ALA A 127 -62.67 -35.08 -159.58
CA ALA A 127 -62.48 -36.51 -159.46
C ALA A 127 -61.11 -36.78 -158.83
N ALA A 128 -60.56 -37.94 -159.14
CA ALA A 128 -59.27 -38.34 -158.61
C ALA A 128 -58.33 -37.14 -158.63
N GLU A 129 -57.57 -37.00 -157.55
CA GLU A 129 -56.62 -35.90 -157.44
C GLU A 129 -57.38 -34.59 -157.18
N LYS A 130 -58.13 -34.58 -156.09
CA LYS A 130 -58.90 -33.40 -155.72
C LYS A 130 -58.94 -33.29 -154.19
N VAL A 131 -58.71 -32.08 -153.72
CA VAL A 131 -58.72 -31.83 -152.28
C VAL A 131 -59.56 -30.59 -152.00
N ILE A 132 -60.20 -30.59 -150.84
CA ILE A 132 -61.03 -29.47 -150.44
C ILE A 132 -60.61 -28.99 -149.05
N GLY A 133 -60.13 -27.76 -149.00
CA GLY A 133 -59.68 -27.18 -147.75
C GLY A 133 -59.80 -25.65 -147.79
N ALA A 134 -59.87 -25.07 -146.60
CA ALA A 134 -59.98 -23.62 -146.48
C ALA A 134 -61.03 -23.11 -147.47
N GLY A 135 -62.18 -23.77 -147.45
CA GLY A 135 -63.28 -23.39 -148.32
C GLY A 135 -62.77 -23.17 -149.75
N LYS A 136 -61.94 -24.08 -150.21
CA LYS A 136 -61.38 -23.99 -151.55
C LYS A 136 -60.97 -25.38 -152.03
N SER A 137 -60.87 -25.52 -153.34
CA SER A 137 -60.49 -26.79 -153.93
C SER A 137 -59.13 -26.66 -154.63
N TRP A 138 -58.33 -27.69 -154.50
CA TRP A 138 -57.01 -27.71 -155.11
C TRP A 138 -56.54 -29.17 -155.22
N HIS A 139 -55.41 -29.34 -155.87
CA HIS A 139 -54.85 -30.67 -156.04
C HIS A 139 -54.19 -31.13 -154.74
N LYS A 140 -54.58 -32.32 -154.31
CA LYS A 140 -54.04 -32.89 -153.09
C LYS A 140 -52.52 -32.95 -153.19
N SER A 141 -52.03 -32.86 -154.41
CA SER A 141 -50.60 -32.90 -154.66
C SER A 141 -49.97 -31.54 -154.34
N CYS A 142 -50.55 -30.50 -154.92
CA CYS A 142 -50.06 -29.15 -154.70
C CYS A 142 -50.40 -28.74 -153.27
N PHE A 143 -51.70 -28.75 -152.98
CA PHE A 143 -52.16 -28.39 -151.65
C PHE A 143 -51.15 -28.79 -150.58
N ARG A 144 -50.40 -27.79 -150.13
CA ARG A 144 -49.39 -28.01 -149.11
C ARG A 144 -49.31 -26.81 -148.16
N CYS A 145 -48.65 -27.02 -147.04
CA CYS A 145 -48.49 -25.98 -146.05
C CYS A 145 -47.67 -24.83 -146.67
N ALA A 146 -48.23 -23.64 -146.60
CA ALA A 146 -47.58 -22.47 -147.15
C ALA A 146 -46.66 -21.85 -146.09
N LYS A 147 -46.11 -22.74 -145.26
CA LYS A 147 -45.21 -22.30 -144.21
C LYS A 147 -43.96 -23.18 -144.20
N CYS A 148 -44.20 -24.49 -144.27
CA CYS A 148 -43.12 -25.45 -144.27
C CYS A 148 -43.03 -26.08 -145.67
N GLY A 149 -44.15 -26.03 -146.37
CA GLY A 149 -44.22 -26.59 -147.71
C GLY A 149 -44.51 -28.08 -147.67
N LYS A 150 -45.06 -28.52 -146.54
CA LYS A 150 -45.39 -29.93 -146.35
C LYS A 150 -46.80 -30.18 -146.91
N SER A 151 -46.86 -31.05 -147.90
CA SER A 151 -48.12 -31.40 -148.52
C SER A 151 -49.14 -31.82 -147.45
N LEU A 152 -50.39 -31.47 -147.71
CA LEU A 152 -51.46 -31.81 -146.78
C LEU A 152 -52.46 -32.73 -147.46
N GLU A 153 -53.55 -33.01 -146.75
CA GLU A 153 -54.58 -33.88 -147.29
C GLU A 153 -55.92 -33.60 -146.58
N SER A 154 -55.95 -33.91 -145.30
CA SER A 154 -57.16 -33.70 -144.52
C SER A 154 -56.86 -33.93 -143.04
N THR A 155 -57.80 -33.50 -142.20
CA THR A 155 -57.65 -33.65 -140.76
C THR A 155 -56.19 -33.40 -140.34
N THR A 156 -55.65 -32.30 -140.85
CA THR A 156 -54.29 -31.94 -140.54
C THR A 156 -53.99 -30.51 -141.01
N LEU A 157 -54.51 -30.20 -142.20
CA LEU A 157 -54.31 -28.87 -142.77
C LEU A 157 -54.96 -27.83 -141.86
N ALA A 158 -54.66 -26.57 -142.16
CA ALA A 158 -55.19 -25.47 -141.39
C ALA A 158 -55.51 -24.30 -142.32
N ASP A 159 -56.80 -23.98 -142.39
CA ASP A 159 -57.24 -22.88 -143.23
C ASP A 159 -57.25 -21.58 -142.43
N LYS A 160 -56.25 -20.76 -142.68
CA LYS A 160 -56.13 -19.49 -141.99
C LYS A 160 -56.58 -18.36 -142.91
N ASP A 161 -57.84 -17.99 -142.76
CA ASP A 161 -58.41 -16.93 -143.57
C ASP A 161 -57.98 -17.12 -145.03
N GLY A 162 -58.34 -18.27 -145.58
CA GLY A 162 -57.99 -18.58 -146.95
C GLY A 162 -56.66 -19.34 -147.03
N GLU A 163 -55.69 -18.85 -146.28
CA GLU A 163 -54.38 -19.48 -146.25
C GLU A 163 -54.50 -20.95 -145.85
N ILE A 164 -53.44 -21.69 -146.10
CA ILE A 164 -53.42 -23.11 -145.78
C ILE A 164 -52.06 -23.46 -145.17
N TYR A 165 -52.11 -24.23 -144.09
CA TYR A 165 -50.90 -24.65 -143.40
C TYR A 165 -51.07 -26.02 -142.76
N CYS A 166 -50.06 -26.43 -142.01
CA CYS A 166 -50.10 -27.71 -141.35
C CYS A 166 -50.46 -27.49 -139.88
N LYS A 167 -51.17 -28.48 -139.32
CA LYS A 167 -51.59 -28.40 -137.93
C LYS A 167 -50.42 -27.90 -137.07
N GLY A 168 -49.26 -28.46 -137.35
CA GLY A 168 -48.06 -28.09 -136.61
C GLY A 168 -47.80 -26.58 -136.70
N CYS A 169 -48.19 -26.01 -137.83
CA CYS A 169 -48.02 -24.59 -138.05
C CYS A 169 -49.15 -23.85 -137.34
N TYR A 170 -50.36 -24.33 -137.56
CA TYR A 170 -51.54 -23.72 -136.96
C TYR A 170 -51.40 -23.69 -135.43
N ALA A 171 -50.72 -24.70 -134.90
CA ALA A 171 -50.51 -24.80 -133.47
C ALA A 171 -49.36 -23.88 -133.06
N LYS A 172 -48.19 -24.21 -133.57
CA LYS A 172 -47.00 -23.43 -133.27
C LYS A 172 -47.32 -21.94 -133.40
N ASN A 173 -47.72 -21.57 -134.61
CA ASN A 173 -48.06 -20.18 -134.88
C ASN A 173 -48.78 -19.58 -133.66
N PHE A 174 -49.69 -20.38 -133.12
CA PHE A 174 -50.45 -19.95 -131.95
C PHE A 174 -51.42 -21.05 -131.49
N GLY A 175 -52.01 -21.72 -132.47
CA GLY A 175 -52.95 -22.79 -132.18
C GLY A 175 -54.20 -22.26 -131.48
N PRO A 176 -54.74 -23.09 -130.56
CA PRO A 176 -55.94 -22.70 -129.82
C PRO A 176 -55.60 -21.67 -128.74
N LYS A 177 -56.65 -21.13 -128.14
CA LYS A 177 -56.48 -20.13 -127.10
C LYS A 177 -55.76 -20.76 -125.91
N GLY A 178 -56.30 -21.89 -125.46
CA GLY A 178 -55.71 -22.60 -124.34
C GLY A 178 -56.69 -22.65 -123.16
N PHE A 179 -56.21 -23.23 -122.07
CA PHE A 179 -57.03 -23.35 -120.87
C PHE A 179 -56.20 -23.87 -119.69
N GLY A 180 -56.31 -23.18 -118.57
CA GLY A 180 -55.59 -23.56 -117.37
C GLY A 180 -56.16 -22.87 -116.14
N PHE A 181 -56.20 -23.61 -115.04
CA PHE A 181 -56.73 -23.08 -113.79
C PHE A 181 -56.30 -23.95 -112.61
N GLY A 182 -56.04 -23.28 -111.49
CA GLY A 182 -55.63 -23.98 -110.28
C GLY A 182 -56.80 -24.73 -109.66
N GLN A 183 -56.47 -25.57 -108.68
CA GLN A 183 -57.49 -26.35 -107.99
C GLN A 183 -57.01 -26.73 -106.59
N GLY A 184 -56.73 -25.71 -105.80
CA GLY A 184 -56.26 -25.92 -104.44
C GLY A 184 -57.38 -25.68 -103.43
N ALA A 185 -58.25 -26.68 -103.31
CA ALA A 185 -59.36 -26.60 -102.39
C ALA A 185 -59.11 -27.53 -101.21
N GLY A 186 -58.65 -26.93 -100.11
CA GLY A 186 -58.36 -27.69 -98.90
C GLY A 186 -59.57 -27.71 -97.96
N ALA A 187 -60.25 -28.84 -97.94
CA ALA A 187 -61.42 -29.00 -97.10
C ALA A 187 -61.25 -30.24 -96.22
N LEU A 188 -60.75 -30.01 -95.02
CA LEU A 188 -60.53 -31.09 -94.06
C LEU A 188 -60.44 -30.52 -92.65
N ILE A 189 -61.13 -31.18 -91.73
CA ILE A 189 -61.13 -30.74 -90.34
C ILE A 189 -60.19 -31.64 -89.54
N HIS A 190 -59.78 -31.14 -88.39
CA HIS A 190 -58.90 -31.88 -87.51
C HIS A 190 -59.51 -31.98 -86.12
N SER A 191 -58.92 -32.86 -85.31
CA SER A 191 -59.40 -33.07 -83.95
C SER A 191 -59.30 -31.77 -83.16
N GLN A 192 -60.00 -31.74 -82.03
CA GLN A 192 -60.00 -30.57 -81.17
C GLN A 192 -60.08 -29.29 -82.01
ZN ZN B . -29.85 8.38 2.38
ZN ZN C . -42.72 18.84 -4.96
ZN ZN D . -52.69 -28.08 -158.29
ZN ZN E . -46.35 -26.04 -141.87
N MET A 1 -17.21 -20.64 13.46
CA MET A 1 -17.43 -19.45 14.28
C MET A 1 -16.12 -18.96 14.88
N PRO A 2 -15.19 -18.53 13.97
CA PRO A 2 -13.90 -18.02 14.41
C PRO A 2 -14.02 -16.61 14.99
N ASN A 3 -12.91 -16.13 15.53
CA ASN A 3 -12.89 -14.81 16.12
C ASN A 3 -11.49 -14.53 16.69
N TRP A 4 -10.66 -13.92 15.86
CA TRP A 4 -9.30 -13.60 16.25
C TRP A 4 -8.64 -12.82 15.11
N GLY A 5 -7.60 -12.09 15.46
CA GLY A 5 -6.87 -11.30 14.48
C GLY A 5 -5.42 -11.10 14.90
N GLY A 6 -4.78 -10.12 14.28
CA GLY A 6 -3.39 -9.82 14.58
C GLY A 6 -2.89 -8.65 13.73
N GLY A 7 -1.65 -8.28 13.98
CA GLY A 7 -1.03 -7.17 13.26
C GLY A 7 0.31 -6.78 13.87
N LYS A 8 0.84 -5.66 13.41
CA LYS A 8 2.11 -5.17 13.90
C LYS A 8 1.90 -3.82 14.61
N LYS A 9 3.00 -3.25 15.06
CA LYS A 9 2.95 -1.97 15.74
C LYS A 9 3.85 -0.98 15.02
N CYS A 10 3.26 0.17 14.67
CA CYS A 10 4.00 1.21 13.98
C CYS A 10 4.75 2.04 15.01
N GLY A 11 6.07 1.87 15.02
CA GLY A 11 6.91 2.59 15.96
C GLY A 11 7.15 4.03 15.49
N VAL A 12 6.48 4.38 14.40
CA VAL A 12 6.61 5.71 13.83
C VAL A 12 5.45 6.58 14.32
N CYS A 13 4.26 6.24 13.85
CA CYS A 13 3.07 6.97 14.24
C CYS A 13 2.65 6.53 15.63
N GLN A 14 3.06 5.32 15.99
CA GLN A 14 2.74 4.76 17.29
C GLN A 14 1.35 4.13 17.27
N LYS A 15 0.96 3.69 16.09
CA LYS A 15 -0.34 3.06 15.92
C LYS A 15 -0.16 1.64 15.38
N ALA A 16 -1.05 0.76 15.82
CA ALA A 16 -0.99 -0.64 15.38
C ALA A 16 -1.34 -0.72 13.90
N VAL A 17 -0.59 -1.55 13.20
CA VAL A 17 -0.81 -1.74 11.76
C VAL A 17 -1.53 -3.07 11.53
N TYR A 18 -2.44 -3.05 10.58
CA TYR A 18 -3.20 -4.24 10.25
C TYR A 18 -2.77 -4.81 8.90
N PHE A 19 -3.25 -6.01 8.61
CA PHE A 19 -2.92 -6.67 7.36
C PHE A 19 -3.43 -5.87 6.16
N ALA A 20 -2.57 -5.00 5.66
CA ALA A 20 -2.92 -4.17 4.53
C ALA A 20 -1.65 -3.55 3.94
N GLU A 21 -0.97 -2.78 4.76
CA GLU A 21 0.26 -2.13 4.34
C GLU A 21 1.45 -2.70 5.11
N GLU A 22 1.56 -2.29 6.36
CA GLU A 22 2.64 -2.75 7.21
C GLU A 22 3.95 -2.82 6.41
N VAL A 23 4.68 -1.72 6.44
CA VAL A 23 5.95 -1.63 5.73
C VAL A 23 7.08 -2.05 6.67
N GLN A 24 7.75 -3.13 6.29
CA GLN A 24 8.86 -3.64 7.09
C GLN A 24 10.07 -2.69 6.99
N CYS A 25 10.91 -2.76 8.00
CA CYS A 25 12.10 -1.92 8.03
C CYS A 25 13.27 -2.77 8.53
N GLU A 26 14.43 -2.53 7.93
CA GLU A 26 15.62 -3.27 8.31
C GLU A 26 15.64 -3.53 9.81
N GLY A 27 15.48 -2.45 10.57
CA GLY A 27 15.48 -2.55 12.02
C GLY A 27 14.26 -1.83 12.61
N SER A 28 13.10 -2.11 12.03
CA SER A 28 11.88 -1.49 12.48
C SER A 28 10.74 -1.83 11.52
N SER A 29 9.65 -1.08 11.64
CA SER A 29 8.50 -1.27 10.79
C SER A 29 7.49 -0.13 10.99
N PHE A 30 7.04 0.42 9.88
CA PHE A 30 6.09 1.51 9.92
C PHE A 30 5.03 1.36 8.82
N HIS A 31 4.05 2.25 8.85
CA HIS A 31 2.98 2.22 7.88
C HIS A 31 3.54 2.57 6.50
N LYS A 32 2.68 2.46 5.50
CA LYS A 32 3.08 2.76 4.13
C LYS A 32 3.37 4.25 4.00
N SER A 33 2.34 5.05 4.24
CA SER A 33 2.48 6.50 4.16
C SER A 33 3.54 6.98 5.15
N CYS A 34 3.59 6.30 6.30
CA CYS A 34 4.55 6.65 7.33
C CYS A 34 5.96 6.61 6.71
N PHE A 35 6.16 5.62 5.86
CA PHE A 35 7.45 5.45 5.19
C PHE A 35 7.76 6.66 4.29
N LEU A 36 8.21 7.73 4.93
CA LEU A 36 8.55 8.94 4.20
C LEU A 36 9.76 9.60 4.83
N CYS A 37 10.72 9.96 3.98
CA CYS A 37 11.94 10.59 4.45
C CYS A 37 11.57 11.66 5.48
N MET A 38 12.01 11.44 6.70
CA MET A 38 11.74 12.37 7.78
C MET A 38 12.64 13.60 7.69
N VAL A 39 13.27 13.76 6.54
CA VAL A 39 14.17 14.87 6.31
C VAL A 39 13.57 15.79 5.24
N CYS A 40 13.59 15.31 4.01
CA CYS A 40 13.06 16.08 2.89
C CYS A 40 11.53 16.01 2.95
N LYS A 41 11.04 14.97 3.61
CA LYS A 41 9.60 14.78 3.75
C LYS A 41 9.06 14.14 2.48
N LYS A 42 9.95 13.46 1.77
CA LYS A 42 9.57 12.79 0.53
C LYS A 42 9.24 11.33 0.83
N ASN A 43 8.09 10.90 0.33
CA ASN A 43 7.65 9.53 0.54
C ASN A 43 8.62 8.58 -0.15
N LEU A 44 8.80 7.41 0.46
CA LEU A 44 9.71 6.42 -0.08
C LEU A 44 8.96 5.09 -0.22
N ASP A 45 9.57 4.17 -0.96
CA ASP A 45 8.98 2.86 -1.18
C ASP A 45 9.80 2.10 -2.22
N SER A 46 10.44 1.05 -1.77
CA SER A 46 11.26 0.22 -2.65
C SER A 46 12.23 1.11 -3.43
N THR A 47 13.01 1.88 -2.68
CA THR A 47 13.99 2.77 -3.28
C THR A 47 15.30 2.75 -2.50
N THR A 48 15.99 3.87 -2.53
CA THR A 48 17.26 3.99 -1.82
C THR A 48 17.03 4.43 -0.37
N VAL A 49 15.79 4.26 0.08
CA VAL A 49 15.43 4.64 1.44
C VAL A 49 16.35 3.92 2.42
N ALA A 50 16.54 4.56 3.57
CA ALA A 50 17.38 3.99 4.61
C ALA A 50 16.69 4.13 5.96
N VAL A 51 17.22 3.41 6.95
CA VAL A 51 16.67 3.43 8.29
C VAL A 51 17.70 4.03 9.25
N HIS A 52 17.20 4.88 10.14
CA HIS A 52 18.06 5.52 11.12
C HIS A 52 17.28 5.77 12.41
N GLY A 53 17.96 5.58 13.53
CA GLY A 53 17.34 5.78 14.82
C GLY A 53 15.90 5.26 14.84
N ASP A 54 14.97 6.19 14.70
CA ASP A 54 13.55 5.83 14.70
C ASP A 54 12.84 6.63 13.59
N GLU A 55 13.35 6.47 12.38
CA GLU A 55 12.78 7.16 11.24
C GLU A 55 13.42 6.67 9.94
N ILE A 56 12.86 7.12 8.82
CA ILE A 56 13.38 6.75 7.52
C ILE A 56 14.09 7.95 6.90
N TYR A 57 15.10 7.64 6.09
CA TYR A 57 15.86 8.68 5.43
C TYR A 57 16.38 8.20 4.07
N CYS A 58 16.06 8.97 3.04
CA CYS A 58 16.48 8.64 1.69
C CYS A 58 18.01 8.65 1.64
N LYS A 59 18.55 7.64 0.99
CA LYS A 59 20.00 7.53 0.87
C LYS A 59 20.60 8.92 0.69
N SER A 60 20.23 9.56 -0.41
CA SER A 60 20.71 10.90 -0.71
C SER A 60 20.90 11.69 0.59
N CYS A 61 19.85 11.68 1.41
CA CYS A 61 19.89 12.38 2.67
C CYS A 61 21.00 11.78 3.54
N TYR A 62 20.89 10.47 3.73
CA TYR A 62 21.87 9.76 4.54
C TYR A 62 23.29 10.21 4.20
N GLY A 63 23.59 10.22 2.91
CA GLY A 63 24.90 10.62 2.44
C GLY A 63 25.09 12.13 2.60
N LYS A 64 23.97 12.84 2.60
CA LYS A 64 24.00 14.29 2.74
C LYS A 64 24.46 14.65 4.16
N LYS A 65 23.72 14.13 5.13
CA LYS A 65 24.05 14.39 6.52
C LYS A 65 25.43 13.83 6.84
N TYR A 66 25.64 12.59 6.41
CA TYR A 66 26.92 11.93 6.64
C TYR A 66 28.06 12.69 5.99
N GLY A 67 27.77 13.26 4.82
CA GLY A 67 28.76 14.02 4.09
C GLY A 67 29.64 14.84 5.04
N PRO A 68 30.85 14.27 5.34
CA PRO A 68 31.78 14.94 6.23
C PRO A 68 32.46 16.11 5.54
N LYS A 69 33.33 16.78 6.28
CA LYS A 69 34.06 17.92 5.75
C LYS A 69 35.44 17.97 6.39
N GLY A 70 36.23 18.94 5.93
CA GLY A 70 37.58 19.11 6.45
C GLY A 70 38.23 20.36 5.85
N LYS A 71 39.48 20.58 6.26
CA LYS A 71 40.23 21.74 5.78
C LYS A 71 41.67 21.63 6.27
N GLY A 72 42.48 22.58 5.81
CA GLY A 72 43.88 22.61 6.19
C GLY A 72 44.48 24.00 5.99
N LYS A 73 45.72 24.15 6.43
CA LYS A 73 46.41 25.43 6.31
C LYS A 73 47.91 25.18 6.25
N GLY A 74 48.65 26.27 6.07
CA GLY A 74 50.10 26.19 6.00
C GLY A 74 50.76 27.43 6.60
N MET A 75 52.06 27.51 6.43
CA MET A 75 52.82 28.64 6.96
C MET A 75 54.11 28.86 6.16
N GLY A 76 54.72 30.01 6.39
CA GLY A 76 55.96 30.34 5.70
C GLY A 76 57.10 30.56 6.69
N ALA A 77 58.04 31.38 6.28
CA ALA A 77 59.20 31.68 7.13
C ALA A 77 60.04 32.78 6.47
N GLY A 78 61.03 33.24 7.22
CA GLY A 78 61.90 34.30 6.72
C GLY A 78 63.32 34.11 7.26
N THR A 79 64.12 35.15 7.09
CA THR A 79 65.50 35.12 7.55
C THR A 79 66.14 36.51 7.41
N LEU A 80 67.26 36.67 8.10
CA LEU A 80 67.98 37.94 8.06
C LEU A 80 69.47 37.67 8.25
N SER A 81 70.24 38.75 8.17
CA SER A 81 71.69 38.65 8.34
C SER A 81 72.27 40.02 8.70
N THR A 82 73.54 40.00 9.09
CA THR A 82 74.21 41.23 9.47
C THR A 82 75.72 41.11 9.21
N ASP A 83 76.28 42.16 8.64
CA ASP A 83 77.69 42.19 8.34
C ASP A 83 78.42 43.02 9.39
N LYS A 84 79.74 42.87 9.41
CA LYS A 84 80.57 43.59 10.36
C LYS A 84 81.55 44.47 9.61
N GLY A 85 82.22 45.35 10.35
CA GLY A 85 83.20 46.25 9.76
C GLY A 85 84.56 46.10 10.45
N GLU A 86 85.46 47.00 10.09
CA GLU A 86 86.80 46.98 10.66
C GLU A 86 87.29 48.41 10.90
N SER A 87 88.40 48.51 11.62
CA SER A 87 88.99 49.80 11.91
C SER A 87 90.50 49.77 11.69
N LEU A 88 91.10 50.95 11.71
CA LEU A 88 92.54 51.06 11.51
C LEU A 88 93.18 51.59 12.79
N GLY A 89 94.51 51.66 12.77
CA GLY A 89 95.25 52.15 13.91
C GLY A 89 95.93 53.49 13.58
N ILE A 90 97.06 53.72 14.24
CA ILE A 90 97.81 54.94 14.03
C ILE A 90 99.29 54.68 14.30
N LYS A 91 100.14 55.32 13.50
CA LYS A 91 101.57 55.16 13.65
C LYS A 91 102.20 56.54 13.84
N TYR A 92 103.48 56.53 14.24
CA TYR A 92 104.20 57.76 14.46
C TYR A 92 105.66 57.63 14.00
N GLU A 93 106.34 58.76 13.97
CA GLU A 93 107.72 58.78 13.55
C GLU A 93 108.39 60.10 13.97
N GLU A 94 109.66 60.00 14.33
CA GLU A 94 110.41 61.17 14.76
C GLU A 94 111.86 60.78 15.06
N GLY A 95 112.73 61.77 14.98
CA GLY A 95 114.14 61.56 15.25
C GLY A 95 114.96 62.81 14.92
N GLN A 96 116.08 62.94 15.61
CA GLN A 96 116.97 64.07 15.40
C GLN A 96 118.19 63.97 16.30
N SER A 97 119.33 64.39 15.75
CA SER A 97 120.58 64.34 16.49
C SER A 97 121.72 64.89 15.63
N HIS A 98 122.40 65.89 16.17
CA HIS A 98 123.51 66.50 15.46
C HIS A 98 124.14 67.59 16.34
N ARG A 99 125.45 67.68 16.25
CA ARG A 99 126.19 68.67 17.04
C ARG A 99 127.65 68.71 16.59
N PRO A 100 128.07 69.92 16.12
CA PRO A 100 129.44 70.10 15.67
C PRO A 100 130.41 70.18 16.85
N THR A 101 131.68 70.37 16.53
CA THR A 101 132.70 70.46 17.55
C THR A 101 134.03 70.93 16.94
N ASN A 102 134.86 71.52 17.78
CA ASN A 102 136.15 72.02 17.34
C ASN A 102 136.97 72.45 18.56
N PRO A 103 137.80 71.51 19.07
CA PRO A 103 138.64 71.78 20.22
C PRO A 103 139.83 72.65 19.84
N ASN A 104 140.62 73.00 20.85
CA ASN A 104 141.79 73.83 20.63
C ASN A 104 142.75 73.65 21.81
N ALA A 105 143.97 74.14 21.60
CA ALA A 105 144.99 74.04 22.64
C ALA A 105 145.91 75.27 22.56
N SER A 106 146.83 75.35 23.51
CA SER A 106 147.76 76.46 23.55
C SER A 106 148.80 76.22 24.65
N ARG A 107 149.83 77.06 24.64
CA ARG A 107 150.89 76.95 25.63
C ARG A 107 151.33 78.34 26.09
N MET A 108 152.07 78.36 27.19
CA MET A 108 152.56 79.61 27.75
C MET A 108 153.87 79.41 28.49
N ALA A 109 154.48 80.52 28.86
CA ALA A 109 155.75 80.48 29.58
C ALA A 109 155.51 80.83 31.05
N GLN A 110 156.57 80.73 31.82
CA GLN A 110 156.49 81.04 33.24
C GLN A 110 157.27 82.31 33.56
N LYS A 111 157.11 82.78 34.80
CA LYS A 111 157.78 83.99 35.23
C LYS A 111 158.91 83.61 36.21
N VAL A 112 159.72 84.61 36.52
CA VAL A 112 160.83 84.40 37.44
C VAL A 112 160.33 84.49 38.88
N GLY A 113 161.23 84.22 39.81
CA GLY A 113 160.89 84.27 41.23
C GLY A 113 160.65 85.70 41.69
N GLY A 114 161.12 85.99 42.89
CA GLY A 114 160.97 87.32 43.45
C GLY A 114 162.00 87.57 44.55
N SER A 115 162.60 88.75 44.50
CA SER A 115 163.61 89.12 45.46
C SER A 115 163.60 90.64 45.68
N ASP A 116 164.18 91.05 46.79
CA ASP A 116 164.24 92.47 47.13
C ASP A 116 165.49 92.74 47.96
N GLY A 117 165.44 93.83 48.72
CA GLY A 117 166.56 94.21 49.57
C GLY A 117 166.07 94.68 50.94
N CYS A 118 167.03 94.89 51.82
CA CYS A 118 166.71 95.34 53.17
C CYS A 118 166.96 96.85 53.24
N PRO A 119 165.84 97.60 53.33
CA PRO A 119 165.92 99.06 53.41
C PRO A 119 166.37 99.51 54.80
N ARG A 120 166.59 98.53 55.66
CA ARG A 120 167.02 98.81 57.02
C ARG A 120 168.54 98.76 57.10
N CYS A 121 169.07 97.55 57.00
CA CYS A 121 170.51 97.35 57.06
C CYS A 121 171.11 97.72 55.70
N GLY A 122 170.34 97.46 54.66
CA GLY A 122 170.78 97.76 53.30
C GLY A 122 171.10 96.48 52.53
N GLN A 123 171.45 95.45 53.28
CA GLN A 123 171.78 94.16 52.68
C GLN A 123 170.58 93.62 51.91
N ALA A 124 170.88 93.06 50.74
CA ALA A 124 169.84 92.50 49.90
C ALA A 124 169.00 91.51 50.73
N VAL A 125 167.85 91.15 50.18
CA VAL A 125 166.96 90.22 50.84
C VAL A 125 166.42 89.21 49.82
N TYR A 126 166.65 87.94 50.12
CA TYR A 126 166.21 86.87 49.25
C TYR A 126 166.39 85.50 49.91
N ALA A 127 165.35 84.68 49.78
CA ALA A 127 165.39 83.36 50.36
C ALA A 127 165.38 83.46 51.89
N ALA A 128 165.97 82.47 52.53
CA ALA A 128 166.04 82.44 53.98
C ALA A 128 166.33 83.86 54.50
N GLU A 129 165.63 84.22 55.56
CA GLU A 129 165.80 85.53 56.16
C GLU A 129 165.19 86.60 55.26
N LYS A 130 163.91 86.44 54.99
CA LYS A 130 163.19 87.39 54.14
C LYS A 130 161.81 87.65 54.74
N VAL A 131 161.51 88.94 54.91
CA VAL A 131 160.23 89.33 55.47
C VAL A 131 159.57 90.37 54.55
N ILE A 132 158.25 90.36 54.54
CA ILE A 132 157.50 91.30 53.72
C ILE A 132 156.43 91.98 54.57
N GLY A 133 156.58 93.29 54.70
CA GLY A 133 155.64 94.07 55.49
C GLY A 133 155.46 95.48 54.90
N ALA A 134 154.28 96.02 55.09
CA ALA A 134 153.98 97.35 54.58
C ALA A 134 154.43 97.46 53.13
N GLY A 135 153.95 96.54 52.31
CA GLY A 135 154.30 96.51 50.91
C GLY A 135 155.80 96.74 50.71
N LYS A 136 156.57 96.14 51.60
CA LYS A 136 158.02 96.26 51.55
C LYS A 136 158.66 94.94 51.99
N SER A 137 159.97 94.88 51.84
CA SER A 137 160.71 93.69 52.21
C SER A 137 161.94 94.07 53.05
N TRP A 138 162.25 93.22 54.02
CA TRP A 138 163.39 93.45 54.88
C TRP A 138 163.78 92.12 55.53
N HIS A 139 164.85 92.17 56.30
CA HIS A 139 165.33 90.97 56.99
C HIS A 139 164.46 90.71 58.23
N LYS A 140 163.96 89.49 58.30
CA LYS A 140 163.12 89.09 59.41
C LYS A 140 163.87 89.34 60.73
N SER A 141 165.18 89.48 60.60
CA SER A 141 166.02 89.72 61.77
C SER A 141 165.96 91.20 62.16
N CYS A 142 166.22 92.05 61.18
CA CYS A 142 166.20 93.49 61.41
C CYS A 142 164.74 93.91 61.62
N PHE A 143 163.93 93.65 60.62
CA PHE A 143 162.52 94.00 60.69
C PHE A 143 161.99 93.86 62.11
N ARG A 144 161.97 95.00 62.81
CA ARG A 144 161.50 95.02 64.19
C ARG A 144 160.45 96.10 64.37
N CYS A 145 159.81 96.09 65.52
CA CYS A 145 158.78 97.07 65.83
C CYS A 145 159.45 98.41 66.09
N ALA A 146 158.95 99.43 65.38
CA ALA A 146 159.50 100.77 65.52
C ALA A 146 158.80 101.48 66.67
N LYS A 147 158.46 100.70 67.70
CA LYS A 147 157.79 101.25 68.86
C LYS A 147 158.41 100.66 70.13
N CYS A 148 158.58 99.34 70.10
CA CYS A 148 159.16 98.64 71.24
C CYS A 148 160.54 98.12 70.83
N GLY A 149 160.69 97.90 69.54
CA GLY A 149 161.95 97.41 69.01
C GLY A 149 162.01 95.88 69.04
N LYS A 150 160.82 95.28 69.12
CA LYS A 150 160.72 93.84 69.15
C LYS A 150 160.58 93.30 67.72
N SER A 151 161.40 92.32 67.40
CA SER A 151 161.38 91.73 66.08
C SER A 151 159.94 91.34 65.70
N LEU A 152 159.65 91.50 64.42
CA LEU A 152 158.32 91.18 63.92
C LEU A 152 158.41 89.93 63.03
N GLU A 153 157.28 89.62 62.39
CA GLU A 153 157.22 88.47 61.52
C GLU A 153 155.80 88.30 60.96
N SER A 154 155.66 87.34 60.06
CA SER A 154 154.37 87.07 59.44
C SER A 154 153.29 86.93 60.53
N THR A 155 152.09 87.31 60.17
CA THR A 155 150.96 87.21 61.09
C THR A 155 151.41 87.61 62.50
N THR A 156 151.78 88.88 62.63
CA THR A 156 152.23 89.39 63.92
C THR A 156 152.66 90.85 63.78
N LEU A 157 153.25 91.16 62.64
CA LEU A 157 153.71 92.51 62.38
C LEU A 157 152.50 93.42 62.15
N ALA A 158 152.78 94.72 62.12
CA ALA A 158 151.72 95.70 61.91
C ALA A 158 152.29 96.86 61.08
N ASP A 159 152.01 96.82 59.78
CA ASP A 159 152.47 97.85 58.88
C ASP A 159 151.46 99.01 58.88
N LYS A 160 151.83 100.08 59.56
CA LYS A 160 150.98 101.26 59.63
C LYS A 160 151.23 102.15 58.42
N ASP A 161 150.67 101.73 57.29
CA ASP A 161 150.84 102.48 56.07
C ASP A 161 152.28 102.35 55.56
N GLY A 162 153.17 103.07 56.21
CA GLY A 162 154.57 103.05 55.85
C GLY A 162 155.44 102.62 57.04
N GLU A 163 154.82 102.65 58.22
CA GLU A 163 155.53 102.27 59.43
C GLU A 163 155.32 100.77 59.72
N ILE A 164 156.11 100.28 60.66
CA ILE A 164 156.02 98.88 61.04
C ILE A 164 156.08 98.76 62.56
N TYR A 165 155.21 97.92 63.10
CA TYR A 165 155.16 97.72 64.54
C TYR A 165 154.72 96.29 64.87
N CYS A 166 154.51 96.05 66.16
CA CYS A 166 154.09 94.74 66.62
C CYS A 166 152.59 94.78 66.85
N LYS A 167 151.96 93.63 66.65
CA LYS A 167 150.52 93.51 66.83
C LYS A 167 150.13 94.19 68.14
N GLY A 168 150.91 93.93 69.17
CA GLY A 168 150.66 94.51 70.49
C GLY A 168 150.61 96.03 70.41
N CYS A 169 151.40 96.57 69.49
CA CYS A 169 151.46 98.01 69.31
C CYS A 169 150.25 98.44 68.47
N TYR A 170 150.04 97.70 67.39
CA TYR A 170 148.93 98.00 66.49
C TYR A 170 147.60 97.97 67.24
N ALA A 171 147.54 97.10 68.24
CA ALA A 171 146.34 96.96 69.04
C ALA A 171 146.31 98.06 70.11
N LYS A 172 147.26 97.98 71.02
CA LYS A 172 147.35 98.96 72.09
C LYS A 172 147.18 100.37 71.51
N ASN A 173 148.07 100.70 70.58
CA ASN A 173 148.02 102.00 69.94
C ASN A 173 146.57 102.40 69.71
N PHE A 174 145.79 101.44 69.22
CA PHE A 174 144.39 101.68 68.94
C PHE A 174 143.53 100.54 69.49
N GLY A 175 143.55 100.40 70.81
CA GLY A 175 142.78 99.35 71.46
C GLY A 175 141.43 99.17 70.78
N PRO A 176 141.36 98.14 69.89
CA PRO A 176 140.13 97.85 69.17
C PRO A 176 139.11 97.17 70.08
N LYS A 177 137.92 96.96 69.54
CA LYS A 177 136.85 96.32 70.29
C LYS A 177 137.29 94.91 70.69
N GLY A 178 137.52 94.09 69.68
CA GLY A 178 137.95 92.72 69.92
C GLY A 178 137.33 91.77 68.88
N PHE A 179 137.94 91.74 67.71
CA PHE A 179 137.47 90.89 66.63
C PHE A 179 135.99 91.13 66.36
N GLY A 180 135.51 90.53 65.28
CA GLY A 180 134.12 90.67 64.89
C GLY A 180 133.81 89.83 63.65
N PHE A 181 133.38 88.60 63.89
CA PHE A 181 133.05 87.70 62.80
C PHE A 181 131.54 87.73 62.50
N GLY A 182 131.22 87.71 61.22
CA GLY A 182 129.83 87.73 60.80
C GLY A 182 129.65 86.96 59.48
N GLN A 183 129.59 85.64 59.60
CA GLN A 183 129.42 84.79 58.44
C GLN A 183 129.27 83.34 58.86
N GLY A 184 128.27 83.11 59.71
CA GLY A 184 128.01 81.76 60.20
C GLY A 184 127.46 80.87 59.09
N ALA A 185 128.12 79.74 58.90
CA ALA A 185 127.70 78.80 57.88
C ALA A 185 128.41 77.45 58.11
N GLY A 186 127.63 76.39 58.08
CA GLY A 186 128.16 75.06 58.28
C GLY A 186 127.32 74.01 57.54
N ALA A 187 127.53 73.96 56.23
CA ALA A 187 126.81 73.02 55.40
C ALA A 187 127.71 71.82 55.08
N LEU A 188 127.21 70.64 55.35
CA LEU A 188 127.96 69.42 55.09
C LEU A 188 127.25 68.60 54.02
N ILE A 189 126.04 68.18 54.35
CA ILE A 189 125.24 67.39 53.43
C ILE A 189 124.26 68.31 52.70
N HIS A 190 124.81 69.15 51.83
CA HIS A 190 124.00 70.07 51.07
C HIS A 190 122.91 70.67 51.96
N SER A 191 123.33 71.61 52.79
CA SER A 191 122.40 72.27 53.70
C SER A 191 121.81 71.24 54.67
N GLN A 192 121.11 71.76 55.67
CA GLN A 192 120.50 70.90 56.67
C GLN A 192 119.32 71.63 57.34
ZN ZN B . 2.54 4.49 10.95
ZN ZN C . 15.38 12.72 2.07
ZN ZN D . 168.25 93.80 57.33
ZN ZN E . 155.76 97.24 69.43
N MET A 1 -17.21 -20.64 13.46
CA MET A 1 -17.43 -19.45 14.28
C MET A 1 -18.92 -19.24 14.56
N PRO A 2 -19.71 -19.26 13.45
CA PRO A 2 -21.15 -19.08 13.56
C PRO A 2 -21.83 -20.33 14.12
N ASN A 3 -21.47 -21.46 13.53
CA ASN A 3 -22.03 -22.74 13.95
C ASN A 3 -21.43 -23.85 13.10
N TRP A 4 -21.64 -25.08 13.56
CA TRP A 4 -21.12 -26.25 12.85
C TRP A 4 -21.64 -27.50 13.57
N GLY A 5 -21.68 -28.59 12.82
CA GLY A 5 -22.14 -29.85 13.38
C GLY A 5 -22.45 -30.86 12.26
N GLY A 6 -22.40 -32.12 12.63
CA GLY A 6 -22.67 -33.19 11.67
C GLY A 6 -22.48 -34.57 12.32
N GLY A 7 -22.72 -35.60 11.52
CA GLY A 7 -22.58 -36.96 12.00
C GLY A 7 -23.14 -37.96 10.99
N LYS A 8 -23.04 -39.23 11.34
CA LYS A 8 -23.53 -40.29 10.47
C LYS A 8 -24.58 -41.11 11.22
N LYS A 9 -25.12 -42.11 10.53
CA LYS A 9 -26.13 -42.96 11.12
C LYS A 9 -25.65 -44.42 11.08
N CYS A 10 -25.57 -45.01 12.25
CA CYS A 10 -25.12 -46.39 12.38
C CYS A 10 -26.31 -47.31 12.04
N GLY A 11 -26.23 -47.90 10.85
CA GLY A 11 -27.28 -48.79 10.40
C GLY A 11 -27.11 -50.18 11.02
N VAL A 12 -26.16 -50.29 11.93
CA VAL A 12 -25.88 -51.54 12.58
C VAL A 12 -26.65 -51.60 13.90
N CYS A 13 -26.26 -50.71 14.81
CA CYS A 13 -26.90 -50.64 16.11
C CYS A 13 -28.16 -49.78 15.99
N GLN A 14 -28.15 -48.94 14.98
CA GLN A 14 -29.29 -48.05 14.74
C GLN A 14 -29.17 -46.80 15.61
N LYS A 15 -27.93 -46.42 15.90
CA LYS A 15 -27.67 -45.25 16.72
C LYS A 15 -26.99 -44.18 15.85
N ALA A 16 -26.79 -43.02 16.47
CA ALA A 16 -26.16 -41.91 15.78
C ALA A 16 -24.65 -42.00 15.95
N VAL A 17 -23.94 -41.63 14.89
CA VAL A 17 -22.49 -41.67 14.91
C VAL A 17 -21.95 -40.24 14.92
N TYR A 18 -20.96 -40.02 15.77
CA TYR A 18 -20.36 -38.70 15.90
C TYR A 18 -18.89 -38.73 15.42
N PHE A 19 -18.61 -37.88 14.45
CA PHE A 19 -17.27 -37.79 13.90
C PHE A 19 -16.22 -37.96 15.00
N ALA A 20 -15.63 -39.16 15.04
CA ALA A 20 -14.62 -39.46 16.03
C ALA A 20 -14.24 -40.95 15.92
N GLU A 21 -15.26 -41.79 15.93
CA GLU A 21 -15.05 -43.22 15.83
C GLU A 21 -16.02 -43.83 14.82
N GLU A 22 -16.15 -43.16 13.69
CA GLU A 22 -17.02 -43.62 12.63
C GLU A 22 -16.26 -44.52 11.64
N VAL A 23 -16.86 -45.65 11.34
CA VAL A 23 -16.25 -46.59 10.41
C VAL A 23 -17.18 -46.80 9.21
N GLN A 24 -16.68 -46.42 8.05
CA GLN A 24 -17.44 -46.56 6.82
C GLN A 24 -17.04 -47.84 6.08
N CYS A 25 -17.91 -48.26 5.19
CA CYS A 25 -17.66 -49.47 4.41
C CYS A 25 -18.56 -49.44 3.16
N GLU A 26 -18.30 -50.37 2.27
CA GLU A 26 -19.07 -50.46 1.05
C GLU A 26 -20.56 -50.17 1.32
N GLY A 27 -21.00 -49.02 0.81
CA GLY A 27 -22.38 -48.61 1.00
C GLY A 27 -22.87 -48.98 2.40
N SER A 28 -22.13 -48.50 3.39
CA SER A 28 -22.49 -48.77 4.78
C SER A 28 -21.61 -47.93 5.71
N SER A 29 -21.99 -47.91 6.98
CA SER A 29 -21.24 -47.16 7.97
C SER A 29 -21.75 -47.50 9.37
N PHE A 30 -20.82 -47.95 10.21
CA PHE A 30 -21.15 -48.31 11.57
C PHE A 30 -20.09 -47.82 12.54
N HIS A 31 -20.45 -47.83 13.83
CA HIS A 31 -19.54 -47.39 14.86
C HIS A 31 -18.28 -48.24 14.85
N LYS A 32 -17.19 -47.66 15.34
CA LYS A 32 -15.92 -48.36 15.39
C LYS A 32 -16.11 -49.72 16.07
N SER A 33 -16.98 -49.72 17.07
CA SER A 33 -17.27 -50.95 17.82
C SER A 33 -18.49 -51.64 17.22
N CYS A 34 -18.75 -51.35 15.95
CA CYS A 34 -19.88 -51.94 15.25
C CYS A 34 -19.37 -52.57 13.96
N PHE A 35 -18.13 -53.05 14.02
CA PHE A 35 -17.51 -53.67 12.86
C PHE A 35 -16.82 -54.98 13.25
N LEU A 36 -17.60 -56.05 13.23
CA LEU A 36 -17.09 -57.36 13.58
C LEU A 36 -17.72 -58.42 12.66
N CYS A 37 -16.86 -59.28 12.14
CA CYS A 37 -17.31 -60.33 11.24
C CYS A 37 -18.56 -60.97 11.85
N MET A 38 -19.67 -60.80 11.16
CA MET A 38 -20.94 -61.35 11.62
C MET A 38 -21.01 -62.86 11.34
N VAL A 39 -19.85 -63.43 11.04
CA VAL A 39 -19.77 -64.85 10.76
C VAL A 39 -18.96 -65.54 11.86
N CYS A 40 -17.66 -65.31 11.83
CA CYS A 40 -16.77 -65.90 12.82
C CYS A 40 -16.95 -65.15 14.14
N LYS A 41 -17.41 -63.91 14.02
CA LYS A 41 -17.64 -63.08 15.20
C LYS A 41 -16.33 -62.42 15.61
N LYS A 42 -15.42 -62.33 14.64
CA LYS A 42 -14.12 -61.72 14.89
C LYS A 42 -14.18 -60.25 14.50
N ASN A 43 -13.78 -59.40 15.44
CA ASN A 43 -13.77 -57.97 15.20
C ASN A 43 -12.75 -57.64 14.10
N LEU A 44 -13.08 -56.60 13.34
CA LEU A 44 -12.21 -56.18 12.25
C LEU A 44 -11.87 -54.70 12.43
N ASP A 45 -10.84 -54.28 11.72
CA ASP A 45 -10.39 -52.89 11.79
C ASP A 45 -10.33 -52.30 10.38
N SER A 46 -9.42 -52.83 9.59
CA SER A 46 -9.26 -52.37 8.22
C SER A 46 -7.99 -52.96 7.61
N THR A 47 -8.19 -53.88 6.67
CA THR A 47 -7.07 -54.52 6.00
C THR A 47 -7.58 -55.47 4.91
N THR A 48 -8.26 -56.51 5.35
CA THR A 48 -8.81 -57.50 4.43
C THR A 48 -10.24 -57.88 4.83
N VAL A 49 -11.12 -56.88 4.79
CA VAL A 49 -12.51 -57.09 5.15
C VAL A 49 -13.38 -56.91 3.90
N ALA A 50 -14.66 -57.22 4.06
CA ALA A 50 -15.60 -57.10 2.97
C ALA A 50 -17.01 -56.91 3.53
N VAL A 51 -17.91 -56.48 2.66
CA VAL A 51 -19.30 -56.26 3.06
C VAL A 51 -20.21 -57.13 2.20
N HIS A 52 -21.37 -57.43 2.75
CA HIS A 52 -22.35 -58.25 2.06
C HIS A 52 -23.75 -57.97 2.60
N GLY A 53 -24.66 -57.65 1.70
CA GLY A 53 -26.02 -57.35 2.08
C GLY A 53 -26.07 -56.37 3.24
N ASP A 54 -26.62 -56.84 4.35
CA ASP A 54 -26.75 -56.01 5.54
C ASP A 54 -25.90 -56.62 6.67
N GLU A 55 -24.67 -56.97 6.32
CA GLU A 55 -23.76 -57.56 7.28
C GLU A 55 -22.31 -57.41 6.81
N ILE A 56 -21.40 -57.63 7.74
CA ILE A 56 -19.98 -57.52 7.44
C ILE A 56 -19.32 -58.89 7.56
N TYR A 57 -18.30 -59.09 6.75
CA TYR A 57 -17.57 -60.36 6.76
C TYR A 57 -16.09 -60.14 6.48
N CYS A 58 -15.27 -60.94 7.15
CA CYS A 58 -13.83 -60.85 6.99
C CYS A 58 -13.45 -61.53 5.67
N LYS A 59 -12.57 -60.89 4.93
CA LYS A 59 -12.11 -61.42 3.66
C LYS A 59 -11.96 -62.94 3.77
N SER A 60 -11.07 -63.35 4.66
CA SER A 60 -10.82 -64.76 4.88
C SER A 60 -12.12 -65.55 4.69
N CYS A 61 -13.17 -65.08 5.36
CA CYS A 61 -14.46 -65.73 5.28
C CYS A 61 -14.95 -65.66 3.83
N TYR A 62 -15.03 -64.44 3.32
CA TYR A 62 -15.47 -64.22 1.96
C TYR A 62 -14.83 -65.23 1.01
N GLY A 63 -13.51 -65.25 1.02
CA GLY A 63 -12.77 -66.17 0.17
C GLY A 63 -13.02 -67.62 0.56
N LYS A 64 -13.35 -67.80 1.84
CA LYS A 64 -13.62 -69.13 2.35
C LYS A 64 -14.90 -69.66 1.73
N LYS A 65 -15.91 -68.81 1.69
CA LYS A 65 -17.20 -69.18 1.12
C LYS A 65 -17.05 -69.34 -0.39
N TYR A 66 -16.56 -68.28 -1.02
CA TYR A 66 -16.38 -68.30 -2.47
C TYR A 66 -15.44 -69.43 -2.89
N GLY A 67 -14.55 -69.79 -1.97
CA GLY A 67 -13.60 -70.86 -2.23
C GLY A 67 -14.24 -71.98 -3.04
N PRO A 68 -13.99 -71.94 -4.38
CA PRO A 68 -14.53 -72.94 -5.28
C PRO A 68 -13.78 -74.27 -5.15
N LYS A 69 -14.27 -75.27 -5.85
CA LYS A 69 -13.66 -76.58 -5.82
C LYS A 69 -14.16 -77.40 -7.02
N GLY A 70 -13.58 -78.58 -7.17
CA GLY A 70 -13.95 -79.47 -8.27
C GLY A 70 -13.16 -80.78 -8.20
N LYS A 71 -13.40 -81.62 -9.18
CA LYS A 71 -12.72 -82.90 -9.26
C LYS A 71 -13.13 -83.62 -10.55
N GLY A 72 -12.51 -84.78 -10.76
CA GLY A 72 -12.79 -85.56 -11.95
C GLY A 72 -12.21 -86.98 -11.82
N LYS A 73 -12.30 -87.72 -12.92
CA LYS A 73 -11.79 -89.08 -12.94
C LYS A 73 -11.92 -89.64 -14.36
N GLY A 74 -11.41 -90.85 -14.53
CA GLY A 74 -11.45 -91.51 -15.83
C GLY A 74 -10.97 -92.95 -15.72
N MET A 75 -10.89 -93.60 -16.88
CA MET A 75 -10.45 -94.98 -16.94
C MET A 75 -10.43 -95.49 -18.37
N GLY A 76 -9.80 -96.64 -18.55
CA GLY A 76 -9.70 -97.25 -19.87
C GLY A 76 -8.65 -98.37 -19.88
N ALA A 77 -8.69 -99.16 -20.94
CA ALA A 77 -7.76 -100.26 -21.09
C ALA A 77 -7.98 -100.94 -22.44
N GLY A 78 -7.09 -101.88 -22.75
CA GLY A 78 -7.19 -102.61 -24.00
C GLY A 78 -6.20 -103.78 -24.03
N THR A 79 -6.17 -104.45 -25.17
CA THR A 79 -5.27 -105.59 -25.34
C THR A 79 -5.28 -106.06 -26.79
N LEU A 80 -4.27 -106.84 -27.13
CA LEU A 80 -4.15 -107.37 -28.49
C LEU A 80 -2.98 -108.34 -28.54
N SER A 81 -2.82 -108.97 -29.70
CA SER A 81 -1.76 -109.93 -29.90
C SER A 81 -1.83 -110.51 -31.31
N THR A 82 -0.71 -111.08 -31.75
CA THR A 82 -0.64 -111.68 -33.07
C THR A 82 0.68 -112.43 -33.25
N ASP A 83 0.67 -113.35 -34.20
CA ASP A 83 1.86 -114.14 -34.49
C ASP A 83 1.64 -114.96 -35.76
N LYS A 84 2.73 -115.51 -36.27
CA LYS A 84 2.66 -116.31 -37.48
C LYS A 84 4.05 -116.90 -37.77
N GLY A 85 4.09 -117.72 -38.80
CA GLY A 85 5.34 -118.35 -39.20
C GLY A 85 5.12 -119.36 -40.33
N GLU A 86 6.22 -119.86 -40.86
CA GLU A 86 6.16 -120.83 -41.95
C GLU A 86 7.56 -121.27 -42.35
N SER A 87 7.62 -122.34 -43.13
CA SER A 87 8.89 -122.86 -43.59
C SER A 87 8.66 -124.06 -44.52
N LEU A 88 9.73 -124.46 -45.19
CA LEU A 88 9.65 -125.59 -46.10
C LEU A 88 11.04 -125.88 -46.66
N GLY A 89 11.13 -126.95 -47.44
CA GLY A 89 12.39 -127.35 -48.04
C GLY A 89 12.21 -128.58 -48.94
N ILE A 90 13.31 -129.02 -49.51
CA ILE A 90 13.29 -130.17 -50.39
C ILE A 90 14.73 -130.56 -50.76
N LYS A 91 14.85 -131.71 -51.41
CA LYS A 91 16.15 -132.20 -51.82
C LYS A 91 15.98 -133.50 -52.61
N TYR A 92 17.09 -133.99 -53.13
CA TYR A 92 17.08 -135.22 -53.90
C TYR A 92 18.50 -135.68 -54.24
N GLU A 93 18.58 -136.87 -54.80
CA GLU A 93 19.87 -137.43 -55.17
C GLU A 93 19.68 -138.80 -55.82
N GLU A 94 20.76 -139.29 -56.42
CA GLU A 94 20.74 -140.58 -57.08
C GLU A 94 22.12 -140.93 -57.64
N GLY A 95 22.24 -142.16 -58.10
CA GLY A 95 23.50 -142.63 -58.65
C GLY A 95 23.43 -144.12 -59.01
N GLN A 96 24.48 -144.60 -59.66
CA GLN A 96 24.55 -145.99 -60.05
C GLN A 96 25.88 -146.28 -60.74
N SER A 97 26.14 -147.57 -60.95
CA SER A 97 27.37 -147.98 -61.59
C SER A 97 27.43 -149.52 -61.66
N HIS A 98 28.38 -150.01 -62.44
CA HIS A 98 28.54 -151.44 -62.60
C HIS A 98 29.77 -151.72 -63.48
N ARG A 99 30.18 -152.98 -63.48
CA ARG A 99 31.34 -153.38 -64.26
C ARG A 99 31.60 -154.89 -64.08
N PRO A 100 31.05 -155.68 -65.02
CA PRO A 100 31.23 -157.12 -64.98
C PRO A 100 32.63 -157.53 -65.41
N THR A 101 32.89 -158.82 -65.33
CA THR A 101 34.20 -159.34 -65.71
C THR A 101 34.17 -160.88 -65.73
N ASN A 102 35.12 -161.45 -66.45
CA ASN A 102 35.22 -162.89 -66.56
C ASN A 102 36.35 -163.26 -67.52
N PRO A 103 37.52 -163.61 -66.92
CA PRO A 103 38.69 -163.97 -67.71
C PRO A 103 38.53 -165.37 -68.30
N ASN A 104 39.49 -165.75 -69.12
CA ASN A 104 39.47 -167.06 -69.76
C ASN A 104 40.65 -167.17 -70.73
N ALA A 105 40.98 -168.41 -71.07
CA ALA A 105 42.08 -168.65 -71.99
C ALA A 105 42.15 -170.15 -72.30
N SER A 106 43.06 -170.51 -73.19
CA SER A 106 43.23 -171.90 -73.58
C SER A 106 44.41 -172.02 -74.55
N ARG A 107 44.90 -173.24 -74.67
CA ARG A 107 46.02 -173.51 -75.57
C ARG A 107 46.40 -174.99 -75.51
N MET A 108 47.19 -175.41 -76.49
CA MET A 108 47.62 -176.79 -76.56
C MET A 108 48.53 -177.01 -77.77
N ALA A 109 49.16 -178.19 -77.80
CA ALA A 109 50.05 -178.54 -78.89
C ALA A 109 50.48 -180.00 -78.75
N GLN A 110 51.02 -180.54 -79.82
CA GLN A 110 51.48 -181.91 -79.82
C GLN A 110 52.13 -182.25 -81.17
N LYS A 111 52.80 -183.39 -81.19
CA LYS A 111 53.48 -183.84 -82.41
C LYS A 111 54.05 -185.24 -82.17
N VAL A 112 54.34 -185.92 -83.27
CA VAL A 112 54.89 -187.26 -83.20
C VAL A 112 55.23 -187.74 -84.61
N GLY A 113 55.96 -188.84 -84.67
CA GLY A 113 56.37 -189.41 -85.95
C GLY A 113 57.64 -190.24 -85.80
N GLY A 114 57.84 -191.13 -86.77
CA GLY A 114 59.01 -192.00 -86.76
C GLY A 114 58.82 -193.18 -87.72
N SER A 115 59.94 -193.64 -88.24
CA SER A 115 59.92 -194.77 -89.17
C SER A 115 61.35 -195.16 -89.55
N ASP A 116 61.51 -196.45 -89.85
CA ASP A 116 62.81 -196.97 -90.23
C ASP A 116 62.64 -198.30 -90.96
N GLY A 117 63.67 -199.12 -90.88
CA GLY A 117 63.64 -200.42 -91.54
C GLY A 117 64.07 -201.52 -90.57
N CYS A 118 63.92 -202.75 -91.04
CA CYS A 118 64.30 -203.91 -90.24
C CYS A 118 65.68 -204.39 -90.71
N PRO A 119 66.69 -204.16 -89.83
CA PRO A 119 68.04 -204.56 -90.14
C PRO A 119 68.22 -206.08 -89.99
N ARG A 120 67.15 -206.72 -89.57
CA ARG A 120 67.17 -208.15 -89.38
C ARG A 120 66.71 -208.87 -90.66
N CYS A 121 65.43 -208.73 -90.95
CA CYS A 121 64.87 -209.36 -92.14
C CYS A 121 65.22 -208.49 -93.35
N GLY A 122 65.25 -207.18 -93.11
CA GLY A 122 65.57 -206.23 -94.17
C GLY A 122 64.35 -205.42 -94.57
N GLN A 123 63.18 -206.01 -94.34
CA GLN A 123 61.93 -205.35 -94.67
C GLN A 123 61.79 -204.05 -93.87
N ALA A 124 61.25 -203.03 -94.52
CA ALA A 124 61.05 -201.74 -93.89
C ALA A 124 60.19 -201.92 -92.64
N VAL A 125 60.22 -200.90 -91.79
CA VAL A 125 59.45 -200.93 -90.56
C VAL A 125 58.76 -199.58 -90.38
N TYR A 126 57.43 -199.64 -90.38
CA TYR A 126 56.63 -198.44 -90.21
C TYR A 126 55.21 -198.77 -89.76
N ALA A 127 54.71 -197.96 -88.83
CA ALA A 127 53.37 -198.17 -88.30
C ALA A 127 53.33 -199.48 -87.52
N ALA A 128 52.13 -200.03 -87.39
CA ALA A 128 51.95 -201.27 -86.68
C ALA A 128 53.10 -202.22 -87.00
N GLU A 129 53.63 -202.84 -85.96
CA GLU A 129 54.73 -203.77 -86.11
C GLU A 129 56.04 -203.01 -86.32
N LYS A 130 56.41 -202.23 -85.31
CA LYS A 130 57.63 -201.44 -85.37
C LYS A 130 58.23 -201.35 -83.97
N VAL A 131 59.13 -202.28 -83.68
CA VAL A 131 59.79 -202.31 -82.39
C VAL A 131 60.99 -201.36 -82.40
N ILE A 132 61.29 -200.81 -81.23
CA ILE A 132 62.40 -199.90 -81.10
C ILE A 132 63.33 -200.37 -79.97
N GLY A 133 64.55 -200.71 -80.35
CA GLY A 133 65.53 -201.18 -79.39
C GLY A 133 66.94 -200.75 -79.79
N ALA A 134 67.76 -200.49 -78.78
CA ALA A 134 69.13 -200.07 -79.01
C ALA A 134 69.16 -199.01 -80.12
N GLY A 135 68.45 -197.91 -79.85
CA GLY A 135 68.39 -196.81 -80.80
C GLY A 135 68.27 -197.34 -82.24
N LYS A 136 67.48 -198.39 -82.38
CA LYS A 136 67.27 -199.00 -83.68
C LYS A 136 65.80 -199.41 -83.82
N SER A 137 65.43 -199.76 -85.05
CA SER A 137 64.07 -200.16 -85.33
C SER A 137 64.07 -201.50 -86.07
N TRP A 138 63.15 -202.37 -85.66
CA TRP A 138 63.03 -203.68 -86.28
C TRP A 138 61.61 -204.18 -86.05
N HIS A 139 61.32 -205.34 -86.64
CA HIS A 139 60.00 -205.93 -86.52
C HIS A 139 59.89 -206.65 -85.17
N LYS A 140 58.85 -206.31 -84.43
CA LYS A 140 58.61 -206.91 -83.13
C LYS A 140 58.54 -208.43 -83.28
N SER A 141 58.34 -208.86 -84.52
CA SER A 141 58.24 -210.28 -84.81
C SER A 141 59.64 -210.89 -84.88
N CYS A 142 60.50 -210.27 -85.68
CA CYS A 142 61.85 -210.75 -85.84
C CYS A 142 62.62 -210.44 -84.55
N PHE A 143 62.69 -209.15 -84.24
CA PHE A 143 63.39 -208.70 -83.04
C PHE A 143 63.36 -209.78 -81.96
N ARG A 144 64.45 -210.52 -81.87
CA ARG A 144 64.56 -211.58 -80.88
C ARG A 144 65.97 -211.58 -80.27
N CYS A 145 66.11 -212.35 -79.20
CA CYS A 145 67.39 -212.45 -78.51
C CYS A 145 68.39 -213.09 -79.47
N ALA A 146 69.51 -212.39 -79.65
CA ALA A 146 70.56 -212.88 -80.53
C ALA A 146 71.50 -213.79 -79.74
N LYS A 147 70.93 -214.48 -78.76
CA LYS A 147 71.70 -215.38 -77.93
C LYS A 147 70.96 -216.73 -77.82
N CYS A 148 69.67 -216.64 -77.56
CA CYS A 148 68.84 -217.82 -77.44
C CYS A 148 67.89 -217.88 -78.63
N GLY A 149 67.60 -216.70 -79.17
CA GLY A 149 66.70 -216.61 -80.31
C GLY A 149 65.25 -216.46 -79.86
N LYS A 150 65.09 -216.02 -78.62
CA LYS A 150 63.77 -215.84 -78.05
C LYS A 150 63.28 -214.43 -78.37
N SER A 151 62.18 -214.37 -79.11
CA SER A 151 61.60 -213.09 -79.50
C SER A 151 61.45 -212.19 -78.27
N LEU A 152 61.64 -210.90 -78.49
CA LEU A 152 61.52 -209.92 -77.42
C LEU A 152 60.42 -208.92 -77.76
N GLU A 153 60.32 -207.91 -76.91
CA GLU A 153 59.31 -206.88 -77.10
C GLU A 153 59.89 -205.50 -76.75
N SER A 154 60.18 -205.34 -75.47
CA SER A 154 60.74 -204.09 -74.98
C SER A 154 61.09 -204.21 -73.50
N THR A 155 60.04 -204.39 -72.69
CA THR A 155 60.23 -204.53 -71.25
C THR A 155 60.66 -205.95 -70.90
N THR A 156 61.86 -206.31 -71.33
CA THR A 156 62.39 -207.62 -71.07
C THR A 156 63.66 -207.86 -71.88
N LEU A 157 63.70 -207.24 -73.05
CA LEU A 157 64.86 -207.36 -73.93
C LEU A 157 66.05 -206.63 -73.30
N ALA A 158 67.19 -206.78 -73.95
CA ALA A 158 68.41 -206.14 -73.48
C ALA A 158 69.20 -205.60 -74.68
N ASP A 159 69.24 -204.28 -74.76
CA ASP A 159 69.95 -203.63 -75.85
C ASP A 159 71.40 -203.38 -75.43
N LYS A 160 72.25 -204.33 -75.79
CA LYS A 160 73.67 -204.22 -75.45
C LYS A 160 74.41 -203.53 -76.60
N ASP A 161 75.72 -203.69 -76.59
CA ASP A 161 76.56 -203.08 -77.62
C ASP A 161 75.97 -203.40 -78.99
N GLY A 162 75.14 -202.49 -79.48
CA GLY A 162 74.52 -202.67 -80.77
C GLY A 162 73.98 -204.10 -80.94
N GLU A 163 73.52 -204.65 -79.83
CA GLU A 163 72.98 -206.01 -79.83
C GLU A 163 71.69 -206.07 -79.01
N ILE A 164 70.93 -207.13 -79.25
CA ILE A 164 69.68 -207.32 -78.54
C ILE A 164 69.64 -208.74 -77.97
N TYR A 165 69.18 -208.84 -76.73
CA TYR A 165 69.08 -210.12 -76.05
C TYR A 165 67.88 -210.15 -75.10
N CYS A 166 67.79 -211.24 -74.36
CA CYS A 166 66.70 -211.40 -73.41
C CYS A 166 67.23 -211.08 -72.01
N LYS A 167 66.33 -210.59 -71.17
CA LYS A 167 66.70 -210.24 -69.80
C LYS A 167 67.53 -211.37 -69.20
N GLY A 168 67.08 -212.59 -69.44
CA GLY A 168 67.77 -213.76 -68.93
C GLY A 168 69.22 -213.80 -69.41
N CYS A 169 69.43 -213.25 -70.60
CA CYS A 169 70.75 -213.21 -71.18
C CYS A 169 71.52 -212.03 -70.57
N TYR A 170 70.85 -210.89 -70.56
CA TYR A 170 71.45 -209.68 -70.01
C TYR A 170 71.88 -209.90 -68.55
N ALA A 171 71.11 -210.72 -67.86
CA ALA A 171 71.40 -211.02 -66.46
C ALA A 171 72.49 -212.09 -66.38
N LYS A 172 72.19 -213.24 -66.95
CA LYS A 172 73.14 -214.35 -66.95
C LYS A 172 74.50 -213.83 -67.39
N ASN A 173 74.54 -213.31 -68.61
CA ASN A 173 75.79 -212.79 -69.16
C ASN A 173 76.54 -212.04 -68.06
N PHE A 174 75.80 -211.33 -67.24
CA PHE A 174 76.39 -210.56 -66.15
C PHE A 174 75.78 -210.98 -64.81
N GLY A 175 75.91 -212.25 -64.50
CA GLY A 175 75.39 -212.79 -63.26
C GLY A 175 76.17 -214.02 -62.81
N PRO A 176 77.14 -213.80 -61.90
CA PRO A 176 77.96 -214.87 -61.38
C PRO A 176 77.18 -215.73 -60.39
N LYS A 177 77.64 -216.97 -60.24
CA LYS A 177 77.00 -217.90 -59.33
C LYS A 177 77.97 -218.24 -58.19
N GLY A 178 77.39 -218.37 -57.00
CA GLY A 178 78.19 -218.69 -55.82
C GLY A 178 77.75 -220.02 -55.21
N PHE A 179 77.90 -220.11 -53.89
CA PHE A 179 77.52 -221.31 -53.17
C PHE A 179 77.08 -220.98 -51.75
N GLY A 180 76.56 -222.00 -51.08
CA GLY A 180 76.10 -221.84 -49.71
C GLY A 180 76.17 -223.16 -48.94
N PHE A 181 75.44 -223.21 -47.84
CA PHE A 181 75.41 -224.40 -47.01
C PHE A 181 74.00 -224.72 -46.55
N GLY A 182 73.85 -225.88 -45.93
CA GLY A 182 72.55 -226.32 -45.44
C GLY A 182 72.46 -226.13 -43.92
N GLN A 183 71.42 -226.73 -43.35
CA GLN A 183 71.21 -226.64 -41.92
C GLN A 183 70.52 -227.91 -41.40
N GLY A 184 70.45 -228.01 -40.09
CA GLY A 184 69.83 -229.16 -39.45
C GLY A 184 68.50 -228.78 -38.80
N ALA A 185 67.90 -229.75 -38.12
CA ALA A 185 66.64 -229.53 -37.45
C ALA A 185 66.73 -230.06 -36.02
N GLY A 186 65.80 -229.59 -35.18
CA GLY A 186 65.76 -230.00 -33.79
C GLY A 186 64.52 -229.44 -33.09
N ALA A 187 64.07 -230.17 -32.08
CA ALA A 187 62.90 -229.76 -31.33
C ALA A 187 62.80 -230.61 -30.05
N LEU A 188 62.16 -230.04 -29.05
CA LEU A 188 61.99 -230.72 -27.78
C LEU A 188 60.84 -230.08 -27.01
N ILE A 189 59.66 -230.64 -27.17
CA ILE A 189 58.48 -230.13 -26.50
C ILE A 189 58.40 -228.61 -26.70
N HIS A 190 57.39 -228.02 -26.10
CA HIS A 190 57.18 -226.58 -26.21
C HIS A 190 56.83 -226.23 -27.66
N SER A 191 55.57 -225.89 -27.86
CA SER A 191 55.11 -225.52 -29.20
C SER A 191 55.57 -226.57 -30.21
N GLN A 192 54.82 -227.66 -30.27
CA GLN A 192 55.13 -228.73 -31.20
C GLN A 192 53.85 -229.24 -31.88
ZN ZN B . -23.22 -48.70 16.00
ZN ZN C . -15.01 -64.03 9.47
ZN ZN D . 61.99 -207.91 -89.38
ZN ZN E . 68.57 -214.86 -74.66
N MET A 1 -17.21 -20.64 13.46
CA MET A 1 -17.43 -19.45 14.28
C MET A 1 -18.78 -19.51 15.00
N PRO A 2 -18.78 -20.18 16.18
CA PRO A 2 -20.00 -20.31 16.96
C PRO A 2 -20.35 -18.99 17.66
N ASN A 3 -21.47 -19.02 18.38
CA ASN A 3 -21.93 -17.84 19.08
C ASN A 3 -23.30 -18.14 19.71
N TRP A 4 -23.40 -17.81 20.99
CA TRP A 4 -24.64 -18.03 21.71
C TRP A 4 -24.44 -17.54 23.16
N GLY A 5 -25.56 -17.33 23.83
CA GLY A 5 -25.51 -16.86 25.22
C GLY A 5 -26.74 -16.02 25.54
N GLY A 6 -27.11 -16.03 26.81
CA GLY A 6 -28.26 -15.27 27.28
C GLY A 6 -28.77 -15.81 28.61
N GLY A 7 -29.65 -15.03 29.23
CA GLY A 7 -30.23 -15.41 30.51
C GLY A 7 -30.58 -14.17 31.34
N LYS A 8 -31.47 -14.38 32.30
CA LYS A 8 -31.90 -13.29 33.16
C LYS A 8 -31.34 -13.52 34.57
N LYS A 9 -31.67 -12.59 35.45
CA LYS A 9 -31.20 -12.67 36.83
C LYS A 9 -32.37 -12.39 37.78
N CYS A 10 -32.63 -13.36 38.64
CA CYS A 10 -33.71 -13.25 39.60
C CYS A 10 -33.21 -12.42 40.80
N GLY A 11 -33.71 -11.20 40.87
CA GLY A 11 -33.31 -10.30 41.95
C GLY A 11 -34.07 -10.64 43.23
N VAL A 12 -34.85 -11.72 43.17
CA VAL A 12 -35.62 -12.15 44.32
C VAL A 12 -34.84 -13.23 45.07
N CYS A 13 -34.69 -14.37 44.43
CA CYS A 13 -33.97 -15.49 45.02
C CYS A 13 -32.47 -15.23 44.86
N GLN A 14 -32.15 -14.42 43.87
CA GLN A 14 -30.76 -14.08 43.59
C GLN A 14 -30.12 -15.17 42.73
N LYS A 15 -30.94 -15.83 41.95
CA LYS A 15 -30.47 -16.90 41.08
C LYS A 15 -30.79 -16.53 39.63
N ALA A 16 -29.89 -16.95 38.74
CA ALA A 16 -30.07 -16.68 37.33
C ALA A 16 -31.35 -17.35 36.83
N VAL A 17 -31.92 -16.77 35.79
CA VAL A 17 -33.15 -17.30 35.22
C VAL A 17 -32.90 -17.69 33.76
N TYR A 18 -33.73 -18.60 33.27
CA TYR A 18 -33.61 -19.05 31.90
C TYR A 18 -34.91 -18.80 31.12
N PHE A 19 -34.79 -18.00 30.08
CA PHE A 19 -35.94 -17.67 29.25
C PHE A 19 -36.85 -18.89 29.08
N ALA A 20 -37.96 -18.87 29.79
CA ALA A 20 -38.92 -19.95 29.72
C ALA A 20 -40.06 -19.68 30.71
N GLU A 21 -39.69 -19.61 31.99
CA GLU A 21 -40.66 -19.36 33.03
C GLU A 21 -40.45 -17.98 33.64
N GLU A 22 -39.29 -17.41 33.33
CA GLU A 22 -38.95 -16.09 33.84
C GLU A 22 -40.18 -15.18 33.84
N VAL A 23 -40.37 -14.49 34.96
CA VAL A 23 -41.51 -13.59 35.10
C VAL A 23 -41.00 -12.16 35.26
N GLN A 24 -41.36 -11.32 34.29
CA GLN A 24 -40.95 -9.93 34.32
C GLN A 24 -41.99 -9.09 35.05
N CYS A 25 -41.59 -7.86 35.39
CA CYS A 25 -42.48 -6.95 36.08
C CYS A 25 -42.11 -5.52 35.66
N GLU A 26 -43.14 -4.69 35.58
CA GLU A 26 -42.95 -3.29 35.19
C GLU A 26 -41.64 -2.76 35.80
N GLY A 27 -41.52 -2.93 37.10
CA GLY A 27 -40.34 -2.46 37.80
C GLY A 27 -39.71 -3.58 38.64
N SER A 28 -39.54 -4.73 37.99
CA SER A 28 -38.96 -5.89 38.65
C SER A 28 -38.97 -7.09 37.70
N SER A 29 -38.56 -8.22 38.24
CA SER A 29 -38.51 -9.45 37.46
C SER A 29 -37.98 -10.60 38.32
N PHE A 30 -38.84 -11.59 38.51
CA PHE A 30 -38.48 -12.75 39.31
C PHE A 30 -38.91 -14.05 38.62
N HIS A 31 -38.49 -15.16 39.21
CA HIS A 31 -38.83 -16.46 38.66
C HIS A 31 -40.34 -16.63 38.62
N LYS A 32 -40.78 -17.75 38.06
CA LYS A 32 -42.19 -18.04 37.96
C LYS A 32 -42.75 -18.37 39.34
N SER A 33 -42.12 -19.36 39.97
CA SER A 33 -42.54 -19.79 41.29
C SER A 33 -42.28 -18.68 42.31
N CYS A 34 -41.17 -17.97 42.10
CA CYS A 34 -40.79 -16.89 42.98
C CYS A 34 -41.94 -15.89 43.03
N PHE A 35 -42.54 -15.67 41.86
CA PHE A 35 -43.64 -14.73 41.75
C PHE A 35 -44.87 -15.24 42.51
N LEU A 36 -44.83 -15.07 43.82
CA LEU A 36 -45.93 -15.51 44.67
C LEU A 36 -46.19 -14.46 45.74
N CYS A 37 -47.46 -14.16 45.93
CA CYS A 37 -47.86 -13.17 46.91
C CYS A 37 -47.08 -13.43 48.21
N MET A 38 -46.24 -12.46 48.56
CA MET A 38 -45.43 -12.58 49.76
C MET A 38 -46.26 -12.27 51.01
N VAL A 39 -47.57 -12.22 50.82
CA VAL A 39 -48.48 -11.93 51.92
C VAL A 39 -49.27 -13.19 52.27
N CYS A 40 -50.17 -13.56 51.37
CA CYS A 40 -50.99 -14.73 51.57
C CYS A 40 -50.14 -15.98 51.28
N LYS A 41 -49.10 -15.77 50.48
CA LYS A 41 -48.20 -16.85 50.12
C LYS A 41 -48.82 -17.66 48.98
N LYS A 42 -49.70 -16.99 48.23
CA LYS A 42 -50.35 -17.64 47.11
C LYS A 42 -49.71 -17.16 45.81
N ASN A 43 -49.30 -18.13 45.00
CA ASN A 43 -48.67 -17.83 43.73
C ASN A 43 -49.50 -16.78 42.98
N LEU A 44 -48.80 -15.94 42.24
CA LEU A 44 -49.46 -14.89 41.48
C LEU A 44 -49.13 -15.05 40.00
N ASP A 45 -50.01 -14.54 39.16
CA ASP A 45 -49.82 -14.62 37.72
C ASP A 45 -50.43 -13.38 37.06
N SER A 46 -50.25 -13.30 35.75
CA SER A 46 -50.77 -12.18 34.99
C SER A 46 -52.30 -12.16 35.05
N THR A 47 -52.81 -11.37 35.98
CA THR A 47 -54.25 -11.26 36.15
C THR A 47 -54.60 -10.01 36.95
N THR A 48 -53.92 -9.86 38.09
CA THR A 48 -54.15 -8.71 38.95
C THR A 48 -53.08 -8.65 40.04
N VAL A 49 -51.85 -8.97 39.65
CA VAL A 49 -50.74 -8.95 40.58
C VAL A 49 -50.17 -7.53 40.66
N ALA A 50 -49.69 -7.20 41.86
CA ALA A 50 -49.12 -5.88 42.08
C ALA A 50 -47.72 -6.03 42.68
N VAL A 51 -46.97 -4.95 42.66
CA VAL A 51 -45.63 -4.95 43.20
C VAL A 51 -45.52 -3.90 44.31
N HIS A 52 -44.69 -4.20 45.29
CA HIS A 52 -44.49 -3.30 46.41
C HIS A 52 -43.08 -3.47 46.97
N GLY A 53 -42.43 -2.34 47.22
CA GLY A 53 -41.08 -2.35 47.76
C GLY A 53 -40.22 -3.38 47.03
N ASP A 54 -39.97 -4.49 47.72
CA ASP A 54 -39.15 -5.55 47.15
C ASP A 54 -39.88 -6.88 47.32
N GLU A 55 -41.12 -6.91 46.86
CA GLU A 55 -41.93 -8.11 46.96
C GLU A 55 -43.17 -7.99 46.08
N ILE A 56 -43.86 -9.11 45.92
CA ILE A 56 -45.06 -9.15 45.11
C ILE A 56 -46.28 -9.29 46.02
N TYR A 57 -47.39 -8.73 45.56
CA TYR A 57 -48.63 -8.78 46.32
C TYR A 57 -49.84 -8.84 45.39
N CYS A 58 -50.77 -9.72 45.74
CA CYS A 58 -51.99 -9.88 44.95
C CYS A 58 -52.89 -8.67 45.20
N LYS A 59 -53.44 -8.15 44.12
CA LYS A 59 -54.33 -7.00 44.21
C LYS A 59 -55.18 -7.12 45.47
N SER A 60 -55.99 -8.17 45.51
CA SER A 60 -56.85 -8.41 46.65
C SER A 60 -56.17 -7.95 47.94
N CYS A 61 -54.93 -8.40 48.11
CA CYS A 61 -54.16 -8.05 49.28
C CYS A 61 -53.97 -6.53 49.29
N TYR A 62 -53.37 -6.02 48.22
CA TYR A 62 -53.12 -4.61 48.09
C TYR A 62 -54.33 -3.79 48.57
N GLY A 63 -55.49 -4.14 48.03
CA GLY A 63 -56.72 -3.46 48.39
C GLY A 63 -57.13 -3.79 49.82
N LYS A 64 -56.68 -4.96 50.28
CA LYS A 64 -56.99 -5.40 51.63
C LYS A 64 -56.26 -4.51 52.63
N LYS A 65 -54.94 -4.49 52.51
CA LYS A 65 -54.12 -3.69 53.39
C LYS A 65 -54.51 -2.22 53.25
N TYR A 66 -54.63 -1.78 52.00
CA TYR A 66 -54.98 -0.40 51.72
C TYR A 66 -56.37 -0.07 52.30
N GLY A 67 -57.26 -1.04 52.19
CA GLY A 67 -58.62 -0.85 52.69
C GLY A 67 -58.61 -0.06 54.00
N PRO A 68 -58.89 1.26 53.87
CA PRO A 68 -58.92 2.14 55.03
C PRO A 68 -60.19 1.92 55.85
N LYS A 69 -60.30 2.68 56.93
CA LYS A 69 -61.47 2.59 57.80
C LYS A 69 -61.38 3.67 58.87
N GLY A 70 -62.54 3.99 59.43
CA GLY A 70 -62.62 5.01 60.47
C GLY A 70 -64.01 5.05 61.09
N LYS A 71 -64.18 6.00 62.01
CA LYS A 71 -65.45 6.16 62.69
C LYS A 71 -65.41 7.41 63.57
N GLY A 72 -66.57 7.78 64.09
CA GLY A 72 -66.67 8.95 64.94
C GLY A 72 -67.97 8.92 65.74
N LYS A 73 -68.15 9.94 66.57
CA LYS A 73 -69.33 10.05 67.40
C LYS A 73 -69.29 11.37 68.18
N GLY A 74 -70.39 11.64 68.86
CA GLY A 74 -70.49 12.86 69.65
C GLY A 74 -71.83 12.94 70.37
N MET A 75 -71.96 13.98 71.19
CA MET A 75 -73.20 14.17 71.95
C MET A 75 -73.11 15.43 72.80
N GLY A 76 -74.25 15.83 73.34
CA GLY A 76 -74.33 17.01 74.19
C GLY A 76 -75.77 17.33 74.57
N ALA A 77 -75.91 18.25 75.50
CA ALA A 77 -77.23 18.65 75.96
C ALA A 77 -77.09 19.80 76.97
N GLY A 78 -78.23 20.32 77.39
CA GLY A 78 -78.25 21.41 78.36
C GLY A 78 -79.66 21.97 78.52
N THR A 79 -79.84 22.72 79.60
CA THR A 79 -81.13 23.33 79.88
C THR A 79 -81.01 24.30 81.05
N LEU A 80 -82.03 25.14 81.19
CA LEU A 80 -82.06 26.12 82.26
C LEU A 80 -83.41 26.84 82.26
N SER A 81 -83.65 27.57 83.34
CA SER A 81 -84.91 28.31 83.47
C SER A 81 -84.94 29.03 84.81
N THR A 82 -85.79 30.04 84.89
CA THR A 82 -85.93 30.82 86.11
C THR A 82 -87.11 31.79 85.99
N ASP A 83 -87.52 32.32 87.13
CA ASP A 83 -88.63 33.26 87.16
C ASP A 83 -88.91 33.65 88.61
N LYS A 84 -89.70 34.70 88.76
CA LYS A 84 -90.05 35.18 90.09
C LYS A 84 -91.03 36.36 89.96
N GLY A 85 -91.49 36.83 91.11
CA GLY A 85 -92.43 37.95 91.13
C GLY A 85 -92.95 38.19 92.54
N GLU A 86 -93.68 39.30 92.68
CA GLU A 86 -94.24 39.66 93.98
C GLU A 86 -95.01 40.97 93.88
N SER A 87 -95.72 41.30 94.95
CA SER A 87 -96.50 42.51 94.99
C SER A 87 -97.25 42.61 96.32
N LEU A 88 -97.82 43.78 96.55
CA LEU A 88 -98.57 44.01 97.78
C LEU A 88 -99.18 45.42 97.74
N GLY A 89 -99.94 45.73 98.78
CA GLY A 89 -100.58 47.04 98.87
C GLY A 89 -101.64 47.04 99.98
N ILE A 90 -101.98 48.24 100.41
CA ILE A 90 -102.98 48.41 101.46
C ILE A 90 -103.31 49.89 101.62
N LYS A 91 -104.36 50.15 102.39
CA LYS A 91 -104.79 51.52 102.63
C LYS A 91 -105.94 51.52 103.64
N TYR A 92 -106.26 52.71 104.13
CA TYR A 92 -107.33 52.86 105.09
C TYR A 92 -107.62 54.33 105.37
N GLU A 93 -108.74 54.57 106.03
CA GLU A 93 -109.15 55.93 106.36
C GLU A 93 -110.45 55.91 107.15
N GLU A 94 -110.78 57.07 107.72
CA GLU A 94 -111.99 57.20 108.50
C GLU A 94 -112.11 58.62 109.05
N GLY A 95 -113.28 58.91 109.61
CA GLY A 95 -113.53 60.23 110.17
C GLY A 95 -115.03 60.45 110.38
N GLN A 96 -115.35 61.35 111.30
CA GLN A 96 -116.73 61.67 111.60
C GLN A 96 -116.81 62.77 112.66
N SER A 97 -118.00 63.33 112.82
CA SER A 97 -118.22 64.37 113.79
C SER A 97 -119.67 64.87 113.71
N HIS A 98 -120.05 65.63 114.72
CA HIS A 98 -121.40 66.18 114.78
C HIS A 98 -121.55 67.06 116.02
N ARG A 99 -122.66 67.76 116.08
CA ARG A 99 -122.94 68.64 117.20
C ARG A 99 -124.26 69.39 116.98
N PRO A 100 -125.34 68.82 117.55
CA PRO A 100 -126.67 69.42 117.42
C PRO A 100 -126.80 70.65 118.32
N THR A 101 -127.91 71.34 118.17
CA THR A 101 -128.18 72.53 118.96
C THR A 101 -129.58 72.49 119.55
N ASN A 102 -129.90 73.51 120.33
CA ASN A 102 -131.20 73.59 120.95
C ASN A 102 -131.27 74.85 121.83
N PRO A 103 -131.90 75.91 121.26
CA PRO A 103 -132.03 77.18 121.98
C PRO A 103 -133.10 77.08 123.07
N ASN A 104 -133.27 78.17 123.79
CA ASN A 104 -134.25 78.23 124.86
C ASN A 104 -134.18 79.59 125.54
N ALA A 105 -135.29 79.97 126.14
CA ALA A 105 -135.38 81.24 126.84
C ALA A 105 -136.75 81.37 127.52
N SER A 106 -136.83 82.32 128.43
CA SER A 106 -138.07 82.55 129.16
C SER A 106 -137.88 83.67 130.19
N ARG A 107 -138.99 84.24 130.61
CA ARG A 107 -138.96 85.31 131.59
C ARG A 107 -140.38 85.78 131.92
N MET A 108 -140.50 86.42 133.07
CA MET A 108 -141.79 86.92 133.51
C MET A 108 -141.68 87.64 134.85
N ALA A 109 -142.67 88.47 135.13
CA ALA A 109 -142.69 89.22 136.37
C ALA A 109 -143.99 90.03 136.46
N GLN A 110 -144.30 90.47 137.66
CA GLN A 110 -145.50 91.25 137.89
C GLN A 110 -145.57 91.71 139.35
N LYS A 111 -146.44 92.67 139.60
CA LYS A 111 -146.61 93.21 140.94
C LYS A 111 -147.73 94.26 140.92
N VAL A 112 -148.41 94.36 142.06
CA VAL A 112 -149.49 95.32 142.19
C VAL A 112 -149.86 95.47 143.67
N GLY A 113 -150.38 96.64 144.00
CA GLY A 113 -150.77 96.93 145.37
C GLY A 113 -151.34 98.34 145.49
N GLY A 114 -151.96 98.60 146.63
CA GLY A 114 -152.56 99.90 146.89
C GLY A 114 -153.34 99.90 148.20
N SER A 115 -153.54 101.09 148.73
CA SER A 115 -154.26 101.24 149.98
C SER A 115 -154.45 102.73 150.31
N ASP A 116 -155.61 103.04 150.88
CA ASP A 116 -155.92 104.40 151.25
C ASP A 116 -157.13 104.42 152.17
N GLY A 117 -157.81 105.56 152.19
CA GLY A 117 -158.99 105.71 153.02
C GLY A 117 -160.19 106.21 152.20
N CYS A 118 -161.34 106.22 152.85
CA CYS A 118 -162.56 106.67 152.18
C CYS A 118 -162.85 108.11 152.64
N PRO A 119 -162.65 109.05 151.68
CA PRO A 119 -162.88 110.46 151.97
C PRO A 119 -164.37 110.77 152.00
N ARG A 120 -165.17 109.73 151.78
CA ARG A 120 -166.61 109.88 151.78
C ARG A 120 -167.18 109.54 153.16
N CYS A 121 -167.13 108.26 153.49
CA CYS A 121 -167.63 107.79 154.77
C CYS A 121 -166.60 108.13 155.84
N GLY A 122 -165.34 108.09 155.44
CA GLY A 122 -164.24 108.38 156.35
C GLY A 122 -163.49 107.11 156.73
N GLN A 123 -164.18 105.98 156.62
CA GLN A 123 -163.59 104.70 156.95
C GLN A 123 -162.45 104.37 155.98
N ALA A 124 -161.39 103.80 156.54
CA ALA A 124 -160.24 103.44 155.73
C ALA A 124 -160.67 102.46 154.64
N VAL A 125 -159.81 102.35 153.63
CA VAL A 125 -160.09 101.47 152.51
C VAL A 125 -158.84 100.66 152.18
N TYR A 126 -158.99 99.35 152.20
CA TYR A 126 -157.89 98.46 151.90
C TYR A 126 -158.35 96.99 151.85
N ALA A 127 -158.16 96.38 150.70
CA ALA A 127 -158.55 95.00 150.51
C ALA A 127 -160.07 94.90 150.55
N ALA A 128 -160.65 94.55 149.40
CA ALA A 128 -162.09 94.42 149.30
C ALA A 128 -162.75 95.78 149.57
N GLU A 129 -163.70 96.12 148.73
CA GLU A 129 -164.41 97.39 148.87
C GLU A 129 -163.46 98.56 148.63
N LYS A 130 -162.73 98.49 147.52
CA LYS A 130 -161.79 99.53 147.18
C LYS A 130 -162.07 100.03 145.75
N VAL A 131 -162.34 101.31 145.64
CA VAL A 131 -162.63 101.92 144.36
C VAL A 131 -161.74 103.15 144.15
N ILE A 132 -161.36 103.37 142.91
CA ILE A 132 -160.51 104.51 142.57
C ILE A 132 -161.20 105.36 141.51
N GLY A 133 -161.52 106.58 141.90
CA GLY A 133 -162.18 107.51 140.99
C GLY A 133 -161.69 108.94 141.21
N ALA A 134 -161.53 109.65 140.11
CA ALA A 134 -161.07 111.04 140.16
C ALA A 134 -159.84 111.12 141.07
N GLY A 135 -158.83 110.33 140.71
CA GLY A 135 -157.60 110.29 141.48
C GLY A 135 -157.88 110.25 142.98
N LYS A 136 -158.94 109.52 143.33
CA LYS A 136 -159.33 109.38 144.72
C LYS A 136 -159.76 107.94 144.99
N SER A 137 -159.80 107.59 146.26
CA SER A 137 -160.19 106.26 146.67
C SER A 137 -161.40 106.31 147.59
N TRP A 138 -162.22 105.28 147.51
CA TRP A 138 -163.43 105.20 148.34
C TRP A 138 -163.96 103.78 148.27
N HIS A 139 -164.95 103.51 149.10
CA HIS A 139 -165.56 102.19 149.13
C HIS A 139 -166.38 101.96 147.87
N LYS A 140 -166.05 100.89 147.17
CA LYS A 140 -166.75 100.55 145.94
C LYS A 140 -168.20 100.16 146.27
N SER A 141 -168.99 101.17 146.60
CA SER A 141 -170.38 100.95 146.94
C SER A 141 -170.94 102.17 147.67
N CYS A 142 -170.08 102.79 148.47
CA CYS A 142 -170.47 103.96 149.23
C CYS A 142 -170.42 105.18 148.29
N PHE A 143 -169.56 105.09 147.30
CA PHE A 143 -169.41 106.16 146.34
C PHE A 143 -170.75 106.87 146.08
N ARG A 144 -170.92 108.01 146.72
CA ARG A 144 -172.14 108.78 146.58
C ARG A 144 -171.88 110.03 145.73
N CYS A 145 -172.94 110.53 145.12
CA CYS A 145 -172.84 111.71 144.29
C CYS A 145 -172.74 112.94 145.21
N ALA A 146 -171.70 113.72 144.97
CA ALA A 146 -171.48 114.92 145.77
C ALA A 146 -172.22 116.10 145.14
N LYS A 147 -173.37 115.78 144.55
CA LYS A 147 -174.17 116.80 143.91
C LYS A 147 -175.64 116.63 144.32
N CYS A 148 -176.08 115.37 144.25
CA CYS A 148 -177.45 115.05 144.61
C CYS A 148 -177.43 114.27 145.93
N GLY A 149 -176.29 113.67 146.21
CA GLY A 149 -176.11 112.89 147.42
C GLY A 149 -176.69 111.48 147.24
N LYS A 150 -176.86 111.10 145.99
CA LYS A 150 -177.40 109.79 145.68
C LYS A 150 -176.29 108.74 145.83
N SER A 151 -176.63 107.65 146.51
CA SER A 151 -175.69 106.58 146.74
C SER A 151 -175.46 105.81 145.44
N LEU A 152 -174.20 105.78 145.01
CA LEU A 152 -173.84 105.08 143.79
C LEU A 152 -173.36 103.68 144.14
N GLU A 153 -172.88 102.98 143.11
CA GLU A 153 -172.39 101.62 143.31
C GLU A 153 -171.61 101.17 142.07
N SER A 154 -172.30 101.11 140.95
CA SER A 154 -171.69 100.70 139.69
C SER A 154 -170.85 101.84 139.13
N THR A 155 -170.14 101.53 138.06
CA THR A 155 -169.29 102.51 137.40
C THR A 155 -170.15 103.55 136.66
N THR A 156 -170.96 104.25 137.43
CA THR A 156 -171.83 105.27 136.86
C THR A 156 -171.56 106.63 137.52
N LEU A 157 -170.32 106.81 137.93
CA LEU A 157 -169.93 108.06 138.58
C LEU A 157 -169.23 108.96 137.56
N ALA A 158 -169.09 110.22 137.94
CA ALA A 158 -168.43 111.20 137.07
C ALA A 158 -167.37 111.94 137.86
N ASP A 159 -166.13 111.78 137.41
CA ASP A 159 -165.01 112.44 138.07
C ASP A 159 -164.69 113.75 137.35
N LYS A 160 -165.36 114.81 137.81
CA LYS A 160 -165.15 116.12 137.21
C LYS A 160 -164.76 117.12 138.30
N ASP A 161 -163.82 117.98 137.96
CA ASP A 161 -163.34 118.99 138.89
C ASP A 161 -163.07 118.33 140.25
N GLY A 162 -162.15 117.38 140.24
CA GLY A 162 -161.79 116.67 141.45
C GLY A 162 -163.03 116.38 142.30
N GLU A 163 -164.12 116.08 141.61
CA GLU A 163 -165.37 115.78 142.29
C GLU A 163 -166.03 114.55 141.66
N ILE A 164 -166.80 113.86 142.48
CA ILE A 164 -167.49 112.66 142.02
C ILE A 164 -169.00 112.92 142.01
N TYR A 165 -169.62 112.58 140.89
CA TYR A 165 -171.05 112.77 140.74
C TYR A 165 -171.69 111.55 140.07
N CYS A 166 -173.00 111.67 139.83
CA CYS A 166 -173.74 110.60 139.19
C CYS A 166 -173.84 110.90 137.70
N LYS A 167 -173.85 109.84 136.90
CA LYS A 167 -173.93 109.98 135.46
C LYS A 167 -175.03 110.98 135.11
N GLY A 168 -176.14 110.88 135.84
CA GLY A 168 -177.26 111.77 135.62
C GLY A 168 -176.85 113.23 135.80
N CYS A 169 -175.88 113.43 136.68
CA CYS A 169 -175.38 114.77 136.95
C CYS A 169 -174.39 115.16 135.85
N TYR A 170 -173.48 114.23 135.56
CA TYR A 170 -172.49 114.45 134.53
C TYR A 170 -173.14 114.75 133.18
N ALA A 171 -174.29 114.13 132.98
CA ALA A 171 -175.03 114.32 131.74
C ALA A 171 -175.82 115.63 131.81
N LYS A 172 -176.73 115.68 132.75
CA LYS A 172 -177.55 116.87 132.93
C LYS A 172 -176.65 118.12 132.92
N ASN A 173 -175.73 118.15 133.89
CA ASN A 173 -174.82 119.26 134.01
C ASN A 173 -174.37 119.69 132.61
N PHE A 174 -174.16 118.70 131.75
CA PHE A 174 -173.73 118.96 130.39
C PHE A 174 -174.70 118.35 129.38
N GLY A 175 -175.96 118.77 129.48
CA GLY A 175 -176.99 118.26 128.59
C GLY A 175 -178.34 118.90 128.91
N PRO A 176 -178.68 119.96 128.13
CA PRO A 176 -179.94 120.65 128.33
C PRO A 176 -181.11 119.84 127.77
N LYS A 177 -182.31 120.38 127.96
CA LYS A 177 -183.50 119.71 127.48
C LYS A 177 -184.60 120.75 127.21
N GLY A 178 -185.64 120.31 126.53
CA GLY A 178 -186.74 121.19 126.20
C GLY A 178 -187.29 120.88 124.80
N PHE A 179 -188.54 120.43 124.78
CA PHE A 179 -189.18 120.11 123.52
C PHE A 179 -190.65 119.73 123.73
N GLY A 180 -191.39 119.71 122.64
CA GLY A 180 -192.80 119.37 122.69
C GLY A 180 -193.64 120.56 123.20
N PHE A 181 -194.94 120.39 123.11
CA PHE A 181 -195.86 121.44 123.55
C PHE A 181 -196.71 120.95 124.73
N GLY A 182 -197.26 121.91 125.46
CA GLY A 182 -198.10 121.59 126.60
C GLY A 182 -199.42 122.37 126.55
N GLN A 183 -199.30 123.69 126.69
CA GLN A 183 -200.46 124.55 126.66
C GLN A 183 -201.28 124.30 125.39
N GLY A 184 -202.59 124.34 125.54
CA GLY A 184 -203.49 124.12 124.43
C GLY A 184 -204.86 124.75 124.69
N ALA A 185 -205.88 123.89 124.74
CA ALA A 185 -207.23 124.36 124.98
C ALA A 185 -207.65 125.29 123.84
N GLY A 186 -208.79 124.97 123.25
CA GLY A 186 -209.32 125.77 122.16
C GLY A 186 -210.47 126.66 122.63
N ALA A 187 -210.99 127.44 121.70
CA ALA A 187 -212.09 128.34 122.00
C ALA A 187 -212.86 128.67 120.72
N LEU A 188 -214.18 128.71 120.85
CA LEU A 188 -215.04 129.01 119.71
C LEU A 188 -215.59 130.42 119.85
N ILE A 189 -216.03 130.96 118.72
CA ILE A 189 -216.59 132.30 118.71
C ILE A 189 -218.09 132.23 119.00
N HIS A 190 -218.58 133.28 119.65
CA HIS A 190 -219.99 133.35 120.00
C HIS A 190 -220.66 134.48 119.22
N SER A 191 -221.62 134.10 118.39
CA SER A 191 -222.34 135.06 117.58
C SER A 191 -223.46 135.70 118.40
N GLN A 192 -223.40 137.02 118.51
CA GLN A 192 -224.40 137.76 119.26
C GLN A 192 -225.43 138.38 118.32
ZN ZN B . -36.29 -16.55 41.73
ZN ZN C . -52.11 -12.05 48.59
ZN ZN D . -166.81 104.67 151.98
ZN ZN E . -175.84 113.49 141.15
N MET A 1 -17.21 -20.64 13.46
CA MET A 1 -17.43 -19.45 14.28
C MET A 1 -18.31 -19.78 15.49
N PRO A 2 -18.23 -18.88 16.51
CA PRO A 2 -19.00 -19.05 17.73
C PRO A 2 -20.48 -18.71 17.49
N ASN A 3 -21.26 -18.83 18.56
CA ASN A 3 -22.68 -18.55 18.48
C ASN A 3 -23.21 -18.26 19.88
N TRP A 4 -23.73 -17.05 20.05
CA TRP A 4 -24.28 -16.63 21.33
C TRP A 4 -25.79 -16.86 21.29
N GLY A 5 -26.37 -16.88 22.48
CA GLY A 5 -27.81 -17.08 22.60
C GLY A 5 -28.25 -17.04 24.06
N GLY A 6 -29.56 -17.10 24.25
CA GLY A 6 -30.12 -17.07 25.59
C GLY A 6 -31.65 -16.95 25.55
N GLY A 7 -32.24 -16.79 26.72
CA GLY A 7 -33.68 -16.65 26.82
C GLY A 7 -34.08 -16.19 28.23
N LYS A 8 -35.23 -16.66 28.67
CA LYS A 8 -35.75 -16.29 29.98
C LYS A 8 -35.18 -17.26 31.02
N LYS A 9 -35.53 -17.00 32.27
CA LYS A 9 -35.08 -17.85 33.36
C LYS A 9 -36.28 -18.34 34.17
N CYS A 10 -36.53 -19.63 34.06
CA CYS A 10 -37.65 -20.24 34.77
C CYS A 10 -37.34 -20.23 36.26
N GLY A 11 -38.04 -19.37 36.97
CA GLY A 11 -37.86 -19.24 38.41
C GLY A 11 -38.58 -20.37 39.15
N VAL A 12 -39.14 -21.28 38.38
CA VAL A 12 -39.86 -22.41 38.95
C VAL A 12 -38.92 -23.62 39.03
N CYS A 13 -38.57 -24.13 37.85
CA CYS A 13 -37.68 -25.29 37.77
C CYS A 13 -36.24 -24.80 37.98
N GLN A 14 -36.03 -23.53 37.66
CA GLN A 14 -34.71 -22.94 37.80
C GLN A 14 -33.88 -23.20 36.55
N LYS A 15 -34.57 -23.35 35.44
CA LYS A 15 -33.90 -23.60 34.17
C LYS A 15 -34.24 -22.48 33.19
N ALA A 16 -33.27 -22.15 32.34
CA ALA A 16 -33.44 -21.10 31.36
C ALA A 16 -34.43 -21.58 30.29
N VAL A 17 -35.36 -20.70 29.95
CA VAL A 17 -36.37 -21.01 28.94
C VAL A 17 -35.96 -20.39 27.61
N TYR A 18 -35.77 -21.25 26.62
CA TYR A 18 -35.39 -20.81 25.30
C TYR A 18 -36.53 -20.06 24.61
N PHE A 19 -36.22 -18.85 24.18
CA PHE A 19 -37.20 -18.02 23.51
C PHE A 19 -38.11 -18.86 22.60
N ALA A 20 -39.33 -19.08 23.06
CA ALA A 20 -40.28 -19.87 22.31
C ALA A 20 -41.65 -19.78 22.98
N GLU A 21 -41.69 -20.26 24.23
CA GLU A 21 -42.92 -20.25 24.99
C GLU A 21 -42.80 -19.29 26.18
N GLU A 22 -42.05 -19.73 27.18
CA GLU A 22 -41.84 -18.93 28.37
C GLU A 22 -43.16 -18.30 28.83
N VAL A 23 -43.84 -19.00 29.73
CA VAL A 23 -45.11 -18.53 30.25
C VAL A 23 -44.85 -17.45 31.30
N GLN A 24 -45.33 -16.25 31.00
CA GLN A 24 -45.16 -15.13 31.90
C GLN A 24 -46.29 -15.09 32.92
N CYS A 25 -46.06 -14.36 34.00
CA CYS A 25 -47.05 -14.24 35.06
C CYS A 25 -46.66 -13.06 35.95
N GLU A 26 -47.62 -12.63 36.76
CA GLU A 26 -47.38 -11.51 37.66
C GLU A 26 -45.97 -11.59 38.26
N GLY A 27 -45.15 -10.64 37.86
CA GLY A 27 -43.78 -10.60 38.33
C GLY A 27 -43.19 -12.00 38.46
N SER A 28 -43.24 -12.73 37.36
CA SER A 28 -42.72 -14.08 37.33
C SER A 28 -42.89 -14.68 35.93
N SER A 29 -42.24 -15.82 35.73
CA SER A 29 -42.31 -16.50 34.44
C SER A 29 -41.77 -17.92 34.58
N PHE A 30 -42.58 -18.87 34.12
CA PHE A 30 -42.19 -20.27 34.19
C PHE A 30 -42.50 -20.98 32.87
N HIS A 31 -42.01 -22.21 32.77
CA HIS A 31 -42.23 -23.01 31.57
C HIS A 31 -43.72 -23.29 31.41
N LYS A 32 -44.05 -23.88 30.27
CA LYS A 32 -45.44 -24.21 29.97
C LYS A 32 -45.91 -25.29 30.95
N SER A 33 -45.23 -26.42 30.90
CA SER A 33 -45.58 -27.55 31.76
C SER A 33 -45.40 -27.14 33.23
N CYS A 34 -44.40 -26.30 33.47
CA CYS A 34 -44.12 -25.83 34.83
C CYS A 34 -45.37 -25.12 35.34
N PHE A 35 -45.96 -24.31 34.48
CA PHE A 35 -47.16 -23.57 34.85
C PHE A 35 -48.35 -24.51 35.05
N LEU A 36 -48.36 -25.14 36.23
CA LEU A 36 -49.42 -26.07 36.57
C LEU A 36 -49.89 -25.79 37.99
N CYS A 37 -51.20 -25.73 38.15
CA CYS A 37 -51.80 -25.47 39.46
C CYS A 37 -51.04 -26.31 40.49
N MET A 38 -50.32 -25.60 41.36
CA MET A 38 -49.55 -26.27 42.41
C MET A 38 -50.46 -26.73 43.55
N VAL A 39 -51.76 -26.59 43.32
CA VAL A 39 -52.73 -26.98 44.32
C VAL A 39 -53.37 -28.32 43.91
N CYS A 40 -54.20 -28.25 42.89
CA CYS A 40 -54.87 -29.44 42.39
C CYS A 40 -53.85 -30.28 41.62
N LYS A 41 -52.84 -29.60 41.11
CA LYS A 41 -51.79 -30.26 40.35
C LYS A 41 -52.23 -30.41 38.90
N LYS A 42 -53.13 -29.52 38.50
CA LYS A 42 -53.65 -29.54 37.13
C LYS A 42 -53.02 -28.40 36.34
N ASN A 43 -52.55 -28.74 35.15
CA ASN A 43 -51.93 -27.75 34.29
C ASN A 43 -52.79 -26.48 34.25
N LEU A 44 -52.11 -25.35 34.16
CA LEU A 44 -52.80 -24.06 34.12
C LEU A 44 -52.41 -23.33 32.83
N ASP A 45 -53.40 -22.63 32.29
CA ASP A 45 -53.18 -21.87 31.06
C ASP A 45 -53.86 -20.50 31.19
N SER A 46 -53.66 -19.69 30.15
CA SER A 46 -54.25 -18.36 30.14
C SER A 46 -55.77 -18.46 30.01
N THR A 47 -56.44 -18.22 31.13
CA THR A 47 -57.89 -18.28 31.16
C THR A 47 -58.42 -17.67 32.46
N THR A 48 -57.83 -18.10 33.56
CA THR A 48 -58.23 -17.60 34.87
C THR A 48 -57.26 -18.10 35.95
N VAL A 49 -55.98 -17.99 35.64
CA VAL A 49 -54.94 -18.42 36.56
C VAL A 49 -54.51 -17.22 37.42
N ALA A 50 -54.15 -17.53 38.66
CA ALA A 50 -53.71 -16.49 39.58
C ALA A 50 -52.36 -16.89 40.18
N VAL A 51 -51.70 -15.91 40.78
CA VAL A 51 -50.41 -16.14 41.39
C VAL A 51 -50.46 -15.72 42.87
N HIS A 52 -49.63 -16.38 43.66
CA HIS A 52 -49.58 -16.08 45.08
C HIS A 52 -48.49 -16.93 45.74
N GLY A 53 -47.84 -16.33 46.75
CA GLY A 53 -46.78 -17.02 47.46
C GLY A 53 -45.81 -17.70 46.49
N ASP A 54 -45.27 -16.89 45.58
CA ASP A 54 -44.33 -17.40 44.60
C ASP A 54 -44.83 -18.75 44.07
N GLU A 55 -46.13 -18.82 43.85
CA GLU A 55 -46.74 -20.04 43.36
C GLU A 55 -47.86 -19.71 42.36
N ILE A 56 -48.36 -20.75 41.71
CA ILE A 56 -49.42 -20.59 40.74
C ILE A 56 -50.62 -21.46 41.13
N TYR A 57 -51.80 -20.86 41.05
CA TYR A 57 -53.02 -21.56 41.39
C TYR A 57 -54.19 -21.11 40.51
N CYS A 58 -55.04 -22.05 40.17
CA CYS A 58 -56.19 -21.77 39.33
C CYS A 58 -57.21 -21.00 40.18
N LYS A 59 -57.71 -19.91 39.62
CA LYS A 59 -58.69 -19.09 40.31
C LYS A 59 -59.69 -19.98 41.03
N SER A 60 -60.25 -20.91 40.27
CA SER A 60 -61.23 -21.84 40.83
C SER A 60 -60.75 -22.35 42.20
N CYS A 61 -59.45 -22.63 42.26
CA CYS A 61 -58.85 -23.13 43.49
C CYS A 61 -58.87 -21.99 44.51
N TYR A 62 -58.27 -20.88 44.12
CA TYR A 62 -58.20 -19.71 44.99
C TYR A 62 -59.55 -19.47 45.69
N GLY A 63 -60.59 -19.44 44.89
CA GLY A 63 -61.94 -19.22 45.41
C GLY A 63 -62.39 -20.42 46.25
N LYS A 64 -61.96 -21.60 45.82
CA LYS A 64 -62.33 -22.82 46.52
C LYS A 64 -61.78 -22.77 47.94
N LYS A 65 -60.55 -22.27 48.05
CA LYS A 65 -59.90 -22.16 49.34
C LYS A 65 -60.55 -21.05 50.16
N TYR A 66 -60.60 -19.87 49.55
CA TYR A 66 -61.18 -18.71 50.21
C TYR A 66 -62.64 -18.98 50.58
N GLY A 67 -63.22 -19.96 49.90
CA GLY A 67 -64.60 -20.33 50.15
C GLY A 67 -65.50 -19.10 50.17
N PRO A 68 -66.82 -19.34 50.43
CA PRO A 68 -67.79 -18.27 50.48
C PRO A 68 -67.65 -17.46 51.77
N LYS A 69 -68.51 -16.46 51.90
CA LYS A 69 -68.49 -15.60 53.08
C LYS A 69 -69.18 -16.33 54.23
N GLY A 70 -68.98 -15.79 55.43
CA GLY A 70 -69.57 -16.37 56.62
C GLY A 70 -70.53 -15.39 57.30
N LYS A 71 -71.12 -15.84 58.40
CA LYS A 71 -72.05 -15.01 59.13
C LYS A 71 -72.45 -15.74 60.43
N GLY A 72 -73.06 -14.98 61.32
CA GLY A 72 -73.49 -15.54 62.60
C GLY A 72 -74.70 -14.77 63.16
N LYS A 73 -74.92 -14.93 64.45
CA LYS A 73 -76.03 -14.26 65.12
C LYS A 73 -75.96 -14.54 66.62
N GLY A 74 -76.85 -13.88 67.35
CA GLY A 74 -76.89 -14.05 68.79
C GLY A 74 -78.31 -13.78 69.32
N MET A 75 -78.55 -14.25 70.53
CA MET A 75 -79.84 -14.07 71.17
C MET A 75 -79.74 -14.21 72.68
N GLY A 76 -80.79 -13.76 73.36
CA GLY A 76 -80.83 -13.84 74.81
C GLY A 76 -82.12 -13.23 75.35
N ALA A 77 -82.41 -13.56 76.61
CA ALA A 77 -83.61 -13.05 77.25
C ALA A 77 -83.61 -13.47 78.72
N GLY A 78 -84.53 -12.88 79.48
CA GLY A 78 -84.63 -13.18 80.90
C GLY A 78 -85.69 -12.29 81.56
N THR A 79 -86.30 -12.84 82.61
CA THR A 79 -87.32 -12.11 83.34
C THR A 79 -87.39 -12.61 84.79
N LEU A 80 -87.48 -11.65 85.70
CA LEU A 80 -87.55 -11.97 87.12
C LEU A 80 -87.76 -10.68 87.91
N SER A 81 -88.88 -10.64 88.63
CA SER A 81 -89.21 -9.48 89.44
C SER A 81 -90.29 -9.85 90.45
N THR A 82 -90.12 -9.31 91.67
CA THR A 82 -91.08 -9.57 92.73
C THR A 82 -90.87 -8.59 93.88
N ASP A 83 -91.98 -8.13 94.42
CA ASP A 83 -91.94 -7.18 95.53
C ASP A 83 -93.25 -7.25 96.31
N LYS A 84 -93.12 -7.21 97.63
CA LYS A 84 -94.28 -7.27 98.49
C LYS A 84 -93.88 -6.84 99.90
N GLY A 85 -94.90 -6.64 100.74
CA GLY A 85 -94.66 -6.23 102.12
C GLY A 85 -95.96 -5.73 102.75
N GLU A 86 -96.07 -5.97 104.05
CA GLU A 86 -97.25 -5.55 104.79
C GLU A 86 -96.95 -5.55 106.30
N SER A 87 -97.52 -4.57 106.98
CA SER A 87 -97.33 -4.45 108.41
C SER A 87 -98.24 -3.35 108.97
N LEU A 88 -98.46 -3.41 110.28
CA LEU A 88 -99.30 -2.43 110.94
C LEU A 88 -98.84 -2.27 112.39
N GLY A 89 -99.01 -1.06 112.90
CA GLY A 89 -98.61 -0.75 114.26
C GLY A 89 -99.84 -0.54 115.16
N ILE A 90 -99.59 -0.56 116.45
CA ILE A 90 -100.66 -0.38 117.43
C ILE A 90 -100.06 -0.23 118.82
N LYS A 91 -100.26 0.94 119.40
CA LYS A 91 -99.75 1.22 120.73
C LYS A 91 -100.92 1.52 121.67
N TYR A 92 -100.72 1.16 122.93
CA TYR A 92 -101.75 1.39 123.93
C TYR A 92 -101.18 1.21 125.34
N GLU A 93 -101.72 2.00 126.27
CA GLU A 93 -101.28 1.94 127.66
C GLU A 93 -102.23 2.73 128.55
N GLU A 94 -102.58 2.11 129.67
CA GLU A 94 -103.49 2.74 130.62
C GLU A 94 -103.59 1.90 131.89
N GLY A 95 -103.46 2.57 133.03
CA GLY A 95 -103.53 1.90 134.31
C GLY A 95 -103.59 2.91 135.45
N GLN A 96 -104.11 2.46 136.59
CA GLN A 96 -104.21 3.31 137.76
C GLN A 96 -103.89 2.52 139.02
N SER A 97 -103.17 3.18 139.92
CA SER A 97 -102.78 2.54 141.18
C SER A 97 -102.29 3.61 142.16
N HIS A 98 -102.49 3.32 143.44
CA HIS A 98 -102.07 4.24 144.49
C HIS A 98 -102.26 3.57 145.85
N ARG A 99 -101.36 3.90 146.76
CA ARG A 99 -101.42 3.34 148.11
C ARG A 99 -100.89 4.36 149.12
N PRO A 100 -101.82 5.13 149.72
CA PRO A 100 -101.47 6.14 150.70
C PRO A 100 -101.11 5.49 152.04
N THR A 101 -100.07 6.02 152.66
CA THR A 101 -99.61 5.50 153.94
C THR A 101 -99.05 6.64 154.79
N ASN A 102 -99.40 6.59 156.08
CA ASN A 102 -98.94 7.61 157.01
C ASN A 102 -97.85 7.01 157.90
N PRO A 103 -96.98 7.92 158.43
CA PRO A 103 -95.89 7.49 159.30
C PRO A 103 -96.41 7.13 160.70
N ASN A 104 -95.71 6.21 161.34
CA ASN A 104 -96.09 5.77 162.67
C ASN A 104 -95.37 6.64 163.71
N ALA A 105 -95.91 6.62 164.92
CA ALA A 105 -95.34 7.40 166.00
C ALA A 105 -95.85 6.86 167.34
N SER A 106 -95.19 5.81 167.81
CA SER A 106 -95.58 5.19 169.06
C SER A 106 -94.32 4.80 169.85
N ARG A 107 -94.24 5.31 171.07
CA ARG A 107 -93.11 5.02 171.93
C ARG A 107 -93.42 5.41 173.38
N MET A 108 -92.95 4.58 174.30
CA MET A 108 -93.18 4.83 175.71
C MET A 108 -92.52 3.74 176.56
N ALA A 109 -92.06 4.15 177.73
CA ALA A 109 -91.41 3.23 178.65
C ALA A 109 -90.14 2.68 178.00
N GLN A 110 -89.02 3.30 178.37
CA GLN A 110 -87.73 2.89 177.82
C GLN A 110 -86.59 3.44 178.69
N LYS A 111 -85.86 2.52 179.29
CA LYS A 111 -84.74 2.90 180.14
C LYS A 111 -84.03 1.63 180.64
N VAL A 112 -84.83 0.75 181.22
CA VAL A 112 -84.29 -0.50 181.75
C VAL A 112 -85.04 -1.68 181.10
N GLY A 113 -84.35 -2.80 181.02
CA GLY A 113 -84.93 -4.00 180.44
C GLY A 113 -86.15 -4.47 181.25
N GLY A 114 -86.60 -5.66 180.93
CA GLY A 114 -87.75 -6.24 181.61
C GLY A 114 -87.31 -7.31 182.62
N SER A 115 -87.19 -6.88 183.87
CA SER A 115 -86.79 -7.78 184.93
C SER A 115 -87.59 -7.49 186.20
N ASP A 116 -87.54 -8.44 187.12
CA ASP A 116 -88.25 -8.29 188.39
C ASP A 116 -88.09 -9.58 189.21
N GLY A 117 -88.62 -9.54 190.41
CA GLY A 117 -88.55 -10.69 191.30
C GLY A 117 -89.80 -11.55 191.18
N CYS A 118 -89.74 -12.72 191.82
CA CYS A 118 -90.86 -13.65 191.78
C CYS A 118 -91.67 -13.45 193.07
N PRO A 119 -92.89 -12.86 192.88
CA PRO A 119 -93.77 -12.61 194.00
C PRO A 119 -94.43 -13.91 194.49
N ARG A 120 -94.08 -15.00 193.82
CA ARG A 120 -94.61 -16.30 194.17
C ARG A 120 -93.69 -17.00 195.17
N CYS A 121 -92.52 -17.37 194.68
CA CYS A 121 -91.54 -18.05 195.52
C CYS A 121 -90.80 -17.00 196.34
N GLY A 122 -90.53 -15.87 195.70
CA GLY A 122 -89.83 -14.78 196.35
C GLY A 122 -88.37 -14.72 195.91
N GLN A 123 -88.12 -15.27 194.73
CA GLN A 123 -86.78 -15.29 194.17
C GLN A 123 -86.69 -14.34 192.98
N ALA A 124 -85.60 -13.58 192.95
CA ALA A 124 -85.37 -12.63 191.87
C ALA A 124 -85.50 -13.35 190.53
N VAL A 125 -85.98 -12.60 189.54
CA VAL A 125 -86.17 -13.15 188.22
C VAL A 125 -85.55 -12.20 187.19
N TYR A 126 -84.53 -12.70 186.50
CA TYR A 126 -83.85 -11.91 185.50
C TYR A 126 -83.24 -12.80 184.41
N ALA A 127 -82.49 -13.79 184.86
CA ALA A 127 -81.85 -14.72 183.94
C ALA A 127 -82.88 -15.75 183.47
N ALA A 128 -82.37 -16.78 182.81
CA ALA A 128 -83.24 -17.83 182.31
C ALA A 128 -84.31 -18.16 183.35
N GLU A 129 -85.42 -18.71 182.85
CA GLU A 129 -86.52 -19.07 183.73
C GLU A 129 -87.23 -17.81 184.24
N LYS A 130 -87.68 -17.00 183.29
CA LYS A 130 -88.36 -15.76 183.63
C LYS A 130 -89.63 -15.64 182.78
N VAL A 131 -90.71 -15.24 183.44
CA VAL A 131 -91.98 -15.08 182.76
C VAL A 131 -92.59 -13.73 183.13
N ILE A 132 -93.30 -13.15 182.19
CA ILE A 132 -93.94 -11.86 182.41
C ILE A 132 -95.44 -11.97 182.08
N GLY A 133 -96.24 -11.80 183.10
CA GLY A 133 -97.69 -11.87 182.94
C GLY A 133 -98.40 -10.94 183.92
N ALA A 134 -99.59 -10.51 183.52
CA ALA A 134 -100.39 -9.63 184.36
C ALA A 134 -99.50 -8.51 184.90
N GLY A 135 -98.81 -7.84 183.99
CA GLY A 135 -97.92 -6.75 184.37
C GLY A 135 -97.10 -7.13 185.60
N LYS A 136 -96.59 -8.36 185.60
CA LYS A 136 -95.79 -8.85 186.70
C LYS A 136 -94.78 -9.86 186.17
N SER A 137 -93.72 -10.05 186.95
CA SER A 137 -92.68 -11.00 186.58
C SER A 137 -92.58 -12.11 187.63
N TRP A 138 -92.40 -13.33 187.14
CA TRP A 138 -92.29 -14.49 188.01
C TRP A 138 -91.61 -15.61 187.23
N HIS A 139 -91.30 -16.67 187.95
CA HIS A 139 -90.64 -17.82 187.34
C HIS A 139 -91.66 -18.61 186.52
N LYS A 140 -91.30 -18.85 185.26
CA LYS A 140 -92.16 -19.60 184.37
C LYS A 140 -92.51 -20.95 185.00
N SER A 141 -91.69 -21.34 185.98
CA SER A 141 -91.90 -22.60 186.66
C SER A 141 -93.05 -22.48 187.66
N CYS A 142 -92.95 -21.46 188.50
CA CYS A 142 -93.96 -21.22 189.51
C CYS A 142 -95.23 -20.75 188.80
N PHE A 143 -95.10 -19.65 188.07
CA PHE A 143 -96.22 -19.09 187.34
C PHE A 143 -97.15 -20.20 186.83
N ARG A 144 -98.28 -20.34 187.53
CA ARG A 144 -99.25 -21.36 187.16
C ARG A 144 -100.67 -20.84 187.44
N CYS A 145 -101.57 -21.18 186.52
CA CYS A 145 -102.96 -20.76 186.66
C CYS A 145 -103.37 -20.93 188.12
N ALA A 146 -103.90 -19.84 188.68
CA ALA A 146 -104.34 -19.87 190.07
C ALA A 146 -105.79 -20.32 190.13
N LYS A 147 -106.13 -21.23 189.23
CA LYS A 147 -107.48 -21.76 189.17
C LYS A 147 -107.43 -23.28 189.00
N CYS A 148 -106.58 -23.72 188.08
CA CYS A 148 -106.43 -25.13 187.82
C CYS A 148 -105.05 -25.56 188.32
N GLY A 149 -104.17 -24.57 188.47
CA GLY A 149 -102.82 -24.84 188.94
C GLY A 149 -101.94 -25.34 187.79
N LYS A 150 -102.39 -25.09 186.58
CA LYS A 150 -101.66 -25.51 185.40
C LYS A 150 -100.58 -24.47 185.09
N SER A 151 -99.33 -24.94 185.11
CA SER A 151 -98.21 -24.06 184.84
C SER A 151 -98.38 -23.41 183.46
N LEU A 152 -98.00 -22.13 183.40
CA LEU A 152 -98.12 -21.38 182.17
C LEU A 152 -96.72 -21.15 181.59
N GLU A 153 -96.68 -20.38 180.51
CA GLU A 153 -95.42 -20.06 179.87
C GLU A 153 -95.65 -19.19 178.63
N SER A 154 -96.39 -19.76 177.68
CA SER A 154 -96.70 -19.04 176.45
C SER A 154 -97.79 -18.00 176.71
N THR A 155 -98.09 -17.23 175.67
CA THR A 155 -99.11 -16.21 175.77
C THR A 155 -100.50 -16.84 175.81
N THR A 156 -100.70 -17.68 176.82
CA THR A 156 -101.98 -18.36 176.99
C THR A 156 -102.47 -18.21 178.43
N LEU A 157 -102.14 -17.08 179.02
CA LEU A 157 -102.54 -16.81 180.39
C LEU A 157 -103.63 -15.73 180.41
N ALA A 158 -104.06 -15.37 181.61
CA ALA A 158 -105.08 -14.35 181.77
C ALA A 158 -104.79 -13.55 183.03
N ASP A 159 -104.54 -12.26 182.84
CA ASP A 159 -104.26 -11.38 183.94
C ASP A 159 -105.56 -10.70 184.41
N LYS A 160 -106.11 -11.25 185.49
CA LYS A 160 -107.35 -10.72 186.03
C LYS A 160 -107.03 -9.83 187.23
N ASP A 161 -106.97 -8.54 186.96
CA ASP A 161 -106.67 -7.56 188.00
C ASP A 161 -105.56 -8.12 188.90
N GLY A 162 -104.43 -8.40 188.28
CA GLY A 162 -103.29 -8.93 189.01
C GLY A 162 -103.25 -10.45 188.94
N GLU A 163 -104.39 -11.05 189.24
CA GLU A 163 -104.50 -12.50 189.22
C GLU A 163 -104.02 -13.05 187.88
N ILE A 164 -103.65 -14.32 187.89
CA ILE A 164 -103.16 -14.98 186.68
C ILE A 164 -103.85 -16.34 186.53
N TYR A 165 -104.32 -16.60 185.33
CA TYR A 165 -105.00 -17.84 185.03
C TYR A 165 -104.67 -18.32 183.62
N CYS A 166 -105.33 -19.41 183.23
CA CYS A 166 -105.14 -19.98 181.91
C CYS A 166 -106.27 -19.50 181.00
N LYS A 167 -105.94 -19.37 179.72
CA LYS A 167 -106.92 -18.92 178.75
C LYS A 167 -108.22 -19.70 178.94
N GLY A 168 -108.06 -20.99 179.22
CA GLY A 168 -109.21 -21.86 179.42
C GLY A 168 -110.06 -21.38 180.59
N CYS A 169 -109.39 -20.75 181.55
CA CYS A 169 -110.08 -20.23 182.72
C CYS A 169 -110.71 -18.89 182.36
N TYR A 170 -109.90 -18.04 181.73
CA TYR A 170 -110.37 -16.72 181.33
C TYR A 170 -111.58 -16.83 180.39
N ALA A 171 -111.57 -17.89 179.59
CA ALA A 171 -112.65 -18.12 178.65
C ALA A 171 -113.84 -18.75 179.39
N LYS A 172 -113.60 -19.94 179.92
CA LYS A 172 -114.64 -20.65 180.64
C LYS A 172 -115.31 -19.70 181.63
N ASN A 173 -114.51 -19.20 182.57
CA ASN A 173 -115.01 -18.28 183.58
C ASN A 173 -116.00 -17.31 182.93
N PHE A 174 -115.68 -16.91 181.71
CA PHE A 174 -116.54 -16.00 180.98
C PHE A 174 -116.97 -16.61 179.64
N GLY A 175 -117.63 -17.75 179.75
CA GLY A 175 -118.11 -18.45 178.56
C GLY A 175 -119.60 -18.18 178.33
N PRO A 176 -120.28 -19.21 177.77
CA PRO A 176 -121.71 -19.09 177.49
C PRO A 176 -122.53 -19.19 178.78
N LYS A 177 -123.16 -18.08 179.14
CA LYS A 177 -123.98 -18.03 180.34
C LYS A 177 -124.83 -16.76 180.32
N GLY A 178 -125.69 -16.68 179.32
CA GLY A 178 -126.57 -15.54 179.18
C GLY A 178 -125.80 -14.31 178.69
N PHE A 179 -126.49 -13.18 178.68
CA PHE A 179 -125.87 -11.94 178.24
C PHE A 179 -126.71 -10.73 178.68
N GLY A 180 -126.33 -10.17 179.81
CA GLY A 180 -127.04 -9.01 180.34
C GLY A 180 -126.87 -7.80 179.42
N PHE A 181 -127.45 -6.69 179.85
CA PHE A 181 -127.39 -5.46 179.07
C PHE A 181 -127.31 -4.24 179.99
N GLY A 182 -128.26 -4.17 180.92
CA GLY A 182 -128.30 -3.06 181.85
C GLY A 182 -129.51 -2.16 181.58
N GLN A 183 -129.88 -1.39 182.59
CA GLN A 183 -131.00 -0.47 182.47
C GLN A 183 -130.73 0.81 183.23
N GLY A 184 -131.36 1.89 182.78
CA GLY A 184 -131.19 3.18 183.41
C GLY A 184 -132.49 3.99 183.36
N ALA A 185 -132.40 5.16 182.75
CA ALA A 185 -133.55 6.04 182.63
C ALA A 185 -134.05 6.42 184.02
N GLY A 186 -134.04 7.72 184.28
CA GLY A 186 -134.48 8.24 185.57
C GLY A 186 -134.01 9.67 185.78
N ALA A 187 -133.67 9.97 187.02
CA ALA A 187 -133.21 11.31 187.37
C ALA A 187 -134.39 12.28 187.37
N LEU A 188 -135.00 12.41 186.20
CA LEU A 188 -136.15 13.30 186.05
C LEU A 188 -135.65 14.75 186.05
N ILE A 189 -135.13 15.17 187.19
CA ILE A 189 -134.63 16.53 187.33
C ILE A 189 -135.68 17.51 186.82
N HIS A 190 -135.33 18.78 186.85
CA HIS A 190 -136.23 19.83 186.40
C HIS A 190 -135.53 21.19 186.51
N SER A 191 -136.22 22.20 186.02
CA SER A 191 -135.69 23.56 186.05
C SER A 191 -136.73 24.52 186.64
N GLN A 192 -136.48 24.93 187.88
CA GLN A 192 -137.38 25.84 188.56
C GLN A 192 -137.57 27.11 187.73
ZN ZN B . -39.69 -24.44 34.21
ZN ZN C . -56.26 -25.74 40.88
ZN ZN D . -90.95 -18.33 191.34
ZN ZN E . -106.84 -22.52 184.71
N MET A 1 -17.21 -20.64 13.46
CA MET A 1 -17.43 -19.45 14.28
C MET A 1 -18.06 -18.34 13.46
N PRO A 2 -18.68 -17.37 14.18
CA PRO A 2 -19.34 -16.24 13.53
C PRO A 2 -18.30 -15.24 13.01
N ASN A 3 -18.31 -15.05 11.71
CA ASN A 3 -17.38 -14.12 11.07
C ASN A 3 -17.77 -13.93 9.60
N TRP A 4 -17.18 -12.91 9.00
CA TRP A 4 -17.46 -12.62 7.60
C TRP A 4 -16.25 -11.87 7.03
N GLY A 5 -16.17 -11.87 5.70
CA GLY A 5 -15.08 -11.20 5.02
C GLY A 5 -15.51 -10.73 3.63
N GLY A 6 -14.51 -10.54 2.77
CA GLY A 6 -14.77 -10.10 1.41
C GLY A 6 -13.47 -9.97 0.63
N GLY A 7 -13.61 -9.57 -0.63
CA GLY A 7 -12.46 -9.40 -1.50
C GLY A 7 -12.88 -8.83 -2.86
N LYS A 8 -11.89 -8.68 -3.74
CA LYS A 8 -12.14 -8.15 -5.06
C LYS A 8 -11.91 -9.25 -6.09
N LYS A 9 -12.14 -8.89 -7.35
CA LYS A 9 -11.95 -9.83 -8.45
C LYS A 9 -11.17 -9.16 -9.57
N CYS A 10 -10.09 -9.81 -9.99
CA CYS A 10 -9.26 -9.29 -11.05
C CYS A 10 -9.87 -9.69 -12.39
N GLY A 11 -10.43 -8.71 -13.07
CA GLY A 11 -11.06 -8.96 -14.36
C GLY A 11 -10.00 -9.06 -15.47
N VAL A 12 -8.75 -9.01 -15.05
CA VAL A 12 -7.65 -9.09 -15.99
C VAL A 12 -7.14 -10.53 -16.04
N CYS A 13 -6.55 -10.96 -14.94
CA CYS A 13 -6.02 -12.31 -14.85
C CYS A 13 -7.19 -13.27 -14.60
N GLN A 14 -8.25 -12.72 -14.04
CA GLN A 14 -9.43 -13.51 -13.76
C GLN A 14 -9.27 -14.24 -12.42
N LYS A 15 -8.46 -13.64 -11.55
CA LYS A 15 -8.22 -14.21 -10.24
C LYS A 15 -8.65 -13.22 -9.16
N ALA A 16 -9.17 -13.77 -8.07
CA ALA A 16 -9.63 -12.94 -6.97
C ALA A 16 -8.45 -12.13 -6.42
N VAL A 17 -8.78 -11.03 -5.77
CA VAL A 17 -7.76 -10.16 -5.20
C VAL A 17 -8.13 -9.85 -3.74
N TYR A 18 -7.12 -9.40 -3.00
CA TYR A 18 -7.32 -9.07 -1.60
C TYR A 18 -7.59 -7.57 -1.44
N PHE A 19 -7.87 -7.18 -0.19
CA PHE A 19 -8.14 -5.79 0.12
C PHE A 19 -6.84 -5.01 0.31
N ALA A 20 -6.13 -4.82 -0.79
CA ALA A 20 -4.88 -4.09 -0.75
C ALA A 20 -4.23 -4.10 -2.14
N GLU A 21 -3.99 -5.31 -2.63
CA GLU A 21 -3.40 -5.47 -3.94
C GLU A 21 -4.32 -4.89 -5.03
N GLU A 22 -5.59 -5.21 -4.90
CA GLU A 22 -6.59 -4.73 -5.85
C GLU A 22 -6.28 -3.27 -6.24
N VAL A 23 -6.15 -3.07 -7.54
CA VAL A 23 -5.86 -1.73 -8.05
C VAL A 23 -7.01 -1.29 -8.97
N GLN A 24 -7.67 -0.21 -8.54
CA GLN A 24 -8.79 0.32 -9.31
C GLN A 24 -8.27 1.15 -10.49
N CYS A 25 -8.74 0.80 -11.67
CA CYS A 25 -8.34 1.49 -12.88
C CYS A 25 -9.60 1.77 -13.71
N GLU A 26 -9.64 2.96 -14.28
CA GLU A 26 -10.77 3.37 -15.10
C GLU A 26 -11.24 2.19 -15.96
N GLY A 27 -12.37 1.62 -15.57
CA GLY A 27 -12.94 0.50 -16.29
C GLY A 27 -13.10 -0.72 -15.37
N SER A 28 -11.99 -1.11 -14.76
CA SER A 28 -11.98 -2.26 -13.86
C SER A 28 -10.75 -2.21 -12.97
N SER A 29 -10.68 -3.18 -12.06
CA SER A 29 -9.56 -3.26 -11.13
C SER A 29 -8.73 -4.51 -11.43
N PHE A 30 -7.42 -4.34 -11.37
CA PHE A 30 -6.50 -5.44 -11.63
C PHE A 30 -5.43 -5.52 -10.54
N HIS A 31 -4.75 -6.66 -10.51
CA HIS A 31 -3.70 -6.88 -9.54
C HIS A 31 -2.64 -5.78 -9.68
N LYS A 32 -1.83 -5.65 -8.64
CA LYS A 32 -0.77 -4.64 -8.63
C LYS A 32 0.12 -4.85 -9.85
N SER A 33 0.70 -6.05 -9.93
CA SER A 33 1.58 -6.38 -11.04
C SER A 33 0.79 -6.39 -12.35
N CYS A 34 -0.49 -6.72 -12.24
CA CYS A 34 -1.36 -6.77 -13.39
C CYS A 34 -1.34 -5.40 -14.06
N PHE A 35 -1.41 -4.37 -13.23
CA PHE A 35 -1.41 -3.00 -13.72
C PHE A 35 -0.09 -2.67 -14.41
N LEU A 36 0.07 -3.20 -15.61
CA LEU A 36 1.28 -2.96 -16.38
C LEU A 36 0.91 -2.73 -17.84
N CYS A 37 1.49 -1.68 -18.41
CA CYS A 37 1.22 -1.34 -19.80
C CYS A 37 1.22 -2.62 -20.62
N MET A 38 0.06 -2.95 -21.17
CA MET A 38 -0.09 -4.14 -21.97
C MET A 38 0.50 -3.94 -23.37
N VAL A 39 1.27 -2.87 -23.50
CA VAL A 39 1.89 -2.55 -24.77
C VAL A 39 3.41 -2.71 -24.65
N CYS A 40 4.01 -1.77 -23.94
CA CYS A 40 5.45 -1.79 -23.74
C CYS A 40 5.77 -2.88 -22.71
N LYS A 41 4.76 -3.23 -21.94
CA LYS A 41 4.91 -4.25 -20.91
C LYS A 41 5.62 -3.64 -19.70
N LYS A 42 5.52 -2.33 -19.59
CA LYS A 42 6.14 -1.62 -18.50
C LYS A 42 5.13 -1.47 -17.35
N ASN A 43 5.61 -1.74 -16.14
CA ASN A 43 4.76 -1.65 -14.97
C ASN A 43 4.26 -0.20 -14.82
N LEU A 44 3.01 -0.09 -14.39
CA LEU A 44 2.40 1.21 -14.21
C LEU A 44 2.16 1.44 -12.71
N ASP A 45 2.06 2.72 -12.36
CA ASP A 45 1.83 3.10 -10.97
C ASP A 45 1.66 4.62 -10.88
N SER A 46 2.64 5.32 -11.42
CA SER A 46 2.61 6.78 -11.40
C SER A 46 1.27 7.27 -11.92
N THR A 47 1.08 8.59 -11.83
CA THR A 47 -0.16 9.20 -12.29
C THR A 47 -0.06 9.55 -13.78
N THR A 48 0.52 8.64 -14.54
CA THR A 48 0.68 8.84 -15.96
C THR A 48 0.15 7.63 -16.74
N VAL A 49 -0.49 6.74 -16.01
CA VAL A 49 -1.06 5.54 -16.61
C VAL A 49 -2.39 5.89 -17.27
N ALA A 50 -2.76 5.08 -18.25
CA ALA A 50 -4.00 5.29 -18.97
C ALA A 50 -4.67 3.94 -19.23
N VAL A 51 -5.95 4.00 -19.58
CA VAL A 51 -6.71 2.79 -19.86
C VAL A 51 -7.21 2.84 -21.30
N HIS A 52 -7.81 1.73 -21.71
CA HIS A 52 -8.35 1.63 -23.06
C HIS A 52 -9.33 0.46 -23.14
N GLY A 53 -10.05 0.40 -24.25
CA GLY A 53 -11.02 -0.66 -24.46
C GLY A 53 -10.49 -2.00 -23.96
N ASP A 54 -10.94 -2.38 -22.78
CA ASP A 54 -10.52 -3.64 -22.18
C ASP A 54 -9.01 -3.80 -22.36
N GLU A 55 -8.28 -2.77 -21.95
CA GLU A 55 -6.84 -2.80 -22.06
C GLU A 55 -6.22 -1.71 -21.18
N ILE A 56 -4.94 -1.87 -20.91
CA ILE A 56 -4.22 -0.90 -20.08
C ILE A 56 -2.97 -0.43 -20.83
N TYR A 57 -2.83 0.89 -20.91
CA TYR A 57 -1.69 1.49 -21.58
C TYR A 57 -1.11 2.65 -20.77
N CYS A 58 0.16 2.90 -20.99
CA CYS A 58 0.85 3.97 -20.29
C CYS A 58 0.71 5.26 -21.12
N LYS A 59 0.88 6.38 -20.45
CA LYS A 59 0.78 7.67 -21.10
C LYS A 59 1.44 7.59 -22.48
N SER A 60 2.75 7.42 -22.47
CA SER A 60 3.50 7.32 -23.71
C SER A 60 2.67 6.62 -24.78
N CYS A 61 2.45 5.33 -24.55
CA CYS A 61 1.67 4.53 -25.48
C CYS A 61 0.46 5.35 -25.93
N TYR A 62 -0.29 5.84 -24.94
CA TYR A 62 -1.46 6.64 -25.23
C TYR A 62 -1.18 7.67 -26.33
N GLY A 63 -0.28 8.58 -26.01
CA GLY A 63 0.09 9.62 -26.96
C GLY A 63 0.67 9.02 -28.23
N LYS A 64 1.05 7.76 -28.13
CA LYS A 64 1.62 7.06 -29.27
C LYS A 64 0.52 6.74 -30.28
N LYS A 65 -0.53 6.11 -29.77
CA LYS A 65 -1.66 5.75 -30.61
C LYS A 65 -2.46 7.00 -30.95
N TYR A 66 -2.85 7.72 -29.91
CA TYR A 66 -3.63 8.94 -30.09
C TYR A 66 -2.83 9.97 -30.89
N GLY A 67 -1.55 10.05 -30.60
CA GLY A 67 -0.67 10.99 -31.29
C GLY A 67 -1.05 11.11 -32.76
N PRO A 68 -1.82 12.17 -33.08
CA PRO A 68 -2.25 12.41 -34.45
C PRO A 68 -1.10 12.96 -35.30
N LYS A 69 -1.41 13.19 -36.55
CA LYS A 69 -0.42 13.72 -37.48
C LYS A 69 -1.08 14.71 -38.44
N GLY A 70 -0.24 15.42 -39.18
CA GLY A 70 -0.74 16.40 -40.13
C GLY A 70 0.42 17.12 -40.83
N LYS A 71 0.07 17.92 -41.82
CA LYS A 71 1.06 18.68 -42.56
C LYS A 71 0.36 19.60 -43.55
N GLY A 72 1.17 20.39 -44.25
CA GLY A 72 0.63 21.33 -45.22
C GLY A 72 1.74 22.23 -45.79
N LYS A 73 1.40 22.94 -46.85
CA LYS A 73 2.35 23.83 -47.49
C LYS A 73 1.64 24.60 -48.61
N GLY A 74 2.39 25.51 -49.22
CA GLY A 74 1.86 26.31 -50.31
C GLY A 74 2.92 27.26 -50.87
N MET A 75 2.54 27.96 -51.92
CA MET A 75 3.45 28.90 -52.56
C MET A 75 2.78 29.59 -53.74
N GLY A 76 3.46 30.61 -54.26
CA GLY A 76 2.95 31.36 -55.39
C GLY A 76 3.98 32.36 -55.89
N ALA A 77 3.60 33.06 -56.96
CA ALA A 77 4.49 34.05 -57.55
C ALA A 77 3.77 34.75 -58.71
N GLY A 78 4.44 35.74 -59.27
CA GLY A 78 3.88 36.50 -60.38
C GLY A 78 4.89 37.50 -60.94
N THR A 79 4.54 38.08 -62.08
CA THR A 79 5.41 39.04 -62.72
C THR A 79 4.69 39.68 -63.91
N LEU A 80 5.02 40.95 -64.14
CA LEU A 80 4.42 41.69 -65.24
C LEU A 80 5.17 43.00 -65.44
N SER A 81 5.14 43.49 -66.67
CA SER A 81 5.81 44.74 -67.00
C SER A 81 5.59 45.07 -68.49
N THR A 82 5.83 46.33 -68.82
CA THR A 82 5.68 46.78 -70.19
C THR A 82 6.20 48.21 -70.34
N ASP A 83 6.39 48.61 -71.59
CA ASP A 83 6.88 49.95 -71.88
C ASP A 83 7.06 50.10 -73.39
N LYS A 84 7.17 51.34 -73.82
CA LYS A 84 7.35 51.64 -75.23
C LYS A 84 7.65 53.13 -75.40
N GLY A 85 7.92 53.51 -76.64
CA GLY A 85 8.22 54.89 -76.96
C GLY A 85 9.14 54.98 -78.19
N GLU A 86 9.02 56.11 -78.88
CA GLU A 86 9.83 56.34 -80.07
C GLU A 86 9.49 57.69 -80.69
N SER A 87 10.31 58.09 -81.65
CA SER A 87 10.10 59.35 -82.33
C SER A 87 11.17 59.55 -83.41
N LEU A 88 10.95 60.55 -84.24
CA LEU A 88 11.87 60.86 -85.32
C LEU A 88 11.42 62.13 -86.03
N GLY A 89 12.24 62.57 -86.98
CA GLY A 89 11.95 63.77 -87.73
C GLY A 89 13.17 64.24 -88.52
N ILE A 90 12.91 65.03 -89.55
CA ILE A 90 13.98 65.56 -90.39
C ILE A 90 13.40 66.56 -91.38
N LYS A 91 14.29 67.23 -92.09
CA LYS A 91 13.88 68.22 -93.07
C LYS A 91 15.11 68.74 -93.81
N TYR A 92 14.86 69.58 -94.80
CA TYR A 92 15.94 70.16 -95.59
C TYR A 92 15.40 71.19 -96.58
N GLU A 93 16.32 71.96 -97.14
CA GLU A 93 15.96 72.98 -98.10
C GLU A 93 17.21 73.70 -98.62
N GLU A 94 17.00 74.53 -99.63
CA GLU A 94 18.09 75.28 -100.22
C GLU A 94 17.58 76.19 -101.34
N GLY A 95 18.47 77.04 -101.82
CA GLY A 95 18.11 77.96 -102.89
C GLY A 95 19.32 78.79 -103.33
N GLN A 96 19.13 79.57 -104.38
CA GLN A 96 20.19 80.41 -104.89
C GLN A 96 19.70 81.19 -106.12
N SER A 97 20.51 82.15 -106.53
CA SER A 97 20.18 82.97 -107.69
C SER A 97 21.33 83.93 -107.99
N HIS A 98 21.22 84.58 -109.15
CA HIS A 98 22.23 85.53 -109.57
C HIS A 98 21.83 86.14 -110.91
N ARG A 99 22.63 87.11 -111.34
CA ARG A 99 22.36 87.80 -112.61
C ARG A 99 23.66 88.36 -113.17
N PRO A 100 23.72 88.40 -114.53
CA PRO A 100 24.89 88.92 -115.22
C PRO A 100 24.95 90.45 -115.13
N THR A 101 25.99 91.00 -115.73
CA THR A 101 26.18 92.44 -115.73
C THR A 101 27.28 92.84 -116.72
N ASN A 102 27.27 94.12 -117.08
CA ASN A 102 28.24 94.64 -118.03
C ASN A 102 28.26 96.17 -117.94
N PRO A 103 29.27 96.70 -117.20
CA PRO A 103 29.40 98.13 -117.05
C PRO A 103 29.95 98.78 -118.31
N ASN A 104 30.12 100.09 -118.25
CA ASN A 104 30.64 100.83 -119.39
C ASN A 104 31.25 102.15 -118.89
N ALA A 105 31.98 102.80 -119.78
CA ALA A 105 32.61 104.06 -119.45
C ALA A 105 33.33 104.61 -120.69
N SER A 106 33.78 105.84 -120.57
CA SER A 106 34.48 106.49 -121.68
C SER A 106 34.93 107.90 -121.25
N ARG A 107 35.74 108.51 -122.11
CA ARG A 107 36.24 109.84 -121.84
C ARG A 107 37.20 110.28 -122.95
N MET A 108 37.50 111.57 -122.95
CA MET A 108 38.40 112.12 -123.94
C MET A 108 38.94 113.49 -123.50
N ALA A 109 39.92 113.98 -124.25
CA ALA A 109 40.53 115.26 -123.94
C ALA A 109 41.09 115.87 -125.23
N GLN A 110 41.59 117.09 -125.09
CA GLN A 110 42.17 117.80 -126.23
C GLN A 110 42.97 119.01 -125.74
N LYS A 111 43.68 119.61 -126.69
CA LYS A 111 44.49 120.78 -126.39
C LYS A 111 44.46 121.75 -127.57
N VAL A 112 44.88 122.96 -127.30
CA VAL A 112 44.92 123.99 -128.34
C VAL A 112 46.08 124.94 -128.08
N GLY A 113 46.77 125.29 -129.15
CA GLY A 113 47.92 126.19 -129.06
C GLY A 113 48.24 126.80 -130.43
N GLY A 114 49.08 127.83 -130.39
CA GLY A 114 49.48 128.51 -131.60
C GLY A 114 50.41 129.68 -131.29
N SER A 115 50.49 130.60 -132.25
CA SER A 115 51.34 131.77 -132.09
C SER A 115 52.80 131.36 -132.07
N ASP A 116 53.62 132.16 -132.75
CA ASP A 116 55.04 131.89 -132.82
C ASP A 116 55.76 133.12 -133.39
N GLY A 117 56.93 132.87 -133.95
CA GLY A 117 57.73 133.93 -134.53
C GLY A 117 58.09 133.62 -135.98
N CYS A 118 58.65 134.63 -136.65
CA CYS A 118 59.05 134.47 -138.04
C CYS A 118 60.55 134.22 -138.08
N PRO A 119 60.92 132.96 -138.42
CA PRO A 119 62.32 132.57 -138.49
C PRO A 119 62.96 133.12 -139.77
N ARG A 120 62.16 133.83 -140.54
CA ARG A 120 62.64 134.42 -141.79
C ARG A 120 63.11 135.85 -141.54
N CYS A 121 62.15 136.72 -141.28
CA CYS A 121 62.47 138.13 -141.02
C CYS A 121 63.01 138.25 -139.60
N GLY A 122 62.48 137.40 -138.72
CA GLY A 122 62.91 137.41 -137.33
C GLY A 122 61.96 138.24 -136.47
N GLN A 123 60.74 138.38 -136.96
CA GLN A 123 59.73 139.14 -136.25
C GLN A 123 58.61 138.22 -135.76
N ALA A 124 58.22 138.44 -134.51
CA ALA A 124 57.16 137.64 -133.91
C ALA A 124 55.93 137.65 -134.81
N VAL A 125 55.22 136.54 -134.83
CA VAL A 125 54.03 136.41 -135.64
C VAL A 125 52.91 135.79 -134.81
N TYR A 126 51.76 136.45 -134.84
CA TYR A 126 50.60 135.98 -134.09
C TYR A 126 49.31 136.61 -134.62
N ALA A 127 49.33 137.93 -134.69
CA ALA A 127 48.17 138.66 -135.18
C ALA A 127 48.04 138.47 -136.69
N ALA A 128 47.17 139.27 -137.29
CA ALA A 128 46.94 139.18 -138.72
C ALA A 128 48.28 138.97 -139.43
N GLU A 129 48.22 138.25 -140.55
CA GLU A 129 49.41 137.96 -141.33
C GLU A 129 50.29 136.94 -140.60
N LYS A 130 49.69 135.80 -140.30
CA LYS A 130 50.39 134.73 -139.62
C LYS A 130 50.21 133.42 -140.39
N VAL A 131 51.23 133.07 -141.15
CA VAL A 131 51.19 131.84 -141.94
C VAL A 131 51.82 130.70 -141.13
N ILE A 132 51.31 129.50 -141.36
CA ILE A 132 51.82 128.33 -140.68
C ILE A 132 52.19 127.26 -141.71
N GLY A 133 53.48 126.95 -141.74
CA GLY A 133 53.98 125.96 -142.67
C GLY A 133 55.17 125.20 -142.07
N ALA A 134 55.28 123.93 -142.47
CA ALA A 134 56.37 123.10 -141.98
C ALA A 134 56.50 123.27 -140.46
N GLY A 135 55.40 123.00 -139.77
CA GLY A 135 55.37 123.13 -138.32
C GLY A 135 56.14 124.38 -137.87
N LYS A 136 55.92 125.46 -138.60
CA LYS A 136 56.58 126.72 -138.29
C LYS A 136 55.64 127.88 -138.62
N SER A 137 55.94 129.03 -138.05
CA SER A 137 55.14 130.22 -138.28
C SER A 137 56.00 131.33 -138.88
N TRP A 138 55.40 132.06 -139.82
CA TRP A 138 56.10 133.15 -140.47
C TRP A 138 55.05 134.06 -141.12
N HIS A 139 55.52 135.19 -141.60
CA HIS A 139 54.64 136.16 -142.24
C HIS A 139 54.13 135.60 -143.57
N LYS A 140 52.82 135.63 -143.72
CA LYS A 140 52.20 135.13 -144.94
C LYS A 140 52.58 136.03 -146.11
N SER A 141 53.84 135.94 -146.50
CA SER A 141 54.35 136.74 -147.60
C SER A 141 55.88 136.70 -147.62
N CYS A 142 56.46 136.97 -146.46
CA CYS A 142 57.91 136.97 -146.34
C CYS A 142 58.42 135.57 -146.67
N PHE A 143 57.56 134.59 -146.43
CA PHE A 143 57.91 133.20 -146.70
C PHE A 143 58.78 133.09 -147.96
N ARG A 144 60.08 132.98 -147.73
CA ARG A 144 61.03 132.86 -148.82
C ARG A 144 61.56 131.43 -148.92
N CYS A 145 61.64 130.94 -150.15
CA CYS A 145 62.13 129.60 -150.39
C CYS A 145 63.58 129.53 -149.95
N ALA A 146 63.88 128.53 -149.13
CA ALA A 146 65.23 128.34 -148.63
C ALA A 146 66.01 127.45 -149.61
N LYS A 147 65.70 127.63 -150.89
CA LYS A 147 66.37 126.85 -151.93
C LYS A 147 66.75 127.77 -153.08
N CYS A 148 65.79 128.61 -153.48
CA CYS A 148 66.02 129.54 -154.57
C CYS A 148 66.08 130.96 -153.98
N GLY A 149 65.58 131.07 -152.76
CA GLY A 149 65.57 132.36 -152.08
C GLY A 149 64.53 133.30 -152.69
N LYS A 150 63.62 132.70 -153.47
CA LYS A 150 62.57 133.47 -154.11
C LYS A 150 61.40 133.63 -153.14
N SER A 151 60.91 134.86 -153.06
CA SER A 151 59.79 135.17 -152.19
C SER A 151 58.52 134.49 -152.70
N LEU A 152 57.95 133.64 -151.85
CA LEU A 152 56.73 132.93 -152.21
C LEU A 152 55.52 133.77 -151.82
N GLU A 153 54.34 133.18 -151.98
CA GLU A 153 53.10 133.85 -151.65
C GLU A 153 51.91 133.01 -152.07
N SER A 154 51.69 131.93 -151.33
CA SER A 154 50.59 131.02 -151.63
C SER A 154 50.81 130.34 -152.97
N THR A 155 51.98 129.73 -153.11
CA THR A 155 52.32 129.04 -154.35
C THR A 155 52.89 127.65 -154.04
N THR A 156 52.10 126.87 -153.33
CA THR A 156 52.51 125.53 -152.97
C THR A 156 53.92 125.54 -152.36
N LEU A 157 53.95 125.66 -151.05
CA LEU A 157 55.22 125.70 -150.34
C LEU A 157 55.50 124.30 -149.75
N ALA A 158 56.69 123.81 -150.05
CA ALA A 158 57.10 122.50 -149.55
C ALA A 158 57.67 122.64 -148.14
N ASP A 159 57.58 121.56 -147.39
CA ASP A 159 58.09 121.56 -146.03
C ASP A 159 58.95 120.31 -145.81
N LYS A 160 60.25 120.50 -145.98
CA LYS A 160 61.20 119.41 -145.81
C LYS A 160 61.77 119.46 -144.39
N ASP A 161 61.21 118.60 -143.54
CA ASP A 161 61.64 118.53 -142.16
C ASP A 161 61.95 119.94 -141.65
N GLY A 162 60.89 120.71 -141.48
CA GLY A 162 61.04 122.07 -141.00
C GLY A 162 61.34 123.03 -142.15
N GLU A 163 62.32 122.64 -142.96
CA GLU A 163 62.73 123.45 -144.09
C GLU A 163 61.51 123.78 -144.97
N ILE A 164 61.58 124.94 -145.59
CA ILE A 164 60.50 125.39 -146.45
C ILE A 164 61.06 125.76 -147.83
N TYR A 165 60.38 125.30 -148.87
CA TYR A 165 60.81 125.58 -150.23
C TYR A 165 59.61 125.78 -151.14
N CYS A 166 59.90 125.99 -152.42
CA CYS A 166 58.85 126.20 -153.40
C CYS A 166 58.55 124.87 -154.09
N LYS A 167 57.28 124.67 -154.41
CA LYS A 167 56.86 123.45 -155.06
C LYS A 167 57.82 123.13 -156.22
N GLY A 168 58.20 124.18 -156.93
CA GLY A 168 59.11 124.03 -158.05
C GLY A 168 60.43 123.38 -157.60
N CYS A 169 60.80 123.67 -156.37
CA CYS A 169 62.03 123.12 -155.82
C CYS A 169 61.76 121.69 -155.37
N TYR A 170 60.67 121.52 -154.64
CA TYR A 170 60.28 120.21 -154.15
C TYR A 170 60.12 119.21 -155.30
N ALA A 171 59.68 119.73 -156.43
CA ALA A 171 59.48 118.91 -157.61
C ALA A 171 60.82 118.67 -158.30
N LYS A 172 61.41 119.76 -158.78
CA LYS A 172 62.68 119.69 -159.46
C LYS A 172 63.65 118.83 -158.63
N ASN A 173 63.92 119.30 -157.43
CA ASN A 173 64.81 118.59 -156.53
C ASN A 173 64.57 117.08 -156.66
N PHE A 174 63.31 116.73 -156.80
CA PHE A 174 62.92 115.34 -156.94
C PHE A 174 62.13 115.11 -158.22
N GLY A 175 62.75 115.45 -159.33
CA GLY A 175 62.11 115.30 -160.64
C GLY A 175 62.48 113.95 -161.26
N PRO A 176 62.11 113.80 -162.56
CA PRO A 176 62.39 112.56 -163.28
C PRO A 176 63.86 112.47 -163.65
N LYS A 177 64.70 112.49 -162.62
CA LYS A 177 66.13 112.40 -162.82
C LYS A 177 66.81 112.07 -161.49
N GLY A 178 66.52 110.88 -161.00
CA GLY A 178 67.10 110.43 -159.74
C GLY A 178 66.09 109.58 -158.96
N PHE A 179 66.37 108.29 -158.90
CA PHE A 179 65.51 107.36 -158.19
C PHE A 179 66.32 106.26 -157.51
N GLY A 180 66.67 106.52 -156.24
CA GLY A 180 67.44 105.57 -155.48
C GLY A 180 68.36 106.28 -154.48
N PHE A 181 67.83 106.44 -153.27
CA PHE A 181 68.59 107.10 -152.22
C PHE A 181 68.06 106.70 -150.83
N GLY A 182 68.87 105.92 -150.12
CA GLY A 182 68.50 105.47 -148.80
C GLY A 182 69.62 104.65 -148.16
N GLN A 183 69.79 104.82 -146.86
CA GLN A 183 70.82 104.10 -146.14
C GLN A 183 70.19 103.26 -145.03
N GLY A 184 71.02 102.41 -144.43
CA GLY A 184 70.56 101.54 -143.36
C GLY A 184 71.52 100.37 -143.15
N ALA A 185 72.63 100.66 -142.50
CA ALA A 185 73.63 99.64 -142.24
C ALA A 185 73.32 98.96 -140.90
N GLY A 186 73.33 99.76 -139.85
CA GLY A 186 73.05 99.25 -138.52
C GLY A 186 74.25 98.48 -137.96
N ALA A 187 74.18 98.19 -136.67
CA ALA A 187 75.25 97.46 -136.01
C ALA A 187 74.71 96.15 -135.46
N LEU A 188 75.60 95.16 -135.39
CA LEU A 188 75.22 93.85 -134.89
C LEU A 188 76.14 93.48 -133.72
N ILE A 189 75.97 94.19 -132.62
CA ILE A 189 76.76 93.94 -131.43
C ILE A 189 76.89 92.43 -131.22
N HIS A 190 78.12 91.96 -131.24
CA HIS A 190 78.39 90.54 -131.04
C HIS A 190 78.20 90.18 -129.57
N SER A 191 77.23 89.32 -129.33
CA SER A 191 76.94 88.88 -127.97
C SER A 191 78.20 88.32 -127.32
N GLN A 192 78.75 87.30 -127.95
CA GLN A 192 79.95 86.66 -127.44
C GLN A 192 81.05 86.66 -128.52
ZN ZN B . -4.65 -9.77 -11.85
ZN ZN C . 3.40 1.72 -22.64
ZN ZN D . 58.34 137.29 -141.74
ZN ZN E . 62.69 127.29 -154.43
#